data_8HE5
#
_entry.id   8HE5
#
_cell.length_a   1.00
_cell.length_b   1.00
_cell.length_c   1.00
_cell.angle_alpha   90.00
_cell.angle_beta   90.00
_cell.angle_gamma   90.00
#
_symmetry.space_group_name_H-M   'P 1'
#
loop_
_entity.id
_entity.type
_entity.pdbx_description
1 polymer 'DNA-directed RNA polymerase subunit'
2 polymer 'DNA-directed RNA polymerase subunit beta'
3 polymer 'RNA polymerase II third largest subunit B44, part of central core'
4 polymer 'RNA polymerase II subunit B32'
5 polymer 'DNA-directed RNA polymerases I, II, and III subunit RPABC1'
6 polymer 'RNA polymerase subunit ABC23, common to RNA polymerases I, II, and III'
7 polymer 'RNA polymerase II subunit'
8 polymer 'DNA-directed RNA polymerases I, II, and III subunit RPABC3'
9 polymer 'DNA-directed RNA polymerase subunit'
10 polymer 'RNA polymerase subunit ABC10-beta, common to RNA polymerases I, II, and III'
11 polymer 'RNA polymerase II subunit B12.5'
12 polymer 'RNA polymerase subunit ABC10-alpha'
13 polymer 'Transcription elongation factor 1 homolog'
14 polymer 'DNA (198-MER)'
15 polymer 'DNA repair protein'
16 polymer "RNA (5'-R(P*GP*UP*UP*UP*UP*CP*GP*UP*UP*GP*UP*UP*UP*UP*UP*U)-3')"
17 polymer 'DNA (198-MER)'
18 polymer 'Histone H3.1'
19 polymer 'Histone H4'
20 polymer 'Histone H2A type 1-B/E'
21 polymer 'Histone H2B type 1-J'
22 non-polymer 'ZINC ION'
23 non-polymer 'MAGNESIUM ION'
#
loop_
_entity_poly.entity_id
_entity_poly.type
_entity_poly.pdbx_seq_one_letter_code
_entity_poly.pdbx_strand_id
1 'polypeptide(L)'
;MSQFPYSSAPLRSVKEVQFGLLSPEEIRAISVVKIEYPEIMDESRQRPREGGLNDPKLGSIDRNFKCQTCGEGMAECPGH
FGHMELAKPVFHIGFIPKIKKVCECICMNCGKLLLDETNPTMAQAIRIRDPKKRFNAVWQLCKTKMVCEADAPVDEYSEQ
KVVSRGGCGNTQPVVRKDGMKLWGTWKKSGFSDRDAQPERKLLTPGEILNVFKHISPEDCFRLGFNEDYARPEWMIITVL
PVPPPQVRPSIAMDETTQGQDDLTHKLSDILKANINVQKLEMDGSPQHIINEVEQLLQFHVATYMDNDIAGQPQALQKSG
RPVKAIRARLKGKEGRLRGNLMGKRVDFSARTVISGDPNLELDQVGVPISIAKTLSYPETVTQYNIHRLTEYVRNGPNEH
PGAKYVIRDNGDRIDLRYHKRAGDIVLQYGWKVERHLMDDDPVLFNRQPSLHKMSMMAHRVKVMPYSTFRLNLSVTSPYN
ADFDGDEMNLHVPQSEETRAELSQLCAVPLQIVSPQSNKPVMGIVQDTLCGVRKMTLRDTFIEYEQVMNMLFWVPSWDGV
VPQPAILKPKPLWTGKQLLSIAIPSGIHLQRTDGGNSLLSPKDNGMLIVDGKVMFGVVDKKTVGSGGGGLIHTVMREKGP
KICAELFGNIQKVVNYWLLHNGFSIGIGDAIADASTMKEITHAISSAKEQVQEIIYKAQHNELELKPGMTLRESFEGEVS
RTLNDARDSAGRSAEMNLKDLNNVKQMVSAGSKGSFINIAQMSACVGQQMVEGKRIAFGFADRSLPHFTKDDFSPESKGF
VENSYLRGLTPQEFFFHAMAGREGLIDTAVKTAETGYIQRRLVKALEDIMVHYDGTTRNSLGDIIQFLYGEDGLDGTQVE
RQTIDTIPGSDKAFHKRYYVDLMDEKNSIKPDVIEYAADILGDVELQKELNSEYEQLVSDRKFLREIVFVNGDHNWPLPV
NLRRIIQNAQQIFHLDRAKASDLTIPEIIHGVRDLCKKLFVLRGENELIKEAQQNATSLFQCLVRARLATRRILEEFRLN
RDAFEWVLGTIEAQFQRSLVHPGEMVGVIAAQSIGEPATQMTLNTFHYAGVSSKNVTLGVPRLKEILNVAKNIKTPALTV
YLDREIALDIEKAKVIQSSIEYTTLKNVTSATEIYYDPDPTSTVIEEDFDTVEAYFSIPDEKVEETIDKQSPWLLRLELD
RARMLDKQLTMNQVADKISEVFSDDLFVMWSEDNADKLIIRCRVIRDPKAMDEELEAEEDQMLKRIEAHMLDLIALRGIP
GISKVYMVKHKVSVPDESGEYKNEELWALETDGINLAEVMAVPGVDSSRTYSNSFVEILSVLGIEATRSSLYKEILNVIA
FDGSYVNYRHMALLVDVMTSRGYLMAITRHGINRADTGALMRCSFEETVEILFEAGAAAELDDCRGVSENVMLGQLAPMG
TGAFDVMIDEKLLTSLPADYAPTMPLFKGKATQGSATPYDNNAQYDDEFNHDDVADVMFSPMAETGSGDDRSGGLTEYAG
IQSPYQPTSPGLSATSPGFAPTSPGFAPTSPRYSPTSPGYSPTSPSYSPTSPSYSPTSPSYSPTSPSYSPTSPSYSPTSP
SYSPTSPSYSPTSPSYSPTSPSYSPTSPQYSPTSPQYSPTSPQYSPTSPQYSPTSPQYSPTSPQYSPTSPQYSPTSPQYS
PTSPQYSPTSPQYSPTSPQYSPTSPQYSPTSPQYSPTSPQYSPASPQYSPSRHSPNGESKEGE
;
A
2 'polypeptide(L)'
;MSYDPYSIDDTITTEDCWTVISAFFEEKGLVSQQLDSFDEFMETSIQDLVWEEPRLILDQPAQHTNEKDNINKRYEIRFG
KIYLSRPTMTEADGTTHAMFPQEARLRNLTYSSPVYLDMEKSMFTSIDDEGNPNATLDWQQVHEPIKDGVEEGNKVHIGK
VPIMLRSKFCSLRTLDEVDLYKMKECPYDMGGYFVINGSEKVLIAQERSAANIVQVFKKAAPSPISHVAEIRSALEKGSR
LISTMQIKLYGREDKGTGRTIKATLPYVKQDIPIVIVFRALGVVPDGEILQHICYDENDWQMLEMLKPCIEEGFVIQDKE
VALDFIGRRGSAALGIRREKRIQYAKDILQKELLPHITQEEGFETRKTFFLGYMVNRLLLCALERKDQDDRDHFGKKRLD
LAGPLLANLFRILFRKLTREIYRYMQRCIETDRDFNLNLAVKSTTITSGLKYSLATGNWGEQKKAMSSRAGVSQVLNRYT
YSSTLSHLRRTNTPIGRDGKLAKPRQLHNTHWGLVCPAETPEGQACGLVKNLSLLSGISIGSPSEPIINFLEEWGMEPLE
DYDPAQHTKSTRIFVNGVWTGIHRDPSMLVSTMRDLRRSGAISPEVSIIRDIREREFKIFTDVGRVYRPLFIVEDDESKD
NKGELRITKEHIRKIQQGYDDDAMNDDSEEQEQDVYGWSSLVTSGVIEYVDGEEEETIMIAMTPEDLQTRSLEQKEIDLN
DTAKRIKPEMSTSSHHTFTHCEIHPSMILGVAASIIPFPDHNQSPRNTYQSAMGKQAMGVFLTNYNVRMDTMANILYYPQ
KPLAKTQAMEYLKFRELPAGQNAIVAIACYSGYNQEDSMIMNQSSIDRGLFRSLFFRSYMDQEKRFGISIVEEFEKPTRA
TTLRLKHGTYEKLDEDGLIAPGVRVSGDDIIIGKTTPIPPDTEELGQRTKYHTKRDASTPLRSTENGIVDQVLLTTNQEG
LKFVKVRMRTTKVPQIGDKFASRHGQKGTIGVTYRHEDMPFSAEGIVPDLIINPHAIPSRMTVAHLIECLLSKVGSIRGY
EGDATPFTDLTVDAVSNLLRDNGYQSRGFEVMYNGHTGKKLMAQVFFGPTYYQRLRHMVDDKIHARARGPVQVLTRQPVE
GRSRDGGLRFGEMERDCMIAHGAAGFLKERLMEASDAFRVHVCGICGLMSVIANLKKNQFECRSCKNKTNIYQLHIPYAA
KLLFQELMAMNIAPRLYTERSGVSMRS
;
B
3 'polypeptide(L)'
;MSKEPKVNIINAQDDEVELMLSDVNLSLANSLRRTMLAEVPTLAIDLVEIKMNTSVLADEFISHRLGLIPLVSEDVEEMK
YSRDCTCEDYCDECSVVLELSARHEGEEGTTDVYSSSLIKVSGPGNLNVGEPVRRDDYDQGILLCKLRNHQELNIRCIAK
KGIAKEHAKWSPCSAIAFEYDPHNKLKHTDFWFEVDAKKEWPDSKYATWEEPPKPGEVFDYKAKPNRFYMTVETTGSLKA
NQVFSRGIKTLQEKLANVLFELENSRPANTTAYGGATAYGGQTVYGRETSYGGNTNYGDYNAPY
;
C
4 'polypeptide(L)'
;MNVSTSTVGARRRRAKQQVDDEENATLLRLGPEFALKQYDHDGNEHDLIALSLSESRLLIREALKARSRARNGGVDIESS
NGEIDDDELAKVTSGAVANGVVKKTLDYLNTFARFKDEETCTAVDQLLHNSSDCSVLHPFEIAQLSSLGCEDVDEAITLI
PSLAAKKEVNLQRILDELNRLEDPYK
;
D
5 'polypeptide(L)'
;MEDNNRIISRLWRSFRTVKEMAADRGYFISQEEMDQSLEEFRSKICDSMGNPQRKLMSFLANPTPEALEKYSDLGTLWVE
FCDEPSVGIKTMRNFCLRIQEKNFSTGIFIYQNNITPSANKMIPTVSPAIIETFQESDLVVNITHHELVPKHIRLSDGEK
SQLLQRYKLKESQLPRIQREDPVARYLGLKRGQVVKIIRRSETSGRYASYRICL
;
E
6 'polypeptide(L)'
;MSEDEAFNEQTENFENFEDEHFSDDNFEDRSTQPEDYAVGVTADGRQIINGDGIQEVNGTIKAHRKRSNKELAILKEERT
TTPYLTKYERARILGTRALQISMNAPVLVDIEGETDPLQIAMKELSQRKIPLVIRRYLPDGSYEDWGCDELIVDN
;
F
7 'polypeptide(L)'
;MFFLKDLSLILTLHPSYFGPQMNQYLREKLLTDVEGTCTGQFGYIVTVLDGMNIDVGKGRIIPGSGSAEFEVKYRAVVWK
PFKGEVVDAIVSNVSPIGFFADVGPLNVFVSTRLIPDNLVYNPSNSPPAYMSNDELITKGSKVRLKVVGTRTDVNEIYAI
GSIKEDFLGAI
;
G
8 'polypeptide(L)'
;MSSALFDDIFTVQTVDNGRYNKVSRIIGISTTNSAIKLTLDINNEMFPVSQDDSLTVTLANSLSLDGEDESANFSKSWRP
PKPTDKSLADDYDYVMFGTVYKFEEGDEDKIKVYVSFGGLLMCLEGGYKSLASLKQDNLYILIRR
;
H
9 'polypeptide(L)'
;MASFRFCLECNNMLYPKEDKENQRLLYSCRNCDYTELAEDPKVYRHELITNIGETAGIVDDIGQDPTLPRSDKECPECHS
RDCVFFQSQQRRKDTNMTLFYVCLNCKKTFRDESE
;
I
10 'polypeptide(L)' MIIPVRCFSCGKVVGDKWDAYLRLLEEGKQEGDALDELKLKRYCCRRMVLTHVDLIEKFLRYNPLEKKDFDS J
11 'polypeptide(L)'
;MNAPDRFELFILPDDVPKLKITPDSRVPNCIIIKFEREDHTLANLLREELALYPDVTFVAYKVEHPLFANFVMRLQTEEG
TRPKQALERACASIINKLKTLDHKFNEEWNIKNFSLND
;
K
12 'polypeptide(L)' MSREGFVAPSGTDLAAAASGVAPNKHYGVKYTCGACAHNFSLNKSDPVRCKECGHRVIYKARTKRMIQFDAR L
13 'polypeptide(L)'
;GPGMGKRKSSARKPAPKIKQKLETQFTCLFCNHDNSVVCTLDKKNSIGLLECKKCNLSFQAPINSLSQPIDIYSDWIDAC
EAVAEENADVNGDNFIENDGADREQDDDYDDEF
;
M
14 'polydeoxyribonucleotide'
;(DG)(DC)(DT)(DT)(DA)(DC)(DG)(DT)(DC)(DA)(DG)(DT)(DC)(DT)(DG)(DG)(DC)(DC)(DA)(DT)
(DC)(DT)(DT)(DT)(DG)(DT)(DG)(DT)(DT)(DT)(DG)(DG)(DT)(DG)(DT)(DG)(DT)(DT)(DT)(DG)
(DG)(DG)(DT)(DG)(DG)(DT)(DG)(DG)(DC)(DC)(DG)(DT)(DT)(DT)(DT)(DC)(DG)(DT)(DT)(DG)
(DT)(DT)(DT)(DT)(DT)(DT)(DT)(DC)(DT)(DG)(DT)(DC)(DT)(DC)(DG)(DT)(DG)(DC)(DC)(DT)
(DG)(DG)(DT)(DG)(DT)(DC)(DT)(DT)(DG)(DG)(DG)(DT)(DG)(DT)(DA)(DA)(DT)(DC)(DC)(DC)
(DC)(DT)(DT)(DG)(DG)(DC)(DG)(DG)(DT)(DT)(DA)(DA)(DA)(DA)(DC)(DG)(DC)(DG)(DG)(DG)
(DG)(DG)(DA)(DC)(DA)(DG)(DC)(DG)(DC)(DG)(DT)(DA)(DC)(DG)(DT)(DG)(DC)(DG)(DT)(DT)
(DT)(DA)(DA)(DG)(DC)(DG)(DG)(DT)(DG)(DC)(DT)(DA)(DG)(DA)(DG)(DC)(DT)(DG)(DT)(DC)
(DT)(DA)(DC)(DG)(DA)(DC)(DC)(DA)(DA)(DT)(DT)(DG)(DA)(DG)(DC)(DG)(DG)(DC)(DC)(DT)
(DC)(DG)(DG)(DC)(DA)(DC)(DC)(DG)(DG)(DG)(DA)(DT)(DT)(DC)(DT)(DG)(DA)(DT)
;
N
15 'polypeptide(L)'
;GPLGSHMNEEPDDLTSLGVELVGQDTLEHQIASMADTAMLERDKELELKRLEKTKSQIQKWQSKQRSLESKINSRNTKIS
ERERFRKELKDIEENELKVLRDDLKEINTRLQETMKASSLKAKETLDEVEQLPNETKKDFLIRTGKITAFGSVNAFTQDN
PEAPVEKSHQSLIAPGIDDDDDYVYPGEIEEIEEIETENESDDQAAIISSKKRKRARSIEHDDVYVNSDSTEDEYDTQTT
RQSKDEIHNIDDGDDAFYNARLNAWVTKRSQKREVDANPDEEEWFKPHPTKQDAILDDDYRLPGDVYPALFDYQKTCVQW
LWELYLQKVGGILGDEMGLGKTVQIISFIAGLHYTKKLNKPVIVVCPATVLRQWCNEFHRWWPPLRVVILHAIGTGLSGS
RTSLQNEASIEKLLEEEEYGSTKSLASLKAESRVKELIDSVFTRGHVIITTYVGLRIYSKHLLKRDWGYAILDEGHKIRN
PNSDISLTCKQLRTPNRVILSGTPIQNNLTELWSLFDFIFPGRLGTLPVFQNQFAIPINVGGYANATNLQVQVGYKCAVT
LKDLISPYLLRRVKADVAKDLPKKSEMVLFCKLTAPQHALYEKFLRSDELSRILQGKRQVLYGIDILRKICNHPDLVDVH
AKRRSKKDPTYGSASKSGKMQVVKKLLELWKSQGHKTLLFTQTRQMLDILESFLERLNAKGAEEEDFVPFKFLRMDGTTS
IGVRQSLVDVFNNDPSYNVFLLTTRVGGLGVNLTGANRVIIYDPDWNPSTDVQARERAWRLGQKKDVTIYRLMIAGSIEE
KIYHRQIFKQFLTNKILKDPKQRRFFKMNELQDLFTLGDPDEKGTETGDMFNGMEYNFKGTKPRHSQKLSNRERSEEPQD
DLVKLAQINGVSGLQEFDGSKDEQMDSTSRQEEELMSGLFASSGVHSALQHDSIMDSTEPEQNEAELEARRIAAEAANSL
RESRKLARKSKIGVPTWTGKFGSAGKILNKQRFRDNASGVSSSSILQSIRAKRDLDTKKKERPDFNNEDNDRKLLIRRIN
DFMLVQNGYKADSQTILNSFKEINNIILMRSMLKQICKWDSKEKVWILKDEYVE
;
O
16 'polyribonucleotide' GUUUUCGUUGUUUUUU P
17 'polydeoxyribonucleotide'
;(DA)(DT)(DC)(DA)(DG)(DA)(DA)(DT)(DC)(DC)(DC)(DG)(DG)(DT)(DG)(DC)(DC)(DG)(DA)(DG)
(DG)(DC)(DC)(DG)(DC)(DT)(DC)(DA)(DA)(DT)(DT)(DG)(DG)(DT)(DC)(DG)(DT)(DA)(DG)(DA)
(DC)(DA)(DG)(DC)(DT)(DC)(DT)(DA)(DG)(DC)(DA)(DC)(DC)(DG)(DC)(DT)(DT)(DA)(DA)(DA)
(DC)(DG)(DC)(DA)(DC)(DG)(DT)(DA)(DC)(DG)(DC)(DG)(DC)(DT)(DG)(DT)(DC)(DC)(DC)(DC)
(DC)(DG)(DC)(DG)(DT)(DT)(DT)(DT)(DA)(DA)(DC)(DC)(DG)(DC)(DC)(DA)(DA)(DG)(DG)(DG)
(DG)(DA)(DT)(DT)(DA)(DC)(DA)(DC)(DC)(DC)(DA)(DA)(DG)(DA)(DC)(DA)(DC)(DC)(DA)(DG)
(DG)(DC)(DA)(DC)(DG)(DA)(DG)(DA)(DC)(DA)(DG)(DC)(DA)(DA)(DA)(DA)(DA)(DA)(DC)(DA)
(DA)(DC)(DG)(DA)(DA)(DA)(DA)(DC)(DG)(DG)(DC)(DC)(DA)(DC)(DC)(DA)(DC)(DC)(DC)(DA)
(DA)(DA)(DC)(DA)(DC)(DA)(DC)(DC)(DA)(DA)(DA)(DC)(DA)(DC)(DA)(DA)(DG)(DA)(DG)(DC)
(DT)(DA)(DA)(DT)(DT)(DG)(DA)(DC)(DT)(DG)(DA)(DC)(DG)(DT)(DA)(DA)(DG)(DC)
;
T
18 'polypeptide(L)'
;GSHMARTKQTARKSTGGKAPRKQLATKAARKSAPSTGGVKKPHRYRPGTVALREIRRYQKSTELLIRKLPFQRLVREIAQ
DFKTDLRFQSSAVMALQEACEAYLVGLFEDTNLCAIHAKRVTIMPKDIQLARRIRGERA
;
a,e
19 'polypeptide(L)'
;GSHMSGRGKGGKGLGKGGAKRHRKVLRDNIQGITKPAIRRLARRGGVKRISGLIYEETRGVLKVFLENVIRDAVTYTEHA
KRKTVTAMDVVYALKRQGRTLYGFGG
;
b,f
20 'polypeptide(L)'
;GSHMSGRGKQGGKARAKAKTRSSRAGLQFPVGRVHRLLRKGNYSERVGAGAPVYLAAVLEYLTAEILELAGNAARDNKKT
RIIPRHLQLAIRNDEELNKLLGRVTIAQGGVLPNIQAVLLPKKTESHHKAKGK
;
c,g
21 'polypeptide(L)'
;GSHMPEPAKSAPAPKKGSKKAVTKAQKKDGKKRKRSRKESYSIYVYKVLKQVHPDTGISSKAMGIMNSFVNDIFERIAGE
ASRLAHYNKRSTITSREIQTAVRLLLPGELAKHAVSEGTKAVTKYTSAK
;
d,h
#
# COMPACT_ATOMS: atom_id res chain seq x y z
N SER A 2 -4.53 32.23 29.52
CA SER A 2 -5.66 33.02 30.00
C SER A 2 -6.26 32.41 31.27
N GLN A 3 -6.85 31.22 31.13
CA GLN A 3 -7.46 30.56 32.27
C GLN A 3 -6.42 29.92 33.20
N PHE A 4 -5.19 29.73 32.70
CA PHE A 4 -4.13 29.13 33.49
C PHE A 4 -3.70 30.06 34.63
N PRO A 5 -3.18 29.50 35.72
CA PRO A 5 -2.61 30.35 36.77
C PRO A 5 -1.41 31.12 36.26
N TYR A 6 -1.15 32.27 36.89
CA TYR A 6 -0.13 33.19 36.39
C TYR A 6 1.24 32.54 36.34
N SER A 7 1.95 32.77 35.23
CA SER A 7 3.31 32.28 35.04
C SER A 7 4.08 33.34 34.26
N SER A 8 5.25 33.72 34.78
CA SER A 8 6.02 34.80 34.16
C SER A 8 6.54 34.40 32.78
N ALA A 9 6.56 33.09 32.49
CA ALA A 9 7.01 32.59 31.20
C ALA A 9 6.13 33.17 30.09
N PRO A 10 6.73 33.83 29.10
CA PRO A 10 5.92 34.45 28.04
C PRO A 10 5.22 33.41 27.18
N LEU A 11 4.07 33.79 26.64
CA LEU A 11 3.27 32.88 25.83
C LEU A 11 3.91 32.71 24.45
N ARG A 12 4.35 31.48 24.16
CA ARG A 12 5.00 31.17 22.88
C ARG A 12 4.62 29.76 22.47
N SER A 13 4.78 29.49 21.17
CA SER A 13 4.54 28.18 20.60
C SER A 13 5.83 27.61 20.01
N VAL A 14 5.78 26.32 19.66
CA VAL A 14 6.91 25.63 19.06
C VAL A 14 6.91 25.96 17.57
N LYS A 15 8.05 26.44 17.08
CA LYS A 15 8.21 26.70 15.65
C LYS A 15 9.06 25.66 14.94
N GLU A 16 9.94 24.97 15.65
CA GLU A 16 10.77 23.94 15.02
C GLU A 16 10.92 22.77 15.98
N VAL A 17 11.10 21.58 15.40
CA VAL A 17 11.33 20.35 16.16
C VAL A 17 12.58 19.70 15.57
N GLN A 18 13.64 19.61 16.37
CA GLN A 18 14.89 19.03 15.91
C GLN A 18 15.04 17.62 16.47
N PHE A 19 15.22 16.65 15.59
CA PHE A 19 15.34 15.26 15.98
C PHE A 19 16.77 14.91 16.38
N GLY A 20 17.04 13.62 16.56
CA GLY A 20 18.36 13.17 16.97
C GLY A 20 18.30 12.30 18.22
N LEU A 21 19.47 11.77 18.57
CA LEU A 21 19.62 10.87 19.70
C LEU A 21 19.84 11.68 20.98
N LEU A 22 19.93 10.96 22.09
CA LEU A 22 20.10 11.55 23.41
C LEU A 22 21.42 11.06 24.01
N SER A 23 22.29 12.00 24.35
CA SER A 23 23.55 11.63 24.99
C SER A 23 23.31 11.21 26.43
N PRO A 24 24.05 10.19 26.91
CA PRO A 24 23.92 9.80 28.32
C PRO A 24 24.20 10.95 29.28
N GLU A 25 25.17 11.80 28.95
CA GLU A 25 25.43 12.98 29.77
C GLU A 25 24.20 13.88 29.84
N GLU A 26 23.54 14.11 28.69
CA GLU A 26 22.32 14.88 28.73
C GLU A 26 21.18 14.07 29.36
N ILE A 27 21.24 12.75 29.25
CA ILE A 27 20.24 11.91 29.92
C ILE A 27 20.25 12.19 31.42
N ARG A 28 21.45 12.25 32.01
CA ARG A 28 21.53 12.70 33.40
C ARG A 28 21.17 14.17 33.56
N ALA A 29 21.50 14.99 32.56
CA ALA A 29 21.15 16.41 32.64
C ALA A 29 19.65 16.63 32.72
N ILE A 30 18.86 15.68 32.22
CA ILE A 30 17.42 15.69 32.40
C ILE A 30 16.96 14.74 33.51
N SER A 31 17.72 13.67 33.78
CA SER A 31 17.36 12.76 34.86
C SER A 31 17.27 13.51 36.18
N VAL A 32 16.06 13.61 36.73
CA VAL A 32 15.85 14.33 37.99
C VAL A 32 16.25 13.51 39.19
N VAL A 33 16.48 12.20 39.04
CA VAL A 33 16.87 11.34 40.14
C VAL A 33 17.44 10.04 39.59
N LYS A 34 18.45 9.50 40.27
CA LYS A 34 19.04 8.22 39.91
C LYS A 34 18.10 7.09 40.31
N ILE A 35 17.84 6.19 39.37
CA ILE A 35 16.98 5.03 39.59
C ILE A 35 17.85 3.79 39.48
N GLU A 36 17.88 2.99 40.55
CA GLU A 36 18.57 1.72 40.56
C GLU A 36 17.75 0.59 41.19
N TYR A 37 16.70 0.91 41.94
CA TYR A 37 15.92 -0.09 42.65
C TYR A 37 14.78 -0.58 41.78
N PRO A 38 14.72 -1.87 41.43
CA PRO A 38 13.53 -2.39 40.74
C PRO A 38 12.29 -2.28 41.59
N GLU A 39 12.44 -2.32 42.90
CA GLU A 39 11.33 -2.43 43.83
C GLU A 39 10.68 -1.06 44.02
N ILE A 40 9.35 -1.01 43.88
CA ILE A 40 8.68 0.27 43.65
C ILE A 40 8.05 0.84 44.92
N MET A 41 7.27 0.04 45.65
CA MET A 41 6.54 0.54 46.81
C MET A 41 7.41 0.42 48.05
N ASP A 42 7.80 1.58 48.61
CA ASP A 42 8.91 1.65 49.56
C ASP A 42 8.72 0.69 50.72
N GLU A 43 7.52 0.69 51.32
CA GLU A 43 7.24 -0.19 52.45
C GLU A 43 5.83 -0.77 52.37
N SER A 44 5.25 -0.82 51.16
CA SER A 44 3.89 -1.30 50.93
C SER A 44 2.86 -0.52 51.74
N ARG A 45 3.18 0.71 52.12
CA ARG A 45 2.30 1.53 52.95
C ARG A 45 2.26 2.95 52.38
N GLN A 46 2.04 3.05 51.06
CA GLN A 46 2.06 4.31 50.33
C GLN A 46 3.46 4.89 50.34
N ARG A 47 3.64 6.07 49.72
CA ARG A 47 4.95 6.71 49.60
C ARG A 47 5.93 5.77 48.92
N PRO A 48 5.79 5.55 47.61
CA PRO A 48 6.64 4.57 46.92
C PRO A 48 8.12 4.93 47.01
N ARG A 49 8.96 3.95 46.70
CA ARG A 49 10.40 4.03 46.91
C ARG A 49 11.03 5.22 46.20
N GLU A 50 11.64 6.11 46.99
CA GLU A 50 12.46 7.17 46.42
C GLU A 50 13.69 6.56 45.76
N GLY A 51 13.98 7.01 44.54
CA GLY A 51 15.02 6.42 43.74
C GLY A 51 14.62 5.15 43.03
N GLY A 52 13.38 4.71 43.18
CA GLY A 52 12.87 3.56 42.45
C GLY A 52 12.11 3.98 41.20
N LEU A 53 11.49 2.99 40.57
CA LEU A 53 10.72 3.24 39.35
C LEU A 53 9.53 4.14 39.62
N ASN A 54 8.90 4.03 40.80
CA ASN A 54 7.76 4.87 41.16
C ASN A 54 8.16 5.98 42.13
N ASP A 55 9.35 6.55 41.97
CA ASP A 55 9.84 7.61 42.83
C ASP A 55 8.87 8.79 42.80
N PRO A 56 8.37 9.23 43.96
CA PRO A 56 7.56 10.45 43.97
C PRO A 56 8.33 11.66 43.47
N LYS A 57 9.63 11.70 43.71
CA LYS A 57 10.47 12.75 43.13
C LYS A 57 10.32 12.81 41.62
N LEU A 58 10.16 11.66 40.96
CA LEU A 58 9.87 11.64 39.54
C LEU A 58 8.50 12.24 39.21
N GLY A 59 7.62 12.35 40.18
CA GLY A 59 6.30 12.93 39.98
C GLY A 59 5.28 12.39 40.97
N SER A 60 4.15 13.09 41.06
CA SER A 60 3.05 12.68 41.91
C SER A 60 1.95 12.07 41.05
N ILE A 61 1.07 11.29 41.66
CA ILE A 61 0.13 10.48 40.89
C ILE A 61 -1.32 10.71 41.33
N ASP A 62 -1.51 11.31 42.50
CA ASP A 62 -2.83 11.44 43.08
C ASP A 62 -3.27 12.90 43.08
N ARG A 63 -4.48 13.14 43.61
CA ARG A 63 -5.08 14.48 43.57
C ARG A 63 -4.35 15.45 44.49
N ASN A 64 -4.08 15.03 45.74
CA ASN A 64 -3.57 15.97 46.74
C ASN A 64 -2.05 16.08 46.68
N PHE A 65 -1.36 14.99 46.38
CA PHE A 65 0.10 15.02 46.35
C PHE A 65 0.62 15.91 45.24
N LYS A 66 1.77 16.54 45.49
CA LYS A 66 2.43 17.40 44.53
C LYS A 66 3.77 16.78 44.15
N CYS A 67 4.15 16.92 42.88
CA CYS A 67 5.46 16.45 42.44
C CYS A 67 6.57 17.09 43.25
N GLN A 68 7.41 16.26 43.89
CA GLN A 68 8.49 16.77 44.72
C GLN A 68 9.50 17.59 43.91
N THR A 69 9.65 17.27 42.62
CA THR A 69 10.54 18.02 41.76
C THR A 69 10.00 19.42 41.47
N CYS A 70 8.84 19.51 40.83
CA CYS A 70 8.31 20.79 40.39
C CYS A 70 7.48 21.50 41.45
N GLY A 71 6.92 20.75 42.41
CA GLY A 71 6.11 21.35 43.45
C GLY A 71 4.62 21.29 43.23
N GLU A 72 4.15 20.77 42.10
CA GLU A 72 2.72 20.70 41.82
C GLU A 72 2.32 19.29 41.44
N GLY A 73 1.04 18.98 41.66
CA GLY A 73 0.50 17.69 41.27
C GLY A 73 -0.01 17.69 39.85
N MET A 74 -0.87 16.71 39.56
CA MET A 74 -1.47 16.55 38.23
C MET A 74 -1.94 17.88 37.63
N ALA A 75 -2.38 18.80 38.48
CA ALA A 75 -2.78 20.13 38.04
C ALA A 75 -1.69 20.79 37.20
N GLU A 76 -0.43 20.65 37.62
CA GLU A 76 0.65 21.31 36.89
C GLU A 76 1.86 20.40 36.68
N CYS A 77 1.94 19.27 37.40
CA CYS A 77 3.07 18.35 37.27
C CYS A 77 3.30 17.98 35.82
N PRO A 78 4.41 18.42 35.21
CA PRO A 78 4.68 18.12 33.80
C PRO A 78 5.36 16.78 33.55
N GLY A 79 5.62 16.01 34.58
CA GLY A 79 6.40 14.80 34.41
C GLY A 79 7.89 15.06 34.39
N HIS A 80 8.63 14.21 35.10
CA HIS A 80 10.07 14.36 35.26
C HIS A 80 10.73 13.01 35.06
N PHE A 81 11.97 13.03 34.56
CA PHE A 81 12.60 11.82 34.06
C PHE A 81 13.76 11.40 34.96
N GLY A 82 14.07 10.11 34.96
CA GLY A 82 15.21 9.58 35.67
C GLY A 82 16.13 8.79 34.76
N HIS A 83 17.26 8.35 35.32
CA HIS A 83 18.21 7.57 34.54
C HIS A 83 18.57 6.31 35.32
N MET A 84 18.79 5.22 34.59
CA MET A 84 19.25 3.96 35.17
C MET A 84 20.47 3.52 34.39
N GLU A 85 21.62 3.50 35.07
CA GLU A 85 22.89 3.19 34.40
C GLU A 85 22.95 1.70 34.07
N LEU A 86 23.04 1.38 32.78
CA LEU A 86 23.20 0.00 32.35
C LEU A 86 24.54 -0.54 32.87
N ALA A 87 24.53 -1.80 33.28
CA ALA A 87 25.74 -2.45 33.78
C ALA A 87 26.74 -2.69 32.65
N LYS A 88 26.27 -2.57 31.41
CA LYS A 88 27.07 -2.83 30.23
C LYS A 88 26.38 -2.21 29.03
N PRO A 89 27.11 -1.55 28.13
CA PRO A 89 26.46 -0.94 26.97
C PRO A 89 25.76 -1.98 26.12
N VAL A 90 24.61 -1.60 25.55
CA VAL A 90 23.78 -2.50 24.78
C VAL A 90 23.45 -1.87 23.44
N PHE A 91 22.63 -2.57 22.66
CA PHE A 91 22.24 -2.12 21.33
C PHE A 91 20.81 -1.61 21.33
N HIS A 92 20.54 -0.65 20.45
CA HIS A 92 19.20 -0.11 20.26
C HIS A 92 18.55 -0.87 19.11
N ILE A 93 17.35 -1.40 19.35
CA ILE A 93 16.71 -2.39 18.48
C ILE A 93 16.59 -1.87 17.05
N GLY A 94 16.49 -0.55 16.89
CA GLY A 94 16.33 0.02 15.57
C GLY A 94 17.62 0.56 14.98
N PHE A 95 18.76 0.06 15.45
CA PHE A 95 20.04 0.57 14.96
C PHE A 95 21.03 -0.55 14.64
N ILE A 96 20.68 -1.81 14.92
CA ILE A 96 21.56 -2.92 14.55
C ILE A 96 21.86 -2.94 13.05
N PRO A 97 20.88 -2.76 12.15
CA PRO A 97 21.24 -2.58 10.73
C PRO A 97 22.19 -1.41 10.54
N LYS A 98 21.96 -0.34 11.31
CA LYS A 98 22.86 0.81 11.22
C LYS A 98 24.19 0.53 11.90
N ILE A 99 24.20 -0.39 12.88
CA ILE A 99 25.47 -0.84 13.42
C ILE A 99 26.28 -1.55 12.35
N LYS A 100 25.62 -2.42 11.58
CA LYS A 100 26.28 -3.07 10.45
C LYS A 100 26.73 -2.04 9.43
N LYS A 101 25.90 -1.03 9.18
CA LYS A 101 26.25 0.03 8.24
C LYS A 101 27.52 0.75 8.66
N VAL A 102 27.59 1.17 9.93
CA VAL A 102 28.76 1.90 10.41
C VAL A 102 29.95 0.98 10.59
N CYS A 103 29.71 -0.34 10.65
CA CYS A 103 30.82 -1.28 10.71
C CYS A 103 31.31 -1.68 9.33
N GLU A 104 30.57 -1.33 8.29
CA GLU A 104 31.00 -1.56 6.92
C GLU A 104 31.77 -0.38 6.32
N CYS A 105 32.13 0.62 7.14
CA CYS A 105 32.69 1.86 6.63
C CYS A 105 34.02 2.26 7.24
N ILE A 106 34.30 1.90 8.50
CA ILE A 106 35.47 2.39 9.21
C ILE A 106 36.30 1.21 9.69
N CYS A 107 37.42 1.54 10.33
CA CYS A 107 38.37 0.56 10.85
C CYS A 107 37.90 0.00 12.19
N MET A 108 38.24 -1.27 12.42
CA MET A 108 37.91 -1.95 13.66
C MET A 108 38.83 -1.55 14.81
N ASN A 109 39.99 -0.98 14.50
CA ASN A 109 40.94 -0.56 15.52
C ASN A 109 41.19 0.94 15.49
N CYS A 110 41.55 1.49 14.32
CA CYS A 110 41.80 2.92 14.21
C CYS A 110 40.52 3.74 14.18
N GLY A 111 39.38 3.11 13.88
CA GLY A 111 38.10 3.79 13.93
C GLY A 111 37.96 4.99 13.01
N LYS A 112 38.34 4.84 11.74
CA LYS A 112 38.22 5.93 10.80
C LYS A 112 37.89 5.37 9.42
N LEU A 113 37.35 6.24 8.57
CA LEU A 113 36.83 5.83 7.28
C LEU A 113 37.90 5.18 6.42
N LEU A 114 37.51 4.15 5.67
CA LEU A 114 38.45 3.44 4.82
C LEU A 114 39.10 4.38 3.80
N LEU A 115 38.44 5.47 3.48
CA LEU A 115 39.00 6.52 2.64
C LEU A 115 38.84 7.88 3.33
N ASP A 116 39.08 8.93 2.55
CA ASP A 116 38.80 10.30 2.95
C ASP A 116 38.24 11.00 1.73
N GLU A 117 38.24 12.33 1.73
CA GLU A 117 37.82 13.00 0.50
C GLU A 117 38.89 12.96 -0.58
N THR A 118 39.94 12.15 -0.42
CA THR A 118 41.00 12.07 -1.43
C THR A 118 40.46 11.55 -2.75
N ASN A 119 39.77 10.41 -2.72
CA ASN A 119 39.20 9.88 -3.95
C ASN A 119 38.00 10.72 -4.37
N PRO A 120 37.80 10.95 -5.66
CA PRO A 120 36.69 11.82 -6.10
C PRO A 120 35.32 11.28 -5.70
N THR A 121 35.14 9.96 -5.71
CA THR A 121 33.85 9.38 -5.39
C THR A 121 33.44 9.70 -3.96
N MET A 122 34.32 9.44 -3.00
CA MET A 122 34.01 9.74 -1.61
C MET A 122 33.79 11.24 -1.39
N ALA A 123 34.64 12.08 -1.99
CA ALA A 123 34.49 13.52 -1.81
C ALA A 123 33.14 14.00 -2.32
N GLN A 124 32.76 13.60 -3.54
CA GLN A 124 31.47 14.00 -4.09
C GLN A 124 30.32 13.42 -3.27
N ALA A 125 30.52 12.23 -2.70
CA ALA A 125 29.50 11.68 -1.80
C ALA A 125 29.34 12.55 -0.55
N ILE A 126 30.45 13.08 -0.04
CA ILE A 126 30.39 13.91 1.16
C ILE A 126 29.86 15.31 0.86
N ARG A 127 29.94 15.76 -0.40
CA ARG A 127 29.30 17.02 -0.75
C ARG A 127 27.79 16.95 -0.66
N ILE A 128 27.21 15.75 -0.54
CA ILE A 128 25.77 15.62 -0.37
C ILE A 128 25.36 16.21 0.97
N ARG A 129 24.32 17.04 0.96
CA ARG A 129 23.84 17.65 2.20
C ARG A 129 23.23 16.61 3.14
N ASP A 130 22.58 15.60 2.58
CA ASP A 130 21.89 14.62 3.42
C ASP A 130 22.91 13.74 4.15
N PRO A 131 22.72 13.50 5.45
CA PRO A 131 23.64 12.62 6.19
C PRO A 131 23.55 11.17 5.76
N LYS A 132 22.33 10.64 5.71
CA LYS A 132 22.14 9.23 5.41
C LYS A 132 22.65 8.89 4.01
N LYS A 133 22.36 9.75 3.04
CA LYS A 133 22.81 9.48 1.66
C LYS A 133 24.32 9.51 1.55
N ARG A 134 24.97 10.50 2.17
CA ARG A 134 26.43 10.57 2.11
C ARG A 134 27.06 9.36 2.80
N PHE A 135 26.46 8.92 3.90
CA PHE A 135 27.01 7.77 4.62
C PHE A 135 26.80 6.47 3.84
N ASN A 136 25.65 6.34 3.17
CA ASN A 136 25.39 5.13 2.39
C ASN A 136 26.26 5.10 1.14
N ALA A 137 26.55 6.27 0.55
CA ALA A 137 27.52 6.31 -0.54
C ALA A 137 28.92 5.99 -0.03
N VAL A 138 29.23 6.42 1.19
CA VAL A 138 30.46 6.00 1.85
C VAL A 138 30.53 4.48 1.91
N TRP A 139 29.44 3.84 2.29
CA TRP A 139 29.39 2.38 2.25
C TRP A 139 29.60 1.84 0.84
N GLN A 140 28.93 2.46 -0.13
CA GLN A 140 28.98 1.98 -1.51
C GLN A 140 30.38 2.10 -2.11
N LEU A 141 31.20 2.98 -1.57
CA LEU A 141 32.58 3.09 -2.02
C LEU A 141 33.55 2.30 -1.13
N CYS A 142 33.17 2.06 0.13
CA CYS A 142 33.95 1.17 0.98
C CYS A 142 33.91 -0.25 0.45
N LYS A 143 32.75 -0.68 -0.07
CA LYS A 143 32.65 -2.02 -0.64
C LYS A 143 33.45 -2.16 -1.93
N THR A 144 33.96 -1.06 -2.49
CA THR A 144 34.84 -1.10 -3.65
C THR A 144 36.29 -1.40 -3.29
N LYS A 145 36.58 -1.60 -1.99
CA LYS A 145 37.94 -1.81 -1.51
C LYS A 145 37.97 -3.15 -0.77
N MET A 146 38.97 -3.97 -1.08
CA MET A 146 39.05 -5.30 -0.49
C MET A 146 39.43 -5.29 0.98
N VAL A 147 40.17 -4.28 1.43
CA VAL A 147 40.72 -4.26 2.78
C VAL A 147 40.52 -2.87 3.36
N CYS A 148 40.55 -2.79 4.70
CA CYS A 148 40.64 -1.51 5.38
C CYS A 148 42.02 -0.92 5.11
N GLU A 149 42.08 0.01 4.17
CA GLU A 149 43.36 0.45 3.63
C GLU A 149 44.22 1.11 4.68
N ALA A 150 45.38 0.51 4.97
CA ALA A 150 46.39 1.19 5.78
C ALA A 150 47.05 2.33 5.01
N ASP A 151 46.89 2.37 3.69
CA ASP A 151 47.46 3.38 2.82
C ASP A 151 46.41 3.80 1.80
N ALA A 152 46.84 4.46 0.72
CA ALA A 152 45.96 4.63 -0.42
C ALA A 152 45.71 3.27 -1.08
N PRO A 153 44.48 3.00 -1.54
CA PRO A 153 44.18 1.72 -2.19
C PRO A 153 45.02 1.48 -3.44
N VAL A 163 51.85 6.62 2.23
CA VAL A 163 50.56 7.28 2.05
C VAL A 163 49.55 6.76 3.07
N SER A 164 50.02 6.57 4.30
CA SER A 164 49.17 6.06 5.36
C SER A 164 48.14 7.10 5.78
N ARG A 165 46.88 6.68 5.88
CA ARG A 165 45.79 7.55 6.32
C ARG A 165 45.56 7.47 7.82
N GLY A 166 46.56 7.04 8.59
CA GLY A 166 46.35 6.76 9.99
C GLY A 166 45.53 5.53 10.27
N GLY A 167 45.34 4.67 9.26
CA GLY A 167 44.52 3.48 9.42
C GLY A 167 45.24 2.35 10.14
N CYS A 168 44.42 1.44 10.69
CA CYS A 168 44.97 0.28 11.37
C CYS A 168 45.50 -0.74 10.37
N GLY A 169 44.84 -0.87 9.22
CA GLY A 169 45.27 -1.77 8.18
C GLY A 169 44.74 -3.18 8.28
N ASN A 170 44.14 -3.57 9.42
CA ASN A 170 43.58 -4.90 9.54
C ASN A 170 42.38 -5.05 8.61
N THR A 171 42.23 -6.24 8.03
CA THR A 171 41.18 -6.48 7.06
C THR A 171 39.80 -6.32 7.70
N GLN A 172 38.91 -5.63 6.99
CA GLN A 172 37.57 -5.38 7.52
C GLN A 172 36.83 -6.69 7.72
N PRO A 173 36.30 -6.94 8.92
CA PRO A 173 35.56 -8.18 9.15
C PRO A 173 34.23 -8.18 8.41
N VAL A 174 33.78 -9.39 8.08
CA VAL A 174 32.46 -9.56 7.49
C VAL A 174 31.43 -9.46 8.60
N VAL A 175 30.66 -8.37 8.61
CA VAL A 175 29.76 -8.04 9.71
C VAL A 175 28.40 -8.66 9.45
N ARG A 176 27.87 -9.36 10.46
CA ARG A 176 26.58 -10.00 10.33
C ARG A 176 25.81 -9.85 11.63
N LYS A 177 24.51 -9.57 11.52
CA LYS A 177 23.65 -9.44 12.68
C LYS A 177 23.42 -10.82 13.28
N ASP A 178 24.32 -11.26 14.15
CA ASP A 178 24.34 -12.64 14.64
C ASP A 178 23.60 -12.66 15.98
N GLY A 179 22.35 -13.07 15.93
CA GLY A 179 21.50 -12.98 17.11
C GLY A 179 21.23 -11.52 17.45
N MET A 180 21.09 -11.26 18.75
CA MET A 180 20.82 -9.90 19.21
C MET A 180 21.99 -8.96 18.90
N LYS A 181 23.21 -9.45 19.06
CA LYS A 181 24.41 -8.67 18.77
C LYS A 181 24.89 -8.97 17.35
N LEU A 182 26.10 -8.54 17.02
CA LEU A 182 26.68 -8.78 15.72
C LEU A 182 28.04 -9.45 15.85
N TRP A 183 28.44 -10.09 14.76
CA TRP A 183 29.68 -10.85 14.68
C TRP A 183 30.44 -10.45 13.44
N GLY A 184 31.75 -10.27 13.59
CA GLY A 184 32.59 -9.85 12.48
C GLY A 184 33.65 -10.86 12.12
N THR A 185 33.50 -11.47 10.95
CA THR A 185 34.46 -12.45 10.44
C THR A 185 35.70 -11.72 9.96
N TRP A 186 36.66 -11.53 10.87
CA TRP A 186 37.94 -10.95 10.48
C TRP A 186 38.70 -11.92 9.59
N LYS A 187 39.07 -11.46 8.40
CA LYS A 187 39.84 -12.25 7.46
C LYS A 187 41.29 -11.80 7.56
N LYS A 188 41.99 -12.29 8.59
CA LYS A 188 43.32 -11.82 8.90
C LYS A 188 44.34 -12.48 7.97
N SER A 189 45.62 -12.33 8.31
CA SER A 189 46.70 -12.91 7.51
C SER A 189 46.67 -14.43 7.55
N ARG A 194 44.46 -19.14 1.36
CA ARG A 194 43.80 -18.03 0.69
C ARG A 194 42.96 -17.23 1.68
N ASP A 195 42.33 -17.92 2.63
CA ASP A 195 41.57 -17.28 3.69
C ASP A 195 42.07 -17.80 5.03
N ALA A 196 42.32 -16.88 5.96
CA ALA A 196 42.79 -17.24 7.29
C ALA A 196 41.64 -17.82 8.12
N GLN A 197 41.94 -18.09 9.38
CA GLN A 197 40.92 -18.57 10.31
C GLN A 197 39.85 -17.51 10.47
N PRO A 198 38.59 -17.82 10.15
CA PRO A 198 37.54 -16.81 10.29
C PRO A 198 37.22 -16.54 11.74
N GLU A 199 37.72 -15.41 12.25
CA GLU A 199 37.55 -15.06 13.65
C GLU A 199 36.36 -14.12 13.83
N ARG A 200 35.18 -14.63 13.48
CA ARG A 200 33.95 -13.91 13.81
C ARG A 200 33.70 -14.02 15.30
N LYS A 201 33.38 -12.88 15.92
CA LYS A 201 33.31 -12.80 17.37
C LYS A 201 32.18 -11.88 17.78
N LEU A 202 31.73 -12.05 19.02
CA LEU A 202 30.83 -11.08 19.63
C LEU A 202 31.43 -9.69 19.61
N LEU A 203 30.77 -8.77 18.90
CA LEU A 203 31.22 -7.38 18.86
C LEU A 203 30.72 -6.71 20.13
N THR A 204 31.54 -6.76 21.17
CA THR A 204 31.17 -6.16 22.44
C THR A 204 31.03 -4.65 22.27
N PRO A 205 29.98 -4.06 22.84
CA PRO A 205 29.73 -2.63 22.63
C PRO A 205 30.87 -1.72 23.08
N GLY A 206 31.74 -2.22 23.95
CA GLY A 206 32.91 -1.45 24.33
C GLY A 206 33.82 -1.16 23.16
N GLU A 207 34.07 -2.18 22.33
CA GLU A 207 34.89 -2.01 21.13
C GLU A 207 34.27 -0.98 20.19
N ILE A 208 32.95 -1.04 20.04
CA ILE A 208 32.25 -0.11 19.16
C ILE A 208 32.35 1.30 19.71
N LEU A 209 32.24 1.44 21.04
CA LEU A 209 32.43 2.74 21.67
C LEU A 209 33.83 3.27 21.41
N ASN A 210 34.83 2.39 21.50
CA ASN A 210 36.20 2.78 21.22
C ASN A 210 36.36 3.30 19.80
N VAL A 211 35.88 2.53 18.82
CA VAL A 211 36.07 2.94 17.42
C VAL A 211 35.28 4.21 17.12
N PHE A 212 34.10 4.35 17.73
CA PHE A 212 33.32 5.58 17.56
C PHE A 212 34.06 6.79 18.12
N LYS A 213 34.70 6.61 19.28
CA LYS A 213 35.48 7.71 19.85
C LYS A 213 36.70 8.02 18.98
N HIS A 214 37.24 6.99 18.32
CA HIS A 214 38.34 7.21 17.38
C HIS A 214 37.90 8.02 16.17
N ILE A 215 36.60 7.93 15.83
CA ILE A 215 36.05 8.67 14.69
C ILE A 215 36.26 10.17 14.87
N SER A 216 36.85 10.82 13.87
CA SER A 216 37.02 12.25 13.90
C SER A 216 35.69 12.95 13.59
N PRO A 217 35.51 14.19 14.07
CA PRO A 217 34.28 14.93 13.75
C PRO A 217 34.06 15.05 12.25
N GLU A 218 35.15 15.23 11.50
CA GLU A 218 35.05 15.22 10.05
C GLU A 218 34.57 13.87 9.54
N ASP A 219 35.04 12.79 10.17
CA ASP A 219 34.63 11.45 9.79
C ASP A 219 33.16 11.19 10.05
N CYS A 220 32.69 11.48 11.26
CA CYS A 220 31.28 11.27 11.58
C CYS A 220 30.42 12.18 10.70
N PHE A 221 30.92 13.38 10.41
CA PHE A 221 30.23 14.26 9.47
C PHE A 221 30.10 13.62 8.10
N ARG A 222 31.19 13.01 7.62
CA ARG A 222 31.15 12.34 6.33
C ARG A 222 30.53 10.95 6.43
N LEU A 223 30.41 10.43 7.65
CA LEU A 223 29.58 9.24 7.88
C LEU A 223 28.14 9.66 8.15
N GLY A 224 27.80 10.88 7.75
CA GLY A 224 26.45 11.37 7.89
C GLY A 224 25.98 11.52 9.32
N PHE A 225 26.61 12.43 10.05
CA PHE A 225 26.24 12.69 11.43
C PHE A 225 26.57 14.14 11.77
N ASN A 226 25.89 14.67 12.79
CA ASN A 226 26.11 16.01 13.26
C ASN A 226 26.90 15.94 14.56
N GLU A 227 27.96 16.75 14.66
CA GLU A 227 28.82 16.71 15.84
C GLU A 227 28.06 17.18 17.08
N ASP A 228 27.29 18.26 16.96
CA ASP A 228 26.56 18.80 18.11
C ASP A 228 25.36 17.93 18.46
N TYR A 229 25.00 17.00 17.58
CA TYR A 229 23.75 16.27 17.70
C TYR A 229 23.98 14.79 17.46
N ALA A 230 22.92 14.05 17.14
CA ALA A 230 22.89 12.58 17.17
C ALA A 230 24.21 11.95 16.79
N ARG A 231 24.70 11.06 17.66
CA ARG A 231 26.05 10.52 17.58
C ARG A 231 25.98 9.01 17.42
N PRO A 232 26.88 8.41 16.65
CA PRO A 232 27.05 6.95 16.74
C PRO A 232 27.39 6.51 18.15
N GLU A 233 28.11 7.35 18.90
CA GLU A 233 28.32 7.09 20.32
C GLU A 233 26.99 7.07 21.06
N TRP A 234 26.11 8.03 20.78
CA TRP A 234 24.79 8.02 21.38
C TRP A 234 23.98 6.82 20.91
N MET A 235 24.29 6.30 19.72
CA MET A 235 23.58 5.15 19.18
C MET A 235 23.82 3.90 20.03
N ILE A 236 24.87 3.89 20.84
CA ILE A 236 25.12 2.82 21.80
C ILE A 236 24.54 3.23 23.13
N ILE A 237 23.67 2.40 23.69
CA ILE A 237 22.97 2.71 24.93
C ILE A 237 23.89 2.39 26.10
N THR A 238 24.14 3.39 26.94
CA THR A 238 24.86 3.20 28.19
C THR A 238 23.99 3.42 29.42
N VAL A 239 22.89 4.15 29.26
CA VAL A 239 21.97 4.45 30.35
C VAL A 239 20.55 4.47 29.78
N LEU A 240 19.59 3.91 30.51
CA LEU A 240 18.23 3.94 29.99
C LEU A 240 17.40 4.98 30.74
N PRO A 241 16.36 5.52 30.10
CA PRO A 241 15.52 6.53 30.75
C PRO A 241 14.39 5.88 31.54
N VAL A 242 14.19 6.36 32.76
CA VAL A 242 13.08 5.93 33.59
C VAL A 242 11.97 6.97 33.46
N PRO A 243 10.79 6.60 32.99
CA PRO A 243 9.73 7.58 32.73
C PRO A 243 9.18 8.14 34.02
N PRO A 244 8.50 9.27 33.98
CA PRO A 244 7.73 9.75 35.14
C PRO A 244 6.61 8.77 35.47
N PRO A 245 6.22 8.66 36.73
CA PRO A 245 5.15 7.72 37.10
C PRO A 245 3.82 8.06 36.45
N GLN A 246 3.63 9.32 36.04
CA GLN A 246 2.40 9.69 35.34
C GLN A 246 2.24 8.86 34.06
N VAL A 247 3.35 8.52 33.43
CA VAL A 247 3.30 7.81 32.15
C VAL A 247 2.84 6.38 32.35
N ARG A 248 3.32 5.72 33.40
CA ARG A 248 2.84 4.37 33.67
C ARG A 248 2.27 4.33 35.07
N PRO A 249 1.09 4.93 35.26
CA PRO A 249 0.52 5.05 36.61
C PRO A 249 -0.05 3.74 37.10
N SER A 250 -0.45 3.75 38.37
CA SER A 250 -1.19 2.62 38.93
C SER A 250 -2.53 2.52 38.22
N ILE A 251 -2.66 1.53 37.35
CA ILE A 251 -3.82 1.37 36.50
C ILE A 251 -4.72 0.30 37.11
N ALA A 252 -5.99 0.65 37.31
CA ALA A 252 -6.90 -0.17 38.08
C ALA A 252 -7.21 -1.49 37.39
N MET A 253 -6.65 -2.58 37.91
CA MET A 253 -7.03 -3.92 37.47
C MET A 253 -8.42 -4.30 37.95
N ASP A 254 -8.82 -3.83 39.13
CA ASP A 254 -10.20 -3.96 39.59
C ASP A 254 -10.61 -2.77 40.44
N GLU A 255 -11.25 -1.78 39.80
CA GLU A 255 -11.82 -0.62 40.48
C GLU A 255 -10.77 0.11 41.32
N THR A 256 -10.50 -0.37 42.53
CA THR A 256 -9.48 0.23 43.38
C THR A 256 -8.15 -0.52 43.28
N THR A 257 -8.21 -1.86 43.33
CA THR A 257 -7.01 -2.67 43.18
C THR A 257 -6.34 -2.38 41.85
N GLN A 258 -5.11 -1.89 41.88
CA GLN A 258 -4.40 -1.49 40.67
C GLN A 258 -3.42 -2.60 40.30
N GLY A 259 -3.47 -3.04 39.05
CA GLY A 259 -2.43 -3.89 38.52
C GLY A 259 -1.27 -3.02 38.05
N GLN A 260 -0.06 -3.47 38.36
CA GLN A 260 1.12 -2.69 38.00
C GLN A 260 1.24 -2.59 36.48
N ASP A 261 1.65 -1.41 36.03
CA ASP A 261 1.69 -1.13 34.60
C ASP A 261 2.68 -2.04 33.90
N ASP A 262 2.36 -2.40 32.65
CA ASP A 262 3.24 -3.25 31.85
C ASP A 262 4.63 -2.65 31.77
N LEU A 263 4.70 -1.32 31.62
CA LEU A 263 5.97 -0.62 31.60
C LEU A 263 6.72 -0.83 32.92
N THR A 264 6.00 -0.75 34.05
CA THR A 264 6.63 -0.99 35.34
C THR A 264 7.17 -2.40 35.46
N HIS A 265 6.38 -3.38 35.02
CA HIS A 265 6.80 -4.79 35.02
C HIS A 265 8.10 -4.96 34.24
N LYS A 266 8.11 -4.42 33.02
CA LYS A 266 9.28 -4.60 32.16
C LYS A 266 10.50 -3.86 32.69
N LEU A 267 10.30 -2.66 33.24
CA LEU A 267 11.40 -1.93 33.85
C LEU A 267 11.99 -2.71 35.02
N SER A 268 11.12 -3.30 35.84
CA SER A 268 11.58 -4.12 36.95
C SER A 268 12.40 -5.31 36.44
N ASP A 269 11.92 -5.97 35.39
CA ASP A 269 12.62 -7.12 34.82
C ASP A 269 14.00 -6.72 34.31
N ILE A 270 14.04 -5.61 33.56
CA ILE A 270 15.28 -5.12 32.98
C ILE A 270 16.27 -4.76 34.07
N LEU A 271 15.78 -4.10 35.12
CA LEU A 271 16.68 -3.62 36.16
C LEU A 271 17.19 -4.76 37.03
N LYS A 272 16.35 -5.78 37.26
CA LYS A 272 16.83 -6.94 38.00
C LYS A 272 17.86 -7.71 37.17
N ALA A 273 17.66 -7.79 35.86
CA ALA A 273 18.66 -8.40 34.99
C ALA A 273 19.96 -7.58 35.03
N ASN A 274 19.84 -6.26 35.05
CA ASN A 274 21.01 -5.40 35.13
C ASN A 274 21.78 -5.60 36.43
N ILE A 275 21.06 -5.76 37.54
CA ILE A 275 21.72 -6.02 38.81
C ILE A 275 22.37 -7.41 38.81
N ASN A 276 21.74 -8.36 38.12
CA ASN A 276 22.38 -9.66 37.93
C ASN A 276 23.71 -9.51 37.20
N VAL A 277 23.71 -8.69 36.15
CA VAL A 277 24.95 -8.42 35.42
C VAL A 277 25.97 -7.76 36.33
N GLN A 278 25.52 -6.79 37.14
CA GLN A 278 26.41 -6.14 38.10
C GLN A 278 26.97 -7.14 39.10
N LYS A 279 26.22 -8.20 39.39
CA LYS A 279 26.71 -9.26 40.27
C LYS A 279 27.59 -10.26 39.56
N LEU A 280 27.59 -10.26 38.22
CA LEU A 280 28.39 -11.23 37.45
C LEU A 280 29.89 -11.07 37.63
N GLU A 281 30.37 -9.93 38.14
CA GLU A 281 31.81 -9.69 38.22
C GLU A 281 32.40 -10.18 39.53
N MET A 282 31.88 -9.69 40.66
CA MET A 282 32.47 -10.02 41.95
C MET A 282 32.29 -11.48 42.34
N ASP A 283 31.46 -12.24 41.64
CA ASP A 283 31.22 -13.64 41.94
C ASP A 283 31.96 -14.52 40.94
N GLY A 284 32.03 -15.81 41.26
CA GLY A 284 32.55 -16.78 40.33
C GLY A 284 31.62 -16.94 39.13
N SER A 285 32.11 -16.59 37.95
CA SER A 285 31.31 -16.58 36.72
C SER A 285 32.01 -17.44 35.68
N PRO A 286 31.69 -18.73 35.61
CA PRO A 286 32.38 -19.61 34.66
C PRO A 286 31.98 -19.37 33.22
N GLN A 287 32.36 -18.21 32.68
CA GLN A 287 32.30 -17.92 31.26
C GLN A 287 30.87 -17.78 30.74
N HIS A 288 30.19 -18.92 30.54
CA HIS A 288 28.89 -18.90 29.86
C HIS A 288 27.78 -18.31 30.73
N ILE A 289 27.97 -18.27 32.04
CA ILE A 289 26.96 -17.65 32.91
C ILE A 289 26.83 -16.17 32.58
N ILE A 290 27.97 -15.50 32.39
CA ILE A 290 27.94 -14.10 31.98
C ILE A 290 27.21 -13.95 30.65
N ASN A 291 27.46 -14.87 29.72
CA ASN A 291 26.79 -14.83 28.42
C ASN A 291 25.28 -14.91 28.59
N GLU A 292 24.80 -15.87 29.39
CA GLU A 292 23.37 -16.07 29.53
C GLU A 292 22.71 -14.89 30.25
N VAL A 293 23.35 -14.38 31.30
CA VAL A 293 22.77 -13.25 32.02
C VAL A 293 22.76 -12.00 31.15
N GLU A 294 23.83 -11.79 30.38
CA GLU A 294 23.91 -10.62 29.51
C GLU A 294 22.87 -10.70 28.41
N GLN A 295 22.67 -11.87 27.82
CA GLN A 295 21.63 -12.01 26.80
C GLN A 295 20.23 -11.84 27.42
N LEU A 296 20.07 -12.30 28.66
CA LEU A 296 18.81 -12.11 29.38
C LEU A 296 18.49 -10.63 29.50
N LEU A 297 19.45 -9.87 30.03
CA LEU A 297 19.31 -8.42 30.14
C LEU A 297 19.08 -7.80 28.76
N GLN A 298 19.75 -8.33 27.74
CA GLN A 298 19.69 -7.77 26.40
C GLN A 298 18.29 -7.90 25.80
N PHE A 299 17.68 -9.08 25.90
CA PHE A 299 16.37 -9.17 25.25
C PHE A 299 15.33 -8.50 26.15
N HIS A 300 15.60 -8.38 27.45
CA HIS A 300 14.73 -7.56 28.28
C HIS A 300 14.72 -6.10 27.83
N VAL A 301 15.90 -5.54 27.57
CA VAL A 301 15.99 -4.16 27.08
C VAL A 301 15.33 -4.06 25.71
N ALA A 302 15.59 -5.04 24.85
CA ALA A 302 14.97 -5.08 23.52
C ALA A 302 13.45 -5.04 23.65
N THR A 303 12.90 -5.86 24.54
CA THR A 303 11.47 -5.84 24.80
C THR A 303 11.04 -4.48 25.32
N TYR A 304 11.92 -3.78 26.04
CA TYR A 304 11.59 -2.41 26.41
C TYR A 304 11.34 -1.56 25.18
N MET A 305 12.24 -1.62 24.20
CA MET A 305 11.86 -1.00 22.93
C MET A 305 10.83 -1.83 22.17
N ASP A 306 11.05 -3.15 22.08
CA ASP A 306 10.23 -4.01 21.23
C ASP A 306 10.23 -5.45 21.75
N ASN A 307 9.10 -5.87 22.34
CA ASN A 307 8.90 -7.26 22.68
C ASN A 307 8.62 -8.13 21.46
N ASP A 308 8.42 -7.52 20.30
CA ASP A 308 8.00 -8.23 19.08
C ASP A 308 9.21 -8.60 18.23
N ILE A 309 10.32 -8.94 18.88
CA ILE A 309 11.52 -9.36 18.17
C ILE A 309 11.18 -10.58 17.33
N ALA A 310 11.53 -10.52 16.04
CA ALA A 310 11.20 -11.59 15.12
C ALA A 310 11.95 -12.87 15.49
N GLY A 311 11.30 -14.02 15.26
CA GLY A 311 11.92 -15.30 15.52
C GLY A 311 12.14 -15.61 16.98
N GLN A 312 11.48 -14.89 17.88
CA GLN A 312 11.64 -15.10 19.30
C GLN A 312 10.29 -15.23 19.99
N PRO A 313 10.15 -16.18 20.92
CA PRO A 313 8.96 -16.19 21.77
C PRO A 313 8.95 -14.94 22.65
N GLN A 314 7.96 -14.08 22.41
CA GLN A 314 7.93 -12.78 23.06
C GLN A 314 7.78 -12.93 24.57
N ALA A 315 8.27 -11.93 25.30
CA ALA A 315 7.98 -11.86 26.73
C ALA A 315 6.48 -11.88 26.94
N LEU A 316 6.02 -12.81 27.77
CA LEU A 316 4.61 -13.09 27.90
C LEU A 316 4.22 -13.16 29.37
N GLN A 317 3.01 -12.69 29.66
CA GLN A 317 2.48 -12.74 31.02
C GLN A 317 2.27 -14.20 31.44
N LYS A 318 2.35 -14.44 32.75
CA LYS A 318 2.15 -15.79 33.27
C LYS A 318 0.77 -16.30 32.90
N SER A 319 -0.19 -15.39 32.74
CA SER A 319 -1.52 -15.78 32.24
C SER A 319 -1.47 -16.29 30.81
N GLY A 320 -0.39 -16.01 30.08
CA GLY A 320 -0.22 -16.47 28.72
C GLY A 320 -0.16 -15.37 27.69
N ARG A 321 -0.74 -14.20 27.96
CA ARG A 321 -0.74 -13.13 26.99
C ARG A 321 0.66 -12.51 26.88
N PRO A 322 1.08 -12.10 25.68
CA PRO A 322 2.40 -11.50 25.54
C PRO A 322 2.47 -10.11 26.16
N VAL A 323 3.69 -9.71 26.49
CA VAL A 323 3.94 -8.39 27.10
C VAL A 323 4.15 -7.37 25.98
N LYS A 324 3.68 -6.15 26.21
CA LYS A 324 3.73 -5.12 25.19
C LYS A 324 5.02 -4.30 25.30
N ALA A 325 5.20 -3.38 24.35
CA ALA A 325 6.35 -2.50 24.29
C ALA A 325 5.92 -1.12 23.81
N ILE A 326 6.86 -0.17 23.89
CA ILE A 326 6.58 1.19 23.42
C ILE A 326 6.43 1.22 21.90
N ARG A 327 7.20 0.38 21.20
CA ARG A 327 7.11 0.33 19.73
C ARG A 327 5.69 0.04 19.28
N ALA A 328 4.97 -0.81 20.02
CA ALA A 328 3.62 -1.18 19.61
C ALA A 328 2.66 0.00 19.67
N ARG A 329 2.71 0.79 20.74
CA ARG A 329 1.74 1.86 20.94
C ARG A 329 1.98 3.07 20.06
N LEU A 330 3.03 3.06 19.24
CA LEU A 330 3.34 4.18 18.36
C LEU A 330 3.04 3.88 16.90
N LYS A 331 2.98 2.60 16.52
CA LYS A 331 2.65 2.22 15.16
C LYS A 331 1.36 1.40 15.17
N GLY A 332 0.48 1.67 14.22
CA GLY A 332 -0.74 0.88 14.09
C GLY A 332 -1.90 1.64 13.49
N LYS A 333 -3.12 1.28 13.90
CA LYS A 333 -4.33 1.91 13.40
C LYS A 333 -4.91 2.93 14.35
N GLU A 334 -4.74 2.75 15.67
CA GLU A 334 -5.26 3.70 16.64
C GLU A 334 -4.28 3.93 17.77
N GLY A 335 -2.98 3.89 17.48
CA GLY A 335 -1.96 4.11 18.49
C GLY A 335 -1.91 5.55 18.94
N ARG A 336 -0.72 5.97 19.38
CA ARG A 336 -0.55 7.33 19.86
C ARG A 336 -0.97 8.34 18.78
N LEU A 337 -0.25 8.34 17.67
CA LEU A 337 -0.51 9.29 16.58
C LEU A 337 -1.91 9.12 16.02
N ARG A 338 -2.28 7.90 15.67
CA ARG A 338 -3.57 7.66 15.02
C ARG A 338 -4.73 7.82 15.99
N GLY A 339 -4.64 7.21 17.17
CA GLY A 339 -5.75 7.12 18.08
C GLY A 339 -5.84 8.17 19.17
N ASN A 340 -4.85 9.05 19.30
CA ASN A 340 -4.90 10.03 20.37
C ASN A 340 -4.56 11.43 19.84
N LEU A 341 -3.86 11.49 18.72
CA LEU A 341 -3.43 12.77 18.18
C LEU A 341 -4.20 13.22 16.95
N MET A 342 -4.27 12.41 15.89
CA MET A 342 -5.10 12.76 14.75
C MET A 342 -6.55 12.37 14.97
N GLY A 343 -6.85 11.63 16.03
CA GLY A 343 -8.22 11.33 16.40
C GLY A 343 -8.36 11.28 17.91
N LYS A 344 -9.25 12.10 18.44
CA LYS A 344 -9.45 12.17 19.89
C LYS A 344 -10.80 12.81 20.17
N ARG A 345 -11.35 12.48 21.34
CA ARG A 345 -12.72 12.85 21.66
C ARG A 345 -12.83 14.33 21.99
N VAL A 346 -14.03 14.88 21.81
CA VAL A 346 -14.31 16.29 22.03
C VAL A 346 -15.52 16.40 22.96
N ASP A 347 -15.66 17.57 23.57
CA ASP A 347 -16.79 17.90 24.42
C ASP A 347 -17.73 18.85 23.67
N PHE A 348 -18.87 19.16 24.30
CA PHE A 348 -19.93 19.93 23.66
C PHE A 348 -20.36 19.26 22.36
N SER A 349 -20.39 17.93 22.40
CA SER A 349 -20.75 17.11 21.25
C SER A 349 -21.79 16.08 21.67
N ALA A 350 -22.75 15.83 20.78
CA ALA A 350 -23.85 14.93 21.06
C ALA A 350 -24.14 14.09 19.82
N ARG A 351 -24.71 12.92 20.04
CA ARG A 351 -24.99 11.99 18.94
C ARG A 351 -26.31 11.28 19.21
N THR A 352 -27.25 11.42 18.28
CA THR A 352 -28.60 10.89 18.54
C THR A 352 -29.32 10.58 17.23
N VAL A 353 -30.57 10.12 17.39
CA VAL A 353 -31.39 9.71 16.24
C VAL A 353 -31.70 10.93 15.37
N ILE A 354 -32.01 10.67 14.10
CA ILE A 354 -32.48 11.67 13.16
C ILE A 354 -33.92 11.39 12.77
N SER A 355 -34.70 12.46 12.63
CA SER A 355 -36.09 12.37 12.22
C SER A 355 -36.38 13.42 11.15
N GLY A 356 -37.45 13.21 10.41
CA GLY A 356 -37.84 14.16 9.39
C GLY A 356 -38.75 15.25 9.92
N ASP A 357 -38.50 16.47 9.46
CA ASP A 357 -39.32 17.63 9.82
C ASP A 357 -39.65 18.42 8.56
N PRO A 358 -40.70 18.01 7.83
CA PRO A 358 -41.05 18.69 6.57
C PRO A 358 -41.35 20.17 6.73
N ASN A 359 -41.80 20.59 7.91
CA ASN A 359 -42.10 22.00 8.15
C ASN A 359 -40.90 22.78 8.66
N LEU A 360 -39.74 22.14 8.77
CA LEU A 360 -38.53 22.78 9.26
C LEU A 360 -37.71 23.33 8.11
N GLU A 361 -36.94 24.38 8.41
CA GLU A 361 -36.05 24.97 7.43
C GLU A 361 -34.85 24.05 7.16
N LEU A 362 -34.22 24.26 6.00
CA LEU A 362 -33.13 23.39 5.57
C LEU A 362 -31.93 23.47 6.51
N ASP A 363 -31.53 24.69 6.89
CA ASP A 363 -30.30 24.89 7.64
C ASP A 363 -30.53 24.84 9.15
N GLN A 364 -31.58 24.15 9.58
CA GLN A 364 -31.82 23.89 10.98
C GLN A 364 -31.97 22.39 11.23
N VAL A 365 -31.58 21.99 12.43
CA VAL A 365 -31.81 20.65 12.93
C VAL A 365 -32.65 20.74 14.19
N GLY A 366 -33.70 19.93 14.25
CA GLY A 366 -34.52 19.86 15.44
C GLY A 366 -33.76 19.19 16.56
N VAL A 367 -33.35 19.97 17.54
CA VAL A 367 -32.45 19.53 18.58
C VAL A 367 -33.28 19.21 19.83
N PRO A 368 -33.07 18.05 20.45
CA PRO A 368 -33.79 17.73 21.70
C PRO A 368 -33.44 18.75 22.78
N ILE A 369 -34.40 18.96 23.69
CA ILE A 369 -34.14 19.87 24.80
C ILE A 369 -33.01 19.34 25.68
N SER A 370 -32.83 18.03 25.71
CA SER A 370 -31.69 17.44 26.43
C SER A 370 -30.37 17.88 25.83
N ILE A 371 -30.26 17.82 24.49
CA ILE A 371 -29.01 18.21 23.83
C ILE A 371 -28.80 19.71 23.94
N ALA A 372 -29.84 20.49 23.63
CA ALA A 372 -29.71 21.94 23.68
C ALA A 372 -29.49 22.44 25.10
N LYS A 373 -29.80 21.62 26.10
CA LYS A 373 -29.58 21.99 27.49
C LYS A 373 -28.21 21.56 28.00
N THR A 374 -27.88 20.27 27.88
CA THR A 374 -26.57 19.80 28.35
C THR A 374 -25.45 20.49 27.59
N LEU A 375 -25.59 20.62 26.27
CA LEU A 375 -24.62 21.35 25.48
C LEU A 375 -24.88 22.84 25.61
N SER A 376 -23.80 23.61 25.70
CA SER A 376 -23.90 25.03 26.00
C SER A 376 -22.73 25.77 25.39
N TYR A 377 -22.90 27.09 25.27
CA TYR A 377 -21.87 27.98 24.76
C TYR A 377 -21.49 28.99 25.84
N PRO A 378 -20.22 29.26 26.05
CA PRO A 378 -19.85 30.32 27.00
C PRO A 378 -19.98 31.71 26.39
N GLU A 379 -21.03 32.44 26.77
CA GLU A 379 -21.21 33.82 26.33
C GLU A 379 -20.58 34.75 27.35
N THR A 380 -19.68 35.62 26.89
CA THR A 380 -19.10 36.61 27.78
C THR A 380 -20.14 37.65 28.14
N VAL A 381 -20.15 38.06 29.41
CA VAL A 381 -21.09 39.05 29.89
C VAL A 381 -20.71 40.41 29.33
N THR A 382 -21.55 40.97 28.47
CA THR A 382 -21.33 42.27 27.87
C THR A 382 -22.46 43.22 28.28
N GLN A 383 -22.34 44.47 27.84
CA GLN A 383 -23.31 45.49 28.18
C GLN A 383 -24.66 45.25 27.54
N TYR A 384 -24.71 44.53 26.43
CA TYR A 384 -25.97 44.30 25.72
C TYR A 384 -26.67 43.02 26.14
N ASN A 385 -25.91 41.98 26.49
CA ASN A 385 -26.48 40.70 26.91
C ASN A 385 -26.61 40.56 28.41
N ILE A 386 -26.30 41.59 29.19
CA ILE A 386 -26.32 41.50 30.64
C ILE A 386 -27.71 41.11 31.13
N HIS A 387 -28.75 41.73 30.58
CA HIS A 387 -30.11 41.46 31.00
C HIS A 387 -30.50 40.01 30.74
N ARG A 388 -30.31 39.55 29.50
CA ARG A 388 -30.73 38.20 29.12
C ARG A 388 -29.83 37.15 29.78
N LEU A 389 -28.54 37.44 29.92
CA LEU A 389 -27.66 36.50 30.60
C LEU A 389 -28.04 36.35 32.07
N THR A 390 -28.37 37.47 32.73
CA THR A 390 -28.86 37.39 34.10
C THR A 390 -30.17 36.61 34.18
N GLU A 391 -31.06 36.82 33.20
CA GLU A 391 -32.29 36.02 33.13
C GLU A 391 -31.96 34.53 33.06
N TYR A 392 -30.98 34.17 32.23
CA TYR A 392 -30.59 32.77 32.10
C TYR A 392 -30.03 32.23 33.42
N VAL A 393 -29.18 33.01 34.08
CA VAL A 393 -28.57 32.56 35.34
C VAL A 393 -29.65 32.35 36.40
N ARG A 394 -30.59 33.30 36.51
CA ARG A 394 -31.63 33.16 37.53
C ARG A 394 -32.64 32.09 37.16
N ASN A 395 -32.76 31.76 35.87
CA ASN A 395 -33.77 30.80 35.43
C ASN A 395 -33.55 29.43 36.05
N GLY A 396 -32.29 28.98 36.10
CA GLY A 396 -31.97 27.71 36.72
C GLY A 396 -31.12 26.82 35.85
N PRO A 397 -30.29 25.97 36.49
CA PRO A 397 -29.42 25.07 35.74
C PRO A 397 -30.10 23.81 35.23
N ASN A 398 -31.26 23.46 35.77
CA ASN A 398 -31.94 22.21 35.40
C ASN A 398 -33.08 22.44 34.43
N GLU A 399 -33.02 23.51 33.63
CA GLU A 399 -34.02 23.79 32.61
C GLU A 399 -33.45 24.79 31.62
N HIS A 400 -34.28 25.17 30.65
CA HIS A 400 -33.85 25.94 29.49
C HIS A 400 -34.69 27.19 29.31
N PRO A 401 -34.11 28.35 28.99
CA PRO A 401 -32.65 28.54 28.95
C PRO A 401 -32.10 28.81 30.36
N GLY A 402 -30.85 28.42 30.62
CA GLY A 402 -30.30 28.60 31.95
C GLY A 402 -28.82 28.33 32.06
N ALA A 403 -28.17 29.00 33.01
CA ALA A 403 -26.76 28.76 33.26
C ALA A 403 -26.58 27.55 34.18
N LYS A 404 -25.63 26.69 33.82
CA LYS A 404 -25.20 25.61 34.69
C LYS A 404 -23.82 25.85 35.29
N TYR A 405 -22.98 26.63 34.61
CA TYR A 405 -21.76 27.18 35.19
C TYR A 405 -21.62 28.63 34.76
N VAL A 406 -21.16 29.47 35.67
CA VAL A 406 -20.84 30.87 35.39
C VAL A 406 -19.34 31.02 35.62
N ILE A 407 -18.62 31.41 34.58
CA ILE A 407 -17.17 31.45 34.64
C ILE A 407 -16.72 32.86 34.97
N ARG A 408 -15.96 32.99 36.07
CA ARG A 408 -15.39 34.28 36.43
C ARG A 408 -14.33 34.69 35.40
N ASP A 409 -14.15 36.01 35.26
CA ASP A 409 -13.17 36.52 34.32
C ASP A 409 -11.75 36.09 34.70
N ASN A 410 -11.50 35.87 35.99
CA ASN A 410 -10.21 35.34 36.41
C ASN A 410 -10.09 33.84 36.16
N GLY A 411 -11.22 33.11 36.14
CA GLY A 411 -11.23 31.68 35.86
C GLY A 411 -12.14 30.88 36.77
N ASP A 412 -12.58 31.48 37.88
CA ASP A 412 -13.40 30.76 38.86
C ASP A 412 -14.73 30.33 38.28
N ARG A 413 -15.20 29.16 38.70
CA ARG A 413 -16.43 28.57 38.20
C ARG A 413 -17.39 28.27 39.35
N ILE A 414 -18.67 28.17 39.03
CA ILE A 414 -19.72 27.91 40.00
C ILE A 414 -20.60 26.79 39.47
N ASP A 415 -20.73 25.71 40.24
CA ASP A 415 -21.60 24.59 39.89
C ASP A 415 -23.04 24.97 40.26
N LEU A 416 -23.74 25.55 39.29
CA LEU A 416 -25.08 26.10 39.50
C LEU A 416 -26.02 25.09 40.16
N ARG A 417 -26.00 23.85 39.66
CA ARG A 417 -26.85 22.79 40.21
C ARG A 417 -26.54 22.54 41.68
N TYR A 418 -25.25 22.41 42.00
CA TYR A 418 -24.85 22.26 43.40
C TYR A 418 -24.85 23.59 44.14
N HIS A 419 -25.02 24.70 43.42
CA HIS A 419 -25.01 26.01 44.05
C HIS A 419 -26.40 26.35 44.60
N LYS A 420 -26.51 26.44 45.92
CA LYS A 420 -27.80 26.73 46.54
C LYS A 420 -28.26 28.16 46.28
N ARG A 421 -27.39 29.03 45.77
CA ARG A 421 -27.75 30.38 45.38
C ARG A 421 -27.51 30.57 43.89
N ALA A 422 -28.01 29.63 43.09
CA ALA A 422 -27.80 29.59 41.65
C ALA A 422 -28.14 30.91 40.97
N GLY A 423 -29.29 31.50 41.30
CA GLY A 423 -29.69 32.75 40.69
C GLY A 423 -29.02 33.97 41.28
N ASP A 424 -28.17 33.80 42.30
CA ASP A 424 -27.53 34.90 43.00
C ASP A 424 -26.11 35.16 42.49
N ILE A 425 -25.87 34.95 41.20
CA ILE A 425 -24.55 35.18 40.60
C ILE A 425 -24.68 36.42 39.74
N VAL A 426 -24.27 37.57 40.30
CA VAL A 426 -24.33 38.83 39.58
C VAL A 426 -23.19 38.88 38.56
N LEU A 427 -23.54 39.09 37.30
CA LEU A 427 -22.59 38.93 36.22
C LEU A 427 -21.75 40.19 36.03
N GLN A 428 -20.44 39.99 35.91
CA GLN A 428 -19.49 41.08 35.69
C GLN A 428 -19.12 41.13 34.21
N TYR A 429 -19.03 42.34 33.67
CA TYR A 429 -18.60 42.49 32.29
C TYR A 429 -17.19 41.96 32.11
N GLY A 430 -17.09 40.82 31.43
CA GLY A 430 -15.88 40.03 31.39
C GLY A 430 -16.06 38.62 31.91
N TRP A 431 -17.09 38.38 32.72
CA TRP A 431 -17.42 37.02 33.13
C TRP A 431 -17.95 36.24 31.94
N LYS A 432 -17.98 34.92 32.09
CA LYS A 432 -18.54 34.03 31.08
C LYS A 432 -19.67 33.23 31.70
N VAL A 433 -20.77 33.11 30.97
CA VAL A 433 -21.94 32.36 31.41
C VAL A 433 -22.14 31.24 30.40
N GLU A 434 -22.18 29.99 30.88
CA GLU A 434 -22.40 28.84 30.01
C GLU A 434 -23.87 28.79 29.65
N ARG A 435 -24.25 29.66 28.72
CA ARG A 435 -25.63 29.74 28.26
C ARG A 435 -26.01 28.45 27.54
N HIS A 436 -27.15 27.89 27.93
CA HIS A 436 -27.62 26.67 27.29
C HIS A 436 -27.94 26.94 25.82
N LEU A 437 -27.65 25.93 25.00
CA LEU A 437 -27.73 26.04 23.54
C LEU A 437 -29.14 26.47 23.13
N MET A 438 -29.28 27.67 22.58
CA MET A 438 -30.59 28.21 22.25
C MET A 438 -31.02 27.70 20.87
N ASP A 439 -32.16 28.22 20.41
CA ASP A 439 -32.58 28.03 19.03
C ASP A 439 -31.72 28.86 18.10
N ASP A 440 -31.59 28.39 16.86
CA ASP A 440 -30.81 29.01 15.79
C ASP A 440 -29.32 29.06 16.11
N ASP A 441 -28.85 28.23 17.04
CA ASP A 441 -27.43 28.18 17.34
C ASP A 441 -26.69 27.38 16.27
N PRO A 442 -25.70 27.95 15.60
CA PRO A 442 -24.97 27.20 14.57
C PRO A 442 -24.11 26.11 15.20
N VAL A 443 -24.24 24.89 14.68
CA VAL A 443 -23.53 23.73 15.20
C VAL A 443 -23.03 22.89 14.03
N LEU A 444 -21.84 22.33 14.20
CA LEU A 444 -21.26 21.40 13.25
C LEU A 444 -22.08 20.12 13.23
N PHE A 445 -22.22 19.53 12.04
CA PHE A 445 -23.16 18.46 11.76
C PHE A 445 -22.46 17.38 10.96
N ASN A 446 -22.39 16.19 11.54
CA ASN A 446 -21.41 15.16 11.19
C ASN A 446 -22.06 13.79 11.14
N ARG A 447 -21.75 13.03 10.09
CA ARG A 447 -22.26 11.68 9.95
C ARG A 447 -21.11 10.75 9.59
N GLN A 448 -21.21 9.50 10.02
CA GLN A 448 -20.17 8.52 9.72
C GLN A 448 -20.74 7.43 8.81
N PRO A 449 -20.12 7.20 7.63
CA PRO A 449 -18.90 7.86 7.17
C PRO A 449 -19.14 9.25 6.59
N SER A 450 -18.05 9.99 6.35
CA SER A 450 -18.12 11.34 5.78
C SER A 450 -17.08 11.45 4.67
N LEU A 451 -17.52 11.17 3.45
CA LEU A 451 -16.61 11.13 2.31
C LEU A 451 -16.33 12.53 1.78
N HIS A 452 -17.36 13.19 1.27
CA HIS A 452 -17.25 14.53 0.72
C HIS A 452 -17.29 15.57 1.84
N LYS A 453 -16.72 16.75 1.55
CA LYS A 453 -16.73 17.84 2.54
C LYS A 453 -18.15 18.33 2.79
N MET A 454 -19.08 18.00 1.90
CA MET A 454 -20.47 18.31 2.12
C MET A 454 -21.09 17.41 3.19
N SER A 455 -20.36 16.42 3.70
CA SER A 455 -20.86 15.65 4.83
C SER A 455 -20.67 16.37 6.16
N MET A 456 -19.93 17.47 6.19
CA MET A 456 -19.81 18.33 7.36
C MET A 456 -20.62 19.58 7.07
N MET A 457 -21.70 19.80 7.82
CA MET A 457 -22.57 20.91 7.51
C MET A 457 -22.99 21.59 8.80
N ALA A 458 -23.06 22.92 8.77
CA ALA A 458 -23.38 23.68 9.96
C ALA A 458 -24.86 24.02 9.97
N HIS A 459 -25.61 23.38 10.86
CA HIS A 459 -27.04 23.57 10.97
C HIS A 459 -27.37 24.42 12.19
N ARG A 460 -28.48 25.14 12.12
CA ARG A 460 -28.94 25.92 13.25
C ARG A 460 -29.76 25.05 14.19
N VAL A 461 -29.36 25.02 15.46
CA VAL A 461 -30.12 24.31 16.48
C VAL A 461 -31.50 24.92 16.59
N LYS A 462 -32.55 24.08 16.51
CA LYS A 462 -33.91 24.51 16.82
C LYS A 462 -34.35 23.66 18.01
N VAL A 463 -34.33 24.26 19.19
CA VAL A 463 -34.67 23.54 20.40
C VAL A 463 -36.14 23.16 20.35
N MET A 464 -36.42 21.89 20.10
CA MET A 464 -37.80 21.42 20.03
C MET A 464 -37.83 20.02 20.62
N PRO A 465 -38.94 19.62 21.21
CA PRO A 465 -39.00 18.35 21.94
C PRO A 465 -38.73 17.13 21.07
N TYR A 466 -38.80 15.95 21.71
CA TYR A 466 -38.40 14.65 21.18
C TYR A 466 -36.88 14.53 21.11
N SER A 467 -36.37 13.30 21.25
CA SER A 467 -34.95 13.05 21.43
C SER A 467 -34.23 12.71 20.12
N THR A 468 -34.78 13.11 18.98
CA THR A 468 -34.18 12.85 17.70
C THR A 468 -33.59 14.13 17.13
N PHE A 469 -32.97 14.01 15.96
CA PHE A 469 -32.56 15.17 15.19
C PHE A 469 -33.55 15.37 14.05
N ARG A 470 -34.36 16.40 14.16
CA ARG A 470 -35.36 16.72 13.13
C ARG A 470 -34.68 17.53 12.04
N LEU A 471 -34.84 17.09 10.79
CA LEU A 471 -34.15 17.69 9.67
C LEU A 471 -35.11 17.89 8.51
N ASN A 472 -34.64 18.63 7.51
CA ASN A 472 -35.34 18.71 6.23
C ASN A 472 -35.07 17.44 5.43
N LEU A 473 -36.00 17.10 4.55
CA LEU A 473 -35.79 15.95 3.68
C LEU A 473 -34.62 16.19 2.72
N SER A 474 -34.56 17.38 2.13
CA SER A 474 -33.57 17.65 1.09
C SER A 474 -32.15 17.56 1.63
N VAL A 475 -31.91 18.05 2.85
CA VAL A 475 -30.58 17.99 3.43
C VAL A 475 -30.14 16.57 3.73
N THR A 476 -31.07 15.62 3.76
CA THR A 476 -30.68 14.24 4.02
C THR A 476 -30.04 13.59 2.79
N SER A 477 -30.46 14.01 1.59
CA SER A 477 -29.95 13.37 0.37
C SER A 477 -28.45 13.50 0.21
N PRO A 478 -27.82 14.68 0.42
CA PRO A 478 -26.35 14.72 0.34
C PRO A 478 -25.69 13.81 1.36
N TYR A 479 -26.28 13.70 2.55
CA TYR A 479 -25.81 12.74 3.54
C TYR A 479 -26.05 11.30 3.10
N ASN A 480 -26.97 11.08 2.16
CA ASN A 480 -27.33 9.75 1.68
C ASN A 480 -27.67 8.82 2.85
N ALA A 481 -28.44 9.37 3.78
CA ALA A 481 -28.83 8.66 4.99
C ALA A 481 -30.35 8.65 5.12
N ASP A 482 -30.84 7.93 6.12
CA ASP A 482 -32.27 7.75 6.30
C ASP A 482 -32.57 7.72 7.80
N PHE A 483 -33.85 7.54 8.14
CA PHE A 483 -34.24 7.54 9.54
C PHE A 483 -34.58 6.12 9.99
N ASP A 484 -33.78 5.15 9.55
CA ASP A 484 -33.92 3.78 10.02
C ASP A 484 -33.04 3.54 11.24
N GLY A 485 -32.75 4.59 12.00
CA GLY A 485 -32.01 4.45 13.23
C GLY A 485 -30.61 5.03 13.18
N ASP A 486 -30.34 5.91 12.21
CA ASP A 486 -29.00 6.45 12.07
C ASP A 486 -28.67 7.41 13.21
N GLU A 487 -27.43 7.35 13.68
CA GLU A 487 -26.92 8.24 14.70
C GLU A 487 -26.15 9.37 14.04
N MET A 488 -26.43 10.59 14.47
CA MET A 488 -25.95 11.80 13.82
C MET A 488 -25.27 12.63 14.90
N ASN A 489 -24.29 13.44 14.48
CA ASN A 489 -23.36 14.10 15.40
C ASN A 489 -23.53 15.61 15.30
N LEU A 490 -23.60 16.25 16.47
CA LEU A 490 -23.74 17.69 16.61
C LEU A 490 -22.61 18.20 17.50
N HIS A 491 -22.03 19.33 17.11
CA HIS A 491 -20.92 19.94 17.83
C HIS A 491 -21.19 21.42 18.04
N VAL A 492 -21.06 21.87 19.29
CA VAL A 492 -21.42 23.22 19.72
C VAL A 492 -20.15 24.06 19.78
N PRO A 493 -20.09 25.19 19.06
CA PRO A 493 -18.93 26.08 19.17
C PRO A 493 -18.80 26.65 20.57
N GLN A 494 -17.57 26.96 20.96
CA GLN A 494 -17.28 27.48 22.29
C GLN A 494 -16.57 28.83 22.27
N SER A 495 -16.60 29.52 21.14
CA SER A 495 -16.04 30.87 21.06
C SER A 495 -16.68 31.61 19.91
N GLU A 496 -16.53 32.94 19.92
CA GLU A 496 -17.10 33.77 18.88
C GLU A 496 -16.45 33.48 17.53
N GLU A 497 -15.14 33.27 17.52
CA GLU A 497 -14.44 32.90 16.29
C GLU A 497 -15.08 31.66 15.67
N THR A 498 -15.40 30.67 16.52
CA THR A 498 -15.99 29.43 16.03
C THR A 498 -17.37 29.65 15.44
N ARG A 499 -18.21 30.46 16.11
CA ARG A 499 -19.54 30.74 15.58
C ARG A 499 -19.46 31.47 14.24
N ALA A 500 -18.56 32.44 14.13
CA ALA A 500 -18.39 33.15 12.87
C ALA A 500 -17.90 32.22 11.77
N GLU A 501 -16.96 31.34 12.11
CA GLU A 501 -16.44 30.38 11.14
C GLU A 501 -17.53 29.43 10.67
N LEU A 502 -18.36 28.95 11.60
CA LEU A 502 -19.47 28.09 11.25
C LEU A 502 -20.44 28.80 10.32
N SER A 503 -20.76 30.05 10.63
CA SER A 503 -21.74 30.80 9.84
C SER A 503 -21.22 31.21 8.47
N GLN A 504 -19.90 31.36 8.29
CA GLN A 504 -19.38 31.87 7.03
C GLN A 504 -18.60 30.88 6.18
N LEU A 505 -18.26 29.69 6.70
CA LEU A 505 -17.43 28.76 5.94
C LEU A 505 -17.85 27.30 6.04
N CYS A 506 -18.88 26.96 6.82
CA CYS A 506 -19.32 25.57 6.93
C CYS A 506 -20.84 25.41 6.94
N ALA A 507 -21.58 26.46 6.61
CA ALA A 507 -23.04 26.42 6.75
C ALA A 507 -23.65 25.46 5.74
N VAL A 508 -24.88 25.03 6.02
CA VAL A 508 -25.70 24.26 5.10
C VAL A 508 -25.78 24.98 3.75
N PRO A 509 -26.17 26.26 3.69
CA PRO A 509 -26.25 26.92 2.37
C PRO A 509 -24.91 26.99 1.65
N LEU A 510 -23.82 26.92 2.40
CA LEU A 510 -22.50 27.00 1.78
C LEU A 510 -22.07 25.67 1.18
N GLN A 511 -22.77 24.58 1.46
CA GLN A 511 -22.43 23.28 0.89
C GLN A 511 -23.48 22.77 -0.10
N ILE A 512 -24.25 23.68 -0.69
CA ILE A 512 -25.28 23.27 -1.64
C ILE A 512 -24.65 22.68 -2.90
N VAL A 513 -23.60 23.33 -3.40
CA VAL A 513 -22.99 22.95 -4.68
C VAL A 513 -21.80 22.05 -4.42
N SER A 514 -21.80 20.88 -5.04
CA SER A 514 -20.67 19.99 -5.00
C SER A 514 -19.59 20.48 -5.95
N PRO A 515 -18.38 20.75 -5.45
CA PRO A 515 -17.26 21.03 -6.36
C PRO A 515 -16.87 19.84 -7.21
N GLN A 516 -17.30 18.63 -6.85
CA GLN A 516 -16.91 17.44 -7.60
C GLN A 516 -17.43 17.48 -9.03
N SER A 517 -18.75 17.46 -9.19
CA SER A 517 -19.34 17.60 -10.53
C SER A 517 -19.85 19.01 -10.75
N ASN A 518 -19.22 19.98 -10.09
CA ASN A 518 -19.58 21.41 -10.12
C ASN A 518 -21.09 21.60 -10.23
N LYS A 519 -21.81 20.83 -9.39
CA LYS A 519 -23.26 20.79 -9.44
C LYS A 519 -23.77 20.89 -8.02
N PRO A 520 -25.05 21.24 -7.82
CA PRO A 520 -25.62 21.20 -6.48
C PRO A 520 -25.60 19.78 -5.92
N VAL A 521 -25.61 19.69 -4.59
CA VAL A 521 -25.65 18.39 -3.92
C VAL A 521 -27.07 17.95 -3.62
N MET A 522 -28.06 18.82 -3.79
CA MET A 522 -29.37 18.65 -3.18
C MET A 522 -30.46 18.84 -4.22
N GLY A 523 -31.65 18.37 -3.89
CA GLY A 523 -32.81 18.54 -4.76
C GLY A 523 -34.07 18.13 -4.06
N ILE A 524 -35.19 18.34 -4.77
CA ILE A 524 -36.49 17.95 -4.24
C ILE A 524 -36.71 16.45 -4.48
N VAL A 525 -36.99 15.72 -3.40
CA VAL A 525 -37.11 14.27 -3.45
C VAL A 525 -38.42 13.85 -2.78
N GLN A 526 -38.73 12.56 -2.92
CA GLN A 526 -39.80 11.89 -2.18
C GLN A 526 -41.17 12.51 -2.38
N ASP A 527 -41.87 12.73 -1.27
CA ASP A 527 -43.23 13.24 -1.31
C ASP A 527 -43.31 14.53 -2.11
N THR A 528 -42.37 15.44 -1.86
CA THR A 528 -42.42 16.74 -2.53
C THR A 528 -42.25 16.59 -4.03
N LEU A 529 -41.38 15.67 -4.45
CA LEU A 529 -41.14 15.47 -5.88
C LEU A 529 -42.37 14.87 -6.56
N CYS A 530 -42.95 13.83 -5.95
CA CYS A 530 -44.16 13.26 -6.52
C CYS A 530 -45.28 14.28 -6.56
N GLY A 531 -45.40 15.09 -5.50
CA GLY A 531 -46.41 16.13 -5.49
C GLY A 531 -46.23 17.13 -6.59
N VAL A 532 -45.02 17.69 -6.72
CA VAL A 532 -44.78 18.71 -7.74
C VAL A 532 -45.00 18.13 -9.13
N ARG A 533 -44.78 16.83 -9.29
CA ARG A 533 -45.19 16.19 -10.54
C ARG A 533 -46.71 16.26 -10.69
N LYS A 534 -47.45 15.99 -9.62
CA LYS A 534 -48.90 15.96 -9.73
C LYS A 534 -49.50 17.37 -9.78
N MET A 535 -48.69 18.40 -9.55
CA MET A 535 -49.24 19.72 -9.32
C MET A 535 -49.19 20.61 -10.57
N THR A 536 -48.06 20.62 -11.27
CA THR A 536 -47.82 21.53 -12.38
C THR A 536 -48.68 21.21 -13.60
N LEU A 537 -49.35 20.06 -13.60
CA LEU A 537 -50.05 19.57 -14.78
C LEU A 537 -51.11 20.56 -15.26
N ARG A 538 -51.42 20.49 -16.55
CA ARG A 538 -52.31 21.46 -17.17
C ARG A 538 -53.73 21.39 -16.59
N ASP A 539 -54.24 20.19 -16.32
CA ASP A 539 -55.61 20.05 -15.84
C ASP A 539 -55.67 19.93 -14.32
N THR A 540 -54.78 20.61 -13.60
CA THR A 540 -54.86 20.74 -12.16
C THR A 540 -55.63 22.01 -11.85
N PHE A 541 -56.69 21.89 -11.05
CA PHE A 541 -57.55 23.02 -10.75
C PHE A 541 -57.73 23.16 -9.26
N ILE A 542 -57.70 24.41 -8.80
CA ILE A 542 -57.80 24.75 -7.39
C ILE A 542 -58.84 25.84 -7.24
N GLU A 543 -59.50 25.86 -6.08
CA GLU A 543 -60.58 26.80 -5.81
C GLU A 543 -60.11 27.86 -4.80
N TYR A 544 -60.85 28.98 -4.78
CA TYR A 544 -60.55 30.14 -3.96
C TYR A 544 -60.07 29.80 -2.56
N GLU A 545 -60.77 28.89 -1.88
CA GLU A 545 -60.43 28.59 -0.49
C GLU A 545 -59.07 27.93 -0.38
N GLN A 546 -58.83 26.88 -1.17
CA GLN A 546 -57.54 26.21 -1.16
C GLN A 546 -56.43 27.13 -1.64
N VAL A 547 -56.70 27.92 -2.69
CA VAL A 547 -55.75 28.93 -3.15
C VAL A 547 -55.33 29.81 -1.98
N MET A 548 -56.30 30.40 -1.30
CA MET A 548 -56.01 31.37 -0.25
C MET A 548 -55.25 30.70 0.89
N ASN A 549 -55.60 29.44 1.17
CA ASN A 549 -54.94 28.69 2.23
C ASN A 549 -53.46 28.46 1.91
N MET A 550 -53.14 28.03 0.69
CA MET A 550 -51.72 27.85 0.37
C MET A 550 -51.01 29.20 0.34
N LEU A 551 -51.69 30.25 -0.11
CA LEU A 551 -51.09 31.58 -0.10
C LEU A 551 -50.66 31.97 1.31
N PHE A 552 -51.54 31.74 2.29
CA PHE A 552 -51.14 31.93 3.68
C PHE A 552 -50.01 30.97 4.07
N TRP A 553 -50.03 29.76 3.52
CA TRP A 553 -48.92 28.83 3.75
C TRP A 553 -47.64 29.27 3.05
N VAL A 554 -47.74 29.89 1.87
CA VAL A 554 -46.56 30.29 1.11
C VAL A 554 -45.81 31.37 1.86
N PRO A 555 -44.57 31.11 2.28
CA PRO A 555 -43.76 32.16 2.92
C PRO A 555 -43.45 33.32 1.99
N SER A 556 -43.34 33.08 0.69
CA SER A 556 -42.96 34.10 -0.29
C SER A 556 -44.19 34.70 -0.97
N TRP A 557 -45.30 34.79 -0.25
CA TRP A 557 -46.49 35.45 -0.77
C TRP A 557 -46.57 36.87 -0.22
N ASP A 558 -46.88 37.82 -1.10
CA ASP A 558 -46.97 39.23 -0.74
C ASP A 558 -48.35 39.64 -0.26
N GLY A 559 -49.17 38.70 0.22
CA GLY A 559 -50.54 38.99 0.55
C GLY A 559 -51.43 39.31 -0.63
N VAL A 560 -50.85 39.40 -1.82
CA VAL A 560 -51.57 39.75 -3.04
C VAL A 560 -51.71 38.49 -3.88
N VAL A 561 -52.94 38.01 -4.04
CA VAL A 561 -53.20 36.88 -4.94
C VAL A 561 -53.45 37.41 -6.35
N PRO A 562 -52.81 36.85 -7.37
CA PRO A 562 -53.05 37.34 -8.73
C PRO A 562 -54.39 36.87 -9.26
N GLN A 563 -54.76 37.45 -10.39
CA GLN A 563 -56.01 37.09 -11.05
C GLN A 563 -55.96 35.63 -11.52
N PRO A 564 -56.92 34.80 -11.14
CA PRO A 564 -56.92 33.41 -11.61
C PRO A 564 -57.01 33.35 -13.13
N ALA A 565 -56.33 32.36 -13.70
CA ALA A 565 -56.39 32.16 -15.14
C ALA A 565 -57.82 31.88 -15.59
N ILE A 566 -58.53 31.04 -14.85
CA ILE A 566 -59.95 30.79 -15.09
C ILE A 566 -60.75 31.75 -14.22
N LEU A 567 -61.71 32.43 -14.83
CA LEU A 567 -62.55 33.40 -14.12
C LEU A 567 -64.04 33.17 -14.28
N LYS A 568 -64.50 32.79 -15.47
CA LYS A 568 -65.92 32.66 -15.72
C LYS A 568 -66.11 31.40 -16.55
N PRO A 569 -67.22 30.68 -16.40
CA PRO A 569 -68.35 30.87 -15.47
C PRO A 569 -68.03 30.64 -13.98
N LYS A 570 -66.76 30.41 -13.65
CA LYS A 570 -66.35 30.26 -12.27
C LYS A 570 -64.85 30.53 -12.18
N PRO A 571 -64.41 31.29 -11.18
CA PRO A 571 -62.96 31.51 -11.00
C PRO A 571 -62.29 30.22 -10.55
N LEU A 572 -61.29 29.78 -11.33
CA LEU A 572 -60.50 28.60 -11.01
C LEU A 572 -59.04 28.94 -11.19
N TRP A 573 -58.18 28.26 -10.44
CA TRP A 573 -56.74 28.50 -10.49
C TRP A 573 -56.01 27.25 -10.95
N THR A 574 -54.83 27.46 -11.52
CA THR A 574 -54.03 26.41 -12.12
C THR A 574 -52.76 26.15 -11.31
N GLY A 575 -52.12 25.03 -11.58
CA GLY A 575 -50.91 24.67 -10.85
C GLY A 575 -49.77 25.64 -11.10
N LYS A 576 -49.69 26.17 -12.32
CA LYS A 576 -48.58 27.06 -12.69
C LYS A 576 -48.59 28.33 -11.84
N GLN A 577 -49.77 28.92 -11.64
CA GLN A 577 -49.87 30.14 -10.85
C GLN A 577 -49.52 29.86 -9.39
N LEU A 578 -49.95 28.71 -8.87
CA LEU A 578 -49.56 28.33 -7.51
C LEU A 578 -48.05 28.17 -7.39
N LEU A 579 -47.43 27.53 -8.39
CA LEU A 579 -45.97 27.45 -8.41
C LEU A 579 -45.37 28.84 -8.34
N SER A 580 -45.83 29.75 -9.19
CA SER A 580 -45.25 31.08 -9.26
C SER A 580 -45.46 31.85 -7.97
N ILE A 581 -46.50 31.52 -7.21
CA ILE A 581 -46.72 32.16 -5.92
C ILE A 581 -45.57 31.87 -4.96
N ALA A 582 -45.23 30.58 -4.83
CA ALA A 582 -44.10 30.22 -3.96
C ALA A 582 -42.79 30.76 -4.50
N ILE A 583 -42.70 30.98 -5.81
CA ILE A 583 -41.46 31.47 -6.42
C ILE A 583 -41.37 32.98 -6.24
N PRO A 584 -40.33 33.49 -5.59
CA PRO A 584 -40.05 34.93 -5.69
C PRO A 584 -39.62 35.27 -7.11
N SER A 585 -39.99 36.48 -7.53
CA SER A 585 -39.84 36.87 -8.93
C SER A 585 -38.37 37.05 -9.28
N GLY A 586 -38.12 37.38 -10.55
CA GLY A 586 -36.77 37.59 -11.02
C GLY A 586 -36.03 36.32 -11.39
N ILE A 587 -36.73 35.27 -11.79
CA ILE A 587 -36.12 34.02 -12.22
C ILE A 587 -36.75 33.60 -13.54
N HIS A 588 -35.94 33.48 -14.57
CA HIS A 588 -36.39 33.01 -15.88
C HIS A 588 -35.60 31.77 -16.27
N LEU A 589 -36.29 30.81 -16.88
CA LEU A 589 -35.70 29.58 -17.37
C LEU A 589 -36.41 29.18 -18.65
N GLN A 590 -35.69 28.52 -19.55
CA GLN A 590 -36.28 28.06 -20.80
C GLN A 590 -35.48 26.89 -21.35
N ARG A 591 -36.13 25.74 -21.43
CA ARG A 591 -35.52 24.57 -22.03
C ARG A 591 -36.54 23.79 -22.85
N THR A 592 -36.32 23.80 -24.16
CA THR A 592 -36.98 22.88 -25.08
C THR A 592 -36.66 21.45 -24.64
N ASP A 593 -37.69 20.62 -24.56
CA ASP A 593 -37.54 19.24 -24.10
C ASP A 593 -37.96 18.29 -25.20
N GLY A 594 -37.05 17.42 -25.61
CA GLY A 594 -37.34 16.47 -26.67
C GLY A 594 -37.73 17.13 -27.97
N GLY A 595 -37.24 18.35 -28.19
CA GLY A 595 -37.62 19.12 -29.37
C GLY A 595 -39.09 19.46 -29.40
N ASN A 596 -39.64 19.85 -28.26
CA ASN A 596 -41.05 20.21 -28.20
C ASN A 596 -41.27 21.58 -28.87
N SER A 597 -42.52 21.83 -29.25
CA SER A 597 -42.89 23.04 -29.96
C SER A 597 -43.27 24.13 -28.96
N LEU A 598 -43.62 25.29 -29.49
CA LEU A 598 -44.01 26.43 -28.66
C LEU A 598 -45.42 26.29 -28.09
N LEU A 599 -46.25 25.44 -28.68
CA LEU A 599 -47.64 25.29 -28.24
C LEU A 599 -47.82 24.14 -27.26
N SER A 600 -46.75 23.38 -27.00
CA SER A 600 -46.61 22.40 -25.92
C SER A 600 -47.90 21.64 -25.59
N PRO A 601 -48.42 20.82 -26.51
CA PRO A 601 -49.64 20.07 -26.20
C PRO A 601 -49.49 19.12 -25.02
N LYS A 602 -48.28 18.59 -24.80
CA LYS A 602 -48.03 17.62 -23.73
C LYS A 602 -47.61 18.30 -22.43
N ASP A 603 -47.63 19.64 -22.41
CA ASP A 603 -47.09 20.42 -21.29
C ASP A 603 -45.64 20.03 -21.00
N ASN A 604 -44.91 19.65 -22.03
CA ASN A 604 -43.49 19.36 -21.92
C ASN A 604 -42.71 20.64 -22.26
N GLY A 605 -41.41 20.50 -22.46
CA GLY A 605 -40.67 21.74 -22.58
C GLY A 605 -40.56 22.38 -21.21
N MET A 606 -40.13 23.64 -21.20
CA MET A 606 -39.98 24.36 -19.95
C MET A 606 -39.81 25.85 -20.24
N LEU A 607 -40.62 26.68 -19.58
CA LEU A 607 -40.53 28.13 -19.71
C LEU A 607 -41.08 28.78 -18.45
N ILE A 608 -40.17 29.24 -17.58
CA ILE A 608 -40.50 30.14 -16.48
C ILE A 608 -40.08 31.54 -16.89
N VAL A 609 -40.97 32.51 -16.68
CA VAL A 609 -40.68 33.91 -17.00
C VAL A 609 -40.82 34.73 -15.73
N ASP A 610 -39.70 35.25 -15.23
CA ASP A 610 -39.67 36.12 -14.06
C ASP A 610 -40.33 35.46 -12.86
N GLY A 611 -40.22 34.14 -12.76
CA GLY A 611 -40.88 33.38 -11.71
C GLY A 611 -42.22 32.81 -12.08
N LYS A 612 -42.71 33.06 -13.30
CA LYS A 612 -44.00 32.56 -13.76
C LYS A 612 -43.77 31.52 -14.85
N VAL A 613 -44.31 30.33 -14.66
CA VAL A 613 -44.12 29.23 -15.61
C VAL A 613 -45.08 29.44 -16.78
N MET A 614 -44.52 29.62 -17.98
CA MET A 614 -45.36 29.72 -19.16
C MET A 614 -45.88 28.35 -19.58
N PHE A 615 -44.99 27.44 -19.94
CA PHE A 615 -45.36 26.08 -20.31
C PHE A 615 -44.33 25.13 -19.74
N GLY A 616 -44.65 23.84 -19.83
CA GLY A 616 -43.74 22.82 -19.36
C GLY A 616 -43.96 22.46 -17.90
N VAL A 617 -43.91 21.16 -17.61
CA VAL A 617 -44.05 20.69 -16.24
C VAL A 617 -42.66 20.57 -15.62
N VAL A 618 -42.48 21.14 -14.42
CA VAL A 618 -41.20 21.07 -13.74
C VAL A 618 -40.93 19.63 -13.32
N ASP A 619 -39.70 19.19 -13.51
CA ASP A 619 -39.35 17.79 -13.26
C ASP A 619 -38.07 17.75 -12.43
N LYS A 620 -37.67 16.55 -12.00
CA LYS A 620 -36.44 16.40 -11.24
C LYS A 620 -35.21 16.74 -12.06
N LYS A 621 -35.32 16.71 -13.39
CA LYS A 621 -34.22 17.16 -14.24
C LYS A 621 -33.95 18.66 -14.05
N THR A 622 -34.89 19.39 -13.48
CA THR A 622 -34.74 20.82 -13.21
C THR A 622 -34.76 21.16 -11.73
N VAL A 623 -35.50 20.42 -10.91
CA VAL A 623 -35.61 20.72 -9.48
C VAL A 623 -34.66 19.85 -8.65
N GLY A 624 -33.93 18.93 -9.28
CA GLY A 624 -32.95 18.14 -8.59
C GLY A 624 -31.59 18.83 -8.54
N SER A 625 -30.55 18.00 -8.47
CA SER A 625 -29.17 18.48 -8.43
C SER A 625 -28.53 18.59 -9.80
N GLY A 626 -29.32 18.56 -10.88
CA GLY A 626 -28.73 18.61 -12.20
C GLY A 626 -28.15 19.97 -12.51
N GLY A 627 -27.02 19.97 -13.22
CA GLY A 627 -26.40 21.22 -13.62
C GLY A 627 -27.31 22.01 -14.54
N GLY A 628 -27.21 23.33 -14.45
CA GLY A 628 -28.08 24.23 -15.19
C GLY A 628 -29.50 24.27 -14.67
N GLY A 629 -29.80 23.48 -13.64
CA GLY A 629 -31.13 23.39 -13.11
C GLY A 629 -31.55 24.66 -12.39
N LEU A 630 -32.78 24.63 -11.88
CA LEU A 630 -33.31 25.77 -11.17
C LEU A 630 -32.50 26.08 -9.92
N ILE A 631 -32.06 25.03 -9.21
CA ILE A 631 -31.21 25.23 -8.05
C ILE A 631 -29.85 25.78 -8.48
N HIS A 632 -29.30 25.22 -9.55
CA HIS A 632 -28.10 25.81 -10.17
C HIS A 632 -28.35 27.29 -10.49
N THR A 633 -29.53 27.59 -11.03
CA THR A 633 -29.84 28.95 -11.43
C THR A 633 -29.88 29.90 -10.24
N VAL A 634 -30.48 29.46 -9.13
CA VAL A 634 -30.55 30.33 -7.96
C VAL A 634 -29.17 30.47 -7.32
N MET A 635 -28.37 29.40 -7.37
CA MET A 635 -26.97 29.49 -6.97
C MET A 635 -26.25 30.60 -7.72
N ARG A 636 -26.41 30.63 -9.04
CA ARG A 636 -25.61 31.51 -9.87
C ARG A 636 -26.32 32.81 -10.23
N GLU A 637 -27.50 33.06 -9.66
CA GLU A 637 -28.19 34.32 -9.91
C GLU A 637 -28.54 35.05 -8.62
N LYS A 638 -28.98 34.32 -7.60
CA LYS A 638 -29.48 34.93 -6.37
C LYS A 638 -28.70 34.54 -5.11
N GLY A 639 -28.17 33.33 -5.04
CA GLY A 639 -27.39 32.92 -3.89
C GLY A 639 -28.02 31.77 -3.13
N PRO A 640 -27.36 31.36 -2.04
CA PRO A 640 -27.86 30.19 -1.30
C PRO A 640 -29.07 30.48 -0.44
N LYS A 641 -29.18 31.70 0.10
CA LYS A 641 -30.31 32.05 0.95
C LYS A 641 -31.63 31.93 0.18
N ILE A 642 -31.63 32.37 -1.07
CA ILE A 642 -32.84 32.32 -1.89
C ILE A 642 -33.22 30.87 -2.17
N CYS A 643 -32.22 30.01 -2.36
CA CYS A 643 -32.49 28.59 -2.55
C CYS A 643 -33.09 27.98 -1.29
N ALA A 644 -32.57 28.37 -0.13
CA ALA A 644 -33.16 27.91 1.14
C ALA A 644 -34.61 28.37 1.25
N GLU A 645 -34.87 29.62 0.85
CA GLU A 645 -36.24 30.13 0.88
C GLU A 645 -37.16 29.33 -0.04
N LEU A 646 -36.69 29.03 -1.26
CA LEU A 646 -37.54 28.34 -2.22
C LEU A 646 -37.78 26.89 -1.81
N PHE A 647 -36.78 26.26 -1.18
CA PHE A 647 -36.99 24.95 -0.58
C PHE A 647 -38.16 24.97 0.41
N GLY A 648 -38.13 25.91 1.35
CA GLY A 648 -39.22 26.01 2.30
C GLY A 648 -40.55 26.28 1.63
N ASN A 649 -40.56 27.21 0.67
CA ASN A 649 -41.77 27.54 -0.07
C ASN A 649 -42.41 26.28 -0.66
N ILE A 650 -41.64 25.59 -1.52
CA ILE A 650 -42.19 24.44 -2.23
C ILE A 650 -42.53 23.33 -1.25
N GLN A 651 -41.69 23.14 -0.24
CA GLN A 651 -41.91 22.05 0.70
C GLN A 651 -43.22 22.21 1.46
N LYS A 652 -43.48 23.43 1.95
CA LYS A 652 -44.69 23.64 2.75
C LYS A 652 -45.94 23.65 1.86
N VAL A 653 -45.84 24.24 0.67
CA VAL A 653 -47.02 24.25 -0.22
C VAL A 653 -47.34 22.84 -0.68
N VAL A 654 -46.30 22.02 -0.88
CA VAL A 654 -46.52 20.62 -1.26
C VAL A 654 -47.10 19.84 -0.09
N ASN A 655 -46.62 20.14 1.12
CA ASN A 655 -47.20 19.53 2.32
C ASN A 655 -48.70 19.79 2.35
N TYR A 656 -49.10 21.05 2.22
CA TYR A 656 -50.52 21.38 2.14
C TYR A 656 -51.22 20.56 1.05
N TRP A 657 -50.74 20.68 -0.18
CA TRP A 657 -51.49 20.19 -1.33
C TRP A 657 -51.62 18.66 -1.32
N LEU A 658 -50.57 17.96 -0.89
CA LEU A 658 -50.67 16.50 -0.79
C LEU A 658 -51.47 16.09 0.45
N LEU A 659 -51.26 16.76 1.59
CA LEU A 659 -52.12 16.56 2.75
C LEU A 659 -53.59 16.61 2.37
N HIS A 660 -53.93 17.48 1.41
CA HIS A 660 -55.31 17.63 0.98
C HIS A 660 -55.70 16.71 -0.17
N ASN A 661 -54.73 16.28 -0.99
CA ASN A 661 -54.99 15.31 -2.05
C ASN A 661 -54.55 13.91 -1.66
N GLY A 662 -53.27 13.75 -1.39
CA GLY A 662 -52.73 12.43 -1.11
C GLY A 662 -52.48 11.63 -2.37
N PHE A 663 -51.40 10.84 -2.34
CA PHE A 663 -51.05 9.98 -3.45
C PHE A 663 -50.46 8.70 -2.86
N SER A 664 -50.85 7.55 -3.40
CA SER A 664 -50.55 6.29 -2.77
C SER A 664 -50.13 5.28 -3.83
N ILE A 665 -50.09 4.01 -3.43
CA ILE A 665 -49.76 2.91 -4.31
C ILE A 665 -50.62 1.71 -3.94
N GLY A 666 -50.90 0.86 -4.92
CA GLY A 666 -51.69 -0.32 -4.67
C GLY A 666 -51.27 -1.45 -5.58
N ILE A 667 -51.79 -2.64 -5.28
CA ILE A 667 -51.48 -3.83 -6.07
C ILE A 667 -51.98 -3.66 -7.50
N GLY A 668 -53.17 -3.08 -7.67
CA GLY A 668 -53.68 -2.88 -9.02
C GLY A 668 -52.81 -1.93 -9.84
N ASP A 669 -52.18 -0.97 -9.17
CA ASP A 669 -51.16 -0.18 -9.83
C ASP A 669 -50.01 -1.02 -10.35
N ALA A 670 -49.55 -2.00 -9.56
CA ALA A 670 -48.41 -2.82 -9.94
C ALA A 670 -48.74 -3.88 -10.98
N ILE A 671 -50.01 -4.08 -11.30
CA ILE A 671 -50.40 -5.09 -12.28
C ILE A 671 -50.76 -4.42 -13.60
N ALA A 672 -50.44 -5.09 -14.69
CA ALA A 672 -50.86 -4.68 -16.02
C ALA A 672 -51.86 -5.68 -16.56
N ASP A 673 -52.69 -5.23 -17.50
CA ASP A 673 -53.72 -6.08 -18.10
C ASP A 673 -53.11 -7.35 -18.68
N ALA A 674 -53.96 -8.35 -18.87
CA ALA A 674 -53.48 -9.69 -19.20
C ALA A 674 -52.84 -9.75 -20.57
N SER A 675 -53.18 -8.81 -21.45
CA SER A 675 -52.57 -8.76 -22.78
C SER A 675 -51.05 -8.58 -22.67
N THR A 676 -50.63 -7.59 -21.87
CA THR A 676 -49.21 -7.36 -21.67
C THR A 676 -48.57 -8.49 -20.87
N MET A 677 -49.32 -9.10 -19.95
CA MET A 677 -48.83 -10.26 -19.25
C MET A 677 -48.46 -11.37 -20.23
N LYS A 678 -49.31 -11.58 -21.24
CA LYS A 678 -49.05 -12.63 -22.20
C LYS A 678 -47.96 -12.22 -23.18
N GLU A 679 -47.87 -10.92 -23.50
CA GLU A 679 -46.73 -10.43 -24.24
C GLU A 679 -45.43 -10.75 -23.51
N ILE A 680 -45.43 -10.54 -22.19
CA ILE A 680 -44.29 -10.88 -21.36
C ILE A 680 -43.99 -12.37 -21.45
N THR A 681 -45.02 -13.19 -21.33
CA THR A 681 -44.85 -14.63 -21.34
C THR A 681 -44.24 -15.10 -22.66
N HIS A 682 -44.77 -14.59 -23.78
CA HIS A 682 -44.29 -15.01 -25.08
C HIS A 682 -42.90 -14.45 -25.38
N ALA A 683 -42.59 -13.26 -24.85
CA ALA A 683 -41.24 -12.73 -24.99
C ALA A 683 -40.24 -13.65 -24.29
N ILE A 684 -40.57 -14.06 -23.06
CA ILE A 684 -39.69 -14.95 -22.32
C ILE A 684 -39.57 -16.30 -23.05
N SER A 685 -40.69 -16.81 -23.56
CA SER A 685 -40.68 -18.09 -24.25
C SER A 685 -39.85 -18.03 -25.53
N SER A 686 -39.98 -16.94 -26.29
CA SER A 686 -39.19 -16.75 -27.50
C SER A 686 -37.71 -16.66 -27.18
N ALA A 687 -37.38 -15.96 -26.09
CA ALA A 687 -35.99 -15.89 -25.67
C ALA A 687 -35.47 -17.26 -25.26
N LYS A 688 -36.31 -18.06 -24.60
CA LYS A 688 -35.92 -19.42 -24.24
C LYS A 688 -35.67 -20.26 -25.48
N GLU A 689 -36.50 -20.09 -26.50
CA GLU A 689 -36.31 -20.82 -27.76
C GLU A 689 -35.00 -20.40 -28.43
N GLN A 690 -34.70 -19.10 -28.42
CA GLN A 690 -33.42 -18.63 -28.95
C GLN A 690 -32.27 -19.21 -28.15
N VAL A 691 -32.44 -19.30 -26.82
CA VAL A 691 -31.43 -19.90 -25.95
C VAL A 691 -31.20 -21.35 -26.34
N GLN A 692 -32.28 -22.09 -26.57
CA GLN A 692 -32.16 -23.49 -26.96
C GLN A 692 -31.48 -23.63 -28.31
N GLU A 693 -31.77 -22.71 -29.23
CA GLU A 693 -31.08 -22.70 -30.51
C GLU A 693 -29.59 -22.49 -30.33
N ILE A 694 -29.21 -21.53 -29.47
CA ILE A 694 -27.80 -21.28 -29.19
C ILE A 694 -27.17 -22.51 -28.52
N ILE A 695 -27.95 -23.18 -27.66
CA ILE A 695 -27.50 -24.41 -27.02
C ILE A 695 -27.16 -25.45 -28.06
N TYR A 696 -28.06 -25.62 -29.04
CA TYR A 696 -27.86 -26.61 -30.09
C TYR A 696 -26.65 -26.29 -30.95
N LYS A 697 -26.51 -25.01 -31.33
CA LYS A 697 -25.36 -24.59 -32.13
C LYS A 697 -24.05 -24.82 -31.38
N ALA A 698 -24.01 -24.47 -30.10
CA ALA A 698 -22.81 -24.69 -29.30
C ALA A 698 -22.52 -26.17 -29.13
N GLN A 699 -23.56 -26.96 -28.86
CA GLN A 699 -23.41 -28.37 -28.59
C GLN A 699 -23.08 -29.17 -29.85
N HIS A 700 -23.28 -28.58 -31.03
CA HIS A 700 -22.79 -29.16 -32.27
C HIS A 700 -21.75 -28.29 -32.95
N ASN A 701 -21.16 -27.33 -32.22
CA ASN A 701 -20.13 -26.43 -32.72
C ASN A 701 -20.62 -25.61 -33.92
N GLU A 702 -21.92 -25.55 -34.14
CA GLU A 702 -22.49 -24.69 -35.17
C GLU A 702 -22.45 -23.22 -34.80
N LEU A 703 -22.15 -22.91 -33.54
CA LEU A 703 -22.07 -21.53 -33.09
C LEU A 703 -20.81 -20.88 -33.64
N GLU A 704 -20.97 -19.83 -34.43
CA GLU A 704 -19.82 -19.12 -34.97
C GLU A 704 -19.06 -18.40 -33.85
N LEU A 705 -17.74 -18.46 -33.90
CA LEU A 705 -16.91 -17.91 -32.84
C LEU A 705 -16.95 -16.40 -32.86
N LYS A 706 -17.19 -15.80 -31.69
CA LYS A 706 -17.13 -14.35 -31.56
C LYS A 706 -15.69 -13.89 -31.38
N PRO A 707 -15.38 -12.65 -31.77
CA PRO A 707 -14.01 -12.14 -31.62
C PRO A 707 -13.65 -11.97 -30.15
N GLY A 708 -12.59 -12.64 -29.73
CA GLY A 708 -12.15 -12.58 -28.34
C GLY A 708 -13.14 -13.16 -27.36
N MET A 709 -13.79 -14.26 -27.75
CA MET A 709 -14.90 -14.82 -26.98
C MET A 709 -15.03 -16.30 -27.34
N THR A 710 -14.55 -17.17 -26.46
CA THR A 710 -14.43 -18.59 -26.78
C THR A 710 -15.81 -19.25 -26.88
N LEU A 711 -15.83 -20.44 -27.49
CA LEU A 711 -17.07 -21.03 -27.97
C LEU A 711 -18.07 -21.27 -26.85
N ARG A 712 -17.65 -21.98 -25.79
CA ARG A 712 -18.54 -22.17 -24.65
C ARG A 712 -18.86 -20.87 -23.95
N GLU A 713 -17.85 -20.02 -23.75
CA GLU A 713 -18.09 -18.74 -23.12
C GLU A 713 -18.92 -17.83 -24.03
N SER A 714 -18.72 -17.95 -25.35
CA SER A 714 -19.58 -17.24 -26.30
C SER A 714 -21.03 -17.66 -26.12
N PHE A 715 -21.25 -18.97 -26.00
CA PHE A 715 -22.58 -19.50 -25.75
C PHE A 715 -23.18 -18.88 -24.49
N GLU A 716 -22.43 -18.94 -23.39
CA GLU A 716 -22.91 -18.42 -22.11
C GLU A 716 -23.25 -16.94 -22.21
N GLY A 717 -22.35 -16.15 -22.79
CA GLY A 717 -22.53 -14.72 -22.91
C GLY A 717 -23.68 -14.31 -23.81
N GLU A 718 -23.82 -14.98 -24.95
CA GLU A 718 -24.90 -14.63 -25.87
C GLU A 718 -26.24 -15.03 -25.30
N VAL A 719 -26.29 -16.15 -24.58
CA VAL A 719 -27.52 -16.55 -23.89
C VAL A 719 -27.83 -15.54 -22.79
N SER A 720 -26.78 -15.03 -22.14
CA SER A 720 -26.98 -13.97 -21.15
C SER A 720 -27.59 -12.74 -21.78
N ARG A 721 -27.05 -12.32 -22.92
CA ARG A 721 -27.60 -11.18 -23.65
C ARG A 721 -29.06 -11.43 -24.03
N THR A 722 -29.34 -12.63 -24.54
CA THR A 722 -30.69 -12.99 -24.96
C THR A 722 -31.68 -12.93 -23.81
N LEU A 723 -31.29 -13.43 -22.64
CA LEU A 723 -32.20 -13.49 -21.51
C LEU A 723 -32.36 -12.12 -20.85
N ASN A 724 -31.31 -11.30 -20.89
CA ASN A 724 -31.46 -9.90 -20.47
C ASN A 724 -32.39 -9.16 -21.42
N ASP A 725 -32.30 -9.45 -22.72
CA ASP A 725 -33.25 -8.90 -23.67
C ASP A 725 -34.66 -9.37 -23.37
N ALA A 726 -34.80 -10.62 -22.94
CA ALA A 726 -36.10 -11.14 -22.54
C ALA A 726 -36.68 -10.32 -21.39
N ARG A 727 -35.89 -10.16 -20.32
CA ARG A 727 -36.39 -9.43 -19.17
C ARG A 727 -36.71 -7.98 -19.53
N ASP A 728 -35.88 -7.37 -20.38
CA ASP A 728 -36.09 -5.97 -20.72
C ASP A 728 -37.28 -5.79 -21.64
N SER A 729 -37.50 -6.73 -22.56
CA SER A 729 -38.67 -6.67 -23.44
C SER A 729 -39.95 -6.85 -22.63
N ALA A 730 -39.98 -7.84 -21.75
CA ALA A 730 -41.13 -8.01 -20.88
C ALA A 730 -41.38 -6.77 -20.04
N GLY A 731 -40.30 -6.19 -19.50
CA GLY A 731 -40.45 -5.01 -18.67
C GLY A 731 -40.94 -3.81 -19.43
N ARG A 732 -40.47 -3.64 -20.68
CA ARG A 732 -40.92 -2.51 -21.48
C ARG A 732 -42.38 -2.67 -21.86
N SER A 733 -42.82 -3.91 -22.10
CA SER A 733 -44.24 -4.15 -22.33
C SER A 733 -45.05 -3.77 -21.09
N ALA A 734 -44.58 -4.20 -19.92
CA ALA A 734 -45.27 -3.87 -18.69
C ALA A 734 -45.33 -2.36 -18.48
N GLU A 735 -44.23 -1.67 -18.79
CA GLU A 735 -44.20 -0.21 -18.68
C GLU A 735 -45.19 0.43 -19.63
N MET A 736 -45.31 -0.10 -20.84
CA MET A 736 -46.28 0.43 -21.80
C MET A 736 -47.70 0.24 -21.29
N ASN A 737 -47.96 -0.88 -20.60
CA ASN A 737 -49.32 -1.13 -20.16
C ASN A 737 -49.63 -0.37 -18.86
N LEU A 738 -48.62 0.30 -18.29
CA LEU A 738 -48.89 1.16 -17.15
C LEU A 738 -49.82 2.29 -17.57
N LYS A 739 -50.84 2.55 -16.77
CA LYS A 739 -51.89 3.47 -17.17
C LYS A 739 -51.70 4.83 -16.51
N ASP A 740 -52.57 5.78 -16.88
CA ASP A 740 -52.42 7.14 -16.37
C ASP A 740 -52.65 7.23 -14.87
N LEU A 741 -53.76 6.68 -14.38
CA LEU A 741 -54.00 6.62 -12.95
C LEU A 741 -53.03 5.69 -12.24
N ASN A 742 -52.31 4.84 -12.97
CA ASN A 742 -51.35 3.94 -12.37
C ASN A 742 -50.28 4.70 -11.62
N ASN A 743 -50.24 4.48 -10.31
CA ASN A 743 -49.29 5.19 -9.46
C ASN A 743 -47.86 4.70 -9.67
N VAL A 744 -47.70 3.61 -10.43
CA VAL A 744 -46.35 3.07 -10.67
C VAL A 744 -45.63 3.91 -11.72
N LYS A 745 -46.26 4.08 -12.90
CA LYS A 745 -45.67 4.95 -13.90
C LYS A 745 -45.66 6.37 -13.39
N GLN A 746 -46.66 6.73 -12.57
CA GLN A 746 -46.68 8.05 -11.94
C GLN A 746 -45.51 8.20 -10.98
N MET A 747 -45.10 7.10 -10.36
CA MET A 747 -43.95 7.13 -9.47
C MET A 747 -42.67 7.37 -10.23
N VAL A 748 -42.47 6.62 -11.32
CA VAL A 748 -41.24 6.78 -12.09
C VAL A 748 -41.20 8.13 -12.79
N SER A 749 -42.33 8.55 -13.38
CA SER A 749 -42.40 9.87 -14.00
C SER A 749 -42.17 10.97 -12.97
N ALA A 750 -42.77 10.84 -11.78
CA ALA A 750 -42.43 11.70 -10.68
C ALA A 750 -40.97 11.56 -10.27
N GLY A 751 -40.41 10.36 -10.40
CA GLY A 751 -39.01 10.14 -10.11
C GLY A 751 -38.61 10.27 -8.67
N SER A 752 -39.57 10.29 -7.74
CA SER A 752 -39.22 10.37 -6.33
C SER A 752 -38.40 9.15 -5.91
N LYS A 753 -38.56 8.04 -6.62
CA LYS A 753 -37.77 6.82 -6.48
C LYS A 753 -38.19 5.86 -7.58
N GLY A 754 -37.49 4.74 -7.67
CA GLY A 754 -37.77 3.72 -8.67
C GLY A 754 -37.26 4.11 -10.04
N SER A 755 -37.39 3.15 -10.96
CA SER A 755 -36.89 3.33 -12.32
C SER A 755 -37.49 2.26 -13.22
N PHE A 756 -37.03 2.24 -14.47
CA PHE A 756 -37.54 1.30 -15.46
C PHE A 756 -37.29 -0.15 -15.06
N ILE A 757 -36.03 -0.48 -14.74
CA ILE A 757 -35.67 -1.87 -14.47
C ILE A 757 -36.40 -2.37 -13.23
N ASN A 758 -36.70 -1.46 -12.30
CA ASN A 758 -37.47 -1.84 -11.12
C ASN A 758 -38.84 -2.37 -11.51
N ILE A 759 -39.58 -1.62 -12.33
CA ILE A 759 -40.89 -2.09 -12.79
C ILE A 759 -40.73 -3.37 -13.59
N ALA A 760 -39.70 -3.42 -14.44
CA ALA A 760 -39.44 -4.62 -15.23
C ALA A 760 -39.37 -5.85 -14.35
N GLN A 761 -38.66 -5.74 -13.22
CA GLN A 761 -38.48 -6.90 -12.35
C GLN A 761 -39.74 -7.19 -11.56
N MET A 762 -40.41 -6.16 -11.02
CA MET A 762 -41.60 -6.43 -10.21
C MET A 762 -42.74 -7.01 -11.02
N SER A 763 -43.09 -6.39 -12.14
CA SER A 763 -44.31 -6.73 -12.86
C SER A 763 -44.07 -7.78 -13.94
N ALA A 764 -43.06 -7.58 -14.78
CA ALA A 764 -42.84 -8.46 -15.91
C ALA A 764 -42.07 -9.72 -15.53
N CYS A 765 -40.81 -9.54 -15.13
CA CYS A 765 -39.96 -10.63 -14.71
C CYS A 765 -38.65 -10.06 -14.19
N VAL A 766 -38.07 -10.73 -13.19
CA VAL A 766 -36.84 -10.23 -12.58
C VAL A 766 -35.69 -10.29 -13.58
N GLY A 767 -35.60 -11.38 -14.34
CA GLY A 767 -34.53 -11.59 -15.27
C GLY A 767 -33.34 -12.29 -14.65
N GLN A 768 -32.34 -12.56 -15.49
CA GLN A 768 -31.19 -13.34 -15.07
C GLN A 768 -30.49 -12.70 -13.87
N GLN A 769 -30.19 -13.53 -12.88
CA GLN A 769 -29.45 -13.11 -11.70
C GLN A 769 -27.97 -13.06 -12.06
N MET A 770 -27.50 -11.90 -12.52
CA MET A 770 -26.14 -11.75 -13.00
C MET A 770 -25.24 -11.41 -11.82
N VAL A 771 -24.28 -12.28 -11.55
CA VAL A 771 -23.33 -12.09 -10.47
C VAL A 771 -21.98 -11.75 -11.06
N GLU A 772 -21.40 -10.64 -10.59
CA GLU A 772 -20.14 -10.09 -11.07
C GLU A 772 -20.04 -10.16 -12.60
N GLY A 773 -21.16 -9.87 -13.26
CA GLY A 773 -21.24 -9.93 -14.70
C GLY A 773 -21.06 -11.34 -15.25
N LYS A 774 -21.76 -12.30 -14.65
CA LYS A 774 -21.66 -13.69 -15.08
C LYS A 774 -23.03 -14.36 -14.98
N ARG A 775 -23.07 -15.68 -15.09
CA ARG A 775 -24.33 -16.43 -15.04
C ARG A 775 -24.17 -17.51 -13.98
N ILE A 776 -25.26 -17.83 -13.28
CA ILE A 776 -25.22 -18.83 -12.22
C ILE A 776 -24.75 -20.17 -12.81
N ALA A 777 -23.60 -20.64 -12.35
CA ALA A 777 -23.00 -21.82 -12.93
C ALA A 777 -23.58 -23.09 -12.31
N PHE A 778 -23.09 -24.23 -12.79
CA PHE A 778 -23.49 -25.54 -12.28
C PHE A 778 -22.70 -25.82 -11.01
N GLY A 779 -23.31 -25.48 -9.87
CA GLY A 779 -22.63 -25.62 -8.60
C GLY A 779 -22.29 -27.06 -8.28
N PHE A 780 -23.23 -27.98 -8.52
CA PHE A 780 -22.95 -29.39 -8.31
C PHE A 780 -22.15 -29.95 -9.48
N ALA A 781 -22.09 -31.28 -9.55
CA ALA A 781 -21.42 -31.94 -10.65
C ALA A 781 -22.21 -31.77 -11.94
N ASP A 782 -21.79 -30.82 -12.78
CA ASP A 782 -22.40 -30.56 -14.08
C ASP A 782 -23.88 -30.18 -13.97
N ARG A 783 -24.28 -29.67 -12.81
CA ARG A 783 -25.68 -29.26 -12.62
C ARG A 783 -25.71 -28.16 -11.56
N SER A 784 -26.67 -27.25 -11.72
CA SER A 784 -26.85 -26.19 -10.72
C SER A 784 -27.70 -26.65 -9.54
N LEU A 785 -28.55 -27.64 -9.73
CA LEU A 785 -29.33 -28.22 -8.64
C LEU A 785 -29.54 -29.68 -8.94
N PRO A 786 -29.76 -30.52 -7.91
CA PRO A 786 -30.12 -31.91 -8.18
C PRO A 786 -31.45 -32.06 -8.91
N HIS A 787 -32.28 -31.03 -8.91
CA HIS A 787 -33.52 -31.05 -9.66
C HIS A 787 -33.29 -30.84 -11.15
N PHE A 788 -32.17 -30.25 -11.53
CA PHE A 788 -31.76 -30.19 -12.92
C PHE A 788 -30.80 -31.32 -13.24
N THR A 789 -30.48 -31.45 -14.52
CA THR A 789 -29.70 -32.56 -15.01
C THR A 789 -28.27 -32.11 -15.36
N LYS A 790 -27.48 -33.07 -15.83
CA LYS A 790 -26.13 -32.79 -16.28
C LYS A 790 -26.18 -31.99 -17.58
N ASP A 791 -25.28 -31.01 -17.69
CA ASP A 791 -25.21 -30.11 -18.83
C ASP A 791 -26.58 -29.58 -19.23
N ASP A 792 -27.33 -29.05 -18.25
CA ASP A 792 -28.66 -28.49 -18.49
C ASP A 792 -28.46 -27.04 -18.87
N PHE A 793 -28.05 -26.83 -20.13
CA PHE A 793 -27.72 -25.52 -20.66
C PHE A 793 -28.94 -24.61 -20.78
N SER A 794 -30.14 -25.16 -20.60
CA SER A 794 -31.35 -24.37 -20.65
C SER A 794 -31.39 -23.37 -19.50
N PRO A 795 -32.10 -22.24 -19.67
CA PRO A 795 -32.02 -21.13 -18.70
C PRO A 795 -32.35 -21.51 -17.26
N GLU A 796 -33.38 -22.36 -17.07
CA GLU A 796 -33.87 -22.61 -15.72
C GLU A 796 -32.80 -23.21 -14.83
N SER A 797 -31.83 -23.92 -15.41
CA SER A 797 -30.78 -24.55 -14.63
C SER A 797 -29.51 -23.70 -14.53
N LYS A 798 -29.57 -22.41 -14.87
CA LYS A 798 -28.39 -21.57 -14.81
C LYS A 798 -28.66 -20.14 -14.34
N GLY A 799 -29.80 -19.89 -13.70
CA GLY A 799 -30.00 -18.65 -12.97
C GLY A 799 -30.76 -17.54 -13.68
N PHE A 800 -31.48 -17.83 -14.76
CA PHE A 800 -32.34 -16.84 -15.40
C PHE A 800 -33.73 -16.93 -14.77
N VAL A 801 -34.20 -15.81 -14.22
CA VAL A 801 -35.48 -15.78 -13.53
C VAL A 801 -36.60 -15.77 -14.56
N GLU A 802 -37.55 -16.68 -14.42
CA GLU A 802 -38.70 -16.79 -15.30
C GLU A 802 -39.96 -16.20 -14.68
N ASN A 803 -39.85 -15.54 -13.53
CA ASN A 803 -40.99 -14.97 -12.83
C ASN A 803 -40.76 -13.50 -12.52
N SER A 804 -41.83 -12.81 -12.18
CA SER A 804 -41.76 -11.47 -11.65
C SER A 804 -42.00 -11.49 -10.15
N TYR A 805 -41.71 -10.37 -9.50
CA TYR A 805 -41.89 -10.28 -8.06
C TYR A 805 -43.37 -10.40 -7.67
N LEU A 806 -44.28 -10.05 -8.60
CA LEU A 806 -45.69 -10.31 -8.37
C LEU A 806 -45.99 -11.80 -8.30
N ARG A 807 -45.45 -12.57 -9.23
CA ARG A 807 -45.84 -13.99 -9.33
C ARG A 807 -45.22 -14.81 -8.21
N GLY A 808 -44.05 -14.43 -7.75
CA GLY A 808 -43.31 -15.34 -6.89
C GLY A 808 -42.46 -16.30 -7.71
N LEU A 809 -41.38 -16.78 -7.11
CA LEU A 809 -40.36 -17.50 -7.86
C LEU A 809 -40.25 -18.94 -7.41
N THR A 810 -39.94 -19.81 -8.38
CA THR A 810 -39.77 -21.23 -8.12
C THR A 810 -38.55 -21.46 -7.21
N PRO A 811 -38.57 -22.53 -6.41
CA PRO A 811 -37.50 -22.75 -5.43
C PRO A 811 -36.09 -22.71 -6.02
N GLN A 812 -35.90 -23.31 -7.19
CA GLN A 812 -34.60 -23.29 -7.83
C GLN A 812 -34.17 -21.86 -8.15
N GLU A 813 -35.05 -21.13 -8.84
CA GLU A 813 -34.70 -19.77 -9.23
C GLU A 813 -34.78 -18.82 -8.04
N PHE A 814 -35.54 -19.20 -7.01
CA PHE A 814 -35.47 -18.48 -5.74
C PHE A 814 -34.06 -18.58 -5.16
N PHE A 815 -33.48 -19.78 -5.21
CA PHE A 815 -32.11 -19.97 -4.74
C PHE A 815 -31.13 -19.18 -5.61
N PHE A 816 -31.43 -19.08 -6.91
CA PHE A 816 -30.59 -18.28 -7.80
C PHE A 816 -30.67 -16.78 -7.48
N HIS A 817 -31.86 -16.29 -7.16
CA HIS A 817 -31.99 -14.90 -6.74
C HIS A 817 -31.30 -14.69 -5.39
N ALA A 818 -31.30 -15.72 -4.55
CA ALA A 818 -30.50 -15.68 -3.32
C ALA A 818 -29.02 -15.56 -3.65
N MET A 819 -28.57 -16.29 -4.67
CA MET A 819 -27.21 -16.12 -5.18
C MET A 819 -26.92 -14.66 -5.50
N ALA A 820 -27.80 -14.04 -6.30
CA ALA A 820 -27.55 -12.66 -6.72
C ALA A 820 -27.58 -11.69 -5.54
N GLY A 821 -28.53 -11.88 -4.63
CA GLY A 821 -28.63 -10.97 -3.48
C GLY A 821 -27.43 -11.07 -2.56
N ARG A 822 -27.00 -12.30 -2.27
CA ARG A 822 -25.80 -12.48 -1.45
C ARG A 822 -24.58 -11.94 -2.17
N GLU A 823 -24.53 -12.09 -3.49
CA GLU A 823 -23.45 -11.50 -4.27
C GLU A 823 -23.39 -9.99 -4.06
N GLY A 824 -24.53 -9.32 -4.16
CA GLY A 824 -24.55 -7.88 -3.96
C GLY A 824 -24.12 -7.49 -2.56
N LEU A 825 -24.68 -8.15 -1.55
CA LEU A 825 -24.36 -7.80 -0.17
C LEU A 825 -22.89 -8.03 0.15
N ILE A 826 -22.33 -9.16 -0.30
CA ILE A 826 -20.92 -9.44 -0.08
C ILE A 826 -20.05 -8.44 -0.83
N ASP A 827 -20.45 -8.07 -2.05
CA ASP A 827 -19.73 -7.04 -2.78
C ASP A 827 -19.64 -5.76 -1.95
N THR A 828 -20.78 -5.29 -1.44
CA THR A 828 -20.77 -4.09 -0.61
C THR A 828 -19.85 -4.26 0.60
N ALA A 829 -20.04 -5.35 1.34
CA ALA A 829 -19.31 -5.55 2.59
C ALA A 829 -17.81 -5.60 2.35
N VAL A 830 -17.39 -6.31 1.30
CA VAL A 830 -15.97 -6.37 0.97
C VAL A 830 -15.47 -4.99 0.57
N LYS A 831 -16.17 -4.32 -0.35
CA LYS A 831 -15.69 -3.05 -0.89
C LYS A 831 -15.49 -2.00 0.21
N THR A 832 -16.25 -2.13 1.31
CA THR A 832 -16.09 -1.19 2.42
C THR A 832 -14.63 -0.94 2.78
N ALA A 833 -13.91 -2.00 3.17
CA ALA A 833 -12.58 -1.84 3.76
C ALA A 833 -11.57 -1.28 2.77
N GLU A 834 -11.55 -1.81 1.55
CA GLU A 834 -10.58 -1.30 0.60
C GLU A 834 -10.90 0.12 0.18
N THR A 835 -12.16 0.43 -0.12
CA THR A 835 -12.50 1.81 -0.46
C THR A 835 -12.06 2.73 0.67
N GLY A 836 -12.23 2.27 1.91
CA GLY A 836 -11.79 3.03 3.05
C GLY A 836 -10.30 3.33 3.05
N TYR A 837 -9.45 2.30 2.98
CA TYR A 837 -8.02 2.57 3.09
C TYR A 837 -7.55 3.38 1.88
N ILE A 838 -8.20 3.18 0.73
CA ILE A 838 -7.92 3.99 -0.45
C ILE A 838 -8.14 5.45 -0.13
N GLN A 839 -9.31 5.76 0.44
CA GLN A 839 -9.63 7.12 0.80
C GLN A 839 -8.59 7.70 1.75
N ARG A 840 -8.24 6.92 2.78
CA ARG A 840 -7.31 7.43 3.79
C ARG A 840 -5.94 7.71 3.18
N ARG A 841 -5.43 6.79 2.35
CA ARG A 841 -4.10 7.01 1.77
C ARG A 841 -4.11 8.17 0.79
N LEU A 842 -5.20 8.34 0.04
CA LEU A 842 -5.27 9.48 -0.86
C LEU A 842 -5.31 10.79 -0.10
N VAL A 843 -6.03 10.82 1.03
CA VAL A 843 -6.03 12.02 1.86
C VAL A 843 -4.63 12.31 2.37
N LYS A 844 -3.92 11.25 2.79
CA LYS A 844 -2.54 11.43 3.25
C LYS A 844 -1.64 11.93 2.12
N ALA A 845 -1.97 11.55 0.88
CA ALA A 845 -1.08 11.84 -0.24
C ALA A 845 -0.94 13.35 -0.47
N LEU A 846 -2.06 14.08 -0.48
CA LEU A 846 -2.02 15.46 -0.94
C LEU A 846 -2.61 16.43 0.08
N GLU A 847 -2.16 16.34 1.32
CA GLU A 847 -2.76 17.03 2.45
C GLU A 847 -2.43 18.52 2.53
N ASP A 848 -1.55 19.04 1.68
CA ASP A 848 -1.10 20.42 1.83
C ASP A 848 -1.11 21.24 0.55
N ILE A 849 -1.68 20.74 -0.55
CA ILE A 849 -1.73 21.53 -1.77
C ILE A 849 -2.68 22.70 -1.56
N MET A 850 -2.16 23.92 -1.67
CA MET A 850 -3.00 25.10 -1.52
C MET A 850 -2.56 26.16 -2.51
N VAL A 851 -3.55 26.83 -3.10
CA VAL A 851 -3.29 27.94 -4.01
C VAL A 851 -2.93 29.15 -3.16
N HIS A 852 -1.69 29.61 -3.28
CA HIS A 852 -1.23 30.74 -2.50
C HIS A 852 -1.82 32.03 -3.04
N TYR A 853 -1.58 33.12 -2.31
CA TYR A 853 -2.08 34.43 -2.72
C TYR A 853 -1.52 34.84 -4.08
N ASP A 854 -0.35 34.31 -4.44
CA ASP A 854 0.15 34.46 -5.81
C ASP A 854 -0.78 33.86 -6.84
N GLY A 855 -1.56 32.85 -6.47
CA GLY A 855 -2.37 32.10 -7.41
C GLY A 855 -1.74 30.82 -7.90
N THR A 856 -0.46 30.60 -7.65
CA THR A 856 0.19 29.37 -8.05
C THR A 856 -0.11 28.27 -7.05
N THR A 857 -0.28 27.06 -7.56
CA THR A 857 -0.44 25.88 -6.73
C THR A 857 0.96 25.36 -6.40
N ARG A 858 1.32 25.38 -5.13
CA ARG A 858 2.63 24.92 -4.70
C ARG A 858 2.49 23.97 -3.52
N ASN A 859 3.62 23.44 -3.09
CA ASN A 859 3.72 22.61 -1.91
C ASN A 859 4.11 23.49 -0.72
N SER A 860 4.31 22.87 0.45
CA SER A 860 4.87 23.58 1.58
C SER A 860 6.29 24.05 1.33
N LEU A 861 6.99 23.42 0.38
CA LEU A 861 8.31 23.84 -0.05
C LEU A 861 8.26 25.08 -0.93
N GLY A 862 7.09 25.44 -1.46
CA GLY A 862 6.96 26.54 -2.36
C GLY A 862 7.15 26.19 -3.82
N ASP A 863 7.59 24.97 -4.12
CA ASP A 863 7.72 24.54 -5.50
C ASP A 863 6.36 24.51 -6.16
N ILE A 864 6.23 25.25 -7.26
CA ILE A 864 4.92 25.43 -7.90
C ILE A 864 4.54 24.16 -8.63
N ILE A 865 3.36 23.61 -8.30
CA ILE A 865 2.76 22.56 -9.10
C ILE A 865 2.15 23.12 -10.37
N GLN A 866 1.33 24.16 -10.22
CA GLN A 866 0.70 24.85 -11.33
C GLN A 866 0.66 26.33 -11.00
N PHE A 867 1.03 27.18 -11.98
CA PHE A 867 1.06 28.61 -11.72
C PHE A 867 -0.33 29.19 -11.51
N LEU A 868 -1.38 28.43 -11.79
CA LEU A 868 -2.72 28.96 -11.69
C LEU A 868 -3.70 27.83 -11.43
N TYR A 869 -4.85 28.16 -10.82
CA TYR A 869 -5.83 27.15 -10.45
C TYR A 869 -6.70 26.81 -11.65
N GLY A 870 -6.69 25.53 -12.04
CA GLY A 870 -7.45 25.07 -13.19
C GLY A 870 -7.09 25.83 -14.44
N GLU A 871 -5.84 26.29 -14.52
CA GLU A 871 -5.29 27.01 -15.66
C GLU A 871 -5.93 28.39 -15.81
N ASP A 872 -6.93 28.68 -14.99
CA ASP A 872 -7.68 29.93 -15.08
C ASP A 872 -7.90 30.62 -13.75
N GLY A 873 -7.50 30.02 -12.63
CA GLY A 873 -7.66 30.67 -11.34
C GLY A 873 -9.11 30.88 -10.93
N LEU A 874 -9.97 29.93 -11.26
CA LEU A 874 -11.39 30.03 -10.96
C LEU A 874 -11.82 28.90 -10.04
N ASP A 875 -12.81 29.20 -9.20
CA ASP A 875 -13.36 28.19 -8.30
C ASP A 875 -14.39 27.35 -9.04
N GLY A 876 -14.60 26.14 -8.54
CA GLY A 876 -15.48 25.18 -9.21
C GLY A 876 -16.96 25.46 -9.06
N THR A 877 -17.31 26.71 -8.75
CA THR A 877 -18.70 27.13 -8.62
C THR A 877 -19.05 28.28 -9.54
N GLN A 878 -18.07 28.83 -10.26
CA GLN A 878 -18.30 29.98 -11.13
C GLN A 878 -18.19 29.66 -12.61
N VAL A 879 -17.71 28.49 -12.97
CA VAL A 879 -17.76 28.06 -14.36
C VAL A 879 -19.04 27.28 -14.59
N GLU A 880 -19.49 27.25 -15.84
CA GLU A 880 -20.70 26.57 -16.23
C GLU A 880 -20.55 26.15 -17.68
N ARG A 881 -21.29 25.14 -18.10
CA ARG A 881 -21.21 24.73 -19.50
C ARG A 881 -21.73 25.86 -20.38
N GLN A 882 -20.87 26.33 -21.28
CA GLN A 882 -21.23 27.35 -22.24
C GLN A 882 -20.78 26.88 -23.62
N THR A 883 -21.65 27.14 -24.60
CA THR A 883 -21.40 26.79 -25.99
C THR A 883 -20.79 27.99 -26.71
N ILE A 884 -19.59 27.80 -27.23
CA ILE A 884 -18.90 28.82 -28.00
C ILE A 884 -19.47 28.76 -29.41
N ASP A 885 -20.22 29.80 -29.80
CA ASP A 885 -21.02 29.75 -31.01
C ASP A 885 -20.14 29.62 -32.26
N THR A 886 -18.94 30.18 -32.22
CA THR A 886 -18.07 30.16 -33.40
C THR A 886 -17.69 28.74 -33.78
N ILE A 887 -17.33 27.92 -32.80
CA ILE A 887 -16.72 26.61 -33.03
C ILE A 887 -17.58 25.75 -33.97
N PRO A 888 -18.90 25.62 -33.77
CA PRO A 888 -19.70 24.91 -34.76
C PRO A 888 -20.24 25.86 -35.83
N GLY A 889 -20.80 25.31 -36.90
CA GLY A 889 -21.43 26.13 -37.92
C GLY A 889 -20.70 26.11 -39.26
N SER A 890 -21.47 25.95 -40.34
CA SER A 890 -20.93 26.00 -41.68
C SER A 890 -20.26 27.35 -41.92
N ASP A 891 -19.10 27.35 -42.57
CA ASP A 891 -18.35 28.57 -42.84
C ASP A 891 -19.20 29.57 -43.60
N LYS A 892 -20.10 29.08 -44.45
CA LYS A 892 -21.08 29.95 -45.09
C LYS A 892 -22.08 30.46 -44.06
N ALA A 893 -22.62 29.54 -43.26
CA ALA A 893 -23.52 29.92 -42.18
C ALA A 893 -22.81 30.79 -41.16
N PHE A 894 -21.57 30.44 -40.84
CA PHE A 894 -20.77 31.24 -39.93
C PHE A 894 -20.56 32.65 -40.48
N HIS A 895 -20.33 32.75 -41.79
CA HIS A 895 -20.17 34.05 -42.44
C HIS A 895 -21.45 34.87 -42.37
N LYS A 896 -22.58 34.26 -42.75
CA LYS A 896 -23.84 34.97 -42.77
C LYS A 896 -24.43 35.12 -41.38
N ARG A 897 -23.71 34.64 -40.37
CA ARG A 897 -24.02 34.98 -38.99
C ARG A 897 -23.06 35.99 -38.40
N TYR A 898 -21.83 36.10 -38.90
CA TYR A 898 -20.80 36.91 -38.25
C TYR A 898 -20.34 38.07 -39.12
N TYR A 899 -20.32 37.88 -40.44
CA TYR A 899 -19.83 38.91 -41.34
C TYR A 899 -20.94 39.86 -41.75
N VAL A 900 -20.59 41.13 -41.92
CA VAL A 900 -21.56 42.16 -42.29
C VAL A 900 -21.39 42.48 -43.78
N ASP A 901 -22.38 43.17 -44.35
CA ASP A 901 -22.32 43.56 -45.74
C ASP A 901 -23.04 44.89 -45.93
N LEU A 902 -22.30 46.00 -45.87
CA LEU A 902 -22.93 47.31 -45.88
C LEU A 902 -23.26 47.77 -47.30
N MET A 903 -22.31 47.60 -48.23
CA MET A 903 -22.50 48.08 -49.59
C MET A 903 -23.73 47.44 -50.23
N ASP A 904 -23.87 46.13 -50.09
CA ASP A 904 -25.04 45.41 -50.60
C ASP A 904 -26.04 45.21 -49.47
N GLU A 905 -27.24 45.78 -49.64
CA GLU A 905 -28.25 45.73 -48.60
C GLU A 905 -28.82 44.33 -48.40
N LYS A 906 -28.55 43.40 -49.33
CA LYS A 906 -29.14 42.07 -49.26
C LYS A 906 -28.75 41.36 -47.97
N ASN A 907 -27.48 41.48 -47.56
CA ASN A 907 -27.00 40.90 -46.32
C ASN A 907 -26.57 41.98 -45.33
N SER A 908 -27.22 43.13 -45.36
CA SER A 908 -26.89 44.26 -44.50
C SER A 908 -27.69 44.23 -43.21
N ILE A 909 -27.36 45.18 -42.32
CA ILE A 909 -28.21 45.44 -41.18
C ILE A 909 -29.45 46.20 -41.63
N LYS A 910 -30.61 45.75 -41.19
CA LYS A 910 -31.85 46.38 -41.61
C LYS A 910 -31.95 47.77 -41.03
N PRO A 911 -32.37 48.77 -41.81
CA PRO A 911 -32.36 50.16 -41.32
C PRO A 911 -33.29 50.40 -40.15
N ASP A 912 -34.30 49.54 -39.93
CA ASP A 912 -35.27 49.79 -38.87
C ASP A 912 -34.62 49.79 -37.50
N VAL A 913 -33.65 48.90 -37.27
CA VAL A 913 -33.10 48.70 -35.94
C VAL A 913 -32.16 49.82 -35.54
N ILE A 914 -31.69 50.62 -36.50
CA ILE A 914 -30.67 51.62 -36.23
C ILE A 914 -31.11 52.99 -36.73
N GLU A 915 -30.63 54.04 -36.07
CA GLU A 915 -30.86 55.42 -36.49
C GLU A 915 -29.78 55.92 -37.43
N TYR A 916 -28.84 55.06 -37.85
CA TYR A 916 -27.69 55.50 -38.62
C TYR A 916 -27.43 54.62 -39.83
N ALA A 917 -28.48 54.01 -40.40
CA ALA A 917 -28.28 53.15 -41.56
C ALA A 917 -27.73 53.92 -42.74
N ALA A 918 -28.20 55.16 -42.95
CA ALA A 918 -27.64 56.01 -43.99
C ALA A 918 -26.15 56.21 -43.77
N ASP A 919 -25.76 56.45 -42.52
CA ASP A 919 -24.34 56.47 -42.17
C ASP A 919 -23.72 55.10 -42.41
N ILE A 920 -24.43 54.03 -42.05
CA ILE A 920 -23.91 52.68 -42.26
C ILE A 920 -23.76 52.39 -43.74
N LEU A 921 -24.79 52.70 -44.54
CA LEU A 921 -24.73 52.46 -45.97
C LEU A 921 -23.66 53.32 -46.61
N GLY A 922 -22.63 52.67 -47.16
CA GLY A 922 -21.57 53.33 -47.87
C GLY A 922 -20.36 53.72 -47.05
N ASP A 923 -20.38 53.49 -45.73
CA ASP A 923 -19.24 53.83 -44.89
C ASP A 923 -18.17 52.77 -44.98
N VAL A 924 -16.92 53.19 -44.76
CA VAL A 924 -15.78 52.29 -44.80
C VAL A 924 -15.13 52.09 -43.44
N GLU A 925 -15.10 53.12 -42.59
CA GLU A 925 -14.53 52.96 -41.25
C GLU A 925 -15.28 51.90 -40.46
N LEU A 926 -16.61 51.94 -40.52
CA LEU A 926 -17.40 50.90 -39.87
C LEU A 926 -17.15 49.54 -40.49
N GLN A 927 -17.02 49.49 -41.82
CA GLN A 927 -16.75 48.24 -42.51
C GLN A 927 -15.40 47.66 -42.08
N LYS A 928 -14.36 48.50 -41.99
CA LYS A 928 -13.05 47.98 -41.64
C LYS A 928 -13.00 47.58 -40.16
N GLU A 929 -13.74 48.28 -39.30
CA GLU A 929 -13.85 47.87 -37.91
C GLU A 929 -14.49 46.49 -37.78
N LEU A 930 -15.65 46.33 -38.43
CA LEU A 930 -16.34 45.03 -38.39
C LEU A 930 -15.50 43.96 -39.05
N ASN A 931 -14.72 44.32 -40.08
CA ASN A 931 -13.77 43.38 -40.66
C ASN A 931 -12.77 42.91 -39.62
N SER A 932 -12.01 43.84 -39.04
CA SER A 932 -11.02 43.49 -38.03
C SER A 932 -11.60 42.57 -36.97
N GLU A 933 -12.84 42.86 -36.55
CA GLU A 933 -13.52 41.96 -35.62
C GLU A 933 -13.77 40.59 -36.26
N TYR A 934 -14.08 40.57 -37.56
CA TYR A 934 -14.36 39.30 -38.23
C TYR A 934 -13.12 38.41 -38.30
N GLU A 935 -11.99 38.97 -38.74
CA GLU A 935 -10.76 38.17 -38.75
C GLU A 935 -10.29 37.85 -37.33
N GLN A 936 -10.65 38.69 -36.35
CA GLN A 936 -10.40 38.33 -34.96
C GLN A 936 -11.18 37.07 -34.60
N LEU A 937 -12.44 37.01 -34.99
CA LEU A 937 -13.25 35.82 -34.76
C LEU A 937 -12.70 34.62 -35.50
N VAL A 938 -12.17 34.84 -36.72
CA VAL A 938 -11.57 33.75 -37.48
C VAL A 938 -10.35 33.20 -36.75
N SER A 939 -9.53 34.10 -36.22
CA SER A 939 -8.37 33.69 -35.42
C SER A 939 -8.82 32.88 -34.22
N ASP A 940 -9.90 33.34 -33.56
CA ASP A 940 -10.46 32.60 -32.44
C ASP A 940 -10.93 31.22 -32.88
N ARG A 941 -11.51 31.14 -34.08
CA ARG A 941 -11.95 29.88 -34.64
C ARG A 941 -10.79 28.92 -34.81
N LYS A 942 -9.68 29.41 -35.33
CA LYS A 942 -8.48 28.59 -35.43
C LYS A 942 -8.07 28.11 -34.05
N PHE A 943 -7.92 29.08 -33.13
CA PHE A 943 -7.46 28.82 -31.78
C PHE A 943 -8.27 27.72 -31.10
N LEU A 944 -9.58 27.72 -31.31
CA LEU A 944 -10.43 26.76 -30.63
C LEU A 944 -10.54 25.45 -31.42
N ARG A 945 -11.04 25.53 -32.66
CA ARG A 945 -11.31 24.35 -33.45
C ARG A 945 -10.07 23.53 -33.79
N GLU A 946 -8.87 24.11 -33.72
CA GLU A 946 -7.67 23.36 -34.06
C GLU A 946 -6.79 23.06 -32.87
N ILE A 947 -6.84 23.87 -31.82
CA ILE A 947 -5.95 23.70 -30.68
C ILE A 947 -6.71 23.25 -29.44
N VAL A 948 -7.65 24.08 -28.99
CA VAL A 948 -8.26 23.89 -27.68
C VAL A 948 -9.34 22.81 -27.75
N PHE A 949 -10.28 22.96 -28.68
CA PHE A 949 -11.38 22.00 -28.83
C PHE A 949 -11.42 21.54 -30.27
N VAL A 950 -11.01 20.29 -30.49
CA VAL A 950 -10.55 19.87 -31.81
C VAL A 950 -11.61 19.11 -32.61
N ASN A 951 -12.35 18.21 -31.98
CA ASN A 951 -13.06 17.23 -32.80
C ASN A 951 -14.58 17.39 -32.85
N GLY A 952 -15.26 17.33 -31.70
CA GLY A 952 -16.71 17.32 -31.77
C GLY A 952 -17.45 18.18 -30.75
N ASP A 953 -16.75 18.67 -29.74
CA ASP A 953 -17.42 19.31 -28.63
C ASP A 953 -17.05 20.79 -28.53
N HIS A 954 -18.06 21.62 -28.28
CA HIS A 954 -17.86 23.06 -28.15
C HIS A 954 -18.52 23.65 -26.91
N ASN A 955 -18.99 22.83 -25.99
CA ASN A 955 -19.62 23.30 -24.76
C ASN A 955 -18.72 22.93 -23.58
N TRP A 956 -18.30 23.93 -22.83
CA TRP A 956 -17.26 23.75 -21.82
C TRP A 956 -17.53 24.59 -20.59
N PRO A 957 -17.07 24.14 -19.43
CA PRO A 957 -17.22 24.94 -18.20
C PRO A 957 -16.32 26.17 -18.23
N LEU A 958 -16.93 27.32 -18.46
CA LEU A 958 -16.30 28.62 -18.51
C LEU A 958 -17.08 29.58 -17.62
N PRO A 959 -16.44 30.62 -17.09
CA PRO A 959 -17.12 31.50 -16.14
C PRO A 959 -18.07 32.46 -16.85
N VAL A 960 -18.83 33.19 -16.01
CA VAL A 960 -19.67 34.31 -16.44
C VAL A 960 -20.78 33.85 -17.38
N ASN A 961 -22.00 33.74 -16.85
CA ASN A 961 -23.18 33.37 -17.62
C ASN A 961 -23.66 34.49 -18.55
N LEU A 962 -23.09 34.54 -19.75
CA LEU A 962 -23.40 35.63 -20.69
C LEU A 962 -24.87 35.62 -21.08
N ARG A 963 -25.43 34.43 -21.32
CA ARG A 963 -26.80 34.27 -21.78
C ARG A 963 -27.79 34.98 -20.86
N ARG A 964 -27.71 34.68 -19.57
CA ARG A 964 -28.62 35.26 -18.60
C ARG A 964 -28.44 36.76 -18.48
N ILE A 965 -27.19 37.23 -18.61
CA ILE A 965 -26.91 38.66 -18.57
C ILE A 965 -27.62 39.36 -19.72
N ILE A 966 -27.52 38.76 -20.92
CA ILE A 966 -28.16 39.35 -22.11
C ILE A 966 -29.67 39.39 -21.92
N GLN A 967 -30.25 38.28 -21.44
CA GLN A 967 -31.69 38.24 -21.23
C GLN A 967 -32.13 39.24 -20.17
N ASN A 968 -31.32 39.40 -19.12
CA ASN A 968 -31.58 40.34 -18.04
C ASN A 968 -31.61 41.76 -18.60
N ALA A 969 -30.64 42.09 -19.44
CA ALA A 969 -30.62 43.41 -20.07
C ALA A 969 -31.86 43.62 -20.93
N GLN A 970 -32.22 42.59 -21.70
CA GLN A 970 -33.40 42.70 -22.56
C GLN A 970 -34.65 42.99 -21.75
N GLN A 971 -34.86 42.23 -20.66
CA GLN A 971 -36.07 42.37 -19.87
C GLN A 971 -36.06 43.61 -18.96
N ILE A 972 -34.88 44.13 -18.60
CA ILE A 972 -34.82 45.34 -17.80
C ILE A 972 -35.13 46.54 -18.69
N PHE A 973 -34.49 46.61 -19.85
CA PHE A 973 -34.58 47.78 -20.69
C PHE A 973 -35.53 47.62 -21.87
N HIS A 974 -36.38 46.58 -21.85
CA HIS A 974 -37.44 46.39 -22.84
C HIS A 974 -36.89 46.38 -24.26
N LEU A 975 -36.07 45.37 -24.54
CA LEU A 975 -35.40 45.25 -25.82
C LEU A 975 -36.29 44.64 -26.90
N ASP A 976 -37.61 44.62 -26.69
CA ASP A 976 -38.55 44.15 -27.71
C ASP A 976 -38.74 45.25 -28.75
N ARG A 977 -39.69 45.04 -29.66
CA ARG A 977 -40.03 46.01 -30.71
C ARG A 977 -38.85 46.23 -31.65
N ALA A 978 -39.08 47.03 -32.69
CA ALA A 978 -38.07 47.32 -33.71
C ALA A 978 -37.64 48.78 -33.69
N LYS A 979 -37.48 49.35 -32.50
CA LYS A 979 -37.05 50.74 -32.40
C LYS A 979 -35.62 50.89 -32.90
N ALA A 980 -35.33 52.05 -33.50
CA ALA A 980 -34.02 52.29 -34.07
C ALA A 980 -33.00 52.57 -32.97
N SER A 981 -31.73 52.31 -33.27
CA SER A 981 -30.66 52.31 -32.27
C SER A 981 -30.00 53.67 -32.16
N ASP A 982 -29.96 54.19 -30.93
CA ASP A 982 -29.23 55.41 -30.61
C ASP A 982 -27.78 55.12 -30.22
N LEU A 983 -27.36 53.86 -30.27
CA LEU A 983 -26.01 53.46 -29.91
C LEU A 983 -25.28 53.00 -31.16
N THR A 984 -24.07 53.50 -31.36
CA THR A 984 -23.32 53.22 -32.58
C THR A 984 -22.40 52.01 -32.39
N ILE A 985 -22.06 51.40 -33.53
CA ILE A 985 -21.17 50.24 -33.59
C ILE A 985 -19.81 50.50 -32.93
N PRO A 986 -19.17 51.66 -33.12
CA PRO A 986 -17.90 51.91 -32.41
C PRO A 986 -18.04 51.77 -30.91
N GLU A 987 -19.20 52.09 -30.34
CA GLU A 987 -19.39 51.88 -28.91
C GLU A 987 -19.21 50.41 -28.54
N ILE A 988 -19.88 49.51 -29.29
CA ILE A 988 -19.75 48.08 -29.00
C ILE A 988 -18.30 47.65 -29.14
N ILE A 989 -17.66 48.08 -30.23
CA ILE A 989 -16.32 47.58 -30.54
C ILE A 989 -15.32 48.06 -29.50
N HIS A 990 -15.37 49.35 -29.15
CA HIS A 990 -14.50 49.88 -28.11
C HIS A 990 -14.76 49.21 -26.78
N GLY A 991 -16.03 48.99 -26.42
CA GLY A 991 -16.35 48.33 -25.18
C GLY A 991 -15.80 46.92 -25.11
N VAL A 992 -15.93 46.17 -26.20
CA VAL A 992 -15.42 44.80 -26.23
C VAL A 992 -13.91 44.79 -26.12
N ARG A 993 -13.23 45.65 -26.88
CA ARG A 993 -11.77 45.68 -26.82
C ARG A 993 -11.28 46.10 -25.43
N ASP A 994 -12.00 47.03 -24.80
CA ASP A 994 -11.66 47.44 -23.44
C ASP A 994 -11.83 46.27 -22.47
N LEU A 995 -12.99 45.62 -22.51
CA LEU A 995 -13.31 44.57 -21.55
C LEU A 995 -12.41 43.36 -21.70
N CYS A 996 -11.96 43.09 -22.93
CA CYS A 996 -11.01 42.01 -23.15
C CYS A 996 -9.75 42.24 -22.31
N LYS A 997 -9.35 43.50 -22.17
CA LYS A 997 -8.20 43.84 -21.33
C LYS A 997 -8.58 43.92 -19.87
N LYS A 998 -9.83 44.31 -19.58
CA LYS A 998 -10.24 44.54 -18.20
C LYS A 998 -10.26 43.26 -17.37
N LEU A 999 -10.22 42.10 -18.02
CA LEU A 999 -10.24 40.84 -17.28
C LEU A 999 -8.93 40.65 -16.53
N PHE A 1000 -9.00 40.55 -15.20
CA PHE A 1000 -7.81 40.50 -14.35
C PHE A 1000 -7.82 39.18 -13.57
N VAL A 1001 -6.75 38.41 -13.73
CA VAL A 1001 -6.55 37.17 -12.99
C VAL A 1001 -5.26 37.21 -12.17
N LEU A 1002 -4.11 37.33 -12.84
CA LEU A 1002 -2.82 37.45 -12.17
C LEU A 1002 -2.41 38.91 -12.19
N ARG A 1003 -2.29 39.50 -11.01
CA ARG A 1003 -1.95 40.91 -10.89
C ARG A 1003 -0.43 41.08 -10.76
N GLY A 1004 0.03 42.26 -11.13
CA GLY A 1004 1.46 42.51 -11.20
C GLY A 1004 1.81 43.18 -12.51
N GLU A 1005 3.10 43.47 -12.66
CA GLU A 1005 3.58 44.25 -13.79
C GLU A 1005 4.57 43.51 -14.68
N ASN A 1006 5.11 42.36 -14.25
CA ASN A 1006 6.04 41.62 -15.07
C ASN A 1006 5.35 41.07 -16.31
N GLU A 1007 6.13 40.88 -17.37
CA GLU A 1007 5.58 40.41 -18.64
C GLU A 1007 4.99 39.02 -18.51
N LEU A 1008 5.57 38.17 -17.66
CA LEU A 1008 5.01 36.84 -17.45
C LEU A 1008 3.67 36.93 -16.73
N ILE A 1009 3.48 37.96 -15.91
CA ILE A 1009 2.19 38.17 -15.26
C ILE A 1009 1.09 38.37 -16.30
N LYS A 1010 1.35 39.24 -17.28
CA LYS A 1010 0.34 39.49 -18.30
C LYS A 1010 0.23 38.32 -19.27
N GLU A 1011 1.33 37.58 -19.46
CA GLU A 1011 1.24 36.36 -20.27
C GLU A 1011 0.32 35.33 -19.61
N ALA A 1012 0.44 35.15 -18.31
CA ALA A 1012 -0.45 34.26 -17.59
C ALA A 1012 -1.88 34.81 -17.58
N GLN A 1013 -2.02 36.13 -17.52
CA GLN A 1013 -3.33 36.76 -17.65
C GLN A 1013 -3.99 36.38 -18.96
N GLN A 1014 -3.25 36.51 -20.06
CA GLN A 1014 -3.75 36.11 -21.37
C GLN A 1014 -4.09 34.63 -21.40
N ASN A 1015 -3.22 33.80 -20.81
CA ASN A 1015 -3.48 32.37 -20.78
C ASN A 1015 -4.80 32.07 -20.09
N ALA A 1016 -5.05 32.73 -18.96
CA ALA A 1016 -6.28 32.50 -18.22
C ALA A 1016 -7.50 33.00 -18.98
N THR A 1017 -7.38 34.17 -19.61
CA THR A 1017 -8.55 34.84 -20.19
C THR A 1017 -8.79 34.53 -21.66
N SER A 1018 -7.95 33.70 -22.28
CA SER A 1018 -8.09 33.40 -23.70
C SER A 1018 -9.46 32.82 -24.03
N LEU A 1019 -9.86 31.76 -23.33
CA LEU A 1019 -11.13 31.10 -23.64
C LEU A 1019 -12.31 32.02 -23.37
N PHE A 1020 -12.25 32.78 -22.26
CA PHE A 1020 -13.37 33.66 -21.93
C PHE A 1020 -13.51 34.76 -22.98
N GLN A 1021 -12.39 35.34 -23.42
CA GLN A 1021 -12.46 36.35 -24.47
C GLN A 1021 -12.99 35.76 -25.76
N CYS A 1022 -12.54 34.55 -26.11
CA CYS A 1022 -13.03 33.91 -27.33
C CYS A 1022 -14.52 33.65 -27.26
N LEU A 1023 -15.01 33.20 -26.10
CA LEU A 1023 -16.43 32.93 -25.94
C LEU A 1023 -17.25 34.21 -26.01
N VAL A 1024 -16.79 35.25 -25.33
CA VAL A 1024 -17.50 36.54 -25.36
C VAL A 1024 -17.58 37.04 -26.79
N ARG A 1025 -16.48 36.92 -27.54
CA ARG A 1025 -16.49 37.30 -28.94
C ARG A 1025 -17.47 36.43 -29.73
N ALA A 1026 -17.51 35.13 -29.40
CA ALA A 1026 -18.48 34.23 -30.03
C ALA A 1026 -19.91 34.60 -29.68
N ARG A 1027 -20.10 35.42 -28.65
CA ARG A 1027 -21.44 35.82 -28.23
C ARG A 1027 -21.71 37.30 -28.49
N LEU A 1028 -20.77 38.17 -28.16
CA LEU A 1028 -21.04 39.61 -28.09
C LEU A 1028 -20.45 40.39 -29.26
N ALA A 1029 -20.34 39.82 -30.45
CA ALA A 1029 -19.87 40.56 -31.60
C ALA A 1029 -20.95 41.53 -32.08
N THR A 1030 -20.51 42.70 -32.55
CA THR A 1030 -21.41 43.80 -32.92
C THR A 1030 -22.55 43.34 -33.82
N ARG A 1031 -22.22 42.52 -34.82
CA ARG A 1031 -23.23 42.01 -35.73
C ARG A 1031 -24.36 41.32 -34.99
N ARG A 1032 -24.01 40.38 -34.11
CA ARG A 1032 -25.03 39.71 -33.32
C ARG A 1032 -25.75 40.69 -32.42
N ILE A 1033 -24.99 41.60 -31.78
CA ILE A 1033 -25.57 42.62 -30.92
C ILE A 1033 -26.75 43.26 -31.60
N LEU A 1034 -26.51 43.85 -32.77
CA LEU A 1034 -27.54 44.64 -33.44
C LEU A 1034 -28.61 43.76 -34.07
N GLU A 1035 -28.22 42.69 -34.78
CA GLU A 1035 -29.23 41.92 -35.50
C GLU A 1035 -30.14 41.13 -34.57
N GLU A 1036 -29.72 40.87 -33.33
CA GLU A 1036 -30.55 40.08 -32.44
C GLU A 1036 -31.12 40.86 -31.28
N PHE A 1037 -30.31 41.62 -30.54
CA PHE A 1037 -30.78 42.18 -29.28
C PHE A 1037 -30.30 43.60 -29.01
N ARG A 1038 -29.58 44.21 -29.97
CA ARG A 1038 -29.44 45.65 -30.09
C ARG A 1038 -29.27 46.35 -28.74
N LEU A 1039 -28.20 46.03 -28.02
CA LEU A 1039 -28.01 46.55 -26.68
C LEU A 1039 -27.92 48.07 -26.67
N ASN A 1040 -28.80 48.71 -25.92
CA ASN A 1040 -28.79 50.16 -25.81
C ASN A 1040 -27.66 50.60 -24.88
N ARG A 1041 -27.57 51.92 -24.69
CA ARG A 1041 -26.57 52.51 -23.81
C ARG A 1041 -26.57 51.84 -22.44
N ASP A 1042 -27.68 51.96 -21.72
CA ASP A 1042 -27.78 51.39 -20.38
C ASP A 1042 -27.56 49.88 -20.42
N ALA A 1043 -28.22 49.22 -21.36
CA ALA A 1043 -28.12 47.77 -21.48
C ALA A 1043 -26.67 47.36 -21.64
N PHE A 1044 -25.97 47.94 -22.61
CA PHE A 1044 -24.60 47.55 -22.89
C PHE A 1044 -23.66 47.86 -21.73
N GLU A 1045 -23.82 49.05 -21.12
CA GLU A 1045 -22.92 49.45 -20.05
C GLU A 1045 -23.09 48.55 -18.83
N TRP A 1046 -24.33 48.30 -18.41
CA TRP A 1046 -24.54 47.37 -17.31
C TRP A 1046 -24.12 45.95 -17.65
N VAL A 1047 -24.26 45.55 -18.93
CA VAL A 1047 -23.79 44.23 -19.32
C VAL A 1047 -22.29 44.11 -19.11
N LEU A 1048 -21.54 45.12 -19.56
CA LEU A 1048 -20.09 45.11 -19.37
C LEU A 1048 -19.73 45.10 -17.89
N GLY A 1049 -20.39 45.96 -17.11
CA GLY A 1049 -20.10 46.05 -15.69
C GLY A 1049 -20.36 44.75 -14.97
N THR A 1050 -21.50 44.11 -15.27
CA THR A 1050 -21.85 42.86 -14.63
C THR A 1050 -20.91 41.74 -15.03
N ILE A 1051 -20.51 41.71 -16.30
CA ILE A 1051 -19.55 40.70 -16.74
C ILE A 1051 -18.24 40.85 -15.98
N GLU A 1052 -17.74 42.09 -15.87
CA GLU A 1052 -16.49 42.32 -15.16
C GLU A 1052 -16.62 41.94 -13.69
N ALA A 1053 -17.75 42.32 -13.07
CA ALA A 1053 -17.95 42.03 -11.66
C ALA A 1053 -18.01 40.52 -11.39
N GLN A 1054 -18.77 39.80 -12.22
CA GLN A 1054 -18.88 38.36 -12.04
C GLN A 1054 -17.55 37.67 -12.29
N PHE A 1055 -16.79 38.14 -13.29
CA PHE A 1055 -15.49 37.54 -13.56
C PHE A 1055 -14.54 37.77 -12.40
N GLN A 1056 -14.56 38.97 -11.82
CA GLN A 1056 -13.65 39.26 -10.70
C GLN A 1056 -14.10 38.54 -9.44
N ARG A 1057 -15.39 38.23 -9.34
CA ARG A 1057 -15.86 37.37 -8.26
C ARG A 1057 -15.66 35.89 -8.55
N SER A 1058 -15.27 35.55 -9.78
CA SER A 1058 -15.08 34.17 -10.20
C SER A 1058 -13.68 33.65 -9.93
N LEU A 1059 -12.83 34.42 -9.26
CA LEU A 1059 -11.45 34.03 -9.02
C LEU A 1059 -11.36 33.07 -7.83
N VAL A 1060 -10.38 32.17 -7.89
CA VAL A 1060 -10.13 31.26 -6.78
C VAL A 1060 -9.73 32.04 -5.53
N HIS A 1061 -10.27 31.62 -4.39
CA HIS A 1061 -9.84 32.20 -3.12
C HIS A 1061 -8.54 31.54 -2.69
N PRO A 1062 -7.45 32.30 -2.53
CA PRO A 1062 -6.22 31.70 -1.99
C PRO A 1062 -6.45 31.13 -0.61
N GLY A 1063 -5.79 30.01 -0.32
CA GLY A 1063 -5.93 29.35 0.96
C GLY A 1063 -6.79 28.10 0.95
N GLU A 1064 -7.47 27.80 -0.15
CA GLU A 1064 -8.28 26.59 -0.24
C GLU A 1064 -7.40 25.36 -0.14
N MET A 1065 -7.90 24.33 0.53
CA MET A 1065 -7.20 23.05 0.67
C MET A 1065 -7.52 22.18 -0.55
N VAL A 1066 -7.04 22.66 -1.71
CA VAL A 1066 -7.43 22.06 -2.98
C VAL A 1066 -6.95 20.62 -3.09
N GLY A 1067 -5.89 20.27 -2.39
CA GLY A 1067 -5.44 18.89 -2.36
C GLY A 1067 -6.45 17.95 -1.72
N VAL A 1068 -6.91 18.29 -0.51
CA VAL A 1068 -7.91 17.48 0.15
C VAL A 1068 -9.24 17.55 -0.59
N ILE A 1069 -9.55 18.72 -1.16
CA ILE A 1069 -10.75 18.85 -1.97
C ILE A 1069 -10.72 17.87 -3.12
N ALA A 1070 -9.58 17.80 -3.82
CA ALA A 1070 -9.42 16.85 -4.91
C ALA A 1070 -9.52 15.42 -4.41
N ALA A 1071 -8.89 15.14 -3.26
CA ALA A 1071 -8.92 13.80 -2.70
C ALA A 1071 -10.35 13.33 -2.46
N GLN A 1072 -11.15 14.15 -1.79
CA GLN A 1072 -12.54 13.81 -1.54
C GLN A 1072 -13.32 13.72 -2.85
N SER A 1073 -13.12 14.70 -3.74
CA SER A 1073 -13.88 14.78 -4.98
C SER A 1073 -13.59 13.62 -5.91
N ILE A 1074 -12.46 12.94 -5.73
CA ILE A 1074 -12.14 11.77 -6.50
C ILE A 1074 -12.55 10.49 -5.78
N GLY A 1075 -12.33 10.43 -4.47
CA GLY A 1075 -12.68 9.27 -3.70
C GLY A 1075 -14.16 8.98 -3.64
N GLU A 1076 -14.98 10.01 -3.36
CA GLU A 1076 -16.42 9.83 -3.20
C GLU A 1076 -17.02 9.15 -4.43
N PRO A 1077 -16.65 9.53 -5.66
CA PRO A 1077 -17.10 8.75 -6.83
C PRO A 1077 -16.75 7.28 -6.75
N ALA A 1078 -15.54 6.95 -6.29
CA ALA A 1078 -15.13 5.56 -6.19
C ALA A 1078 -15.89 4.80 -5.12
N THR A 1079 -16.67 5.49 -4.29
CA THR A 1079 -17.40 4.88 -3.19
C THR A 1079 -18.79 4.40 -3.60
N GLN A 1080 -19.02 4.19 -4.90
CA GLN A 1080 -20.33 3.76 -5.37
C GLN A 1080 -20.31 2.46 -6.16
N MET A 1081 -19.24 2.17 -6.88
CA MET A 1081 -19.16 0.92 -7.63
C MET A 1081 -18.42 -0.13 -6.83
N ASN A 1095 -15.40 -5.51 -19.34
CA ASN A 1095 -14.13 -6.21 -19.14
C ASN A 1095 -12.94 -5.25 -19.25
N VAL A 1096 -13.15 -4.14 -19.95
CA VAL A 1096 -12.10 -3.14 -20.07
C VAL A 1096 -11.75 -2.58 -18.70
N THR A 1097 -10.46 -2.34 -18.48
CA THR A 1097 -10.01 -1.89 -17.18
C THR A 1097 -10.46 -0.46 -16.89
N LEU A 1098 -11.49 -0.36 -16.06
CA LEU A 1098 -12.06 0.91 -15.62
C LEU A 1098 -12.52 0.72 -14.18
N GLY A 1099 -13.15 1.76 -13.63
CA GLY A 1099 -13.63 1.69 -12.27
C GLY A 1099 -12.52 1.42 -11.27
N VAL A 1100 -12.88 0.74 -10.18
CA VAL A 1100 -11.91 0.51 -9.11
C VAL A 1100 -10.66 -0.22 -9.58
N PRO A 1101 -10.74 -1.27 -10.44
CA PRO A 1101 -9.51 -1.92 -10.93
C PRO A 1101 -8.51 -0.96 -11.54
N ARG A 1102 -8.93 -0.21 -12.57
CA ARG A 1102 -8.04 0.73 -13.22
C ARG A 1102 -7.59 1.82 -12.25
N LEU A 1103 -8.48 2.25 -11.35
CA LEU A 1103 -8.11 3.19 -10.30
C LEU A 1103 -6.93 2.65 -9.52
N LYS A 1104 -6.94 1.35 -9.21
CA LYS A 1104 -5.92 0.83 -8.31
C LYS A 1104 -4.62 0.66 -9.06
N GLU A 1105 -4.70 0.23 -10.32
CA GLU A 1105 -3.52 0.24 -11.18
C GLU A 1105 -2.89 1.63 -11.24
N ILE A 1106 -3.71 2.67 -11.28
CA ILE A 1106 -3.20 4.05 -11.26
C ILE A 1106 -2.55 4.36 -9.92
N LEU A 1107 -3.24 4.04 -8.83
CA LEU A 1107 -2.86 4.57 -7.51
C LEU A 1107 -1.64 3.85 -6.94
N ASN A 1108 -1.64 2.52 -6.99
CA ASN A 1108 -0.42 1.81 -6.62
C ASN A 1108 0.72 2.11 -7.57
N VAL A 1109 0.40 2.66 -8.74
CA VAL A 1109 1.35 2.88 -9.83
C VAL A 1109 1.97 1.54 -10.18
N ALA A 1110 1.12 0.59 -10.58
CA ALA A 1110 1.59 -0.66 -11.17
C ALA A 1110 2.39 -0.35 -12.44
N LYS A 1111 3.54 -1.01 -12.56
CA LYS A 1111 4.46 -0.66 -13.65
C LYS A 1111 3.85 -0.98 -15.01
N ASN A 1112 3.01 -2.00 -15.08
CA ASN A 1112 2.19 -2.28 -16.25
C ASN A 1112 0.78 -2.62 -15.78
N ILE A 1113 -0.22 -2.12 -16.50
CA ILE A 1113 -1.60 -2.32 -16.11
C ILE A 1113 -2.02 -3.74 -16.47
N LYS A 1114 -3.13 -4.20 -15.89
CA LYS A 1114 -3.53 -5.59 -16.06
C LYS A 1114 -3.89 -5.89 -17.51
N THR A 1115 -4.32 -4.88 -18.24
CA THR A 1115 -4.63 -5.07 -19.66
C THR A 1115 -3.64 -4.31 -20.52
N PRO A 1116 -2.46 -4.87 -20.77
CA PRO A 1116 -1.54 -4.22 -21.70
C PRO A 1116 -2.14 -4.21 -23.10
N ALA A 1117 -2.44 -3.01 -23.59
CA ALA A 1117 -3.12 -2.88 -24.87
C ALA A 1117 -2.80 -1.51 -25.45
N LEU A 1118 -2.31 -1.50 -26.68
CA LEU A 1118 -1.83 -0.28 -27.33
C LEU A 1118 -2.82 0.08 -28.43
N THR A 1119 -3.34 1.29 -28.37
CA THR A 1119 -4.35 1.77 -29.30
C THR A 1119 -3.67 2.36 -30.53
N VAL A 1120 -3.00 1.49 -31.29
CA VAL A 1120 -2.32 1.91 -32.49
C VAL A 1120 -3.34 2.50 -33.46
N TYR A 1121 -3.12 3.75 -33.86
CA TYR A 1121 -3.97 4.43 -34.83
C TYR A 1121 -3.31 4.31 -36.20
N LEU A 1122 -3.93 3.54 -37.08
CA LEU A 1122 -3.41 3.42 -38.44
C LEU A 1122 -3.57 4.73 -39.19
N ASP A 1123 -2.70 4.94 -40.17
CA ASP A 1123 -2.77 6.13 -41.00
C ASP A 1123 -4.14 6.21 -41.68
N ARG A 1124 -4.56 7.44 -41.96
CA ARG A 1124 -5.86 7.73 -42.55
C ARG A 1124 -6.23 6.77 -43.67
N GLU A 1125 -5.31 6.55 -44.61
CA GLU A 1125 -5.56 5.63 -45.72
C GLU A 1125 -5.58 4.18 -45.27
N ILE A 1126 -4.80 3.82 -44.25
CA ILE A 1126 -4.95 2.51 -43.64
C ILE A 1126 -6.13 2.48 -42.68
N ALA A 1127 -6.41 3.60 -42.00
CA ALA A 1127 -7.57 3.66 -41.11
C ALA A 1127 -8.88 3.54 -41.86
N LEU A 1128 -8.88 3.78 -43.17
CA LEU A 1128 -10.02 3.45 -44.02
C LEU A 1128 -9.82 2.14 -44.76
N ASP A 1129 -8.77 1.39 -44.42
CA ASP A 1129 -8.45 0.11 -45.01
C ASP A 1129 -8.57 -0.99 -43.96
N ILE A 1130 -8.73 -2.22 -44.41
CA ILE A 1130 -8.88 -3.35 -43.50
C ILE A 1130 -7.83 -4.42 -43.76
N GLU A 1131 -7.70 -4.85 -45.02
CA GLU A 1131 -6.81 -5.99 -45.32
C GLU A 1131 -5.34 -5.61 -45.19
N LYS A 1132 -4.96 -4.41 -45.65
CA LYS A 1132 -3.62 -3.92 -45.37
C LYS A 1132 -3.42 -3.71 -43.88
N ALA A 1133 -4.45 -3.21 -43.21
CA ALA A 1133 -4.44 -3.16 -41.75
C ALA A 1133 -4.32 -4.55 -41.15
N LYS A 1134 -4.94 -5.54 -41.79
CA LYS A 1134 -4.80 -6.92 -41.33
C LYS A 1134 -3.36 -7.41 -41.46
N VAL A 1135 -2.70 -7.05 -42.57
CA VAL A 1135 -1.31 -7.43 -42.75
C VAL A 1135 -0.42 -6.76 -41.70
N ILE A 1136 -0.67 -5.48 -41.43
CA ILE A 1136 0.05 -4.80 -40.36
C ILE A 1136 -0.20 -5.48 -39.02
N GLN A 1137 -1.44 -5.87 -38.78
CA GLN A 1137 -1.80 -6.57 -37.54
C GLN A 1137 -1.02 -7.87 -37.40
N SER A 1138 -0.95 -8.65 -38.48
CA SER A 1138 -0.20 -9.90 -38.44
C SER A 1138 1.28 -9.65 -38.25
N SER A 1139 1.81 -8.59 -38.87
CA SER A 1139 3.20 -8.20 -38.68
C SER A 1139 3.47 -7.64 -37.29
N ILE A 1140 2.43 -7.31 -36.53
CA ILE A 1140 2.60 -6.89 -35.14
C ILE A 1140 2.41 -8.05 -34.18
N GLU A 1141 1.53 -9.00 -34.53
CA GLU A 1141 1.30 -10.15 -33.67
C GLU A 1141 2.53 -11.05 -33.66
N TYR A 1142 3.24 -11.06 -32.53
CA TYR A 1142 4.44 -11.90 -32.40
C TYR A 1142 4.10 -13.36 -32.67
N THR A 1143 4.89 -13.99 -33.52
CA THR A 1143 4.71 -15.39 -33.85
C THR A 1143 6.00 -16.15 -33.65
N THR A 1144 5.92 -17.21 -32.85
CA THR A 1144 6.96 -18.22 -32.79
C THR A 1144 6.33 -19.54 -33.24
N LEU A 1145 7.20 -20.52 -33.52
CA LEU A 1145 6.69 -21.84 -33.83
C LEU A 1145 5.89 -22.42 -32.68
N LYS A 1146 6.20 -21.98 -31.45
CA LYS A 1146 5.42 -22.41 -30.28
C LYS A 1146 3.93 -22.19 -30.50
N ASN A 1147 3.56 -21.06 -31.11
CA ASN A 1147 2.17 -20.81 -31.44
C ASN A 1147 1.68 -21.78 -32.50
N VAL A 1148 2.51 -22.05 -33.51
CA VAL A 1148 2.05 -22.79 -34.67
C VAL A 1148 2.53 -24.24 -34.74
N THR A 1149 3.33 -24.69 -33.77
CA THR A 1149 3.79 -26.08 -33.78
C THR A 1149 2.64 -27.02 -33.47
N SER A 1150 2.25 -27.83 -34.46
CA SER A 1150 1.16 -28.77 -34.25
C SER A 1150 1.60 -29.94 -33.37
N ALA A 1151 2.78 -30.50 -33.64
CA ALA A 1151 3.27 -31.64 -32.88
C ALA A 1151 4.78 -31.70 -33.00
N THR A 1152 5.40 -32.45 -32.09
CA THR A 1152 6.83 -32.69 -32.14
C THR A 1152 7.10 -34.15 -31.77
N GLU A 1153 7.81 -34.86 -32.65
CA GLU A 1153 8.29 -36.20 -32.32
C GLU A 1153 9.76 -36.30 -32.74
N ILE A 1154 10.62 -36.42 -31.74
CA ILE A 1154 12.06 -36.50 -31.98
C ILE A 1154 12.40 -37.90 -32.44
N TYR A 1155 13.16 -38.00 -33.53
CA TYR A 1155 13.77 -39.24 -33.96
C TYR A 1155 15.26 -39.20 -33.64
N TYR A 1156 15.87 -40.38 -33.52
CA TYR A 1156 17.28 -40.51 -33.85
C TYR A 1156 17.32 -41.12 -35.24
N ASP A 1157 17.60 -40.30 -36.22
CA ASP A 1157 17.58 -40.81 -37.57
C ASP A 1157 18.87 -41.60 -37.80
N PRO A 1158 18.78 -42.86 -38.21
CA PRO A 1158 20.00 -43.66 -38.37
C PRO A 1158 21.02 -43.08 -39.33
N ASP A 1159 20.58 -42.47 -40.41
CA ASP A 1159 21.51 -41.95 -41.41
C ASP A 1159 21.45 -40.43 -41.45
N PRO A 1160 22.59 -39.73 -41.42
CA PRO A 1160 22.54 -38.26 -41.45
C PRO A 1160 21.91 -37.68 -42.69
N THR A 1161 22.02 -38.34 -43.84
CA THR A 1161 21.61 -37.74 -45.10
C THR A 1161 20.28 -38.29 -45.64
N SER A 1162 19.57 -39.09 -44.87
CA SER A 1162 18.29 -39.64 -45.29
C SER A 1162 17.54 -40.10 -44.04
N THR A 1163 16.45 -40.84 -44.22
CA THR A 1163 15.66 -41.34 -43.10
C THR A 1163 15.01 -42.66 -43.47
N VAL A 1164 14.50 -43.35 -42.46
CA VAL A 1164 13.83 -44.63 -42.64
C VAL A 1164 12.40 -44.56 -42.11
N ILE A 1165 11.82 -43.36 -42.15
CA ILE A 1165 10.46 -43.13 -41.65
C ILE A 1165 9.60 -42.59 -42.78
N GLU A 1166 8.38 -43.12 -42.89
CA GLU A 1166 7.45 -42.70 -43.92
C GLU A 1166 7.11 -41.22 -43.81
N GLU A 1167 7.22 -40.64 -42.62
CA GLU A 1167 6.75 -39.27 -42.41
C GLU A 1167 7.66 -38.23 -43.06
N ASP A 1168 8.95 -38.54 -43.26
CA ASP A 1168 9.86 -37.58 -43.86
C ASP A 1168 10.71 -38.16 -44.98
N PHE A 1169 10.41 -39.36 -45.47
CA PHE A 1169 11.30 -40.01 -46.43
C PHE A 1169 11.43 -39.18 -47.70
N ASP A 1170 10.31 -38.91 -48.37
CA ASP A 1170 10.34 -38.14 -49.61
C ASP A 1170 10.81 -36.71 -49.35
N THR A 1171 10.41 -36.14 -48.20
CA THR A 1171 10.78 -34.76 -47.90
C THR A 1171 12.29 -34.60 -47.83
N VAL A 1172 12.96 -35.48 -47.07
CA VAL A 1172 14.41 -35.35 -46.92
C VAL A 1172 15.12 -35.83 -48.17
N GLU A 1173 14.51 -36.76 -48.91
CA GLU A 1173 15.07 -37.13 -50.21
C GLU A 1173 15.09 -35.94 -51.16
N ALA A 1174 14.07 -35.08 -51.06
CA ALA A 1174 14.02 -33.89 -51.90
C ALA A 1174 14.86 -32.73 -51.37
N TYR A 1175 15.08 -32.65 -50.06
CA TYR A 1175 15.82 -31.51 -49.53
C TYR A 1175 17.33 -31.76 -49.45
N PHE A 1176 17.73 -32.96 -49.00
CA PHE A 1176 19.15 -33.25 -48.82
C PHE A 1176 19.94 -33.09 -50.11
N SER A 1177 19.28 -33.22 -51.26
CA SER A 1177 19.94 -33.02 -52.54
C SER A 1177 19.72 -31.58 -53.03
N GLN A 1190 28.07 -35.54 -40.18
CA GLN A 1190 27.38 -34.80 -39.14
C GLN A 1190 26.63 -35.75 -38.20
N SER A 1191 26.07 -35.20 -37.13
CA SER A 1191 25.41 -36.02 -36.12
C SER A 1191 24.09 -36.55 -36.66
N PRO A 1192 23.89 -37.87 -36.72
CA PRO A 1192 22.61 -38.40 -37.23
C PRO A 1192 21.43 -38.13 -36.31
N TRP A 1193 21.67 -37.79 -35.04
CA TRP A 1193 20.58 -37.46 -34.13
C TRP A 1193 19.73 -36.33 -34.69
N LEU A 1194 18.42 -36.46 -34.53
CA LEU A 1194 17.46 -35.69 -35.31
C LEU A 1194 16.64 -34.75 -34.44
N LEU A 1195 16.65 -33.47 -34.81
CA LEU A 1195 15.87 -32.41 -34.14
C LEU A 1195 14.60 -32.17 -34.94
N ARG A 1196 13.63 -33.05 -34.77
CA ARG A 1196 12.44 -33.10 -35.61
C ARG A 1196 11.24 -32.47 -34.92
N LEU A 1197 10.36 -31.86 -35.72
CA LEU A 1197 9.15 -31.24 -35.22
C LEU A 1197 8.16 -31.07 -36.37
N GLU A 1198 6.88 -31.05 -36.03
CA GLU A 1198 5.81 -30.82 -37.00
C GLU A 1198 5.17 -29.47 -36.78
N LEU A 1199 4.74 -28.83 -37.87
CA LEU A 1199 4.10 -27.53 -37.81
C LEU A 1199 2.73 -27.57 -38.47
N ASP A 1200 1.86 -26.67 -38.04
CA ASP A 1200 0.46 -26.65 -38.44
C ASP A 1200 0.30 -25.75 -39.66
N ARG A 1201 -0.13 -26.34 -40.78
CA ARG A 1201 -0.34 -25.57 -42.01
C ARG A 1201 -1.39 -24.49 -41.84
N ALA A 1202 -2.50 -24.83 -41.17
CA ALA A 1202 -3.56 -23.85 -40.95
C ALA A 1202 -3.06 -22.70 -40.08
N ARG A 1203 -2.27 -23.01 -39.04
CA ARG A 1203 -1.69 -21.96 -38.23
C ARG A 1203 -0.66 -21.15 -39.01
N MET A 1204 0.01 -21.76 -39.99
CA MET A 1204 0.91 -21.01 -40.86
C MET A 1204 0.13 -20.00 -41.71
N LEU A 1205 -0.97 -20.44 -42.32
CA LEU A 1205 -1.72 -19.56 -43.20
C LEU A 1205 -2.47 -18.48 -42.43
N ASP A 1206 -2.97 -18.81 -41.23
CA ASP A 1206 -3.53 -17.76 -40.37
C ASP A 1206 -2.46 -16.76 -39.97
N LYS A 1207 -1.25 -17.24 -39.67
CA LYS A 1207 -0.11 -16.37 -39.47
C LYS A 1207 0.31 -15.67 -40.76
N GLN A 1208 -0.22 -16.09 -41.89
CA GLN A 1208 0.18 -15.58 -43.21
C GLN A 1208 1.67 -15.83 -43.45
N LEU A 1209 2.17 -16.96 -42.97
CA LEU A 1209 3.53 -17.42 -43.23
C LEU A 1209 3.49 -18.79 -43.87
N THR A 1210 4.65 -19.25 -44.30
CA THR A 1210 4.83 -20.60 -44.79
C THR A 1210 6.00 -21.25 -44.07
N MET A 1211 5.98 -22.57 -44.02
CA MET A 1211 6.94 -23.33 -43.23
C MET A 1211 8.36 -23.21 -43.76
N ASN A 1212 8.52 -22.94 -45.06
CA ASN A 1212 9.87 -22.78 -45.61
C ASN A 1212 10.55 -21.55 -45.02
N GLN A 1213 9.79 -20.46 -44.83
CA GLN A 1213 10.36 -19.30 -44.16
C GLN A 1213 10.65 -19.58 -42.69
N VAL A 1214 9.92 -20.51 -42.08
CA VAL A 1214 10.26 -20.95 -40.74
C VAL A 1214 11.61 -21.64 -40.73
N ALA A 1215 11.85 -22.52 -41.71
CA ALA A 1215 13.16 -23.17 -41.82
C ALA A 1215 14.25 -22.15 -42.09
N ASP A 1216 13.97 -21.15 -42.92
CA ASP A 1216 14.95 -20.10 -43.18
C ASP A 1216 15.25 -19.29 -41.91
N LYS A 1217 14.21 -19.00 -41.12
CA LYS A 1217 14.41 -18.27 -39.88
C LYS A 1217 15.28 -19.06 -38.91
N ILE A 1218 15.06 -20.37 -38.83
CA ILE A 1218 15.94 -21.20 -38.01
C ILE A 1218 17.35 -21.19 -38.61
N SER A 1219 17.45 -21.09 -39.94
CA SER A 1219 18.76 -21.00 -40.58
C SER A 1219 19.52 -19.77 -40.12
N GLU A 1220 18.83 -18.62 -40.04
CA GLU A 1220 19.51 -17.43 -39.51
C GLU A 1220 19.84 -17.58 -38.03
N VAL A 1221 18.88 -18.06 -37.23
CA VAL A 1221 19.06 -17.99 -35.77
C VAL A 1221 20.11 -18.99 -35.31
N PHE A 1222 20.23 -20.15 -35.97
CA PHE A 1222 21.15 -21.19 -35.54
C PHE A 1222 22.21 -21.50 -36.59
N SER A 1223 22.45 -20.58 -37.53
CA SER A 1223 23.38 -20.80 -38.64
C SER A 1223 23.03 -22.11 -39.35
N ASP A 1224 24.04 -22.88 -39.73
CA ASP A 1224 23.84 -24.22 -40.25
C ASP A 1224 24.35 -25.29 -39.30
N ASP A 1225 24.65 -24.92 -38.05
CA ASP A 1225 25.08 -25.92 -37.06
C ASP A 1225 23.97 -26.95 -36.83
N LEU A 1226 22.74 -26.48 -36.68
CA LEU A 1226 21.57 -27.35 -36.72
C LEU A 1226 21.03 -27.30 -38.15
N PHE A 1227 21.54 -28.18 -39.01
CA PHE A 1227 21.12 -28.20 -40.40
C PHE A 1227 19.61 -28.35 -40.51
N VAL A 1228 18.96 -27.33 -41.05
CA VAL A 1228 17.51 -27.29 -41.15
C VAL A 1228 17.08 -27.91 -42.47
N MET A 1229 15.82 -28.29 -42.57
CA MET A 1229 15.15 -28.22 -43.86
C MET A 1229 13.80 -27.56 -43.66
N TRP A 1230 13.12 -27.33 -44.78
CA TRP A 1230 11.67 -27.28 -44.78
C TRP A 1230 11.21 -28.48 -45.60
N SER A 1231 10.44 -29.36 -44.97
CA SER A 1231 9.86 -30.49 -45.71
C SER A 1231 8.86 -29.93 -46.71
N GLU A 1232 8.65 -30.67 -47.81
CA GLU A 1232 7.86 -30.17 -48.92
C GLU A 1232 6.46 -29.77 -48.44
N ASP A 1233 5.99 -28.60 -48.92
CA ASP A 1233 4.70 -28.11 -48.48
C ASP A 1233 3.57 -29.05 -48.90
N ASN A 1234 3.79 -29.85 -49.94
CA ASN A 1234 2.78 -30.84 -50.33
C ASN A 1234 2.82 -32.08 -49.46
N ALA A 1235 3.87 -32.25 -48.65
CA ALA A 1235 3.93 -33.40 -47.76
C ALA A 1235 2.89 -33.28 -46.66
N ASP A 1236 2.49 -34.43 -46.12
CA ASP A 1236 1.44 -34.47 -45.09
C ASP A 1236 1.84 -33.76 -43.82
N LYS A 1237 3.14 -33.59 -43.56
CA LYS A 1237 3.61 -33.10 -42.27
C LYS A 1237 4.61 -31.98 -42.49
N LEU A 1238 4.30 -30.78 -41.99
CA LEU A 1238 5.24 -29.67 -42.04
C LEU A 1238 6.38 -29.89 -41.05
N ILE A 1239 7.49 -30.45 -41.51
CA ILE A 1239 8.57 -30.92 -40.65
C ILE A 1239 9.80 -30.06 -40.88
N ILE A 1240 10.44 -29.64 -39.81
CA ILE A 1240 11.74 -28.96 -39.87
C ILE A 1240 12.70 -29.79 -39.04
N ARG A 1241 13.56 -30.55 -39.73
CA ARG A 1241 14.57 -31.39 -39.12
C ARG A 1241 15.87 -30.60 -38.98
N CYS A 1242 16.12 -30.10 -37.78
CA CYS A 1242 17.33 -29.32 -37.48
C CYS A 1242 18.45 -30.22 -36.97
N ARG A 1243 18.92 -31.08 -37.89
CA ARG A 1243 19.92 -32.10 -37.59
C ARG A 1243 21.12 -31.50 -36.86
N VAL A 1244 21.47 -32.11 -35.73
CA VAL A 1244 22.67 -31.70 -35.00
C VAL A 1244 23.89 -32.00 -35.85
N ILE A 1245 24.91 -31.14 -35.75
CA ILE A 1245 26.16 -31.36 -36.44
C ILE A 1245 27.32 -31.22 -35.46
N GLU A 1258 26.36 -41.16 -27.82
CA GLU A 1258 25.07 -40.84 -27.21
C GLU A 1258 24.78 -39.35 -27.29
N GLU A 1259 23.68 -39.01 -27.96
CA GLU A 1259 23.25 -37.63 -28.11
C GLU A 1259 21.76 -37.47 -27.87
N ASP A 1260 21.24 -38.03 -26.77
CA ASP A 1260 19.81 -38.08 -26.50
C ASP A 1260 19.32 -36.88 -25.69
N GLN A 1261 19.90 -36.65 -24.52
CA GLN A 1261 19.43 -35.57 -23.65
C GLN A 1261 19.61 -34.21 -24.30
N MET A 1262 20.76 -33.98 -24.95
CA MET A 1262 21.01 -32.69 -25.57
C MET A 1262 20.03 -32.41 -26.70
N LEU A 1263 19.64 -33.45 -27.44
CA LEU A 1263 18.67 -33.28 -28.51
C LEU A 1263 17.33 -32.78 -27.96
N LYS A 1264 16.87 -33.39 -26.87
CA LYS A 1264 15.63 -32.93 -26.23
C LYS A 1264 15.77 -31.53 -25.68
N ARG A 1265 16.93 -31.20 -25.10
CA ARG A 1265 17.15 -29.85 -24.58
C ARG A 1265 17.04 -28.81 -25.69
N ILE A 1266 17.73 -29.05 -26.82
CA ILE A 1266 17.67 -28.12 -27.94
C ILE A 1266 16.26 -28.05 -28.51
N GLU A 1267 15.57 -29.19 -28.57
CA GLU A 1267 14.20 -29.20 -29.08
C GLU A 1267 13.30 -28.33 -28.22
N ALA A 1268 13.36 -28.51 -26.91
CA ALA A 1268 12.55 -27.71 -26.00
C ALA A 1268 12.89 -26.23 -26.11
N HIS A 1269 14.19 -25.91 -26.27
CA HIS A 1269 14.60 -24.53 -26.38
C HIS A 1269 14.06 -23.88 -27.66
N MET A 1270 14.23 -24.57 -28.79
CA MET A 1270 13.89 -23.94 -30.07
C MET A 1270 12.42 -24.11 -30.41
N LEU A 1271 11.65 -24.83 -29.58
CA LEU A 1271 10.20 -24.70 -29.71
C LEU A 1271 9.72 -23.32 -29.30
N ASP A 1272 10.51 -22.59 -28.52
CA ASP A 1272 10.08 -21.28 -28.08
C ASP A 1272 10.97 -20.14 -28.56
N LEU A 1273 12.24 -20.41 -28.89
CA LEU A 1273 13.18 -19.35 -29.26
C LEU A 1273 13.43 -19.28 -30.76
N ILE A 1274 12.39 -19.47 -31.57
CA ILE A 1274 12.43 -19.16 -33.00
C ILE A 1274 11.33 -18.12 -33.25
N ALA A 1275 11.73 -16.86 -33.39
CA ALA A 1275 10.78 -15.80 -33.71
C ALA A 1275 10.48 -15.82 -35.19
N LEU A 1276 9.22 -16.12 -35.55
CA LEU A 1276 8.88 -16.26 -36.96
C LEU A 1276 8.55 -14.92 -37.59
N ARG A 1277 7.53 -14.25 -37.08
CA ARG A 1277 7.17 -12.91 -37.54
C ARG A 1277 6.64 -12.12 -36.35
N GLY A 1278 6.09 -10.96 -36.64
CA GLY A 1278 5.35 -10.20 -35.65
C GLY A 1278 6.25 -9.37 -34.76
N ILE A 1279 5.61 -8.40 -34.10
CA ILE A 1279 6.28 -7.55 -33.13
C ILE A 1279 6.31 -8.26 -31.78
N PRO A 1280 7.48 -8.52 -31.21
CA PRO A 1280 7.53 -9.17 -29.89
C PRO A 1280 6.89 -8.28 -28.83
N GLY A 1281 6.38 -8.94 -27.79
CA GLY A 1281 5.62 -8.26 -26.77
C GLY A 1281 4.18 -7.99 -27.14
N ILE A 1282 3.73 -8.49 -28.29
CA ILE A 1282 2.35 -8.30 -28.76
C ILE A 1282 1.81 -9.69 -29.09
N SER A 1283 1.08 -10.29 -28.15
CA SER A 1283 0.55 -11.64 -28.37
C SER A 1283 -0.55 -11.62 -29.43
N LYS A 1284 -1.37 -10.58 -29.45
CA LYS A 1284 -2.48 -10.49 -30.39
C LYS A 1284 -2.81 -9.03 -30.62
N VAL A 1285 -3.55 -8.76 -31.69
CA VAL A 1285 -4.04 -7.43 -32.02
C VAL A 1285 -5.53 -7.54 -32.36
N TYR A 1286 -6.25 -6.44 -32.14
CA TYR A 1286 -7.67 -6.36 -32.44
C TYR A 1286 -7.92 -5.32 -33.52
N MET A 1287 -8.92 -5.60 -34.37
CA MET A 1287 -9.25 -4.75 -35.51
C MET A 1287 -10.40 -3.86 -35.06
N VAL A 1288 -10.10 -2.60 -34.71
CA VAL A 1288 -10.97 -1.79 -33.88
C VAL A 1288 -11.38 -0.53 -34.62
N LYS A 1289 -12.66 -0.17 -34.54
CA LYS A 1289 -13.18 1.06 -35.12
C LYS A 1289 -12.91 2.26 -34.22
N HIS A 1290 -12.86 3.44 -34.82
CA HIS A 1290 -12.83 4.70 -34.06
C HIS A 1290 -13.63 5.73 -34.82
N LYS A 1291 -14.72 6.22 -34.21
CA LYS A 1291 -15.57 7.24 -34.82
C LYS A 1291 -14.94 8.60 -34.51
N VAL A 1292 -13.86 8.91 -35.22
CA VAL A 1292 -13.13 10.14 -34.96
C VAL A 1292 -13.82 11.31 -35.68
N SER A 1293 -14.05 12.40 -34.96
CA SER A 1293 -14.71 13.54 -35.57
C SER A 1293 -13.73 14.34 -36.42
N VAL A 1294 -14.20 14.76 -37.58
CA VAL A 1294 -13.44 15.60 -38.52
C VAL A 1294 -14.36 16.72 -38.98
N PRO A 1295 -13.89 17.96 -39.06
CA PRO A 1295 -14.77 19.04 -39.53
C PRO A 1295 -15.22 18.85 -40.97
N ASP A 1296 -16.19 19.67 -41.40
CA ASP A 1296 -16.71 19.63 -42.75
C ASP A 1296 -16.12 20.82 -43.52
N GLU A 1297 -15.94 20.61 -44.83
CA GLU A 1297 -15.39 21.67 -45.67
C GLU A 1297 -16.29 22.90 -45.66
N SER A 1298 -17.61 22.69 -45.68
CA SER A 1298 -18.52 23.82 -45.59
C SER A 1298 -18.47 24.50 -44.22
N GLY A 1299 -17.97 23.82 -43.19
CA GLY A 1299 -17.73 24.47 -41.91
C GLY A 1299 -18.14 23.71 -40.67
N GLU A 1300 -19.07 22.76 -40.81
CA GLU A 1300 -19.55 22.00 -39.67
C GLU A 1300 -18.62 20.80 -39.43
N TYR A 1301 -19.07 19.84 -38.64
CA TYR A 1301 -18.29 18.65 -38.34
C TYR A 1301 -19.05 17.40 -38.79
N LYS A 1302 -18.37 16.26 -38.70
CA LYS A 1302 -18.95 14.98 -39.08
C LYS A 1302 -18.03 13.87 -38.57
N ASN A 1303 -18.60 12.74 -38.22
CA ASN A 1303 -17.78 11.65 -37.74
C ASN A 1303 -17.25 10.80 -38.90
N GLU A 1304 -16.12 10.15 -38.66
CA GLU A 1304 -15.45 9.32 -39.67
C GLU A 1304 -15.05 8.01 -38.99
N GLU A 1305 -15.47 6.90 -39.58
CA GLU A 1305 -15.01 5.58 -39.16
C GLU A 1305 -13.57 5.39 -39.61
N LEU A 1306 -12.64 5.29 -38.65
CA LEU A 1306 -11.24 5.05 -38.96
C LEU A 1306 -10.81 3.77 -38.27
N TRP A 1307 -10.24 2.84 -39.03
CA TRP A 1307 -9.78 1.58 -38.48
C TRP A 1307 -8.52 1.78 -37.65
N ALA A 1308 -8.24 0.82 -36.77
CA ALA A 1308 -7.08 0.91 -35.89
C ALA A 1308 -6.75 -0.47 -35.33
N LEU A 1309 -5.59 -0.60 -34.69
CA LEU A 1309 -5.08 -1.87 -34.20
C LEU A 1309 -4.96 -1.81 -32.69
N GLU A 1310 -5.73 -2.63 -31.99
CA GLU A 1310 -5.66 -2.73 -30.54
C GLU A 1310 -4.68 -3.86 -30.22
N THR A 1311 -3.39 -3.53 -30.18
CA THR A 1311 -2.35 -4.54 -30.04
C THR A 1311 -2.28 -4.98 -28.58
N ASP A 1312 -2.58 -6.26 -28.32
CA ASP A 1312 -2.51 -6.76 -26.96
C ASP A 1312 -1.06 -6.78 -26.48
N GLY A 1313 -0.89 -6.70 -25.17
CA GLY A 1313 0.46 -6.56 -24.67
C GLY A 1313 0.91 -5.12 -24.85
N ILE A 1314 2.10 -4.83 -24.33
CA ILE A 1314 2.69 -3.51 -24.46
C ILE A 1314 4.11 -3.63 -24.99
N ASN A 1315 4.28 -3.22 -26.24
CA ASN A 1315 5.58 -2.93 -26.82
C ASN A 1315 5.47 -1.59 -27.55
N LEU A 1316 4.94 -0.59 -26.83
CA LEU A 1316 4.59 0.73 -27.36
C LEU A 1316 5.62 1.24 -28.37
N ALA A 1317 6.90 1.14 -28.04
CA ALA A 1317 7.95 1.62 -28.93
C ALA A 1317 7.94 0.86 -30.26
N GLU A 1318 7.80 -0.46 -30.21
CA GLU A 1318 7.91 -1.27 -31.42
C GLU A 1318 6.70 -1.10 -32.32
N VAL A 1319 5.49 -1.12 -31.74
CA VAL A 1319 4.28 -0.89 -32.54
C VAL A 1319 4.27 0.55 -33.05
N MET A 1320 4.80 1.48 -32.26
CA MET A 1320 4.94 2.87 -32.68
C MET A 1320 5.88 2.99 -33.88
N ALA A 1321 6.93 2.16 -33.91
CA ALA A 1321 7.83 2.13 -35.05
C ALA A 1321 7.30 1.28 -36.21
N VAL A 1322 6.19 0.58 -36.02
CA VAL A 1322 5.63 -0.24 -37.10
C VAL A 1322 5.16 0.67 -38.23
N PRO A 1323 5.40 0.32 -39.49
CA PRO A 1323 4.92 1.16 -40.59
C PRO A 1323 3.39 1.25 -40.60
N GLY A 1324 2.90 2.41 -41.02
CA GLY A 1324 1.46 2.65 -41.02
C GLY A 1324 0.85 2.88 -39.66
N VAL A 1325 1.61 3.49 -38.74
CA VAL A 1325 1.17 3.69 -37.36
C VAL A 1325 1.27 5.17 -37.04
N ASP A 1326 0.23 5.73 -36.43
CA ASP A 1326 0.25 7.12 -36.04
C ASP A 1326 1.18 7.30 -34.84
N SER A 1327 2.46 7.55 -35.12
CA SER A 1327 3.45 7.68 -34.07
C SER A 1327 3.16 8.86 -33.15
N SER A 1328 2.50 9.90 -33.69
CA SER A 1328 2.20 11.07 -32.89
C SER A 1328 0.89 10.93 -32.12
N ARG A 1329 0.16 9.84 -32.31
CA ARG A 1329 -1.11 9.62 -31.63
C ARG A 1329 -1.19 8.32 -30.84
N THR A 1330 -0.46 7.28 -31.25
CA THR A 1330 -0.54 5.96 -30.62
C THR A 1330 -0.27 6.04 -29.13
N TYR A 1331 -1.11 5.39 -28.33
CA TYR A 1331 -1.06 5.52 -26.87
C TYR A 1331 -0.86 4.16 -26.22
N SER A 1332 -0.13 4.17 -25.09
CA SER A 1332 0.06 2.99 -24.26
C SER A 1332 -0.73 3.16 -22.96
N ASN A 1333 -1.67 2.24 -22.74
CA ASN A 1333 -2.57 2.36 -21.59
C ASN A 1333 -1.86 2.30 -20.25
N SER A 1334 -0.61 1.85 -20.21
CA SER A 1334 0.22 1.96 -19.01
C SER A 1334 1.02 3.26 -19.11
N PHE A 1335 0.63 4.25 -18.29
CA PHE A 1335 1.29 5.55 -18.32
C PHE A 1335 2.75 5.45 -17.89
N VAL A 1336 3.11 4.38 -17.17
CA VAL A 1336 4.52 4.13 -16.87
C VAL A 1336 5.31 3.97 -18.16
N GLU A 1337 4.72 3.25 -19.13
CA GLU A 1337 5.35 3.11 -20.43
C GLU A 1337 5.48 4.48 -21.11
N ILE A 1338 4.53 5.38 -20.84
CA ILE A 1338 4.61 6.73 -21.41
C ILE A 1338 5.78 7.49 -20.81
N LEU A 1339 5.97 7.37 -19.49
CA LEU A 1339 7.15 7.96 -18.88
C LEU A 1339 8.43 7.39 -19.48
N SER A 1340 8.48 6.07 -19.64
CA SER A 1340 9.66 5.44 -20.21
C SER A 1340 9.89 5.88 -21.64
N VAL A 1341 8.83 6.21 -22.36
CA VAL A 1341 8.92 6.53 -23.79
C VAL A 1341 8.86 8.03 -24.04
N LEU A 1342 7.77 8.68 -23.64
CA LEU A 1342 7.54 10.07 -24.04
C LEU A 1342 8.08 11.06 -23.03
N GLY A 1343 8.01 10.74 -21.74
CA GLY A 1343 8.49 11.67 -20.73
C GLY A 1343 7.48 11.92 -19.64
N ILE A 1344 7.52 13.12 -19.05
CA ILE A 1344 6.72 13.39 -17.85
C ILE A 1344 5.48 14.21 -18.20
N GLU A 1345 5.61 15.14 -19.14
CA GLU A 1345 4.47 15.96 -19.57
C GLU A 1345 3.40 15.10 -20.26
N ALA A 1346 3.84 14.31 -21.24
CA ALA A 1346 2.92 13.41 -21.93
C ALA A 1346 2.36 12.38 -20.98
N THR A 1347 3.17 11.93 -20.02
CA THR A 1347 2.67 10.99 -19.02
C THR A 1347 1.60 11.63 -18.15
N ARG A 1348 1.76 12.91 -17.82
CA ARG A 1348 0.72 13.63 -17.09
C ARG A 1348 -0.58 13.65 -17.88
N SER A 1349 -0.48 14.01 -19.17
CA SER A 1349 -1.68 14.05 -20.00
C SER A 1349 -2.32 12.67 -20.09
N SER A 1350 -1.50 11.64 -20.24
CA SER A 1350 -2.00 10.27 -20.37
C SER A 1350 -2.68 9.80 -19.09
N LEU A 1351 -2.05 10.08 -17.95
CA LEU A 1351 -2.66 9.72 -16.68
C LEU A 1351 -3.99 10.44 -16.50
N TYR A 1352 -4.01 11.73 -16.87
CA TYR A 1352 -5.25 12.48 -16.73
C TYR A 1352 -6.35 11.85 -17.58
N LYS A 1353 -6.03 11.49 -18.82
CA LYS A 1353 -7.08 10.95 -19.69
C LYS A 1353 -7.51 9.57 -19.22
N GLU A 1354 -6.59 8.78 -18.67
CA GLU A 1354 -6.96 7.51 -18.06
C GLU A 1354 -7.98 7.71 -16.95
N ILE A 1355 -7.68 8.62 -16.02
CA ILE A 1355 -8.58 8.85 -14.89
C ILE A 1355 -9.89 9.47 -15.37
N LEU A 1356 -9.82 10.31 -16.40
CA LEU A 1356 -11.02 10.90 -16.98
C LEU A 1356 -11.94 9.81 -17.52
N ASN A 1357 -11.37 8.86 -18.27
CA ASN A 1357 -12.16 7.75 -18.81
C ASN A 1357 -12.73 6.89 -17.69
N VAL A 1358 -11.95 6.70 -16.62
CA VAL A 1358 -12.44 5.93 -15.48
C VAL A 1358 -13.63 6.64 -14.84
N ILE A 1359 -13.53 7.96 -14.68
CA ILE A 1359 -14.64 8.74 -14.14
C ILE A 1359 -15.86 8.62 -15.03
N ALA A 1360 -15.66 8.68 -16.35
CA ALA A 1360 -16.77 8.55 -17.28
C ALA A 1360 -17.29 7.12 -17.39
N PHE A 1361 -16.56 6.15 -16.84
CA PHE A 1361 -16.95 4.74 -16.97
C PHE A 1361 -18.32 4.51 -16.34
N ASP A 1362 -18.51 4.96 -15.10
CA ASP A 1362 -19.83 4.84 -14.47
C ASP A 1362 -20.80 5.85 -15.05
N GLY A 1363 -20.29 6.90 -15.68
CA GLY A 1363 -21.11 7.99 -16.18
C GLY A 1363 -21.08 9.24 -15.33
N SER A 1364 -20.54 9.16 -14.11
CA SER A 1364 -20.46 10.32 -13.26
C SER A 1364 -19.39 11.29 -13.76
N TYR A 1365 -19.49 12.53 -13.32
CA TYR A 1365 -18.57 13.58 -13.71
C TYR A 1365 -17.83 14.12 -12.49
N VAL A 1366 -16.56 14.45 -12.69
CA VAL A 1366 -15.73 15.09 -11.67
C VAL A 1366 -15.08 16.31 -12.30
N ASN A 1367 -14.85 17.35 -11.49
CA ASN A 1367 -14.29 18.59 -12.00
C ASN A 1367 -12.90 18.37 -12.57
N TYR A 1368 -12.56 19.15 -13.60
CA TYR A 1368 -11.29 18.97 -14.27
C TYR A 1368 -10.12 19.33 -13.36
N ARG A 1369 -10.21 20.49 -12.71
CA ARG A 1369 -9.03 21.12 -12.12
C ARG A 1369 -8.45 20.28 -10.98
N HIS A 1370 -9.30 19.60 -10.23
CA HIS A 1370 -8.81 18.87 -9.06
C HIS A 1370 -7.97 17.66 -9.47
N MET A 1371 -8.47 16.86 -10.41
CA MET A 1371 -7.72 15.67 -10.80
C MET A 1371 -6.60 16.06 -11.78
N ALA A 1372 -6.72 17.25 -12.37
CA ALA A 1372 -5.58 17.83 -13.08
C ALA A 1372 -4.45 18.17 -12.12
N LEU A 1373 -4.81 18.75 -10.97
CA LEU A 1373 -3.85 18.95 -9.89
C LEU A 1373 -3.23 17.62 -9.47
N LEU A 1374 -4.07 16.61 -9.31
CA LEU A 1374 -3.58 15.26 -9.03
C LEU A 1374 -2.49 14.85 -10.02
N VAL A 1375 -2.82 14.85 -11.32
CA VAL A 1375 -1.89 14.31 -12.31
C VAL A 1375 -0.64 15.17 -12.42
N ASP A 1376 -0.76 16.49 -12.26
CA ASP A 1376 0.43 17.34 -12.25
C ASP A 1376 1.32 17.03 -11.06
N VAL A 1377 0.73 16.84 -9.87
CA VAL A 1377 1.53 16.47 -8.72
C VAL A 1377 2.22 15.14 -8.95
N MET A 1378 1.53 14.20 -9.61
CA MET A 1378 2.16 12.96 -10.04
C MET A 1378 3.38 13.21 -10.91
N THR A 1379 3.44 14.35 -11.60
CA THR A 1379 4.46 14.59 -12.61
C THR A 1379 5.30 15.82 -12.35
N SER A 1380 4.95 16.65 -11.37
CA SER A 1380 5.66 17.91 -11.18
C SER A 1380 7.12 17.71 -10.79
N ARG A 1381 7.50 16.53 -10.33
CA ARG A 1381 8.89 16.25 -9.98
C ARG A 1381 9.63 15.45 -11.06
N GLY A 1382 9.05 15.35 -12.25
CA GLY A 1382 9.74 14.80 -13.40
C GLY A 1382 9.59 13.31 -13.58
N TYR A 1383 9.18 12.59 -12.55
CA TYR A 1383 8.99 11.16 -12.62
C TYR A 1383 7.63 10.81 -12.03
N LEU A 1384 7.38 9.51 -11.89
CA LEU A 1384 6.08 9.04 -11.41
C LEU A 1384 6.18 8.77 -9.91
N MET A 1385 5.30 9.39 -9.14
CA MET A 1385 5.28 9.22 -7.69
C MET A 1385 4.05 8.38 -7.32
N ALA A 1386 4.24 7.46 -6.38
CA ALA A 1386 3.20 6.51 -6.03
C ALA A 1386 2.60 6.84 -4.66
N ILE A 1387 1.41 6.30 -4.41
CA ILE A 1387 0.78 6.36 -3.10
C ILE A 1387 1.15 5.14 -2.26
N THR A 1388 2.15 4.37 -2.71
CA THR A 1388 2.62 3.22 -1.95
C THR A 1388 3.22 3.69 -0.62
N ARG A 1389 3.26 2.77 0.35
CA ARG A 1389 3.69 3.13 1.69
C ARG A 1389 5.09 3.70 1.70
N HIS A 1390 6.06 2.96 1.15
CA HIS A 1390 7.42 3.47 1.08
C HIS A 1390 7.51 4.65 0.11
N GLY A 1391 6.75 4.59 -0.99
CA GLY A 1391 6.81 5.66 -1.97
C GLY A 1391 6.48 7.01 -1.38
N ILE A 1392 5.42 7.08 -0.57
CA ILE A 1392 5.13 8.31 0.15
C ILE A 1392 6.13 8.52 1.29
N ASN A 1393 6.62 7.43 1.88
CA ASN A 1393 7.59 7.56 2.96
C ASN A 1393 9.00 7.87 2.45
N ARG A 1394 9.27 7.66 1.16
CA ARG A 1394 10.58 8.04 0.63
C ARG A 1394 10.78 9.54 0.60
N ALA A 1395 9.71 10.32 0.81
CA ALA A 1395 9.85 11.77 0.92
C ALA A 1395 10.77 12.11 2.09
N ASP A 1396 11.30 13.33 2.12
CA ASP A 1396 12.29 13.74 3.12
C ASP A 1396 11.88 15.03 3.81
N THR A 1397 10.58 15.25 3.97
CA THR A 1397 10.07 16.38 4.72
C THR A 1397 10.15 16.06 6.21
N GLY A 1398 9.44 16.84 7.02
CA GLY A 1398 9.27 16.51 8.42
C GLY A 1398 8.72 15.10 8.57
N ALA A 1399 9.41 14.26 9.35
CA ALA A 1399 9.03 12.86 9.45
C ALA A 1399 7.66 12.69 10.09
N LEU A 1400 7.18 13.73 10.77
CA LEU A 1400 5.93 13.70 11.52
C LEU A 1400 4.72 13.23 10.71
N MET A 1401 4.83 13.28 9.38
CA MET A 1401 3.76 12.81 8.51
C MET A 1401 3.97 11.37 8.07
N ARG A 1402 5.12 11.09 7.46
CA ARG A 1402 5.38 9.76 6.93
C ARG A 1402 5.40 8.70 8.03
N CYS A 1403 5.99 9.04 9.18
CA CYS A 1403 5.95 8.11 10.30
C CYS A 1403 4.53 7.90 10.79
N SER A 1404 3.76 8.99 10.89
CA SER A 1404 2.37 8.87 11.34
C SER A 1404 1.55 8.02 10.38
N PHE A 1405 1.97 7.93 9.12
CA PHE A 1405 1.31 7.03 8.19
C PHE A 1405 1.34 5.59 8.71
N GLU A 1406 2.54 5.00 8.73
CA GLU A 1406 2.75 3.63 9.23
C GLU A 1406 4.22 3.47 9.59
N GLU A 1407 4.52 2.38 10.30
CA GLU A 1407 5.87 2.00 10.68
C GLU A 1407 6.63 3.15 11.33
N THR A 1408 5.92 3.95 12.12
CA THR A 1408 6.43 5.17 12.73
C THR A 1408 7.84 5.02 13.28
N VAL A 1409 8.10 3.89 13.94
CA VAL A 1409 9.35 3.67 14.64
C VAL A 1409 10.54 3.68 13.67
N GLU A 1410 10.39 3.04 12.50
CA GLU A 1410 11.48 3.00 11.53
C GLU A 1410 11.82 4.39 11.00
N ILE A 1411 10.78 5.17 10.69
CA ILE A 1411 11.02 6.54 10.22
C ILE A 1411 11.69 7.36 11.30
N LEU A 1412 11.28 7.19 12.56
CA LEU A 1412 11.95 7.89 13.65
C LEU A 1412 13.41 7.44 13.79
N PHE A 1413 13.69 6.16 13.58
CA PHE A 1413 15.08 5.71 13.62
C PHE A 1413 15.90 6.39 12.53
N GLU A 1414 15.35 6.46 11.31
CA GLU A 1414 16.06 7.10 10.21
C GLU A 1414 16.27 8.59 10.49
N ALA A 1415 15.25 9.26 11.04
CA ALA A 1415 15.34 10.70 11.27
C ALA A 1415 16.30 11.03 12.40
N GLY A 1416 16.19 10.31 13.52
CA GLY A 1416 17.12 10.52 14.62
C GLY A 1416 18.54 10.18 14.23
N ALA A 1417 18.73 9.11 13.46
CA ALA A 1417 20.05 8.81 12.92
C ALA A 1417 20.57 9.94 12.05
N ALA A 1418 19.69 10.67 11.38
CA ALA A 1418 20.06 11.85 10.61
C ALA A 1418 19.90 13.14 11.42
N ALA A 1419 19.36 13.05 12.63
CA ALA A 1419 19.15 14.22 13.49
C ALA A 1419 18.40 15.32 12.76
N GLU A 1420 17.31 14.93 12.10
CA GLU A 1420 16.58 15.84 11.23
C GLU A 1420 15.90 16.93 12.04
N LEU A 1421 15.36 17.91 11.31
CA LEU A 1421 14.67 19.05 11.89
C LEU A 1421 13.30 19.18 11.26
N ASP A 1422 12.27 19.33 12.10
CA ASP A 1422 10.91 19.58 11.63
C ASP A 1422 10.59 21.05 11.86
N ASP A 1423 10.23 21.74 10.77
CA ASP A 1423 9.95 23.16 10.81
C ASP A 1423 8.52 23.48 11.24
N CYS A 1424 7.73 22.45 11.57
CA CYS A 1424 6.34 22.61 11.99
C CYS A 1424 5.54 23.38 10.95
N ARG A 1425 5.85 23.17 9.67
CA ARG A 1425 5.14 23.85 8.60
C ARG A 1425 3.98 23.04 8.04
N GLY A 1426 4.03 21.72 8.17
CA GLY A 1426 2.88 20.91 7.81
C GLY A 1426 1.70 21.12 8.75
N VAL A 1427 0.51 20.96 8.20
CA VAL A 1427 -0.70 21.15 9.00
C VAL A 1427 -0.83 20.07 10.06
N SER A 1428 -0.25 18.89 9.80
CA SER A 1428 -0.24 17.81 10.79
C SER A 1428 0.53 18.22 12.04
N GLU A 1429 1.62 18.96 11.85
CA GLU A 1429 2.35 19.51 12.98
C GLU A 1429 1.45 20.43 13.79
N ASN A 1430 0.65 21.24 13.10
CA ASN A 1430 -0.27 22.15 13.78
C ASN A 1430 -1.32 21.38 14.59
N VAL A 1431 -1.90 20.35 13.99
CA VAL A 1431 -3.01 19.65 14.64
C VAL A 1431 -2.49 18.83 15.83
N MET A 1432 -1.30 18.24 15.71
CA MET A 1432 -0.78 17.47 16.83
C MET A 1432 0.03 18.34 17.78
N LEU A 1433 0.01 19.66 17.56
CA LEU A 1433 0.46 20.63 18.54
C LEU A 1433 -0.64 21.63 18.89
N GLY A 1434 -1.79 21.54 18.22
CA GLY A 1434 -2.96 22.30 18.65
C GLY A 1434 -2.85 23.80 18.51
N GLN A 1435 -2.45 24.28 17.35
CA GLN A 1435 -2.43 25.72 17.07
C GLN A 1435 -3.08 26.04 15.73
N LEU A 1436 -3.08 27.33 15.40
CA LEU A 1436 -3.71 27.80 14.17
C LEU A 1436 -3.01 27.19 12.96
N ALA A 1437 -3.79 26.66 12.03
CA ALA A 1437 -3.23 26.07 10.83
C ALA A 1437 -2.91 27.16 9.80
N PRO A 1438 -1.92 26.94 8.93
CA PRO A 1438 -1.62 27.94 7.90
C PRO A 1438 -2.49 27.77 6.66
N MET A 1439 -3.80 27.63 6.84
CA MET A 1439 -4.72 27.39 5.76
C MET A 1439 -5.94 28.29 5.88
N GLY A 1440 -6.41 28.77 4.74
CA GLY A 1440 -7.62 29.57 4.67
C GLY A 1440 -7.62 30.72 5.66
N THR A 1441 -8.46 30.58 6.70
CA THR A 1441 -8.50 31.57 7.77
C THR A 1441 -7.13 31.75 8.43
N GLY A 1442 -6.30 30.72 8.41
CA GLY A 1442 -4.96 30.81 8.92
C GLY A 1442 -3.89 31.05 7.89
N ALA A 1443 -4.27 31.30 6.64
CA ALA A 1443 -3.32 31.61 5.58
C ALA A 1443 -2.81 33.04 5.65
N PHE A 1444 -3.12 33.76 6.73
CA PHE A 1444 -2.69 35.13 6.91
C PHE A 1444 -2.49 35.39 8.39
N ASP A 1445 -2.24 36.64 8.75
CA ASP A 1445 -2.17 37.06 10.16
C ASP A 1445 -2.92 38.38 10.28
N VAL A 1446 -4.20 38.32 10.64
CA VAL A 1446 -4.99 39.53 10.79
C VAL A 1446 -4.52 40.28 12.03
N MET A 1447 -4.28 41.57 11.88
CA MET A 1447 -3.56 42.35 12.88
C MET A 1447 -4.38 43.57 13.25
N ILE A 1448 -4.38 43.93 14.54
CA ILE A 1448 -4.89 45.23 14.96
C ILE A 1448 -3.91 46.29 14.49
N ASP A 1449 -4.40 47.29 13.76
CA ASP A 1449 -3.53 48.26 13.11
C ASP A 1449 -3.52 49.58 13.89
N GLU A 1450 -2.89 50.57 13.28
CA GLU A 1450 -2.79 51.92 13.84
C GLU A 1450 -3.36 53.00 12.93
N LYS A 1451 -3.25 52.84 11.61
CA LYS A 1451 -3.70 53.90 10.70
C LYS A 1451 -5.22 54.07 10.77
N LEU A 1452 -5.96 52.97 10.91
CA LEU A 1452 -7.41 53.07 10.99
C LEU A 1452 -7.87 53.33 12.43
N LEU A 1453 -7.10 52.85 13.42
CA LEU A 1453 -7.46 53.10 14.81
C LEU A 1453 -7.37 54.58 15.15
N THR A 1454 -6.51 55.34 14.45
CA THR A 1454 -6.38 56.76 14.71
C THR A 1454 -7.65 57.53 14.36
N SER A 1455 -8.49 56.99 13.47
CA SER A 1455 -9.72 57.66 13.09
C SER A 1455 -10.79 57.62 14.19
N LEU A 1456 -10.59 56.84 15.25
CA LEU A 1456 -11.60 56.72 16.29
C LEU A 1456 -11.71 58.02 17.09
N PRO A 1457 -12.89 58.32 17.61
CA PRO A 1457 -13.01 59.42 18.57
C PRO A 1457 -12.14 59.19 19.79
N ALA A 1458 -11.70 60.30 20.40
CA ALA A 1458 -10.72 60.23 21.48
C ALA A 1458 -11.28 59.51 22.72
N ASP A 1459 -12.60 59.42 22.84
CA ASP A 1459 -13.18 58.79 24.02
C ASP A 1459 -12.85 57.30 24.11
N TYR A 1460 -12.48 56.66 23.00
CA TYR A 1460 -12.14 55.26 22.99
C TYR A 1460 -10.72 54.99 23.48
N ALA A 1461 -10.07 55.97 24.07
CA ALA A 1461 -8.68 55.85 24.51
C ALA A 1461 -8.57 54.87 25.68
N PRO A 1462 -7.70 53.87 25.60
CA PRO A 1462 -7.46 53.01 26.76
C PRO A 1462 -6.90 53.80 27.92
N THR A 1463 -7.31 53.42 29.14
CA THR A 1463 -6.89 54.13 30.33
C THR A 1463 -5.47 53.74 30.75
N ASP B 9 -52.66 -46.76 -1.29
CA ASP B 9 -51.70 -45.91 -1.98
C ASP B 9 -52.39 -44.95 -2.94
N ASP B 10 -51.88 -43.73 -3.00
CA ASP B 10 -52.46 -42.66 -3.81
C ASP B 10 -51.40 -41.57 -3.95
N THR B 11 -51.77 -40.44 -4.54
CA THR B 11 -50.83 -39.35 -4.74
C THR B 11 -50.49 -38.69 -3.40
N ILE B 12 -49.33 -38.04 -3.37
CA ILE B 12 -48.82 -37.37 -2.19
C ILE B 12 -49.13 -35.89 -2.29
N THR B 13 -49.89 -35.37 -1.33
CA THR B 13 -50.23 -33.96 -1.30
C THR B 13 -49.31 -33.25 -0.30
N THR B 14 -49.58 -31.96 -0.08
CA THR B 14 -48.78 -31.14 0.81
C THR B 14 -49.04 -31.43 2.29
N GLU B 15 -50.30 -31.67 2.67
CA GLU B 15 -50.61 -31.91 4.07
C GLU B 15 -50.05 -33.25 4.53
N ASP B 16 -49.99 -34.23 3.63
CA ASP B 16 -49.34 -35.49 3.95
C ASP B 16 -47.85 -35.27 4.23
N CYS B 17 -47.23 -34.39 3.45
CA CYS B 17 -45.84 -34.03 3.69
C CYS B 17 -45.69 -33.34 5.05
N TRP B 18 -46.64 -32.48 5.40
CA TRP B 18 -46.62 -31.85 6.71
C TRP B 18 -46.70 -32.90 7.81
N THR B 19 -47.54 -33.93 7.61
CA THR B 19 -47.64 -35.01 8.58
C THR B 19 -46.32 -35.77 8.68
N VAL B 20 -45.64 -35.96 7.55
CA VAL B 20 -44.31 -36.57 7.56
C VAL B 20 -43.36 -35.76 8.43
N ILE B 21 -43.36 -34.43 8.24
CA ILE B 21 -42.52 -33.55 9.05
C ILE B 21 -42.93 -33.62 10.53
N SER B 22 -44.21 -33.86 10.81
CA SER B 22 -44.67 -34.02 12.19
C SER B 22 -44.04 -35.25 12.82
N ALA B 23 -44.01 -36.36 12.09
CA ALA B 23 -43.30 -37.54 12.56
C ALA B 23 -41.83 -37.21 12.78
N PHE B 24 -41.23 -36.50 11.83
CA PHE B 24 -39.82 -36.12 11.92
C PHE B 24 -39.54 -35.39 13.22
N PHE B 25 -40.36 -34.40 13.56
CA PHE B 25 -40.01 -33.62 14.76
C PHE B 25 -40.45 -34.34 16.02
N GLU B 26 -41.46 -35.20 15.94
CA GLU B 26 -41.90 -35.89 17.15
C GLU B 26 -40.87 -36.93 17.59
N GLU B 27 -40.14 -37.52 16.64
CA GLU B 27 -39.02 -38.36 17.06
C GLU B 27 -37.72 -37.57 17.20
N LYS B 28 -37.29 -36.90 16.13
CA LYS B 28 -36.06 -36.13 16.19
C LYS B 28 -36.25 -34.79 16.91
N GLY B 29 -37.09 -33.93 16.35
CA GLY B 29 -37.15 -32.55 16.80
C GLY B 29 -36.10 -31.70 16.09
N LEU B 30 -35.43 -30.83 16.85
CA LEU B 30 -34.38 -30.00 16.26
C LEU B 30 -33.14 -29.95 17.14
N VAL B 31 -33.10 -30.71 18.24
CA VAL B 31 -31.97 -30.70 19.17
C VAL B 31 -31.38 -32.09 19.17
N SER B 32 -32.02 -33.01 18.43
CA SER B 32 -31.62 -34.41 18.43
C SER B 32 -30.14 -34.57 18.14
N GLN B 33 -29.61 -33.79 17.20
CA GLN B 33 -28.19 -33.85 16.89
C GLN B 33 -27.34 -33.51 18.12
N GLN B 34 -27.70 -32.45 18.83
CA GLN B 34 -26.93 -32.04 20.00
C GLN B 34 -27.07 -33.06 21.13
N LEU B 35 -28.30 -33.53 21.36
CA LEU B 35 -28.54 -34.51 22.41
C LEU B 35 -27.73 -35.77 22.16
N ASP B 36 -27.84 -36.33 20.95
CA ASP B 36 -27.12 -37.56 20.62
C ASP B 36 -25.62 -37.32 20.61
N SER B 37 -25.18 -36.12 20.24
CA SER B 37 -23.77 -35.81 20.25
C SER B 37 -23.21 -35.87 21.67
N PHE B 38 -23.89 -35.22 22.62
CA PHE B 38 -23.37 -35.15 23.98
C PHE B 38 -23.56 -36.48 24.70
N ASP B 39 -24.61 -37.22 24.32
CA ASP B 39 -24.79 -38.57 24.84
C ASP B 39 -23.71 -39.52 24.33
N GLU B 40 -23.38 -39.41 23.03
CA GLU B 40 -22.26 -40.16 22.46
C GLU B 40 -20.96 -39.78 23.15
N PHE B 41 -20.84 -38.50 23.49
CA PHE B 41 -19.73 -38.02 24.30
C PHE B 41 -19.58 -38.84 25.58
N MET B 42 -20.60 -38.82 26.45
CA MET B 42 -20.49 -39.63 27.67
C MET B 42 -21.10 -41.02 27.56
N GLU B 43 -21.04 -41.64 26.38
CA GLU B 43 -21.32 -43.06 26.27
C GLU B 43 -20.29 -43.85 25.48
N THR B 44 -19.62 -43.23 24.50
CA THR B 44 -18.54 -43.91 23.80
C THR B 44 -17.26 -43.09 23.86
N SER B 45 -17.39 -41.78 23.71
CA SER B 45 -16.22 -40.90 23.56
C SER B 45 -15.38 -40.84 24.83
N ILE B 46 -16.01 -40.59 25.97
CA ILE B 46 -15.29 -40.42 27.23
C ILE B 46 -14.52 -41.68 27.59
N GLN B 47 -15.17 -42.84 27.47
CA GLN B 47 -14.55 -44.09 27.88
C GLN B 47 -13.32 -44.40 27.01
N ASP B 48 -13.46 -44.16 25.70
CA ASP B 48 -12.34 -44.37 24.79
C ASP B 48 -11.19 -43.40 25.07
N LEU B 49 -11.52 -42.14 25.36
CA LEU B 49 -10.49 -41.16 25.68
C LEU B 49 -9.77 -41.56 26.97
N VAL B 50 -10.50 -42.15 27.91
CA VAL B 50 -9.88 -42.61 29.16
C VAL B 50 -8.96 -43.80 28.89
N TRP B 51 -9.43 -44.77 28.10
CA TRP B 51 -8.66 -46.00 27.89
C TRP B 51 -7.82 -45.99 26.62
N GLU B 52 -7.50 -44.82 26.07
CA GLU B 52 -6.73 -44.82 24.83
C GLU B 52 -5.27 -45.22 25.05
N GLU B 53 -4.79 -45.18 26.30
CA GLU B 53 -3.50 -45.74 26.68
C GLU B 53 -3.64 -46.36 28.07
N PRO B 54 -4.17 -47.59 28.15
CA PRO B 54 -4.45 -48.19 29.47
C PRO B 54 -3.28 -48.97 30.05
N ARG B 55 -2.12 -48.33 30.25
CA ARG B 55 -0.98 -49.02 30.84
C ARG B 55 0.02 -48.03 31.41
N LEU B 56 0.19 -48.05 32.75
CA LEU B 56 1.07 -47.10 33.44
C LEU B 56 2.06 -47.90 34.29
N ILE B 57 3.33 -47.91 33.86
CA ILE B 57 4.33 -48.77 34.48
C ILE B 57 5.45 -47.93 35.09
N LEU B 58 5.86 -48.30 36.31
CA LEU B 58 7.09 -47.79 36.89
C LEU B 58 7.94 -48.97 37.33
N ASP B 59 9.17 -48.66 37.74
CA ASP B 59 10.12 -49.71 38.10
C ASP B 59 11.22 -49.14 38.98
N GLN B 60 11.90 -50.03 39.71
CA GLN B 60 13.14 -49.69 40.44
C GLN B 60 14.19 -50.75 40.14
N PRO B 61 14.74 -50.77 38.92
CA PRO B 61 15.76 -51.77 38.59
C PRO B 61 17.06 -51.49 39.33
N ALA B 62 17.39 -52.37 40.27
CA ALA B 62 18.61 -52.27 41.07
C ALA B 62 18.73 -53.45 42.02
N GLN B 63 18.32 -53.26 43.27
CA GLN B 63 18.34 -54.32 44.28
C GLN B 63 17.23 -54.05 45.27
N HIS B 64 16.89 -55.08 46.05
CA HIS B 64 15.82 -54.99 47.05
C HIS B 64 15.97 -56.06 48.10
N ASP B 69 18.72 -60.84 44.68
CA ASP B 69 19.50 -59.61 44.87
C ASP B 69 18.98 -58.51 43.95
N ASN B 70 19.34 -58.59 42.67
CA ASN B 70 18.84 -57.65 41.67
C ASN B 70 17.34 -57.82 41.51
N ILE B 71 16.64 -56.75 41.13
CA ILE B 71 15.19 -56.80 41.09
C ILE B 71 14.62 -55.80 40.10
N ASN B 72 13.43 -56.06 39.59
CA ASN B 72 12.60 -55.04 38.98
C ASN B 72 11.39 -54.77 39.86
N LYS B 73 11.55 -53.86 40.83
CA LYS B 73 10.44 -53.52 41.71
C LYS B 73 9.42 -52.72 40.91
N ARG B 74 8.41 -53.41 40.37
CA ARG B 74 7.58 -52.85 39.30
C ARG B 74 6.27 -52.31 39.85
N TYR B 75 6.27 -51.02 40.16
CA TYR B 75 5.03 -50.31 40.42
C TYR B 75 4.25 -50.17 39.11
N GLU B 76 3.15 -50.90 38.99
CA GLU B 76 2.40 -50.96 37.73
C GLU B 76 0.93 -50.68 38.03
N ILE B 77 0.42 -49.59 37.45
CA ILE B 77 -0.95 -49.14 37.68
C ILE B 77 -1.76 -49.42 36.42
N ARG B 78 -2.85 -50.18 36.57
CA ARG B 78 -3.74 -50.48 35.45
C ARG B 78 -5.01 -49.67 35.56
N PHE B 79 -5.49 -49.16 34.43
CA PHE B 79 -6.71 -48.35 34.42
C PHE B 79 -7.95 -49.25 34.33
N GLY B 80 -9.10 -48.65 34.65
CA GLY B 80 -10.35 -49.38 34.64
C GLY B 80 -11.57 -48.56 34.28
N LYS B 81 -12.71 -48.92 34.86
CA LYS B 81 -13.98 -48.34 34.45
C LYS B 81 -14.18 -46.96 35.07
N ILE B 82 -14.91 -46.11 34.34
CA ILE B 82 -15.27 -44.77 34.82
C ILE B 82 -16.58 -44.86 35.60
N TYR B 83 -16.87 -43.82 36.38
CA TYR B 83 -18.12 -43.72 37.11
C TYR B 83 -18.79 -42.38 36.83
N LEU B 84 -20.12 -42.42 36.68
CA LEU B 84 -20.93 -41.23 36.47
C LEU B 84 -21.85 -41.04 37.66
N SER B 85 -21.95 -39.81 38.14
CA SER B 85 -22.79 -39.50 39.29
C SER B 85 -23.88 -38.50 38.89
N ARG B 86 -24.98 -38.52 39.64
CA ARG B 86 -26.03 -37.56 39.39
C ARG B 86 -25.67 -36.22 40.01
N PRO B 87 -26.02 -35.10 39.36
CA PRO B 87 -25.63 -33.77 39.87
C PRO B 87 -25.93 -33.53 41.33
N THR B 88 -24.88 -33.19 42.09
CA THR B 88 -24.97 -32.88 43.50
C THR B 88 -23.97 -31.76 43.79
N MET B 89 -24.43 -30.69 44.43
CA MET B 89 -23.65 -29.46 44.45
C MET B 89 -22.85 -29.25 45.72
N THR B 90 -23.13 -30.00 46.79
CA THR B 90 -22.23 -30.09 47.93
C THR B 90 -21.96 -28.73 48.58
N GLU B 91 -22.94 -28.18 49.29
CA GLU B 91 -22.83 -26.85 49.88
C GLU B 91 -21.54 -26.74 50.70
N ALA B 92 -21.08 -25.50 50.95
CA ALA B 92 -19.82 -25.26 51.63
C ALA B 92 -19.95 -25.37 53.15
N ASP B 93 -21.03 -25.96 53.65
CA ASP B 93 -21.17 -26.19 55.08
C ASP B 93 -21.59 -27.63 55.35
N GLY B 94 -21.30 -28.52 54.40
CA GLY B 94 -21.54 -29.94 54.56
C GLY B 94 -23.01 -30.33 54.50
N THR B 95 -23.88 -29.39 54.11
CA THR B 95 -25.31 -29.65 54.00
C THR B 95 -25.58 -30.08 52.55
N THR B 96 -24.92 -31.15 52.14
CA THR B 96 -24.93 -31.59 50.75
C THR B 96 -26.34 -31.87 50.25
N HIS B 97 -26.67 -31.32 49.08
CA HIS B 97 -27.97 -31.53 48.44
C HIS B 97 -27.74 -31.83 46.96
N ALA B 98 -28.65 -32.62 46.38
CA ALA B 98 -28.67 -32.85 44.94
C ALA B 98 -29.05 -31.54 44.25
N MET B 99 -28.29 -31.19 43.22
CA MET B 99 -28.37 -29.85 42.65
C MET B 99 -29.42 -29.78 41.55
N PHE B 100 -30.22 -28.72 41.59
CA PHE B 100 -31.23 -28.42 40.60
C PHE B 100 -30.81 -27.21 39.78
N PRO B 101 -31.07 -27.22 38.47
CA PRO B 101 -30.61 -26.12 37.62
C PRO B 101 -31.11 -24.76 38.05
N GLN B 102 -32.34 -24.70 38.58
CA GLN B 102 -32.87 -23.43 39.06
C GLN B 102 -32.00 -22.87 40.19
N GLU B 103 -31.63 -23.74 41.14
CA GLU B 103 -30.75 -23.32 42.22
C GLU B 103 -29.39 -22.90 41.68
N ALA B 104 -28.89 -23.64 40.69
CA ALA B 104 -27.61 -23.29 40.07
C ALA B 104 -27.64 -21.89 39.49
N ARG B 105 -28.74 -21.55 38.80
CA ARG B 105 -28.87 -20.21 38.24
C ARG B 105 -29.01 -19.17 39.35
N LEU B 106 -29.79 -19.48 40.38
CA LEU B 106 -30.01 -18.53 41.46
C LEU B 106 -28.72 -18.22 42.21
N ARG B 107 -27.93 -19.24 42.50
CA ARG B 107 -26.69 -19.07 43.25
C ARG B 107 -25.45 -18.97 42.36
N ASN B 108 -25.63 -18.86 41.05
CA ASN B 108 -24.52 -18.78 40.09
C ASN B 108 -23.60 -19.98 40.22
N LEU B 109 -24.15 -21.16 39.93
CA LEU B 109 -23.43 -22.41 39.99
C LEU B 109 -23.29 -23.00 38.60
N THR B 110 -22.56 -24.12 38.52
CA THR B 110 -22.26 -24.78 37.27
C THR B 110 -23.04 -26.09 37.21
N TYR B 111 -23.72 -26.34 36.08
CA TYR B 111 -24.41 -27.61 35.92
C TYR B 111 -23.40 -28.71 35.68
N SER B 112 -22.74 -29.15 36.74
CA SER B 112 -21.61 -30.06 36.65
C SER B 112 -21.77 -31.17 37.68
N SER B 113 -21.33 -32.37 37.30
CA SER B 113 -21.51 -33.58 38.10
C SER B 113 -20.16 -34.25 38.34
N PRO B 114 -19.98 -34.93 39.48
CA PRO B 114 -18.67 -35.55 39.74
C PRO B 114 -18.52 -36.87 39.00
N VAL B 115 -17.28 -37.20 38.65
CA VAL B 115 -16.95 -38.44 37.94
C VAL B 115 -15.82 -39.15 38.67
N TYR B 116 -15.76 -40.47 38.51
CA TYR B 116 -14.80 -41.29 39.23
C TYR B 116 -14.30 -42.41 38.32
N LEU B 117 -13.15 -42.98 38.68
CA LEU B 117 -12.47 -43.99 37.88
C LEU B 117 -11.87 -45.07 38.78
N ASP B 118 -11.50 -46.19 38.17
CA ASP B 118 -10.85 -47.32 38.84
C ASP B 118 -9.44 -47.48 38.28
N MET B 119 -8.47 -46.84 38.93
CA MET B 119 -7.06 -47.00 38.55
C MET B 119 -6.36 -47.98 39.50
N GLU B 120 -6.64 -49.27 39.25
CA GLU B 120 -6.12 -50.33 40.10
C GLU B 120 -4.61 -50.46 39.95
N LYS B 121 -4.00 -51.12 40.93
CA LYS B 121 -2.55 -51.26 41.03
C LYS B 121 -2.18 -52.74 40.98
N SER B 122 -1.00 -53.02 40.42
CA SER B 122 -0.54 -54.40 40.28
C SER B 122 0.98 -54.47 40.45
N MET B 123 1.44 -55.04 41.56
CA MET B 123 2.85 -54.94 41.94
C MET B 123 3.62 -56.16 41.45
N PHE B 124 4.74 -55.92 40.74
CA PHE B 124 5.47 -57.00 40.09
C PHE B 124 6.96 -57.01 40.40
N THR B 125 7.34 -56.96 41.67
CA THR B 125 8.75 -57.14 42.02
C THR B 125 9.29 -58.44 41.44
N SER B 126 10.29 -58.35 40.56
CA SER B 126 10.81 -59.53 39.86
C SER B 126 12.33 -59.50 39.88
N ILE B 127 12.91 -60.69 40.04
CA ILE B 127 14.34 -60.89 40.29
C ILE B 127 15.19 -60.45 39.10
N ASP B 128 14.60 -60.48 37.90
CA ASP B 128 15.30 -60.42 36.60
C ASP B 128 16.81 -60.62 36.67
N GLY B 153 -10.84 -51.02 40.90
CA GLY B 153 -10.93 -51.18 42.34
C GLY B 153 -10.98 -49.87 43.10
N ASN B 154 -9.84 -49.20 43.18
CA ASN B 154 -9.74 -47.93 43.88
C ASN B 154 -10.55 -46.86 43.16
N LYS B 155 -11.33 -46.08 43.91
CA LYS B 155 -12.28 -45.13 43.35
C LYS B 155 -11.86 -43.72 43.74
N VAL B 156 -11.24 -43.01 42.80
CA VAL B 156 -10.83 -41.62 43.03
C VAL B 156 -11.73 -40.70 42.22
N HIS B 157 -11.82 -39.45 42.66
CA HIS B 157 -12.64 -38.44 42.00
C HIS B 157 -11.80 -37.78 40.91
N ILE B 158 -12.13 -38.06 39.66
CA ILE B 158 -11.38 -37.49 38.55
C ILE B 158 -11.65 -36.00 38.43
N GLY B 159 -12.91 -35.60 38.54
CA GLY B 159 -13.24 -34.20 38.44
C GLY B 159 -14.73 -33.97 38.38
N LYS B 160 -15.09 -32.78 37.91
CA LYS B 160 -16.48 -32.33 37.86
C LYS B 160 -16.76 -31.79 36.46
N VAL B 161 -17.72 -32.44 35.79
CA VAL B 161 -17.96 -32.23 34.37
C VAL B 161 -19.24 -31.43 34.19
N PRO B 162 -19.19 -30.24 33.59
CA PRO B 162 -20.42 -29.55 33.21
C PRO B 162 -21.24 -30.38 32.23
N ILE B 163 -22.55 -30.36 32.41
CA ILE B 163 -23.46 -31.24 31.69
C ILE B 163 -24.42 -30.43 30.86
N MET B 164 -24.63 -30.86 29.61
CA MET B 164 -25.69 -30.29 28.79
C MET B 164 -27.04 -30.59 29.42
N LEU B 165 -27.94 -29.60 29.39
CA LEU B 165 -29.11 -29.59 30.26
C LEU B 165 -30.22 -30.54 29.82
N ARG B 166 -30.02 -31.29 28.73
CA ARG B 166 -31.00 -32.30 28.36
C ARG B 166 -30.34 -33.60 27.94
N SER B 167 -29.18 -33.91 28.52
CA SER B 167 -28.59 -35.23 28.37
C SER B 167 -29.42 -36.23 29.17
N LYS B 168 -29.06 -37.51 29.11
CA LYS B 168 -29.81 -38.55 29.79
C LYS B 168 -29.51 -38.60 31.29
N PHE B 169 -28.44 -37.95 31.74
CA PHE B 169 -28.08 -37.94 33.15
C PHE B 169 -28.34 -36.58 33.80
N CYS B 170 -29.15 -35.73 33.16
CA CYS B 170 -29.52 -34.44 33.72
C CYS B 170 -30.41 -34.69 34.93
N SER B 171 -30.35 -33.77 35.90
CA SER B 171 -31.11 -33.91 37.14
C SER B 171 -32.59 -34.11 36.87
N LEU B 172 -33.17 -33.26 36.03
CA LEU B 172 -34.58 -33.37 35.67
C LEU B 172 -34.73 -34.07 34.32
N ARG B 173 -34.51 -35.38 34.29
CA ARG B 173 -34.67 -36.14 33.06
C ARG B 173 -35.88 -37.06 33.17
N THR B 174 -35.92 -37.88 34.22
CA THR B 174 -37.05 -38.77 34.45
C THR B 174 -38.24 -38.00 35.03
N LEU B 175 -37.95 -36.92 35.75
CA LEU B 175 -39.00 -36.15 36.41
C LEU B 175 -39.99 -35.61 35.38
N ASP B 176 -41.28 -35.73 35.70
CA ASP B 176 -42.34 -35.38 34.76
C ASP B 176 -42.67 -33.89 34.87
N GLU B 177 -43.67 -33.45 34.10
CA GLU B 177 -44.02 -32.04 34.00
C GLU B 177 -44.50 -31.46 35.32
N VAL B 178 -45.25 -32.24 36.10
CA VAL B 178 -45.75 -31.75 37.38
C VAL B 178 -44.57 -31.53 38.31
N ASP B 179 -43.59 -32.43 38.26
CA ASP B 179 -42.34 -32.19 38.97
C ASP B 179 -41.68 -30.92 38.46
N LEU B 180 -41.62 -30.78 37.13
CA LEU B 180 -41.16 -29.53 36.54
C LEU B 180 -42.01 -28.36 37.00
N TYR B 181 -43.30 -28.60 37.22
CA TYR B 181 -44.17 -27.55 37.77
C TYR B 181 -43.74 -27.19 39.19
N LYS B 182 -43.10 -28.12 39.90
CA LYS B 182 -42.55 -27.77 41.21
C LYS B 182 -41.17 -27.14 41.10
N MET B 183 -40.42 -27.45 40.03
CA MET B 183 -39.09 -26.82 39.99
C MET B 183 -39.01 -25.59 39.06
N LYS B 184 -40.12 -25.07 38.52
CA LYS B 184 -40.17 -23.75 37.90
C LYS B 184 -39.23 -23.63 36.71
N GLU B 185 -39.49 -24.43 35.67
CA GLU B 185 -38.74 -24.37 34.43
C GLU B 185 -39.70 -24.12 33.27
N CYS B 186 -39.23 -23.36 32.27
CA CYS B 186 -40.09 -23.05 31.13
C CYS B 186 -40.20 -24.27 30.22
N PRO B 187 -41.39 -24.85 30.05
CA PRO B 187 -41.52 -26.05 29.21
C PRO B 187 -41.07 -25.84 27.78
N TYR B 188 -41.26 -24.64 27.24
CA TYR B 188 -40.75 -24.33 25.91
C TYR B 188 -39.26 -24.11 25.89
N ASP B 189 -38.67 -23.67 27.01
CA ASP B 189 -37.21 -23.63 27.11
C ASP B 189 -36.67 -25.05 26.96
N MET B 190 -35.97 -25.29 25.85
CA MET B 190 -35.64 -26.64 25.43
C MET B 190 -34.16 -26.97 25.60
N GLY B 191 -33.54 -26.53 26.69
CA GLY B 191 -32.22 -27.01 27.08
C GLY B 191 -31.20 -26.91 25.95
N GLY B 192 -30.36 -27.93 25.86
CA GLY B 192 -29.34 -28.00 24.82
C GLY B 192 -28.09 -27.20 25.10
N TYR B 193 -28.00 -26.53 26.25
CA TYR B 193 -26.85 -25.71 26.58
C TYR B 193 -26.15 -26.23 27.82
N PHE B 194 -25.20 -25.48 28.35
CA PHE B 194 -24.50 -25.81 29.58
C PHE B 194 -24.65 -24.66 30.55
N VAL B 195 -24.74 -24.98 31.84
CA VAL B 195 -24.84 -23.98 32.89
C VAL B 195 -23.53 -23.99 33.66
N ILE B 196 -22.86 -22.84 33.70
CA ILE B 196 -21.59 -22.68 34.39
C ILE B 196 -21.64 -21.36 35.15
N ASN B 197 -21.55 -21.44 36.48
CA ASN B 197 -21.54 -20.25 37.34
C ASN B 197 -22.76 -19.37 37.07
N GLY B 198 -23.93 -20.00 36.95
CA GLY B 198 -25.16 -19.30 36.66
C GLY B 198 -25.27 -18.71 35.28
N SER B 199 -24.21 -18.75 34.48
CA SER B 199 -24.25 -18.27 33.11
C SER B 199 -24.48 -19.44 32.17
N GLU B 200 -25.38 -19.26 31.21
CA GLU B 200 -25.68 -20.32 30.27
C GLU B 200 -24.83 -20.16 29.02
N LYS B 201 -23.92 -21.11 28.81
CA LYS B 201 -22.99 -21.09 27.69
C LYS B 201 -23.32 -22.23 26.75
N VAL B 202 -23.33 -21.94 25.45
CA VAL B 202 -23.61 -22.91 24.40
C VAL B 202 -22.34 -23.13 23.59
N LEU B 203 -22.05 -24.39 23.30
CA LEU B 203 -20.89 -24.76 22.50
C LEU B 203 -21.26 -24.75 21.02
N ILE B 204 -20.82 -23.73 20.32
CA ILE B 204 -21.11 -23.59 18.90
C ILE B 204 -20.33 -24.65 18.13
N ALA B 205 -21.05 -25.47 17.37
CA ALA B 205 -20.41 -26.48 16.53
C ALA B 205 -19.55 -25.81 15.47
N GLN B 206 -18.42 -26.42 15.18
CA GLN B 206 -17.43 -25.86 14.26
C GLN B 206 -17.28 -26.74 13.04
N GLU B 207 -17.52 -26.18 11.86
CA GLU B 207 -17.39 -26.92 10.62
C GLU B 207 -15.94 -26.93 10.15
N ARG B 208 -15.45 -28.11 9.79
CA ARG B 208 -14.08 -28.26 9.32
C ARG B 208 -14.05 -29.25 8.18
N SER B 209 -13.00 -29.16 7.36
CA SER B 209 -12.88 -30.03 6.21
C SER B 209 -12.74 -31.49 6.64
N ALA B 210 -13.48 -32.36 5.95
CA ALA B 210 -13.35 -33.78 6.18
C ALA B 210 -11.99 -34.27 5.70
N ALA B 211 -11.37 -35.12 6.51
CA ALA B 211 -10.00 -35.55 6.26
C ALA B 211 -9.98 -36.74 5.31
N ASN B 212 -8.77 -37.16 4.96
CA ASN B 212 -8.52 -38.42 4.25
C ASN B 212 -9.07 -38.39 2.83
N ILE B 213 -8.96 -37.22 2.19
CA ILE B 213 -9.44 -37.01 0.83
C ILE B 213 -8.31 -36.36 0.04
N VAL B 214 -8.16 -36.76 -1.23
CA VAL B 214 -7.17 -36.13 -2.09
C VAL B 214 -7.60 -34.70 -2.39
N GLN B 215 -6.67 -33.75 -2.22
CA GLN B 215 -6.91 -32.33 -2.49
C GLN B 215 -5.79 -31.83 -3.40
N VAL B 216 -6.00 -31.92 -4.70
CA VAL B 216 -5.05 -31.40 -5.68
C VAL B 216 -5.43 -29.97 -6.02
N PHE B 217 -4.48 -29.05 -5.88
CA PHE B 217 -4.70 -27.63 -6.13
C PHE B 217 -3.67 -27.12 -7.12
N LYS B 218 -4.04 -26.06 -7.84
CA LYS B 218 -3.14 -25.44 -8.81
C LYS B 218 -2.29 -24.39 -8.09
N LYS B 219 -1.01 -24.72 -7.90
CA LYS B 219 -0.09 -23.78 -7.27
C LYS B 219 0.22 -22.63 -8.23
N ALA B 220 0.64 -21.51 -7.64
CA ALA B 220 0.92 -20.30 -8.43
C ALA B 220 2.01 -20.57 -9.45
N ALA B 221 1.85 -19.99 -10.64
CA ALA B 221 2.83 -20.17 -11.70
C ALA B 221 4.23 -19.68 -11.34
N PRO B 222 4.42 -18.47 -10.76
CA PRO B 222 5.79 -18.06 -10.39
C PRO B 222 6.30 -18.81 -9.18
N SER B 223 6.30 -20.14 -9.23
CA SER B 223 6.73 -20.99 -8.14
C SER B 223 7.16 -22.32 -8.72
N PRO B 224 8.16 -22.98 -8.13
CA PRO B 224 8.57 -24.29 -8.65
C PRO B 224 7.47 -25.34 -8.58
N ILE B 225 6.50 -25.17 -7.69
CA ILE B 225 5.40 -26.11 -7.55
C ILE B 225 4.30 -25.74 -8.54
N SER B 226 3.75 -26.75 -9.21
CA SER B 226 2.63 -26.56 -10.12
C SER B 226 1.31 -27.04 -9.53
N HIS B 227 1.25 -28.29 -9.08
CA HIS B 227 0.04 -28.87 -8.51
C HIS B 227 0.37 -29.55 -7.19
N VAL B 228 -0.43 -29.26 -6.17
CA VAL B 228 -0.22 -29.79 -4.83
C VAL B 228 -1.30 -30.81 -4.50
N ALA B 229 -0.97 -32.10 -4.61
CA ALA B 229 -1.89 -33.14 -4.19
C ALA B 229 -1.85 -33.27 -2.66
N GLU B 230 -2.90 -32.79 -2.01
CA GLU B 230 -2.94 -32.74 -0.55
C GLU B 230 -3.92 -33.77 -0.03
N ILE B 231 -3.55 -34.41 1.08
CA ILE B 231 -4.48 -35.23 1.84
C ILE B 231 -4.16 -35.08 3.32
N ARG B 232 -5.18 -34.69 4.09
CA ARG B 232 -5.08 -34.60 5.55
C ARG B 232 -5.28 -35.98 6.14
N SER B 233 -4.30 -36.85 5.88
CA SER B 233 -4.43 -38.24 6.30
C SER B 233 -4.39 -38.36 7.82
N ALA B 234 -5.56 -38.53 8.43
CA ALA B 234 -5.69 -38.58 9.88
C ALA B 234 -6.73 -39.63 10.25
N LEU B 235 -6.56 -40.21 11.44
CA LEU B 235 -7.41 -41.28 11.92
C LEU B 235 -8.88 -40.91 11.82
N GLU B 236 -9.64 -41.71 11.08
CA GLU B 236 -11.07 -41.45 10.90
C GLU B 236 -11.80 -41.45 12.24
N LYS B 237 -11.57 -42.48 13.05
CA LYS B 237 -12.16 -42.52 14.38
C LYS B 237 -11.61 -41.40 15.24
N GLY B 238 -12.50 -40.74 15.97
CA GLY B 238 -12.13 -39.57 16.75
C GLY B 238 -12.08 -38.31 15.90
N SER B 239 -11.88 -38.49 14.59
CA SER B 239 -11.79 -37.36 13.65
C SER B 239 -10.73 -36.35 14.09
N ARG B 240 -9.61 -36.83 14.61
CA ARG B 240 -8.56 -35.99 15.13
C ARG B 240 -7.36 -36.02 14.19
N LEU B 241 -6.64 -34.90 14.12
CA LEU B 241 -5.51 -34.78 13.21
C LEU B 241 -4.34 -35.62 13.70
N ILE B 242 -3.82 -36.46 12.81
CA ILE B 242 -2.59 -37.20 13.07
C ILE B 242 -1.43 -36.68 12.23
N SER B 243 -1.65 -36.47 10.94
CA SER B 243 -0.64 -35.93 10.04
C SER B 243 -1.33 -35.53 8.74
N THR B 244 -0.53 -35.10 7.78
CA THR B 244 -1.01 -34.77 6.45
C THR B 244 0.16 -34.82 5.48
N MET B 245 -0.15 -34.83 4.19
CA MET B 245 0.90 -34.91 3.19
C MET B 245 0.49 -34.18 1.92
N GLN B 246 1.41 -33.40 1.39
CA GLN B 246 1.20 -32.62 0.18
C GLN B 246 2.32 -32.93 -0.80
N ILE B 247 1.98 -33.57 -1.91
CA ILE B 247 2.93 -33.91 -2.96
C ILE B 247 2.94 -32.78 -3.97
N LYS B 248 4.11 -32.18 -4.18
CA LYS B 248 4.26 -31.01 -5.04
C LYS B 248 4.93 -31.42 -6.35
N LEU B 249 4.43 -30.89 -7.46
CA LEU B 249 4.93 -31.20 -8.79
C LEU B 249 5.82 -30.06 -9.26
N TYR B 250 7.05 -30.38 -9.65
CA TYR B 250 8.01 -29.38 -10.08
C TYR B 250 7.98 -29.21 -11.60
N GLY B 251 8.59 -28.11 -12.05
CA GLY B 251 8.82 -27.90 -13.46
C GLY B 251 7.66 -27.22 -14.18
N ARG B 252 7.94 -26.84 -15.42
CA ARG B 252 6.96 -26.22 -16.31
C ARG B 252 6.97 -26.92 -17.66
N GLU B 253 6.27 -26.35 -18.64
CA GLU B 253 6.30 -26.86 -20.01
C GLU B 253 7.33 -26.08 -20.81
N ASP B 254 8.29 -26.80 -21.40
CA ASP B 254 9.44 -26.22 -22.09
C ASP B 254 10.23 -25.29 -21.17
N LYS B 255 10.16 -25.53 -19.86
CA LYS B 255 10.79 -24.68 -18.86
C LYS B 255 10.89 -25.46 -17.56
N GLY B 256 11.95 -25.20 -16.80
CA GLY B 256 12.13 -25.86 -15.53
C GLY B 256 12.47 -27.32 -15.60
N THR B 257 13.12 -27.76 -16.68
CA THR B 257 13.54 -29.15 -16.87
C THR B 257 12.37 -30.11 -16.81
N GLY B 258 12.61 -31.34 -16.35
CA GLY B 258 11.58 -32.35 -16.33
C GLY B 258 10.54 -32.12 -15.25
N ARG B 259 9.45 -32.88 -15.35
CA ARG B 259 8.33 -32.77 -14.42
C ARG B 259 8.61 -33.63 -13.18
N THR B 260 9.67 -33.26 -12.48
CA THR B 260 10.09 -33.98 -11.29
C THR B 260 9.09 -33.76 -10.15
N ILE B 261 9.00 -34.77 -9.29
CA ILE B 261 8.09 -34.72 -8.14
C ILE B 261 8.90 -35.03 -6.89
N LYS B 262 9.01 -34.05 -5.98
CA LYS B 262 9.66 -34.24 -4.70
C LYS B 262 8.78 -33.63 -3.61
N ALA B 263 8.29 -34.47 -2.71
CA ALA B 263 7.41 -34.02 -1.65
C ALA B 263 8.13 -34.02 -0.31
N THR B 264 7.75 -33.11 0.58
CA THR B 264 8.29 -33.07 1.93
C THR B 264 7.38 -33.91 2.82
N LEU B 265 7.86 -35.08 3.21
CA LEU B 265 7.16 -35.93 4.16
C LEU B 265 7.06 -35.22 5.51
N PRO B 266 6.09 -35.62 6.34
CA PRO B 266 6.02 -35.03 7.68
C PRO B 266 7.34 -35.21 8.42
N TYR B 267 7.80 -34.13 9.03
CA TYR B 267 9.07 -34.09 9.76
C TYR B 267 10.24 -34.64 8.93
N VAL B 268 10.40 -34.07 7.73
CA VAL B 268 11.66 -34.18 6.99
C VAL B 268 12.01 -32.77 6.51
N LYS B 269 13.31 -32.52 6.31
CA LYS B 269 13.80 -31.19 5.99
C LYS B 269 14.18 -31.04 4.52
N GLN B 270 13.54 -31.80 3.63
CA GLN B 270 13.81 -31.67 2.20
C GLN B 270 12.71 -32.39 1.43
N ASP B 271 12.41 -31.85 0.25
CA ASP B 271 11.51 -32.52 -0.68
C ASP B 271 12.22 -33.73 -1.30
N ILE B 272 11.79 -34.92 -0.90
CA ILE B 272 12.36 -36.18 -1.37
C ILE B 272 11.54 -36.65 -2.56
N PRO B 273 12.18 -37.13 -3.64
CA PRO B 273 11.42 -37.60 -4.79
C PRO B 273 10.52 -38.79 -4.44
N ILE B 274 9.39 -38.87 -5.14
CA ILE B 274 8.38 -39.87 -4.82
C ILE B 274 8.84 -41.27 -5.22
N VAL B 275 9.53 -41.39 -6.35
CA VAL B 275 10.04 -42.70 -6.74
C VAL B 275 11.01 -43.21 -5.68
N ILE B 276 11.80 -42.32 -5.09
CA ILE B 276 12.73 -42.72 -4.04
C ILE B 276 11.98 -43.25 -2.83
N VAL B 277 10.91 -42.58 -2.41
CA VAL B 277 10.19 -43.07 -1.24
C VAL B 277 9.47 -44.38 -1.58
N PHE B 278 9.07 -44.57 -2.83
CA PHE B 278 8.56 -45.88 -3.25
C PHE B 278 9.62 -46.96 -3.10
N ARG B 279 10.87 -46.65 -3.48
CA ARG B 279 11.96 -47.57 -3.19
C ARG B 279 12.07 -47.82 -1.69
N ALA B 280 12.00 -46.76 -0.89
CA ALA B 280 12.12 -46.88 0.55
C ALA B 280 10.94 -47.59 1.18
N LEU B 281 9.76 -47.52 0.56
CA LEU B 281 8.56 -48.08 1.14
C LEU B 281 8.32 -49.52 0.70
N GLY B 282 9.23 -50.11 -0.08
CA GLY B 282 9.15 -51.52 -0.40
C GLY B 282 9.29 -51.87 -1.87
N VAL B 283 8.70 -51.06 -2.75
CA VAL B 283 8.73 -51.33 -4.19
C VAL B 283 9.87 -50.51 -4.79
N VAL B 284 11.03 -51.14 -4.91
CA VAL B 284 12.21 -50.49 -5.49
C VAL B 284 12.15 -50.42 -7.02
N PRO B 285 11.60 -51.40 -7.76
CA PRO B 285 11.56 -51.23 -9.21
C PRO B 285 10.49 -50.26 -9.63
N ASP B 286 10.77 -49.50 -10.70
CA ASP B 286 9.90 -48.41 -11.10
C ASP B 286 8.62 -48.89 -11.75
N GLY B 287 8.65 -50.07 -12.38
CA GLY B 287 7.42 -50.62 -12.94
C GLY B 287 6.37 -50.88 -11.88
N GLU B 288 6.81 -51.26 -10.68
CA GLU B 288 5.88 -51.33 -9.55
C GLU B 288 5.35 -49.95 -9.20
N ILE B 289 6.21 -48.93 -9.28
CA ILE B 289 5.75 -47.58 -8.98
C ILE B 289 4.65 -47.16 -9.95
N LEU B 290 4.80 -47.52 -11.23
CA LEU B 290 3.75 -47.24 -12.20
C LEU B 290 2.52 -48.12 -11.98
N GLN B 291 2.71 -49.41 -11.71
CA GLN B 291 1.58 -50.28 -11.41
C GLN B 291 0.76 -49.71 -10.26
N HIS B 292 1.42 -48.97 -9.37
CA HIS B 292 0.74 -48.23 -8.32
C HIS B 292 0.16 -46.91 -8.85
N ILE B 293 0.84 -46.28 -9.81
CA ILE B 293 0.38 -45.02 -10.40
C ILE B 293 -0.39 -45.27 -11.68
N CYS B 294 0.30 -45.81 -12.69
CA CYS B 294 -0.28 -46.07 -14.00
C CYS B 294 -1.46 -47.02 -13.90
N TYR B 295 -2.65 -46.57 -14.31
CA TYR B 295 -3.81 -47.44 -14.36
C TYR B 295 -4.59 -47.28 -15.67
N ASP B 296 -4.22 -46.34 -16.52
CA ASP B 296 -4.65 -46.29 -17.92
C ASP B 296 -3.38 -46.42 -18.76
N GLU B 297 -2.97 -47.67 -18.99
CA GLU B 297 -1.71 -47.92 -19.68
C GLU B 297 -1.75 -47.52 -21.14
N ASN B 298 -2.93 -47.21 -21.68
CA ASN B 298 -3.04 -46.81 -23.07
C ASN B 298 -2.43 -45.44 -23.32
N ASP B 299 -2.07 -44.71 -22.27
CA ASP B 299 -1.57 -43.35 -22.39
C ASP B 299 -0.05 -43.35 -22.44
N TRP B 300 0.52 -42.56 -23.35
CA TRP B 300 1.97 -42.41 -23.46
C TRP B 300 2.46 -41.10 -22.85
N GLN B 301 1.61 -40.07 -22.81
CA GLN B 301 2.04 -38.77 -22.30
C GLN B 301 2.43 -38.86 -20.83
N MET B 302 1.66 -39.59 -20.03
CA MET B 302 1.99 -39.72 -18.62
C MET B 302 3.26 -40.54 -18.42
N LEU B 303 3.51 -41.53 -19.28
CA LEU B 303 4.76 -42.27 -19.23
C LEU B 303 5.95 -41.35 -19.49
N GLU B 304 5.89 -40.59 -20.58
CA GLU B 304 7.00 -39.69 -20.90
C GLU B 304 7.10 -38.52 -19.93
N MET B 305 6.04 -38.23 -19.17
CA MET B 305 6.10 -37.19 -18.16
C MET B 305 6.66 -37.70 -16.84
N LEU B 306 6.45 -38.99 -16.53
CA LEU B 306 7.06 -39.58 -15.34
C LEU B 306 8.47 -40.06 -15.60
N LYS B 307 8.91 -40.11 -16.87
CA LYS B 307 10.32 -40.41 -17.17
C LYS B 307 11.31 -39.54 -16.41
N PRO B 308 11.16 -38.20 -16.34
CA PRO B 308 12.13 -37.42 -15.55
C PRO B 308 12.17 -37.80 -14.08
N CYS B 309 11.03 -38.17 -13.49
CA CYS B 309 11.04 -38.65 -12.12
C CYS B 309 11.88 -39.90 -11.98
N ILE B 310 11.76 -40.82 -12.93
CA ILE B 310 12.59 -42.02 -12.93
C ILE B 310 14.06 -41.65 -13.06
N GLU B 311 14.36 -40.67 -13.92
CA GLU B 311 15.74 -40.25 -14.10
C GLU B 311 16.33 -39.69 -12.82
N GLU B 312 15.57 -38.86 -12.11
CA GLU B 312 16.11 -38.25 -10.90
C GLU B 312 16.18 -39.23 -9.74
N GLY B 313 15.19 -40.11 -9.62
CA GLY B 313 15.26 -41.15 -8.59
C GLY B 313 16.17 -42.29 -8.94
N PHE B 314 16.73 -42.29 -10.15
CA PHE B 314 17.60 -43.38 -10.59
C PHE B 314 18.85 -43.49 -9.72
N VAL B 315 19.26 -42.38 -9.08
CA VAL B 315 20.37 -42.43 -8.14
C VAL B 315 20.06 -43.38 -6.98
N ILE B 316 18.77 -43.56 -6.69
CA ILE B 316 18.32 -44.50 -5.68
C ILE B 316 17.84 -45.76 -6.39
N GLN B 317 18.44 -46.90 -6.06
CA GLN B 317 18.11 -48.15 -6.73
C GLN B 317 17.75 -49.26 -5.74
N ASP B 318 17.55 -48.95 -4.47
CA ASP B 318 17.18 -49.97 -3.49
C ASP B 318 16.53 -49.29 -2.29
N LYS B 319 15.94 -50.12 -1.43
CA LYS B 319 15.22 -49.63 -0.26
C LYS B 319 16.16 -49.04 0.76
N GLU B 320 17.36 -49.61 0.89
CA GLU B 320 18.33 -49.15 1.88
C GLU B 320 18.78 -47.72 1.59
N VAL B 321 19.21 -47.46 0.35
CA VAL B 321 19.68 -46.11 0.02
C VAL B 321 18.54 -45.12 0.08
N ALA B 322 17.33 -45.53 -0.31
CA ALA B 322 16.18 -44.62 -0.25
C ALA B 322 15.84 -44.25 1.18
N LEU B 323 15.85 -45.24 2.08
CA LEU B 323 15.55 -44.96 3.48
C LEU B 323 16.63 -44.10 4.11
N ASP B 324 17.90 -44.35 3.78
CA ASP B 324 18.97 -43.47 4.27
C ASP B 324 18.80 -42.05 3.73
N PHE B 325 18.44 -41.93 2.45
CA PHE B 325 18.15 -40.64 1.83
C PHE B 325 17.09 -39.89 2.61
N ILE B 326 16.00 -40.57 2.94
CA ILE B 326 14.93 -39.93 3.71
C ILE B 326 15.43 -39.55 5.10
N GLY B 327 16.16 -40.45 5.75
CA GLY B 327 16.59 -40.20 7.11
C GLY B 327 17.56 -39.04 7.24
N ARG B 328 18.41 -38.85 6.24
CA ARG B 328 19.35 -37.73 6.27
C ARG B 328 18.60 -36.41 6.40
N ARG B 329 17.54 -36.26 5.61
CA ARG B 329 16.70 -35.07 5.64
C ARG B 329 15.56 -35.20 6.65
N GLY B 330 15.44 -36.33 7.32
CA GLY B 330 14.36 -36.63 8.21
C GLY B 330 14.26 -35.81 9.48
N SER B 331 15.06 -34.75 9.60
CA SER B 331 15.03 -33.85 10.75
C SER B 331 15.37 -34.55 12.05
N ALA B 332 15.94 -35.75 11.97
CA ALA B 332 16.34 -36.49 13.16
C ALA B 332 17.64 -35.87 13.71
N ALA B 333 18.10 -36.38 14.85
CA ALA B 333 19.30 -35.88 15.47
C ALA B 333 20.52 -36.36 14.68
N LEU B 334 21.71 -35.92 15.09
CA LEU B 334 22.96 -36.30 14.45
C LEU B 334 23.61 -37.43 15.23
N GLY B 335 24.47 -38.18 14.56
CA GLY B 335 25.06 -39.37 15.13
C GLY B 335 24.16 -40.59 15.10
N ILE B 336 22.96 -40.47 14.54
CA ILE B 336 22.05 -41.61 14.48
C ILE B 336 22.59 -42.69 13.56
N ARG B 337 23.49 -42.34 12.64
CA ARG B 337 24.16 -43.28 11.76
C ARG B 337 23.18 -43.89 10.76
N ARG B 338 23.69 -44.60 9.75
CA ARG B 338 22.86 -45.09 8.66
C ARG B 338 21.79 -46.07 9.13
N GLU B 339 22.14 -46.96 10.06
CA GLU B 339 21.19 -47.99 10.51
C GLU B 339 19.96 -47.37 11.17
N LYS B 340 20.16 -46.61 12.26
CA LYS B 340 19.04 -45.95 12.90
C LYS B 340 18.39 -44.90 11.99
N ARG B 341 19.15 -44.31 11.07
CA ARG B 341 18.58 -43.39 10.10
C ARG B 341 17.54 -44.10 9.22
N ILE B 342 17.91 -45.28 8.71
CA ILE B 342 17.00 -46.07 7.90
C ILE B 342 15.82 -46.53 8.74
N GLN B 343 16.06 -46.93 9.99
CA GLN B 343 14.97 -47.37 10.84
C GLN B 343 13.97 -46.24 11.10
N TYR B 344 14.46 -45.04 11.39
CA TYR B 344 13.58 -43.90 11.62
C TYR B 344 12.85 -43.50 10.35
N ALA B 345 13.52 -43.55 9.20
CA ALA B 345 12.83 -43.26 7.94
C ALA B 345 11.73 -44.28 7.67
N LYS B 346 12.00 -45.55 7.95
CA LYS B 346 10.98 -46.58 7.81
C LYS B 346 9.82 -46.35 8.76
N ASP B 347 10.10 -45.97 10.00
CA ASP B 347 9.02 -45.70 10.95
C ASP B 347 8.17 -44.53 10.49
N ILE B 348 8.80 -43.46 10.02
CA ILE B 348 8.05 -42.28 9.63
C ILE B 348 7.34 -42.49 8.30
N LEU B 349 7.83 -43.44 7.49
CA LEU B 349 7.05 -43.91 6.34
C LEU B 349 5.90 -44.80 6.79
N GLN B 350 6.04 -45.42 7.95
CA GLN B 350 5.03 -46.31 8.53
C GLN B 350 4.04 -45.53 9.40
N LYS B 351 4.56 -44.86 10.43
CA LYS B 351 3.73 -44.03 11.28
C LYS B 351 3.79 -42.57 10.82
N GLU B 352 2.65 -41.88 10.96
CA GLU B 352 2.44 -40.50 10.54
C GLU B 352 2.45 -40.34 9.03
N LEU B 353 2.71 -41.40 8.26
CA LEU B 353 2.48 -41.42 6.83
C LEU B 353 1.28 -42.32 6.58
N LEU B 354 0.23 -41.75 6.01
CA LEU B 354 -1.06 -42.40 5.85
C LEU B 354 -1.49 -43.09 7.14
N PRO B 355 -1.49 -42.40 8.28
CA PRO B 355 -1.89 -43.06 9.53
C PRO B 355 -3.34 -43.52 9.51
N HIS B 356 -4.20 -42.81 8.78
CA HIS B 356 -5.58 -43.25 8.62
C HIS B 356 -5.68 -44.57 7.89
N ILE B 357 -4.71 -44.88 7.03
CA ILE B 357 -4.64 -46.20 6.42
C ILE B 357 -4.07 -47.22 7.39
N THR B 358 -2.92 -46.91 7.99
CA THR B 358 -2.26 -47.80 8.93
C THR B 358 -1.09 -47.06 9.57
N GLN B 359 -0.81 -47.41 10.82
CA GLN B 359 0.42 -47.04 11.47
C GLN B 359 1.29 -48.25 11.81
N GLU B 360 0.76 -49.46 11.69
CA GLU B 360 1.48 -50.68 12.03
C GLU B 360 2.11 -51.27 10.77
N GLU B 361 2.67 -52.47 10.90
CA GLU B 361 3.35 -53.14 9.81
C GLU B 361 2.37 -53.98 8.99
N GLY B 362 2.79 -54.30 7.76
CA GLY B 362 2.04 -55.18 6.89
C GLY B 362 1.29 -54.50 5.76
N PHE B 363 0.86 -53.26 5.95
CA PHE B 363 0.15 -52.52 4.93
C PHE B 363 1.01 -51.47 4.23
N GLU B 364 2.34 -51.55 4.37
CA GLU B 364 3.19 -50.69 3.57
C GLU B 364 3.04 -50.97 2.08
N THR B 365 2.63 -52.18 1.71
CA THR B 365 2.24 -52.43 0.33
C THR B 365 0.97 -51.65 -0.02
N ARG B 366 -0.02 -51.67 0.88
CA ARG B 366 -1.18 -50.82 0.71
C ARG B 366 -0.80 -49.36 0.68
N LYS B 367 0.22 -48.98 1.46
CA LYS B 367 0.75 -47.63 1.38
C LYS B 367 1.28 -47.33 -0.01
N THR B 368 2.04 -48.27 -0.58
CA THR B 368 2.59 -48.05 -1.92
C THR B 368 1.48 -47.89 -2.95
N PHE B 369 0.48 -48.77 -2.93
CA PHE B 369 -0.62 -48.67 -3.90
C PHE B 369 -1.41 -47.37 -3.72
N PHE B 370 -1.72 -47.00 -2.47
CA PHE B 370 -2.49 -45.78 -2.24
C PHE B 370 -1.71 -44.55 -2.67
N LEU B 371 -0.42 -44.48 -2.33
CA LEU B 371 0.39 -43.35 -2.73
C LEU B 371 0.52 -43.30 -4.24
N GLY B 372 0.65 -44.46 -4.89
CA GLY B 372 0.71 -44.49 -6.33
C GLY B 372 -0.53 -43.93 -6.99
N TYR B 373 -1.71 -44.38 -6.52
CA TYR B 373 -2.95 -43.86 -7.11
C TYR B 373 -3.14 -42.37 -6.79
N MET B 374 -2.71 -41.94 -5.60
CA MET B 374 -2.86 -40.54 -5.25
C MET B 374 -1.96 -39.67 -6.12
N VAL B 375 -0.74 -40.14 -6.39
CA VAL B 375 0.14 -39.47 -7.33
C VAL B 375 -0.48 -39.49 -8.73
N ASN B 376 -1.14 -40.58 -9.10
CA ASN B 376 -1.79 -40.66 -10.40
C ASN B 376 -2.91 -39.63 -10.52
N ARG B 377 -3.71 -39.47 -9.48
CA ARG B 377 -4.75 -38.44 -9.47
C ARG B 377 -4.12 -37.05 -9.56
N LEU B 378 -3.01 -36.85 -8.85
CA LEU B 378 -2.27 -35.59 -8.96
C LEU B 378 -1.86 -35.31 -10.40
N LEU B 379 -1.29 -36.31 -11.07
CA LEU B 379 -0.83 -36.13 -12.44
C LEU B 379 -1.98 -35.88 -13.40
N LEU B 380 -3.08 -36.60 -13.23
CA LEU B 380 -4.25 -36.40 -14.10
C LEU B 380 -4.85 -35.01 -13.90
N CYS B 381 -4.89 -34.55 -12.65
CA CYS B 381 -5.35 -33.19 -12.39
C CYS B 381 -4.39 -32.16 -12.98
N ALA B 382 -3.08 -32.44 -12.92
CA ALA B 382 -2.10 -31.55 -13.52
C ALA B 382 -2.29 -31.44 -15.03
N LEU B 383 -2.60 -32.57 -15.69
CA LEU B 383 -2.86 -32.56 -17.12
C LEU B 383 -4.14 -31.83 -17.48
N GLU B 384 -4.97 -31.48 -16.49
CA GLU B 384 -6.26 -30.82 -16.67
C GLU B 384 -7.28 -31.68 -17.40
N ARG B 385 -7.01 -32.98 -17.55
CA ARG B 385 -8.00 -33.89 -18.12
C ARG B 385 -9.24 -33.98 -17.24
N LYS B 386 -9.11 -33.66 -15.96
CA LYS B 386 -10.23 -33.58 -15.03
C LYS B 386 -10.35 -32.15 -14.52
N ASP B 387 -11.57 -31.75 -14.17
CA ASP B 387 -11.75 -30.45 -13.54
C ASP B 387 -11.03 -30.41 -12.20
N GLN B 388 -10.37 -29.29 -11.93
CA GLN B 388 -9.59 -29.17 -10.70
C GLN B 388 -10.49 -29.26 -9.48
N ASP B 389 -9.95 -29.80 -8.40
CA ASP B 389 -10.75 -30.17 -7.24
C ASP B 389 -11.44 -28.95 -6.63
N ASP B 390 -12.72 -29.10 -6.32
CA ASP B 390 -13.53 -28.00 -5.81
C ASP B 390 -13.27 -27.84 -4.31
N ARG B 391 -13.37 -26.60 -3.82
CA ARG B 391 -12.98 -26.27 -2.46
C ARG B 391 -14.16 -25.87 -1.57
N ASP B 392 -15.40 -26.13 -1.97
CA ASP B 392 -16.54 -25.74 -1.16
C ASP B 392 -17.57 -26.85 -0.98
N HIS B 393 -17.54 -27.85 -1.87
CA HIS B 393 -18.50 -28.93 -1.84
C HIS B 393 -18.48 -29.65 -0.50
N PHE B 394 -19.62 -29.60 0.21
CA PHE B 394 -19.67 -30.07 1.60
C PHE B 394 -19.29 -31.54 1.72
N GLY B 395 -19.41 -32.30 0.65
CA GLY B 395 -19.07 -33.71 0.67
C GLY B 395 -17.67 -34.01 1.15
N LYS B 396 -16.79 -33.01 1.05
CA LYS B 396 -15.44 -33.10 1.59
C LYS B 396 -15.30 -32.42 2.95
N LYS B 397 -16.41 -32.06 3.59
CA LYS B 397 -16.40 -31.32 4.84
C LYS B 397 -17.37 -31.94 5.83
N ARG B 398 -17.03 -31.82 7.11
CA ARG B 398 -17.88 -32.29 8.20
C ARG B 398 -18.09 -31.16 9.20
N LEU B 399 -18.94 -31.42 10.19
CA LEU B 399 -19.22 -30.49 11.27
C LEU B 399 -18.94 -31.15 12.60
N ASP B 400 -18.01 -30.57 13.37
CA ASP B 400 -17.71 -31.05 14.71
C ASP B 400 -18.71 -30.43 15.69
N LEU B 401 -19.57 -31.27 16.24
CA LEU B 401 -20.59 -30.83 17.19
C LEU B 401 -19.96 -30.61 18.56
N ALA B 402 -20.82 -30.37 19.55
CA ALA B 402 -20.35 -30.25 20.93
C ALA B 402 -19.65 -31.53 21.36
N GLY B 403 -20.15 -32.67 20.90
CA GLY B 403 -19.59 -33.96 21.24
C GLY B 403 -18.11 -34.09 20.95
N PRO B 404 -17.73 -34.07 19.67
CA PRO B 404 -16.31 -34.24 19.35
C PRO B 404 -15.43 -33.06 19.79
N LEU B 405 -16.01 -31.85 19.88
CA LEU B 405 -15.24 -30.73 20.43
C LEU B 405 -14.85 -30.99 21.88
N LEU B 406 -15.83 -31.36 22.71
CA LEU B 406 -15.52 -31.73 24.08
C LEU B 406 -14.60 -32.94 24.12
N ALA B 407 -14.73 -33.86 23.16
CA ALA B 407 -13.85 -35.01 23.11
C ALA B 407 -12.39 -34.59 22.91
N ASN B 408 -12.17 -33.64 22.00
CA ASN B 408 -10.82 -33.13 21.74
C ASN B 408 -10.27 -32.39 22.95
N LEU B 409 -11.08 -31.52 23.56
CA LEU B 409 -10.62 -30.78 24.73
C LEU B 409 -10.31 -31.72 25.88
N PHE B 410 -11.14 -32.74 26.07
CA PHE B 410 -10.89 -33.73 27.10
C PHE B 410 -9.65 -34.54 26.78
N ARG B 411 -9.41 -34.81 25.50
CA ARG B 411 -8.17 -35.47 25.10
C ARG B 411 -6.99 -34.65 25.58
N ILE B 412 -7.01 -33.36 25.31
CA ILE B 412 -5.92 -32.46 25.72
C ILE B 412 -5.73 -32.52 27.23
N LEU B 413 -6.81 -32.23 27.96
CA LEU B 413 -6.73 -32.10 29.41
C LEU B 413 -6.35 -33.43 30.08
N PHE B 414 -6.79 -34.54 29.51
CA PHE B 414 -6.47 -35.84 30.08
C PHE B 414 -5.04 -36.26 29.72
N ARG B 415 -4.55 -35.83 28.55
CA ARG B 415 -3.15 -36.04 28.24
C ARG B 415 -2.25 -35.24 29.17
N LYS B 416 -2.77 -34.15 29.74
CA LYS B 416 -2.09 -33.56 30.89
C LYS B 416 -2.72 -34.00 32.22
N LEU B 417 -3.29 -35.20 32.28
CA LEU B 417 -3.74 -35.79 33.55
C LEU B 417 -2.96 -37.06 33.86
N THR B 418 -2.76 -37.91 32.86
CA THR B 418 -2.11 -39.20 33.04
C THR B 418 -0.65 -39.03 33.44
N ARG B 419 -0.09 -37.86 33.19
CA ARG B 419 1.33 -37.60 33.36
C ARG B 419 1.69 -37.04 34.74
N GLU B 420 0.80 -36.31 35.39
CA GLU B 420 1.12 -35.84 36.72
C GLU B 420 1.16 -36.96 37.75
N ILE B 421 0.62 -38.14 37.43
CA ILE B 421 0.86 -39.32 38.23
C ILE B 421 2.33 -39.73 38.16
N TYR B 422 2.91 -39.72 36.96
CA TYR B 422 4.33 -39.98 36.82
C TYR B 422 5.16 -38.93 37.53
N ARG B 423 4.81 -37.66 37.35
CA ARG B 423 5.62 -36.59 37.94
C ARG B 423 5.38 -36.39 39.43
N TYR B 424 4.71 -37.33 40.10
CA TYR B 424 4.68 -37.30 41.55
C TYR B 424 5.09 -38.66 42.11
N MET B 425 4.86 -39.72 41.33
CA MET B 425 5.29 -41.04 41.78
C MET B 425 6.79 -41.31 41.46
N GLN B 426 7.52 -40.21 41.25
CA GLN B 426 8.97 -40.25 41.14
C GLN B 426 9.60 -39.62 42.36
N ARG B 427 9.07 -38.49 42.84
CA ARG B 427 9.58 -37.88 44.06
C ARG B 427 9.31 -38.73 45.29
N CYS B 428 8.28 -39.58 45.26
CA CYS B 428 7.97 -40.48 46.36
C CYS B 428 8.52 -41.89 46.15
N ILE B 429 8.78 -42.29 44.90
CA ILE B 429 9.32 -43.62 44.65
C ILE B 429 10.72 -43.76 45.24
N GLU B 430 11.48 -42.67 45.28
CA GLU B 430 12.82 -42.72 45.88
C GLU B 430 12.72 -42.85 47.40
N THR B 431 11.75 -42.19 48.02
CA THR B 431 11.48 -42.44 49.43
C THR B 431 10.74 -43.75 49.64
N ASP B 432 9.99 -44.21 48.62
CA ASP B 432 9.19 -45.43 48.70
C ASP B 432 8.23 -45.37 49.90
N ARG B 433 7.68 -44.19 50.15
CA ARG B 433 6.80 -43.97 51.27
C ARG B 433 5.47 -44.69 51.06
N ASP B 434 4.64 -44.70 52.12
CA ASP B 434 3.28 -45.20 52.02
C ASP B 434 2.40 -44.11 51.42
N PHE B 435 2.60 -43.87 50.13
CA PHE B 435 1.92 -42.81 49.40
C PHE B 435 0.41 -42.97 49.45
N ASN B 436 -0.29 -41.88 49.76
CA ASN B 436 -1.75 -41.93 49.87
C ASN B 436 -2.41 -42.20 48.53
N LEU B 437 -1.82 -41.72 47.43
CA LEU B 437 -2.28 -41.94 46.06
C LEU B 437 -3.56 -41.14 45.79
N ASN B 438 -4.14 -40.54 46.84
CA ASN B 438 -5.25 -39.62 46.69
C ASN B 438 -4.80 -38.17 46.75
N LEU B 439 -3.50 -37.95 46.81
CA LEU B 439 -2.93 -36.60 46.77
C LEU B 439 -2.14 -36.30 45.51
N ALA B 440 -1.72 -37.32 44.76
CA ALA B 440 -1.06 -37.11 43.48
C ALA B 440 -2.04 -36.86 42.34
N VAL B 441 -3.32 -37.17 42.55
CA VAL B 441 -4.33 -36.97 41.51
C VAL B 441 -4.95 -35.58 41.65
N LYS B 442 -4.34 -34.60 40.98
CA LYS B 442 -4.86 -33.23 41.00
C LYS B 442 -6.13 -33.22 40.17
N SER B 443 -7.27 -33.37 40.86
CA SER B 443 -8.53 -33.62 40.18
C SER B 443 -9.02 -32.41 39.39
N THR B 444 -8.65 -31.20 39.82
CA THR B 444 -9.08 -29.99 39.12
C THR B 444 -8.37 -29.86 37.78
N THR B 445 -7.58 -30.87 37.40
CA THR B 445 -6.99 -30.92 36.08
C THR B 445 -8.06 -30.73 35.01
N ILE B 446 -9.02 -31.66 34.94
CA ILE B 446 -10.16 -31.42 34.07
C ILE B 446 -11.24 -30.77 34.91
N THR B 447 -11.04 -29.50 35.27
CA THR B 447 -12.11 -28.56 35.59
C THR B 447 -11.81 -27.25 34.91
N SER B 448 -10.53 -26.86 34.94
CA SER B 448 -10.15 -25.49 34.62
C SER B 448 -10.04 -25.28 33.13
N GLY B 449 -9.57 -26.29 32.39
CA GLY B 449 -9.54 -26.16 30.94
C GLY B 449 -10.92 -25.97 30.36
N LEU B 450 -11.87 -26.79 30.82
CA LEU B 450 -13.26 -26.65 30.37
C LEU B 450 -13.86 -25.34 30.85
N LYS B 451 -13.57 -24.94 32.09
CA LYS B 451 -14.08 -23.68 32.62
C LYS B 451 -13.61 -22.50 31.79
N TYR B 452 -12.33 -22.52 31.40
CA TYR B 452 -11.75 -21.41 30.65
C TYR B 452 -12.24 -21.42 29.20
N SER B 453 -12.36 -22.61 28.62
CA SER B 453 -12.83 -22.72 27.25
C SER B 453 -14.29 -22.29 27.13
N LEU B 454 -15.10 -22.65 28.12
CA LEU B 454 -16.52 -22.31 28.09
C LEU B 454 -16.81 -20.92 28.61
N ALA B 455 -15.92 -20.35 29.42
CA ALA B 455 -16.13 -19.04 30.01
C ALA B 455 -15.47 -17.94 29.19
N THR B 456 -14.15 -18.03 29.01
CA THR B 456 -13.44 -17.05 28.20
C THR B 456 -13.74 -17.26 26.72
N GLY B 457 -13.74 -18.53 26.29
CA GLY B 457 -14.07 -18.84 24.91
C GLY B 457 -12.93 -19.45 24.11
N ASN B 458 -11.81 -19.73 24.78
CA ASN B 458 -10.62 -20.23 24.10
C ASN B 458 -10.46 -21.72 24.41
N TRP B 459 -10.55 -22.54 23.36
CA TRP B 459 -10.53 -24.00 23.50
C TRP B 459 -9.09 -24.49 23.49
N GLY B 460 -8.53 -24.58 24.70
CA GLY B 460 -7.16 -25.01 24.89
C GLY B 460 -6.74 -24.88 26.33
N GLU B 461 -5.57 -24.30 26.57
CA GLU B 461 -5.10 -24.01 27.92
C GLU B 461 -4.73 -22.54 28.00
N GLN B 462 -4.91 -21.95 29.19
CA GLN B 462 -4.67 -20.53 29.37
C GLN B 462 -3.22 -20.18 29.14
N LYS B 463 -2.31 -21.10 29.48
CA LYS B 463 -0.89 -20.89 29.24
C LYS B 463 -0.65 -20.73 27.75
N LYS B 464 -1.24 -21.60 26.94
CA LYS B 464 -1.19 -21.46 25.49
C LYS B 464 -2.34 -20.56 25.06
N ALA B 465 -2.30 -19.30 25.50
CA ALA B 465 -3.32 -18.33 25.10
C ALA B 465 -3.24 -18.07 23.60
N MET B 466 -2.03 -17.98 23.07
CA MET B 466 -1.80 -17.82 21.65
C MET B 466 -2.25 -19.09 20.92
N SER B 467 -2.58 -18.96 19.64
CA SER B 467 -3.04 -20.07 18.80
C SER B 467 -4.26 -20.78 19.40
N SER B 468 -5.22 -20.01 19.91
CA SER B 468 -6.43 -20.57 20.49
C SER B 468 -7.65 -19.99 19.78
N ARG B 469 -8.63 -20.85 19.53
CA ARG B 469 -9.86 -20.47 18.86
C ARG B 469 -10.82 -19.84 19.87
N ALA B 470 -11.45 -18.75 19.47
CA ALA B 470 -12.30 -17.97 20.36
C ALA B 470 -13.68 -17.78 19.77
N GLY B 471 -14.70 -18.19 20.51
CA GLY B 471 -16.08 -18.07 20.09
C GLY B 471 -16.83 -19.39 19.98
N VAL B 472 -16.16 -20.52 20.20
CA VAL B 472 -16.82 -21.81 20.06
C VAL B 472 -17.88 -21.98 21.14
N SER B 473 -17.75 -21.28 22.26
CA SER B 473 -18.75 -21.27 23.32
C SER B 473 -19.11 -19.83 23.64
N GLN B 474 -20.41 -19.55 23.69
CA GLN B 474 -20.89 -18.19 23.88
C GLN B 474 -22.12 -18.17 24.77
N VAL B 475 -22.39 -17.00 25.36
CA VAL B 475 -23.52 -16.85 26.27
C VAL B 475 -24.81 -17.00 25.50
N LEU B 476 -25.73 -17.81 26.03
CA LEU B 476 -27.02 -18.02 25.40
C LEU B 476 -27.87 -16.76 25.48
N ASN B 477 -28.47 -16.38 24.37
CA ASN B 477 -29.32 -15.20 24.34
C ASN B 477 -30.77 -15.58 24.61
N ARG B 478 -31.40 -14.88 25.54
CA ARG B 478 -32.82 -15.05 25.82
C ARG B 478 -33.56 -13.73 25.64
N TYR B 479 -33.04 -12.86 24.76
CA TYR B 479 -33.78 -11.67 24.37
C TYR B 479 -35.14 -12.03 23.83
N THR B 480 -35.20 -13.02 22.94
CA THR B 480 -36.44 -13.62 22.49
C THR B 480 -36.27 -15.14 22.52
N TYR B 481 -37.39 -15.84 22.35
CA TYR B 481 -37.35 -17.29 22.41
C TYR B 481 -36.49 -17.86 21.28
N SER B 482 -36.66 -17.33 20.07
CA SER B 482 -35.81 -17.70 18.95
C SER B 482 -34.35 -17.35 19.18
N SER B 483 -34.08 -16.26 19.92
CA SER B 483 -32.71 -15.94 20.32
C SER B 483 -32.03 -17.08 21.05
N THR B 484 -32.79 -18.09 21.48
CA THR B 484 -32.22 -19.34 21.96
C THR B 484 -32.27 -20.42 20.89
N LEU B 485 -33.46 -20.70 20.34
CA LEU B 485 -33.63 -21.83 19.43
C LEU B 485 -32.70 -21.77 18.23
N SER B 486 -32.80 -20.72 17.42
CA SER B 486 -31.86 -20.55 16.32
C SER B 486 -30.43 -20.50 16.84
N HIS B 487 -30.25 -19.89 18.01
CA HIS B 487 -28.91 -19.80 18.60
C HIS B 487 -28.32 -21.18 18.84
N LEU B 488 -29.17 -22.18 19.03
CA LEU B 488 -28.73 -23.53 19.30
C LEU B 488 -28.49 -24.34 18.03
N ARG B 489 -28.63 -23.71 16.85
CA ARG B 489 -28.48 -24.46 15.61
C ARG B 489 -27.63 -23.71 14.59
N ARG B 490 -26.60 -23.01 15.06
CA ARG B 490 -25.61 -22.37 14.20
C ARG B 490 -24.62 -23.39 13.66
N THR B 491 -23.85 -22.95 12.66
CA THR B 491 -22.61 -23.59 12.22
C THR B 491 -21.60 -22.49 11.92
N ASN B 492 -20.32 -22.82 12.00
CA ASN B 492 -19.29 -21.82 11.78
C ASN B 492 -18.13 -22.42 11.02
N THR B 493 -17.52 -21.60 10.17
CA THR B 493 -16.33 -21.99 9.43
C THR B 493 -15.16 -21.17 9.95
N PRO B 494 -14.34 -21.71 10.87
CA PRO B 494 -13.28 -20.92 11.50
C PRO B 494 -12.00 -20.85 10.66
N ILE B 495 -12.11 -20.27 9.47
CA ILE B 495 -10.94 -20.04 8.63
C ILE B 495 -10.25 -18.73 8.96
N GLY B 496 -10.98 -17.64 9.16
CA GLY B 496 -10.39 -16.35 9.42
C GLY B 496 -10.26 -15.50 8.17
N ARG B 497 -10.11 -14.19 8.35
CA ARG B 497 -9.99 -13.29 7.21
C ARG B 497 -8.58 -13.30 6.62
N ASP B 498 -7.79 -14.32 6.92
CA ASP B 498 -6.45 -14.44 6.35
C ASP B 498 -6.57 -14.72 4.86
N GLY B 499 -6.63 -13.66 4.07
CA GLY B 499 -7.13 -13.75 2.72
C GLY B 499 -8.63 -13.55 2.80
N LYS B 500 -9.15 -12.48 2.18
CA LYS B 500 -10.55 -12.13 2.40
C LYS B 500 -11.48 -13.14 1.73
N LEU B 501 -11.44 -13.21 0.40
CA LEU B 501 -12.21 -14.15 -0.41
C LEU B 501 -13.72 -13.96 -0.27
N ALA B 502 -14.46 -14.41 -1.28
CA ALA B 502 -15.91 -14.49 -1.20
C ALA B 502 -16.41 -15.92 -1.11
N LYS B 503 -15.59 -16.91 -1.44
CA LYS B 503 -16.01 -18.30 -1.34
C LYS B 503 -16.49 -18.71 0.05
N PRO B 504 -15.86 -18.29 1.16
CA PRO B 504 -16.43 -18.69 2.46
C PRO B 504 -17.72 -17.98 2.77
N ARG B 505 -18.00 -16.86 2.09
CA ARG B 505 -19.19 -16.07 2.39
C ARG B 505 -20.28 -16.23 1.34
N GLN B 506 -19.92 -16.67 0.14
CA GLN B 506 -20.89 -16.73 -0.96
C GLN B 506 -21.72 -18.01 -0.88
N LEU B 507 -23.02 -17.87 -1.09
CA LEU B 507 -23.90 -19.02 -1.20
C LEU B 507 -23.50 -19.87 -2.41
N HIS B 508 -23.64 -21.18 -2.25
CA HIS B 508 -23.31 -22.12 -3.30
C HIS B 508 -24.49 -23.05 -3.54
N ASN B 509 -24.55 -23.60 -4.75
CA ASN B 509 -25.65 -24.48 -5.13
C ASN B 509 -25.76 -25.66 -4.18
N THR B 510 -24.62 -26.17 -3.70
CA THR B 510 -24.62 -27.26 -2.73
C THR B 510 -25.26 -26.86 -1.41
N HIS B 511 -25.41 -25.56 -1.13
CA HIS B 511 -26.09 -25.08 0.06
C HIS B 511 -27.61 -25.18 -0.06
N TRP B 512 -28.11 -25.53 -1.24
CA TRP B 512 -29.54 -25.69 -1.45
C TRP B 512 -30.13 -26.74 -0.52
N GLY B 513 -31.23 -26.38 0.15
CA GLY B 513 -31.95 -27.31 1.00
C GLY B 513 -31.20 -27.84 2.20
N LEU B 514 -29.92 -27.52 2.34
CA LEU B 514 -29.10 -28.01 3.45
C LEU B 514 -28.86 -26.95 4.51
N VAL B 515 -28.90 -25.68 4.13
CA VAL B 515 -28.73 -24.56 5.05
C VAL B 515 -29.78 -23.51 4.74
N CYS B 516 -30.01 -22.62 5.69
CA CYS B 516 -30.88 -21.48 5.43
C CYS B 516 -30.14 -20.47 4.55
N PRO B 517 -30.66 -20.14 3.36
CA PRO B 517 -29.94 -19.27 2.44
C PRO B 517 -30.16 -17.78 2.68
N ALA B 518 -30.81 -17.38 3.77
CA ALA B 518 -31.05 -15.97 4.04
C ALA B 518 -30.50 -15.52 5.38
N GLU B 519 -30.19 -16.44 6.29
CA GLU B 519 -29.68 -16.07 7.61
C GLU B 519 -28.17 -15.90 7.53
N THR B 520 -27.71 -14.65 7.60
CA THR B 520 -26.28 -14.33 7.60
C THR B 520 -26.05 -13.15 8.53
N PRO B 521 -24.87 -13.07 9.15
CA PRO B 521 -24.56 -11.89 9.97
C PRO B 521 -24.32 -10.64 9.15
N GLU B 522 -23.93 -9.56 9.82
CA GLU B 522 -23.61 -8.32 9.13
C GLU B 522 -22.17 -8.39 8.60
N GLY B 523 -21.70 -7.26 8.05
CA GLY B 523 -20.50 -7.19 7.24
C GLY B 523 -19.31 -8.04 7.62
N GLN B 524 -18.79 -7.87 8.84
CA GLN B 524 -17.56 -8.58 9.23
C GLN B 524 -17.77 -10.08 9.20
N ALA B 525 -18.97 -10.54 9.56
CA ALA B 525 -19.27 -11.97 9.64
C ALA B 525 -20.32 -12.41 8.63
N CYS B 526 -20.76 -11.53 7.73
CA CYS B 526 -21.75 -11.89 6.72
C CYS B 526 -21.26 -13.03 5.85
N GLY B 527 -22.16 -13.91 5.46
CA GLY B 527 -21.78 -15.09 4.70
C GLY B 527 -21.27 -16.21 5.57
N LEU B 528 -20.42 -15.88 6.54
CA LEU B 528 -19.94 -16.86 7.50
C LEU B 528 -21.00 -17.08 8.59
N VAL B 529 -20.68 -17.98 9.51
CA VAL B 529 -21.57 -18.32 10.62
C VAL B 529 -22.94 -18.71 10.07
N LYS B 530 -23.02 -19.91 9.51
CA LYS B 530 -24.18 -20.34 8.73
C LYS B 530 -25.08 -21.24 9.56
N ASN B 531 -26.37 -21.25 9.21
CA ASN B 531 -27.38 -22.02 9.91
C ASN B 531 -27.75 -23.26 9.09
N LEU B 532 -28.32 -24.26 9.76
CA LEU B 532 -28.80 -25.45 9.09
C LEU B 532 -30.07 -25.15 8.31
N SER B 533 -30.57 -26.16 7.61
CA SER B 533 -31.94 -26.12 7.11
C SER B 533 -32.89 -26.68 8.16
N LEU B 534 -34.14 -26.92 7.79
CA LEU B 534 -35.18 -27.31 8.73
C LEU B 534 -35.15 -28.79 9.11
N LEU B 535 -34.90 -29.68 8.14
CA LEU B 535 -35.00 -31.12 8.38
C LEU B 535 -33.65 -31.79 8.56
N SER B 536 -32.60 -31.03 8.87
CA SER B 536 -31.25 -31.57 8.86
C SER B 536 -30.96 -32.42 10.09
N GLY B 537 -30.11 -33.42 9.91
CA GLY B 537 -29.59 -34.19 11.02
C GLY B 537 -28.13 -34.51 10.78
N ILE B 538 -27.37 -34.56 11.87
CA ILE B 538 -25.92 -34.70 11.80
C ILE B 538 -25.55 -36.12 12.24
N SER B 539 -24.63 -36.74 11.50
CA SER B 539 -24.16 -38.07 11.83
C SER B 539 -23.45 -38.08 13.18
N ILE B 540 -24.05 -38.80 14.15
CA ILE B 540 -23.51 -38.86 15.50
C ILE B 540 -22.26 -39.75 15.57
N GLY B 541 -21.99 -40.54 14.54
CA GLY B 541 -20.82 -41.40 14.54
C GLY B 541 -21.14 -42.85 14.81
N SER B 542 -21.08 -43.66 13.77
CA SER B 542 -21.29 -45.09 13.83
C SER B 542 -20.00 -45.83 13.51
N PRO B 543 -19.79 -47.01 14.08
CA PRO B 543 -18.57 -47.77 13.75
C PRO B 543 -18.47 -48.04 12.26
N SER B 544 -17.26 -47.88 11.72
CA SER B 544 -17.06 -48.06 10.29
C SER B 544 -16.98 -49.53 9.90
N GLU B 545 -16.62 -50.40 10.85
CA GLU B 545 -16.45 -51.83 10.60
C GLU B 545 -17.70 -52.49 10.02
N PRO B 546 -18.92 -52.19 10.50
CA PRO B 546 -20.10 -52.72 9.80
C PRO B 546 -20.15 -52.32 8.34
N ILE B 547 -19.78 -51.08 8.01
CA ILE B 547 -19.74 -50.65 6.62
C ILE B 547 -18.67 -51.41 5.85
N ILE B 548 -17.51 -51.65 6.49
CA ILE B 548 -16.47 -52.45 5.87
C ILE B 548 -17.01 -53.83 5.51
N ASN B 549 -17.76 -54.44 6.42
CA ASN B 549 -18.34 -55.74 6.16
C ASN B 549 -19.37 -55.68 5.03
N PHE B 550 -20.23 -54.67 5.04
CA PHE B 550 -21.23 -54.52 3.99
C PHE B 550 -20.57 -54.42 2.63
N LEU B 551 -19.47 -53.65 2.54
CA LEU B 551 -18.77 -53.51 1.27
C LEU B 551 -18.07 -54.81 0.87
N GLU B 552 -17.32 -55.41 1.79
CA GLU B 552 -16.61 -56.64 1.48
C GLU B 552 -17.53 -57.80 1.17
N GLU B 553 -18.82 -57.67 1.50
CA GLU B 553 -19.81 -58.68 1.18
C GLU B 553 -19.97 -58.91 -0.33
N TRP B 554 -19.38 -58.07 -1.17
CA TRP B 554 -19.65 -58.13 -2.59
C TRP B 554 -18.44 -58.55 -3.41
N GLY B 555 -17.53 -59.31 -2.80
CA GLY B 555 -16.36 -59.79 -3.49
C GLY B 555 -15.38 -58.68 -3.83
N MET B 556 -14.95 -57.94 -2.82
CA MET B 556 -14.00 -56.86 -3.03
C MET B 556 -12.66 -57.37 -3.53
N GLU B 557 -12.07 -56.61 -4.46
CA GLU B 557 -10.76 -56.89 -5.02
C GLU B 557 -9.73 -56.03 -4.30
N PRO B 558 -8.71 -56.61 -3.67
CA PRO B 558 -7.79 -55.82 -2.86
C PRO B 558 -7.03 -54.80 -3.69
N LEU B 559 -6.48 -53.81 -2.97
CA LEU B 559 -5.72 -52.76 -3.63
C LEU B 559 -4.46 -53.33 -4.28
N GLU B 560 -3.92 -54.40 -3.71
CA GLU B 560 -2.80 -55.10 -4.34
C GLU B 560 -3.17 -55.63 -5.71
N ASP B 561 -4.42 -56.09 -5.86
CA ASP B 561 -4.90 -56.58 -7.15
C ASP B 561 -5.07 -55.47 -8.18
N TYR B 562 -5.23 -54.22 -7.76
CA TYR B 562 -5.48 -53.10 -8.67
C TYR B 562 -4.30 -52.96 -9.62
N ASP B 563 -4.54 -53.24 -10.91
CA ASP B 563 -3.53 -53.28 -11.96
C ASP B 563 -3.95 -52.44 -13.16
N PRO B 564 -2.99 -51.78 -13.83
CA PRO B 564 -3.36 -51.00 -15.02
C PRO B 564 -4.01 -51.82 -16.13
N ALA B 565 -3.55 -53.04 -16.35
CA ALA B 565 -4.08 -53.87 -17.43
C ALA B 565 -5.32 -54.65 -17.00
N GLN B 566 -5.23 -55.36 -15.88
CA GLN B 566 -6.37 -56.13 -15.39
C GLN B 566 -7.54 -55.22 -15.05
N HIS B 567 -7.35 -54.31 -14.10
CA HIS B 567 -8.39 -53.36 -13.71
C HIS B 567 -8.32 -52.10 -14.57
N THR B 568 -8.42 -52.26 -15.88
CA THR B 568 -8.36 -51.11 -16.78
C THR B 568 -9.57 -50.19 -16.59
N LYS B 569 -10.71 -50.72 -16.17
CA LYS B 569 -11.92 -49.93 -15.98
C LYS B 569 -12.69 -50.33 -14.72
N SER B 570 -12.00 -50.81 -13.68
CA SER B 570 -12.67 -51.30 -12.49
C SER B 570 -12.89 -50.18 -11.47
N THR B 571 -13.84 -50.43 -10.57
CA THR B 571 -14.31 -49.42 -9.62
C THR B 571 -13.47 -49.44 -8.35
N ARG B 572 -12.82 -48.31 -8.05
CA ARG B 572 -12.02 -48.14 -6.85
C ARG B 572 -12.93 -47.74 -5.69
N ILE B 573 -12.89 -48.48 -4.58
CA ILE B 573 -13.82 -48.27 -3.50
C ILE B 573 -13.11 -47.72 -2.27
N PHE B 574 -13.75 -46.73 -1.64
CA PHE B 574 -13.21 -45.93 -0.56
C PHE B 574 -14.17 -45.96 0.62
N VAL B 575 -13.64 -45.90 1.83
CA VAL B 575 -14.45 -45.79 3.04
C VAL B 575 -13.98 -44.57 3.81
N ASN B 576 -14.91 -43.67 4.14
CA ASN B 576 -14.61 -42.48 4.92
C ASN B 576 -13.44 -41.68 4.31
N GLY B 577 -13.13 -41.94 3.05
CA GLY B 577 -11.94 -41.40 2.43
C GLY B 577 -10.77 -42.35 2.30
N VAL B 578 -10.77 -43.48 3.01
CA VAL B 578 -9.68 -44.44 2.89
C VAL B 578 -10.04 -45.44 1.79
N TRP B 579 -9.11 -45.60 0.85
CA TRP B 579 -9.32 -46.46 -0.30
C TRP B 579 -9.15 -47.92 0.08
N THR B 580 -10.25 -48.67 0.06
CA THR B 580 -10.29 -50.01 0.65
C THR B 580 -11.00 -51.01 -0.26
N GLY B 581 -10.63 -51.05 -1.54
CA GLY B 581 -11.04 -52.16 -2.40
C GLY B 581 -11.31 -51.73 -3.82
N ILE B 582 -11.36 -52.75 -4.69
CA ILE B 582 -11.65 -52.62 -6.10
C ILE B 582 -12.80 -53.56 -6.45
N HIS B 583 -13.50 -53.23 -7.53
CA HIS B 583 -14.57 -54.09 -8.03
C HIS B 583 -14.79 -53.80 -9.50
N ARG B 584 -15.33 -54.79 -10.22
CA ARG B 584 -15.67 -54.65 -11.63
C ARG B 584 -17.16 -54.72 -11.90
N ASP B 585 -17.94 -55.28 -10.98
CA ASP B 585 -19.39 -55.31 -11.10
C ASP B 585 -19.97 -54.48 -9.96
N PRO B 586 -19.97 -53.15 -10.08
CA PRO B 586 -20.36 -52.30 -8.95
C PRO B 586 -21.85 -52.02 -8.87
N SER B 587 -22.59 -52.25 -9.96
CA SER B 587 -24.01 -51.94 -9.95
C SER B 587 -24.75 -52.74 -8.89
N MET B 588 -24.47 -54.04 -8.80
CA MET B 588 -25.14 -54.88 -7.81
C MET B 588 -24.83 -54.41 -6.39
N LEU B 589 -23.56 -54.08 -6.11
CA LEU B 589 -23.20 -53.71 -4.75
C LEU B 589 -23.77 -52.35 -4.37
N VAL B 590 -23.79 -51.40 -5.31
CA VAL B 590 -24.36 -50.09 -4.99
C VAL B 590 -25.87 -50.20 -4.80
N SER B 591 -26.53 -51.03 -5.61
CA SER B 591 -27.97 -51.23 -5.43
C SER B 591 -28.26 -51.87 -4.08
N THR B 592 -27.46 -52.87 -3.70
CA THR B 592 -27.66 -53.54 -2.42
C THR B 592 -27.42 -52.60 -1.26
N MET B 593 -26.36 -51.78 -1.32
CA MET B 593 -26.11 -50.80 -0.27
C MET B 593 -27.24 -49.78 -0.17
N ARG B 594 -27.73 -49.31 -1.31
CA ARG B 594 -28.84 -48.36 -1.28
C ARG B 594 -30.07 -48.98 -0.63
N ASP B 595 -30.47 -50.18 -1.08
CA ASP B 595 -31.66 -50.82 -0.53
C ASP B 595 -31.47 -51.18 0.93
N LEU B 596 -30.23 -51.50 1.33
CA LEU B 596 -29.96 -51.90 2.70
C LEU B 596 -30.01 -50.68 3.63
N ARG B 597 -29.54 -49.54 3.17
CA ARG B 597 -29.73 -48.31 3.92
C ARG B 597 -31.21 -47.96 4.00
N ARG B 598 -31.96 -48.21 2.92
CA ARG B 598 -33.41 -48.16 3.01
C ARG B 598 -33.97 -49.10 4.08
N SER B 599 -33.29 -50.23 4.29
CA SER B 599 -33.79 -51.21 5.26
C SER B 599 -33.44 -50.78 6.68
N GLY B 600 -32.17 -50.50 6.95
CA GLY B 600 -31.77 -50.07 8.28
C GLY B 600 -30.58 -50.80 8.85
N ALA B 601 -30.17 -51.92 8.22
CA ALA B 601 -28.98 -52.62 8.68
C ALA B 601 -27.75 -51.74 8.60
N ILE B 602 -27.58 -51.05 7.47
CA ILE B 602 -26.70 -49.90 7.40
C ILE B 602 -27.34 -48.79 8.22
N SER B 603 -26.53 -48.07 8.99
CA SER B 603 -27.05 -46.92 9.71
C SER B 603 -27.68 -45.98 8.69
N PRO B 604 -28.93 -45.54 8.91
CA PRO B 604 -29.66 -44.82 7.85
C PRO B 604 -28.98 -43.54 7.41
N GLU B 605 -28.02 -43.03 8.17
CA GLU B 605 -27.32 -41.80 7.84
C GLU B 605 -26.05 -42.02 7.03
N VAL B 606 -25.60 -43.27 6.86
CA VAL B 606 -24.32 -43.54 6.24
C VAL B 606 -24.38 -43.22 4.75
N SER B 607 -23.42 -42.42 4.28
CA SER B 607 -23.42 -41.93 2.91
C SER B 607 -22.84 -42.97 1.95
N ILE B 608 -23.59 -43.29 0.90
CA ILE B 608 -23.15 -44.18 -0.17
C ILE B 608 -23.12 -43.35 -1.45
N ILE B 609 -21.97 -43.29 -2.12
CA ILE B 609 -21.81 -42.51 -3.34
C ILE B 609 -21.10 -43.38 -4.36
N ARG B 610 -21.57 -43.35 -5.61
CA ARG B 610 -21.01 -44.18 -6.68
C ARG B 610 -20.52 -43.28 -7.80
N ASP B 611 -19.21 -43.10 -7.89
CA ASP B 611 -18.60 -42.29 -8.95
C ASP B 611 -18.49 -43.17 -10.19
N ILE B 612 -19.57 -43.21 -10.98
CA ILE B 612 -19.62 -44.09 -12.13
C ILE B 612 -18.60 -43.66 -13.18
N ARG B 613 -18.50 -42.35 -13.43
CA ARG B 613 -17.63 -41.87 -14.50
C ARG B 613 -16.16 -42.15 -14.21
N GLU B 614 -15.73 -41.91 -12.98
CA GLU B 614 -14.34 -42.12 -12.61
C GLU B 614 -14.09 -43.47 -11.94
N ARG B 615 -14.87 -44.49 -12.31
CA ARG B 615 -14.72 -45.87 -11.86
C ARG B 615 -14.34 -45.94 -10.37
N GLU B 616 -15.23 -45.38 -9.55
CA GLU B 616 -15.00 -45.29 -8.12
C GLU B 616 -16.31 -45.38 -7.35
N PHE B 617 -16.16 -45.45 -6.04
CA PHE B 617 -17.23 -45.74 -5.10
C PHE B 617 -16.72 -45.34 -3.72
N LYS B 618 -17.60 -44.79 -2.87
CA LYS B 618 -17.13 -44.23 -1.61
C LYS B 618 -18.26 -44.19 -0.59
N ILE B 619 -17.95 -44.66 0.62
CA ILE B 619 -18.88 -44.68 1.74
C ILE B 619 -18.32 -43.82 2.86
N PHE B 620 -19.17 -42.98 3.44
CA PHE B 620 -18.78 -42.04 4.47
C PHE B 620 -19.66 -42.23 5.71
N THR B 621 -19.04 -42.55 6.83
CA THR B 621 -19.74 -42.66 8.12
C THR B 621 -19.11 -41.78 9.19
N ASP B 622 -18.17 -40.92 8.83
CA ASP B 622 -17.51 -40.06 9.80
C ASP B 622 -18.50 -39.05 10.38
N VAL B 623 -18.21 -38.59 11.59
CA VAL B 623 -19.05 -37.64 12.29
C VAL B 623 -19.01 -36.31 11.58
N GLY B 624 -20.18 -35.68 11.44
CA GLY B 624 -20.28 -34.35 10.91
C GLY B 624 -20.92 -34.22 9.54
N ARG B 625 -21.15 -35.32 8.84
CA ARG B 625 -21.82 -35.28 7.54
C ARG B 625 -23.32 -35.16 7.77
N VAL B 626 -23.92 -34.13 7.16
CA VAL B 626 -25.29 -33.76 7.47
C VAL B 626 -26.23 -34.28 6.39
N TYR B 627 -27.38 -34.79 6.81
CA TYR B 627 -28.32 -35.47 5.95
C TYR B 627 -29.71 -34.86 6.10
N ARG B 628 -30.47 -34.95 5.01
CA ARG B 628 -31.83 -34.45 4.94
C ARG B 628 -32.68 -35.66 4.56
N PRO B 629 -33.89 -35.78 5.11
CA PRO B 629 -34.77 -36.89 4.73
C PRO B 629 -35.49 -36.63 3.42
N LEU B 630 -35.16 -37.42 2.41
CA LEU B 630 -35.76 -37.34 1.10
C LEU B 630 -36.80 -38.43 0.97
N PHE B 631 -37.98 -38.05 0.49
CA PHE B 631 -38.98 -39.01 0.04
C PHE B 631 -38.37 -39.87 -1.05
N ILE B 632 -38.50 -41.19 -0.91
CA ILE B 632 -37.83 -42.12 -1.80
C ILE B 632 -38.73 -42.44 -3.00
N VAL B 633 -38.50 -41.73 -4.10
CA VAL B 633 -39.11 -42.08 -5.38
C VAL B 633 -38.38 -43.33 -5.86
N GLU B 634 -39.14 -44.35 -6.24
CA GLU B 634 -38.56 -45.58 -6.77
C GLU B 634 -37.64 -45.26 -7.95
N ASP B 635 -36.34 -45.53 -7.78
CA ASP B 635 -35.37 -45.27 -8.82
C ASP B 635 -35.09 -46.48 -9.71
N ASP B 636 -35.29 -47.70 -9.20
CA ASP B 636 -35.19 -48.88 -10.04
C ASP B 636 -36.45 -49.02 -10.88
N GLU B 637 -36.31 -48.89 -12.19
CA GLU B 637 -37.45 -48.84 -13.11
C GLU B 637 -38.04 -50.25 -13.28
N SER B 638 -38.93 -50.60 -12.33
CA SER B 638 -39.55 -51.92 -12.36
C SER B 638 -41.01 -51.87 -11.91
N LYS B 639 -41.63 -50.69 -11.92
CA LYS B 639 -42.98 -50.53 -11.37
C LYS B 639 -43.46 -49.12 -11.66
N ASP B 640 -44.77 -48.91 -11.49
CA ASP B 640 -45.33 -47.57 -11.67
C ASP B 640 -44.89 -46.63 -10.56
N ASN B 641 -44.55 -47.18 -9.39
CA ASN B 641 -44.00 -46.36 -8.31
C ASN B 641 -42.68 -45.73 -8.72
N LYS B 642 -42.01 -46.26 -9.74
CA LYS B 642 -40.93 -45.54 -10.38
C LYS B 642 -41.46 -44.24 -10.98
N GLY B 643 -40.96 -43.12 -10.49
CA GLY B 643 -41.61 -41.85 -10.73
C GLY B 643 -42.73 -41.55 -9.76
N GLU B 644 -42.83 -42.30 -8.66
CA GLU B 644 -43.81 -42.07 -7.61
C GLU B 644 -43.15 -42.38 -6.27
N LEU B 645 -43.89 -42.15 -5.19
CA LEU B 645 -43.32 -42.30 -3.85
C LEU B 645 -43.65 -43.65 -3.25
N ARG B 646 -42.62 -44.31 -2.70
CA ARG B 646 -42.86 -45.49 -1.88
C ARG B 646 -43.77 -45.16 -0.70
N ILE B 647 -43.51 -44.03 -0.05
CA ILE B 647 -44.43 -43.53 0.95
C ILE B 647 -45.75 -43.13 0.28
N THR B 648 -46.85 -43.63 0.82
CA THR B 648 -48.17 -43.38 0.25
C THR B 648 -49.13 -43.02 1.38
N LYS B 649 -50.39 -42.82 1.01
CA LYS B 649 -51.38 -42.40 2.00
C LYS B 649 -51.59 -43.45 3.08
N GLU B 650 -51.18 -44.70 2.85
CA GLU B 650 -51.15 -45.69 3.92
C GLU B 650 -50.16 -45.29 5.00
N HIS B 651 -48.92 -44.97 4.60
CA HIS B 651 -47.91 -44.51 5.54
C HIS B 651 -48.34 -43.21 6.19
N ILE B 652 -48.98 -42.32 5.42
CA ILE B 652 -49.45 -41.05 5.97
C ILE B 652 -50.50 -41.30 7.05
N ARG B 653 -51.43 -42.21 6.79
CA ARG B 653 -52.44 -42.55 7.79
C ARG B 653 -51.81 -43.17 9.03
N LYS B 654 -50.83 -44.06 8.83
CA LYS B 654 -50.15 -44.68 9.97
C LYS B 654 -49.48 -43.62 10.83
N ILE B 655 -48.83 -42.65 10.19
CA ILE B 655 -48.19 -41.56 10.94
C ILE B 655 -49.26 -40.71 11.64
N GLN B 656 -50.37 -40.44 10.95
CA GLN B 656 -51.45 -39.66 11.54
C GLN B 656 -51.99 -40.34 12.79
N GLN B 657 -51.98 -41.67 12.82
CA GLN B 657 -52.27 -42.38 14.06
C GLN B 657 -51.29 -42.02 15.16
N GLY B 658 -50.04 -41.70 14.79
CA GLY B 658 -48.97 -41.53 15.73
C GLY B 658 -48.28 -42.82 16.11
N TYR B 659 -48.87 -43.97 15.78
CA TYR B 659 -48.32 -45.29 16.08
C TYR B 659 -48.45 -46.16 14.84
N ASP B 660 -48.22 -47.46 14.98
CA ASP B 660 -48.34 -48.39 13.87
C ASP B 660 -49.58 -49.26 14.07
N ASP B 661 -50.21 -49.64 12.96
CA ASP B 661 -51.34 -50.56 13.01
C ASP B 661 -50.83 -52.00 13.04
N ASP B 662 -49.86 -52.26 13.91
CA ASP B 662 -49.25 -53.57 14.06
C ASP B 662 -48.83 -54.19 12.72
N VAL B 675 -44.75 -49.58 16.71
CA VAL B 675 -45.04 -48.16 16.53
C VAL B 675 -44.54 -47.70 15.17
N TYR B 676 -45.23 -46.72 14.58
CA TYR B 676 -44.84 -46.14 13.31
C TYR B 676 -44.40 -44.71 13.57
N GLY B 677 -43.14 -44.55 13.96
CA GLY B 677 -42.56 -43.24 14.20
C GLY B 677 -41.82 -42.72 12.99
N TRP B 678 -40.99 -41.71 13.24
CA TRP B 678 -40.17 -41.17 12.15
C TRP B 678 -39.12 -42.19 11.70
N SER B 679 -38.45 -42.83 12.65
CA SER B 679 -37.51 -43.89 12.30
C SER B 679 -38.21 -45.03 11.58
N SER B 680 -39.51 -45.20 11.80
CA SER B 680 -40.25 -46.20 11.04
C SER B 680 -40.28 -45.86 9.56
N LEU B 681 -40.58 -44.60 9.23
CA LEU B 681 -40.53 -44.17 7.83
C LEU B 681 -39.12 -44.27 7.27
N VAL B 682 -38.13 -43.88 8.07
CA VAL B 682 -36.75 -43.90 7.59
C VAL B 682 -36.30 -45.33 7.28
N THR B 683 -36.58 -46.26 8.19
CA THR B 683 -36.16 -47.65 8.03
C THR B 683 -37.09 -48.47 7.15
N SER B 684 -38.26 -47.95 6.79
CA SER B 684 -39.15 -48.63 5.86
C SER B 684 -38.73 -48.44 4.42
N GLY B 685 -37.69 -47.65 4.16
CA GLY B 685 -37.23 -47.43 2.82
C GLY B 685 -38.10 -46.54 1.97
N VAL B 686 -38.96 -45.73 2.58
CA VAL B 686 -39.81 -44.81 1.85
C VAL B 686 -39.27 -43.40 2.00
N ILE B 687 -38.47 -43.18 3.03
CA ILE B 687 -37.74 -41.94 3.26
C ILE B 687 -36.33 -42.31 3.69
N GLU B 688 -35.33 -41.61 3.14
CA GLU B 688 -33.96 -41.90 3.55
C GLU B 688 -33.16 -40.61 3.70
N TYR B 689 -32.13 -40.66 4.54
CA TYR B 689 -31.22 -39.55 4.74
C TYR B 689 -30.28 -39.44 3.55
N VAL B 690 -29.98 -38.21 3.15
CA VAL B 690 -29.07 -37.95 2.04
C VAL B 690 -28.15 -36.80 2.42
N ASP B 691 -26.88 -36.91 2.03
CA ASP B 691 -25.93 -35.82 2.19
C ASP B 691 -25.73 -35.09 0.86
N GLY B 692 -24.98 -34.01 0.91
CA GLY B 692 -24.68 -33.24 -0.28
C GLY B 692 -23.86 -34.01 -1.29
N GLU B 693 -22.89 -34.79 -0.80
CA GLU B 693 -22.08 -35.62 -1.68
C GLU B 693 -22.95 -36.66 -2.38
N GLU B 694 -23.93 -37.21 -1.67
CA GLU B 694 -24.93 -38.04 -2.33
C GLU B 694 -25.84 -37.21 -3.21
N GLU B 695 -26.16 -35.99 -2.78
CA GLU B 695 -27.13 -35.16 -3.50
C GLU B 695 -26.65 -34.84 -4.91
N GLU B 696 -25.37 -34.53 -5.06
CA GLU B 696 -24.85 -34.22 -6.39
C GLU B 696 -24.86 -35.42 -7.33
N THR B 697 -25.01 -36.64 -6.81
CA THR B 697 -25.14 -37.83 -7.65
C THR B 697 -26.58 -38.30 -7.79
N ILE B 698 -27.55 -37.59 -7.21
CA ILE B 698 -28.95 -37.97 -7.31
C ILE B 698 -29.73 -36.83 -7.96
N MET B 699 -30.81 -37.19 -8.62
CA MET B 699 -31.71 -36.23 -9.27
C MET B 699 -33.03 -36.25 -8.53
N ILE B 700 -33.43 -35.09 -8.00
CA ILE B 700 -34.50 -34.98 -7.02
C ILE B 700 -35.65 -34.21 -7.63
N ALA B 701 -36.87 -34.67 -7.38
CA ALA B 701 -38.08 -33.96 -7.77
C ALA B 701 -38.37 -32.85 -6.75
N MET B 702 -38.79 -31.68 -7.25
CA MET B 702 -39.08 -30.57 -6.35
C MET B 702 -40.36 -30.79 -5.56
N THR B 703 -41.49 -30.92 -6.26
CA THR B 703 -42.80 -31.05 -5.66
C THR B 703 -43.44 -32.36 -6.14
N PRO B 704 -44.53 -32.80 -5.51
CA PRO B 704 -45.17 -34.05 -5.97
C PRO B 704 -45.70 -33.99 -7.40
N GLU B 705 -45.57 -32.84 -8.05
CA GLU B 705 -46.09 -32.68 -9.40
C GLU B 705 -45.18 -33.32 -10.45
N ASP B 706 -43.86 -33.24 -10.27
CA ASP B 706 -42.97 -33.67 -11.34
C ASP B 706 -42.37 -35.05 -11.09
N LEU B 707 -42.90 -35.79 -10.12
CA LEU B 707 -42.43 -37.15 -9.87
C LEU B 707 -42.59 -38.02 -11.12
N GLN B 708 -43.83 -38.25 -11.53
CA GLN B 708 -44.09 -38.89 -12.81
C GLN B 708 -43.71 -37.92 -13.92
N THR B 709 -42.94 -38.40 -14.90
CA THR B 709 -42.55 -37.54 -16.02
C THR B 709 -43.79 -37.11 -16.79
N ARG B 710 -43.98 -35.80 -16.93
CA ARG B 710 -45.19 -35.27 -17.55
C ARG B 710 -45.12 -35.34 -19.07
N SER B 711 -46.13 -34.80 -19.74
CA SER B 711 -46.21 -34.88 -21.20
C SER B 711 -45.34 -33.83 -21.87
N LEU B 719 -53.17 -23.27 -18.30
CA LEU B 719 -52.41 -22.67 -19.39
C LEU B 719 -52.54 -21.15 -19.37
N ASN B 720 -51.40 -20.48 -19.48
CA ASN B 720 -51.34 -19.02 -19.50
C ASN B 720 -51.95 -18.41 -18.26
N ASP B 721 -51.38 -18.78 -17.11
CA ASP B 721 -51.77 -18.22 -15.82
C ASP B 721 -50.62 -17.39 -15.26
N THR B 722 -50.93 -16.15 -14.87
CA THR B 722 -49.93 -15.22 -14.37
C THR B 722 -49.87 -15.22 -12.84
N ALA B 723 -50.22 -16.35 -12.20
CA ALA B 723 -50.17 -16.49 -10.75
C ALA B 723 -49.65 -17.87 -10.36
N LYS B 724 -48.73 -18.40 -11.15
CA LYS B 724 -48.19 -19.73 -10.91
C LYS B 724 -46.68 -19.74 -11.19
N ARG B 725 -45.99 -20.71 -10.62
CA ARG B 725 -44.54 -20.84 -10.77
C ARG B 725 -44.24 -21.83 -11.89
N ILE B 726 -42.95 -22.14 -12.08
CA ILE B 726 -42.49 -22.88 -13.24
C ILE B 726 -41.62 -24.05 -12.81
N LYS B 727 -41.92 -25.22 -13.35
CA LYS B 727 -41.14 -26.45 -13.24
C LYS B 727 -40.24 -26.60 -14.46
N PRO B 728 -39.28 -27.53 -14.42
CA PRO B 728 -38.41 -27.70 -15.60
C PRO B 728 -39.19 -27.98 -16.87
N GLU B 729 -38.72 -27.38 -17.97
CA GLU B 729 -39.50 -27.29 -19.20
C GLU B 729 -39.82 -28.68 -19.76
N MET B 730 -38.83 -29.58 -19.74
CA MET B 730 -38.98 -30.94 -20.27
C MET B 730 -39.37 -30.90 -21.76
N SER B 731 -38.46 -30.32 -22.55
CA SER B 731 -38.68 -30.17 -23.98
C SER B 731 -37.80 -31.11 -24.79
N THR B 732 -36.48 -31.06 -24.61
CA THR B 732 -35.62 -32.08 -25.21
C THR B 732 -35.57 -33.32 -24.35
N SER B 733 -35.27 -33.15 -23.05
CA SER B 733 -35.25 -34.25 -22.10
C SER B 733 -36.70 -34.65 -21.80
N SER B 734 -37.26 -35.44 -22.72
CA SER B 734 -38.65 -35.86 -22.61
C SER B 734 -38.90 -36.71 -21.37
N HIS B 735 -37.87 -37.29 -20.78
CA HIS B 735 -38.01 -38.17 -19.63
C HIS B 735 -37.23 -37.63 -18.44
N HIS B 736 -37.71 -37.92 -17.24
CA HIS B 736 -37.02 -37.54 -16.01
C HIS B 736 -37.38 -38.54 -14.93
N THR B 737 -36.39 -39.33 -14.52
CA THR B 737 -36.56 -40.30 -13.43
C THR B 737 -35.94 -39.72 -12.17
N PHE B 738 -36.69 -38.85 -11.50
CA PHE B 738 -36.20 -38.26 -10.27
C PHE B 738 -36.12 -39.32 -9.17
N THR B 739 -34.91 -39.56 -8.70
CA THR B 739 -34.69 -40.60 -7.69
C THR B 739 -35.31 -40.26 -6.35
N HIS B 740 -35.64 -38.99 -6.10
CA HIS B 740 -36.19 -38.57 -4.83
C HIS B 740 -37.02 -37.31 -5.03
N CYS B 741 -37.72 -36.92 -3.97
CA CYS B 741 -38.43 -35.66 -3.91
C CYS B 741 -38.37 -35.14 -2.48
N GLU B 742 -38.18 -33.84 -2.33
CA GLU B 742 -38.21 -33.26 -0.99
C GLU B 742 -39.58 -33.44 -0.38
N ILE B 743 -39.62 -33.56 0.95
CA ILE B 743 -40.90 -33.54 1.65
C ILE B 743 -41.63 -32.23 1.37
N HIS B 744 -40.91 -31.12 1.39
CA HIS B 744 -41.49 -29.86 0.96
C HIS B 744 -40.37 -28.94 0.49
N PRO B 745 -40.52 -28.28 -0.66
CA PRO B 745 -39.53 -27.26 -1.03
C PRO B 745 -39.44 -26.14 -0.01
N SER B 746 -40.55 -25.81 0.67
CA SER B 746 -40.51 -24.82 1.74
C SER B 746 -39.65 -25.28 2.91
N MET B 747 -39.13 -26.51 2.87
CA MET B 747 -38.21 -26.97 3.90
C MET B 747 -36.75 -26.69 3.56
N ILE B 748 -36.48 -26.06 2.40
CA ILE B 748 -35.13 -25.54 2.17
C ILE B 748 -34.84 -24.36 3.08
N LEU B 749 -35.85 -23.86 3.78
CA LEU B 749 -35.75 -22.65 4.59
C LEU B 749 -35.05 -22.95 5.91
N GLY B 750 -35.07 -21.97 6.80
CA GLY B 750 -34.51 -22.12 8.13
C GLY B 750 -35.56 -21.89 9.20
N VAL B 751 -35.16 -21.99 10.47
CA VAL B 751 -36.10 -21.79 11.57
C VAL B 751 -36.67 -20.37 11.52
N ALA B 752 -35.80 -19.39 11.32
CA ALA B 752 -36.27 -18.01 11.16
C ALA B 752 -37.05 -17.85 9.87
N ALA B 753 -36.55 -18.45 8.78
CA ALA B 753 -37.19 -18.30 7.48
C ALA B 753 -38.58 -18.91 7.45
N SER B 754 -38.87 -19.88 8.32
CA SER B 754 -40.20 -20.44 8.42
C SER B 754 -41.20 -19.47 9.02
N ILE B 755 -40.79 -18.24 9.31
CA ILE B 755 -41.69 -17.23 9.89
C ILE B 755 -42.29 -16.32 8.82
N ILE B 756 -41.51 -15.91 7.82
CA ILE B 756 -41.92 -14.88 6.87
C ILE B 756 -43.13 -15.30 6.05
N PRO B 757 -44.14 -14.45 5.93
CA PRO B 757 -45.22 -14.72 4.98
C PRO B 757 -44.77 -14.53 3.55
N PHE B 758 -44.85 -15.62 2.78
CA PHE B 758 -44.36 -15.69 1.40
C PHE B 758 -42.99 -15.02 1.25
N PRO B 759 -41.93 -15.58 1.84
CA PRO B 759 -40.59 -15.02 1.62
C PRO B 759 -40.13 -15.12 0.18
N ASP B 760 -40.88 -15.84 -0.67
CA ASP B 760 -40.53 -16.08 -2.06
C ASP B 760 -41.13 -15.04 -3.01
N HIS B 761 -41.80 -14.01 -2.49
CA HIS B 761 -42.32 -12.94 -3.33
C HIS B 761 -41.57 -11.63 -3.13
N ASN B 762 -40.44 -11.66 -2.43
CA ASN B 762 -39.69 -10.46 -2.09
C ASN B 762 -38.22 -10.67 -2.38
N GLN B 763 -37.49 -9.55 -2.51
CA GLN B 763 -36.09 -9.59 -2.87
C GLN B 763 -35.27 -10.36 -1.84
N SER B 764 -34.34 -11.18 -2.33
CA SER B 764 -33.47 -11.98 -1.48
C SER B 764 -32.67 -11.14 -0.49
N PRO B 765 -32.10 -9.99 -0.88
CA PRO B 765 -31.48 -9.13 0.15
C PRO B 765 -32.43 -8.74 1.26
N ARG B 766 -33.69 -8.45 0.93
CA ARG B 766 -34.65 -8.14 1.98
C ARG B 766 -35.00 -9.37 2.79
N ASN B 767 -34.97 -10.55 2.16
CA ASN B 767 -35.13 -11.79 2.91
C ASN B 767 -34.01 -11.97 3.92
N THR B 768 -32.79 -11.67 3.51
CA THR B 768 -31.65 -11.75 4.42
C THR B 768 -31.77 -10.74 5.54
N TYR B 769 -32.20 -9.53 5.22
CA TYR B 769 -32.43 -8.52 6.26
C TYR B 769 -33.50 -8.97 7.24
N GLN B 770 -34.56 -9.59 6.73
CA GLN B 770 -35.58 -10.19 7.60
C GLN B 770 -34.97 -11.23 8.52
N SER B 771 -34.15 -12.13 7.97
CA SER B 771 -33.52 -13.18 8.77
C SER B 771 -32.69 -12.55 9.88
N ALA B 772 -31.89 -11.55 9.53
CA ALA B 772 -31.05 -10.88 10.52
C ALA B 772 -31.87 -10.20 11.60
N MET B 773 -32.94 -9.50 11.21
CA MET B 773 -33.69 -8.71 12.18
C MET B 773 -34.62 -9.59 13.02
N GLY B 774 -34.92 -10.80 12.54
CA GLY B 774 -35.86 -11.64 13.26
C GLY B 774 -35.40 -12.01 14.65
N LYS B 775 -34.09 -12.27 14.80
CA LYS B 775 -33.55 -12.62 16.09
C LYS B 775 -33.53 -11.46 17.07
N GLN B 776 -33.48 -10.23 16.59
CA GLN B 776 -33.43 -9.04 17.44
C GLN B 776 -34.78 -8.35 17.57
N ALA B 777 -35.84 -8.95 17.05
CA ALA B 777 -37.18 -8.38 17.16
C ALA B 777 -37.75 -8.64 18.54
N MET B 778 -38.46 -7.66 19.08
CA MET B 778 -39.05 -7.77 20.41
C MET B 778 -40.14 -8.84 20.44
N GLY B 779 -40.29 -9.46 21.60
CA GLY B 779 -41.31 -10.48 21.79
C GLY B 779 -41.39 -11.00 23.21
N VAL B 780 -41.72 -12.29 23.36
CA VAL B 780 -41.82 -12.95 24.66
C VAL B 780 -40.96 -14.20 24.57
N PHE B 781 -39.90 -14.27 25.38
CA PHE B 781 -38.95 -15.36 25.23
C PHE B 781 -39.37 -16.61 26.03
N LEU B 782 -39.58 -16.48 27.34
CA LEU B 782 -39.83 -17.67 28.14
C LEU B 782 -41.00 -17.43 29.09
N THR B 783 -41.70 -18.51 29.43
CA THR B 783 -42.87 -18.45 30.30
C THR B 783 -42.53 -18.02 31.71
N ASN B 784 -41.44 -18.53 32.27
CA ASN B 784 -40.99 -18.16 33.60
C ASN B 784 -39.90 -17.09 33.57
N TYR B 785 -40.03 -16.12 32.66
CA TYR B 785 -39.11 -14.98 32.63
C TYR B 785 -38.89 -14.39 34.00
N ASN B 786 -39.92 -14.41 34.85
CA ASN B 786 -39.82 -13.80 36.17
C ASN B 786 -38.79 -14.48 37.07
N VAL B 787 -38.75 -15.82 37.09
CA VAL B 787 -37.81 -16.50 37.98
C VAL B 787 -36.37 -16.38 37.51
N ARG B 788 -36.15 -15.94 36.27
CA ARG B 788 -34.81 -15.76 35.74
C ARG B 788 -34.33 -14.34 36.05
N MET B 789 -33.07 -14.26 36.52
CA MET B 789 -32.43 -12.99 36.82
C MET B 789 -31.45 -12.70 35.67
N ASP B 790 -31.93 -12.09 34.61
CA ASP B 790 -31.13 -11.94 33.41
C ASP B 790 -30.76 -10.48 33.19
N THR B 791 -29.67 -10.27 32.44
CA THR B 791 -29.20 -8.92 32.15
C THR B 791 -30.29 -8.09 31.50
N MET B 792 -31.08 -8.70 30.63
CA MET B 792 -32.18 -8.00 29.97
C MET B 792 -33.31 -9.00 29.72
N ALA B 793 -34.53 -8.55 29.98
CA ALA B 793 -35.72 -9.35 29.71
C ALA B 793 -36.79 -8.45 29.12
N ASN B 794 -37.40 -8.89 28.02
CA ASN B 794 -38.42 -8.12 27.34
C ASN B 794 -39.65 -8.99 27.11
N ILE B 795 -40.81 -8.51 27.57
CA ILE B 795 -42.06 -9.25 27.46
C ILE B 795 -43.12 -8.30 26.89
N LEU B 796 -43.80 -8.73 25.83
CA LEU B 796 -44.84 -7.91 25.23
C LEU B 796 -46.09 -7.93 26.10
N TYR B 797 -46.75 -6.77 26.19
CA TYR B 797 -48.04 -6.69 26.89
C TYR B 797 -49.05 -7.64 26.27
N TYR B 798 -49.12 -7.67 24.94
CA TYR B 798 -50.18 -8.37 24.22
C TYR B 798 -49.59 -9.07 22.99
N PRO B 799 -48.93 -10.21 23.19
CA PRO B 799 -48.50 -11.00 22.02
C PRO B 799 -49.68 -11.39 21.16
N GLN B 800 -49.48 -11.31 19.84
CA GLN B 800 -50.53 -11.56 18.86
C GLN B 800 -50.01 -12.52 17.80
N LYS B 801 -50.78 -13.58 17.53
CA LYS B 801 -50.43 -14.48 16.44
C LYS B 801 -50.61 -13.77 15.10
N PRO B 802 -49.63 -13.88 14.20
CA PRO B 802 -49.75 -13.22 12.90
C PRO B 802 -50.96 -13.70 12.10
N LEU B 803 -51.59 -12.74 11.41
CA LEU B 803 -52.66 -13.09 10.49
C LEU B 803 -52.14 -13.97 9.37
N ALA B 804 -50.97 -13.62 8.81
CA ALA B 804 -50.33 -14.43 7.80
C ALA B 804 -49.42 -15.44 8.49
N LYS B 805 -49.56 -16.71 8.12
CA LYS B 805 -48.89 -17.80 8.80
C LYS B 805 -48.29 -18.76 7.78
N THR B 806 -47.21 -19.43 8.18
CA THR B 806 -46.71 -20.57 7.43
C THR B 806 -47.28 -21.84 8.04
N GLN B 807 -46.98 -22.99 7.42
CA GLN B 807 -47.43 -24.23 8.03
C GLN B 807 -46.38 -24.78 8.98
N ALA B 808 -45.09 -24.60 8.64
CA ALA B 808 -44.04 -24.91 9.60
C ALA B 808 -44.19 -24.07 10.86
N MET B 809 -44.86 -22.93 10.73
CA MET B 809 -45.34 -22.15 11.87
C MET B 809 -46.03 -23.05 12.88
N GLU B 810 -46.96 -23.89 12.42
CA GLU B 810 -47.72 -24.76 13.31
C GLU B 810 -46.79 -25.56 14.20
N TYR B 811 -45.72 -26.08 13.60
CA TYR B 811 -44.68 -26.82 14.31
C TYR B 811 -43.87 -25.91 15.23
N LEU B 812 -43.66 -24.65 14.86
CA LEU B 812 -42.95 -23.67 15.66
C LEU B 812 -43.76 -23.16 16.84
N LYS B 813 -45.05 -23.49 16.92
CA LYS B 813 -45.95 -23.05 17.98
C LYS B 813 -46.03 -21.53 18.09
N PHE B 814 -46.03 -20.84 16.95
CA PHE B 814 -45.95 -19.38 16.97
C PHE B 814 -47.24 -18.76 17.50
N ARG B 815 -48.34 -19.50 17.46
CA ARG B 815 -49.54 -19.06 18.18
C ARG B 815 -49.26 -18.91 19.66
N GLU B 816 -48.32 -19.69 20.18
CA GLU B 816 -48.13 -19.79 21.62
C GLU B 816 -47.04 -18.84 22.10
N LEU B 817 -46.05 -18.56 21.25
CA LEU B 817 -45.03 -17.54 21.52
C LEU B 817 -44.93 -16.61 20.30
N PRO B 818 -45.92 -15.76 20.09
CA PRO B 818 -45.89 -14.87 18.92
C PRO B 818 -45.06 -13.64 19.19
N ALA B 819 -44.35 -13.20 18.15
CA ALA B 819 -43.50 -12.01 18.21
C ALA B 819 -44.06 -10.96 17.26
N GLY B 820 -44.84 -10.04 17.80
CA GLY B 820 -45.40 -8.95 17.02
C GLY B 820 -46.89 -8.85 17.24
N GLN B 821 -47.47 -7.84 16.60
CA GLN B 821 -48.90 -7.61 16.67
C GLN B 821 -49.46 -7.30 15.30
N ASN B 822 -50.74 -7.60 15.12
CA ASN B 822 -51.46 -7.31 13.88
C ASN B 822 -52.09 -5.94 14.01
N ALA B 823 -51.48 -4.94 13.40
CA ALA B 823 -51.92 -3.56 13.51
C ALA B 823 -52.35 -3.03 12.14
N ILE B 824 -53.10 -1.93 12.14
CA ILE B 824 -53.74 -1.46 10.91
C ILE B 824 -52.83 -0.43 10.26
N VAL B 825 -52.53 -0.62 8.98
CA VAL B 825 -51.69 0.30 8.22
C VAL B 825 -52.42 0.67 6.93
N ALA B 826 -52.27 1.93 6.52
CA ALA B 826 -52.77 2.41 5.24
C ALA B 826 -51.59 3.00 4.48
N ILE B 827 -51.65 2.95 3.15
CA ILE B 827 -50.54 3.44 2.34
C ILE B 827 -50.96 4.74 1.67
N ALA B 828 -50.16 5.79 1.87
CA ALA B 828 -50.37 7.10 1.27
C ALA B 828 -49.22 8.01 1.67
N CYS B 829 -49.28 9.25 1.18
CA CYS B 829 -48.39 10.32 1.64
C CYS B 829 -49.28 11.43 2.17
N TYR B 830 -49.64 11.34 3.44
CA TYR B 830 -50.62 12.25 4.02
C TYR B 830 -49.92 13.35 4.83
N SER B 831 -49.03 12.95 5.72
CA SER B 831 -48.39 13.90 6.63
C SER B 831 -47.08 14.45 6.11
N GLY B 832 -46.47 13.83 5.10
CA GLY B 832 -45.14 14.19 4.66
C GLY B 832 -44.03 13.81 5.61
N TYR B 833 -44.36 13.37 6.82
CA TYR B 833 -43.39 12.87 7.78
C TYR B 833 -43.05 11.40 7.55
N ASN B 834 -43.80 10.72 6.68
CA ASN B 834 -43.60 9.30 6.44
C ASN B 834 -42.35 9.02 5.60
N GLN B 835 -41.72 10.06 5.09
CA GLN B 835 -40.56 9.92 4.23
C GLN B 835 -39.37 9.35 4.98
N GLU B 836 -38.50 8.67 4.24
CA GLU B 836 -37.14 8.37 4.68
C GLU B 836 -37.14 7.48 5.94
N ASP B 837 -37.74 6.29 5.79
CA ASP B 837 -37.80 5.26 6.82
C ASP B 837 -38.53 5.73 8.09
N SER B 838 -39.46 6.67 7.98
CA SER B 838 -40.24 7.07 9.13
C SER B 838 -41.71 6.64 8.95
N MET B 839 -42.35 6.33 10.07
CA MET B 839 -43.75 5.94 10.04
C MET B 839 -44.57 6.86 10.93
N ILE B 840 -45.85 6.97 10.60
CA ILE B 840 -46.80 7.79 11.34
C ILE B 840 -47.70 6.85 12.12
N MET B 841 -47.93 7.17 13.40
CA MET B 841 -48.58 6.25 14.32
C MET B 841 -49.92 6.80 14.79
N ASN B 842 -50.85 5.89 15.07
CA ASN B 842 -52.12 6.23 15.73
C ASN B 842 -51.87 6.33 17.23
N GLN B 843 -52.20 7.50 17.81
CA GLN B 843 -51.98 7.70 19.23
C GLN B 843 -52.98 6.93 20.06
N SER B 844 -54.19 6.70 19.51
CA SER B 844 -55.22 5.98 20.25
C SER B 844 -54.78 4.56 20.57
N SER B 845 -54.18 3.87 19.59
CA SER B 845 -53.70 2.51 19.83
C SER B 845 -52.61 2.49 20.90
N ILE B 846 -51.72 3.47 20.86
CA ILE B 846 -50.66 3.55 21.87
C ILE B 846 -51.25 3.78 23.25
N ASP B 847 -52.22 4.68 23.35
CA ASP B 847 -52.90 4.91 24.63
C ASP B 847 -53.58 3.64 25.13
N ARG B 848 -54.22 2.90 24.22
CA ARG B 848 -54.79 1.61 24.59
C ARG B 848 -53.72 0.57 24.88
N GLY B 849 -52.48 0.81 24.52
CA GLY B 849 -51.38 -0.06 24.86
C GLY B 849 -50.85 -0.94 23.74
N LEU B 850 -51.03 -0.55 22.48
CA LEU B 850 -50.53 -1.35 21.37
C LEU B 850 -49.00 -1.28 21.35
N PHE B 851 -48.36 -2.45 21.40
CA PHE B 851 -46.91 -2.61 21.51
C PHE B 851 -46.35 -1.98 22.80
N ARG B 852 -47.18 -1.85 23.83
CA ARG B 852 -46.65 -1.58 25.16
C ARG B 852 -45.92 -2.83 25.65
N SER B 853 -44.86 -2.66 26.42
CA SER B 853 -44.10 -3.83 26.84
C SER B 853 -43.47 -3.62 28.21
N LEU B 854 -42.86 -4.69 28.71
CA LEU B 854 -42.20 -4.72 30.01
C LEU B 854 -40.74 -5.09 29.84
N PHE B 855 -39.86 -4.28 30.40
CA PHE B 855 -38.43 -4.52 30.41
C PHE B 855 -37.97 -4.80 31.83
N PHE B 856 -36.99 -5.68 31.96
CA PHE B 856 -36.49 -6.12 33.25
C PHE B 856 -34.96 -6.17 33.20
N ARG B 857 -34.33 -5.57 34.22
CA ARG B 857 -32.88 -5.52 34.30
C ARG B 857 -32.42 -6.03 35.65
N SER B 858 -31.55 -7.03 35.64
CA SER B 858 -31.05 -7.66 36.87
C SER B 858 -29.64 -7.17 37.16
N TYR B 859 -29.48 -6.50 38.30
CA TYR B 859 -28.16 -6.13 38.81
C TYR B 859 -27.72 -7.19 39.81
N MET B 860 -26.51 -7.70 39.63
CA MET B 860 -25.95 -8.71 40.52
C MET B 860 -24.85 -8.08 41.36
N ASP B 861 -24.91 -8.33 42.67
CA ASP B 861 -23.91 -7.81 43.58
C ASP B 861 -23.52 -8.89 44.58
N GLN B 862 -22.37 -8.73 45.20
CA GLN B 862 -21.84 -9.76 46.08
C GLN B 862 -20.80 -9.14 47.03
N GLU B 863 -20.70 -9.71 48.22
CA GLU B 863 -19.63 -9.38 49.14
C GLU B 863 -18.36 -10.10 48.73
N LYS B 864 -17.21 -9.51 49.06
CA LYS B 864 -15.92 -10.04 48.65
C LYS B 864 -15.00 -10.22 49.85
N ARG B 865 -13.99 -11.07 49.66
CA ARG B 865 -13.01 -11.41 50.69
C ARG B 865 -11.66 -10.81 50.29
N PHE B 866 -11.30 -9.71 50.95
CA PHE B 866 -10.00 -9.09 50.73
C PHE B 866 -8.89 -9.99 51.28
N GLY B 867 -9.12 -10.56 52.46
CA GLY B 867 -8.21 -11.54 53.03
C GLY B 867 -8.91 -12.86 53.29
N ILE B 868 -8.95 -13.27 54.56
CA ILE B 868 -9.72 -14.43 54.98
C ILE B 868 -10.86 -13.95 55.84
N SER B 869 -10.57 -13.01 56.74
CA SER B 869 -11.60 -12.37 57.56
C SER B 869 -11.94 -10.97 57.09
N ILE B 870 -11.06 -10.32 56.32
CA ILE B 870 -11.32 -8.98 55.82
C ILE B 870 -12.41 -9.06 54.75
N VAL B 871 -13.60 -8.57 55.09
CA VAL B 871 -14.76 -8.66 54.20
C VAL B 871 -15.49 -7.33 54.17
N GLU B 872 -16.00 -6.98 53.00
CA GLU B 872 -16.90 -5.85 52.85
C GLU B 872 -18.34 -6.30 53.10
N GLU B 873 -19.20 -5.34 53.44
CA GLU B 873 -20.56 -5.66 53.85
C GLU B 873 -21.54 -4.76 53.11
N PHE B 874 -22.75 -5.28 52.92
CA PHE B 874 -23.87 -4.54 52.34
C PHE B 874 -24.58 -3.77 53.45
N GLU B 875 -24.27 -2.49 53.59
CA GLU B 875 -24.85 -1.67 54.63
C GLU B 875 -25.11 -0.27 54.09
N LYS B 876 -26.00 0.45 54.77
CA LYS B 876 -26.39 1.82 54.44
C LYS B 876 -25.24 2.80 54.65
N PRO B 877 -24.68 3.36 53.59
CA PRO B 877 -23.61 4.36 53.76
C PRO B 877 -24.14 5.63 54.42
N THR B 878 -23.29 6.26 55.22
CA THR B 878 -23.62 7.51 55.89
C THR B 878 -22.46 8.49 55.75
N ARG B 879 -22.64 9.68 56.31
CA ARG B 879 -21.62 10.73 56.27
C ARG B 879 -20.46 10.48 57.22
N ALA B 880 -20.59 9.63 58.24
CA ALA B 880 -19.54 9.49 59.23
C ALA B 880 -18.68 8.25 58.99
N THR B 881 -19.31 7.07 58.92
CA THR B 881 -18.54 5.84 58.75
C THR B 881 -18.00 5.71 57.33
N THR B 882 -18.69 6.30 56.35
CA THR B 882 -18.34 6.15 54.95
C THR B 882 -17.70 7.43 54.44
N LEU B 883 -16.54 7.30 53.81
CA LEU B 883 -15.81 8.42 53.23
C LEU B 883 -15.99 8.42 51.72
N ARG B 884 -15.79 9.61 51.12
CA ARG B 884 -15.91 9.79 49.67
C ARG B 884 -17.28 9.30 49.21
N LEU B 885 -18.33 9.97 49.64
CA LEU B 885 -19.71 9.56 49.38
C LEU B 885 -20.06 9.91 47.93
N LYS B 886 -21.30 9.73 47.50
CA LYS B 886 -21.73 10.11 46.16
C LYS B 886 -23.02 10.93 46.30
N HIS B 887 -23.24 11.83 45.35
CA HIS B 887 -24.35 12.76 45.41
C HIS B 887 -25.71 12.08 45.35
N GLY B 888 -25.75 10.80 44.97
CA GLY B 888 -27.02 10.10 44.92
C GLY B 888 -27.61 9.90 46.30
N THR B 889 -28.94 9.77 46.33
CA THR B 889 -29.67 9.61 47.58
C THR B 889 -29.58 8.16 48.05
N TYR B 890 -29.07 7.95 49.25
CA TYR B 890 -28.89 6.63 49.83
C TYR B 890 -30.12 6.15 50.60
N GLU B 891 -31.13 7.00 50.77
CA GLU B 891 -32.24 6.76 51.68
C GLU B 891 -33.03 5.50 51.35
N LYS B 892 -33.05 5.10 50.07
CA LYS B 892 -33.82 3.93 49.66
C LYS B 892 -33.35 2.66 50.36
N LEU B 893 -32.08 2.61 50.73
CA LEU B 893 -31.57 1.50 51.51
C LEU B 893 -32.19 1.51 52.91
N ASP B 894 -32.49 0.33 53.44
CA ASP B 894 -33.21 0.28 54.71
C ASP B 894 -32.39 -0.29 55.86
N GLU B 895 -31.97 -1.55 55.76
CA GLU B 895 -31.18 -2.14 56.85
C GLU B 895 -29.94 -2.85 56.33
N ASP B 896 -30.08 -3.55 55.19
CA ASP B 896 -29.03 -4.41 54.67
C ASP B 896 -28.52 -3.94 53.33
N GLY B 897 -28.62 -2.63 53.07
CA GLY B 897 -28.21 -2.11 51.78
C GLY B 897 -29.05 -2.64 50.64
N LEU B 898 -30.27 -3.07 50.93
CA LEU B 898 -31.17 -3.59 49.90
C LEU B 898 -32.48 -2.81 49.94
N ILE B 899 -32.86 -2.28 48.79
CA ILE B 899 -34.14 -1.60 48.65
C ILE B 899 -35.27 -2.63 48.70
N ALA B 900 -36.44 -2.17 49.15
CA ALA B 900 -37.56 -3.10 49.22
C ALA B 900 -38.15 -3.33 47.83
N PRO B 901 -38.71 -4.50 47.57
CA PRO B 901 -39.32 -4.76 46.26
C PRO B 901 -40.57 -3.93 46.06
N GLY B 902 -40.63 -3.22 44.93
CA GLY B 902 -41.80 -2.45 44.61
C GLY B 902 -41.63 -0.94 44.68
N VAL B 903 -40.48 -0.50 45.17
CA VAL B 903 -40.20 0.93 45.30
C VAL B 903 -39.93 1.51 43.92
N ARG B 904 -40.31 2.77 43.72
CA ARG B 904 -40.14 3.46 42.45
C ARG B 904 -38.68 3.92 42.36
N VAL B 905 -37.85 3.07 41.75
CA VAL B 905 -36.43 3.39 41.65
C VAL B 905 -36.16 4.26 40.43
N SER B 906 -35.12 5.07 40.53
CA SER B 906 -34.69 5.96 39.46
C SER B 906 -33.17 6.11 39.54
N GLY B 907 -32.62 6.92 38.65
CA GLY B 907 -31.19 7.15 38.66
C GLY B 907 -30.79 8.11 39.78
N ASP B 908 -29.48 8.21 40.00
CA ASP B 908 -28.91 9.02 41.08
C ASP B 908 -29.48 8.58 42.43
N ASP B 909 -29.72 7.27 42.54
CA ASP B 909 -30.33 6.68 43.73
C ASP B 909 -29.70 5.31 43.94
N ILE B 910 -29.20 5.06 45.16
CA ILE B 910 -28.50 3.81 45.43
C ILE B 910 -29.49 2.70 45.71
N ILE B 911 -29.31 1.56 45.03
CA ILE B 911 -30.22 0.42 45.14
C ILE B 911 -29.57 -0.69 45.95
N ILE B 912 -28.27 -0.87 45.79
CA ILE B 912 -27.51 -1.85 46.56
C ILE B 912 -26.33 -1.17 47.24
N GLY B 913 -26.44 -0.94 48.55
CA GLY B 913 -25.38 -0.28 49.29
C GLY B 913 -24.29 -1.24 49.71
N LYS B 914 -23.05 -0.81 49.53
CA LYS B 914 -21.89 -1.61 49.89
C LYS B 914 -20.83 -0.71 50.50
N THR B 915 -20.17 -1.20 51.54
CA THR B 915 -19.09 -0.49 52.21
C THR B 915 -17.84 -1.36 52.22
N THR B 916 -16.71 -0.77 51.83
CA THR B 916 -15.45 -1.48 51.66
C THR B 916 -14.39 -0.92 52.59
N PRO B 917 -13.63 -1.79 53.28
CA PRO B 917 -12.59 -1.29 54.20
C PRO B 917 -11.50 -0.47 53.53
N ILE B 918 -11.03 0.56 54.22
CA ILE B 918 -9.86 1.34 53.78
C ILE B 918 -8.61 0.78 54.46
N PRO B 919 -7.51 0.62 53.73
CA PRO B 919 -6.26 0.22 54.37
C PRO B 919 -5.70 1.34 55.22
N PRO B 920 -5.49 1.11 56.52
CA PRO B 920 -5.00 2.14 57.45
C PRO B 920 -3.55 2.51 57.21
N TYR B 931 -10.44 3.74 62.58
CA TYR B 931 -11.18 4.99 62.74
C TYR B 931 -11.49 5.61 61.38
N HIS B 932 -12.77 5.54 60.98
CA HIS B 932 -13.24 6.11 59.72
C HIS B 932 -12.45 5.56 58.53
N THR B 933 -12.60 4.25 58.34
CA THR B 933 -11.84 3.51 57.34
C THR B 933 -12.78 2.69 56.47
N LYS B 934 -13.85 3.32 55.98
CA LYS B 934 -14.86 2.64 55.18
C LYS B 934 -15.25 3.54 54.00
N ARG B 935 -15.33 2.96 52.82
CA ARG B 935 -15.60 3.66 51.57
C ARG B 935 -16.89 3.14 50.94
N ASP B 936 -17.60 4.05 50.28
CA ASP B 936 -18.80 3.64 49.56
C ASP B 936 -18.42 2.79 48.36
N ALA B 937 -18.97 1.57 48.34
CA ALA B 937 -18.75 0.65 47.24
C ALA B 937 -20.09 0.20 46.67
N SER B 938 -21.11 1.04 46.83
CA SER B 938 -22.45 0.71 46.40
C SER B 938 -22.56 0.73 44.88
N THR B 939 -23.65 0.20 44.34
CA THR B 939 -23.89 0.18 42.90
C THR B 939 -25.28 0.72 42.67
N PRO B 940 -25.42 2.04 42.53
CA PRO B 940 -26.77 2.62 42.37
C PRO B 940 -27.39 2.26 41.04
N LEU B 941 -28.68 2.58 40.91
CA LEU B 941 -29.38 2.33 39.66
C LEU B 941 -28.79 3.21 38.56
N ARG B 942 -28.89 2.73 37.32
CA ARG B 942 -28.35 3.45 36.17
C ARG B 942 -28.97 4.84 36.07
N SER B 943 -28.15 5.83 35.74
CA SER B 943 -28.54 7.24 35.82
C SER B 943 -29.85 7.53 35.10
N THR B 944 -29.88 7.26 33.80
CA THR B 944 -31.10 7.52 33.01
C THR B 944 -31.95 6.27 32.88
N GLU B 945 -32.31 5.68 34.02
CA GLU B 945 -33.17 4.50 34.03
C GLU B 945 -34.17 4.64 35.17
N ASN B 946 -35.43 4.33 34.88
CA ASN B 946 -36.52 4.45 35.85
C ASN B 946 -37.34 3.17 35.86
N GLY B 947 -38.07 2.97 36.93
CA GLY B 947 -38.95 1.82 37.04
C GLY B 947 -39.20 1.45 38.49
N ILE B 948 -39.75 0.25 38.66
CA ILE B 948 -40.08 -0.30 39.96
C ILE B 948 -39.40 -1.66 40.09
N VAL B 949 -38.84 -1.92 41.28
CA VAL B 949 -38.14 -3.16 41.54
C VAL B 949 -39.08 -4.34 41.33
N ASP B 950 -38.78 -5.17 40.32
CA ASP B 950 -39.58 -6.36 40.11
C ASP B 950 -39.38 -7.38 41.21
N GLN B 951 -38.13 -7.69 41.54
CA GLN B 951 -37.80 -8.85 42.37
C GLN B 951 -36.46 -8.64 43.04
N VAL B 952 -36.31 -9.18 44.25
CA VAL B 952 -35.06 -9.15 45.00
C VAL B 952 -34.76 -10.56 45.46
N LEU B 953 -33.69 -11.15 44.93
CA LEU B 953 -33.21 -12.47 45.32
C LEU B 953 -32.00 -12.33 46.24
N LEU B 954 -32.08 -12.97 47.40
CA LEU B 954 -30.98 -13.03 48.35
C LEU B 954 -30.52 -14.48 48.44
N THR B 955 -29.26 -14.74 48.11
CA THR B 955 -28.68 -16.06 48.31
C THR B 955 -27.24 -15.89 48.75
N THR B 956 -26.44 -16.95 48.71
CA THR B 956 -25.01 -16.83 48.92
C THR B 956 -24.31 -17.19 47.61
N ASN B 957 -22.98 -17.14 47.63
CA ASN B 957 -22.19 -17.65 46.53
C ASN B 957 -22.01 -19.15 46.70
N GLN B 958 -21.04 -19.71 45.98
CA GLN B 958 -20.66 -21.09 46.22
C GLN B 958 -20.25 -21.32 47.67
N GLU B 959 -19.32 -20.51 48.19
CA GLU B 959 -18.78 -20.82 49.51
C GLU B 959 -19.41 -20.04 50.66
N GLY B 960 -19.27 -18.72 50.72
CA GLY B 960 -19.72 -18.03 51.91
C GLY B 960 -20.19 -16.58 51.83
N LEU B 961 -20.30 -16.01 50.64
CA LEU B 961 -20.57 -14.58 50.55
C LEU B 961 -21.95 -14.33 49.97
N LYS B 962 -22.69 -13.41 50.61
CA LYS B 962 -24.06 -13.16 50.20
C LYS B 962 -24.08 -12.54 48.80
N PHE B 963 -24.93 -13.11 47.95
CA PHE B 963 -25.00 -12.76 46.54
C PHE B 963 -26.45 -12.34 46.27
N VAL B 964 -26.63 -11.10 45.82
CA VAL B 964 -27.95 -10.52 45.64
C VAL B 964 -28.20 -10.24 44.17
N LYS B 965 -29.42 -10.57 43.72
CA LYS B 965 -29.85 -10.34 42.35
C LYS B 965 -31.13 -9.51 42.39
N VAL B 966 -31.02 -8.24 42.02
CA VAL B 966 -32.15 -7.32 42.06
C VAL B 966 -32.59 -7.02 40.64
N ARG B 967 -33.79 -7.48 40.28
CA ARG B 967 -34.35 -7.20 38.97
C ARG B 967 -35.34 -6.06 39.12
N MET B 968 -35.19 -5.03 38.28
CA MET B 968 -36.08 -3.88 38.26
C MET B 968 -36.92 -3.93 36.98
N ARG B 969 -38.18 -3.53 37.11
CA ARG B 969 -39.16 -3.61 36.03
C ARG B 969 -39.55 -2.21 35.56
N THR B 970 -39.69 -2.06 34.25
CA THR B 970 -40.09 -0.80 33.63
C THR B 970 -41.10 -1.11 32.53
N THR B 971 -41.98 -0.15 32.27
CA THR B 971 -42.92 -0.24 31.17
C THR B 971 -42.43 0.65 30.03
N LYS B 972 -42.33 0.07 28.84
CA LYS B 972 -41.86 0.78 27.66
C LYS B 972 -43.04 1.03 26.73
N VAL B 973 -43.10 2.25 26.20
CA VAL B 973 -44.19 2.72 25.35
C VAL B 973 -43.57 3.39 24.13
N PRO B 974 -44.10 3.19 22.93
CA PRO B 974 -43.48 3.79 21.74
C PRO B 974 -43.48 5.31 21.78
N GLN B 975 -42.46 5.89 21.15
CA GLN B 975 -42.30 7.33 21.06
C GLN B 975 -41.64 7.64 19.71
N ILE B 976 -41.74 8.90 19.29
CA ILE B 976 -41.16 9.36 18.02
C ILE B 976 -39.71 8.94 17.94
N GLY B 977 -39.35 8.22 16.88
CA GLY B 977 -38.01 7.72 16.68
C GLY B 977 -37.81 6.25 17.01
N ASP B 978 -38.82 5.59 17.59
CA ASP B 978 -38.66 4.19 17.94
C ASP B 978 -38.61 3.33 16.69
N LYS B 979 -37.72 2.33 16.72
CA LYS B 979 -37.42 1.48 15.57
C LYS B 979 -38.37 0.29 15.53
N PHE B 980 -38.84 -0.03 14.33
CA PHE B 980 -39.73 -1.15 14.09
C PHE B 980 -39.45 -1.74 12.71
N ALA B 981 -39.92 -2.96 12.49
CA ALA B 981 -39.74 -3.63 11.21
C ALA B 981 -40.91 -4.57 10.97
N SER B 982 -41.12 -4.88 9.70
CA SER B 982 -42.16 -5.80 9.26
C SER B 982 -41.59 -7.22 9.17
N ARG B 983 -42.34 -8.11 8.53
CA ARG B 983 -41.81 -9.41 8.14
C ARG B 983 -41.38 -9.42 6.67
N HIS B 984 -41.01 -8.26 6.13
CA HIS B 984 -40.59 -8.15 4.74
C HIS B 984 -39.43 -7.19 4.59
N GLY B 985 -38.62 -7.05 5.64
CA GLY B 985 -37.43 -6.22 5.60
C GLY B 985 -37.76 -4.75 5.76
N GLN B 986 -39.04 -4.43 5.94
CA GLN B 986 -39.50 -3.05 5.95
C GLN B 986 -39.23 -2.48 7.33
N LYS B 987 -38.11 -1.76 7.44
CA LYS B 987 -37.60 -1.26 8.70
C LYS B 987 -37.57 0.25 8.71
N GLY B 988 -37.95 0.83 9.84
CA GLY B 988 -37.87 2.28 9.98
C GLY B 988 -38.18 2.70 11.40
N THR B 989 -37.98 3.99 11.66
CA THR B 989 -38.29 4.58 12.95
C THR B 989 -39.58 5.39 12.86
N ILE B 990 -40.11 5.76 14.02
CA ILE B 990 -41.28 6.63 14.06
C ILE B 990 -40.85 8.05 13.71
N GLY B 991 -41.58 8.68 12.79
CA GLY B 991 -41.30 10.05 12.42
C GLY B 991 -42.12 11.04 13.21
N VAL B 992 -43.43 10.77 13.34
CA VAL B 992 -44.33 11.61 14.11
C VAL B 992 -45.52 10.76 14.52
N THR B 993 -46.13 11.12 15.64
CA THR B 993 -47.35 10.45 16.12
C THR B 993 -48.50 11.45 16.05
N TYR B 994 -49.60 11.02 15.45
CA TYR B 994 -50.80 11.85 15.30
C TYR B 994 -52.00 11.17 15.94
N ARG B 995 -52.87 11.98 16.53
CA ARG B 995 -54.04 11.52 17.23
C ARG B 995 -55.13 11.12 16.22
N HIS B 996 -56.21 10.52 16.75
CA HIS B 996 -57.25 9.95 15.90
C HIS B 996 -57.91 11.00 15.00
N GLU B 997 -58.18 12.19 15.56
CA GLU B 997 -59.01 13.16 14.85
C GLU B 997 -58.34 13.74 13.61
N ASP B 998 -57.00 13.84 13.61
CA ASP B 998 -56.30 14.51 12.52
C ASP B 998 -56.04 13.62 11.32
N MET B 999 -55.88 12.31 11.52
CA MET B 999 -55.66 11.42 10.39
C MET B 999 -56.98 11.06 9.72
N PRO B 1000 -56.95 10.79 8.41
CA PRO B 1000 -58.20 10.52 7.69
C PRO B 1000 -58.82 9.20 8.13
N PHE B 1001 -60.13 9.08 7.87
CA PHE B 1001 -60.89 7.92 8.26
C PHE B 1001 -61.51 7.28 7.02
N SER B 1002 -62.04 6.07 7.19
CA SER B 1002 -62.66 5.34 6.09
C SER B 1002 -64.12 5.74 5.95
N ALA B 1003 -64.82 5.10 5.02
CA ALA B 1003 -66.26 5.28 4.93
C ALA B 1003 -66.95 4.88 6.23
N GLU B 1004 -66.52 3.77 6.83
CA GLU B 1004 -66.96 3.37 8.15
C GLU B 1004 -66.26 4.14 9.25
N GLY B 1005 -65.52 5.19 8.91
CA GLY B 1005 -64.77 5.96 9.89
C GLY B 1005 -63.63 5.21 10.56
N ILE B 1006 -62.88 4.41 9.81
CA ILE B 1006 -61.83 3.59 10.39
C ILE B 1006 -60.47 4.18 10.00
N VAL B 1007 -59.61 4.37 10.99
CA VAL B 1007 -58.28 4.92 10.76
C VAL B 1007 -57.24 3.83 10.98
N PRO B 1008 -56.06 3.92 10.36
CA PRO B 1008 -55.03 2.92 10.59
C PRO B 1008 -54.26 3.17 11.89
N ASP B 1009 -53.59 2.11 12.35
CA ASP B 1009 -52.70 2.26 13.50
C ASP B 1009 -51.39 2.93 13.10
N LEU B 1010 -50.92 2.69 11.88
CA LEU B 1010 -49.61 3.18 11.45
C LEU B 1010 -49.67 3.51 9.96
N ILE B 1011 -48.78 4.40 9.54
CA ILE B 1011 -48.69 4.86 8.15
C ILE B 1011 -47.24 4.70 7.70
N ILE B 1012 -47.05 4.27 6.46
CA ILE B 1012 -45.72 3.99 5.93
C ILE B 1012 -45.47 4.84 4.68
N ASN B 1013 -44.21 4.81 4.21
CA ASN B 1013 -43.77 5.55 3.02
C ASN B 1013 -44.02 4.73 1.76
N PRO B 1014 -44.75 5.27 0.78
CA PRO B 1014 -44.90 4.56 -0.49
C PRO B 1014 -43.59 4.34 -1.22
N HIS B 1015 -42.59 5.17 -0.96
CA HIS B 1015 -41.33 5.13 -1.70
C HIS B 1015 -40.56 3.83 -1.50
N ALA B 1016 -40.88 3.07 -0.47
CA ALA B 1016 -40.28 1.76 -0.29
C ALA B 1016 -40.58 0.82 -1.44
N ILE B 1017 -41.82 0.80 -1.92
CA ILE B 1017 -42.24 -0.14 -2.96
C ILE B 1017 -41.42 0.03 -4.24
N PRO B 1018 -41.27 1.25 -4.80
CA PRO B 1018 -40.41 1.38 -5.98
C PRO B 1018 -38.99 0.93 -5.70
N SER B 1019 -38.49 1.26 -4.51
CA SER B 1019 -37.11 0.93 -4.17
C SER B 1019 -37.01 -0.48 -3.59
N ARG B 1020 -37.64 -0.71 -2.44
CA ARG B 1020 -37.44 -1.96 -1.72
C ARG B 1020 -38.25 -3.10 -2.34
N MET B 1021 -39.37 -2.79 -2.98
CA MET B 1021 -40.08 -3.75 -3.82
C MET B 1021 -40.50 -4.98 -3.02
N THR B 1022 -41.43 -4.76 -2.08
CA THR B 1022 -41.97 -5.84 -1.25
C THR B 1022 -43.39 -6.18 -1.67
N VAL B 1023 -43.48 -7.05 -2.69
CA VAL B 1023 -44.78 -7.56 -3.13
C VAL B 1023 -45.41 -8.43 -2.06
N ALA B 1024 -44.60 -9.25 -1.39
CA ALA B 1024 -45.11 -10.13 -0.35
C ALA B 1024 -45.76 -9.36 0.78
N HIS B 1025 -45.31 -8.12 1.03
CA HIS B 1025 -45.98 -7.28 2.00
C HIS B 1025 -47.41 -6.96 1.56
N LEU B 1026 -47.59 -6.67 0.26
CA LEU B 1026 -48.92 -6.43 -0.26
C LEU B 1026 -49.79 -7.66 -0.13
N ILE B 1027 -49.24 -8.82 -0.47
CA ILE B 1027 -50.00 -10.07 -0.35
C ILE B 1027 -50.38 -10.32 1.11
N GLU B 1028 -49.45 -10.04 2.02
CA GLU B 1028 -49.69 -10.21 3.45
C GLU B 1028 -50.82 -9.30 3.91
N CYS B 1029 -50.79 -8.04 3.50
CA CYS B 1029 -51.84 -7.11 3.91
C CYS B 1029 -53.19 -7.54 3.37
N LEU B 1030 -53.22 -7.99 2.12
CA LEU B 1030 -54.47 -8.45 1.52
C LEU B 1030 -55.03 -9.65 2.27
N LEU B 1031 -54.19 -10.67 2.50
CA LEU B 1031 -54.61 -11.84 3.25
C LEU B 1031 -55.02 -11.46 4.66
N SER B 1032 -54.38 -10.44 5.23
CA SER B 1032 -54.70 -9.99 6.57
C SER B 1032 -56.11 -9.40 6.62
N LYS B 1033 -56.43 -8.53 5.66
CA LYS B 1033 -57.79 -8.01 5.56
C LYS B 1033 -58.79 -9.15 5.43
N VAL B 1034 -58.50 -10.09 4.53
CA VAL B 1034 -59.44 -11.18 4.26
C VAL B 1034 -59.66 -12.01 5.51
N GLY B 1035 -58.59 -12.34 6.22
CA GLY B 1035 -58.72 -13.13 7.43
C GLY B 1035 -59.45 -12.40 8.54
N SER B 1036 -59.12 -11.12 8.74
CA SER B 1036 -59.78 -10.36 9.78
C SER B 1036 -61.27 -10.24 9.52
N ILE B 1037 -61.66 -10.04 8.26
CA ILE B 1037 -63.07 -9.99 7.92
C ILE B 1037 -63.72 -11.36 8.11
N ARG B 1038 -63.06 -12.42 7.65
CA ARG B 1038 -63.60 -13.77 7.76
C ARG B 1038 -63.34 -14.41 9.10
N GLY B 1039 -62.44 -13.87 9.91
CA GLY B 1039 -62.18 -14.40 11.24
C GLY B 1039 -61.52 -15.77 11.23
N TYR B 1040 -60.33 -15.86 10.67
CA TYR B 1040 -59.54 -17.09 10.74
C TYR B 1040 -58.08 -16.75 10.50
N GLU B 1041 -57.22 -17.73 10.71
CA GLU B 1041 -55.78 -17.56 10.55
C GLU B 1041 -55.40 -17.89 9.11
N GLY B 1042 -54.79 -16.92 8.42
CA GLY B 1042 -54.43 -17.11 7.03
C GLY B 1042 -53.06 -17.74 6.87
N ASP B 1043 -52.94 -18.56 5.83
CA ASP B 1043 -51.70 -19.28 5.55
C ASP B 1043 -50.88 -18.53 4.50
N ALA B 1044 -49.57 -18.51 4.71
CA ALA B 1044 -48.63 -17.86 3.80
C ALA B 1044 -47.37 -18.72 3.60
N THR B 1045 -47.55 -20.03 3.61
CA THR B 1045 -46.42 -20.94 3.44
C THR B 1045 -45.79 -20.73 2.07
N PRO B 1046 -44.47 -20.59 1.97
CA PRO B 1046 -43.85 -20.43 0.66
C PRO B 1046 -43.98 -21.69 -0.18
N PHE B 1047 -43.88 -21.50 -1.50
CA PHE B 1047 -44.03 -22.58 -2.48
C PHE B 1047 -45.37 -23.30 -2.31
N THR B 1048 -46.44 -22.51 -2.26
CA THR B 1048 -47.80 -23.04 -2.25
C THR B 1048 -48.56 -22.57 -3.47
N ASP B 1049 -49.83 -23.00 -3.61
CA ASP B 1049 -50.60 -22.75 -4.83
C ASP B 1049 -51.58 -21.59 -4.68
N LEU B 1050 -51.44 -20.76 -3.66
CA LEU B 1050 -52.36 -19.65 -3.45
C LEU B 1050 -52.22 -18.62 -4.57
N THR B 1051 -53.34 -18.02 -4.96
CA THR B 1051 -53.38 -17.02 -6.03
C THR B 1051 -54.01 -15.73 -5.51
N VAL B 1052 -53.36 -14.61 -5.81
CA VAL B 1052 -53.82 -13.31 -5.31
C VAL B 1052 -55.18 -12.95 -5.91
N ASP B 1053 -55.40 -13.31 -7.18
CA ASP B 1053 -56.65 -12.97 -7.84
C ASP B 1053 -57.85 -13.57 -7.11
N ALA B 1054 -57.73 -14.82 -6.66
CA ALA B 1054 -58.79 -15.44 -5.90
C ALA B 1054 -59.05 -14.68 -4.60
N VAL B 1055 -57.98 -14.21 -3.96
CA VAL B 1055 -58.13 -13.44 -2.73
C VAL B 1055 -58.86 -12.13 -3.01
N SER B 1056 -58.56 -11.50 -4.14
CA SER B 1056 -59.27 -10.29 -4.53
C SER B 1056 -60.75 -10.58 -4.77
N ASN B 1057 -61.04 -11.71 -5.41
CA ASN B 1057 -62.44 -12.11 -5.61
C ASN B 1057 -63.14 -12.32 -4.28
N LEU B 1058 -62.46 -12.95 -3.33
CA LEU B 1058 -63.05 -13.15 -2.01
C LEU B 1058 -63.27 -11.82 -1.28
N LEU B 1059 -62.35 -10.88 -1.47
CA LEU B 1059 -62.53 -9.56 -0.90
C LEU B 1059 -63.76 -8.87 -1.49
N ARG B 1060 -63.95 -9.02 -2.80
CA ARG B 1060 -65.24 -8.65 -3.41
C ARG B 1060 -66.39 -9.34 -2.69
N ASP B 1061 -66.24 -10.64 -2.40
CA ASP B 1061 -67.26 -11.34 -1.63
C ASP B 1061 -67.38 -10.77 -0.22
N ASN B 1062 -66.26 -10.30 0.34
CA ASN B 1062 -66.30 -9.61 1.63
C ASN B 1062 -66.94 -8.24 1.56
N GLY B 1063 -67.47 -7.85 0.40
CA GLY B 1063 -68.01 -6.52 0.24
C GLY B 1063 -66.98 -5.43 0.35
N TYR B 1064 -65.75 -5.69 -0.12
CA TYR B 1064 -64.69 -4.72 -0.08
C TYR B 1064 -63.92 -4.76 -1.39
N GLN B 1065 -63.27 -3.65 -1.73
CA GLN B 1065 -62.60 -3.50 -3.02
C GLN B 1065 -61.53 -4.57 -3.19
N SER B 1066 -61.54 -5.22 -4.37
CA SER B 1066 -60.69 -6.39 -4.60
C SER B 1066 -59.21 -6.06 -4.45
N ARG B 1067 -58.80 -4.85 -4.81
CA ARG B 1067 -57.41 -4.43 -4.67
C ARG B 1067 -57.16 -3.68 -3.38
N GLY B 1068 -58.11 -3.70 -2.44
CA GLY B 1068 -57.89 -3.20 -1.10
C GLY B 1068 -57.99 -1.70 -0.94
N PHE B 1069 -58.29 -0.96 -2.00
CA PHE B 1069 -58.42 0.48 -1.91
C PHE B 1069 -59.70 0.84 -1.18
N GLU B 1070 -59.67 1.99 -0.51
CA GLU B 1070 -60.84 2.49 0.19
C GLU B 1070 -60.65 3.97 0.46
N VAL B 1071 -61.74 4.74 0.27
CA VAL B 1071 -61.69 6.19 0.34
C VAL B 1071 -61.39 6.63 1.76
N MET B 1072 -60.32 7.40 1.93
CA MET B 1072 -60.06 8.09 3.18
C MET B 1072 -60.63 9.49 3.09
N TYR B 1073 -61.00 10.03 4.25
CA TYR B 1073 -61.59 11.35 4.36
C TYR B 1073 -60.72 12.19 5.29
N ASN B 1074 -60.08 13.20 4.72
CA ASN B 1074 -59.05 13.96 5.43
C ASN B 1074 -59.46 14.27 6.86
N GLY B 1075 -58.61 13.86 7.81
CA GLY B 1075 -58.97 13.99 9.21
C GLY B 1075 -59.20 15.42 9.62
N HIS B 1076 -58.45 16.36 9.04
CA HIS B 1076 -58.62 17.77 9.35
C HIS B 1076 -59.89 18.37 8.75
N THR B 1077 -60.37 17.84 7.63
CA THR B 1077 -61.51 18.40 6.94
C THR B 1077 -62.65 17.43 6.69
N GLY B 1078 -62.44 16.12 6.85
CA GLY B 1078 -63.44 15.14 6.49
C GLY B 1078 -63.70 15.02 5.01
N LYS B 1079 -62.90 15.69 4.17
CA LYS B 1079 -63.10 15.67 2.74
C LYS B 1079 -62.56 14.38 2.15
N LYS B 1080 -63.31 13.81 1.21
CA LYS B 1080 -62.89 12.57 0.56
C LYS B 1080 -61.55 12.78 -0.14
N LEU B 1081 -60.51 12.14 0.38
CA LEU B 1081 -59.23 12.18 -0.30
C LEU B 1081 -59.36 11.53 -1.67
N MET B 1082 -58.79 12.19 -2.67
CA MET B 1082 -59.17 11.94 -4.06
C MET B 1082 -58.89 10.50 -4.44
N ALA B 1083 -57.76 9.96 -4.00
CA ALA B 1083 -57.39 8.58 -4.22
C ALA B 1083 -58.04 7.68 -3.17
N GLN B 1084 -58.29 6.43 -3.57
CA GLN B 1084 -58.79 5.43 -2.65
C GLN B 1084 -57.61 4.67 -2.05
N VAL B 1085 -57.52 4.68 -0.72
CA VAL B 1085 -56.33 4.24 -0.02
C VAL B 1085 -56.40 2.75 0.27
N PHE B 1086 -55.32 2.04 -0.08
CA PHE B 1086 -55.11 0.65 0.32
C PHE B 1086 -54.84 0.64 1.82
N PHE B 1087 -55.74 0.01 2.57
CA PHE B 1087 -55.88 0.24 4.00
C PHE B 1087 -56.37 -1.04 4.68
N GLY B 1088 -55.55 -1.58 5.58
CA GLY B 1088 -55.87 -2.83 6.24
C GLY B 1088 -54.80 -3.31 7.20
N PRO B 1089 -54.99 -4.49 7.80
CA PRO B 1089 -54.06 -4.95 8.82
C PRO B 1089 -52.79 -5.56 8.22
N THR B 1090 -51.74 -5.57 9.03
CA THR B 1090 -50.45 -6.18 8.73
C THR B 1090 -49.82 -6.60 10.04
N TYR B 1091 -48.98 -7.64 9.99
CA TYR B 1091 -48.31 -8.11 11.19
C TYR B 1091 -46.91 -7.50 11.29
N TYR B 1092 -46.70 -6.65 12.28
CA TYR B 1092 -45.41 -5.99 12.47
C TYR B 1092 -44.82 -6.37 13.81
N GLN B 1093 -43.55 -6.01 13.98
CA GLN B 1093 -42.76 -6.43 15.14
C GLN B 1093 -42.00 -5.24 15.71
N ARG B 1094 -41.98 -5.16 17.04
CA ARG B 1094 -41.18 -4.16 17.73
C ARG B 1094 -39.73 -4.61 17.75
N LEU B 1095 -38.81 -3.66 17.71
CA LEU B 1095 -37.39 -3.97 17.59
C LEU B 1095 -36.63 -3.40 18.79
N ARG B 1096 -35.48 -4.01 19.09
CA ARG B 1096 -34.76 -3.67 20.32
C ARG B 1096 -34.31 -2.23 20.36
N HIS B 1097 -34.06 -1.61 19.20
CA HIS B 1097 -33.53 -0.24 19.18
C HIS B 1097 -34.61 0.79 19.51
N MET B 1098 -34.36 1.60 20.54
CA MET B 1098 -35.20 2.73 20.91
C MET B 1098 -34.49 4.03 20.57
N VAL B 1099 -35.18 5.14 20.80
CA VAL B 1099 -34.58 6.46 20.53
C VAL B 1099 -33.83 6.96 21.76
N ASP B 1100 -34.39 6.75 22.95
CA ASP B 1100 -33.88 7.41 24.15
C ASP B 1100 -32.64 6.72 24.73
N ASP B 1101 -32.23 5.58 24.17
CA ASP B 1101 -31.01 4.91 24.60
C ASP B 1101 -29.78 5.45 23.88
N LYS B 1102 -29.96 6.35 22.93
CA LYS B 1102 -28.83 6.87 22.15
C LYS B 1102 -28.71 8.37 22.34
N ILE B 1103 -29.80 9.02 22.75
CA ILE B 1103 -29.72 10.42 23.14
C ILE B 1103 -28.66 10.59 24.21
N HIS B 1104 -27.66 11.42 23.93
CA HIS B 1104 -26.50 11.55 24.80
C HIS B 1104 -25.76 12.84 24.44
N ALA B 1105 -25.71 13.77 25.39
CA ALA B 1105 -25.02 15.03 25.20
C ALA B 1105 -23.94 15.17 26.28
N ARG B 1106 -22.82 15.75 25.89
CA ARG B 1106 -21.68 15.87 26.80
C ARG B 1106 -20.99 17.21 26.56
N ALA B 1107 -21.14 18.14 27.49
CA ALA B 1107 -20.38 19.38 27.50
C ALA B 1107 -19.08 19.25 28.27
N ARG B 1108 -19.09 18.47 29.35
CA ARG B 1108 -17.91 18.13 30.13
C ARG B 1108 -18.25 17.01 31.10
N GLY B 1109 -17.43 15.97 31.14
CA GLY B 1109 -17.67 14.85 32.02
C GLY B 1109 -16.39 14.21 32.50
N PRO B 1110 -16.45 12.94 32.86
CA PRO B 1110 -15.23 12.23 33.26
C PRO B 1110 -14.25 12.10 32.10
N VAL B 1111 -12.97 12.08 32.45
CA VAL B 1111 -11.91 11.95 31.46
C VAL B 1111 -11.13 10.67 31.75
N GLN B 1112 -10.59 10.08 30.70
CA GLN B 1112 -9.83 8.85 30.84
C GLN B 1112 -8.59 9.11 31.69
N VAL B 1113 -8.20 8.10 32.47
CA VAL B 1113 -7.15 8.28 33.46
C VAL B 1113 -5.82 8.62 32.80
N LEU B 1114 -5.57 8.05 31.62
CA LEU B 1114 -4.30 8.25 30.95
C LEU B 1114 -4.32 9.42 29.99
N THR B 1115 -5.32 9.49 29.11
CA THR B 1115 -5.33 10.47 28.04
C THR B 1115 -5.63 11.88 28.52
N ARG B 1116 -6.25 12.04 29.69
CA ARG B 1116 -6.74 13.32 30.17
C ARG B 1116 -7.72 13.95 29.17
N GLN B 1117 -8.46 13.10 28.46
CA GLN B 1117 -9.40 13.45 27.42
C GLN B 1117 -10.76 12.81 27.69
N PRO B 1118 -11.84 13.35 27.11
CA PRO B 1118 -13.18 12.80 27.39
C PRO B 1118 -13.27 11.30 27.14
N VAL B 1119 -13.94 10.59 28.06
CA VAL B 1119 -14.06 9.14 27.99
C VAL B 1119 -14.94 8.75 26.80
N GLU B 1120 -14.87 7.47 26.43
CA GLU B 1120 -15.68 6.92 25.35
C GLU B 1120 -16.74 5.97 25.93
N GLY B 1121 -17.96 6.07 25.40
CA GLY B 1121 -19.03 5.19 25.81
C GLY B 1121 -20.23 5.90 26.42
N ARG B 1122 -21.40 5.70 25.83
CA ARG B 1122 -22.60 6.35 26.32
C ARG B 1122 -22.93 5.94 27.75
N SER B 1123 -22.40 4.80 28.20
CA SER B 1123 -22.59 4.38 29.59
C SER B 1123 -21.95 5.36 30.55
N ARG B 1124 -20.69 5.71 30.31
CA ARG B 1124 -19.92 6.55 31.22
C ARG B 1124 -19.78 8.00 30.74
N ASP B 1125 -20.82 8.53 30.08
CA ASP B 1125 -20.79 9.88 29.53
C ASP B 1125 -19.67 10.02 28.50
N GLY B 1126 -19.74 9.20 27.45
CA GLY B 1126 -18.71 9.23 26.43
C GLY B 1126 -18.81 10.45 25.54
N GLY B 1127 -17.65 10.88 25.05
CA GLY B 1127 -17.56 11.96 24.09
C GLY B 1127 -17.58 11.45 22.66
N LEU B 1128 -17.88 12.36 21.74
CA LEU B 1128 -17.92 12.05 20.32
C LEU B 1128 -16.51 11.94 19.76
N ARG B 1129 -16.12 10.74 19.37
CA ARG B 1129 -14.81 10.53 18.76
C ARG B 1129 -14.79 11.18 17.39
N PHE B 1130 -13.96 12.21 17.24
CA PHE B 1130 -13.90 13.01 16.02
C PHE B 1130 -12.99 12.28 15.04
N GLY B 1131 -13.58 11.69 14.01
CA GLY B 1131 -12.84 10.93 13.03
C GLY B 1131 -11.91 11.80 12.20
N GLU B 1132 -10.91 11.13 11.61
CA GLU B 1132 -9.90 11.83 10.83
C GLU B 1132 -10.49 12.45 9.57
N MET B 1133 -11.44 11.75 8.93
CA MET B 1133 -12.11 12.32 7.77
C MET B 1133 -12.90 13.57 8.14
N GLU B 1134 -13.44 13.61 9.36
CA GLU B 1134 -14.07 14.83 9.82
C GLU B 1134 -13.05 15.96 9.94
N ARG B 1135 -11.85 15.66 10.44
CA ARG B 1135 -10.77 16.63 10.44
C ARG B 1135 -10.46 17.13 9.03
N ASP B 1136 -10.36 16.21 8.08
CA ASP B 1136 -9.99 16.57 6.71
C ASP B 1136 -11.06 17.45 6.07
N CYS B 1137 -12.34 17.10 6.28
CA CYS B 1137 -13.42 17.89 5.74
C CYS B 1137 -13.48 19.27 6.39
N MET B 1138 -13.20 19.35 7.69
CA MET B 1138 -13.12 20.66 8.34
C MET B 1138 -11.97 21.48 7.76
N ILE B 1139 -10.83 20.84 7.48
CA ILE B 1139 -9.70 21.53 6.87
C ILE B 1139 -10.09 22.07 5.50
N ALA B 1140 -10.79 21.25 4.71
CA ALA B 1140 -11.32 21.72 3.43
C ALA B 1140 -12.37 22.79 3.62
N HIS B 1141 -12.97 22.86 4.82
CA HIS B 1141 -13.98 23.86 5.13
C HIS B 1141 -13.38 25.15 5.66
N GLY B 1142 -12.07 25.21 5.84
CA GLY B 1142 -11.44 26.37 6.44
C GLY B 1142 -11.78 26.59 7.90
N ALA B 1143 -11.95 25.51 8.66
CA ALA B 1143 -12.31 25.60 10.07
C ALA B 1143 -11.06 25.48 10.94
N ALA B 1144 -10.31 26.58 11.03
CA ALA B 1144 -9.08 26.59 11.81
C ALA B 1144 -9.36 26.75 13.29
N GLY B 1145 -10.03 27.83 13.66
CA GLY B 1145 -10.35 28.08 15.07
C GLY B 1145 -11.29 27.06 15.65
N PHE B 1146 -12.28 26.64 14.86
CA PHE B 1146 -13.24 25.64 15.32
C PHE B 1146 -12.55 24.32 15.66
N LEU B 1147 -11.76 23.80 14.72
CA LEU B 1147 -11.06 22.54 14.97
C LEU B 1147 -10.01 22.71 16.07
N LYS B 1148 -9.40 23.90 16.13
CA LYS B 1148 -8.41 24.17 17.18
C LYS B 1148 -9.03 24.04 18.56
N GLU B 1149 -10.16 24.71 18.78
CA GLU B 1149 -10.81 24.63 20.09
C GLU B 1149 -11.39 23.24 20.34
N ARG B 1150 -11.78 22.54 19.26
CA ARG B 1150 -12.13 21.13 19.42
C ARG B 1150 -10.93 20.31 19.91
N LEU B 1151 -9.72 20.71 19.53
CA LEU B 1151 -8.53 20.03 20.02
C LEU B 1151 -7.89 20.74 21.20
N MET B 1152 -8.27 21.99 21.47
CA MET B 1152 -7.68 22.73 22.58
C MET B 1152 -8.57 22.72 23.81
N GLU B 1153 -9.79 23.26 23.69
CA GLU B 1153 -10.66 23.35 24.86
C GLU B 1153 -11.52 22.10 25.00
N ALA B 1154 -12.00 21.55 23.87
CA ALA B 1154 -12.81 20.35 23.92
C ALA B 1154 -11.96 19.10 24.10
N SER B 1155 -10.64 19.23 23.97
CA SER B 1155 -9.74 18.10 24.13
C SER B 1155 -8.62 18.46 25.11
N ASP B 1156 -7.59 17.61 25.17
CA ASP B 1156 -6.48 17.81 26.08
C ASP B 1156 -5.77 19.13 25.82
N ALA B 1157 -5.41 19.82 26.90
CA ALA B 1157 -4.71 21.10 26.81
C ALA B 1157 -3.96 21.32 28.11
N PHE B 1158 -2.64 21.21 28.07
CA PHE B 1158 -1.79 21.50 29.22
C PHE B 1158 -0.74 22.54 28.83
N ARG B 1159 -0.35 23.35 29.80
CA ARG B 1159 0.74 24.29 29.58
C ARG B 1159 1.97 23.85 30.35
N VAL B 1160 3.12 23.97 29.70
CA VAL B 1160 4.41 23.54 30.23
C VAL B 1160 5.41 24.66 30.04
N HIS B 1161 6.60 24.47 30.60
CA HIS B 1161 7.68 25.45 30.51
C HIS B 1161 8.91 24.76 29.94
N VAL B 1162 9.27 25.11 28.72
CA VAL B 1162 10.38 24.46 28.02
C VAL B 1162 11.57 25.41 27.91
N CYS B 1163 12.75 24.85 27.66
CA CYS B 1163 13.98 25.60 27.56
C CYS B 1163 14.10 26.27 26.18
N GLY B 1164 14.83 27.38 26.15
CA GLY B 1164 15.18 28.03 24.89
C GLY B 1164 16.54 27.65 24.34
N ILE B 1165 17.37 26.98 25.12
CA ILE B 1165 18.69 26.57 24.67
C ILE B 1165 18.62 25.15 24.14
N CYS B 1166 18.28 24.20 25.02
CA CYS B 1166 18.10 22.82 24.57
C CYS B 1166 16.79 22.63 23.82
N GLY B 1167 15.78 23.45 24.10
CA GLY B 1167 14.49 23.27 23.47
C GLY B 1167 13.75 22.02 23.87
N LEU B 1168 13.78 21.67 25.16
CA LEU B 1168 13.08 20.51 25.67
C LEU B 1168 12.27 20.90 26.90
N MET B 1169 11.42 19.97 27.35
CA MET B 1169 10.61 20.18 28.53
C MET B 1169 11.41 19.91 29.81
N SER B 1170 12.72 19.91 29.71
CA SER B 1170 13.61 19.62 30.84
C SER B 1170 13.74 20.79 31.80
N VAL B 1171 12.61 21.29 32.31
CA VAL B 1171 12.61 22.46 33.17
C VAL B 1171 11.78 22.17 34.41
N ILE B 1172 12.43 22.16 35.57
CA ILE B 1172 11.72 22.17 36.84
C ILE B 1172 10.91 23.46 36.87
N ALA B 1173 9.59 23.33 36.97
CA ALA B 1173 8.67 24.45 36.83
C ALA B 1173 7.84 24.63 38.10
N ASN B 1174 7.66 25.88 38.49
CA ASN B 1174 6.86 26.20 39.67
C ASN B 1174 6.28 27.61 39.47
N LEU B 1175 4.98 27.67 39.21
CA LEU B 1175 4.32 28.94 38.93
C LEU B 1175 4.27 29.82 40.17
N LYS B 1176 3.86 29.25 41.30
CA LYS B 1176 3.77 30.00 42.55
C LYS B 1176 5.15 30.50 42.97
N LYS B 1177 6.15 29.65 42.87
CA LYS B 1177 7.53 30.05 43.13
C LYS B 1177 8.04 30.91 41.98
N ASN B 1178 7.39 30.80 40.82
CA ASN B 1178 7.82 31.48 39.59
C ASN B 1178 9.27 31.12 39.24
N GLN B 1179 9.64 29.86 39.45
CA GLN B 1179 10.97 29.38 39.13
C GLN B 1179 10.89 28.33 38.04
N PHE B 1180 11.74 28.48 37.02
CA PHE B 1180 11.74 27.57 35.88
C PHE B 1180 13.18 27.32 35.49
N GLU B 1181 13.76 26.24 36.01
CA GLU B 1181 15.18 25.95 35.83
C GLU B 1181 15.34 24.76 34.91
N CYS B 1182 16.03 24.97 33.79
CA CYS B 1182 16.33 23.88 32.86
C CYS B 1182 17.59 23.15 33.33
N ARG B 1183 17.37 22.07 34.06
CA ARG B 1183 18.46 21.26 34.60
C ARG B 1183 19.37 20.75 33.48
N SER B 1184 18.82 20.60 32.28
CA SER B 1184 19.60 20.22 31.12
C SER B 1184 20.59 21.31 30.72
N CYS B 1185 20.14 22.57 30.72
CA CYS B 1185 20.93 23.67 30.18
C CYS B 1185 21.17 24.81 31.16
N LYS B 1186 20.81 24.64 32.44
CA LYS B 1186 20.89 25.69 33.44
C LYS B 1186 20.09 26.92 33.03
N ASN B 1187 19.07 26.74 32.20
CA ASN B 1187 18.32 27.86 31.64
C ASN B 1187 17.18 28.25 32.58
N LYS B 1188 17.10 29.53 32.92
CA LYS B 1188 16.02 30.03 33.76
C LYS B 1188 15.27 31.19 33.13
N THR B 1189 15.97 32.12 32.46
CA THR B 1189 15.32 33.27 31.85
C THR B 1189 14.79 32.98 30.46
N ASN B 1190 15.46 32.09 29.71
CA ASN B 1190 15.02 31.71 28.37
C ASN B 1190 14.10 30.49 28.42
N ILE B 1191 13.05 30.60 29.24
CA ILE B 1191 12.07 29.53 29.42
C ILE B 1191 10.72 30.04 28.91
N TYR B 1192 10.04 29.22 28.13
CA TYR B 1192 8.81 29.63 27.47
C TYR B 1192 7.65 28.73 27.86
N GLN B 1193 6.48 29.33 28.01
CA GLN B 1193 5.26 28.63 28.37
C GLN B 1193 4.53 28.20 27.09
N LEU B 1194 3.98 26.98 27.13
CA LEU B 1194 3.41 26.32 25.97
C LEU B 1194 2.07 25.70 26.35
N HIS B 1195 1.01 26.17 25.68
CA HIS B 1195 -0.34 25.67 25.91
C HIS B 1195 -0.69 24.75 24.75
N ILE B 1196 -0.34 23.47 24.89
CA ILE B 1196 -0.47 22.51 23.79
C ILE B 1196 -1.17 21.26 24.30
N PRO B 1197 -1.72 20.42 23.41
CA PRO B 1197 -2.43 19.22 23.88
C PRO B 1197 -1.53 18.28 24.69
N TYR B 1198 -2.14 17.66 25.69
CA TYR B 1198 -1.44 16.70 26.55
C TYR B 1198 -0.94 15.51 25.75
N ALA B 1199 -1.65 15.15 24.67
CA ALA B 1199 -1.18 14.06 23.80
C ALA B 1199 0.17 14.41 23.18
N ALA B 1200 0.40 15.69 22.89
CA ALA B 1200 1.72 16.11 22.42
C ALA B 1200 2.77 15.83 23.49
N LYS B 1201 2.44 16.08 24.76
CA LYS B 1201 3.34 15.76 25.85
C LYS B 1201 3.65 14.27 25.91
N LEU B 1202 2.62 13.44 25.72
CA LEU B 1202 2.86 11.99 25.67
C LEU B 1202 3.81 11.63 24.53
N LEU B 1203 3.57 12.20 23.35
CA LEU B 1203 4.41 11.91 22.20
C LEU B 1203 5.86 12.26 22.49
N PHE B 1204 6.08 13.47 22.99
CA PHE B 1204 7.42 13.90 23.37
C PHE B 1204 8.01 12.93 24.40
N GLN B 1205 7.15 12.42 25.30
CA GLN B 1205 7.64 11.53 26.35
C GLN B 1205 8.20 10.23 25.78
N GLU B 1206 7.43 9.53 24.94
CA GLU B 1206 7.98 8.28 24.42
C GLU B 1206 9.11 8.53 23.44
N LEU B 1207 9.10 9.67 22.76
CA LEU B 1207 10.26 10.00 21.93
C LEU B 1207 11.52 10.12 22.78
N MET B 1208 11.40 10.76 23.95
CA MET B 1208 12.52 10.81 24.89
C MET B 1208 12.89 9.41 25.36
N ALA B 1209 11.87 8.61 25.70
CA ALA B 1209 12.08 7.28 26.28
C ALA B 1209 12.76 6.33 25.31
N MET B 1210 12.63 6.57 24.01
CA MET B 1210 13.31 5.75 23.00
C MET B 1210 14.66 6.34 22.61
N ASN B 1211 15.25 7.12 23.51
CA ASN B 1211 16.56 7.75 23.31
C ASN B 1211 16.58 8.59 22.03
N ILE B 1212 15.45 9.20 21.71
CA ILE B 1212 15.34 10.13 20.60
C ILE B 1212 15.14 11.52 21.19
N ALA B 1213 15.82 12.50 20.62
CA ALA B 1213 15.75 13.86 21.13
C ALA B 1213 14.99 14.75 20.17
N PRO B 1214 13.67 14.90 20.33
CA PRO B 1214 12.86 15.80 19.50
C PRO B 1214 12.86 17.22 20.03
N ARG B 1215 13.91 17.96 19.68
CA ARG B 1215 14.13 19.29 20.25
C ARG B 1215 13.12 20.31 19.74
N LEU B 1216 12.06 20.51 20.51
CA LEU B 1216 11.11 21.58 20.25
C LEU B 1216 11.81 22.92 20.26
N TYR B 1217 11.43 23.79 19.32
CA TYR B 1217 12.06 25.10 19.27
C TYR B 1217 11.00 26.16 19.00
N THR B 1218 10.94 27.15 19.89
CA THR B 1218 10.05 28.30 19.73
C THR B 1218 10.63 29.35 18.80
N GLU B 1219 11.66 29.00 18.04
CA GLU B 1219 12.34 29.92 17.15
C GLU B 1219 12.55 29.23 15.81
N ARG B 1220 13.24 29.91 14.89
CA ARG B 1220 13.48 29.41 13.55
C ARG B 1220 14.98 29.42 13.29
N SER B 1221 15.56 28.24 13.08
CA SER B 1221 16.99 28.14 12.84
C SER B 1221 17.40 28.87 11.57
N GLY B 1222 16.62 28.70 10.51
CA GLY B 1222 16.91 29.37 9.24
C GLY B 1222 18.10 28.79 8.50
N GLU C 4 -82.25 25.83 9.48
CA GLU C 4 -81.72 25.29 8.23
C GLU C 4 -81.06 23.91 8.37
N PRO C 5 -80.27 23.68 9.43
CA PRO C 5 -79.78 22.32 9.68
C PRO C 5 -80.91 21.32 9.77
N LYS C 6 -80.87 20.32 8.90
CA LYS C 6 -81.92 19.31 8.80
C LYS C 6 -81.33 17.93 9.01
N VAL C 7 -82.02 17.12 9.81
CA VAL C 7 -81.61 15.74 10.06
C VAL C 7 -82.82 14.82 9.90
N ASN C 8 -82.62 13.68 9.24
CA ASN C 8 -83.60 12.60 9.22
C ASN C 8 -82.92 11.33 9.72
N ILE C 9 -83.12 11.03 11.01
CA ILE C 9 -82.44 9.94 11.69
C ILE C 9 -82.94 8.62 11.13
N ILE C 10 -82.05 7.89 10.45
CA ILE C 10 -82.44 6.60 9.88
C ILE C 10 -82.75 5.60 10.97
N ASN C 11 -81.84 5.48 11.96
CA ASN C 11 -82.01 4.51 13.03
C ASN C 11 -81.31 5.01 14.30
N ALA C 12 -81.80 4.51 15.44
CA ALA C 12 -81.28 4.91 16.74
C ALA C 12 -81.11 3.69 17.63
N GLN C 13 -80.14 3.77 18.54
CA GLN C 13 -79.90 2.74 19.54
C GLN C 13 -79.05 3.37 20.64
N ASP C 14 -78.97 2.69 21.78
CA ASP C 14 -78.22 3.19 22.92
C ASP C 14 -76.80 3.58 22.54
N ASP C 15 -76.10 2.71 21.81
CA ASP C 15 -74.75 3.00 21.34
C ASP C 15 -74.72 3.45 19.88
N GLU C 16 -75.26 2.67 18.96
CA GLU C 16 -75.17 2.95 17.54
C GLU C 16 -76.36 3.78 17.08
N VAL C 17 -76.05 4.82 16.30
CA VAL C 17 -77.09 5.65 15.68
C VAL C 17 -76.67 5.99 14.27
N GLU C 18 -77.61 5.88 13.33
CA GLU C 18 -77.40 6.31 11.95
C GLU C 18 -78.33 7.48 11.66
N LEU C 19 -77.72 8.65 11.40
CA LEU C 19 -78.42 9.90 11.19
C LEU C 19 -78.11 10.42 9.79
N MET C 20 -78.97 11.32 9.32
CA MET C 20 -78.81 11.94 8.01
C MET C 20 -78.90 13.45 8.16
N LEU C 21 -77.79 14.08 8.51
CA LEU C 21 -77.73 15.51 8.73
C LEU C 21 -77.59 16.24 7.39
N SER C 22 -78.69 16.82 6.92
CA SER C 22 -78.72 17.53 5.66
C SER C 22 -78.59 19.03 5.92
N ASP C 23 -78.24 19.76 4.85
CA ASP C 23 -78.21 21.21 4.85
C ASP C 23 -77.23 21.77 5.88
N VAL C 24 -76.02 21.21 5.90
CA VAL C 24 -74.95 21.67 6.80
C VAL C 24 -73.65 21.76 6.02
N ASN C 25 -72.67 22.44 6.62
CA ASN C 25 -71.35 22.57 6.01
C ASN C 25 -70.52 21.31 6.24
N LEU C 26 -69.73 20.96 5.22
CA LEU C 26 -68.81 19.83 5.36
C LEU C 26 -67.78 20.09 6.45
N SER C 27 -67.20 21.30 6.48
CA SER C 27 -66.25 21.65 7.52
C SER C 27 -66.92 21.63 8.89
N LEU C 28 -68.14 22.17 8.97
CA LEU C 28 -68.89 22.16 10.23
C LEU C 28 -69.18 20.72 10.68
N ALA C 29 -69.59 19.87 9.73
CA ALA C 29 -69.90 18.49 10.07
C ALA C 29 -68.66 17.74 10.55
N ASN C 30 -67.52 17.96 9.88
CA ASN C 30 -66.28 17.33 10.32
C ASN C 30 -65.86 17.85 11.69
N SER C 31 -66.02 19.15 11.93
CA SER C 31 -65.69 19.72 13.23
C SER C 31 -66.54 19.08 14.32
N LEU C 32 -67.83 18.91 14.05
CA LEU C 32 -68.70 18.25 15.01
C LEU C 32 -68.27 16.80 15.24
N ARG C 33 -67.93 16.09 14.16
CA ARG C 33 -67.49 14.70 14.30
C ARG C 33 -66.25 14.61 15.17
N ARG C 34 -65.30 15.50 14.94
CA ARG C 34 -64.09 15.56 15.77
C ARG C 34 -64.45 15.86 17.22
N THR C 35 -65.40 16.77 17.43
CA THR C 35 -65.77 17.13 18.79
C THR C 35 -66.39 15.95 19.53
N MET C 36 -67.28 15.21 18.86
CA MET C 36 -67.82 14.01 19.50
C MET C 36 -66.78 12.91 19.67
N LEU C 37 -65.81 12.80 18.77
CA LEU C 37 -64.78 11.78 18.88
C LEU C 37 -63.76 12.07 19.96
N ALA C 38 -63.43 13.33 20.22
CA ALA C 38 -62.31 13.63 21.11
C ALA C 38 -62.67 14.55 22.26
N GLU C 39 -63.53 15.54 22.02
CA GLU C 39 -63.77 16.58 23.01
C GLU C 39 -64.97 16.32 23.89
N VAL C 40 -65.68 15.21 23.70
CA VAL C 40 -66.80 14.86 24.58
C VAL C 40 -66.25 14.21 25.85
N PRO C 41 -66.51 14.79 27.03
CA PRO C 41 -65.93 14.24 28.25
C PRO C 41 -66.59 12.92 28.66
N THR C 42 -65.77 12.03 29.24
CA THR C 42 -66.21 10.85 29.94
C THR C 42 -65.38 10.71 31.22
N LEU C 43 -65.58 9.60 31.92
CA LEU C 43 -64.82 9.32 33.14
C LEU C 43 -64.01 8.05 32.97
N ALA C 44 -62.73 8.12 33.29
CA ALA C 44 -61.84 6.98 33.23
C ALA C 44 -60.85 7.08 34.40
N ILE C 45 -60.38 5.92 34.86
CA ILE C 45 -59.48 5.90 36.00
C ILE C 45 -58.16 6.55 35.62
N ASP C 46 -57.73 7.53 36.41
CA ASP C 46 -56.50 8.25 36.15
C ASP C 46 -55.45 8.09 37.25
N LEU C 47 -55.78 7.47 38.37
CA LEU C 47 -54.81 7.18 39.42
C LEU C 47 -55.13 5.80 39.97
N VAL C 48 -54.10 4.99 40.20
CA VAL C 48 -54.26 3.64 40.73
C VAL C 48 -53.26 3.44 41.86
N GLU C 49 -53.76 3.11 43.04
CA GLU C 49 -52.90 2.71 44.14
C GLU C 49 -53.00 1.20 44.33
N ILE C 50 -51.83 0.55 44.42
CA ILE C 50 -51.72 -0.86 44.73
C ILE C 50 -51.30 -0.97 46.19
N LYS C 51 -52.21 -1.43 47.04
CA LYS C 51 -51.90 -1.59 48.45
C LYS C 51 -51.20 -2.91 48.76
N MET C 52 -51.66 -4.01 48.18
CA MET C 52 -50.90 -5.26 48.22
C MET C 52 -51.35 -6.12 47.06
N ASN C 53 -50.39 -6.74 46.37
CA ASN C 53 -50.65 -7.48 45.13
C ASN C 53 -49.74 -8.71 45.14
N THR C 54 -50.36 -9.88 45.04
CA THR C 54 -49.63 -11.14 44.98
C THR C 54 -49.85 -11.89 43.67
N SER C 55 -50.29 -11.20 42.62
CA SER C 55 -50.51 -11.85 41.34
C SER C 55 -49.18 -12.07 40.61
N VAL C 56 -49.28 -12.47 39.35
CA VAL C 56 -48.10 -12.75 38.53
C VAL C 56 -48.07 -11.79 37.35
N LEU C 57 -48.70 -10.64 37.49
CA LEU C 57 -48.75 -9.62 36.44
C LEU C 57 -48.20 -8.30 36.97
N ALA C 58 -47.68 -7.49 36.06
CA ALA C 58 -47.18 -6.17 36.45
C ALA C 58 -48.31 -5.26 36.90
N ASP C 59 -48.00 -4.38 37.86
CA ASP C 59 -49.01 -3.47 38.36
C ASP C 59 -49.28 -2.33 37.38
N GLU C 60 -48.27 -1.96 36.58
CA GLU C 60 -48.49 -1.01 35.51
C GLU C 60 -49.48 -1.56 34.50
N PHE C 61 -49.36 -2.84 34.18
CA PHE C 61 -50.30 -3.52 33.28
C PHE C 61 -51.73 -3.33 33.75
N ILE C 62 -52.03 -3.77 34.98
CA ILE C 62 -53.40 -3.72 35.48
C ILE C 62 -53.86 -2.28 35.66
N SER C 63 -52.95 -1.39 36.06
CA SER C 63 -53.32 0.01 36.24
C SER C 63 -53.75 0.65 34.93
N HIS C 64 -52.92 0.51 33.89
CA HIS C 64 -53.25 1.05 32.58
C HIS C 64 -54.53 0.43 32.04
N ARG C 65 -54.71 -0.87 32.23
CA ARG C 65 -55.96 -1.50 31.81
C ARG C 65 -57.17 -0.91 32.54
N LEU C 66 -57.02 -0.66 33.84
CA LEU C 66 -58.10 -0.06 34.62
C LEU C 66 -58.43 1.33 34.11
N GLY C 67 -57.41 2.11 33.74
CA GLY C 67 -57.67 3.39 33.11
C GLY C 67 -58.49 3.27 31.84
N LEU C 68 -58.16 2.29 31.00
CA LEU C 68 -58.89 2.05 29.75
C LEU C 68 -60.36 1.71 29.97
N ILE C 69 -60.73 1.25 31.16
CA ILE C 69 -62.10 0.82 31.42
C ILE C 69 -63.02 2.03 31.39
N PRO C 70 -64.04 2.05 30.53
CA PRO C 70 -65.02 3.13 30.58
C PRO C 70 -65.88 3.04 31.83
N LEU C 71 -66.25 4.21 32.35
CA LEU C 71 -67.11 4.30 33.51
C LEU C 71 -68.40 4.97 33.12
N VAL C 72 -69.52 4.45 33.64
CA VAL C 72 -70.83 5.01 33.30
C VAL C 72 -70.85 6.49 33.68
N SER C 73 -70.96 7.36 32.66
CA SER C 73 -70.62 8.76 32.86
C SER C 73 -71.65 9.73 32.27
N GLU C 74 -72.95 9.45 32.42
CA GLU C 74 -73.96 10.36 31.88
C GLU C 74 -73.87 11.75 32.49
N ASP C 75 -73.26 11.90 33.66
CA ASP C 75 -73.16 13.19 34.33
C ASP C 75 -71.73 13.68 34.51
N VAL C 76 -70.81 13.26 33.63
CA VAL C 76 -69.40 13.64 33.81
C VAL C 76 -69.21 15.15 33.69
N GLU C 77 -70.18 15.85 33.10
CA GLU C 77 -70.08 17.30 32.98
C GLU C 77 -70.05 17.97 34.34
N GLU C 78 -70.87 17.48 35.28
CA GLU C 78 -70.93 18.08 36.61
C GLU C 78 -69.60 17.93 37.35
N MET C 79 -68.89 16.83 37.09
CA MET C 79 -67.56 16.62 37.68
C MET C 79 -66.65 17.78 37.32
N LYS C 80 -65.95 18.30 38.32
CA LYS C 80 -64.96 19.34 38.09
C LYS C 80 -63.61 18.73 37.74
N TYR C 81 -62.82 19.48 37.00
CA TYR C 81 -61.50 19.01 36.56
C TYR C 81 -60.52 19.02 37.72
N SER C 82 -59.52 18.13 37.65
CA SER C 82 -58.50 18.08 38.69
C SER C 82 -57.70 19.37 38.76
N ARG C 83 -57.67 20.15 37.67
CA ARG C 83 -57.02 21.46 37.66
C ARG C 83 -58.00 22.60 37.88
N ASP C 84 -59.26 22.44 37.46
CA ASP C 84 -60.26 23.47 37.73
C ASP C 84 -60.68 23.44 39.19
N CYS C 85 -60.76 22.26 39.79
CA CYS C 85 -61.09 22.16 41.21
C CYS C 85 -59.91 22.63 42.05
N THR C 86 -60.17 23.47 43.03
CA THR C 86 -59.14 24.15 43.80
C THR C 86 -58.60 23.31 44.95
N CYS C 87 -59.24 22.19 45.28
CA CYS C 87 -58.85 21.42 46.45
C CYS C 87 -57.48 20.80 46.27
N GLU C 88 -56.73 20.71 47.38
CA GLU C 88 -55.49 19.94 47.38
C GLU C 88 -55.83 18.46 47.37
N ASP C 89 -54.95 17.67 46.73
CA ASP C 89 -55.16 16.23 46.56
C ASP C 89 -56.50 16.03 45.82
N TYR C 90 -57.26 15.01 46.18
CA TYR C 90 -58.52 14.72 45.52
C TYR C 90 -59.69 14.86 46.48
N CYS C 91 -60.78 15.44 45.97
CA CYS C 91 -62.07 15.38 46.64
C CYS C 91 -63.04 14.64 45.73
N ASP C 92 -64.19 14.25 46.29
CA ASP C 92 -65.13 13.46 45.51
C ASP C 92 -65.63 14.23 44.29
N GLU C 93 -65.84 15.54 44.44
CA GLU C 93 -66.42 16.33 43.36
C GLU C 93 -65.58 16.28 42.09
N CYS C 94 -64.26 16.19 42.23
CA CYS C 94 -63.38 16.06 41.07
C CYS C 94 -62.76 14.67 40.97
N SER C 95 -63.23 13.71 41.77
CA SER C 95 -62.60 12.40 41.82
C SER C 95 -63.51 11.32 42.36
N VAL C 96 -63.85 10.34 41.53
CA VAL C 96 -64.62 9.19 41.99
C VAL C 96 -63.66 8.08 42.40
N VAL C 97 -63.90 7.49 43.57
CA VAL C 97 -63.04 6.45 44.12
C VAL C 97 -63.64 5.10 43.77
N LEU C 98 -62.81 4.21 43.25
CA LEU C 98 -63.14 2.82 42.98
C LEU C 98 -62.30 1.93 43.87
N GLU C 99 -62.79 0.72 44.12
CA GLU C 99 -62.09 -0.22 44.99
C GLU C 99 -62.15 -1.62 44.40
N LEU C 100 -61.13 -2.42 44.71
CA LEU C 100 -61.05 -3.81 44.26
C LEU C 100 -60.31 -4.62 45.31
N SER C 101 -60.83 -5.80 45.62
CA SER C 101 -60.21 -6.71 46.56
C SER C 101 -60.65 -8.13 46.21
N ALA C 102 -59.71 -8.95 45.75
CA ALA C 102 -60.02 -10.30 45.31
C ALA C 102 -58.90 -11.24 45.72
N ARG C 103 -59.29 -12.50 45.98
CA ARG C 103 -58.39 -13.53 46.46
C ARG C 103 -58.73 -14.87 45.82
N HIS C 104 -57.76 -15.77 45.83
CA HIS C 104 -57.98 -17.17 45.47
C HIS C 104 -57.42 -18.07 46.57
N GLU C 105 -58.18 -19.12 46.89
CA GLU C 105 -57.85 -19.97 48.02
C GLU C 105 -57.90 -21.45 47.64
N GLY C 106 -58.57 -21.77 46.55
CA GLY C 106 -58.83 -23.16 46.20
C GLY C 106 -57.66 -23.92 45.63
N GLU C 107 -56.44 -23.45 45.89
CA GLU C 107 -55.22 -24.11 45.41
C GLU C 107 -55.28 -24.31 43.91
N GLU C 108 -55.68 -25.51 43.48
CA GLU C 108 -55.88 -25.79 42.06
C GLU C 108 -57.12 -25.05 41.59
N GLY C 109 -56.93 -24.03 40.77
CA GLY C 109 -58.03 -23.20 40.32
C GLY C 109 -57.52 -21.80 40.00
N THR C 110 -58.48 -20.90 39.78
CA THR C 110 -58.17 -19.52 39.41
C THR C 110 -59.40 -18.67 39.67
N THR C 111 -59.21 -17.56 40.39
CA THR C 111 -60.29 -16.61 40.65
C THR C 111 -60.29 -15.56 39.54
N ASP C 112 -61.42 -15.43 38.86
CA ASP C 112 -61.52 -14.51 37.73
C ASP C 112 -61.99 -13.15 38.23
N VAL C 113 -61.09 -12.19 38.30
CA VAL C 113 -61.43 -10.83 38.71
C VAL C 113 -62.08 -10.11 37.55
N TYR C 114 -63.28 -9.56 37.78
CA TYR C 114 -64.03 -8.90 36.74
C TYR C 114 -64.27 -7.45 37.14
N SER C 115 -64.74 -6.65 36.17
CA SER C 115 -65.01 -5.24 36.45
C SER C 115 -66.12 -5.08 37.48
N SER C 116 -66.90 -6.13 37.71
CA SER C 116 -67.86 -6.13 38.81
C SER C 116 -67.15 -5.92 40.14
N SER C 117 -65.96 -6.52 40.28
CA SER C 117 -65.14 -6.35 41.49
C SER C 117 -64.79 -4.88 41.69
N LEU C 118 -64.66 -4.13 40.60
CA LEU C 118 -64.50 -2.69 40.71
C LEU C 118 -65.77 -2.10 41.30
N ILE C 119 -65.72 -1.69 42.55
CA ILE C 119 -66.88 -1.20 43.28
C ILE C 119 -66.77 0.30 43.41
N LYS C 120 -67.79 1.02 42.94
CA LYS C 120 -67.83 2.47 43.05
C LYS C 120 -68.08 2.86 44.50
N VAL C 121 -67.01 3.22 45.20
CA VAL C 121 -67.07 3.51 46.63
C VAL C 121 -67.17 5.01 46.90
N SER C 122 -67.26 5.82 45.84
CA SER C 122 -67.45 7.25 46.00
C SER C 122 -68.24 7.80 44.82
N GLY C 123 -68.14 9.10 44.58
CA GLY C 123 -68.98 9.76 43.61
C GLY C 123 -69.82 10.81 44.28
N PRO C 124 -69.52 12.08 44.01
CA PRO C 124 -70.17 13.18 44.74
C PRO C 124 -71.69 13.19 44.56
N GLY C 125 -72.42 12.92 45.63
CA GLY C 125 -73.87 12.75 45.57
C GLY C 125 -74.63 13.81 44.80
N ASN C 126 -75.31 13.39 43.73
CA ASN C 126 -75.30 12.00 43.31
C ASN C 126 -74.22 11.74 42.26
N LEU C 127 -74.34 12.41 41.11
CA LEU C 127 -73.33 12.36 40.06
C LEU C 127 -72.89 10.94 39.73
N ASN C 128 -73.79 10.14 39.17
CA ASN C 128 -73.54 8.72 38.99
C ASN C 128 -72.45 8.48 37.95
N VAL C 129 -71.20 8.74 38.33
CA VAL C 129 -70.04 8.45 37.50
C VAL C 129 -69.05 7.65 38.33
N GLY C 130 -68.38 6.71 37.68
CA GLY C 130 -67.40 5.88 38.34
C GLY C 130 -67.69 4.40 38.34
N GLU C 131 -68.95 4.00 38.26
CA GLU C 131 -69.28 2.59 38.17
C GLU C 131 -68.84 2.05 36.82
N PRO C 132 -68.05 0.97 36.77
CA PRO C 132 -67.45 0.53 35.50
C PRO C 132 -68.47 0.04 34.48
N VAL C 133 -68.31 0.49 33.23
CA VAL C 133 -69.14 0.01 32.15
C VAL C 133 -68.86 -1.46 31.89
N ARG C 134 -69.90 -2.21 31.52
CA ARG C 134 -69.77 -3.61 31.17
C ARG C 134 -70.54 -3.84 29.88
N ARG C 135 -70.43 -5.05 29.34
CA ARG C 135 -71.34 -5.47 28.28
C ARG C 135 -72.77 -5.22 28.76
N ASP C 136 -73.14 -5.90 29.84
CA ASP C 136 -74.36 -5.64 30.57
C ASP C 136 -74.35 -6.48 31.83
N ASP C 137 -75.51 -6.53 32.49
CA ASP C 137 -75.59 -7.10 33.84
C ASP C 137 -75.21 -8.57 33.89
N TYR C 138 -75.78 -9.40 33.01
CA TYR C 138 -75.51 -10.83 33.12
C TYR C 138 -74.04 -11.12 32.85
N ASP C 139 -73.44 -10.39 31.89
CA ASP C 139 -72.00 -10.40 31.74
C ASP C 139 -71.36 -9.93 33.04
N GLN C 140 -70.60 -10.82 33.68
CA GLN C 140 -70.07 -10.56 35.02
C GLN C 140 -69.08 -9.41 35.05
N GLY C 141 -68.82 -8.76 33.92
CA GLY C 141 -67.97 -7.60 33.87
C GLY C 141 -66.77 -7.79 32.99
N ILE C 142 -65.97 -6.73 32.88
CA ILE C 142 -64.71 -6.80 32.15
C ILE C 142 -63.70 -7.56 32.99
N LEU C 143 -63.15 -8.63 32.42
CA LEU C 143 -62.21 -9.47 33.16
C LEU C 143 -60.92 -8.71 33.42
N LEU C 144 -60.47 -8.70 34.67
CA LEU C 144 -59.32 -7.88 35.06
C LEU C 144 -58.09 -8.70 35.43
N CYS C 145 -58.25 -9.87 36.04
CA CYS C 145 -57.09 -10.64 36.46
C CYS C 145 -57.50 -12.11 36.64
N LYS C 146 -56.49 -12.96 36.71
CA LYS C 146 -56.67 -14.39 36.96
C LYS C 146 -55.81 -14.77 38.15
N LEU C 147 -56.44 -15.26 39.20
CA LEU C 147 -55.79 -15.54 40.48
C LEU C 147 -55.48 -17.02 40.64
N ARG C 148 -54.25 -17.29 41.09
CA ARG C 148 -53.80 -18.64 41.37
C ARG C 148 -53.80 -18.82 42.88
N ASN C 149 -53.32 -19.99 43.32
CA ASN C 149 -53.28 -20.33 44.74
C ASN C 149 -52.64 -19.23 45.58
N HIS C 150 -53.43 -18.66 46.50
CA HIS C 150 -52.98 -17.59 47.38
C HIS C 150 -52.45 -16.39 46.60
N GLN C 151 -53.32 -15.77 45.80
CA GLN C 151 -52.96 -14.57 45.05
C GLN C 151 -54.04 -13.53 45.26
N GLU C 152 -53.63 -12.27 45.44
CA GLU C 152 -54.54 -11.22 45.86
C GLU C 152 -54.36 -9.99 44.99
N LEU C 153 -55.49 -9.31 44.71
CA LEU C 153 -55.50 -7.99 44.08
C LEU C 153 -56.27 -7.03 44.99
N ASN C 154 -55.56 -6.07 45.57
CA ASN C 154 -56.16 -5.02 46.40
C ASN C 154 -55.74 -3.67 45.84
N ILE C 155 -56.71 -2.94 45.29
CA ILE C 155 -56.44 -1.74 44.50
C ILE C 155 -57.46 -0.68 44.86
N ARG C 156 -57.02 0.57 44.90
CA ARG C 156 -57.93 1.72 44.95
C ARG C 156 -57.68 2.59 43.73
N CYS C 157 -58.73 3.24 43.24
CA CYS C 157 -58.67 3.97 41.99
C CYS C 157 -59.29 5.35 42.13
N ILE C 158 -58.69 6.31 41.44
CA ILE C 158 -59.16 7.69 41.37
C ILE C 158 -59.47 7.98 39.91
N ALA C 159 -60.75 8.26 39.63
CA ALA C 159 -61.19 8.65 38.29
C ALA C 159 -61.52 10.13 38.27
N LYS C 160 -60.99 10.82 37.26
CA LYS C 160 -61.21 12.24 37.10
C LYS C 160 -61.70 12.51 35.69
N LYS C 161 -62.45 13.61 35.55
CA LYS C 161 -63.05 13.99 34.28
C LYS C 161 -61.99 14.13 33.21
N GLY C 162 -62.28 13.60 32.02
CA GLY C 162 -61.32 13.63 30.94
C GLY C 162 -61.98 13.41 29.61
N ILE C 163 -61.18 13.54 28.55
CA ILE C 163 -61.65 13.48 27.17
C ILE C 163 -60.74 12.55 26.38
N ALA C 164 -61.23 12.14 25.20
CA ALA C 164 -60.41 11.36 24.29
C ALA C 164 -59.15 12.10 23.87
N LYS C 165 -59.20 13.43 23.84
CA LYS C 165 -58.05 14.21 23.40
C LYS C 165 -56.85 14.01 24.31
N GLU C 166 -57.08 13.76 25.60
CA GLU C 166 -55.97 13.53 26.50
C GLU C 166 -55.65 12.05 26.70
N HIS C 167 -56.61 11.16 26.46
CA HIS C 167 -56.34 9.73 26.47
C HIS C 167 -57.50 8.97 25.85
N ALA C 168 -57.19 7.89 25.13
CA ALA C 168 -58.23 7.04 24.57
C ALA C 168 -59.01 6.31 25.64
N LYS C 169 -58.50 6.29 26.87
CA LYS C 169 -59.24 5.68 27.97
C LYS C 169 -60.47 6.51 28.35
N TRP C 170 -60.43 7.82 28.15
CA TRP C 170 -61.60 8.67 28.28
C TRP C 170 -62.39 8.78 27.00
N SER C 171 -62.01 8.04 25.95
CA SER C 171 -62.61 8.27 24.64
C SER C 171 -64.09 7.89 24.66
N PRO C 172 -64.99 8.82 24.38
CA PRO C 172 -66.42 8.49 24.33
C PRO C 172 -66.80 7.56 23.19
N CYS C 173 -65.97 7.47 22.15
CA CYS C 173 -66.28 6.69 20.96
C CYS C 173 -65.06 5.87 20.55
N SER C 174 -65.32 4.80 19.81
CA SER C 174 -64.26 4.04 19.19
C SER C 174 -63.95 4.63 17.82
N ALA C 175 -64.97 4.73 16.98
CA ALA C 175 -64.86 5.36 15.68
C ALA C 175 -66.22 5.92 15.28
N ILE C 176 -66.19 7.01 14.51
CA ILE C 176 -67.41 7.66 14.03
C ILE C 176 -67.36 7.60 12.50
N ALA C 177 -68.41 7.04 11.90
CA ALA C 177 -68.48 6.97 10.45
C ALA C 177 -69.11 8.21 9.88
N PHE C 178 -68.45 8.82 8.90
CA PHE C 178 -68.91 10.08 8.31
C PHE C 178 -68.86 9.93 6.80
N GLU C 179 -70.00 10.19 6.14
CA GLU C 179 -70.11 9.96 4.71
C GLU C 179 -70.92 11.08 4.09
N TYR C 180 -70.89 11.15 2.76
CA TYR C 180 -71.80 11.99 1.99
C TYR C 180 -71.61 11.67 0.51
N ASP C 181 -72.53 12.17 -0.30
CA ASP C 181 -72.47 11.99 -1.76
C ASP C 181 -72.29 10.51 -2.09
N PRO C 182 -73.33 9.69 -1.94
CA PRO C 182 -73.15 8.24 -1.98
C PRO C 182 -72.88 7.67 -3.36
N HIS C 183 -72.69 8.53 -4.35
CA HIS C 183 -72.42 8.07 -5.71
C HIS C 183 -71.23 8.80 -6.33
N ASN C 184 -70.47 9.55 -5.53
CA ASN C 184 -69.39 10.40 -6.02
C ASN C 184 -69.92 11.37 -7.07
N LYS C 185 -71.18 11.78 -6.95
CA LYS C 185 -71.76 12.77 -7.85
C LYS C 185 -71.10 14.15 -7.69
N LEU C 186 -70.45 14.40 -6.56
CA LEU C 186 -69.73 15.64 -6.36
C LEU C 186 -68.27 15.55 -6.79
N LYS C 187 -67.81 14.38 -7.23
CA LYS C 187 -66.45 14.18 -7.72
C LYS C 187 -65.41 14.56 -6.66
N HIS C 188 -65.43 13.85 -5.55
CA HIS C 188 -64.43 14.01 -4.50
C HIS C 188 -63.41 12.87 -4.47
N THR C 189 -63.69 11.78 -5.16
CA THR C 189 -62.75 10.67 -5.25
C THR C 189 -62.74 10.16 -6.69
N ASP C 190 -61.59 9.63 -7.10
CA ASP C 190 -61.32 9.35 -8.51
C ASP C 190 -62.00 8.12 -9.06
N PHE C 191 -62.41 7.18 -8.20
CA PHE C 191 -62.72 5.84 -8.66
C PHE C 191 -61.58 5.27 -9.49
N TRP C 192 -60.38 5.22 -8.90
CA TRP C 192 -59.26 4.49 -9.46
C TRP C 192 -59.72 3.12 -9.94
N PHE C 193 -59.23 2.72 -11.11
CA PHE C 193 -59.73 1.49 -11.70
C PHE C 193 -58.69 0.89 -12.63
N GLU C 194 -58.79 -0.42 -12.82
CA GLU C 194 -58.02 -1.14 -13.82
C GLU C 194 -58.78 -1.30 -15.13
N VAL C 195 -60.11 -1.37 -15.07
CA VAL C 195 -60.91 -1.53 -16.28
C VAL C 195 -61.92 -0.38 -16.43
N ASP C 196 -62.77 -0.19 -15.43
CA ASP C 196 -63.78 0.86 -15.45
C ASP C 196 -64.05 1.36 -14.03
N ALA C 197 -64.55 2.59 -13.94
CA ALA C 197 -64.68 3.30 -12.67
C ALA C 197 -65.97 2.99 -11.92
N LYS C 198 -67.11 2.97 -12.61
CA LYS C 198 -68.38 2.78 -11.91
C LYS C 198 -68.56 1.34 -11.48
N LYS C 199 -68.13 0.39 -12.30
CA LYS C 199 -68.39 -1.01 -12.00
C LYS C 199 -67.36 -1.60 -11.03
N GLU C 200 -66.11 -1.15 -11.11
CA GLU C 200 -65.12 -1.58 -10.12
C GLU C 200 -65.44 -1.09 -8.72
N TRP C 201 -66.25 -0.05 -8.60
CA TRP C 201 -66.49 0.57 -7.31
C TRP C 201 -67.93 0.38 -6.89
N PRO C 202 -68.16 -0.10 -5.67
CA PRO C 202 -69.48 -0.58 -5.28
C PRO C 202 -70.44 0.57 -5.03
N ASP C 203 -71.65 0.22 -4.60
CA ASP C 203 -72.69 1.18 -4.24
C ASP C 203 -72.87 1.16 -2.72
N SER C 204 -72.86 2.35 -2.12
CA SER C 204 -72.89 2.45 -0.67
C SER C 204 -74.26 2.07 -0.12
N LYS C 205 -74.32 1.94 1.20
CA LYS C 205 -75.60 1.72 1.88
C LYS C 205 -76.52 2.92 1.77
N TYR C 206 -75.99 4.10 1.44
CA TYR C 206 -76.81 5.29 1.21
C TYR C 206 -77.11 5.50 -0.26
N ALA C 207 -76.72 4.57 -1.13
CA ALA C 207 -77.05 4.66 -2.54
C ALA C 207 -78.55 4.69 -2.75
N THR C 208 -79.31 3.98 -1.91
CA THR C 208 -80.76 3.99 -2.02
C THR C 208 -81.34 5.33 -1.56
N TRP C 209 -80.63 6.04 -0.69
CA TRP C 209 -81.17 7.25 -0.09
C TRP C 209 -81.16 8.43 -1.06
N GLU C 210 -79.98 8.82 -1.53
CA GLU C 210 -79.94 9.84 -2.58
C GLU C 210 -80.14 9.19 -3.95
N GLU C 211 -80.48 10.04 -4.91
CA GLU C 211 -80.74 9.60 -6.27
C GLU C 211 -79.46 9.08 -6.93
N PRO C 212 -79.58 8.05 -7.77
CA PRO C 212 -78.46 7.66 -8.62
C PRO C 212 -78.26 8.68 -9.73
N PRO C 213 -77.04 9.18 -9.91
CA PRO C 213 -76.82 10.33 -10.79
C PRO C 213 -77.28 10.09 -12.22
N LYS C 214 -77.85 11.10 -12.85
CA LYS C 214 -78.31 10.98 -14.22
C LYS C 214 -77.11 10.93 -15.15
N PRO C 215 -76.97 9.90 -15.98
CA PRO C 215 -75.83 9.83 -16.91
C PRO C 215 -75.76 11.05 -17.83
N GLY C 216 -76.92 11.53 -18.27
CA GLY C 216 -76.98 12.71 -19.12
C GLY C 216 -76.58 13.98 -18.41
N GLU C 217 -76.99 14.11 -17.14
CA GLU C 217 -76.77 15.32 -16.36
C GLU C 217 -75.30 15.67 -16.25
N VAL C 218 -74.90 16.79 -16.85
CA VAL C 218 -73.51 17.26 -16.77
C VAL C 218 -73.26 17.78 -15.37
N PHE C 219 -72.04 17.59 -14.86
CA PHE C 219 -71.74 17.91 -13.47
C PHE C 219 -71.90 19.40 -13.22
N ASP C 220 -72.70 19.74 -12.21
CA ASP C 220 -72.85 21.12 -11.77
C ASP C 220 -71.65 21.50 -10.92
N TYR C 221 -70.81 22.38 -11.45
CA TYR C 221 -69.56 22.78 -10.81
C TYR C 221 -69.76 23.79 -9.69
N LYS C 222 -70.99 24.05 -9.26
CA LYS C 222 -71.25 24.97 -8.16
C LYS C 222 -71.92 24.30 -6.97
N ALA C 223 -72.57 23.16 -7.17
CA ALA C 223 -73.21 22.45 -6.07
C ALA C 223 -72.18 22.04 -5.03
N LYS C 224 -72.57 22.10 -3.77
CA LYS C 224 -71.68 21.81 -2.64
C LYS C 224 -72.32 20.73 -1.79
N PRO C 225 -71.51 19.94 -1.08
CA PRO C 225 -72.07 18.85 -0.26
C PRO C 225 -73.05 19.39 0.78
N ASN C 226 -74.25 18.82 0.77
CA ASN C 226 -75.35 19.29 1.62
C ASN C 226 -75.92 18.21 2.51
N ARG C 227 -76.04 16.99 2.01
CA ARG C 227 -76.56 15.86 2.77
C ARG C 227 -75.41 15.00 3.26
N PHE C 228 -75.32 14.84 4.59
CA PHE C 228 -74.17 14.18 5.21
C PHE C 228 -74.69 13.06 6.11
N TYR C 229 -74.18 11.85 5.90
CA TYR C 229 -74.61 10.70 6.67
C TYR C 229 -73.66 10.48 7.84
N MET C 230 -74.22 10.15 9.01
CA MET C 230 -73.46 10.05 10.24
C MET C 230 -73.78 8.72 10.91
N THR C 231 -72.76 8.11 11.52
CA THR C 231 -72.95 6.91 12.32
C THR C 231 -72.09 7.05 13.57
N VAL C 232 -72.74 7.08 14.73
CA VAL C 232 -72.08 7.35 16.00
C VAL C 232 -72.31 6.17 16.93
N GLU C 233 -71.22 5.67 17.54
CA GLU C 233 -71.27 4.56 18.48
C GLU C 233 -70.52 4.92 19.74
N THR C 234 -71.03 4.46 20.89
CA THR C 234 -70.40 4.70 22.18
C THR C 234 -70.01 3.38 22.83
N THR C 235 -69.15 3.47 23.84
CA THR C 235 -68.65 2.30 24.55
C THR C 235 -69.49 1.95 25.78
N GLY C 236 -70.54 2.70 26.05
CA GLY C 236 -71.37 2.42 27.21
C GLY C 236 -71.17 3.43 28.33
N SER C 237 -70.02 4.11 28.31
CA SER C 237 -69.77 5.18 29.27
C SER C 237 -70.79 6.30 29.07
N LEU C 238 -71.05 6.61 27.80
CA LEU C 238 -72.09 7.56 27.43
C LEU C 238 -73.02 6.90 26.42
N LYS C 239 -74.09 7.62 26.09
CA LYS C 239 -74.99 7.18 25.04
C LYS C 239 -74.75 8.02 23.80
N ALA C 240 -75.24 7.51 22.66
CA ALA C 240 -75.01 8.19 21.39
C ALA C 240 -75.60 9.60 21.39
N ASN C 241 -76.83 9.73 21.89
CA ASN C 241 -77.44 11.05 21.99
C ASN C 241 -76.65 11.96 22.92
N GLN C 242 -76.19 11.41 24.04
CA GLN C 242 -75.38 12.18 24.99
C GLN C 242 -74.11 12.70 24.33
N VAL C 243 -73.38 11.80 23.65
CA VAL C 243 -72.13 12.19 23.02
C VAL C 243 -72.38 13.26 21.96
N PHE C 244 -73.42 13.07 21.15
CA PHE C 244 -73.73 14.01 20.09
C PHE C 244 -74.04 15.40 20.65
N SER C 245 -74.92 15.45 21.65
CA SER C 245 -75.29 16.73 22.25
C SER C 245 -74.11 17.38 22.96
N ARG C 246 -73.30 16.58 23.64
CA ARG C 246 -72.12 17.13 24.32
C ARG C 246 -71.15 17.73 23.33
N GLY C 247 -70.93 17.05 22.19
CA GLY C 247 -70.07 17.60 21.16
C GLY C 247 -70.60 18.91 20.61
N ILE C 248 -71.90 18.96 20.31
CA ILE C 248 -72.49 20.19 19.80
C ILE C 248 -72.29 21.32 20.80
N LYS C 249 -72.68 21.09 22.07
CA LYS C 249 -72.59 22.14 23.08
C LYS C 249 -71.15 22.54 23.35
N THR C 250 -70.23 21.59 23.28
CA THR C 250 -68.83 21.89 23.53
C THR C 250 -68.26 22.79 22.44
N LEU C 251 -68.65 22.54 21.19
CA LEU C 251 -68.15 23.41 20.13
C LEU C 251 -68.83 24.78 20.22
N GLN C 252 -70.08 24.81 20.70
CA GLN C 252 -70.74 26.09 20.95
C GLN C 252 -69.99 26.90 22.00
N GLU C 253 -69.61 26.26 23.11
CA GLU C 253 -68.91 26.99 24.16
C GLU C 253 -67.50 27.36 23.73
N LYS C 254 -66.90 26.56 22.85
CA LYS C 254 -65.62 26.92 22.26
C LYS C 254 -65.75 28.21 21.47
N LEU C 255 -66.77 28.32 20.62
CA LEU C 255 -67.00 29.55 19.88
C LEU C 255 -67.32 30.71 20.81
N ALA C 256 -68.06 30.42 21.89
CA ALA C 256 -68.40 31.47 22.86
C ALA C 256 -67.14 32.03 23.52
N ASN C 257 -66.20 31.14 23.88
CA ASN C 257 -64.95 31.60 24.46
C ASN C 257 -64.10 32.33 23.43
N VAL C 258 -64.19 31.91 22.16
CA VAL C 258 -63.49 32.64 21.09
C VAL C 258 -64.00 34.06 21.00
N LEU C 259 -65.33 34.22 21.05
CA LEU C 259 -65.95 35.53 21.15
C LEU C 259 -65.38 36.28 22.34
N PHE C 260 -65.58 35.70 23.53
CA PHE C 260 -65.07 36.24 24.78
C PHE C 260 -63.68 36.85 24.64
N GLU C 261 -62.75 36.08 24.09
CA GLU C 261 -61.38 36.57 23.92
C GLU C 261 -61.27 37.60 22.81
N LEU C 262 -62.17 37.54 21.81
CA LEU C 262 -62.19 38.54 20.75
C LEU C 262 -62.48 39.93 21.30
N GLU C 263 -63.57 40.07 22.06
CA GLU C 263 -63.83 41.36 22.69
C GLU C 263 -62.96 41.61 23.92
N ASN C 264 -62.30 40.57 24.45
CA ASN C 264 -61.34 40.76 25.52
C ASN C 264 -60.10 41.47 25.02
N SER C 265 -59.61 41.06 23.85
CA SER C 265 -58.45 41.72 23.25
C SER C 265 -58.75 43.18 22.95
N ARG C 266 -59.93 43.45 22.41
CA ARG C 266 -60.37 44.81 22.15
C ARG C 266 -61.07 45.39 23.38
N VAL D 3 10.16 37.66 30.50
CA VAL D 3 9.45 38.93 30.48
C VAL D 3 9.91 39.77 29.29
N SER D 4 11.20 40.09 29.26
CA SER D 4 11.76 40.92 28.20
C SER D 4 12.56 40.05 27.23
N THR D 5 12.22 40.15 25.95
CA THR D 5 12.96 39.46 24.91
C THR D 5 14.13 40.32 24.45
N SER D 6 14.78 39.90 23.36
CA SER D 6 15.90 40.63 22.80
C SER D 6 15.90 40.44 21.29
N THR D 7 16.58 41.36 20.59
CA THR D 7 16.71 41.25 19.15
C THR D 7 17.67 40.13 18.76
N VAL D 8 18.49 39.66 19.69
CA VAL D 8 19.43 38.57 19.42
C VAL D 8 18.73 37.25 19.69
N GLY D 9 18.66 36.40 18.67
CA GLY D 9 18.04 35.11 18.77
C GLY D 9 19.02 33.97 18.52
N ALA D 10 18.48 32.86 18.01
CA ALA D 10 19.25 31.65 17.71
C ALA D 10 19.92 31.21 19.00
N ARG D 11 21.21 30.86 18.99
CA ARG D 11 21.95 30.41 20.17
C ARG D 11 21.21 29.25 20.84
N ARG D 12 21.02 28.20 20.04
CA ARG D 12 20.44 26.96 20.50
C ARG D 12 21.49 26.11 21.19
N ARG D 13 21.08 24.94 21.66
CA ARG D 13 22.04 24.04 22.30
C ARG D 13 23.11 23.62 21.30
N ARG D 14 24.33 24.09 21.49
CA ARG D 14 25.46 23.78 20.63
C ARG D 14 26.52 23.05 21.45
N ALA D 15 27.45 22.42 20.74
CA ALA D 15 28.52 21.65 21.38
C ALA D 15 29.89 22.29 21.27
N LYS D 16 30.13 23.13 20.27
CA LYS D 16 31.41 23.82 20.11
C LYS D 16 31.42 25.00 21.09
N GLN D 17 32.04 24.78 22.25
CA GLN D 17 32.02 25.77 23.33
C GLN D 17 33.25 26.64 23.30
N GLN D 18 33.13 27.82 23.92
CA GLN D 18 34.23 28.77 24.04
C GLN D 18 34.19 29.39 25.43
N VAL D 19 35.35 29.91 25.86
CA VAL D 19 35.48 30.45 27.21
C VAL D 19 34.72 31.77 27.36
N ASP D 20 34.28 32.38 26.27
CA ASP D 20 33.64 33.69 26.33
C ASP D 20 32.22 33.59 26.89
N ASP D 21 32.11 33.25 28.18
CA ASP D 21 30.82 33.20 28.85
C ASP D 21 30.77 33.98 30.15
N GLU D 22 31.90 34.26 30.79
CA GLU D 22 31.96 35.05 32.00
C GLU D 22 32.48 36.45 31.67
N GLU D 23 31.69 37.46 32.03
CA GLU D 23 32.07 38.84 31.71
C GLU D 23 33.32 39.25 32.49
N ASN D 24 34.21 39.97 31.81
CA ASN D 24 35.51 40.36 32.38
C ASN D 24 36.03 41.57 31.63
N ALA D 25 36.18 42.70 32.32
CA ALA D 25 36.63 43.93 31.70
C ALA D 25 38.12 43.95 31.39
N THR D 26 38.96 43.45 32.30
CA THR D 26 40.40 43.52 32.09
C THR D 26 40.85 42.58 30.96
N LEU D 27 40.13 41.50 30.74
CA LEU D 27 40.43 40.55 29.67
C LEU D 27 39.72 40.90 28.37
N LEU D 28 38.99 42.01 28.33
CA LEU D 28 38.25 42.44 27.14
C LEU D 28 37.16 41.42 26.78
N ARG D 29 36.36 41.03 27.77
CA ARG D 29 35.25 40.09 27.57
C ARG D 29 33.94 40.85 27.83
N LEU D 30 32.99 40.71 26.91
CA LEU D 30 31.68 41.33 27.04
C LEU D 30 30.55 40.31 27.02
N GLY D 31 30.86 39.02 26.91
CA GLY D 31 29.85 37.99 26.90
C GLY D 31 29.25 37.78 25.53
N PRO D 32 28.58 36.64 25.34
CA PRO D 32 27.93 36.37 24.04
C PRO D 32 26.82 37.37 23.73
N GLU D 33 26.19 37.95 24.74
CA GLU D 33 25.12 38.92 24.50
C GLU D 33 25.64 40.22 23.93
N PHE D 34 26.89 40.58 24.20
CA PHE D 34 27.49 41.85 23.81
C PHE D 34 28.73 41.61 22.96
N ALA D 35 28.58 40.76 21.95
CA ALA D 35 29.72 40.32 21.15
C ALA D 35 30.15 41.41 20.17
N LEU D 36 31.07 41.05 19.27
CA LEU D 36 31.64 42.03 18.35
C LEU D 36 30.66 42.39 17.24
N LYS D 37 29.89 41.42 16.76
CA LYS D 37 29.01 41.61 15.61
C LYS D 37 27.58 41.32 16.05
N GLN D 38 26.85 42.38 16.40
CA GLN D 38 25.47 42.28 16.84
C GLN D 38 24.53 42.98 15.87
N TYR D 39 23.28 42.51 15.84
CA TYR D 39 22.26 43.07 14.98
C TYR D 39 21.09 43.56 15.83
N ASP D 40 20.46 44.64 15.37
CA ASP D 40 19.30 45.20 16.04
C ASP D 40 18.04 44.43 15.62
N HIS D 41 16.86 45.01 15.93
CA HIS D 41 15.60 44.34 15.62
C HIS D 41 15.46 44.10 14.12
N ASP D 42 15.82 45.09 13.31
CA ASP D 42 15.71 44.97 11.87
C ASP D 42 16.98 44.42 11.22
N GLY D 43 17.99 44.08 12.01
CA GLY D 43 19.24 43.56 11.49
C GLY D 43 20.19 44.60 10.94
N ASN D 44 19.96 45.88 11.21
CA ASN D 44 20.80 46.93 10.68
C ASN D 44 22.20 46.85 11.27
N GLU D 45 23.21 47.06 10.42
CA GLU D 45 24.59 47.05 10.89
C GLU D 45 24.86 48.24 11.79
N HIS D 46 25.36 47.96 13.00
CA HIS D 46 25.64 49.01 13.98
C HIS D 46 26.59 48.47 15.02
N ASP D 47 27.45 49.33 15.54
CA ASP D 47 28.43 48.93 16.54
C ASP D 47 27.84 49.06 17.94
N LEU D 48 28.45 48.35 18.89
CA LEU D 48 28.03 48.43 20.28
C LEU D 48 28.33 49.82 20.84
N ILE D 49 27.39 50.35 21.62
CA ILE D 49 27.49 51.72 22.13
C ILE D 49 28.24 51.71 23.45
N ALA D 50 29.32 52.48 23.51
CA ALA D 50 30.06 52.70 24.75
C ALA D 50 30.19 54.21 24.98
N LEU D 51 29.87 54.64 26.19
CA LEU D 51 29.80 56.06 26.52
C LEU D 51 30.58 56.33 27.80
N SER D 52 31.33 57.43 27.81
CA SER D 52 32.06 57.83 29.01
C SER D 52 31.09 58.41 30.03
N LEU D 53 31.55 58.46 31.29
CA LEU D 53 30.67 58.83 32.39
C LEU D 53 30.18 60.27 32.27
N SER D 54 31.07 61.20 31.87
CA SER D 54 30.66 62.59 31.72
C SER D 54 29.70 62.76 30.54
N GLU D 55 30.01 62.14 29.41
CA GLU D 55 29.10 62.18 28.27
C GLU D 55 27.78 61.49 28.60
N SER D 56 27.84 60.38 29.34
CA SER D 56 26.62 59.72 29.79
C SER D 56 25.80 60.66 30.68
N ARG D 57 26.47 61.43 31.54
CA ARG D 57 25.77 62.38 32.38
C ARG D 57 25.07 63.44 31.55
N LEU D 58 25.77 64.00 30.55
CA LEU D 58 25.12 65.00 29.70
C LEU D 58 23.93 64.40 28.96
N LEU D 59 24.09 63.20 28.42
CA LEU D 59 23.00 62.59 27.67
C LEU D 59 21.80 62.30 28.56
N ILE D 60 22.02 61.79 29.77
CA ILE D 60 20.90 61.48 30.65
C ILE D 60 20.23 62.77 31.11
N ARG D 61 21.02 63.81 31.42
CA ARG D 61 20.45 65.08 31.84
C ARG D 61 19.62 65.71 30.73
N GLU D 62 20.13 65.70 29.50
CA GLU D 62 19.41 66.31 28.40
C GLU D 62 18.16 65.50 28.04
N ALA D 63 18.24 64.17 28.12
CA ALA D 63 17.05 63.36 27.88
C ALA D 63 15.99 63.61 28.94
N LEU D 64 16.40 63.70 30.21
CA LEU D 64 15.43 63.96 31.28
C LEU D 64 14.79 65.33 31.12
N LYS D 65 15.59 66.35 30.80
CA LYS D 65 15.02 67.68 30.65
C LYS D 65 14.11 67.77 29.42
N ALA D 66 14.48 67.07 28.34
CA ALA D 66 13.63 67.05 27.15
C ALA D 66 12.30 66.36 27.45
N ARG D 67 12.35 65.24 28.18
CA ARG D 67 11.12 64.56 28.56
C ARG D 67 10.26 65.44 29.46
N SER D 68 10.88 66.14 30.42
CA SER D 68 10.14 67.02 31.31
C SER D 68 9.48 68.16 30.53
N ARG D 69 10.20 68.75 29.58
CA ARG D 69 9.63 69.85 28.80
C ARG D 69 8.55 69.35 27.85
N ALA D 70 8.70 68.13 27.32
CA ALA D 70 7.63 67.56 26.49
C ALA D 70 6.39 67.31 27.32
N ARG D 71 6.54 66.82 28.55
CA ARG D 71 5.41 66.66 29.44
C ARG D 71 4.75 68.00 29.75
N ASN D 72 5.57 69.02 30.04
CA ASN D 72 5.03 70.35 30.27
C ASN D 72 4.43 70.93 29.00
N GLY D 73 5.05 70.65 27.85
CA GLY D 73 4.53 71.10 26.57
C GLY D 73 4.54 72.60 26.38
N GLY D 74 5.64 73.25 26.74
CA GLY D 74 5.77 74.68 26.54
C GLY D 74 6.50 75.40 27.66
N VAL D 75 6.64 74.76 28.80
CA VAL D 75 7.33 75.37 29.94
C VAL D 75 8.83 75.16 29.82
N ILE D 84 16.53 71.70 36.48
CA ILE D 84 17.91 71.42 36.12
C ILE D 84 18.55 70.55 37.21
N ASP D 85 17.81 70.32 38.28
CA ASP D 85 18.31 69.51 39.38
C ASP D 85 18.17 68.02 39.06
N ASP D 86 19.02 67.21 39.71
CA ASP D 86 19.00 65.78 39.45
C ASP D 86 17.74 65.12 40.02
N ASP D 87 17.27 65.59 41.18
CA ASP D 87 16.16 64.92 41.85
C ASP D 87 14.84 65.11 41.10
N GLU D 88 14.57 66.34 40.64
CA GLU D 88 13.33 66.59 39.91
C GLU D 88 13.30 65.78 38.62
N LEU D 89 14.44 65.67 37.94
CA LEU D 89 14.51 64.84 36.75
C LEU D 89 14.36 63.35 37.09
N ALA D 90 14.91 62.93 38.23
CA ALA D 90 14.78 61.53 38.65
C ALA D 90 13.33 61.19 39.01
N LYS D 91 12.54 62.17 39.40
CA LYS D 91 11.15 61.94 39.74
C LYS D 91 10.25 61.71 38.52
N VAL D 92 10.84 61.47 37.34
CA VAL D 92 10.03 61.35 36.12
C VAL D 92 9.25 60.04 36.12
N THR D 93 9.87 58.95 36.55
CA THR D 93 9.29 57.61 36.40
C THR D 93 8.45 57.25 37.62
N SER D 94 7.87 56.05 37.58
CA SER D 94 7.00 55.55 38.63
C SER D 94 7.67 54.36 39.34
N GLY D 95 7.40 54.26 40.63
CA GLY D 95 7.99 53.19 41.43
C GLY D 95 8.98 53.71 42.46
N ALA D 96 8.74 53.37 43.74
CA ALA D 96 9.65 53.82 44.79
C ALA D 96 11.05 53.27 44.58
N VAL D 97 11.15 51.99 44.23
CA VAL D 97 12.46 51.40 43.95
C VAL D 97 13.06 52.00 42.69
N ALA D 98 12.22 52.27 41.69
CA ALA D 98 12.69 52.92 40.48
C ALA D 98 13.22 54.33 40.78
N ASN D 99 12.49 55.08 41.61
CA ASN D 99 12.96 56.40 42.02
C ASN D 99 14.28 56.31 42.76
N GLY D 100 14.40 55.33 43.67
CA GLY D 100 15.63 55.17 44.40
C GLY D 100 16.82 54.86 43.49
N VAL D 101 16.63 53.92 42.56
CA VAL D 101 17.74 53.53 41.71
C VAL D 101 18.12 54.65 40.75
N VAL D 102 17.13 55.40 40.24
CA VAL D 102 17.46 56.49 39.32
C VAL D 102 18.17 57.62 40.05
N LYS D 103 17.74 57.92 41.29
CA LYS D 103 18.45 58.93 42.08
C LYS D 103 19.88 58.47 42.37
N LYS D 104 20.05 57.20 42.72
CA LYS D 104 21.38 56.69 43.05
C LYS D 104 22.30 56.72 41.83
N THR D 105 21.79 56.36 40.65
CA THR D 105 22.63 56.37 39.46
C THR D 105 22.93 57.81 39.02
N LEU D 106 21.99 58.74 39.23
CA LEU D 106 22.29 60.13 38.95
C LEU D 106 23.36 60.67 39.89
N ASP D 107 23.31 60.27 41.17
CA ASP D 107 24.36 60.65 42.10
C ASP D 107 25.70 60.06 41.69
N TYR D 108 25.70 58.80 41.22
CA TYR D 108 26.93 58.18 40.74
C TYR D 108 27.49 58.95 39.54
N LEU D 109 26.61 59.35 38.62
CA LEU D 109 27.05 60.13 37.47
C LEU D 109 27.63 61.48 37.90
N ASN D 110 26.98 62.15 38.85
CA ASN D 110 27.44 63.45 39.30
C ASN D 110 28.79 63.35 40.00
N THR D 111 28.96 62.34 40.85
CA THR D 111 30.20 62.24 41.62
C THR D 111 31.37 61.75 40.79
N PHE D 112 31.10 61.14 39.62
CA PHE D 112 32.13 60.54 38.80
C PHE D 112 32.09 61.03 37.37
N ALA D 113 31.75 62.30 37.17
CA ALA D 113 31.84 62.95 35.87
C ALA D 113 33.06 63.87 35.91
N ARG D 114 34.16 63.42 35.30
CA ARG D 114 35.39 64.19 35.33
C ARG D 114 35.23 65.52 34.61
N PHE D 115 34.37 65.56 33.59
CA PHE D 115 34.07 66.79 32.87
C PHE D 115 32.63 67.19 33.19
N LYS D 116 32.42 68.46 33.52
CA LYS D 116 31.16 68.92 34.11
C LYS D 116 30.17 69.43 33.07
N ASP D 117 30.52 70.47 32.33
CA ASP D 117 29.56 71.13 31.47
C ASP D 117 29.60 70.55 30.06
N GLU D 118 28.79 71.14 29.17
CA GLU D 118 28.61 70.59 27.82
C GLU D 118 29.87 70.75 26.98
N GLU D 119 30.57 71.88 27.10
CA GLU D 119 31.62 72.22 26.15
C GLU D 119 32.81 71.28 26.26
N THR D 120 33.31 71.03 27.47
CA THR D 120 34.49 70.18 27.62
C THR D 120 34.17 68.72 27.29
N CYS D 121 32.97 68.26 27.67
CA CYS D 121 32.58 66.88 27.34
C CYS D 121 32.44 66.71 25.83
N THR D 122 31.85 67.69 25.15
CA THR D 122 31.76 67.61 23.69
C THR D 122 33.15 67.62 23.05
N ALA D 123 34.03 68.49 23.52
CA ALA D 123 35.37 68.57 22.95
C ALA D 123 36.11 67.25 23.11
N VAL D 124 36.07 66.67 24.31
CA VAL D 124 36.71 65.38 24.49
C VAL D 124 35.98 64.30 23.70
N ASP D 125 34.69 64.53 23.40
CA ASP D 125 33.94 63.59 22.56
C ASP D 125 34.48 63.56 21.14
N GLN D 126 34.71 64.72 20.54
CA GLN D 126 35.34 64.67 19.21
C GLN D 126 36.79 64.18 19.32
N LEU D 127 37.49 64.53 20.39
CA LEU D 127 38.92 64.23 20.46
C LEU D 127 39.17 62.73 20.60
N LEU D 128 38.42 62.05 21.47
CA LEU D 128 38.74 60.66 21.78
C LEU D 128 38.53 59.76 20.55
N HIS D 129 37.46 59.98 19.80
CA HIS D 129 37.25 59.22 18.57
C HIS D 129 38.23 59.68 17.49
N LEU D 137 42.29 49.87 16.11
CA LEU D 137 41.47 50.90 16.73
C LEU D 137 40.10 50.36 17.13
N HIS D 138 39.89 50.22 18.43
CA HIS D 138 38.64 49.71 18.98
C HIS D 138 37.94 50.81 19.75
N PRO D 139 36.64 51.04 19.48
CA PRO D 139 35.93 52.10 20.21
C PRO D 139 35.86 51.86 21.71
N PHE D 140 35.78 50.59 22.14
CA PHE D 140 35.62 50.31 23.56
C PHE D 140 36.85 50.68 24.36
N GLU D 141 38.05 50.43 23.82
CA GLU D 141 39.27 50.77 24.54
C GLU D 141 39.42 52.28 24.71
N ILE D 142 39.09 53.06 23.68
CA ILE D 142 39.13 54.51 23.80
C ILE D 142 38.05 54.99 24.76
N ALA D 143 36.88 54.34 24.75
CA ALA D 143 35.81 54.71 25.65
C ALA D 143 36.21 54.50 27.10
N GLN D 144 36.87 53.37 27.41
CA GLN D 144 37.29 53.12 28.78
C GLN D 144 38.49 53.98 29.14
N LEU D 145 39.33 54.35 28.17
CA LEU D 145 40.40 55.31 28.44
C LEU D 145 39.82 56.66 28.85
N SER D 146 38.80 57.12 28.13
CA SER D 146 38.16 58.39 28.49
C SER D 146 37.44 58.28 29.82
N SER D 147 36.75 57.15 30.07
CA SER D 147 35.99 57.00 31.30
C SER D 147 36.90 56.90 32.52
N LEU D 148 37.93 56.06 32.44
CA LEU D 148 38.84 55.86 33.57
C LEU D 148 39.74 57.09 33.68
N GLY D 149 39.45 57.93 34.67
CA GLY D 149 40.25 59.13 34.89
C GLY D 149 41.67 58.77 35.29
N CYS D 150 42.65 59.32 34.59
CA CYS D 150 44.06 59.06 34.86
C CYS D 150 44.82 60.37 34.94
N GLU D 151 46.02 60.30 35.52
CA GLU D 151 46.87 61.48 35.69
C GLU D 151 48.14 61.40 34.86
N ASP D 152 48.82 60.27 34.86
CA ASP D 152 50.06 60.09 34.11
C ASP D 152 50.18 58.65 33.62
N VAL D 153 51.27 58.39 32.90
CA VAL D 153 51.40 57.15 32.13
C VAL D 153 51.46 55.93 33.05
N ASP D 154 52.30 56.00 34.11
CA ASP D 154 52.49 54.83 34.95
C ASP D 154 51.22 54.45 35.69
N GLU D 155 50.45 55.45 36.13
CA GLU D 155 49.15 55.17 36.73
C GLU D 155 48.23 54.47 35.74
N ALA D 156 48.22 54.93 34.49
CA ALA D 156 47.35 54.33 33.47
C ALA D 156 47.74 52.88 33.21
N ILE D 157 49.03 52.60 33.09
CA ILE D 157 49.44 51.23 32.82
C ILE D 157 49.23 50.34 34.03
N THR D 158 49.36 50.90 35.24
CA THR D 158 49.06 50.12 36.45
C THR D 158 47.59 49.78 36.54
N LEU D 159 46.71 50.73 36.17
CA LEU D 159 45.27 50.54 36.30
C LEU D 159 44.64 49.90 35.08
N ILE D 160 45.35 49.76 33.97
CA ILE D 160 44.79 49.18 32.76
C ILE D 160 45.72 48.09 32.24
N PRO D 161 45.45 46.82 32.54
CA PRO D 161 46.29 45.72 32.01
C PRO D 161 45.95 45.32 30.59
N SER D 162 44.94 45.93 29.96
CA SER D 162 44.50 45.54 28.64
C SER D 162 45.25 46.26 27.51
N LEU D 163 46.06 47.27 27.83
CA LEU D 163 46.78 48.02 26.81
C LEU D 163 48.28 47.96 27.05
N ALA D 164 48.80 46.77 27.31
CA ALA D 164 50.20 46.62 27.71
C ALA D 164 51.16 47.07 26.61
N ALA D 165 50.95 46.58 25.39
CA ALA D 165 51.91 46.83 24.31
C ALA D 165 51.20 46.96 22.97
N LYS D 166 51.48 48.05 22.27
CA LYS D 166 51.01 48.24 20.90
C LYS D 166 52.04 48.91 20.00
N LYS D 167 53.26 49.14 20.49
CA LYS D 167 54.37 49.81 19.80
C LYS D 167 54.12 51.30 19.61
N GLU D 168 52.94 51.81 19.97
CA GLU D 168 52.66 53.25 19.92
C GLU D 168 51.66 53.54 21.04
N VAL D 169 52.18 53.95 22.20
CA VAL D 169 51.32 54.23 23.34
C VAL D 169 50.40 55.42 23.03
N ASN D 170 50.99 56.51 22.57
CA ASN D 170 50.25 57.71 22.16
C ASN D 170 49.26 58.15 23.23
N LEU D 171 49.67 58.09 24.49
CA LEU D 171 48.77 58.31 25.61
C LEU D 171 49.16 59.50 26.48
N GLN D 172 50.43 59.93 26.46
CA GLN D 172 50.83 61.08 27.26
C GLN D 172 50.13 62.35 26.79
N ARG D 173 50.03 62.54 25.48
CA ARG D 173 49.29 63.70 24.96
C ARG D 173 47.81 63.60 25.32
N ILE D 174 47.24 62.40 25.23
CA ILE D 174 45.83 62.21 25.56
C ILE D 174 45.58 62.56 27.02
N LEU D 175 46.42 62.04 27.93
CA LEU D 175 46.24 62.34 29.34
C LEU D 175 46.46 63.82 29.63
N ASP D 176 47.44 64.44 28.96
CA ASP D 176 47.70 65.86 29.17
C ASP D 176 46.49 66.70 28.77
N GLU D 177 45.91 66.41 27.60
CA GLU D 177 44.76 67.19 27.16
C GLU D 177 43.54 66.91 28.04
N LEU D 178 43.33 65.66 28.44
CA LEU D 178 42.20 65.35 29.31
C LEU D 178 42.32 66.05 30.65
N ASN D 179 43.53 66.08 31.23
CA ASN D 179 43.75 66.81 32.46
C ASN D 179 43.60 68.31 32.25
N ARG D 180 43.94 68.81 31.06
CA ARG D 180 43.65 70.20 30.73
C ARG D 180 42.15 70.45 30.67
N LEU D 181 41.38 69.41 30.37
CA LEU D 181 39.92 69.49 30.35
C LEU D 181 39.28 69.09 31.67
N GLU D 182 40.08 68.76 32.68
CA GLU D 182 39.55 68.35 33.97
C GLU D 182 38.89 69.53 34.68
N ASP D 183 37.94 69.21 35.56
CA ASP D 183 37.26 70.25 36.32
C ASP D 183 38.15 70.75 37.45
N PRO D 184 38.47 72.04 37.50
CA PRO D 184 39.29 72.56 38.59
C PRO D 184 38.46 72.88 39.84
N TYR D 185 39.11 72.78 40.98
CA TYR D 185 38.47 73.07 42.26
C TYR D 185 39.50 73.34 43.34
N GLU E 2 13.53 -5.78 -47.01
CA GLU E 2 14.32 -6.68 -46.17
C GLU E 2 15.09 -5.92 -45.10
N ASP E 3 16.14 -6.56 -44.57
CA ASP E 3 16.92 -5.97 -43.49
C ASP E 3 17.58 -4.65 -43.93
N ASN E 4 18.12 -4.62 -45.16
CA ASN E 4 18.88 -3.47 -45.61
C ASN E 4 18.03 -2.21 -45.65
N ASN E 5 16.87 -2.28 -46.31
CA ASN E 5 16.07 -1.07 -46.50
C ASN E 5 15.46 -0.58 -45.20
N ARG E 6 15.05 -1.51 -44.33
CA ARG E 6 14.49 -1.09 -43.04
C ARG E 6 15.57 -0.44 -42.19
N ILE E 7 16.80 -0.97 -42.22
CA ILE E 7 17.91 -0.32 -41.54
C ILE E 7 18.15 1.08 -42.09
N ILE E 8 18.09 1.21 -43.43
CA ILE E 8 18.30 2.50 -44.07
C ILE E 8 17.26 3.52 -43.59
N SER E 9 15.99 3.11 -43.60
CA SER E 9 14.92 4.03 -43.21
C SER E 9 15.02 4.40 -41.73
N ARG E 10 15.31 3.40 -40.89
CA ARG E 10 15.51 3.65 -39.47
C ARG E 10 16.60 4.70 -39.26
N LEU E 11 17.75 4.50 -39.92
CA LEU E 11 18.88 5.41 -39.79
C LEU E 11 18.51 6.81 -40.29
N TRP E 12 17.81 6.88 -41.42
CA TRP E 12 17.47 8.17 -42.00
C TRP E 12 16.55 8.96 -41.10
N ARG E 13 15.53 8.30 -40.55
CA ARG E 13 14.63 8.99 -39.63
C ARG E 13 15.34 9.38 -38.34
N SER E 14 16.25 8.52 -37.86
CA SER E 14 17.03 8.87 -36.69
C SER E 14 17.85 10.13 -36.92
N PHE E 15 18.51 10.20 -38.09
CA PHE E 15 19.28 11.40 -38.44
C PHE E 15 18.38 12.61 -38.58
N ARG E 16 17.19 12.43 -39.16
CA ARG E 16 16.25 13.54 -39.31
C ARG E 16 15.91 14.13 -37.96
N THR E 17 15.61 13.27 -36.98
CA THR E 17 15.24 13.77 -35.67
C THR E 17 16.46 14.25 -34.89
N VAL E 18 17.66 13.78 -35.23
CA VAL E 18 18.87 14.36 -34.65
C VAL E 18 19.03 15.81 -35.12
N LYS E 19 18.77 16.05 -36.39
CA LYS E 19 18.87 17.41 -36.90
C LYS E 19 17.71 18.27 -36.36
N GLU E 20 16.60 17.61 -36.01
CA GLU E 20 15.56 18.30 -35.25
C GLU E 20 16.04 18.65 -33.85
N MET E 21 16.83 17.75 -33.24
CA MET E 21 17.51 18.12 -31.99
C MET E 21 18.18 19.46 -32.15
N ALA E 22 19.08 19.53 -33.15
CA ALA E 22 19.86 20.73 -33.41
C ALA E 22 18.97 21.94 -33.64
N ALA E 23 17.95 21.78 -34.49
CA ALA E 23 17.07 22.89 -34.83
C ALA E 23 16.37 23.42 -33.60
N ASP E 24 15.85 22.53 -32.77
CA ASP E 24 15.17 22.94 -31.54
C ASP E 24 16.15 23.47 -30.50
N ARG E 25 17.45 23.25 -30.71
CA ARG E 25 18.47 23.84 -29.83
C ARG E 25 19.10 25.10 -30.41
N GLY E 26 18.40 25.78 -31.31
CA GLY E 26 18.91 27.02 -31.86
C GLY E 26 20.09 26.84 -32.79
N TYR E 27 20.43 25.61 -33.14
CA TYR E 27 21.46 25.31 -34.13
C TYR E 27 20.86 25.46 -35.51
N PHE E 28 21.45 26.32 -36.32
CA PHE E 28 21.01 26.44 -37.70
C PHE E 28 21.42 25.19 -38.47
N ILE E 29 20.59 24.79 -39.43
CA ILE E 29 20.86 23.62 -40.24
C ILE E 29 20.47 23.94 -41.66
N SER E 30 21.28 23.51 -42.62
CA SER E 30 20.88 23.53 -44.03
C SER E 30 19.57 22.77 -44.20
N GLN E 31 18.52 23.49 -44.60
CA GLN E 31 17.19 22.90 -44.69
C GLN E 31 17.15 21.77 -45.71
N GLU E 32 18.02 21.85 -46.73
CA GLU E 32 18.18 20.73 -47.65
C GLU E 32 18.54 19.46 -46.90
N GLU E 33 19.33 19.58 -45.84
CA GLU E 33 19.66 18.42 -45.03
C GLU E 33 18.52 18.09 -44.07
N MET E 34 17.90 19.11 -43.47
CA MET E 34 16.68 18.86 -42.71
C MET E 34 15.59 18.28 -43.60
N ASP E 35 15.72 18.45 -44.92
CA ASP E 35 14.92 17.74 -45.89
C ASP E 35 15.72 16.66 -46.62
N GLN E 36 16.75 16.11 -45.97
CA GLN E 36 17.52 15.03 -46.57
C GLN E 36 16.66 13.79 -46.59
N SER E 37 15.76 13.70 -47.57
CA SER E 37 14.80 12.62 -47.66
C SER E 37 15.50 11.27 -47.78
N LEU E 38 14.70 10.21 -47.68
CA LEU E 38 15.24 8.85 -47.58
C LEU E 38 16.12 8.51 -48.77
N GLU E 39 15.71 8.89 -49.98
CA GLU E 39 16.48 8.53 -51.16
C GLU E 39 17.78 9.32 -51.27
N GLU E 40 17.74 10.63 -50.98
CA GLU E 40 18.97 11.42 -51.07
C GLU E 40 19.91 11.09 -49.91
N PHE E 41 19.36 10.80 -48.73
CA PHE E 41 20.20 10.31 -47.64
C PHE E 41 20.82 8.97 -48.01
N ARG E 42 20.05 8.10 -48.66
CA ARG E 42 20.57 6.82 -49.12
C ARG E 42 21.72 7.01 -50.10
N SER E 43 21.56 7.94 -51.04
CA SER E 43 22.60 8.18 -52.04
C SER E 43 23.84 8.77 -51.41
N LYS E 44 23.69 9.83 -50.62
CA LYS E 44 24.84 10.52 -50.04
C LYS E 44 25.53 9.66 -48.99
N ILE E 45 24.77 8.83 -48.28
CA ILE E 45 25.27 8.16 -47.09
C ILE E 45 25.45 6.67 -47.36
N CYS E 46 24.36 5.99 -47.72
CA CYS E 46 24.40 4.55 -47.88
C CYS E 46 24.94 4.16 -49.26
N ASP E 47 25.15 2.86 -49.43
CA ASP E 47 25.70 2.32 -50.67
C ASP E 47 24.57 1.75 -51.53
N SER E 48 24.94 1.07 -52.61
CA SER E 48 23.94 0.54 -53.54
C SER E 48 23.07 -0.52 -52.88
N MET E 49 23.70 -1.52 -52.26
CA MET E 49 22.94 -2.52 -51.53
C MET E 49 22.31 -1.96 -50.26
N GLY E 50 22.86 -0.88 -49.72
CA GLY E 50 22.32 -0.26 -48.53
C GLY E 50 23.28 -0.08 -47.37
N ASN E 51 24.56 -0.38 -47.55
CA ASN E 51 25.52 -0.21 -46.48
C ASN E 51 25.71 1.27 -46.21
N PRO E 52 25.42 1.75 -45.00
CA PRO E 52 25.55 3.19 -44.73
C PRO E 52 26.99 3.62 -44.49
N GLN E 53 27.21 4.93 -44.38
CA GLN E 53 28.53 5.49 -44.07
C GLN E 53 28.33 6.48 -42.92
N ARG E 54 28.48 5.98 -41.69
CA ARG E 54 28.23 6.81 -40.52
C ARG E 54 29.23 7.95 -40.43
N LYS E 55 30.47 7.69 -40.83
CA LYS E 55 31.53 8.70 -40.74
C LYS E 55 31.33 9.83 -41.74
N LEU E 56 31.01 9.50 -43.00
CA LEU E 56 30.74 10.55 -43.98
C LEU E 56 29.47 11.31 -43.60
N MET E 57 28.46 10.60 -43.12
CA MET E 57 27.20 11.18 -42.68
C MET E 57 27.37 12.12 -41.49
N SER E 58 28.43 11.95 -40.70
CA SER E 58 28.73 12.84 -39.61
C SER E 58 28.95 14.27 -40.09
N PHE E 59 28.10 15.21 -39.69
CA PHE E 59 28.28 16.59 -40.13
C PHE E 59 28.38 17.51 -38.91
N LEU E 60 28.65 18.78 -39.19
CA LEU E 60 28.75 19.82 -38.18
C LEU E 60 27.70 20.89 -38.42
N ALA E 61 27.09 21.34 -37.32
CA ALA E 61 25.94 22.23 -37.37
C ALA E 61 26.32 23.57 -36.76
N ASN E 62 26.07 24.65 -37.52
CA ASN E 62 26.24 25.98 -36.99
C ASN E 62 25.01 26.39 -36.17
N PRO E 63 25.20 27.27 -35.19
CA PRO E 63 24.05 27.77 -34.42
C PRO E 63 23.31 28.87 -35.18
N THR E 64 21.97 28.98 -34.88
CA THR E 64 21.41 30.17 -35.48
C THR E 64 21.96 31.42 -34.80
N PRO E 65 22.30 32.45 -35.57
CA PRO E 65 22.82 33.68 -34.95
C PRO E 65 21.85 34.32 -33.98
N GLU E 66 20.55 34.19 -34.25
CA GLU E 66 19.54 34.62 -33.29
C GLU E 66 19.69 33.87 -31.98
N ALA E 67 19.91 32.55 -32.05
CA ALA E 67 20.25 31.82 -30.84
C ALA E 67 21.61 32.26 -30.31
N LEU E 68 22.55 32.59 -31.20
CA LEU E 68 23.87 33.00 -30.74
C LEU E 68 23.78 34.19 -29.80
N GLU E 69 22.97 35.19 -30.14
CA GLU E 69 22.74 36.28 -29.20
C GLU E 69 21.81 35.85 -28.08
N LYS E 70 20.93 34.88 -28.36
CA LYS E 70 19.97 34.39 -27.37
C LYS E 70 20.58 33.34 -26.45
N TYR E 71 21.06 32.22 -26.99
CA TYR E 71 21.90 31.30 -26.23
C TYR E 71 23.35 31.59 -26.59
N SER E 72 24.08 32.24 -25.69
CA SER E 72 25.40 32.78 -26.04
C SER E 72 26.41 31.66 -26.30
N ASP E 73 26.46 30.66 -25.43
CA ASP E 73 27.54 29.69 -25.44
C ASP E 73 27.50 28.75 -26.63
N LEU E 74 26.36 28.68 -27.33
CA LEU E 74 26.20 27.75 -28.43
C LEU E 74 27.33 27.83 -29.44
N GLY E 75 28.08 26.74 -29.59
CA GLY E 75 29.05 26.59 -30.65
C GLY E 75 28.50 25.78 -31.80
N THR E 76 29.28 24.82 -32.25
CA THR E 76 28.83 23.95 -33.32
C THR E 76 28.42 22.59 -32.74
N LEU E 77 27.67 21.83 -33.54
CA LEU E 77 27.16 20.53 -33.10
C LEU E 77 27.64 19.47 -34.07
N TRP E 78 28.51 18.58 -33.61
CA TRP E 78 29.03 17.52 -34.45
C TRP E 78 28.19 16.26 -34.26
N VAL E 79 27.34 15.96 -35.24
CA VAL E 79 26.62 14.70 -35.28
C VAL E 79 27.51 13.67 -35.96
N GLU E 80 27.74 12.56 -35.27
CA GLU E 80 28.53 11.45 -35.78
C GLU E 80 28.01 10.17 -35.18
N PHE E 81 27.59 9.24 -36.03
CA PHE E 81 27.13 7.94 -35.57
C PHE E 81 28.33 7.01 -35.59
N CYS E 82 28.34 6.03 -34.69
CA CYS E 82 29.56 5.27 -34.43
C CYS E 82 30.00 4.48 -35.65
N ASP E 83 31.30 4.37 -35.84
CA ASP E 83 31.85 3.60 -36.94
C ASP E 83 31.68 2.11 -36.71
N GLU E 84 32.03 1.64 -35.51
CA GLU E 84 31.87 0.23 -35.16
C GLU E 84 30.68 0.07 -34.22
N PRO E 85 29.71 -0.79 -34.53
CA PRO E 85 28.49 -0.86 -33.70
C PRO E 85 28.75 -1.04 -32.22
N SER E 86 29.52 -2.07 -31.85
CA SER E 86 29.93 -2.25 -30.46
C SER E 86 31.01 -1.22 -30.15
N VAL E 87 30.63 -0.14 -29.48
CA VAL E 87 31.57 0.94 -29.21
C VAL E 87 32.63 0.43 -28.24
N GLY E 88 33.80 0.11 -28.78
CA GLY E 88 34.89 -0.37 -27.94
C GLY E 88 35.68 0.77 -27.32
N ILE E 89 36.62 0.40 -26.46
CA ILE E 89 37.51 1.39 -25.86
C ILE E 89 38.29 2.13 -26.93
N LYS E 90 38.86 1.37 -27.88
CA LYS E 90 39.63 1.99 -28.96
C LYS E 90 38.76 2.84 -29.86
N THR E 91 37.57 2.35 -30.22
CA THR E 91 36.69 3.10 -31.11
C THR E 91 36.19 4.37 -30.45
N MET E 92 35.76 4.25 -29.18
CA MET E 92 35.28 5.42 -28.45
C MET E 92 36.41 6.43 -28.27
N ARG E 93 37.61 5.96 -27.98
CA ARG E 93 38.76 6.85 -27.85
C ARG E 93 39.08 7.53 -29.18
N ASN E 94 39.00 6.80 -30.29
CA ASN E 94 39.24 7.40 -31.59
C ASN E 94 38.23 8.52 -31.87
N PHE E 95 36.96 8.25 -31.61
CA PHE E 95 35.95 9.28 -31.84
C PHE E 95 36.17 10.48 -30.93
N CYS E 96 36.51 10.23 -29.67
CA CYS E 96 36.69 11.32 -28.71
C CYS E 96 37.90 12.17 -29.07
N LEU E 97 38.98 11.52 -29.50
CA LEU E 97 40.14 12.28 -29.97
C LEU E 97 39.82 13.05 -31.23
N ARG E 98 38.97 12.50 -32.10
CA ARG E 98 38.51 13.27 -33.27
C ARG E 98 37.77 14.52 -32.81
N ILE E 99 36.89 14.39 -31.84
CA ILE E 99 36.15 15.54 -31.31
C ILE E 99 37.12 16.57 -30.75
N GLN E 100 38.09 16.11 -29.95
CA GLN E 100 39.01 17.03 -29.29
C GLN E 100 39.90 17.74 -30.29
N GLU E 101 40.39 17.01 -31.30
CA GLU E 101 41.28 17.61 -32.29
C GLU E 101 40.53 18.60 -33.18
N LYS E 102 39.29 18.29 -33.54
CA LYS E 102 38.51 19.27 -34.30
C LYS E 102 37.88 20.33 -33.41
N ASN E 103 37.98 20.17 -32.08
CA ASN E 103 37.43 21.13 -31.13
C ASN E 103 35.95 21.38 -31.38
N PHE E 104 35.21 20.31 -31.68
CA PHE E 104 33.77 20.39 -31.87
C PHE E 104 33.13 20.87 -30.58
N SER E 105 32.52 22.05 -30.62
CA SER E 105 31.94 22.67 -29.43
C SER E 105 30.93 21.75 -28.76
N THR E 106 30.04 21.17 -29.55
CA THR E 106 29.16 20.12 -29.08
C THR E 106 29.24 18.93 -30.02
N GLY E 107 29.42 17.74 -29.43
CA GLY E 107 29.53 16.54 -30.21
C GLY E 107 28.62 15.43 -29.68
N ILE E 108 27.69 15.00 -30.51
CA ILE E 108 26.70 14.00 -30.11
C ILE E 108 27.05 12.68 -30.79
N PHE E 109 27.24 11.64 -29.98
CA PHE E 109 27.72 10.34 -30.47
C PHE E 109 26.62 9.29 -30.33
N ILE E 110 25.81 9.21 -31.37
CA ILE E 110 24.71 8.25 -31.40
C ILE E 110 25.24 6.91 -31.89
N TYR E 111 25.39 5.96 -30.99
CA TYR E 111 25.99 4.66 -31.29
C TYR E 111 24.98 3.75 -31.99
N GLN E 112 25.41 2.52 -32.27
CA GLN E 112 24.59 1.59 -33.06
C GLN E 112 24.08 0.42 -32.25
N ASN E 113 24.95 -0.41 -31.68
CA ASN E 113 24.53 -1.63 -31.01
C ASN E 113 24.51 -1.40 -29.52
N ASN E 114 25.62 -1.00 -28.90
CA ASN E 114 25.68 -0.83 -27.46
C ASN E 114 26.85 0.06 -27.09
N ILE E 115 26.83 0.55 -25.86
CA ILE E 115 27.94 1.26 -25.25
C ILE E 115 28.24 0.61 -23.91
N THR E 116 29.32 -0.17 -23.86
CA THR E 116 29.69 -0.84 -22.62
C THR E 116 30.10 0.20 -21.58
N PRO E 117 29.81 -0.04 -20.29
CA PRO E 117 30.17 0.95 -19.28
C PRO E 117 31.65 1.27 -19.24
N SER E 118 32.51 0.32 -19.59
CA SER E 118 33.94 0.59 -19.65
C SER E 118 34.26 1.67 -20.66
N ALA E 119 33.60 1.62 -21.83
CA ALA E 119 33.77 2.69 -22.81
C ALA E 119 33.07 3.97 -22.36
N ASN E 120 32.08 3.86 -21.48
CA ASN E 120 31.40 5.06 -20.98
C ASN E 120 32.21 5.73 -19.88
N LYS E 121 33.20 5.04 -19.32
CA LYS E 121 34.03 5.64 -18.28
C LYS E 121 34.78 6.86 -18.80
N MET E 122 35.30 6.78 -20.02
CA MET E 122 36.10 7.85 -20.59
C MET E 122 35.28 9.07 -21.02
N ILE E 123 33.97 8.92 -21.22
CA ILE E 123 33.18 10.03 -21.76
C ILE E 123 33.27 11.28 -20.92
N PRO E 124 33.20 11.23 -19.58
CA PRO E 124 33.48 12.46 -18.81
C PRO E 124 34.90 12.97 -18.96
N THR E 125 35.84 12.12 -19.39
CA THR E 125 37.24 12.49 -19.54
C THR E 125 37.59 12.94 -20.95
N VAL E 126 36.63 13.52 -21.68
CA VAL E 126 36.87 13.95 -23.05
C VAL E 126 36.97 15.48 -23.01
N SER E 127 37.35 16.01 -21.85
CA SER E 127 37.49 17.44 -21.69
C SER E 127 38.56 17.96 -22.65
N PRO E 128 38.40 19.18 -23.19
CA PRO E 128 37.31 20.11 -22.88
C PRO E 128 36.06 19.91 -23.74
N ALA E 129 35.97 18.78 -24.44
CA ALA E 129 34.85 18.52 -25.34
C ALA E 129 33.73 17.79 -24.61
N ILE E 130 32.50 18.23 -24.85
CA ILE E 130 31.31 17.62 -24.27
C ILE E 130 30.72 16.64 -25.27
N ILE E 131 30.50 15.41 -24.83
CA ILE E 131 29.99 14.34 -25.66
C ILE E 131 28.59 13.96 -25.20
N GLU E 132 27.68 13.80 -26.16
CA GLU E 132 26.33 13.32 -25.90
C GLU E 132 26.14 12.01 -26.63
N THR E 133 25.63 10.99 -25.94
CA THR E 133 25.51 9.66 -26.49
C THR E 133 24.04 9.25 -26.53
N PHE E 134 23.57 8.86 -27.72
CA PHE E 134 22.16 8.54 -27.94
C PHE E 134 22.05 7.24 -28.72
N GLN E 135 20.80 6.79 -28.90
CA GLN E 135 20.51 5.59 -29.67
C GLN E 135 19.66 5.95 -30.88
N GLU E 136 19.80 5.18 -31.95
CA GLU E 136 19.06 5.40 -33.19
C GLU E 136 17.55 5.25 -33.00
N SER E 137 17.15 4.28 -32.17
CA SER E 137 15.75 3.85 -32.15
C SER E 137 14.81 4.96 -31.70
N ASP E 138 15.10 5.59 -30.55
CA ASP E 138 14.23 6.67 -30.10
C ASP E 138 14.35 7.92 -30.96
N LEU E 139 15.39 8.01 -31.81
CA LEU E 139 15.49 9.07 -32.80
C LEU E 139 14.79 8.73 -34.11
N VAL E 140 14.38 7.49 -34.33
CA VAL E 140 13.67 7.15 -35.56
C VAL E 140 12.40 8.00 -35.66
N VAL E 141 11.62 8.02 -34.60
CA VAL E 141 10.44 8.88 -34.52
C VAL E 141 10.70 9.97 -33.51
N ASN E 142 10.44 11.21 -33.89
CA ASN E 142 10.59 12.35 -32.99
C ASN E 142 9.62 12.17 -31.84
N ILE E 143 10.15 12.09 -30.62
CA ILE E 143 9.34 11.93 -29.42
C ILE E 143 8.48 13.16 -29.16
N THR E 144 9.03 14.37 -29.36
CA THR E 144 8.29 15.59 -29.08
C THR E 144 7.27 15.93 -30.16
N HIS E 145 7.27 15.24 -31.29
CA HIS E 145 6.24 15.45 -32.30
C HIS E 145 4.94 14.71 -32.02
N HIS E 146 4.85 14.01 -30.90
CA HIS E 146 3.58 13.40 -30.49
C HIS E 146 2.54 14.49 -30.28
N GLU E 147 1.31 14.22 -30.71
CA GLU E 147 0.25 15.23 -30.69
C GLU E 147 0.00 15.76 -29.27
N LEU E 148 -0.09 14.86 -28.29
CA LEU E 148 -0.35 15.30 -26.93
C LEU E 148 0.87 15.95 -26.29
N VAL E 149 2.04 15.82 -26.92
CA VAL E 149 3.28 16.39 -26.40
C VAL E 149 3.34 17.84 -26.87
N PRO E 150 3.34 18.81 -25.96
CA PRO E 150 3.55 20.21 -26.36
C PRO E 150 5.02 20.46 -26.70
N LYS E 151 5.25 21.63 -27.30
CA LYS E 151 6.60 22.03 -27.71
C LYS E 151 7.32 22.65 -26.53
N HIS E 152 8.63 22.47 -26.48
CA HIS E 152 9.44 22.80 -25.31
C HIS E 152 10.67 23.59 -25.76
N ILE E 153 11.06 24.61 -25.00
CA ILE E 153 12.16 25.49 -25.37
C ILE E 153 13.01 25.78 -24.14
N ARG E 154 14.33 25.71 -24.31
CA ARG E 154 15.25 26.07 -23.25
C ARG E 154 15.14 27.55 -22.93
N LEU E 155 15.20 27.90 -21.65
CA LEU E 155 15.27 29.28 -21.25
C LEU E 155 16.72 29.72 -21.13
N SER E 156 17.05 30.80 -21.83
CA SER E 156 18.40 31.36 -21.77
C SER E 156 18.66 31.99 -20.41
N ASP E 157 19.82 32.63 -20.29
CA ASP E 157 20.22 33.23 -19.02
C ASP E 157 19.20 34.24 -18.52
N GLY E 158 18.82 35.20 -19.36
CA GLY E 158 17.83 36.18 -18.95
C GLY E 158 16.47 35.55 -18.72
N GLU E 159 16.09 34.63 -19.60
CA GLU E 159 14.78 33.99 -19.50
C GLU E 159 14.63 33.26 -18.18
N LYS E 160 15.48 32.26 -17.92
CA LYS E 160 15.41 31.53 -16.68
C LYS E 160 15.63 32.44 -15.48
N SER E 161 16.55 33.39 -15.60
CA SER E 161 16.86 34.29 -14.50
C SER E 161 15.64 35.07 -14.06
N GLN E 162 14.97 35.73 -15.01
CA GLN E 162 13.79 36.51 -14.65
C GLN E 162 12.64 35.60 -14.28
N LEU E 163 12.62 34.37 -14.81
CA LEU E 163 11.64 33.39 -14.35
C LEU E 163 11.77 33.16 -12.85
N LEU E 164 12.99 32.86 -12.40
CA LEU E 164 13.23 32.68 -10.98
C LEU E 164 12.97 33.93 -10.17
N GLN E 165 13.38 35.09 -10.67
CA GLN E 165 13.24 36.33 -9.92
C GLN E 165 11.78 36.74 -9.74
N ARG E 166 10.96 36.56 -10.79
CA ARG E 166 9.58 37.03 -10.73
C ARG E 166 8.77 36.30 -9.67
N TYR E 167 8.78 34.97 -9.71
CA TYR E 167 8.11 34.17 -8.69
C TYR E 167 8.76 34.29 -7.32
N LYS E 168 9.98 34.83 -7.25
CA LYS E 168 10.81 34.73 -6.06
C LYS E 168 10.93 33.27 -5.66
N LEU E 169 11.05 32.41 -6.67
CA LEU E 169 11.23 30.97 -6.49
C LEU E 169 12.70 30.66 -6.29
N LYS E 170 12.97 29.40 -5.95
CA LYS E 170 14.32 28.85 -5.96
C LYS E 170 14.43 27.86 -7.11
N GLU E 171 15.65 27.66 -7.60
CA GLU E 171 15.86 26.71 -8.68
C GLU E 171 15.35 25.33 -8.29
N SER E 172 15.38 25.01 -7.01
CA SER E 172 14.85 23.75 -6.52
C SER E 172 13.35 23.88 -6.24
N GLN E 173 12.77 25.01 -6.61
CA GLN E 173 11.34 25.22 -6.43
C GLN E 173 10.57 25.27 -7.74
N LEU E 174 11.14 24.76 -8.81
CA LEU E 174 10.38 24.64 -10.04
C LEU E 174 9.91 23.21 -10.24
N PRO E 175 8.92 22.99 -11.10
CA PRO E 175 8.66 21.64 -11.57
C PRO E 175 9.93 21.06 -12.18
N ARG E 176 10.06 19.74 -12.11
CA ARG E 176 11.30 19.09 -12.48
C ARG E 176 11.18 18.41 -13.83
N ILE E 177 12.22 18.59 -14.64
CA ILE E 177 12.50 17.73 -15.78
C ILE E 177 13.84 17.07 -15.50
N GLN E 178 13.84 15.75 -15.38
CA GLN E 178 15.07 15.05 -15.07
C GLN E 178 16.05 15.14 -16.23
N ARG E 179 17.34 15.01 -15.91
CA ARG E 179 18.38 15.07 -16.93
C ARG E 179 18.18 13.99 -17.99
N GLU E 180 17.58 12.87 -17.61
CA GLU E 180 17.34 11.79 -18.56
C GLU E 180 15.91 11.78 -19.08
N ASP E 181 15.15 12.85 -18.84
CA ASP E 181 13.84 12.98 -19.45
C ASP E 181 13.97 12.88 -20.96
N PRO E 182 13.09 12.13 -21.64
CA PRO E 182 13.17 12.04 -23.10
C PRO E 182 13.35 13.38 -23.80
N VAL E 183 12.57 14.39 -23.41
CA VAL E 183 12.70 15.69 -24.07
C VAL E 183 13.92 16.44 -23.55
N ALA E 184 14.34 16.15 -22.32
CA ALA E 184 15.57 16.75 -21.81
C ALA E 184 16.77 16.30 -22.63
N ARG E 185 16.82 15.00 -22.96
CA ARG E 185 17.81 14.51 -23.91
C ARG E 185 17.55 15.08 -25.29
N TYR E 186 16.27 15.24 -25.64
CA TYR E 186 15.90 15.91 -26.89
C TYR E 186 16.41 17.34 -26.88
N LEU E 187 16.27 18.03 -25.75
CA LEU E 187 16.61 19.44 -25.66
C LEU E 187 17.98 19.69 -25.04
N GLY E 188 18.84 18.67 -25.00
CA GLY E 188 20.20 18.83 -24.54
C GLY E 188 20.31 19.50 -23.19
N LEU E 189 19.53 19.03 -22.22
CA LEU E 189 19.40 19.77 -20.97
C LEU E 189 20.38 19.26 -19.92
N LYS E 190 21.22 20.18 -19.46
CA LYS E 190 22.16 19.94 -18.37
C LYS E 190 21.70 20.70 -17.13
N ARG E 191 22.56 20.72 -16.11
CA ARG E 191 22.23 21.31 -14.83
C ARG E 191 21.74 22.74 -15.00
N GLY E 192 20.64 23.07 -14.30
CA GLY E 192 20.12 24.40 -14.24
C GLY E 192 19.26 24.81 -15.42
N GLN E 193 19.47 24.21 -16.59
CA GLN E 193 18.74 24.62 -17.79
C GLN E 193 17.24 24.42 -17.58
N VAL E 194 16.48 25.50 -17.72
CA VAL E 194 15.05 25.51 -17.45
C VAL E 194 14.32 25.66 -18.78
N VAL E 195 13.23 24.91 -18.95
CA VAL E 195 12.51 24.83 -20.20
C VAL E 195 11.09 25.33 -20.01
N LYS E 196 10.68 26.26 -20.88
CA LYS E 196 9.29 26.63 -21.05
C LYS E 196 8.55 25.59 -21.88
N ILE E 197 7.38 25.21 -21.39
CA ILE E 197 6.50 24.23 -22.03
C ILE E 197 5.16 24.90 -22.24
N ILE E 198 4.63 24.80 -23.46
CA ILE E 198 3.38 25.46 -23.85
C ILE E 198 2.31 24.39 -23.97
N ARG E 199 1.60 24.11 -22.88
CA ARG E 199 0.65 23.02 -22.85
C ARG E 199 -0.74 23.50 -23.25
N ARG E 200 -1.47 22.63 -23.94
CA ARG E 200 -2.87 22.89 -24.25
C ARG E 200 -3.68 22.94 -22.96
N SER E 201 -4.51 23.98 -22.83
CA SER E 201 -5.34 24.16 -21.64
C SER E 201 -6.80 24.01 -22.03
N GLU E 202 -7.49 23.10 -21.35
CA GLU E 202 -8.91 22.87 -21.57
C GLU E 202 -9.78 23.96 -20.96
N THR E 203 -9.35 24.59 -19.86
CA THR E 203 -10.13 25.58 -19.14
C THR E 203 -9.70 27.00 -19.44
N SER E 204 -8.54 27.19 -20.08
CA SER E 204 -8.07 28.52 -20.40
C SER E 204 -7.45 28.65 -21.78
N GLY E 205 -7.35 27.56 -22.54
CA GLY E 205 -6.76 27.61 -23.88
C GLY E 205 -5.28 27.29 -23.95
N ARG E 206 -4.45 28.15 -23.35
CA ARG E 206 -3.02 27.90 -23.31
C ARG E 206 -2.56 27.95 -21.87
N TYR E 207 -1.55 27.13 -21.55
CA TYR E 207 -0.94 27.13 -20.23
C TYR E 207 0.57 27.19 -20.36
N ALA E 208 1.18 28.12 -19.65
CA ALA E 208 2.63 28.23 -19.58
C ALA E 208 3.11 27.37 -18.42
N SER E 209 4.21 26.64 -18.64
CA SER E 209 4.83 25.85 -17.59
C SER E 209 6.34 25.91 -17.75
N TYR E 210 7.04 25.66 -16.65
CA TYR E 210 8.50 25.70 -16.65
C TYR E 210 9.06 24.58 -15.79
N ARG E 211 9.95 23.79 -16.38
CA ARG E 211 10.58 22.69 -15.65
C ARG E 211 12.08 22.89 -15.64
N ILE E 212 12.70 22.72 -14.47
CA ILE E 212 14.14 22.86 -14.30
C ILE E 212 14.78 21.49 -14.50
N CYS E 213 15.87 21.46 -15.28
CA CYS E 213 16.57 20.21 -15.51
C CYS E 213 17.32 19.81 -14.24
N LEU E 214 16.69 18.98 -13.44
CA LEU E 214 17.22 18.61 -12.14
C LEU E 214 17.12 17.11 -11.92
N GLU F 71 12.01 42.48 2.71
CA GLU F 71 12.17 41.03 2.71
C GLU F 71 10.96 40.35 3.33
N LEU F 72 10.16 41.12 4.06
CA LEU F 72 8.97 40.61 4.74
C LEU F 72 7.67 41.17 4.16
N ALA F 73 7.54 42.49 4.14
CA ALA F 73 6.30 43.13 3.72
C ALA F 73 6.35 43.48 2.24
N ILE F 74 5.44 42.90 1.46
CA ILE F 74 5.25 43.30 0.08
C ILE F 74 4.56 44.65 0.07
N LEU F 75 5.11 45.61 -0.67
CA LEU F 75 4.59 46.97 -0.67
C LEU F 75 3.14 46.96 -1.14
N LYS F 76 2.36 47.89 -0.59
CA LYS F 76 0.92 47.93 -0.86
C LYS F 76 0.64 48.04 -2.36
N GLU F 77 1.48 48.78 -3.08
CA GLU F 77 1.38 48.78 -4.54
C GLU F 77 1.98 47.52 -5.15
N GLU F 78 3.03 46.98 -4.52
CA GLU F 78 3.62 45.74 -4.99
C GLU F 78 2.70 44.55 -4.73
N ARG F 79 1.64 44.75 -3.96
CA ARG F 79 0.67 43.69 -3.69
C ARG F 79 0.04 43.20 -4.98
N THR F 80 0.36 41.96 -5.35
CA THR F 80 -0.07 41.36 -6.61
C THR F 80 -1.23 40.38 -6.41
N THR F 81 -1.84 40.40 -5.23
CA THR F 81 -2.91 39.48 -4.92
C THR F 81 -4.25 40.23 -4.92
N THR F 82 -5.32 39.50 -4.66
CA THR F 82 -6.67 39.99 -4.89
C THR F 82 -6.95 41.26 -4.11
N PRO F 83 -7.53 42.27 -4.75
CA PRO F 83 -7.96 43.47 -4.04
C PRO F 83 -9.25 43.29 -3.25
N TYR F 84 -9.72 42.06 -3.08
CA TYR F 84 -10.97 41.76 -2.43
C TYR F 84 -10.73 40.92 -1.18
N LEU F 85 -11.59 41.10 -0.18
CA LEU F 85 -11.55 40.25 1.00
C LEU F 85 -12.04 38.85 0.66
N THR F 86 -11.49 37.85 1.34
CA THR F 86 -11.84 36.46 1.10
C THR F 86 -12.76 35.94 2.19
N LYS F 87 -13.51 34.89 1.86
CA LYS F 87 -14.47 34.32 2.79
C LYS F 87 -13.78 33.83 4.06
N TYR F 88 -12.57 33.28 3.94
CA TYR F 88 -11.79 32.95 5.12
C TYR F 88 -11.46 34.20 5.91
N GLU F 89 -11.02 35.25 5.22
CA GLU F 89 -10.79 36.54 5.86
C GLU F 89 -12.09 37.10 6.43
N ARG F 90 -13.21 36.89 5.73
CA ARG F 90 -14.51 37.30 6.25
C ARG F 90 -14.76 36.67 7.62
N ALA F 91 -14.61 35.35 7.70
CA ALA F 91 -14.87 34.64 8.95
C ALA F 91 -13.92 35.10 10.05
N ARG F 92 -12.63 35.21 9.73
CA ARG F 92 -11.65 35.63 10.73
C ARG F 92 -11.98 37.02 11.26
N ILE F 93 -12.22 37.97 10.36
CA ILE F 93 -12.44 39.36 10.76
C ILE F 93 -13.72 39.46 11.58
N LEU F 94 -14.79 38.80 11.14
CA LEU F 94 -16.04 38.84 11.87
C LEU F 94 -15.89 38.26 13.27
N GLY F 95 -15.29 37.07 13.37
CA GLY F 95 -15.11 36.46 14.67
C GLY F 95 -14.25 37.31 15.58
N THR F 96 -13.16 37.86 15.05
CA THR F 96 -12.25 38.65 15.87
C THR F 96 -12.92 39.93 16.37
N ARG F 97 -13.62 40.64 15.49
CA ARG F 97 -14.26 41.88 15.90
C ARG F 97 -15.38 41.64 16.91
N ALA F 98 -16.19 40.59 16.67
CA ALA F 98 -17.29 40.30 17.57
C ALA F 98 -16.77 39.81 18.92
N LEU F 99 -15.67 39.05 18.92
CA LEU F 99 -15.08 38.64 20.19
C LEU F 99 -14.49 39.84 20.93
N GLN F 100 -13.89 40.77 20.17
CA GLN F 100 -13.36 41.99 20.78
C GLN F 100 -14.47 42.76 21.49
N ILE F 101 -15.55 43.07 20.78
CA ILE F 101 -16.64 43.83 21.39
C ILE F 101 -17.29 43.03 22.51
N SER F 102 -17.25 41.69 22.40
CA SER F 102 -17.69 40.86 23.51
C SER F 102 -16.78 41.02 24.71
N MET F 103 -15.52 41.38 24.48
CA MET F 103 -14.57 41.66 25.56
C MET F 103 -14.67 43.11 26.00
N ASN F 104 -15.79 43.77 25.65
CA ASN F 104 -16.02 45.18 25.97
C ASN F 104 -15.00 46.09 25.29
N ALA F 105 -14.59 45.75 24.07
CA ALA F 105 -13.73 46.61 23.27
C ALA F 105 -14.56 47.75 22.68
N PRO F 106 -13.90 48.80 22.19
CA PRO F 106 -14.64 49.91 21.58
C PRO F 106 -15.48 49.46 20.40
N VAL F 107 -16.61 50.15 20.21
CA VAL F 107 -17.59 49.82 19.18
C VAL F 107 -17.39 50.77 18.01
N LEU F 108 -17.21 50.22 16.82
CA LEU F 108 -16.95 51.02 15.63
C LEU F 108 -18.20 51.30 14.80
N VAL F 109 -19.37 50.79 15.21
CA VAL F 109 -20.62 51.03 14.51
C VAL F 109 -21.73 51.24 15.53
N ASP F 110 -22.94 51.40 15.03
CA ASP F 110 -24.12 51.55 15.87
C ASP F 110 -24.82 50.21 16.07
N ILE F 111 -25.64 50.14 17.11
CA ILE F 111 -26.39 48.94 17.47
C ILE F 111 -27.85 49.31 17.63
N GLU F 112 -28.73 48.54 17.00
CA GLU F 112 -30.18 48.70 17.18
C GLU F 112 -30.73 47.66 18.15
N GLY F 113 -30.55 46.38 17.84
CA GLY F 113 -30.99 45.32 18.71
C GLY F 113 -30.01 44.15 18.75
N GLU F 114 -28.85 44.33 18.11
CA GLU F 114 -27.88 43.26 17.94
C GLU F 114 -27.16 42.99 19.27
N THR F 115 -27.88 42.31 20.16
CA THR F 115 -27.32 41.92 21.45
C THR F 115 -26.11 40.99 21.28
N ASP F 116 -26.22 40.00 20.40
CA ASP F 116 -25.10 39.11 20.12
C ASP F 116 -24.03 39.88 19.36
N PRO F 117 -22.76 39.84 19.79
CA PRO F 117 -21.73 40.67 19.13
C PRO F 117 -21.51 40.36 17.66
N LEU F 118 -21.91 39.16 17.21
CA LEU F 118 -21.63 38.76 15.83
C LEU F 118 -22.30 39.69 14.83
N GLN F 119 -23.55 40.09 15.10
CA GLN F 119 -24.23 41.00 14.18
C GLN F 119 -23.58 42.37 14.18
N ILE F 120 -23.05 42.81 15.32
CA ILE F 120 -22.33 44.08 15.37
C ILE F 120 -21.08 44.01 14.51
N ALA F 121 -20.34 42.90 14.61
CA ALA F 121 -19.17 42.73 13.75
C ALA F 121 -19.57 42.67 12.28
N MET F 122 -20.71 42.04 11.99
CA MET F 122 -21.20 41.99 10.62
C MET F 122 -21.49 43.39 10.08
N LYS F 123 -22.13 44.22 10.91
CA LYS F 123 -22.39 45.61 10.50
C LYS F 123 -21.09 46.37 10.32
N GLU F 124 -20.11 46.12 11.19
CA GLU F 124 -18.79 46.71 11.01
C GLU F 124 -18.20 46.34 9.66
N LEU F 125 -18.35 45.07 9.28
CA LEU F 125 -17.84 44.60 8.00
C LEU F 125 -18.65 45.18 6.83
N SER F 126 -19.92 45.51 7.05
CA SER F 126 -20.76 46.02 5.98
C SER F 126 -20.23 47.34 5.43
N GLN F 127 -19.98 48.31 6.32
CA GLN F 127 -19.31 49.55 5.95
C GLN F 127 -17.80 49.44 6.04
N ARG F 128 -17.29 48.27 6.44
CA ARG F 128 -15.87 47.98 6.52
C ARG F 128 -15.14 48.95 7.45
N LYS F 129 -15.80 49.33 8.54
CA LYS F 129 -15.16 50.12 9.60
C LYS F 129 -14.55 49.19 10.63
N ILE F 130 -13.48 48.50 10.27
CA ILE F 130 -12.86 47.49 11.12
C ILE F 130 -11.37 47.79 11.21
N PRO F 131 -10.78 47.85 12.42
CA PRO F 131 -9.39 48.32 12.55
C PRO F 131 -8.35 47.25 12.25
N LEU F 132 -8.77 46.16 11.63
CA LEU F 132 -7.88 45.04 11.38
C LEU F 132 -7.17 45.20 10.04
N VAL F 133 -6.06 44.48 9.89
CA VAL F 133 -5.31 44.42 8.64
C VAL F 133 -4.86 42.98 8.41
N ILE F 134 -5.00 42.53 7.17
CA ILE F 134 -4.73 41.15 6.81
C ILE F 134 -3.30 41.04 6.29
N ARG F 135 -2.52 40.12 6.89
CA ARG F 135 -1.15 39.84 6.48
C ARG F 135 -1.17 38.58 5.60
N ARG F 136 -1.57 38.76 4.35
CA ARG F 136 -1.65 37.65 3.41
C ARG F 136 -0.23 37.18 3.10
N TYR F 137 0.15 36.01 3.62
CA TYR F 137 1.49 35.51 3.43
C TYR F 137 1.72 35.02 2.00
N LEU F 138 2.81 35.51 1.40
CA LEU F 138 3.19 34.99 0.08
C LEU F 138 3.96 33.69 0.23
N PRO F 139 3.87 32.82 -0.77
CA PRO F 139 4.60 31.54 -0.69
C PRO F 139 6.11 31.70 -0.56
N ASP F 140 6.68 32.71 -1.21
CA ASP F 140 8.13 32.91 -1.13
C ASP F 140 8.57 33.24 0.29
N GLY F 141 7.65 33.78 1.10
CA GLY F 141 7.95 34.13 2.47
C GLY F 141 7.47 35.51 2.84
N SER F 142 7.36 36.38 1.83
CA SER F 142 6.90 37.74 2.05
C SER F 142 5.41 37.76 2.39
N TYR F 143 4.90 38.95 2.71
CA TYR F 143 3.49 39.10 3.02
C TYR F 143 2.99 40.43 2.48
N GLU F 144 1.69 40.50 2.25
CA GLU F 144 1.01 41.71 1.84
C GLU F 144 0.08 42.17 2.96
N ASP F 145 0.21 43.42 3.37
CA ASP F 145 -0.64 44.00 4.39
C ASP F 145 -1.78 44.75 3.73
N TRP F 146 -3.01 44.36 4.05
CA TRP F 146 -4.20 44.96 3.47
C TRP F 146 -5.09 45.49 4.59
N GLY F 147 -5.24 46.81 4.65
CA GLY F 147 -6.22 47.39 5.54
C GLY F 147 -7.62 46.92 5.18
N CYS F 148 -8.47 46.80 6.21
CA CYS F 148 -9.85 46.39 5.95
C CYS F 148 -10.55 47.33 5.00
N ASP F 149 -10.49 48.64 5.27
CA ASP F 149 -11.22 49.60 4.48
C ASP F 149 -10.70 49.73 3.04
N GLU F 150 -9.47 49.31 2.77
CA GLU F 150 -8.91 49.34 1.43
C GLU F 150 -9.07 48.03 0.67
N LEU F 151 -9.28 46.92 1.38
CA LEU F 151 -9.47 45.62 0.75
C LEU F 151 -10.95 45.45 0.44
N ILE F 152 -11.27 45.39 -0.86
CA ILE F 152 -12.65 45.54 -1.35
C ILE F 152 -13.51 44.39 -0.85
N VAL F 153 -14.81 44.67 -0.65
CA VAL F 153 -15.75 43.73 -0.07
C VAL F 153 -15.99 42.54 -1.00
N ASP F 154 -15.67 41.33 -0.52
CA ASP F 154 -16.04 40.08 -1.16
C ASP F 154 -15.98 38.93 -0.15
N MET G 1 30.74 51.12 34.18
CA MET G 1 30.65 51.56 32.80
C MET G 1 29.20 51.53 32.31
N PHE G 2 28.75 52.66 31.76
CA PHE G 2 27.38 52.77 31.29
C PHE G 2 27.27 52.22 29.86
N PHE G 3 26.34 51.30 29.66
CA PHE G 3 26.14 50.63 28.38
C PHE G 3 24.73 50.90 27.86
N LEU G 4 24.65 51.26 26.59
CA LEU G 4 23.36 51.51 25.93
C LEU G 4 22.92 50.22 25.25
N LYS G 5 21.73 49.74 25.61
CA LYS G 5 21.22 48.48 25.11
C LYS G 5 19.91 48.72 24.35
N ASP G 6 19.69 47.92 23.30
CA ASP G 6 18.45 47.98 22.54
C ASP G 6 17.40 47.14 23.25
N LEU G 7 17.01 47.63 24.43
CA LEU G 7 16.09 46.91 25.28
C LEU G 7 14.70 46.83 24.63
N SER G 8 14.04 45.70 24.84
CA SER G 8 12.74 45.44 24.23
C SER G 8 11.83 44.79 25.27
N LEU G 9 10.57 44.61 24.89
CA LEU G 9 9.59 43.97 25.77
C LEU G 9 8.49 43.39 24.91
N ILE G 10 7.78 42.40 25.46
CA ILE G 10 6.60 41.81 24.84
C ILE G 10 5.43 42.01 25.78
N LEU G 11 4.37 42.65 25.28
CA LEU G 11 3.22 42.99 26.09
C LEU G 11 2.02 42.16 25.65
N THR G 12 1.36 41.53 26.62
CA THR G 12 0.11 40.82 26.40
C THR G 12 -1.02 41.70 26.94
N LEU G 13 -1.72 42.38 26.04
CA LEU G 13 -2.70 43.38 26.43
C LEU G 13 -4.07 42.74 26.62
N HIS G 14 -4.78 43.17 27.67
CA HIS G 14 -6.13 42.70 27.89
C HIS G 14 -7.05 43.18 26.76
N PRO G 15 -7.99 42.32 26.33
CA PRO G 15 -8.77 42.64 25.12
C PRO G 15 -9.60 43.90 25.22
N SER G 16 -10.02 44.27 26.44
CA SER G 16 -10.86 45.46 26.61
C SER G 16 -10.08 46.76 26.45
N TYR G 17 -8.76 46.71 26.29
CA TYR G 17 -7.92 47.90 26.31
C TYR G 17 -7.54 48.36 24.90
N PHE G 18 -8.46 48.26 23.95
CA PHE G 18 -8.23 48.75 22.59
C PHE G 18 -8.61 50.21 22.49
N GLY G 19 -8.01 50.92 21.52
CA GLY G 19 -8.32 52.30 21.31
C GLY G 19 -7.42 53.00 20.30
N PRO G 20 -7.67 54.29 20.08
CA PRO G 20 -6.83 55.05 19.13
C PRO G 20 -5.41 55.25 19.62
N GLN G 21 -5.24 55.71 20.85
CA GLN G 21 -3.92 55.92 21.44
C GLN G 21 -3.39 54.65 22.10
N MET G 22 -3.88 53.48 21.66
CA MET G 22 -3.49 52.19 22.23
C MET G 22 -1.98 52.06 22.35
N ASN G 23 -1.25 52.34 21.26
CA ASN G 23 0.21 52.24 21.28
C ASN G 23 0.80 53.11 22.40
N GLN G 24 0.31 54.34 22.53
CA GLN G 24 0.81 55.20 23.60
C GLN G 24 0.55 54.59 24.97
N TYR G 25 -0.61 53.96 25.18
CA TYR G 25 -0.80 53.21 26.41
C TYR G 25 0.31 52.19 26.60
N LEU G 26 0.61 51.43 25.55
CA LEU G 26 1.74 50.51 25.58
C LEU G 26 2.96 51.18 26.18
N ARG G 27 3.28 52.39 25.71
CA ARG G 27 4.42 53.14 26.23
C ARG G 27 4.43 53.11 27.75
N GLU G 28 3.38 53.65 28.38
CA GLU G 28 3.38 53.75 29.83
C GLU G 28 3.46 52.38 30.46
N LYS G 29 2.77 51.39 29.86
CA LYS G 29 2.86 50.04 30.39
C LYS G 29 4.30 49.54 30.32
N LEU G 30 4.95 49.75 29.17
CA LEU G 30 6.37 49.46 29.09
C LEU G 30 7.12 50.23 30.17
N LEU G 31 6.79 51.51 30.33
CA LEU G 31 7.46 52.33 31.33
C LEU G 31 7.20 51.81 32.74
N THR G 32 6.05 51.18 32.97
CA THR G 32 5.77 50.68 34.30
C THR G 32 6.24 49.23 34.45
N ASP G 33 6.80 48.66 33.38
CA ASP G 33 7.30 47.30 33.48
C ASP G 33 8.81 47.23 33.25
N VAL G 34 9.36 48.14 32.45
CA VAL G 34 10.79 48.09 32.17
C VAL G 34 11.60 48.50 33.39
N GLU G 35 11.15 49.51 34.13
CA GLU G 35 11.90 50.03 35.25
C GLU G 35 11.60 49.26 36.53
N GLY G 36 12.52 49.33 37.48
CA GLY G 36 12.37 48.60 38.72
C GLY G 36 12.59 47.12 38.60
N THR G 37 13.29 46.68 37.54
CA THR G 37 13.52 45.26 37.30
C THR G 37 14.91 45.09 36.70
N CYS G 38 15.61 44.06 37.16
CA CYS G 38 16.94 43.72 36.66
C CYS G 38 16.90 42.36 35.99
N THR G 39 17.94 42.08 35.21
CA THR G 39 18.08 40.79 34.56
C THR G 39 19.55 40.55 34.27
N GLY G 40 19.93 39.27 34.18
CA GLY G 40 21.33 38.95 33.93
C GLY G 40 21.78 39.32 32.54
N GLN G 41 20.86 39.33 31.58
CA GLN G 41 21.23 39.60 30.20
C GLN G 41 21.51 41.08 29.98
N PHE G 42 20.86 41.95 30.73
CA PHE G 42 21.00 43.40 30.55
C PHE G 42 21.56 44.11 31.77
N GLY G 43 21.01 43.84 32.96
CA GLY G 43 21.48 44.50 34.16
C GLY G 43 20.42 45.39 34.80
N TYR G 44 20.86 46.42 35.51
CA TYR G 44 19.92 47.34 36.16
C TYR G 44 19.35 48.31 35.14
N ILE G 45 18.03 48.30 34.99
CA ILE G 45 17.34 49.17 34.05
C ILE G 45 17.10 50.51 34.72
N VAL G 46 17.68 51.58 34.17
CA VAL G 46 17.67 52.89 34.79
C VAL G 46 16.95 53.93 33.94
N THR G 47 17.12 53.90 32.61
CA THR G 47 16.42 54.89 31.81
C THR G 47 16.21 54.37 30.39
N VAL G 48 15.22 54.97 29.72
CA VAL G 48 14.91 54.67 28.33
C VAL G 48 14.99 55.98 27.56
N LEU G 49 16.06 56.17 26.80
CA LEU G 49 16.19 57.38 25.99
C LEU G 49 15.17 57.36 24.85
N ASP G 50 14.61 58.53 24.57
CA ASP G 50 13.62 58.71 23.50
C ASP G 50 12.43 57.77 23.70
N GLY G 51 11.75 57.95 24.82
CA GLY G 51 10.58 57.13 25.14
C GLY G 51 9.30 57.57 24.48
N MET G 52 9.28 58.74 23.84
CA MET G 52 8.10 59.23 23.15
C MET G 52 8.04 58.81 21.69
N ASN G 53 9.05 58.12 21.19
CA ASN G 53 9.13 57.72 19.78
C ASN G 53 9.50 56.25 19.67
N ILE G 54 8.83 55.42 20.45
CA ILE G 54 9.11 53.99 20.45
C ILE G 54 8.29 53.30 19.38
N ASP G 55 8.92 52.34 18.70
CA ASP G 55 8.29 51.59 17.62
C ASP G 55 7.93 50.19 18.11
N VAL G 56 6.66 49.83 17.97
CA VAL G 56 6.19 48.51 18.36
C VAL G 56 5.87 47.63 17.16
N GLY G 57 5.90 48.17 15.95
CA GLY G 57 5.46 47.43 14.78
C GLY G 57 3.95 47.40 14.67
N LYS G 58 3.48 46.69 13.65
CA LYS G 58 2.05 46.51 13.45
C LYS G 58 1.54 45.46 14.44
N GLY G 59 0.72 45.91 15.39
CA GLY G 59 0.30 45.03 16.47
C GLY G 59 -0.46 43.82 15.97
N ARG G 60 -0.24 42.69 16.64
CA ARG G 60 -0.81 41.42 16.25
C ARG G 60 -1.92 41.02 17.23
N ILE G 61 -2.89 40.27 16.71
CA ILE G 61 -4.07 39.86 17.46
C ILE G 61 -3.92 38.38 17.83
N ILE G 62 -4.12 38.07 19.11
CA ILE G 62 -4.11 36.68 19.57
C ILE G 62 -5.41 36.01 19.17
N PRO G 63 -5.36 34.88 18.46
CA PRO G 63 -6.60 34.15 18.15
C PRO G 63 -7.11 33.38 19.36
N GLY G 64 -7.89 34.04 20.21
CA GLY G 64 -8.34 33.45 21.45
C GLY G 64 -9.19 34.37 22.29
N SER G 65 -8.87 34.50 23.58
CA SER G 65 -9.67 35.32 24.50
C SER G 65 -9.74 36.78 24.07
N GLY G 66 -8.95 37.19 23.09
CA GLY G 66 -8.97 38.54 22.58
C GLY G 66 -7.75 39.38 22.89
N SER G 67 -6.72 38.81 23.53
CA SER G 67 -5.54 39.57 23.88
C SER G 67 -4.76 39.94 22.62
N ALA G 68 -3.72 40.75 22.82
CA ALA G 68 -2.88 41.22 21.71
C ALA G 68 -1.43 41.21 22.15
N GLU G 69 -0.56 40.69 21.29
CA GLU G 69 0.87 40.79 21.51
C GLU G 69 1.41 42.12 20.99
N PHE G 70 2.37 42.67 21.72
CA PHE G 70 3.02 43.92 21.30
C PHE G 70 4.51 43.72 21.47
N GLU G 71 5.23 43.64 20.35
CA GLU G 71 6.68 43.54 20.33
C GLU G 71 7.26 44.95 20.44
N VAL G 72 7.23 45.48 21.66
CA VAL G 72 7.66 46.85 21.89
C VAL G 72 9.18 46.91 21.82
N LYS G 73 9.70 47.54 20.77
CA LYS G 73 11.14 47.62 20.53
C LYS G 73 11.59 49.07 20.64
N TYR G 74 12.73 49.29 21.27
CA TYR G 74 13.19 50.65 21.56
C TYR G 74 14.67 50.59 21.92
N ARG G 75 15.21 51.74 22.34
CA ARG G 75 16.59 51.87 22.79
C ARG G 75 16.57 52.45 24.20
N ALA G 76 17.44 51.95 25.07
CA ALA G 76 17.46 52.36 26.46
C ALA G 76 18.89 52.35 26.98
N VAL G 77 19.11 53.04 28.10
CA VAL G 77 20.37 52.99 28.83
C VAL G 77 20.11 52.29 30.15
N VAL G 78 20.70 51.11 30.31
CA VAL G 78 20.55 50.31 31.51
C VAL G 78 21.95 49.96 32.01
N TRP G 79 22.17 50.13 33.31
CA TRP G 79 23.50 49.99 33.86
C TRP G 79 23.75 48.57 34.36
N LYS G 80 24.99 48.11 34.20
CA LYS G 80 25.35 46.75 34.59
C LYS G 80 26.82 46.70 35.02
N PRO G 81 27.09 46.22 36.23
CA PRO G 81 28.49 46.06 36.65
C PRO G 81 29.16 44.92 35.90
N PHE G 82 30.48 45.00 35.82
CA PHE G 82 31.29 43.99 35.16
C PHE G 82 32.47 43.62 36.06
N LYS G 83 32.94 42.39 35.90
CA LYS G 83 34.08 41.93 36.69
C LYS G 83 35.36 42.59 36.18
N GLY G 84 36.22 42.99 37.11
CA GLY G 84 37.40 43.76 36.77
C GLY G 84 37.16 45.24 36.60
N GLU G 85 35.99 45.74 37.00
CA GLU G 85 35.65 47.16 36.90
C GLU G 85 36.42 47.92 37.97
N VAL G 86 37.52 48.55 37.58
CA VAL G 86 38.36 49.32 38.51
C VAL G 86 37.92 50.77 38.38
N VAL G 87 36.98 51.17 39.22
CA VAL G 87 36.36 52.50 39.13
C VAL G 87 36.25 53.12 40.50
N ASP G 88 36.50 54.43 40.57
CA ASP G 88 36.30 55.18 41.80
C ASP G 88 34.85 55.06 42.25
N ALA G 89 34.67 54.88 43.56
CA ALA G 89 33.37 54.65 44.17
C ALA G 89 33.32 55.36 45.53
N ILE G 90 32.10 55.40 46.08
CA ILE G 90 31.83 56.00 47.38
C ILE G 90 31.30 54.89 48.30
N VAL G 91 31.89 54.79 49.48
CA VAL G 91 31.51 53.75 50.44
C VAL G 91 30.26 54.19 51.18
N SER G 92 29.38 53.23 51.48
CA SER G 92 28.13 53.51 52.19
C SER G 92 28.18 53.12 53.67
N ASN G 93 28.69 51.94 53.99
CA ASN G 93 28.74 51.48 55.36
C ASN G 93 30.06 50.76 55.59
N VAL G 94 30.45 50.65 56.85
CA VAL G 94 31.69 50.01 57.27
C VAL G 94 31.34 48.86 58.20
N SER G 95 31.86 47.67 57.90
CA SER G 95 31.65 46.48 58.70
C SER G 95 32.97 45.74 58.86
N PRO G 96 33.15 45.03 59.98
CA PRO G 96 34.37 44.22 60.13
C PRO G 96 34.54 43.17 59.06
N ILE G 97 33.44 42.59 58.57
CA ILE G 97 33.50 41.64 57.46
C ILE G 97 33.84 42.32 56.15
N GLY G 98 33.67 43.65 56.06
CA GLY G 98 33.94 44.38 54.85
C GLY G 98 33.03 45.58 54.68
N PHE G 99 33.61 46.72 54.33
CA PHE G 99 32.84 47.95 54.22
C PHE G 99 31.92 47.90 52.99
N PHE G 100 30.73 48.48 53.13
CA PHE G 100 29.77 48.52 52.03
C PHE G 100 29.97 49.78 51.20
N ALA G 101 29.92 49.64 49.88
CA ALA G 101 30.05 50.75 48.95
C ALA G 101 28.82 50.75 48.05
N ASP G 102 27.91 51.70 48.28
CA ASP G 102 26.69 51.82 47.49
C ASP G 102 27.03 52.45 46.16
N VAL G 103 27.34 51.61 45.19
CA VAL G 103 27.73 52.03 43.84
C VAL G 103 26.58 51.69 42.92
N GLY G 104 25.67 52.65 42.72
CA GLY G 104 24.50 52.43 41.92
C GLY G 104 23.48 51.57 42.64
N PRO G 105 22.63 50.87 41.90
CA PRO G 105 21.57 50.07 42.53
C PRO G 105 22.11 48.96 43.43
N LEU G 106 23.35 48.55 43.23
CA LEU G 106 23.94 47.47 44.02
C LEU G 106 24.60 48.04 45.28
N ASN G 107 25.21 47.15 46.07
CA ASN G 107 26.01 47.54 47.23
C ASN G 107 27.25 46.66 47.24
N VAL G 108 28.42 47.27 47.08
CA VAL G 108 29.64 46.50 46.97
C VAL G 108 29.96 45.82 48.31
N PHE G 109 30.25 44.53 48.24
CA PHE G 109 30.65 43.74 49.40
C PHE G 109 32.14 43.45 49.32
N VAL G 110 32.86 43.81 50.37
CA VAL G 110 34.30 43.57 50.45
C VAL G 110 34.51 42.32 51.31
N SER G 111 35.19 41.33 50.75
CA SER G 111 35.42 40.09 51.47
C SER G 111 36.41 40.28 52.60
N THR G 112 36.42 39.32 53.53
CA THR G 112 37.34 39.38 54.66
C THR G 112 38.79 39.34 54.21
N ARG G 113 39.07 38.65 53.10
CA ARG G 113 40.43 38.45 52.63
C ARG G 113 40.85 39.47 51.57
N LEU G 114 40.03 40.48 51.30
CA LEU G 114 40.40 41.51 50.34
C LEU G 114 40.45 42.88 50.99
N ILE G 115 41.04 42.95 52.18
CA ILE G 115 41.22 44.23 52.88
C ILE G 115 42.71 44.44 53.12
N PRO G 116 43.25 45.62 52.84
CA PRO G 116 44.69 45.84 53.03
C PRO G 116 45.08 45.73 54.49
N ASP G 117 46.32 45.28 54.72
CA ASP G 117 46.79 45.03 56.07
C ASP G 117 46.92 46.32 56.88
N ASN G 118 47.13 47.46 56.21
CA ASN G 118 47.20 48.73 56.91
C ASN G 118 45.82 49.28 57.27
N LEU G 119 44.75 48.63 56.83
CA LEU G 119 43.39 49.09 57.09
C LEU G 119 42.88 48.40 58.35
N VAL G 120 42.72 49.16 59.43
CA VAL G 120 42.27 48.64 60.71
C VAL G 120 41.02 49.41 61.13
N TYR G 121 40.09 48.71 61.77
CA TYR G 121 38.83 49.32 62.18
C TYR G 121 39.03 50.20 63.40
N ASN G 122 38.53 51.43 63.33
CA ASN G 122 38.54 52.38 64.45
C ASN G 122 37.12 52.92 64.62
N PRO G 123 36.24 52.15 65.26
CA PRO G 123 34.83 52.58 65.36
C PRO G 123 34.63 53.87 66.15
N SER G 124 35.57 54.22 67.04
CA SER G 124 35.36 55.37 67.91
C SER G 124 35.29 56.67 67.12
N ASN G 125 36.17 56.84 66.14
CA ASN G 125 36.20 58.08 65.36
C ASN G 125 34.94 58.21 64.51
N SER G 126 34.33 59.39 64.55
CA SER G 126 33.10 59.65 63.81
C SER G 126 33.43 60.40 62.53
N PRO G 127 32.93 59.97 61.36
CA PRO G 127 32.11 58.76 61.21
C PRO G 127 32.96 57.50 61.16
N PRO G 128 32.35 56.35 61.44
CA PRO G 128 33.08 55.08 61.30
C PRO G 128 33.63 54.93 59.89
N ALA G 129 34.95 54.84 59.80
CA ALA G 129 35.65 54.87 58.52
C ALA G 129 37.03 54.25 58.72
N TYR G 130 37.85 54.34 57.67
CA TYR G 130 39.20 53.80 57.68
C TYR G 130 40.19 54.93 57.41
N MET G 131 41.22 55.03 58.25
CA MET G 131 42.20 56.10 58.20
C MET G 131 43.61 55.50 58.12
N SER G 132 44.47 56.17 57.38
CA SER G 132 45.87 55.79 57.22
C SER G 132 46.62 56.98 56.65
N ASN G 133 47.91 56.79 56.42
CA ASN G 133 48.75 57.87 55.89
C ASN G 133 48.20 58.35 54.55
N ASP G 134 47.67 59.58 54.53
CA ASP G 134 47.04 60.17 53.36
C ASP G 134 45.90 59.32 52.81
N GLU G 135 45.32 58.45 53.65
CA GLU G 135 44.22 57.58 53.24
C GLU G 135 43.03 57.84 54.16
N LEU G 136 41.86 58.08 53.57
CA LEU G 136 40.67 58.40 54.35
C LEU G 136 39.46 57.92 53.55
N ILE G 137 38.87 56.81 53.99
CA ILE G 137 37.76 56.18 53.27
C ILE G 137 36.49 56.48 54.07
N THR G 138 35.82 57.57 53.72
CA THR G 138 34.61 58.01 54.41
C THR G 138 33.46 58.18 53.41
N LYS G 139 32.32 58.62 53.92
CA LYS G 139 31.16 58.88 53.08
C LYS G 139 31.46 59.98 52.08
N GLY G 140 31.07 59.76 50.83
CA GLY G 140 31.29 60.75 49.79
C GLY G 140 32.72 60.84 49.31
N SER G 141 33.59 59.92 49.72
CA SER G 141 34.99 59.96 49.34
C SER G 141 35.21 59.16 48.05
N LYS G 142 36.20 59.59 47.29
CA LYS G 142 36.57 58.93 46.03
C LYS G 142 37.61 57.86 46.35
N VAL G 143 37.17 56.60 46.40
CA VAL G 143 38.09 55.49 46.66
C VAL G 143 38.01 54.52 45.49
N ARG G 144 39.18 54.19 44.93
CA ARG G 144 39.25 53.33 43.75
C ARG G 144 39.14 51.87 44.18
N LEU G 145 38.13 51.18 43.65
CA LEU G 145 37.92 49.78 43.96
C LEU G 145 37.62 49.00 42.69
N LYS G 146 37.88 47.70 42.75
CA LYS G 146 37.73 46.79 41.63
C LYS G 146 36.61 45.79 41.90
N VAL G 147 35.55 45.86 41.10
CA VAL G 147 34.46 44.89 41.17
C VAL G 147 34.97 43.56 40.61
N VAL G 148 35.12 42.57 41.49
CA VAL G 148 35.61 41.25 41.09
C VAL G 148 34.55 40.17 41.19
N GLY G 149 33.33 40.50 41.62
CA GLY G 149 32.27 39.51 41.72
C GLY G 149 31.06 39.85 40.87
N THR G 150 30.66 38.93 39.98
CA THR G 150 29.53 39.16 39.10
C THR G 150 28.75 37.84 39.00
N ARG G 151 27.61 37.78 39.70
CA ARG G 151 26.73 36.62 39.67
C ARG G 151 25.30 37.09 39.44
N THR G 152 24.58 36.41 38.54
CA THR G 152 23.22 36.78 38.22
C THR G 152 22.26 36.27 39.30
N ASP G 153 21.45 37.18 39.84
CA ASP G 153 20.49 36.86 40.89
C ASP G 153 19.11 37.42 40.55
N VAL G 154 18.73 37.33 39.27
CA VAL G 154 17.41 37.65 38.72
C VAL G 154 16.90 39.04 39.12
N ASN G 155 17.03 39.40 40.40
CA ASN G 155 16.56 40.69 40.89
C ASN G 155 17.64 41.75 40.97
N GLU G 156 18.88 41.35 41.26
CA GLU G 156 20.01 42.27 41.31
C GLU G 156 21.31 41.48 41.35
N ILE G 157 22.27 41.84 40.52
CA ILE G 157 23.56 41.15 40.47
C ILE G 157 24.53 41.84 41.44
N TYR G 158 25.08 41.07 42.36
CA TYR G 158 25.95 41.63 43.39
C TYR G 158 27.33 41.94 42.82
N ALA G 159 27.99 42.92 43.43
CA ALA G 159 29.35 43.31 43.08
C ALA G 159 30.24 43.17 44.32
N ILE G 160 31.38 42.51 44.16
CA ILE G 160 32.34 42.32 45.23
C ILE G 160 33.61 43.10 44.89
N GLY G 161 34.08 43.91 45.84
CA GLY G 161 35.24 44.72 45.61
C GLY G 161 36.54 44.05 46.02
N SER G 162 37.64 44.59 45.51
CA SER G 162 38.98 44.11 45.83
C SER G 162 39.91 45.29 46.01
N ILE G 163 40.63 45.32 47.13
CA ILE G 163 41.56 46.41 47.44
C ILE G 163 42.92 45.76 47.70
N LYS G 164 43.16 44.60 47.10
CA LYS G 164 44.35 43.80 47.37
C LYS G 164 45.28 43.75 46.17
N GLU G 165 45.43 44.87 45.45
CA GLU G 165 46.37 44.97 44.35
C GLU G 165 47.03 46.35 44.39
N ASP G 166 48.02 46.54 43.52
CA ASP G 166 48.74 47.80 43.49
C ASP G 166 47.86 48.93 42.97
N PHE G 167 48.08 50.12 43.52
CA PHE G 167 47.32 51.33 43.17
C PHE G 167 45.82 51.10 43.39
N LEU G 168 45.47 50.72 44.61
CA LEU G 168 44.08 50.58 45.01
C LEU G 168 43.89 51.22 46.38
N GLY G 169 42.71 51.81 46.58
CA GLY G 169 42.43 52.54 47.80
C GLY G 169 41.85 53.91 47.55
N ALA G 170 42.35 54.93 48.23
CA ALA G 170 41.86 56.29 48.09
C ALA G 170 42.86 57.11 47.29
N ILE G 171 42.33 57.87 46.31
CA ILE G 171 43.18 58.70 45.46
C ILE G 171 43.76 59.86 46.26
N SER H 3 -62.76 48.11 -24.77
CA SER H 3 -61.50 47.43 -24.49
C SER H 3 -61.41 46.13 -25.28
N ALA H 4 -62.45 45.82 -26.05
CA ALA H 4 -62.46 44.64 -26.89
C ALA H 4 -61.60 44.88 -28.13
N LEU H 5 -60.28 44.71 -27.99
CA LEU H 5 -59.38 44.98 -29.09
C LEU H 5 -59.70 44.16 -30.33
N PHE H 6 -59.85 42.85 -30.16
CA PHE H 6 -60.09 41.96 -31.29
C PHE H 6 -61.40 41.23 -31.08
N ASP H 7 -62.13 41.02 -32.17
CA ASP H 7 -63.40 40.31 -32.10
C ASP H 7 -63.49 39.40 -33.31
N ASP H 8 -64.00 38.18 -33.11
CA ASP H 8 -64.02 37.18 -34.16
C ASP H 8 -64.97 36.06 -33.74
N ILE H 9 -65.22 35.14 -34.66
CA ILE H 9 -65.99 33.93 -34.38
C ILE H 9 -65.32 32.76 -35.09
N PHE H 10 -65.18 31.64 -34.39
CA PHE H 10 -64.40 30.52 -34.90
C PHE H 10 -65.23 29.24 -34.93
N THR H 11 -65.03 28.47 -36.00
CA THR H 11 -65.62 27.14 -36.15
C THR H 11 -64.57 26.09 -35.78
N VAL H 12 -64.89 25.26 -34.80
CA VAL H 12 -63.92 24.34 -34.22
C VAL H 12 -63.76 23.09 -35.09
N GLN H 13 -62.54 22.87 -35.60
CA GLN H 13 -62.34 21.76 -36.52
C GLN H 13 -61.85 20.50 -35.81
N THR H 14 -61.02 20.65 -34.78
CA THR H 14 -60.48 19.49 -34.07
C THR H 14 -60.53 19.75 -32.56
N VAL H 15 -60.64 18.67 -31.80
CA VAL H 15 -60.61 18.69 -30.34
C VAL H 15 -59.92 17.43 -29.88
N ASP H 16 -59.06 17.53 -28.87
CA ASP H 16 -58.46 16.34 -28.27
C ASP H 16 -58.17 16.56 -26.79
N ASN H 17 -58.54 15.59 -25.98
CA ASN H 17 -58.21 15.57 -24.55
C ASN H 17 -56.96 14.78 -24.25
N GLY H 18 -56.79 13.60 -24.84
CA GLY H 18 -55.61 12.79 -24.63
C GLY H 18 -55.36 12.38 -23.20
N ARG H 19 -54.13 12.58 -22.73
CA ARG H 19 -53.80 12.27 -21.34
C ARG H 19 -54.65 13.08 -20.38
N TYR H 20 -54.76 14.38 -20.62
CA TYR H 20 -55.59 15.22 -19.77
C TYR H 20 -57.06 14.88 -19.94
N ASN H 21 -57.78 14.89 -18.82
CA ASN H 21 -59.20 14.59 -18.81
C ASN H 21 -60.09 15.82 -18.71
N LYS H 22 -59.72 16.80 -17.89
CA LYS H 22 -60.55 17.97 -17.66
C LYS H 22 -60.30 19.09 -18.67
N VAL H 23 -59.28 18.98 -19.52
CA VAL H 23 -58.95 20.01 -20.48
C VAL H 23 -58.71 19.36 -21.84
N SER H 24 -59.26 19.97 -22.88
CA SER H 24 -59.00 19.55 -24.25
C SER H 24 -58.39 20.73 -25.01
N ARG H 25 -57.43 20.42 -25.87
CA ARG H 25 -56.94 21.40 -26.84
C ARG H 25 -57.89 21.39 -28.02
N ILE H 26 -58.39 22.58 -28.39
CA ILE H 26 -59.32 22.73 -29.49
C ILE H 26 -58.71 23.63 -30.54
N ILE H 27 -58.92 23.29 -31.81
CA ILE H 27 -58.36 24.00 -32.94
C ILE H 27 -59.49 24.30 -33.91
N GLY H 28 -59.63 25.58 -34.30
CA GLY H 28 -60.70 25.98 -35.18
C GLY H 28 -60.27 27.10 -36.11
N ILE H 29 -61.01 27.22 -37.20
CA ILE H 29 -60.82 28.31 -38.16
C ILE H 29 -61.88 29.37 -37.90
N SER H 30 -61.53 30.62 -38.15
CA SER H 30 -62.43 31.74 -37.90
C SER H 30 -63.54 31.83 -38.93
N THR H 31 -64.78 31.94 -38.47
CA THR H 31 -65.89 32.17 -39.38
C THR H 31 -65.77 33.53 -40.06
N THR H 32 -65.36 34.56 -39.32
CA THR H 32 -65.27 35.90 -39.87
C THR H 32 -64.28 35.97 -41.02
N ASN H 33 -63.13 35.32 -40.87
CA ASN H 33 -62.08 35.38 -41.88
C ASN H 33 -61.18 34.15 -41.74
N SER H 34 -60.99 33.41 -42.82
CA SER H 34 -60.14 32.24 -42.80
C SER H 34 -58.68 32.63 -42.55
N ALA H 35 -57.82 31.63 -42.41
CA ALA H 35 -56.40 31.81 -42.10
C ALA H 35 -56.22 32.36 -40.69
N ILE H 36 -57.33 32.60 -39.99
CA ILE H 36 -57.30 32.99 -38.59
C ILE H 36 -57.57 31.73 -37.78
N LYS H 37 -56.50 31.05 -37.35
CA LYS H 37 -56.61 29.82 -36.61
C LYS H 37 -56.51 30.08 -35.11
N LEU H 38 -57.45 29.49 -34.37
CA LEU H 38 -57.49 29.59 -32.91
C LEU H 38 -57.32 28.22 -32.30
N THR H 39 -56.29 28.06 -31.49
CA THR H 39 -56.05 26.84 -30.72
C THR H 39 -56.05 27.22 -29.25
N LEU H 40 -56.92 26.59 -28.47
CA LEU H 40 -57.01 26.95 -27.06
C LEU H 40 -57.23 25.70 -26.22
N ASP H 41 -56.51 25.62 -25.11
CA ASP H 41 -56.77 24.60 -24.10
C ASP H 41 -57.93 25.06 -23.23
N ILE H 42 -58.97 24.24 -23.14
CA ILE H 42 -60.20 24.62 -22.44
C ILE H 42 -60.59 23.55 -21.44
N ASN H 43 -61.06 24.00 -20.28
CA ASN H 43 -61.73 23.13 -19.32
C ASN H 43 -63.05 22.68 -19.94
N ASN H 44 -63.12 21.40 -20.33
CA ASN H 44 -64.25 20.92 -21.10
C ASN H 44 -65.52 20.87 -20.27
N GLU H 45 -65.44 20.29 -19.08
CA GLU H 45 -66.63 20.07 -18.27
C GLU H 45 -67.24 21.38 -17.80
N MET H 46 -66.47 22.46 -17.84
CA MET H 46 -66.90 23.74 -17.28
C MET H 46 -67.57 24.60 -18.35
N PHE H 47 -67.02 24.58 -19.57
CA PHE H 47 -67.74 25.03 -20.77
C PHE H 47 -67.37 24.12 -21.92
N PRO H 48 -68.23 23.15 -22.26
CA PRO H 48 -67.90 22.22 -23.34
C PRO H 48 -68.18 22.80 -24.72
N VAL H 49 -67.32 22.46 -25.67
CA VAL H 49 -67.55 22.72 -27.08
C VAL H 49 -67.19 21.45 -27.85
N SER H 50 -67.69 21.35 -29.07
CA SER H 50 -67.48 20.17 -29.92
C SER H 50 -66.94 20.61 -31.27
N GLN H 51 -66.88 19.66 -32.20
CA GLN H 51 -66.39 19.94 -33.53
C GLN H 51 -67.40 20.77 -34.31
N ASP H 52 -66.88 21.63 -35.19
CA ASP H 52 -67.63 22.60 -35.99
C ASP H 52 -68.37 23.61 -35.13
N ASP H 53 -68.12 23.65 -33.83
CA ASP H 53 -68.81 24.59 -32.97
C ASP H 53 -68.39 26.01 -33.26
N SER H 54 -69.36 26.90 -33.39
CA SER H 54 -69.13 28.31 -33.65
C SER H 54 -69.10 29.06 -32.33
N LEU H 55 -67.95 29.67 -32.02
CA LEU H 55 -67.74 30.30 -30.73
C LEU H 55 -67.36 31.76 -30.96
N THR H 56 -67.92 32.66 -30.17
CA THR H 56 -67.70 34.10 -30.32
C THR H 56 -66.52 34.52 -29.46
N VAL H 57 -65.36 34.71 -30.09
CA VAL H 57 -64.11 34.99 -29.41
C VAL H 57 -63.86 36.49 -29.39
N THR H 58 -63.43 37.00 -28.24
CA THR H 58 -63.07 38.40 -28.09
C THR H 58 -61.78 38.48 -27.28
N LEU H 59 -60.82 39.23 -27.80
CA LEU H 59 -59.54 39.47 -27.15
C LEU H 59 -59.54 40.89 -26.61
N ALA H 60 -59.50 41.02 -25.29
CA ALA H 60 -59.58 42.29 -24.61
C ALA H 60 -58.29 42.59 -23.85
N ASN H 61 -57.82 43.83 -24.01
CA ASN H 61 -56.66 44.30 -23.23
C ASN H 61 -56.99 44.45 -21.75
N SER H 62 -58.18 44.92 -21.42
CA SER H 62 -58.56 45.15 -20.03
C SER H 62 -60.01 44.76 -19.82
N LEU H 63 -60.25 43.93 -18.82
CA LEU H 63 -61.61 43.57 -18.44
C LEU H 63 -62.22 44.58 -17.47
N SER H 64 -61.41 45.23 -16.66
CA SER H 64 -61.90 46.32 -15.83
C SER H 64 -62.30 47.51 -16.70
N LEU H 65 -63.58 47.84 -16.68
CA LEU H 65 -64.10 48.92 -17.51
C LEU H 65 -64.63 50.06 -16.65
N LYS H 76 -52.88 44.43 -6.48
CA LYS H 76 -54.20 43.95 -6.85
C LYS H 76 -54.37 42.51 -6.36
N SER H 77 -54.87 42.35 -5.14
CA SER H 77 -55.13 41.03 -4.57
C SER H 77 -56.52 40.61 -5.01
N TRP H 78 -56.58 39.55 -5.81
CA TRP H 78 -57.85 39.08 -6.36
C TRP H 78 -58.82 38.71 -5.25
N ARG H 79 -60.06 39.16 -5.39
CA ARG H 79 -61.05 39.03 -4.34
C ARG H 79 -62.18 38.14 -4.82
N PRO H 80 -63.04 37.65 -3.93
CA PRO H 80 -64.27 37.00 -4.36
C PRO H 80 -65.00 37.88 -5.34
N PRO H 81 -65.26 37.39 -6.56
CA PRO H 81 -65.64 38.29 -7.66
C PRO H 81 -66.94 39.02 -7.36
N LYS H 82 -66.83 40.33 -7.15
CA LYS H 82 -67.97 41.13 -6.78
C LYS H 82 -68.81 41.47 -8.01
N PRO H 83 -70.12 41.22 -7.95
CA PRO H 83 -70.99 41.61 -9.07
C PRO H 83 -71.03 43.12 -9.30
N THR H 84 -70.65 43.92 -8.31
CA THR H 84 -70.55 45.37 -8.46
C THR H 84 -69.54 45.79 -9.51
N ASP H 85 -68.57 44.92 -9.82
CA ASP H 85 -67.63 45.14 -10.89
C ASP H 85 -68.10 44.38 -12.11
N LYS H 86 -68.78 45.07 -13.02
CA LYS H 86 -69.27 44.46 -14.24
C LYS H 86 -68.10 44.11 -15.14
N SER H 87 -68.24 43.04 -15.89
CA SER H 87 -67.20 42.59 -16.79
C SER H 87 -67.82 42.30 -18.16
N LEU H 88 -67.06 42.63 -19.21
CA LEU H 88 -67.41 42.17 -20.54
C LEU H 88 -67.50 40.64 -20.56
N ALA H 89 -66.78 40.00 -19.64
CA ALA H 89 -66.85 38.56 -19.46
C ALA H 89 -68.29 38.07 -19.33
N ASP H 90 -69.10 38.77 -18.54
CA ASP H 90 -70.47 38.35 -18.31
C ASP H 90 -71.28 38.26 -19.60
N ASP H 91 -70.81 38.90 -20.67
CA ASP H 91 -71.46 38.84 -21.97
C ASP H 91 -71.14 37.56 -22.71
N TYR H 92 -70.24 36.72 -22.20
CA TYR H 92 -69.75 35.55 -22.90
C TYR H 92 -70.08 34.31 -22.06
N ASP H 93 -69.55 33.17 -22.49
CA ASP H 93 -69.81 31.91 -21.79
C ASP H 93 -68.58 31.37 -21.07
N TYR H 94 -67.45 31.30 -21.75
CA TYR H 94 -66.18 30.90 -21.13
C TYR H 94 -65.23 32.09 -21.24
N VAL H 95 -64.70 32.53 -20.10
CA VAL H 95 -63.80 33.66 -20.04
C VAL H 95 -62.53 33.24 -19.32
N MET H 96 -61.38 33.58 -19.90
CA MET H 96 -60.12 32.97 -19.51
C MET H 96 -59.04 34.05 -19.52
N PHE H 97 -58.29 34.15 -18.42
CA PHE H 97 -57.27 35.17 -18.21
C PHE H 97 -55.88 34.60 -18.46
N GLY H 98 -55.06 35.34 -19.20
CA GLY H 98 -53.72 34.84 -19.44
C GLY H 98 -52.75 35.95 -19.77
N THR H 99 -51.55 35.52 -20.17
CA THR H 99 -50.46 36.42 -20.52
C THR H 99 -49.98 36.09 -21.93
N VAL H 100 -49.93 37.12 -22.78
CA VAL H 100 -49.37 36.97 -24.12
C VAL H 100 -47.87 36.81 -23.97
N TYR H 101 -47.35 35.61 -24.19
CA TYR H 101 -45.95 35.33 -23.92
C TYR H 101 -45.06 35.41 -25.16
N LYS H 102 -45.63 35.41 -26.37
CA LYS H 102 -44.82 35.77 -27.52
C LYS H 102 -45.67 36.36 -28.64
N PHE H 103 -45.35 37.59 -29.03
CA PHE H 103 -45.98 38.25 -30.16
C PHE H 103 -45.18 37.93 -31.41
N GLU H 104 -45.59 36.91 -32.15
CA GLU H 104 -44.81 36.37 -33.27
C GLU H 104 -44.92 37.33 -34.45
N GLU H 105 -44.01 38.32 -34.46
CA GLU H 105 -43.89 39.23 -35.58
C GLU H 105 -43.15 38.55 -36.73
N GLY H 106 -43.79 37.57 -37.35
CA GLY H 106 -43.13 36.73 -38.33
C GLY H 106 -43.51 36.99 -39.77
N ASP H 107 -44.41 36.17 -40.30
CA ASP H 107 -44.73 36.18 -41.72
C ASP H 107 -45.37 37.50 -42.13
N GLU H 108 -45.60 37.66 -43.44
CA GLU H 108 -46.10 38.92 -43.99
C GLU H 108 -47.47 39.26 -43.40
N ASP H 109 -48.33 38.25 -43.26
CA ASP H 109 -49.67 38.44 -42.69
C ASP H 109 -50.04 37.33 -41.72
N LYS H 110 -49.06 36.78 -41.00
CA LYS H 110 -49.30 35.74 -40.01
C LYS H 110 -48.60 36.13 -38.70
N ILE H 111 -49.27 36.93 -37.88
CA ILE H 111 -48.94 37.10 -36.48
C ILE H 111 -49.48 35.88 -35.74
N LYS H 112 -48.62 35.23 -34.98
CA LYS H 112 -48.95 34.03 -34.23
C LYS H 112 -48.87 34.34 -32.74
N VAL H 113 -49.96 34.90 -32.20
CA VAL H 113 -49.99 35.35 -30.81
C VAL H 113 -50.16 34.10 -29.95
N TYR H 114 -49.18 33.85 -29.10
CA TYR H 114 -49.26 32.76 -28.12
C TYR H 114 -49.56 33.36 -26.75
N VAL H 115 -50.62 32.85 -26.12
CA VAL H 115 -51.04 33.32 -24.81
C VAL H 115 -51.20 32.13 -23.88
N SER H 116 -50.59 32.21 -22.71
CA SER H 116 -50.68 31.18 -21.70
C SER H 116 -51.63 31.65 -20.62
N PHE H 117 -52.74 30.93 -20.46
CA PHE H 117 -53.74 31.24 -19.44
C PHE H 117 -53.50 30.28 -18.28
N GLY H 118 -52.55 30.66 -17.42
CA GLY H 118 -52.19 29.85 -16.28
C GLY H 118 -51.70 28.46 -16.61
N GLY H 119 -51.44 28.19 -17.87
CA GLY H 119 -51.09 26.85 -18.31
C GLY H 119 -51.85 26.43 -19.55
N LEU H 120 -53.08 26.95 -19.70
CA LEU H 120 -53.86 26.63 -20.89
C LEU H 120 -53.33 27.43 -22.06
N LEU H 121 -52.77 26.75 -23.06
CA LEU H 121 -52.07 27.46 -24.13
C LEU H 121 -53.02 27.82 -25.26
N MET H 122 -52.74 28.95 -25.91
CA MET H 122 -53.55 29.42 -27.01
C MET H 122 -52.67 30.01 -28.10
N CYS H 123 -52.98 29.61 -29.33
CA CYS H 123 -52.37 30.11 -30.57
C CYS H 123 -53.43 30.79 -31.39
N LEU H 124 -53.35 32.10 -31.54
CA LEU H 124 -54.16 32.82 -32.51
C LEU H 124 -53.23 33.27 -33.63
N GLU H 125 -53.29 32.58 -34.76
CA GLU H 125 -52.39 32.85 -35.88
C GLU H 125 -53.21 33.35 -37.06
N GLY H 126 -52.87 34.53 -37.57
CA GLY H 126 -53.62 35.08 -38.68
C GLY H 126 -53.07 36.42 -39.12
N GLY H 127 -53.98 37.23 -39.67
CA GLY H 127 -53.67 38.53 -40.25
C GLY H 127 -52.66 39.37 -39.48
N TYR H 128 -51.73 39.98 -40.21
CA TYR H 128 -50.67 40.77 -39.58
C TYR H 128 -51.26 41.89 -38.73
N LYS H 129 -51.95 42.83 -39.38
CA LYS H 129 -52.51 43.97 -38.64
C LYS H 129 -53.71 43.55 -37.82
N SER H 130 -54.47 42.55 -38.30
CA SER H 130 -55.63 42.07 -37.55
C SER H 130 -55.24 41.58 -36.17
N LEU H 131 -54.00 41.11 -36.02
CA LEU H 131 -53.47 40.67 -34.73
C LEU H 131 -52.35 41.55 -34.21
N ALA H 132 -52.05 42.66 -34.90
CA ALA H 132 -50.93 43.51 -34.49
C ALA H 132 -51.20 44.20 -33.16
N SER H 133 -52.46 44.57 -32.90
CA SER H 133 -52.78 45.25 -31.66
C SER H 133 -52.57 44.35 -30.45
N LEU H 134 -52.42 43.04 -30.67
CA LEU H 134 -52.23 42.08 -29.59
C LEU H 134 -50.81 42.06 -29.05
N LYS H 135 -49.97 43.05 -29.40
CA LYS H 135 -48.62 43.15 -28.84
C LYS H 135 -48.71 43.71 -27.42
N GLN H 136 -49.28 42.89 -26.54
CA GLN H 136 -49.47 43.24 -25.14
C GLN H 136 -48.87 42.14 -24.27
N ASP H 137 -48.92 42.35 -22.95
CA ASP H 137 -48.42 41.34 -22.02
C ASP H 137 -49.51 40.37 -21.58
N ASN H 138 -50.58 40.87 -20.97
CA ASN H 138 -51.69 40.04 -20.55
C ASN H 138 -52.83 40.14 -21.55
N LEU H 139 -53.85 39.33 -21.34
CA LEU H 139 -54.97 39.24 -22.27
C LEU H 139 -56.16 38.58 -21.61
N TYR H 140 -57.35 39.04 -21.99
CA TYR H 140 -58.60 38.39 -21.61
C TYR H 140 -59.22 37.79 -22.87
N ILE H 141 -59.57 36.51 -22.83
CA ILE H 141 -60.25 35.87 -23.95
C ILE H 141 -61.66 35.52 -23.51
N LEU H 142 -62.64 35.90 -24.33
CA LEU H 142 -64.05 35.88 -23.95
C LEU H 142 -64.83 35.14 -25.03
N ILE H 143 -65.63 34.15 -24.62
CA ILE H 143 -66.21 33.19 -25.55
C ILE H 143 -67.71 33.11 -25.32
N ARG H 144 -68.49 33.49 -26.32
CA ARG H 144 -69.89 33.06 -26.39
C ARG H 144 -69.99 31.80 -27.22
N ARG H 145 -71.10 31.08 -27.10
CA ARG H 145 -71.31 29.87 -27.89
C ARG H 145 -71.77 30.24 -29.29
N SER I 3 5.23 -45.43 -27.28
CA SER I 3 4.87 -45.63 -25.88
C SER I 3 6.06 -46.12 -25.08
N PHE I 4 6.38 -45.42 -24.00
CA PHE I 4 7.52 -45.80 -23.17
C PHE I 4 7.21 -47.04 -22.36
N ARG I 5 8.27 -47.73 -21.96
CA ARG I 5 8.19 -48.98 -21.23
C ARG I 5 9.42 -49.12 -20.36
N PHE I 6 9.39 -50.06 -19.43
CA PHE I 6 10.52 -50.33 -18.55
C PHE I 6 11.11 -51.70 -18.83
N CYS I 7 12.31 -51.92 -18.29
CA CYS I 7 12.96 -53.21 -18.44
C CYS I 7 12.25 -54.29 -17.63
N LEU I 8 12.49 -55.54 -17.98
CA LEU I 8 11.87 -56.65 -17.25
C LEU I 8 12.49 -56.81 -15.86
N GLU I 9 13.82 -56.77 -15.77
CA GLU I 9 14.51 -56.94 -14.50
C GLU I 9 15.03 -55.63 -13.92
N CYS I 10 15.63 -54.77 -14.73
CA CYS I 10 16.01 -53.46 -14.25
C CYS I 10 14.80 -52.63 -13.87
N ASN I 11 13.78 -52.61 -14.75
CA ASN I 11 12.50 -51.97 -14.51
C ASN I 11 12.62 -50.45 -14.34
N ASN I 12 13.83 -49.92 -14.47
CA ASN I 12 14.05 -48.48 -14.54
C ASN I 12 13.77 -48.02 -15.97
N MET I 13 14.06 -46.75 -16.24
CA MET I 13 13.73 -46.18 -17.54
C MET I 13 14.56 -46.85 -18.64
N LEU I 14 13.93 -47.05 -19.79
CA LEU I 14 14.62 -47.53 -20.99
C LEU I 14 15.08 -46.31 -21.76
N TYR I 15 16.27 -45.84 -21.43
CA TYR I 15 16.78 -44.59 -22.00
C TYR I 15 17.09 -44.79 -23.47
N PRO I 16 16.46 -44.03 -24.38
CA PRO I 16 16.79 -44.15 -25.81
C PRO I 16 18.15 -43.53 -26.10
N LYS I 17 18.95 -44.23 -26.89
CA LYS I 17 20.30 -43.79 -27.20
C LYS I 17 20.77 -44.43 -28.50
N GLU I 18 21.90 -43.94 -29.00
CA GLU I 18 22.46 -44.41 -30.27
C GLU I 18 23.59 -45.41 -30.04
N ASP I 19 23.70 -46.36 -30.96
CA ASP I 19 24.90 -47.18 -31.13
C ASP I 19 25.56 -46.74 -32.43
N LYS I 20 26.63 -45.95 -32.30
CA LYS I 20 27.29 -45.37 -33.48
C LYS I 20 27.78 -46.47 -34.42
N GLU I 21 28.16 -47.63 -33.87
CA GLU I 21 28.61 -48.74 -34.70
C GLU I 21 27.55 -49.13 -35.72
N ASN I 22 26.29 -49.20 -35.28
CA ASN I 22 25.18 -49.49 -36.19
C ASN I 22 24.48 -48.23 -36.68
N GLN I 23 24.58 -47.12 -35.94
CA GLN I 23 23.81 -45.91 -36.22
C GLN I 23 22.33 -46.22 -36.31
N ARG I 24 21.76 -46.60 -35.17
CA ARG I 24 20.33 -46.89 -35.06
C ARG I 24 19.88 -46.49 -33.66
N LEU I 25 18.57 -46.29 -33.50
CA LEU I 25 18.03 -45.89 -32.21
C LEU I 25 17.82 -47.12 -31.32
N LEU I 26 18.06 -46.93 -30.03
CA LEU I 26 17.92 -47.96 -29.03
C LEU I 26 16.99 -47.46 -27.94
N TYR I 27 16.62 -48.35 -27.02
CA TYR I 27 15.96 -47.98 -25.76
C TYR I 27 16.68 -48.77 -24.68
N SER I 28 17.79 -48.22 -24.19
CA SER I 28 18.71 -48.96 -23.32
C SER I 28 18.58 -48.46 -21.88
N CYS I 29 18.25 -49.36 -20.98
CA CYS I 29 18.34 -49.06 -19.56
C CYS I 29 19.80 -48.98 -19.13
N ARG I 30 20.13 -47.91 -18.42
CA ARG I 30 21.52 -47.62 -18.04
C ARG I 30 22.00 -48.42 -16.84
N ASN I 31 21.10 -48.78 -15.91
CA ASN I 31 21.53 -49.49 -14.71
C ASN I 31 22.09 -50.87 -15.04
N CYS I 32 21.52 -51.55 -16.02
CA CYS I 32 21.91 -52.90 -16.38
C CYS I 32 22.28 -52.95 -17.86
N ASP I 33 22.64 -54.13 -18.32
CA ASP I 33 23.06 -54.33 -19.70
C ASP I 33 21.90 -54.38 -20.67
N TYR I 34 20.67 -54.16 -20.22
CA TYR I 34 19.52 -54.24 -21.10
C TYR I 34 19.54 -53.11 -22.13
N THR I 35 19.78 -53.47 -23.39
CA THR I 35 19.78 -52.52 -24.50
C THR I 35 18.90 -53.08 -25.61
N GLU I 36 17.67 -52.59 -25.69
CA GLU I 36 16.70 -53.07 -26.68
C GLU I 36 16.76 -52.21 -27.93
N LEU I 37 16.35 -52.79 -29.05
CA LEU I 37 16.23 -52.03 -30.29
C LEU I 37 14.98 -51.15 -30.23
N ALA I 38 14.91 -50.19 -31.14
CA ALA I 38 13.77 -49.30 -31.27
C ALA I 38 12.90 -49.77 -32.41
N GLU I 39 11.62 -50.02 -32.13
CA GLU I 39 10.67 -50.37 -33.18
C GLU I 39 10.58 -49.27 -34.23
N ASP I 40 10.82 -48.03 -33.82
CA ASP I 40 10.88 -46.85 -34.65
C ASP I 40 12.01 -45.95 -34.16
N PRO I 41 12.81 -45.39 -35.06
CA PRO I 41 13.86 -44.45 -34.61
C PRO I 41 13.33 -43.20 -33.94
N LYS I 42 12.01 -43.08 -33.78
CA LYS I 42 11.44 -42.00 -32.98
C LYS I 42 11.89 -42.12 -31.53
N VAL I 43 12.38 -41.02 -30.97
CA VAL I 43 12.88 -40.99 -29.59
C VAL I 43 11.80 -40.46 -28.65
N TYR I 44 11.43 -39.19 -28.83
CA TYR I 44 10.49 -38.50 -27.96
C TYR I 44 9.45 -37.80 -28.81
N ARG I 45 8.20 -38.20 -28.65
CA ARG I 45 7.08 -37.55 -29.33
C ARG I 45 6.37 -36.67 -28.32
N HIS I 46 6.28 -35.37 -28.61
CA HIS I 46 5.64 -34.41 -27.72
C HIS I 46 4.76 -33.50 -28.59
N GLU I 47 3.53 -33.93 -28.85
CA GLU I 47 2.63 -33.11 -29.63
C GLU I 47 2.17 -31.90 -28.83
N LEU I 48 2.17 -30.74 -29.49
CA LEU I 48 1.76 -29.49 -28.85
C LEU I 48 0.26 -29.24 -28.92
N ILE I 49 -0.47 -30.04 -29.71
CA ILE I 49 -1.93 -30.05 -29.69
C ILE I 49 -2.37 -31.44 -29.28
N THR I 50 -3.05 -31.54 -28.14
CA THR I 50 -3.44 -32.82 -27.57
C THR I 50 -4.96 -32.96 -27.63
N ASN I 51 -5.41 -34.06 -28.25
CA ASN I 51 -6.84 -34.37 -28.32
C ASN I 51 -7.11 -35.85 -28.12
N ILE I 52 -6.16 -36.60 -27.55
CA ILE I 52 -6.27 -38.04 -27.39
C ILE I 52 -6.53 -38.35 -25.93
N GLY I 53 -7.24 -39.46 -25.68
CA GLY I 53 -7.57 -39.89 -24.35
C GLY I 53 -9.02 -39.69 -23.97
N GLU I 54 -9.78 -38.93 -24.77
CA GLU I 54 -11.19 -38.70 -24.45
C GLU I 54 -12.04 -39.94 -24.69
N THR I 55 -11.51 -40.95 -25.36
CA THR I 55 -12.24 -42.17 -25.62
C THR I 55 -11.63 -43.41 -24.97
N ALA I 56 -10.39 -43.34 -24.51
CA ALA I 56 -9.77 -44.50 -23.87
C ALA I 56 -10.36 -44.75 -22.48
N GLY I 57 -10.56 -43.70 -21.70
CA GLY I 57 -11.13 -43.84 -20.36
C GLY I 57 -12.64 -43.85 -20.34
N ILE I 58 -13.24 -44.97 -20.76
CA ILE I 58 -14.69 -45.12 -20.78
C ILE I 58 -15.06 -46.31 -19.89
N VAL I 59 -16.04 -46.09 -19.02
CA VAL I 59 -16.45 -47.08 -18.04
C VAL I 59 -17.77 -47.70 -18.48
N ASP I 60 -17.94 -48.98 -18.16
CA ASP I 60 -19.06 -49.75 -18.71
C ASP I 60 -20.40 -49.30 -18.15
N ASP I 61 -20.49 -49.11 -16.84
CA ASP I 61 -21.77 -48.89 -16.17
C ASP I 61 -22.25 -47.45 -16.25
N ILE I 62 -21.70 -46.64 -17.16
CA ILE I 62 -22.19 -45.27 -17.33
C ILE I 62 -23.65 -45.27 -17.78
N GLY I 63 -24.09 -46.37 -18.38
CA GLY I 63 -25.50 -46.50 -18.75
C GLY I 63 -26.44 -46.64 -17.58
N GLN I 64 -25.94 -47.03 -16.41
CA GLN I 64 -26.77 -47.17 -15.22
C GLN I 64 -26.59 -46.00 -14.26
N ASP I 65 -26.45 -44.79 -14.80
CA ASP I 65 -26.30 -43.59 -14.00
C ASP I 65 -27.60 -42.82 -14.01
N PRO I 66 -28.32 -42.73 -12.88
CA PRO I 66 -29.68 -42.19 -12.90
C PRO I 66 -29.78 -40.69 -13.14
N THR I 67 -28.76 -39.94 -12.72
CA THR I 67 -28.86 -38.48 -12.72
C THR I 67 -28.67 -37.86 -14.10
N LEU I 68 -28.30 -38.65 -15.10
CA LEU I 68 -27.99 -38.10 -16.42
C LEU I 68 -29.26 -37.52 -17.07
N PRO I 69 -29.12 -36.48 -17.88
CA PRO I 69 -30.29 -35.94 -18.59
C PRO I 69 -30.80 -36.90 -19.63
N ARG I 70 -32.10 -36.82 -19.91
CA ARG I 70 -32.69 -37.58 -20.99
C ARG I 70 -32.75 -36.67 -22.22
N SER I 71 -33.30 -37.18 -23.32
CA SER I 71 -33.36 -36.39 -24.54
C SER I 71 -34.24 -37.10 -25.56
N ASP I 72 -34.47 -36.42 -26.68
CA ASP I 72 -35.00 -37.05 -27.88
C ASP I 72 -33.89 -37.33 -28.89
N LYS I 73 -32.63 -37.20 -28.47
CA LYS I 73 -31.50 -37.35 -29.38
C LYS I 73 -31.34 -38.82 -29.79
N GLU I 74 -30.62 -39.02 -30.89
CA GLU I 74 -30.52 -40.31 -31.53
C GLU I 74 -29.33 -41.11 -30.98
N CYS I 75 -29.33 -42.41 -31.31
CA CYS I 75 -28.26 -43.33 -30.93
C CYS I 75 -27.92 -44.24 -32.09
N PRO I 76 -26.71 -44.19 -32.64
CA PRO I 76 -26.35 -45.12 -33.72
C PRO I 76 -26.37 -46.59 -33.31
N GLU I 77 -26.00 -46.90 -32.07
CA GLU I 77 -25.86 -48.29 -31.65
C GLU I 77 -27.12 -48.82 -30.98
N CYS I 78 -27.48 -48.26 -29.83
CA CYS I 78 -28.65 -48.73 -29.09
C CYS I 78 -29.97 -48.26 -29.69
N HIS I 79 -29.97 -47.14 -30.42
CA HIS I 79 -31.14 -46.62 -31.11
C HIS I 79 -32.28 -46.34 -30.13
N SER I 80 -31.95 -46.06 -28.88
CA SER I 80 -32.95 -45.67 -27.91
C SER I 80 -33.41 -44.23 -28.17
N ARG I 81 -34.72 -44.04 -28.17
CA ARG I 81 -35.31 -42.73 -28.45
C ARG I 81 -35.28 -41.80 -27.24
N ASP I 82 -34.56 -42.18 -26.19
CA ASP I 82 -34.44 -41.37 -24.98
C ASP I 82 -33.02 -41.61 -24.44
N CYS I 83 -32.10 -40.71 -24.79
CA CYS I 83 -30.69 -40.94 -24.56
C CYS I 83 -30.08 -39.78 -23.79
N VAL I 84 -28.80 -39.94 -23.44
CA VAL I 84 -28.04 -38.98 -22.66
C VAL I 84 -27.00 -38.34 -23.57
N PHE I 85 -26.55 -37.14 -23.21
CA PHE I 85 -25.50 -36.43 -23.95
C PHE I 85 -24.44 -35.92 -22.99
N PHE I 86 -23.19 -36.31 -23.22
CA PHE I 86 -22.04 -35.80 -22.50
C PHE I 86 -21.07 -35.15 -23.49
N GLN I 87 -20.01 -34.54 -22.98
CA GLN I 87 -19.08 -33.78 -23.80
C GLN I 87 -17.67 -34.28 -23.57
N SER I 88 -16.74 -33.79 -24.41
CA SER I 88 -15.34 -34.13 -24.27
C SER I 88 -14.82 -33.76 -22.89
N GLN I 89 -13.94 -34.61 -22.35
CA GLN I 89 -13.46 -34.46 -20.98
C GLN I 89 -12.44 -33.34 -20.83
N GLN I 90 -12.02 -32.71 -21.93
CA GLN I 90 -10.99 -31.69 -21.87
C GLN I 90 -11.48 -30.45 -21.11
N ARG I 91 -10.66 -29.96 -20.20
CA ARG I 91 -10.90 -28.70 -19.49
C ARG I 91 -10.19 -27.52 -20.16
N ARG I 92 -9.65 -27.70 -21.36
CA ARG I 92 -8.95 -26.63 -22.05
C ARG I 92 -9.91 -25.48 -22.35
N LYS I 93 -9.35 -24.27 -22.42
CA LYS I 93 -10.18 -23.11 -22.76
C LYS I 93 -10.78 -23.23 -24.15
N ASP I 94 -10.02 -23.78 -25.09
CA ASP I 94 -10.48 -23.95 -26.47
C ASP I 94 -11.21 -25.27 -26.69
N THR I 95 -11.64 -25.93 -25.62
CA THR I 95 -12.41 -27.16 -25.77
C THR I 95 -13.76 -26.85 -26.40
N ASN I 96 -13.93 -27.21 -27.67
CA ASN I 96 -15.19 -26.98 -28.34
C ASN I 96 -16.32 -27.72 -27.61
N MET I 97 -17.47 -27.08 -27.51
CA MET I 97 -18.56 -27.63 -26.73
C MET I 97 -19.27 -28.70 -27.58
N THR I 98 -18.49 -29.64 -28.12
CA THR I 98 -19.02 -30.71 -28.97
C THR I 98 -19.45 -31.87 -28.07
N LEU I 99 -20.73 -31.86 -27.70
CA LEU I 99 -21.27 -32.90 -26.84
C LEU I 99 -21.27 -34.24 -27.56
N PHE I 100 -20.50 -35.19 -27.02
CA PHE I 100 -20.42 -36.54 -27.56
C PHE I 100 -21.60 -37.33 -27.00
N TYR I 101 -22.61 -37.53 -27.84
CA TYR I 101 -23.78 -38.28 -27.40
C TYR I 101 -23.39 -39.72 -27.11
N VAL I 102 -24.11 -40.34 -26.16
CA VAL I 102 -23.88 -41.72 -25.75
C VAL I 102 -25.21 -42.28 -25.28
N CYS I 103 -25.28 -43.60 -25.12
CA CYS I 103 -26.53 -44.25 -24.77
C CYS I 103 -26.26 -45.37 -23.77
N LEU I 104 -27.33 -46.14 -23.50
CA LEU I 104 -27.26 -47.20 -22.49
C LEU I 104 -26.30 -48.30 -22.91
N ASN I 105 -26.47 -48.81 -24.13
CA ASN I 105 -25.74 -49.98 -24.59
C ASN I 105 -24.55 -49.65 -25.48
N CYS I 106 -24.45 -48.41 -25.97
CA CYS I 106 -23.39 -48.08 -26.92
C CYS I 106 -22.05 -47.89 -26.22
N LYS I 107 -21.99 -46.92 -25.28
CA LYS I 107 -20.80 -46.53 -24.53
C LYS I 107 -19.76 -45.87 -25.42
N LYS I 108 -19.98 -45.82 -26.74
CA LYS I 108 -18.96 -45.31 -27.64
C LYS I 108 -18.87 -43.79 -27.55
N THR I 109 -17.65 -43.28 -27.73
CA THR I 109 -17.39 -41.85 -27.77
C THR I 109 -17.60 -41.36 -29.22
N PHE I 110 -18.87 -41.28 -29.60
CA PHE I 110 -19.26 -40.92 -30.95
C PHE I 110 -19.84 -39.51 -30.98
N ARG I 111 -19.70 -38.85 -32.13
CA ARG I 111 -20.25 -37.52 -32.33
C ARG I 111 -21.50 -37.59 -33.21
N ASP I 112 -22.57 -36.95 -32.76
CA ASP I 112 -23.74 -36.72 -33.58
C ASP I 112 -23.82 -35.28 -34.07
N GLU I 113 -22.69 -34.64 -34.28
CA GLU I 113 -22.62 -33.25 -34.71
C GLU I 113 -23.06 -33.09 -36.16
N MET J 1 -50.75 -12.00 26.16
CA MET J 1 -51.56 -12.36 27.32
C MET J 1 -52.56 -11.27 27.70
N ILE J 2 -53.79 -11.71 27.99
CA ILE J 2 -54.91 -10.86 28.38
C ILE J 2 -55.36 -9.99 27.20
N ILE J 3 -56.61 -10.11 26.82
CA ILE J 3 -57.19 -9.32 25.72
C ILE J 3 -57.19 -7.86 26.17
N PRO J 4 -56.92 -6.91 25.28
CA PRO J 4 -56.94 -5.49 25.68
C PRO J 4 -58.31 -5.07 26.18
N VAL J 5 -58.32 -4.15 27.15
CA VAL J 5 -59.58 -3.58 27.62
C VAL J 5 -60.29 -2.85 26.50
N ARG J 6 -59.54 -2.06 25.73
CA ARG J 6 -60.09 -1.26 24.66
C ARG J 6 -59.43 -1.67 23.34
N CYS J 7 -60.21 -1.63 22.27
CA CYS J 7 -59.72 -2.10 20.98
C CYS J 7 -58.68 -1.15 20.41
N PHE J 8 -57.47 -1.70 20.18
CA PHE J 8 -56.35 -0.88 19.73
C PHE J 8 -56.70 -0.05 18.50
N SER J 9 -57.21 -0.69 17.46
CA SER J 9 -57.49 0.01 16.22
C SER J 9 -58.73 0.88 16.36
N CYS J 10 -59.77 0.37 17.02
CA CYS J 10 -61.03 1.08 17.15
C CYS J 10 -61.28 1.68 18.53
N GLY J 11 -61.29 0.87 19.58
CA GLY J 11 -61.61 1.37 20.90
C GLY J 11 -62.91 0.87 21.49
N LYS J 12 -63.42 -0.28 21.04
CA LYS J 12 -64.67 -0.81 21.55
C LYS J 12 -64.43 -1.64 22.81
N VAL J 13 -65.40 -1.62 23.73
CA VAL J 13 -65.37 -2.48 24.91
C VAL J 13 -65.39 -3.92 24.45
N VAL J 14 -64.29 -4.64 24.68
CA VAL J 14 -64.13 -5.97 24.11
C VAL J 14 -63.74 -6.98 25.19
N GLY J 15 -63.26 -6.48 26.32
CA GLY J 15 -62.67 -7.35 27.34
C GLY J 15 -63.60 -8.41 27.90
N ASP J 16 -64.88 -8.08 28.10
CA ASP J 16 -65.83 -9.02 28.68
C ASP J 16 -66.45 -9.92 27.62
N LYS J 17 -65.62 -10.57 26.80
CA LYS J 17 -66.13 -11.46 25.78
C LYS J 17 -65.31 -12.74 25.69
N TRP J 18 -64.13 -12.74 26.35
CA TRP J 18 -63.20 -13.86 26.23
C TRP J 18 -63.82 -15.16 26.69
N ASP J 19 -64.39 -15.18 27.90
CA ASP J 19 -65.05 -16.37 28.40
C ASP J 19 -66.21 -16.76 27.49
N ALA J 20 -66.96 -15.77 27.01
CA ALA J 20 -68.02 -16.02 26.05
C ALA J 20 -67.46 -16.61 24.76
N TYR J 21 -66.31 -16.09 24.32
CA TYR J 21 -65.68 -16.59 23.11
C TYR J 21 -65.31 -18.06 23.26
N LEU J 22 -64.73 -18.41 24.41
CA LEU J 22 -64.42 -19.81 24.68
C LEU J 22 -65.67 -20.67 24.70
N ARG J 23 -66.73 -20.16 25.32
CA ARG J 23 -68.01 -20.86 25.31
C ARG J 23 -68.44 -21.18 23.89
N LEU J 24 -68.38 -20.17 23.01
CA LEU J 24 -68.71 -20.38 21.62
C LEU J 24 -67.78 -21.39 20.95
N LEU J 25 -66.50 -21.36 21.31
CA LEU J 25 -65.54 -22.30 20.74
C LEU J 25 -65.88 -23.74 21.10
N GLU J 26 -66.36 -23.97 22.32
CA GLU J 26 -66.50 -25.33 22.83
C GLU J 26 -67.41 -26.18 21.93
N GLU J 27 -68.47 -25.60 21.39
CA GLU J 27 -69.40 -26.38 20.57
C GLU J 27 -68.95 -26.54 19.13
N GLY J 28 -67.68 -26.92 18.91
CA GLY J 28 -67.13 -27.16 17.59
C GLY J 28 -67.59 -26.18 16.54
N LYS J 29 -67.61 -24.90 16.89
CA LYS J 29 -68.26 -23.87 16.09
C LYS J 29 -67.23 -23.16 15.22
N GLN J 30 -67.66 -22.71 14.04
CA GLN J 30 -66.83 -21.88 13.19
C GLN J 30 -66.43 -20.61 13.95
N GLU J 31 -65.39 -19.95 13.46
CA GLU J 31 -64.83 -18.81 14.19
C GLU J 31 -65.56 -17.51 13.85
N GLY J 32 -65.69 -17.21 12.57
CA GLY J 32 -66.25 -15.94 12.13
C GLY J 32 -67.68 -15.68 12.59
N ASP J 33 -68.54 -16.68 12.45
CA ASP J 33 -69.91 -16.54 12.94
C ASP J 33 -69.95 -16.33 14.45
N ALA J 34 -69.06 -17.02 15.17
CA ALA J 34 -68.99 -16.82 16.62
C ALA J 34 -68.55 -15.39 16.95
N LEU J 35 -67.57 -14.86 16.21
CA LEU J 35 -67.14 -13.49 16.43
C LEU J 35 -68.27 -12.51 16.14
N ASP J 36 -69.04 -12.76 15.08
CA ASP J 36 -70.20 -11.94 14.78
C ASP J 36 -71.21 -12.01 15.92
N GLU J 37 -71.41 -13.21 16.49
CA GLU J 37 -72.22 -13.34 17.69
C GLU J 37 -71.67 -12.48 18.81
N LEU J 38 -70.34 -12.32 18.88
CA LEU J 38 -69.72 -11.48 19.89
C LEU J 38 -69.80 -10.00 19.54
N LYS J 39 -70.64 -9.62 18.59
CA LYS J 39 -70.82 -8.23 18.14
C LYS J 39 -69.54 -7.68 17.50
N LEU J 40 -68.61 -8.56 17.14
CA LEU J 40 -67.38 -8.14 16.47
C LEU J 40 -67.69 -7.87 15.01
N LYS J 41 -67.92 -6.60 14.69
CA LYS J 41 -68.30 -6.18 13.33
C LYS J 41 -67.08 -5.66 12.57
N ARG J 42 -66.36 -4.71 13.16
CA ARG J 42 -65.14 -4.20 12.53
C ARG J 42 -64.07 -5.27 12.57
N TYR J 43 -63.52 -5.59 11.39
CA TYR J 43 -62.55 -6.67 11.31
C TYR J 43 -61.29 -6.37 12.11
N CYS J 44 -61.06 -5.12 12.49
CA CYS J 44 -60.03 -4.83 13.47
C CYS J 44 -60.40 -5.41 14.83
N CYS J 45 -61.60 -5.10 15.31
CA CYS J 45 -62.08 -5.76 16.52
C CYS J 45 -62.14 -7.26 16.33
N ARG J 46 -62.39 -7.72 15.10
CA ARG J 46 -62.55 -9.14 14.85
C ARG J 46 -61.23 -9.89 14.98
N ARG J 47 -60.15 -9.38 14.36
CA ARG J 47 -58.90 -10.13 14.46
C ARG J 47 -58.20 -9.86 15.78
N MET J 48 -58.59 -8.78 16.47
CA MET J 48 -58.04 -8.56 17.80
C MET J 48 -58.44 -9.69 18.76
N VAL J 49 -59.67 -10.17 18.65
CA VAL J 49 -60.08 -11.33 19.43
C VAL J 49 -59.64 -12.61 18.76
N LEU J 50 -59.76 -12.68 17.43
CA LEU J 50 -59.33 -13.85 16.67
C LEU J 50 -57.87 -14.18 16.91
N THR J 51 -57.00 -13.17 16.92
CA THR J 51 -55.56 -13.39 16.95
C THR J 51 -54.93 -13.00 18.28
N HIS J 52 -55.72 -12.74 19.32
CA HIS J 52 -55.13 -12.51 20.63
C HIS J 52 -54.49 -13.79 21.15
N VAL J 53 -53.36 -13.64 21.84
CA VAL J 53 -52.64 -14.75 22.42
C VAL J 53 -52.56 -14.51 23.93
N ASP J 54 -53.43 -15.17 24.68
CA ASP J 54 -53.35 -15.15 26.13
C ASP J 54 -52.31 -16.16 26.59
N LEU J 55 -51.53 -15.81 27.62
CA LEU J 55 -50.39 -16.61 28.04
C LEU J 55 -50.31 -16.85 29.54
N ILE J 56 -51.31 -16.41 30.31
CA ILE J 56 -51.19 -16.48 31.77
C ILE J 56 -51.40 -17.90 32.27
N GLU J 57 -52.05 -18.76 31.48
CA GLU J 57 -52.36 -20.11 31.96
C GLU J 57 -51.10 -20.91 32.21
N LYS J 58 -50.09 -20.80 31.34
CA LYS J 58 -48.79 -21.38 31.64
C LYS J 58 -48.11 -20.66 32.80
N PHE J 59 -48.21 -19.33 32.85
CA PHE J 59 -47.66 -18.57 33.96
C PHE J 59 -48.32 -18.93 35.28
N LEU J 60 -49.65 -19.10 35.28
CA LEU J 60 -50.36 -19.44 36.50
C LEU J 60 -50.15 -20.88 36.92
N ARG J 61 -49.91 -21.79 35.98
CA ARG J 61 -49.67 -23.18 36.36
C ARG J 61 -48.33 -23.38 37.04
N TYR J 62 -47.48 -22.36 37.03
CA TYR J 62 -46.30 -22.31 37.89
C TYR J 62 -46.80 -22.17 39.32
N ASN J 63 -46.26 -22.99 40.22
CA ASN J 63 -46.64 -22.79 41.61
C ASN J 63 -45.96 -21.53 42.16
N PRO J 64 -46.72 -20.54 42.58
CA PRO J 64 -46.12 -19.30 43.06
C PRO J 64 -45.53 -19.47 44.45
N LEU J 65 -44.71 -18.49 44.84
CA LEU J 65 -44.07 -18.49 46.14
C LEU J 65 -45.11 -18.47 47.25
N GLU J 66 -46.24 -17.82 46.99
CA GLU J 66 -47.34 -17.76 47.95
C GLU J 66 -48.68 -17.95 47.23
N MET K 1 -36.98 11.34 26.27
CA MET K 1 -37.02 12.09 27.51
C MET K 1 -37.22 13.58 27.23
N ASN K 2 -37.61 13.90 26.00
CA ASN K 2 -37.66 15.29 25.55
C ASN K 2 -39.01 15.73 25.00
N ALA K 3 -39.90 14.80 24.64
CA ALA K 3 -41.22 15.07 24.04
C ALA K 3 -42.02 16.08 24.85
N PRO K 4 -42.96 16.82 24.23
CA PRO K 4 -43.71 17.83 24.97
C PRO K 4 -44.85 17.22 25.80
N ASP K 5 -45.64 18.07 26.43
CA ASP K 5 -46.72 17.62 27.31
C ASP K 5 -48.06 17.63 26.57
N ARG K 6 -49.09 17.13 27.26
CA ARG K 6 -50.38 16.83 26.64
C ARG K 6 -51.49 17.77 27.10
N PHE K 7 -51.48 18.19 28.38
CA PHE K 7 -52.54 19.07 28.85
C PHE K 7 -52.38 20.49 28.30
N GLU K 8 -51.16 20.85 27.89
CA GLU K 8 -50.90 22.16 27.32
C GLU K 8 -51.59 22.35 25.97
N LEU K 9 -52.07 21.28 25.33
CA LEU K 9 -52.69 21.42 24.03
C LEU K 9 -53.92 22.29 24.07
N PHE K 10 -54.50 22.51 25.26
CA PHE K 10 -55.63 23.40 25.43
C PHE K 10 -55.52 24.33 26.63
N ILE K 11 -54.57 24.10 27.52
CA ILE K 11 -54.42 24.94 28.72
C ILE K 11 -53.58 26.16 28.38
N LEU K 12 -54.11 27.35 28.68
CA LEU K 12 -53.49 28.60 28.27
C LEU K 12 -52.38 28.98 29.24
N PRO K 13 -51.15 29.19 28.75
CA PRO K 13 -50.11 29.76 29.62
C PRO K 13 -50.38 31.23 29.90
N ASP K 14 -49.79 31.71 30.99
CA ASP K 14 -50.02 33.09 31.41
C ASP K 14 -49.48 34.10 30.40
N ASP K 15 -48.29 33.83 29.85
CA ASP K 15 -47.64 34.83 29.01
C ASP K 15 -48.30 34.97 27.64
N VAL K 16 -48.65 33.85 27.00
CA VAL K 16 -49.22 33.90 25.66
C VAL K 16 -50.74 33.93 25.76
N PRO K 17 -51.42 34.63 24.85
CA PRO K 17 -52.88 34.68 24.89
C PRO K 17 -53.53 33.63 24.00
N LYS K 18 -54.80 33.36 24.29
CA LYS K 18 -55.60 32.52 23.40
C LYS K 18 -55.74 33.16 22.03
N LEU K 19 -55.83 34.49 21.98
CA LEU K 19 -56.08 35.23 20.76
C LEU K 19 -55.09 36.38 20.68
N LYS K 20 -54.21 36.34 19.68
CA LYS K 20 -53.26 37.42 19.45
C LYS K 20 -53.44 37.95 18.03
N ILE K 21 -54.10 39.08 17.89
CA ILE K 21 -54.34 39.69 16.59
C ILE K 21 -53.29 40.77 16.34
N THR K 22 -52.74 40.77 15.14
CA THR K 22 -51.78 41.78 14.70
C THR K 22 -52.26 42.30 13.35
N PRO K 23 -52.06 43.59 13.07
CA PRO K 23 -52.54 44.14 11.80
C PRO K 23 -51.74 43.63 10.61
N ASP K 24 -52.46 43.11 9.62
CA ASP K 24 -51.87 42.69 8.36
C ASP K 24 -52.10 43.79 7.33
N SER K 25 -51.22 44.79 7.35
CA SER K 25 -51.29 45.91 6.43
C SER K 25 -50.88 45.48 5.02
N ARG K 26 -50.45 44.22 4.89
CA ARG K 26 -50.08 43.62 3.61
C ARG K 26 -51.17 43.85 2.58
N VAL K 27 -52.42 43.64 2.96
CA VAL K 27 -53.57 44.10 2.18
C VAL K 27 -54.50 44.84 3.13
N PRO K 28 -55.22 45.85 2.65
CA PRO K 28 -56.06 46.65 3.54
C PRO K 28 -57.17 45.83 4.17
N ASN K 29 -57.49 46.19 5.41
CA ASN K 29 -58.51 45.51 6.21
C ASN K 29 -58.19 44.02 6.35
N CYS K 30 -56.94 43.73 6.66
CA CYS K 30 -56.48 42.37 6.92
C CYS K 30 -55.74 42.32 8.25
N ILE K 31 -55.92 41.22 8.98
CA ILE K 31 -55.17 40.96 10.20
C ILE K 31 -54.74 39.50 10.24
N ILE K 32 -53.81 39.22 11.15
CA ILE K 32 -53.27 37.90 11.40
C ILE K 32 -53.64 37.54 12.83
N ILE K 33 -54.31 36.40 13.02
CA ILE K 33 -54.85 36.01 14.31
C ILE K 33 -54.15 34.74 14.76
N LYS K 34 -53.47 34.79 15.88
CA LYS K 34 -52.81 33.62 16.46
C LYS K 34 -53.76 33.01 17.49
N PHE K 35 -54.32 31.84 17.17
CA PHE K 35 -55.08 31.03 18.12
C PHE K 35 -54.17 29.96 18.69
N GLU K 36 -53.72 30.17 19.93
CA GLU K 36 -53.13 29.11 20.70
C GLU K 36 -54.21 28.10 21.11
N ARG K 37 -53.76 26.90 21.46
CA ARG K 37 -54.64 25.87 22.00
C ARG K 37 -55.77 25.51 21.03
N GLU K 38 -55.46 25.55 19.74
CA GLU K 38 -56.45 25.32 18.71
C GLU K 38 -55.87 24.38 17.65
N ASP K 39 -56.74 23.91 16.76
CA ASP K 39 -56.35 22.98 15.71
C ASP K 39 -57.36 23.10 14.57
N HIS K 40 -57.34 22.12 13.67
CA HIS K 40 -58.14 22.18 12.45
C HIS K 40 -59.64 22.22 12.75
N THR K 41 -60.06 21.63 13.87
CA THR K 41 -61.48 21.46 14.16
C THR K 41 -62.24 22.79 14.11
N LEU K 42 -61.75 23.78 14.85
CA LEU K 42 -62.37 25.10 14.83
C LEU K 42 -61.87 25.93 13.65
N ALA K 43 -60.62 25.71 13.25
CA ALA K 43 -59.99 26.55 12.23
C ALA K 43 -60.68 26.42 10.88
N ASN K 44 -60.85 25.18 10.41
CA ASN K 44 -61.49 24.95 9.12
C ASN K 44 -62.95 25.42 9.15
N LEU K 45 -63.64 25.20 10.26
CA LEU K 45 -65.02 25.66 10.41
C LEU K 45 -65.11 27.17 10.26
N LEU K 46 -64.29 27.91 11.01
CA LEU K 46 -64.32 29.36 10.93
C LEU K 46 -63.88 29.84 9.55
N ARG K 47 -62.91 29.14 8.94
CA ARG K 47 -62.45 29.50 7.61
C ARG K 47 -63.58 29.41 6.59
N GLU K 48 -64.31 28.29 6.59
CA GLU K 48 -65.42 28.13 5.66
C GLU K 48 -66.52 29.14 5.94
N GLU K 49 -66.81 29.37 7.23
CA GLU K 49 -67.87 30.32 7.58
C GLU K 49 -67.53 31.72 7.08
N LEU K 50 -66.27 32.13 7.25
CA LEU K 50 -65.85 33.44 6.76
C LEU K 50 -65.85 33.48 5.24
N ALA K 51 -65.42 32.39 4.61
CA ALA K 51 -65.44 32.31 3.15
C ALA K 51 -66.86 32.50 2.61
N LEU K 52 -67.86 32.03 3.35
CA LEU K 52 -69.24 32.27 2.98
C LEU K 52 -69.65 33.74 3.16
N TYR K 53 -68.87 34.51 3.90
CA TYR K 53 -69.19 35.92 4.09
C TYR K 53 -68.74 36.73 2.88
N PRO K 54 -69.65 37.49 2.25
CA PRO K 54 -69.23 38.30 1.09
C PRO K 54 -68.20 39.35 1.43
N ASP K 55 -68.27 39.94 2.63
CA ASP K 55 -67.29 40.95 3.02
C ASP K 55 -65.89 40.35 3.11
N VAL K 56 -65.78 39.11 3.59
CA VAL K 56 -64.49 38.47 3.74
C VAL K 56 -63.85 38.30 2.37
N THR K 57 -62.74 38.99 2.15
CA THR K 57 -62.05 38.99 0.87
C THR K 57 -60.92 37.98 0.81
N PHE K 58 -60.19 37.80 1.90
CA PHE K 58 -59.21 36.74 2.04
C PHE K 58 -59.54 35.96 3.30
N VAL K 59 -59.52 34.64 3.22
CA VAL K 59 -59.66 33.81 4.41
C VAL K 59 -58.74 32.61 4.30
N ALA K 60 -57.87 32.42 5.30
CA ALA K 60 -57.06 31.22 5.32
C ALA K 60 -56.54 30.99 6.72
N TYR K 61 -56.19 29.74 7.01
CA TYR K 61 -55.53 29.41 8.27
C TYR K 61 -54.43 28.40 7.97
N LYS K 62 -53.56 28.23 8.96
CA LYS K 62 -52.52 27.21 8.88
C LYS K 62 -52.13 26.81 10.29
N VAL K 63 -52.07 25.49 10.52
CA VAL K 63 -51.46 24.94 11.72
C VAL K 63 -49.97 24.88 11.43
N GLU K 64 -49.24 25.91 11.90
CA GLU K 64 -47.84 26.09 11.57
C GLU K 64 -47.03 24.85 11.91
N HIS K 65 -47.40 24.15 12.97
CA HIS K 65 -46.72 22.93 13.31
C HIS K 65 -47.69 21.95 13.92
N PRO K 66 -47.79 20.73 13.37
CA PRO K 66 -48.68 19.73 13.96
C PRO K 66 -48.27 19.27 15.34
N LEU K 67 -46.99 19.41 15.71
CA LEU K 67 -46.51 19.05 17.04
C LEU K 67 -46.85 20.11 18.09
N PHE K 68 -47.72 21.06 17.76
CA PHE K 68 -48.18 22.07 18.69
C PHE K 68 -49.64 22.36 18.39
N ALA K 69 -50.50 22.18 19.39
CA ALA K 69 -51.93 22.44 19.22
C ALA K 69 -52.13 23.95 19.19
N ASN K 70 -51.97 24.52 18.00
CA ASN K 70 -52.11 25.96 17.77
C ASN K 70 -52.22 26.17 16.28
N PHE K 71 -52.68 27.36 15.89
CA PHE K 71 -52.69 27.72 14.48
C PHE K 71 -52.80 29.23 14.35
N VAL K 72 -52.56 29.73 13.15
CA VAL K 72 -52.66 31.14 12.85
C VAL K 72 -53.51 31.31 11.60
N MET K 73 -54.38 32.31 11.60
CA MET K 73 -55.38 32.50 10.57
C MET K 73 -55.29 33.93 10.06
N ARG K 74 -55.09 34.09 8.76
CA ARG K 74 -55.06 35.40 8.13
C ARG K 74 -56.44 35.70 7.55
N LEU K 75 -57.00 36.85 7.93
CA LEU K 75 -58.35 37.23 7.54
C LEU K 75 -58.32 38.66 7.01
N GLN K 76 -58.70 38.83 5.75
CA GLN K 76 -58.95 40.13 5.15
C GLN K 76 -60.43 40.21 4.77
N THR K 77 -61.05 41.34 5.04
CA THR K 77 -62.43 41.56 4.65
C THR K 77 -62.49 42.76 3.72
N GLU K 78 -63.69 43.01 3.20
CA GLU K 78 -63.90 44.18 2.35
C GLU K 78 -63.71 45.45 3.18
N GLU K 79 -63.73 46.59 2.49
CA GLU K 79 -63.45 47.87 3.14
C GLU K 79 -64.51 48.23 4.16
N GLY K 80 -65.64 47.52 4.14
CA GLY K 80 -66.73 47.79 5.06
C GLY K 80 -66.57 47.14 6.42
N THR K 81 -66.35 45.84 6.46
CA THR K 81 -66.33 45.07 7.69
C THR K 81 -64.88 44.80 8.12
N ARG K 82 -64.64 44.85 9.42
CA ARG K 82 -63.30 44.57 9.94
C ARG K 82 -63.10 43.06 10.09
N PRO K 83 -61.85 42.57 9.98
CA PRO K 83 -61.62 41.12 10.11
C PRO K 83 -62.08 40.56 11.44
N LYS K 84 -61.80 41.27 12.53
CA LYS K 84 -62.24 40.82 13.85
C LYS K 84 -63.75 40.73 13.90
N GLN K 85 -64.44 41.77 13.40
CA GLN K 85 -65.90 41.79 13.44
C GLN K 85 -66.48 40.65 12.61
N ALA K 86 -65.90 40.41 11.45
CA ALA K 86 -66.27 39.24 10.65
C ALA K 86 -66.07 37.96 11.45
N LEU K 87 -65.04 37.93 12.30
CA LEU K 87 -64.78 36.74 13.09
C LEU K 87 -65.86 36.53 14.15
N GLU K 88 -66.26 37.59 14.87
CA GLU K 88 -67.36 37.42 15.82
C GLU K 88 -68.64 37.02 15.09
N ARG K 89 -68.88 37.60 13.92
CA ARG K 89 -70.08 37.24 13.16
C ARG K 89 -70.06 35.76 12.79
N ALA K 90 -68.91 35.26 12.33
CA ALA K 90 -68.79 33.85 11.99
C ALA K 90 -69.03 32.97 13.20
N CYS K 91 -68.42 33.33 14.34
CA CYS K 91 -68.60 32.54 15.55
C CYS K 91 -70.07 32.49 15.96
N ALA K 92 -70.76 33.63 15.94
CA ALA K 92 -72.15 33.67 16.34
C ALA K 92 -73.04 32.91 15.35
N SER K 93 -72.73 33.00 14.06
CA SER K 93 -73.48 32.25 13.07
C SER K 93 -73.35 30.75 13.31
N ILE K 94 -72.14 30.29 13.61
CA ILE K 94 -71.95 28.87 13.88
C ILE K 94 -72.62 28.49 15.20
N ILE K 95 -72.65 29.42 16.16
CA ILE K 95 -73.46 29.23 17.37
C ILE K 95 -74.90 28.89 17.02
N ASN K 96 -75.53 29.75 16.21
CA ASN K 96 -76.95 29.52 15.91
C ASN K 96 -77.15 28.24 15.11
N LYS K 97 -76.22 27.95 14.20
CA LYS K 97 -76.28 26.69 13.45
C LYS K 97 -76.21 25.49 14.39
N LEU K 98 -75.33 25.55 15.39
CA LEU K 98 -75.20 24.47 16.36
C LEU K 98 -76.46 24.32 17.19
N LYS K 99 -77.06 25.45 17.57
CA LYS K 99 -78.33 25.40 18.28
C LYS K 99 -79.37 24.66 17.47
N THR K 100 -79.51 25.01 16.19
CA THR K 100 -80.49 24.36 15.35
C THR K 100 -80.18 22.88 15.19
N LEU K 101 -78.89 22.55 15.02
CA LEU K 101 -78.45 21.16 14.92
C LEU K 101 -78.89 20.37 16.14
N ASP K 102 -78.54 20.88 17.33
CA ASP K 102 -78.84 20.17 18.56
C ASP K 102 -80.34 20.03 18.75
N HIS K 103 -81.10 21.08 18.44
CA HIS K 103 -82.55 21.03 18.58
C HIS K 103 -83.17 19.97 17.67
N LYS K 104 -82.85 20.01 16.38
CA LYS K 104 -83.42 19.05 15.44
C LYS K 104 -83.02 17.62 15.82
N PHE K 105 -81.74 17.45 16.17
CA PHE K 105 -81.24 16.14 16.57
C PHE K 105 -82.01 15.61 17.77
N ASN K 106 -82.17 16.44 18.81
CA ASN K 106 -82.86 16.00 20.02
C ASN K 106 -84.32 15.68 19.73
N GLU K 107 -85.00 16.54 18.96
CA GLU K 107 -86.40 16.31 18.63
C GLU K 107 -86.57 14.97 17.92
N GLU K 108 -85.78 14.73 16.87
CA GLU K 108 -86.01 13.52 16.09
C GLU K 108 -85.47 12.29 16.80
N TRP K 109 -84.51 12.47 17.71
CA TRP K 109 -84.09 11.40 18.59
C TRP K 109 -85.24 10.97 19.48
N ASN K 110 -85.92 11.94 20.08
CA ASN K 110 -87.06 11.65 20.95
C ASN K 110 -88.17 10.97 20.19
N ILE K 111 -88.54 11.51 19.03
CA ILE K 111 -89.64 10.92 18.25
C ILE K 111 -89.23 9.58 17.67
N LYS K 112 -87.92 9.35 17.52
CA LYS K 112 -87.43 8.14 16.87
C LYS K 112 -87.57 6.93 17.79
N ASN K 113 -86.92 6.97 18.95
CA ASN K 113 -86.96 5.87 19.88
C ASN K 113 -88.26 5.82 20.66
N GLY L 28 -39.21 -5.49 61.06
CA GLY L 28 -39.60 -4.63 59.96
C GLY L 28 -39.25 -5.20 58.59
N VAL L 29 -37.97 -5.49 58.39
CA VAL L 29 -37.50 -6.05 57.13
C VAL L 29 -37.89 -7.52 57.07
N LYS L 30 -38.98 -7.81 56.36
CA LYS L 30 -39.52 -9.16 56.31
C LYS L 30 -38.93 -9.93 55.13
N TYR L 31 -38.93 -11.26 55.26
CA TYR L 31 -38.34 -12.11 54.23
C TYR L 31 -39.26 -13.30 54.00
N THR L 32 -39.24 -13.81 52.77
CA THR L 32 -40.09 -14.92 52.36
C THR L 32 -39.23 -16.00 51.73
N CYS L 33 -39.60 -17.25 51.97
CA CYS L 33 -38.85 -18.41 51.49
C CYS L 33 -39.07 -18.61 50.00
N GLY L 34 -38.39 -19.62 49.46
CA GLY L 34 -38.45 -19.86 48.02
C GLY L 34 -39.82 -20.30 47.54
N ALA L 35 -40.23 -21.52 47.90
CA ALA L 35 -41.50 -22.05 47.44
C ALA L 35 -42.29 -22.66 48.60
N CYS L 36 -41.64 -22.80 49.75
CA CYS L 36 -42.28 -23.35 50.95
C CYS L 36 -43.22 -22.34 51.59
N ALA L 37 -43.18 -21.10 51.09
CA ALA L 37 -44.08 -20.02 51.52
C ALA L 37 -43.82 -19.60 52.97
N HIS L 38 -42.64 -19.94 53.49
CA HIS L 38 -42.27 -19.53 54.84
C HIS L 38 -41.99 -18.03 54.88
N ASN L 39 -42.70 -17.31 55.74
CA ASN L 39 -42.48 -15.88 55.89
C ASN L 39 -41.72 -15.61 57.19
N PHE L 40 -40.72 -14.72 57.10
CA PHE L 40 -39.76 -14.56 58.18
C PHE L 40 -38.95 -13.27 58.06
N SER L 41 -37.90 -13.14 58.86
CA SER L 41 -37.07 -11.94 58.85
C SER L 41 -35.67 -12.21 59.38
N LEU L 42 -34.67 -12.18 58.50
CA LEU L 42 -33.28 -12.30 58.91
C LEU L 42 -32.71 -10.96 59.36
N ASN L 43 -31.68 -11.03 60.19
CA ASN L 43 -30.88 -9.89 60.59
C ASN L 43 -29.44 -10.15 60.17
N LYS L 44 -28.56 -9.17 60.42
CA LYS L 44 -27.15 -9.35 60.12
C LYS L 44 -26.45 -10.14 61.22
N SER L 45 -26.97 -11.32 61.53
CA SER L 45 -26.34 -12.21 62.51
C SER L 45 -26.35 -13.65 62.02
N ASP L 46 -27.13 -13.93 60.99
CA ASP L 46 -27.34 -15.27 60.49
C ASP L 46 -27.01 -15.37 59.01
N PRO L 47 -26.65 -16.57 58.53
CA PRO L 47 -26.41 -16.74 57.09
C PRO L 47 -27.70 -16.84 56.31
N VAL L 48 -27.58 -16.86 54.98
CA VAL L 48 -28.74 -16.94 54.11
C VAL L 48 -29.29 -18.37 54.16
N ARG L 49 -30.40 -18.55 54.85
CA ARG L 49 -30.93 -19.89 55.13
C ARG L 49 -32.38 -19.71 55.53
N CYS L 50 -33.31 -20.27 54.76
CA CYS L 50 -34.71 -20.19 55.17
C CYS L 50 -34.87 -20.97 56.46
N LYS L 51 -35.32 -20.29 57.52
CA LYS L 51 -35.21 -20.78 58.88
C LYS L 51 -35.87 -22.14 59.12
N GLU L 52 -36.96 -22.44 58.42
CA GLU L 52 -37.63 -23.71 58.67
C GLU L 52 -37.35 -24.73 57.58
N CYS L 53 -37.45 -24.32 56.31
CA CYS L 53 -37.27 -25.26 55.21
C CYS L 53 -35.79 -25.60 55.01
N GLY L 54 -34.91 -24.74 55.51
CA GLY L 54 -33.50 -24.88 55.21
C GLY L 54 -33.22 -24.59 53.75
N HIS L 55 -33.81 -23.51 53.24
CA HIS L 55 -33.68 -23.12 51.84
C HIS L 55 -32.81 -21.87 51.76
N ARG L 56 -31.70 -21.97 51.03
CA ARG L 56 -30.77 -20.85 50.93
C ARG L 56 -31.13 -19.90 49.80
N VAL L 57 -32.18 -20.20 49.04
CA VAL L 57 -32.73 -19.25 48.09
C VAL L 57 -33.90 -18.54 48.74
N ILE L 58 -33.63 -17.43 49.41
CA ILE L 58 -34.65 -16.65 50.08
C ILE L 58 -34.88 -15.38 49.27
N TYR L 59 -35.96 -14.69 49.59
CA TYR L 59 -36.35 -13.49 48.88
C TYR L 59 -36.83 -12.43 49.87
N LYS L 60 -36.36 -11.21 49.66
CA LYS L 60 -36.86 -10.09 50.45
C LYS L 60 -38.36 -9.91 50.20
N ALA L 61 -39.13 -10.04 51.27
CA ALA L 61 -40.57 -9.91 51.20
C ALA L 61 -40.95 -8.51 50.73
N ARG L 62 -41.99 -8.45 49.91
CA ARG L 62 -42.39 -7.17 49.33
C ARG L 62 -42.82 -6.21 50.43
N THR L 63 -42.71 -4.92 50.15
CA THR L 63 -43.17 -3.88 51.05
C THR L 63 -44.69 -3.79 50.99
N LYS L 64 -45.32 -3.73 52.15
CA LYS L 64 -46.77 -3.55 52.24
C LYS L 64 -47.16 -2.16 51.77
N ARG L 65 -46.18 -1.27 51.63
CA ARG L 65 -46.45 0.13 51.34
C ARG L 65 -47.13 0.28 49.98
N MET L 66 -48.07 1.21 49.92
CA MET L 66 -48.82 1.52 48.72
C MET L 66 -47.93 2.16 47.65
N ILE L 67 -48.22 1.82 46.39
CA ILE L 67 -47.58 2.45 45.24
C ILE L 67 -48.69 3.00 44.35
N GLN L 68 -48.53 4.26 43.93
CA GLN L 68 -49.56 4.96 43.16
C GLN L 68 -49.21 4.96 41.68
N PHE L 69 -50.22 4.79 40.84
CA PHE L 69 -50.06 4.66 39.40
C PHE L 69 -50.89 5.70 38.68
N ASP L 70 -50.66 5.82 37.37
CA ASP L 70 -51.36 6.83 36.58
C ASP L 70 -52.44 6.23 35.68
N ALA L 71 -52.48 4.90 35.54
CA ALA L 71 -53.56 4.21 34.83
C ALA L 71 -53.69 4.68 33.38
N ARG L 72 -52.57 5.05 32.76
CA ARG L 72 -52.60 5.54 31.39
C ARG L 72 -51.24 5.41 30.73
N ILE M 18 30.42 -21.24 -9.83
CA ILE M 18 30.92 -20.53 -8.66
C ILE M 18 30.88 -21.44 -7.44
N LYS M 19 32.06 -21.77 -6.92
CA LYS M 19 32.17 -22.61 -5.73
C LYS M 19 31.60 -21.89 -4.52
N GLN M 20 31.05 -22.67 -3.58
CA GLN M 20 30.34 -22.12 -2.43
C GLN M 20 30.84 -22.82 -1.16
N LYS M 21 31.71 -22.14 -0.42
CA LYS M 21 32.12 -22.65 0.87
C LYS M 21 30.99 -22.51 1.88
N LEU M 22 30.86 -23.50 2.76
CA LEU M 22 29.81 -23.54 3.77
C LEU M 22 30.44 -23.61 5.15
N GLU M 23 30.21 -22.59 5.97
CA GLU M 23 30.72 -22.55 7.34
C GLU M 23 29.77 -23.33 8.25
N THR M 24 29.94 -24.65 8.22
CA THR M 24 29.05 -25.53 8.97
C THR M 24 29.37 -25.48 10.47
N GLN M 25 28.35 -25.80 11.27
CA GLN M 25 28.46 -25.83 12.72
C GLN M 25 28.76 -27.23 13.25
N PHE M 26 29.00 -28.19 12.36
CA PHE M 26 29.24 -29.57 12.78
C PHE M 26 30.45 -29.67 13.69
N THR M 27 30.36 -30.53 14.69
CA THR M 27 31.45 -30.78 15.62
C THR M 27 32.00 -32.19 15.39
N CYS M 28 33.29 -32.27 15.11
CA CYS M 28 33.93 -33.57 14.90
C CYS M 28 34.26 -34.23 16.22
N LEU M 29 34.54 -35.54 16.15
CA LEU M 29 34.81 -36.34 17.33
C LEU M 29 36.27 -36.29 17.76
N PHE M 30 37.16 -35.66 16.99
CA PHE M 30 38.58 -35.71 17.30
C PHE M 30 38.96 -34.67 18.36
N CYS M 31 38.75 -33.39 18.04
CA CYS M 31 39.20 -32.30 18.92
C CYS M 31 38.10 -31.74 19.79
N ASN M 32 36.86 -32.23 19.65
CA ASN M 32 35.73 -31.80 20.49
C ASN M 32 35.57 -30.28 20.48
N HIS M 33 35.74 -29.69 19.29
CA HIS M 33 35.63 -28.25 19.11
C HIS M 33 34.35 -27.95 18.33
N ASP M 34 33.40 -27.28 18.97
CA ASP M 34 32.25 -26.77 18.25
C ASP M 34 32.69 -25.70 17.25
N ASN M 35 31.98 -25.63 16.12
CA ASN M 35 32.33 -24.72 15.02
C ASN M 35 33.73 -25.05 14.48
N SER M 36 33.91 -26.30 14.08
CA SER M 36 35.19 -26.75 13.54
C SER M 36 35.07 -27.43 12.19
N VAL M 37 34.00 -28.19 11.94
CA VAL M 37 33.87 -28.93 10.69
C VAL M 37 33.34 -28.01 9.60
N VAL M 38 33.92 -28.13 8.40
CA VAL M 38 33.52 -27.37 7.23
C VAL M 38 33.21 -28.36 6.12
N CYS M 39 32.00 -28.27 5.56
CA CYS M 39 31.55 -29.15 4.49
C CYS M 39 31.48 -28.34 3.20
N THR M 40 32.31 -28.69 2.22
CA THR M 40 32.35 -28.02 0.93
C THR M 40 32.01 -29.04 -0.16
N LEU M 41 31.04 -28.71 -0.99
CA LEU M 41 30.62 -29.57 -2.09
C LEU M 41 31.15 -29.01 -3.41
N ASP M 42 31.76 -29.88 -4.21
CA ASP M 42 32.32 -29.51 -5.51
C ASP M 42 31.58 -30.33 -6.57
N LYS M 43 30.46 -29.79 -7.05
CA LYS M 43 29.64 -30.48 -8.04
C LYS M 43 30.15 -30.26 -9.46
N LYS M 44 31.19 -29.45 -9.66
CA LYS M 44 31.84 -29.38 -10.96
C LYS M 44 32.43 -30.72 -11.33
N ASN M 45 33.05 -31.40 -10.36
CA ASN M 45 33.52 -32.78 -10.53
C ASN M 45 32.59 -33.78 -9.85
N SER M 46 31.47 -33.32 -9.28
CA SER M 46 30.51 -34.18 -8.60
C SER M 46 31.16 -34.96 -7.46
N ILE M 47 32.07 -34.31 -6.75
CA ILE M 47 32.78 -34.91 -5.62
C ILE M 47 32.76 -33.93 -4.45
N GLY M 48 32.38 -34.41 -3.27
CA GLY M 48 32.32 -33.59 -2.09
C GLY M 48 33.68 -33.38 -1.45
N LEU M 49 33.65 -32.79 -0.25
CA LEU M 49 34.87 -32.50 0.50
C LEU M 49 34.48 -32.05 1.90
N LEU M 50 35.36 -32.32 2.86
CA LEU M 50 35.14 -31.92 4.24
C LEU M 50 36.48 -31.71 4.93
N GLU M 51 36.51 -30.74 5.85
CA GLU M 51 37.71 -30.43 6.60
C GLU M 51 37.35 -30.02 8.02
N CYS M 52 38.37 -29.74 8.82
CA CYS M 52 38.19 -29.22 10.17
C CYS M 52 39.09 -28.00 10.35
N LYS M 53 38.69 -27.11 11.27
CA LYS M 53 39.42 -25.88 11.52
C LYS M 53 40.23 -25.90 12.82
N LYS M 54 40.05 -26.93 13.66
CA LYS M 54 40.79 -27.02 14.91
C LYS M 54 41.74 -28.21 14.93
N CYS M 55 41.30 -29.38 14.47
CA CYS M 55 42.21 -30.51 14.30
C CYS M 55 42.56 -30.76 12.83
N ASN M 56 41.87 -30.11 11.90
CA ASN M 56 42.21 -30.13 10.48
C ASN M 56 42.17 -31.53 9.90
N LEU M 57 41.07 -32.24 10.12
CA LEU M 57 40.87 -33.55 9.51
C LEU M 57 40.39 -33.39 8.07
N SER M 58 40.24 -34.53 7.40
CA SER M 58 39.72 -34.57 6.03
C SER M 58 38.68 -35.68 5.91
N PHE M 59 37.71 -35.46 5.04
CA PHE M 59 36.68 -36.46 4.78
C PHE M 59 36.19 -36.31 3.34
N GLN M 60 35.77 -37.44 2.76
CA GLN M 60 35.28 -37.48 1.39
C GLN M 60 34.08 -38.42 1.31
N ALA M 61 33.07 -38.02 0.53
CA ALA M 61 31.89 -38.84 0.32
C ALA M 61 31.38 -38.60 -1.10
N PRO M 62 30.73 -39.59 -1.72
CA PRO M 62 30.22 -39.40 -3.08
C PRO M 62 28.93 -38.61 -3.09
N ILE M 63 28.87 -37.62 -3.97
CA ILE M 63 27.71 -36.74 -4.11
C ILE M 63 27.13 -36.91 -5.51
N ASN M 64 25.86 -37.30 -5.56
CA ASN M 64 25.15 -37.44 -6.81
C ASN M 64 24.40 -36.15 -7.13
N SER M 65 23.49 -36.20 -8.10
CA SER M 65 22.66 -35.06 -8.44
C SER M 65 21.63 -34.73 -7.37
N LEU M 66 21.49 -35.58 -6.35
CA LEU M 66 20.48 -35.41 -5.31
C LEU M 66 21.15 -35.51 -3.94
N SER M 67 22.25 -34.78 -3.77
CA SER M 67 23.07 -34.86 -2.56
C SER M 67 23.10 -33.51 -1.86
N GLN M 68 23.23 -33.55 -0.54
CA GLN M 68 23.20 -32.40 0.34
C GLN M 68 24.33 -32.47 1.34
N PRO M 69 24.72 -31.33 1.93
CA PRO M 69 25.74 -31.37 3.00
C PRO M 69 25.31 -32.19 4.20
N ILE M 70 24.01 -32.22 4.52
CA ILE M 70 23.53 -33.09 5.58
C ILE M 70 23.77 -34.54 5.22
N ASP M 71 23.63 -34.88 3.93
CA ASP M 71 24.00 -36.22 3.48
C ASP M 71 25.48 -36.48 3.68
N ILE M 72 26.31 -35.45 3.45
CA ILE M 72 27.75 -35.58 3.67
C ILE M 72 28.04 -35.92 5.12
N TYR M 73 27.43 -35.17 6.05
CA TYR M 73 27.68 -35.43 7.46
C TYR M 73 27.12 -36.79 7.89
N SER M 74 25.96 -37.18 7.35
CA SER M 74 25.40 -38.49 7.68
C SER M 74 26.32 -39.61 7.21
N ASP M 75 26.83 -39.51 5.98
CA ASP M 75 27.74 -40.54 5.48
C ASP M 75 29.05 -40.53 6.26
N TRP M 76 29.49 -39.36 6.72
CA TRP M 76 30.68 -39.31 7.57
C TRP M 76 30.44 -40.03 8.90
N ILE M 77 29.25 -39.84 9.47
CA ILE M 77 28.89 -40.57 10.70
C ILE M 77 28.90 -42.07 10.43
N ASP M 78 28.35 -42.49 9.29
CA ASP M 78 28.35 -43.91 8.95
C ASP M 78 29.75 -44.45 8.77
N ALA M 79 30.65 -43.67 8.15
CA ALA M 79 31.98 -44.17 7.82
C ALA M 79 32.89 -44.21 9.05
N CYS M 80 33.01 -43.08 9.76
CA CYS M 80 33.91 -43.03 10.91
C CYS M 80 33.46 -44.00 12.01
N GLU M 81 32.16 -44.07 12.25
CA GLU M 81 31.63 -44.98 13.27
C GLU M 81 31.27 -46.33 12.66
N ASN O 249 6.67 -0.78 96.75
CA ASN O 249 7.63 -1.03 95.68
C ASN O 249 9.04 -1.19 96.25
N ILE O 250 9.39 -2.43 96.60
CA ILE O 250 10.72 -2.72 97.13
C ILE O 250 11.75 -2.56 96.02
N ASP O 251 12.71 -1.66 96.24
CA ASP O 251 13.73 -1.36 95.24
C ASP O 251 14.87 -0.54 95.85
N ASP O 252 15.88 -0.21 95.03
CA ASP O 252 16.97 0.64 95.48
C ASP O 252 17.28 1.69 94.42
N GLY O 253 16.28 2.10 93.65
CA GLY O 253 16.46 3.16 92.67
C GLY O 253 16.88 4.45 93.33
N ASP O 254 16.14 4.84 94.37
CA ASP O 254 16.55 5.95 95.21
C ASP O 254 17.36 5.41 96.39
N ASP O 255 18.48 6.07 96.70
CA ASP O 255 19.40 5.56 97.71
C ASP O 255 18.78 5.51 99.10
N ALA O 256 17.70 6.27 99.31
CA ALA O 256 17.00 6.26 100.59
C ALA O 256 16.43 4.87 100.89
N PHE O 257 15.85 4.24 99.88
CA PHE O 257 15.32 2.88 100.01
C PHE O 257 16.46 1.92 100.34
N TYR O 258 17.60 2.09 99.68
CA TYR O 258 18.79 1.31 100.00
C TYR O 258 19.22 1.55 101.44
N ASN O 259 19.26 2.82 101.85
CA ASN O 259 19.76 3.19 103.18
C ASN O 259 18.89 2.60 104.29
N ALA O 260 17.57 2.64 104.13
CA ALA O 260 16.67 2.12 105.16
C ALA O 260 16.91 0.63 105.39
N ARG O 261 16.92 -0.15 104.31
CA ARG O 261 17.12 -1.58 104.40
C ARG O 261 18.52 -1.88 104.93
N LEU O 262 19.51 -1.10 104.51
CA LEU O 262 20.89 -1.28 104.95
C LEU O 262 20.99 -1.10 106.45
N ASN O 263 20.40 -0.03 106.98
CA ASN O 263 20.41 0.25 108.41
C ASN O 263 19.67 -0.84 109.16
N ALA O 264 18.51 -1.27 108.65
CA ALA O 264 17.74 -2.31 109.32
C ALA O 264 18.54 -3.61 109.41
N TRP O 265 19.18 -4.00 108.32
CA TRP O 265 19.99 -5.22 108.31
C TRP O 265 21.21 -5.10 109.21
N VAL O 266 21.83 -3.92 109.25
CA VAL O 266 22.99 -3.69 110.10
C VAL O 266 22.58 -3.86 111.56
N THR O 267 21.44 -3.26 111.93
CA THR O 267 20.95 -3.41 113.30
C THR O 267 20.61 -4.86 113.61
N LYS O 268 20.01 -5.57 112.65
CA LYS O 268 19.65 -6.96 112.86
C LYS O 268 20.89 -7.82 113.10
N ARG O 269 21.92 -7.62 112.29
CA ARG O 269 23.13 -8.44 112.41
C ARG O 269 23.93 -8.06 113.65
N SER O 270 23.92 -6.79 114.03
CA SER O 270 24.70 -6.31 115.17
C SER O 270 24.30 -7.01 116.46
N GLN O 271 23.05 -7.43 116.55
CA GLN O 271 22.57 -8.16 117.74
C GLN O 271 22.46 -9.65 117.43
N ASP O 280 35.88 0.13 109.38
CA ASP O 280 37.06 -0.35 108.68
C ASP O 280 36.78 -0.61 107.20
N GLU O 281 35.64 -1.26 106.94
CA GLU O 281 35.26 -1.58 105.57
C GLU O 281 33.74 -1.81 105.56
N GLU O 282 33.23 -2.39 104.47
CA GLU O 282 31.82 -2.72 104.39
C GLU O 282 31.50 -3.81 105.40
N GLU O 283 30.74 -3.44 106.45
CA GLU O 283 30.60 -4.22 107.68
C GLU O 283 30.31 -5.71 107.47
N TRP O 284 29.56 -6.06 106.42
CA TRP O 284 29.13 -7.43 106.24
C TRP O 284 30.29 -8.41 106.09
N PHE O 285 31.47 -7.91 105.70
CA PHE O 285 32.63 -8.78 105.48
C PHE O 285 33.01 -9.54 106.75
N LYS O 286 32.66 -9.01 107.91
CA LYS O 286 32.90 -9.72 109.15
C LYS O 286 32.01 -10.96 109.23
N PRO O 287 32.45 -12.01 109.93
CA PRO O 287 31.66 -13.25 110.00
C PRO O 287 30.30 -13.05 110.63
N HIS O 288 29.52 -14.13 110.62
CA HIS O 288 28.16 -14.18 111.14
C HIS O 288 28.17 -13.82 112.63
N PRO O 289 27.14 -13.14 113.13
CA PRO O 289 27.14 -12.72 114.55
C PRO O 289 27.23 -13.88 115.53
N THR O 290 26.77 -15.08 115.17
CA THR O 290 26.82 -16.21 116.07
C THR O 290 27.57 -17.42 115.54
N LYS O 291 27.93 -17.44 114.26
CA LYS O 291 28.65 -18.57 113.68
C LYS O 291 29.73 -17.95 112.77
N GLN O 292 30.45 -18.79 112.04
CA GLN O 292 31.60 -18.35 111.25
C GLN O 292 31.20 -18.39 109.77
N ASP O 293 32.11 -18.12 108.84
CA ASP O 293 31.82 -18.22 107.42
C ASP O 293 32.37 -19.54 106.89
N ALA O 294 31.80 -20.00 105.78
CA ALA O 294 32.24 -21.24 105.15
C ALA O 294 33.28 -20.91 104.09
N ILE O 295 34.54 -21.19 104.41
CA ILE O 295 35.65 -20.88 103.52
C ILE O 295 35.92 -22.07 102.61
N LEU O 296 35.44 -22.01 101.38
CA LEU O 296 35.69 -23.11 100.45
C LEU O 296 37.13 -23.06 99.96
N ASP O 297 37.62 -21.85 99.66
CA ASP O 297 39.04 -21.65 99.34
C ASP O 297 39.39 -20.21 99.67
N ASP O 298 40.56 -19.78 99.18
CA ASP O 298 41.09 -18.47 99.52
C ASP O 298 40.18 -17.35 99.02
N ASP O 299 39.64 -17.50 97.82
CA ASP O 299 38.89 -16.42 97.18
C ASP O 299 37.38 -16.57 97.35
N TYR O 300 36.94 -17.47 98.24
CA TYR O 300 35.51 -17.73 98.35
C TYR O 300 35.13 -18.23 99.73
N ARG O 301 34.48 -17.36 100.52
CA ARG O 301 33.93 -17.73 101.82
C ARG O 301 32.51 -17.21 101.91
N LEU O 302 31.57 -18.15 101.88
CA LEU O 302 30.14 -17.84 102.00
C LEU O 302 29.82 -17.35 103.41
N PRO O 303 29.03 -16.30 103.54
CA PRO O 303 28.63 -15.83 104.88
C PRO O 303 27.82 -16.87 105.62
N GLY O 304 27.89 -16.82 106.94
CA GLY O 304 27.15 -17.75 107.78
C GLY O 304 25.65 -17.49 107.74
N ASP O 305 25.25 -16.40 107.09
CA ASP O 305 23.84 -16.03 106.97
C ASP O 305 23.04 -17.05 106.19
N VAL O 306 23.61 -17.58 105.10
CA VAL O 306 22.82 -18.35 104.13
C VAL O 306 23.42 -19.72 103.90
N TYR O 307 24.69 -19.93 104.28
CA TYR O 307 25.37 -21.18 103.97
C TYR O 307 24.67 -22.39 104.58
N PRO O 308 24.31 -22.39 105.87
CA PRO O 308 23.55 -23.54 106.41
C PRO O 308 22.08 -23.52 106.03
N ALA O 309 21.56 -22.40 105.53
CA ALA O 309 20.17 -22.31 105.12
C ALA O 309 19.94 -23.08 103.82
N LEU O 310 21.01 -23.35 103.09
CA LEU O 310 20.93 -24.12 101.86
C LEU O 310 20.86 -25.61 102.18
N PHE O 311 20.79 -26.46 101.16
CA PHE O 311 20.66 -27.89 101.39
C PHE O 311 21.13 -28.71 100.19
N ASP O 312 22.02 -29.68 100.46
CA ASP O 312 22.57 -30.62 99.47
C ASP O 312 22.60 -30.07 98.05
N TYR O 313 21.47 -30.19 97.34
CA TYR O 313 21.36 -29.72 95.97
C TYR O 313 21.78 -28.26 95.85
N GLN O 314 21.23 -27.40 96.69
CA GLN O 314 21.52 -25.97 96.61
C GLN O 314 23.00 -25.70 96.87
N LYS O 315 23.55 -26.32 97.92
CA LYS O 315 24.94 -26.11 98.31
C LYS O 315 25.90 -26.56 97.22
N THR O 316 25.64 -27.73 96.63
CA THR O 316 26.50 -28.26 95.60
C THR O 316 26.33 -27.51 94.28
N CYS O 317 25.16 -26.88 94.09
CA CYS O 317 24.96 -26.07 92.90
C CYS O 317 25.69 -24.74 93.00
N VAL O 318 25.69 -24.14 94.18
CA VAL O 318 26.48 -22.93 94.41
C VAL O 318 27.95 -23.30 94.29
N GLN O 319 28.30 -24.51 94.73
CA GLN O 319 29.65 -25.04 94.56
C GLN O 319 29.99 -25.15 93.08
N TRP O 320 29.04 -25.63 92.27
CA TRP O 320 29.22 -25.73 90.83
C TRP O 320 29.43 -24.35 90.21
N LEU O 321 28.66 -23.37 90.68
CA LEU O 321 28.79 -21.99 90.20
C LEU O 321 30.18 -21.45 90.51
N TRP O 322 30.67 -21.68 91.73
CA TRP O 322 32.03 -21.25 92.08
C TRP O 322 33.09 -21.97 91.26
N GLU O 323 32.87 -23.26 91.00
CA GLU O 323 33.79 -24.03 90.18
C GLU O 323 33.88 -23.44 88.78
N LEU O 324 32.73 -23.09 88.21
CA LEU O 324 32.71 -22.44 86.90
C LEU O 324 33.38 -21.07 86.96
N TYR O 325 33.15 -20.31 88.04
CA TYR O 325 33.75 -19.00 88.18
C TYR O 325 35.28 -19.09 88.20
N LEU O 326 35.81 -20.06 88.94
CA LEU O 326 37.25 -20.30 88.96
C LEU O 326 37.75 -20.77 87.60
N GLN O 327 37.00 -21.65 86.93
CA GLN O 327 37.35 -22.11 85.60
C GLN O 327 37.02 -21.03 84.57
N LYS O 328 36.43 -19.93 85.04
CA LYS O 328 36.05 -18.79 84.22
C LYS O 328 34.87 -19.14 83.33
N VAL O 329 34.40 -18.17 82.55
CA VAL O 329 33.29 -18.34 81.62
C VAL O 329 32.08 -18.69 82.49
N GLY O 330 31.30 -19.70 82.14
CA GLY O 330 30.09 -20.02 82.85
C GLY O 330 29.41 -21.22 82.26
N GLY O 331 28.12 -21.37 82.59
CA GLY O 331 27.35 -22.49 82.11
C GLY O 331 25.86 -22.23 82.22
N ILE O 332 25.09 -23.05 81.53
CA ILE O 332 23.63 -22.92 81.49
C ILE O 332 23.09 -23.70 82.70
N LEU O 333 22.85 -22.97 83.79
CA LEU O 333 22.35 -23.62 85.01
C LEU O 333 20.86 -23.91 84.89
N GLY O 334 20.52 -25.13 84.47
CA GLY O 334 19.12 -25.50 84.33
C GLY O 334 18.80 -26.90 84.81
N ASP O 335 17.84 -27.01 85.73
CA ASP O 335 17.47 -28.28 86.33
C ASP O 335 15.95 -28.31 86.45
N GLU O 336 15.38 -29.22 87.23
CA GLU O 336 13.95 -29.32 87.44
C GLU O 336 13.36 -27.96 87.81
N MET O 337 12.09 -27.76 87.43
CA MET O 337 11.43 -26.46 87.55
C MET O 337 11.61 -25.90 88.97
N GLY O 338 12.26 -24.74 89.04
CA GLY O 338 12.43 -24.04 90.30
C GLY O 338 13.14 -24.83 91.37
N LEU O 339 14.21 -25.53 90.99
CA LEU O 339 14.99 -26.27 91.97
C LEU O 339 15.98 -25.31 92.62
N GLY O 340 15.45 -24.34 93.36
CA GLY O 340 16.26 -23.36 94.06
C GLY O 340 17.20 -22.57 93.17
N LYS O 341 16.84 -22.41 91.90
CA LYS O 341 17.68 -21.70 90.93
C LYS O 341 17.99 -20.30 91.43
N THR O 342 16.95 -19.55 91.78
CA THR O 342 17.09 -18.19 92.27
C THR O 342 17.92 -18.16 93.55
N VAL O 343 17.61 -19.05 94.49
CA VAL O 343 18.30 -19.10 95.76
C VAL O 343 19.78 -19.38 95.54
N GLN O 344 20.08 -20.36 94.69
CA GLN O 344 21.46 -20.72 94.38
C GLN O 344 22.21 -19.53 93.78
N ILE O 345 21.59 -18.89 92.79
CA ILE O 345 22.27 -17.81 92.07
C ILE O 345 22.55 -16.64 93.00
N ILE O 346 21.56 -16.24 93.80
CA ILE O 346 21.73 -15.10 94.69
C ILE O 346 22.72 -15.43 95.81
N SER O 347 22.70 -16.67 96.31
CA SER O 347 23.66 -17.07 97.31
C SER O 347 25.09 -17.03 96.76
N PHE O 348 25.27 -17.44 95.51
CA PHE O 348 26.57 -17.40 94.87
C PHE O 348 27.02 -15.97 94.61
N ILE O 349 26.10 -15.10 94.18
CA ILE O 349 26.40 -13.70 93.91
C ILE O 349 26.81 -13.02 95.22
N ALA O 350 26.06 -13.32 96.29
CA ALA O 350 26.40 -12.81 97.61
C ALA O 350 27.76 -13.32 98.05
N GLY O 351 28.10 -14.55 97.64
CA GLY O 351 29.41 -15.11 97.93
C GLY O 351 30.55 -14.33 97.31
N LEU O 352 30.41 -13.98 96.03
CA LEU O 352 31.43 -13.17 95.37
C LEU O 352 31.46 -11.74 95.91
N HIS O 353 30.30 -11.17 96.23
CA HIS O 353 30.27 -9.83 96.80
C HIS O 353 30.84 -9.80 98.21
N TYR O 354 30.84 -10.95 98.89
CA TYR O 354 31.36 -11.07 100.25
C TYR O 354 32.88 -11.03 100.29
N THR O 355 33.52 -11.66 99.31
CA THR O 355 34.97 -11.76 99.29
C THR O 355 35.59 -10.61 98.50
N LYS O 356 34.77 -9.61 98.17
CA LYS O 356 35.20 -8.42 97.44
C LYS O 356 35.63 -8.79 96.02
N LYS O 357 35.41 -10.05 95.64
CA LYS O 357 35.79 -10.50 94.30
C LYS O 357 34.88 -9.92 93.22
N LEU O 358 33.73 -9.37 93.58
CA LEU O 358 32.91 -8.64 92.63
C LEU O 358 33.49 -7.24 92.43
N ASN O 359 34.13 -7.04 91.27
CA ASN O 359 34.75 -5.76 90.97
C ASN O 359 34.04 -5.04 89.82
N LYS O 360 32.83 -5.49 89.48
CA LYS O 360 32.13 -4.97 88.31
C LYS O 360 30.66 -5.33 88.43
N PRO O 361 29.75 -4.43 87.99
CA PRO O 361 28.31 -4.67 88.23
C PRO O 361 27.77 -5.95 87.63
N VAL O 362 26.82 -6.57 88.33
CA VAL O 362 26.18 -7.80 87.92
C VAL O 362 24.85 -7.45 87.23
N ILE O 363 24.56 -8.17 86.14
CA ILE O 363 23.33 -7.96 85.39
C ILE O 363 22.51 -9.25 85.40
N VAL O 364 21.22 -9.09 85.69
CA VAL O 364 20.28 -10.20 85.74
C VAL O 364 19.07 -9.84 84.89
N VAL O 365 18.71 -10.74 83.98
CA VAL O 365 17.58 -10.55 83.07
C VAL O 365 16.49 -11.55 83.45
N CYS O 366 15.29 -11.05 83.69
CA CYS O 366 14.19 -11.89 84.13
C CYS O 366 12.91 -11.43 83.45
N PRO O 367 11.91 -12.31 83.35
CA PRO O 367 10.62 -11.90 82.78
C PRO O 367 9.96 -10.81 83.61
N ALA O 368 8.92 -10.20 83.03
CA ALA O 368 8.22 -9.11 83.71
C ALA O 368 7.23 -9.63 84.75
N THR O 369 7.02 -10.95 84.79
CA THR O 369 6.15 -11.56 85.77
C THR O 369 6.87 -11.88 87.07
N VAL O 370 8.20 -11.70 87.09
CA VAL O 370 9.01 -12.04 88.26
C VAL O 370 9.95 -10.89 88.61
N LEU O 371 9.71 -9.71 88.03
CA LEU O 371 10.59 -8.56 88.26
C LEU O 371 10.66 -8.18 89.73
N ARG O 372 9.51 -7.99 90.37
CA ARG O 372 9.51 -7.67 91.78
C ARG O 372 10.01 -8.84 92.61
N GLN O 373 9.71 -10.06 92.16
CA GLN O 373 10.20 -11.25 92.85
C GLN O 373 11.73 -11.22 92.92
N TRP O 374 12.39 -10.98 91.78
CA TRP O 374 13.85 -11.03 91.74
C TRP O 374 14.49 -9.99 92.64
N CYS O 375 13.87 -8.81 92.75
CA CYS O 375 14.35 -7.82 93.70
C CYS O 375 14.09 -8.26 95.14
N ASN O 376 13.03 -9.04 95.36
CA ASN O 376 12.64 -9.46 96.71
C ASN O 376 13.69 -10.37 97.37
N GLU O 377 14.25 -11.33 96.63
CA GLU O 377 15.22 -12.20 97.29
C GLU O 377 16.49 -11.43 97.59
N PHE O 378 16.87 -10.48 96.72
CA PHE O 378 17.98 -9.60 97.05
C PHE O 378 17.71 -8.92 98.38
N HIS O 379 16.53 -8.28 98.50
CA HIS O 379 16.21 -7.56 99.73
C HIS O 379 16.22 -8.47 100.96
N ARG O 380 15.70 -9.68 100.84
CA ARG O 380 15.51 -10.51 102.02
C ARG O 380 16.76 -11.33 102.36
N TRP O 381 17.35 -12.04 101.40
CA TRP O 381 18.56 -12.81 101.68
C TRP O 381 19.76 -11.89 101.87
N TRP O 382 20.02 -10.99 100.93
CA TRP O 382 21.25 -10.22 101.07
C TRP O 382 20.96 -8.73 100.90
N PRO O 383 20.52 -8.06 101.96
CA PRO O 383 20.32 -6.61 101.92
C PRO O 383 21.57 -5.84 101.51
N PRO O 384 22.81 -6.30 101.88
CA PRO O 384 24.00 -5.55 101.46
C PRO O 384 24.12 -5.35 99.95
N LEU O 385 23.57 -6.26 99.16
CA LEU O 385 23.54 -6.11 97.71
C LEU O 385 22.50 -5.07 97.30
N ARG O 386 22.96 -4.02 96.64
CA ARG O 386 22.08 -3.01 96.09
C ARG O 386 21.53 -3.52 94.76
N VAL O 387 20.40 -2.97 94.31
CA VAL O 387 19.73 -3.51 93.13
C VAL O 387 19.02 -2.38 92.37
N VAL O 388 19.01 -2.47 91.05
CA VAL O 388 18.39 -1.44 90.22
C VAL O 388 17.75 -2.09 88.99
N ILE O 389 16.42 -2.01 88.90
CA ILE O 389 15.70 -2.56 87.76
C ILE O 389 15.78 -1.56 86.62
N LEU O 390 15.61 -2.03 85.38
CA LEU O 390 15.73 -1.19 84.19
C LEU O 390 14.34 -0.66 83.85
N HIS O 391 13.93 0.40 84.54
CA HIS O 391 12.66 1.07 84.30
C HIS O 391 12.81 2.55 84.64
N ALA O 392 11.69 3.26 84.81
CA ALA O 392 11.76 4.67 85.20
C ALA O 392 12.48 4.84 86.52
N ILE O 393 12.42 3.84 87.40
CA ILE O 393 13.19 3.83 88.64
C ILE O 393 13.84 2.46 88.78
N GLY O 394 14.60 2.27 89.85
CA GLY O 394 15.29 1.01 90.05
C GLY O 394 14.97 0.31 91.36
N GLU O 431 14.68 11.69 78.86
CA GLU O 431 15.59 10.58 78.61
C GLU O 431 16.81 10.70 79.52
N SER O 432 16.99 11.88 80.11
CA SER O 432 18.13 12.13 80.98
C SER O 432 18.00 11.37 82.29
N ARG O 433 16.76 11.12 82.72
CA ARG O 433 16.52 10.52 84.04
C ARG O 433 17.27 9.19 84.17
N VAL O 434 17.22 8.36 83.13
CA VAL O 434 17.99 7.13 83.14
C VAL O 434 19.49 7.39 83.14
N LYS O 435 19.94 8.55 82.67
CA LYS O 435 21.35 8.91 82.74
C LYS O 435 21.79 9.31 84.14
N GLU O 436 20.97 10.07 84.88
CA GLU O 436 21.26 10.23 86.30
C GLU O 436 21.15 8.91 87.06
N LEU O 437 20.30 7.99 86.59
CA LEU O 437 20.31 6.64 87.14
C LEU O 437 21.64 5.96 86.86
N ILE O 438 22.21 6.19 85.68
CA ILE O 438 23.51 5.63 85.32
C ILE O 438 24.60 6.21 86.22
N ASP O 439 24.47 7.48 86.61
CA ASP O 439 25.42 8.07 87.53
C ASP O 439 25.47 7.25 88.83
N SER O 440 26.63 6.67 89.10
CA SER O 440 26.85 5.83 90.28
C SER O 440 25.91 4.62 90.29
N VAL O 441 25.77 3.95 89.15
CA VAL O 441 25.05 2.68 89.09
C VAL O 441 26.09 1.57 88.95
N PHE O 442 27.35 1.98 88.75
CA PHE O 442 28.44 1.03 88.59
C PHE O 442 29.28 0.96 89.85
N THR O 443 29.48 2.10 90.50
CA THR O 443 30.21 2.14 91.77
C THR O 443 29.24 1.90 92.92
N ARG O 444 28.21 2.74 93.03
CA ARG O 444 27.21 2.57 94.07
C ARG O 444 26.29 1.40 93.76
N GLY O 445 25.75 1.37 92.54
CA GLY O 445 24.91 0.26 92.10
C GLY O 445 25.68 -1.05 92.01
N HIS O 446 25.09 -2.11 92.55
CA HIS O 446 25.75 -3.42 92.57
C HIS O 446 25.18 -4.35 91.50
N VAL O 447 23.87 -4.54 91.52
CA VAL O 447 23.18 -5.46 90.61
C VAL O 447 22.12 -4.70 89.84
N ILE O 448 22.10 -4.88 88.52
CA ILE O 448 21.11 -4.25 87.65
C ILE O 448 20.16 -5.33 87.13
N ILE O 449 18.87 -5.05 87.23
CA ILE O 449 17.83 -5.98 86.77
C ILE O 449 17.25 -5.48 85.46
N THR O 450 16.91 -6.40 84.56
CA THR O 450 16.38 -6.02 83.26
C THR O 450 15.30 -7.03 82.84
N THR O 451 14.19 -6.50 82.35
CA THR O 451 13.19 -7.33 81.69
C THR O 451 13.68 -7.68 80.30
N TYR O 452 13.38 -8.91 79.85
CA TYR O 452 13.89 -9.28 78.54
C TYR O 452 12.96 -8.76 77.45
N VAL O 453 12.53 -7.51 77.58
CA VAL O 453 11.97 -6.72 76.49
C VAL O 453 12.55 -5.31 76.62
N GLY O 454 13.13 -5.02 77.78
CA GLY O 454 13.49 -3.66 78.15
C GLY O 454 14.91 -3.25 77.82
N LEU O 455 15.75 -4.21 77.44
CA LEU O 455 17.13 -3.88 77.11
C LEU O 455 17.20 -2.90 75.95
N ARG O 456 16.39 -3.14 74.91
CA ARG O 456 16.31 -2.23 73.77
C ARG O 456 15.33 -1.09 74.07
N ILE O 457 15.53 -0.48 75.23
CA ILE O 457 14.90 0.79 75.56
C ILE O 457 15.99 1.73 76.04
N TYR O 458 17.07 1.15 76.57
CA TYR O 458 18.18 1.91 77.15
C TYR O 458 19.52 1.29 76.80
N SER O 459 19.56 0.46 75.75
CA SER O 459 20.78 -0.27 75.43
C SER O 459 21.92 0.64 75.02
N LYS O 460 21.62 1.89 74.64
CA LYS O 460 22.63 2.84 74.21
C LYS O 460 23.70 3.06 75.27
N HIS O 461 23.32 3.01 76.55
CA HIS O 461 24.22 3.27 77.66
C HIS O 461 24.36 2.08 78.60
N LEU O 462 24.13 0.86 78.10
CA LEU O 462 24.28 -0.35 78.90
C LEU O 462 25.33 -1.28 78.29
N LEU O 463 25.27 -1.52 76.98
CA LEU O 463 26.15 -2.50 76.35
C LEU O 463 27.55 -1.95 76.16
N LYS O 464 27.76 -0.67 76.45
CA LYS O 464 29.05 -0.03 76.21
C LYS O 464 30.07 -0.38 77.30
N ARG O 465 29.75 -0.04 78.55
CA ARG O 465 30.68 -0.27 79.65
C ARG O 465 30.83 -1.75 79.96
N ASP O 466 31.93 -2.12 80.62
CA ASP O 466 32.21 -3.51 80.96
C ASP O 466 31.25 -4.01 82.03
N TRP O 467 31.17 -5.34 82.20
CA TRP O 467 30.26 -5.95 83.15
C TRP O 467 30.94 -7.16 83.78
N GLY O 468 30.38 -7.61 84.91
CA GLY O 468 30.95 -8.73 85.63
C GLY O 468 30.21 -10.04 85.43
N TYR O 469 29.40 -10.42 86.40
CA TYR O 469 28.65 -11.66 86.38
C TYR O 469 27.32 -11.43 85.67
N ALA O 470 26.93 -12.38 84.83
CA ALA O 470 25.75 -12.22 83.99
C ALA O 470 24.79 -13.38 84.20
N ILE O 471 23.54 -13.05 84.51
CA ILE O 471 22.48 -14.02 84.74
C ILE O 471 21.32 -13.71 83.80
N LEU O 472 20.82 -14.76 83.13
CA LEU O 472 19.63 -14.63 82.30
C LEU O 472 18.67 -15.75 82.66
N ASP O 473 17.49 -15.39 83.18
CA ASP O 473 16.48 -16.35 83.60
C ASP O 473 15.53 -16.58 82.43
N GLU O 474 16.07 -16.99 81.29
CA GLU O 474 15.25 -17.20 80.10
C GLU O 474 15.93 -18.15 79.13
N GLY O 475 15.47 -19.40 79.09
CA GLY O 475 16.07 -20.39 78.20
C GLY O 475 15.18 -20.84 77.06
N HIS O 476 14.05 -20.15 76.86
CA HIS O 476 13.16 -20.47 75.76
C HIS O 476 12.91 -19.24 74.89
N LYS O 477 13.50 -18.11 75.27
CA LYS O 477 13.51 -16.92 74.45
C LYS O 477 14.93 -16.61 73.96
N ILE O 478 15.72 -17.66 73.77
CA ILE O 478 17.00 -17.57 73.08
C ILE O 478 16.98 -18.55 71.92
N ARG O 479 16.67 -19.81 72.23
CA ARG O 479 16.49 -20.87 71.23
C ARG O 479 17.62 -20.92 70.22
N ASN O 480 17.27 -20.84 68.95
CA ASN O 480 18.18 -20.89 67.82
C ASN O 480 18.76 -19.52 67.53
N PRO O 481 19.87 -19.44 66.79
CA PRO O 481 20.49 -18.13 66.52
C PRO O 481 19.71 -17.30 65.52
N ASN O 482 20.32 -16.20 65.06
CA ASN O 482 19.78 -15.34 64.02
C ASN O 482 18.44 -14.71 64.43
N SER O 483 18.47 -13.92 65.49
CA SER O 483 17.28 -13.20 65.96
C SER O 483 17.69 -11.96 66.75
N ASP O 484 16.72 -11.18 67.21
CA ASP O 484 17.01 -10.00 68.03
C ASP O 484 17.63 -10.43 69.34
N ILE O 485 17.47 -11.70 69.69
CA ILE O 485 18.10 -12.30 70.86
C ILE O 485 19.60 -12.07 70.80
N SER O 486 20.24 -12.60 69.76
CA SER O 486 21.68 -12.45 69.59
C SER O 486 22.06 -10.98 69.44
N LEU O 487 21.18 -10.19 68.83
CA LEU O 487 21.43 -8.77 68.62
C LEU O 487 21.59 -8.02 69.94
N THR O 488 20.71 -8.31 70.90
CA THR O 488 20.82 -7.71 72.24
C THR O 488 20.91 -8.83 73.27
N CYS O 489 22.15 -9.33 73.47
CA CYS O 489 22.47 -10.36 74.46
C CYS O 489 23.93 -10.76 74.33
N LYS O 490 24.29 -11.35 73.19
CA LYS O 490 25.60 -11.95 72.99
C LYS O 490 26.68 -10.91 72.68
N GLN O 491 26.30 -9.63 72.70
CA GLN O 491 27.25 -8.54 72.56
C GLN O 491 27.76 -8.06 73.92
N LEU O 492 27.31 -8.69 75.00
CA LEU O 492 27.80 -8.39 76.33
C LEU O 492 29.28 -8.78 76.44
N ARG O 493 30.01 -8.05 77.30
CA ARG O 493 31.45 -8.21 77.43
C ARG O 493 31.75 -8.79 78.83
N THR O 494 31.67 -10.11 78.95
CA THR O 494 32.03 -10.82 80.17
C THR O 494 32.10 -12.32 79.92
N PRO O 495 33.15 -13.00 80.39
CA PRO O 495 33.15 -14.47 80.35
C PRO O 495 32.01 -15.07 81.18
N ASN O 496 31.75 -14.50 82.35
CA ASN O 496 30.71 -15.02 83.24
C ASN O 496 29.34 -14.89 82.60
N ARG O 497 28.73 -16.02 82.24
CA ARG O 497 27.46 -16.06 81.51
C ARG O 497 26.71 -17.29 82.00
N VAL O 498 25.59 -17.09 82.68
CA VAL O 498 24.81 -18.19 83.24
C VAL O 498 23.35 -18.02 82.86
N ILE O 499 22.73 -19.11 82.39
CA ILE O 499 21.32 -19.14 82.02
C ILE O 499 20.58 -20.05 83.00
N LEU O 500 19.42 -19.59 83.46
CA LEU O 500 18.63 -20.28 84.46
C LEU O 500 17.34 -20.78 83.82
N SER O 501 17.38 -21.99 83.26
CA SER O 501 16.19 -22.57 82.65
C SER O 501 16.34 -24.08 82.48
N GLY O 502 15.37 -24.84 82.98
CA GLY O 502 15.43 -26.28 82.91
C GLY O 502 14.92 -26.88 81.61
N THR O 503 14.47 -26.02 80.69
CA THR O 503 13.99 -26.50 79.39
C THR O 503 14.69 -25.75 78.26
N PRO O 504 16.01 -25.95 78.07
CA PRO O 504 16.69 -25.27 76.97
C PRO O 504 16.53 -25.98 75.64
N ILE O 505 16.38 -27.30 75.69
CA ILE O 505 16.34 -28.14 74.49
C ILE O 505 14.94 -28.68 74.31
N GLN O 506 14.19 -28.09 73.38
CA GLN O 506 12.83 -28.53 73.13
C GLN O 506 12.51 -28.65 71.64
N ASN O 507 13.30 -27.98 70.79
CA ASN O 507 13.02 -27.97 69.36
C ASN O 507 14.11 -28.73 68.63
N ASN O 508 15.39 -28.34 68.76
CA ASN O 508 16.46 -28.93 67.97
C ASN O 508 17.81 -28.54 68.56
N LEU O 509 18.86 -29.23 68.11
CA LEU O 509 20.21 -28.98 68.62
C LEU O 509 20.78 -27.64 68.16
N THR O 510 20.15 -26.99 67.18
CA THR O 510 20.56 -25.64 66.81
C THR O 510 20.35 -24.69 67.99
N GLU O 511 19.24 -24.86 68.70
CA GLU O 511 19.02 -24.11 69.94
C GLU O 511 20.10 -24.42 70.96
N LEU O 512 20.55 -25.68 71.00
CA LEU O 512 21.63 -26.07 71.90
C LEU O 512 22.91 -25.31 71.57
N TRP O 513 23.24 -25.23 70.27
CA TRP O 513 24.44 -24.52 69.86
C TRP O 513 24.34 -23.03 70.20
N SER O 514 23.17 -22.43 69.93
CA SER O 514 22.99 -21.01 70.22
C SER O 514 23.00 -20.72 71.71
N LEU O 515 22.55 -21.65 72.54
CA LEU O 515 22.59 -21.46 73.99
C LEU O 515 24.00 -21.67 74.51
N PHE O 516 24.76 -22.57 73.88
CA PHE O 516 26.15 -22.79 74.27
C PHE O 516 27.02 -21.59 73.86
N ASP O 517 26.63 -20.90 72.80
CA ASP O 517 27.36 -19.72 72.34
C ASP O 517 27.38 -18.62 73.39
N PHE O 518 26.23 -18.39 74.03
CA PHE O 518 26.13 -17.33 75.02
C PHE O 518 27.04 -17.57 76.22
N ILE O 519 27.13 -18.80 76.71
CA ILE O 519 27.96 -19.10 77.86
C ILE O 519 29.42 -19.18 77.44
N PHE O 520 29.75 -20.04 76.48
CA PHE O 520 31.14 -20.28 76.09
C PHE O 520 31.41 -19.71 74.71
N PRO O 521 32.64 -19.27 74.42
CA PRO O 521 32.94 -18.70 73.10
C PRO O 521 33.06 -19.71 71.98
N GLY O 522 32.54 -20.93 72.14
CA GLY O 522 32.60 -21.88 71.04
C GLY O 522 33.55 -23.05 71.16
N ARG O 523 33.56 -23.72 72.33
CA ARG O 523 34.39 -24.91 72.55
C ARG O 523 34.10 -26.01 71.54
N LEU O 524 33.02 -25.87 70.77
CA LEU O 524 32.66 -26.88 69.78
C LEU O 524 33.06 -26.45 68.38
N GLY O 525 32.61 -25.26 67.98
CA GLY O 525 32.92 -24.77 66.65
C GLY O 525 31.86 -23.81 66.17
N THR O 526 31.99 -23.40 64.91
CA THR O 526 31.02 -22.50 64.31
C THR O 526 29.73 -23.24 63.98
N LEU O 527 28.70 -22.46 63.62
CA LEU O 527 27.40 -23.00 63.25
C LEU O 527 27.54 -23.98 62.08
N PRO O 528 28.23 -23.62 60.99
CA PRO O 528 28.49 -24.64 59.96
C PRO O 528 29.23 -25.86 60.49
N VAL O 529 30.20 -25.65 61.37
CA VAL O 529 30.96 -26.75 61.98
C VAL O 529 30.03 -27.58 62.85
N PHE O 530 29.22 -26.90 63.67
CA PHE O 530 28.31 -27.58 64.58
C PHE O 530 27.34 -28.46 63.81
N GLN O 531 26.83 -27.94 62.69
CA GLN O 531 25.93 -28.72 61.86
C GLN O 531 26.65 -29.88 61.21
N ASN O 532 27.69 -29.60 60.41
CA ASN O 532 28.35 -30.63 59.62
C ASN O 532 28.97 -31.72 60.48
N GLN O 533 29.19 -31.43 61.78
CA GLN O 533 29.73 -32.45 62.66
C GLN O 533 28.74 -33.59 62.89
N PHE O 534 27.56 -33.29 63.44
CA PHE O 534 26.65 -34.36 63.84
C PHE O 534 25.17 -34.10 63.63
N ALA O 535 24.79 -33.02 62.92
CA ALA O 535 23.38 -32.69 62.76
C ALA O 535 22.62 -33.80 62.04
N ILE O 536 23.01 -34.08 60.80
CA ILE O 536 22.36 -35.13 59.99
C ILE O 536 22.50 -36.50 60.63
N PRO O 537 23.72 -36.94 61.06
CA PRO O 537 23.86 -38.32 61.57
C PRO O 537 22.94 -38.66 62.73
N ILE O 538 22.71 -37.71 63.63
CA ILE O 538 21.81 -37.93 64.76
C ILE O 538 20.39 -38.14 64.25
N ASN O 539 19.96 -37.29 63.31
CA ASN O 539 18.61 -37.37 62.76
C ASN O 539 18.37 -38.68 62.03
N VAL O 540 19.25 -39.02 61.09
CA VAL O 540 19.10 -40.24 60.31
C VAL O 540 19.34 -41.46 61.20
N GLY O 541 20.24 -41.33 62.16
CA GLY O 541 20.53 -42.42 63.07
C GLY O 541 20.76 -41.96 64.50
N ASN O 548 23.14 -50.97 60.74
CA ASN O 548 23.54 -49.78 61.47
C ASN O 548 23.87 -48.63 60.52
N LEU O 549 25.17 -48.45 60.26
CA LEU O 549 25.71 -47.47 59.32
C LEU O 549 25.62 -46.06 59.88
N GLN O 550 24.91 -45.86 60.99
CA GLN O 550 24.86 -44.57 61.63
C GLN O 550 25.23 -44.64 63.11
N VAL O 551 24.75 -45.67 63.81
CA VAL O 551 24.73 -45.72 65.26
C VAL O 551 26.10 -45.52 65.90
N GLN O 552 27.04 -46.43 65.61
CA GLN O 552 28.31 -46.47 66.34
C GLN O 552 29.14 -45.21 66.13
N VAL O 553 29.35 -44.83 64.88
CA VAL O 553 30.09 -43.61 64.56
C VAL O 553 29.31 -42.44 65.15
N GLY O 554 28.00 -42.46 64.98
CA GLY O 554 27.14 -41.48 65.60
C GLY O 554 27.20 -41.52 67.12
N TYR O 555 27.30 -42.73 67.68
CA TYR O 555 27.41 -42.90 69.12
C TYR O 555 28.64 -42.15 69.65
N LYS O 556 29.78 -42.36 69.00
CA LYS O 556 31.01 -41.69 69.45
C LYS O 556 30.95 -40.19 69.19
N CYS O 557 30.46 -39.79 68.01
CA CYS O 557 30.37 -38.38 67.69
C CYS O 557 29.42 -37.63 68.61
N ALA O 558 28.44 -38.33 69.19
CA ALA O 558 27.52 -37.75 70.15
C ALA O 558 28.05 -37.77 71.58
N VAL O 559 28.74 -38.84 71.99
CA VAL O 559 29.31 -38.86 73.33
C VAL O 559 30.42 -37.83 73.44
N THR O 560 31.12 -37.54 72.33
CA THR O 560 32.10 -36.46 72.33
C THR O 560 31.42 -35.13 72.65
N LEU O 561 30.28 -34.86 72.00
CA LEU O 561 29.51 -33.66 72.29
C LEU O 561 29.03 -33.62 73.74
N LYS O 562 28.57 -34.77 74.24
CA LYS O 562 28.07 -34.87 75.60
C LYS O 562 29.15 -34.54 76.60
N ASP O 563 30.36 -35.06 76.39
CA ASP O 563 31.50 -34.71 77.24
C ASP O 563 31.99 -33.28 77.03
N LEU O 564 31.78 -32.72 75.83
CA LEU O 564 32.21 -31.36 75.56
C LEU O 564 31.31 -30.30 76.19
N ILE O 565 30.01 -30.56 76.31
CA ILE O 565 29.07 -29.55 76.79
C ILE O 565 28.52 -29.91 78.16
N SER O 566 28.75 -31.14 78.61
CA SER O 566 28.20 -31.60 79.87
C SER O 566 28.71 -30.76 81.05
N PRO O 567 30.00 -30.44 81.14
CA PRO O 567 30.43 -29.50 82.19
C PRO O 567 30.18 -28.06 81.78
N TYR O 568 29.02 -27.81 81.18
CA TYR O 568 28.61 -26.44 80.86
C TYR O 568 27.12 -26.24 81.06
N LEU O 569 26.39 -27.25 81.55
CA LEU O 569 24.98 -27.12 81.88
C LEU O 569 24.61 -28.27 82.80
N LEU O 570 24.07 -27.92 83.96
CA LEU O 570 23.70 -28.92 84.96
C LEU O 570 22.44 -29.64 84.51
N ARG O 571 22.23 -30.84 85.05
CA ARG O 571 21.06 -31.64 84.69
C ARG O 571 20.51 -32.38 85.90
N ARG O 572 19.26 -32.08 86.26
CA ARG O 572 18.61 -32.71 87.40
C ARG O 572 17.12 -32.84 87.07
N VAL O 573 16.51 -33.91 87.56
CA VAL O 573 15.10 -34.16 87.33
C VAL O 573 14.29 -33.88 88.58
N PRO O 582 1.57 -37.09 92.68
CA PRO O 582 1.03 -38.45 92.66
C PRO O 582 1.33 -39.16 91.34
N LYS O 583 0.40 -40.00 90.89
CA LYS O 583 0.56 -40.70 89.62
C LYS O 583 -0.15 -39.92 88.52
N LYS O 584 -0.07 -40.41 87.29
CA LYS O 584 -0.73 -39.76 86.16
C LYS O 584 -1.27 -40.83 85.23
N SER O 585 -2.45 -40.57 84.68
CA SER O 585 -3.09 -41.44 83.71
C SER O 585 -3.22 -40.70 82.38
N GLU O 586 -2.71 -41.33 81.31
CA GLU O 586 -2.71 -40.69 80.00
C GLU O 586 -3.62 -41.50 79.08
N MET O 587 -4.90 -41.15 79.06
CA MET O 587 -5.86 -41.75 78.15
C MET O 587 -6.07 -40.87 76.95
N VAL O 588 -5.82 -41.41 75.77
CA VAL O 588 -5.94 -40.70 74.50
C VAL O 588 -7.10 -41.31 73.74
N LEU O 589 -8.10 -40.49 73.41
CA LEU O 589 -9.26 -40.95 72.68
C LEU O 589 -9.09 -40.57 71.21
N PHE O 590 -9.39 -41.53 70.33
CA PHE O 590 -9.25 -41.37 68.88
C PHE O 590 -10.64 -41.29 68.28
N CYS O 591 -11.18 -40.08 68.24
CA CYS O 591 -12.48 -39.85 67.62
C CYS O 591 -12.33 -39.69 66.11
N LYS O 592 -13.45 -39.83 65.40
CA LYS O 592 -13.45 -39.80 63.95
C LYS O 592 -14.01 -38.48 63.42
N LEU O 593 -13.67 -38.17 62.19
CA LEU O 593 -14.27 -37.02 61.51
C LEU O 593 -15.72 -37.33 61.15
N THR O 594 -16.61 -36.40 61.47
CA THR O 594 -18.02 -36.58 61.12
C THR O 594 -18.22 -36.44 59.62
N ALA O 595 -19.39 -36.84 59.15
CA ALA O 595 -19.70 -36.71 57.72
C ALA O 595 -19.65 -35.26 57.25
N PRO O 596 -20.27 -34.27 57.93
CA PRO O 596 -20.07 -32.88 57.52
C PRO O 596 -18.62 -32.45 57.62
N GLN O 597 -17.90 -32.97 58.60
CA GLN O 597 -16.46 -32.77 58.71
C GLN O 597 -15.68 -33.42 57.58
N HIS O 598 -16.03 -34.65 57.20
CA HIS O 598 -15.33 -35.30 56.10
C HIS O 598 -15.59 -34.58 54.78
N ALA O 599 -16.80 -34.04 54.60
CA ALA O 599 -17.10 -33.28 53.39
C ALA O 599 -16.25 -32.03 53.28
N LEU O 600 -16.17 -31.26 54.38
CA LEU O 600 -15.38 -30.03 54.38
C LEU O 600 -13.88 -30.36 54.34
N TYR O 601 -13.52 -31.56 54.78
CA TYR O 601 -12.14 -32.02 54.73
C TYR O 601 -11.72 -32.34 53.30
N GLU O 602 -12.58 -33.05 52.57
CA GLU O 602 -12.27 -33.37 51.18
C GLU O 602 -12.36 -32.14 50.29
N LYS O 603 -13.30 -31.24 50.57
CA LYS O 603 -13.44 -30.02 49.79
C LYS O 603 -12.18 -29.18 49.85
N PHE O 604 -11.67 -28.94 51.06
CA PHE O 604 -10.43 -28.20 51.22
C PHE O 604 -9.24 -29.03 50.74
N LEU O 605 -9.35 -30.35 50.83
CA LEU O 605 -8.28 -31.26 50.44
C LEU O 605 -7.96 -31.12 48.96
N ARG O 606 -8.99 -30.99 48.12
CA ARG O 606 -8.84 -30.88 46.67
C ARG O 606 -9.23 -29.45 46.27
N SER O 607 -8.24 -28.55 46.30
CA SER O 607 -8.46 -27.15 45.99
C SER O 607 -7.13 -26.56 45.51
N ASP O 608 -7.22 -25.41 44.84
CA ASP O 608 -6.05 -24.79 44.24
C ASP O 608 -5.11 -24.22 45.30
N GLU O 609 -5.66 -23.74 46.41
CA GLU O 609 -4.89 -23.05 47.43
C GLU O 609 -3.81 -23.93 48.04
N LEU O 610 -4.11 -25.22 48.24
CA LEU O 610 -3.12 -26.13 48.82
C LEU O 610 -1.92 -26.30 47.90
N SER O 611 -2.15 -26.52 46.61
CA SER O 611 -1.06 -26.64 45.66
C SER O 611 -0.28 -25.33 45.55
N ARG O 612 -1.00 -24.22 45.58
CA ARG O 612 -0.39 -22.89 45.54
C ARG O 612 0.52 -22.66 46.74
N ILE O 613 0.11 -23.18 47.90
CA ILE O 613 0.96 -23.11 49.09
C ILE O 613 2.18 -24.01 48.92
N LEU O 614 1.97 -25.22 48.41
CA LEU O 614 3.05 -26.19 48.25
C LEU O 614 4.14 -25.69 47.33
N GLN O 615 3.77 -25.10 46.20
CA GLN O 615 4.78 -24.70 45.21
C GLN O 615 5.69 -23.60 45.74
N GLY O 616 5.18 -22.70 46.58
CA GLY O 616 6.06 -21.78 47.27
C GLY O 616 5.59 -20.34 47.47
N LYS O 617 4.52 -19.93 46.80
CA LYS O 617 4.07 -18.55 46.93
C LYS O 617 3.56 -18.25 48.34
N ARG O 618 3.14 -19.29 49.07
CA ARG O 618 2.68 -19.13 50.45
C ARG O 618 3.39 -20.16 51.32
N GLN O 619 3.06 -20.15 52.61
CA GLN O 619 3.69 -21.02 53.59
C GLN O 619 2.71 -22.09 54.05
N VAL O 620 3.27 -23.24 54.42
CA VAL O 620 2.45 -24.36 54.90
C VAL O 620 1.83 -24.06 56.26
N LEU O 621 2.36 -23.07 56.98
CA LEU O 621 1.82 -22.64 58.27
C LEU O 621 0.40 -22.11 58.18
N TYR O 622 -0.04 -21.68 57.00
CA TYR O 622 -1.39 -21.14 56.82
C TYR O 622 -2.32 -22.18 56.23
N GLY O 623 -1.82 -23.38 55.93
CA GLY O 623 -2.65 -24.44 55.41
C GLY O 623 -2.87 -25.55 56.42
N ILE O 624 -2.01 -25.60 57.44
CA ILE O 624 -2.22 -26.52 58.55
C ILE O 624 -2.94 -25.85 59.72
N ASP O 625 -2.99 -24.52 59.75
CA ASP O 625 -3.81 -23.79 60.70
C ASP O 625 -5.30 -23.83 60.33
N ILE O 626 -5.62 -23.95 59.04
CA ILE O 626 -6.99 -24.02 58.58
C ILE O 626 -7.53 -25.44 58.58
N LEU O 627 -6.66 -26.45 58.43
CA LEU O 627 -7.07 -27.84 58.57
C LEU O 627 -7.13 -28.29 60.02
N ARG O 628 -6.53 -27.53 60.94
CA ARG O 628 -6.82 -27.67 62.36
C ARG O 628 -8.04 -26.85 62.76
N LYS O 629 -8.34 -25.80 62.00
CA LYS O 629 -9.52 -24.97 62.17
C LYS O 629 -10.81 -25.74 61.96
N ILE O 630 -10.76 -26.81 61.15
CA ILE O 630 -11.92 -27.63 60.84
C ILE O 630 -12.04 -28.82 61.79
N CYS O 631 -10.90 -29.28 62.32
CA CYS O 631 -10.91 -30.39 63.26
C CYS O 631 -11.47 -30.00 64.62
N ASN O 632 -11.22 -28.77 65.07
CA ASN O 632 -11.78 -28.29 66.32
C ASN O 632 -13.29 -28.34 66.26
N HIS O 633 -13.85 -27.84 65.14
CA HIS O 633 -15.25 -27.94 64.80
C HIS O 633 -15.48 -27.37 63.41
N PRO O 634 -16.51 -27.82 62.68
CA PRO O 634 -16.74 -27.32 61.32
C PRO O 634 -16.95 -25.82 61.22
N ASP O 635 -17.56 -25.22 62.25
CA ASP O 635 -18.05 -23.85 62.14
C ASP O 635 -16.96 -22.80 62.35
N LEU O 636 -15.69 -23.19 62.26
CA LEU O 636 -14.61 -22.25 62.45
C LEU O 636 -13.90 -21.87 61.15
N VAL O 637 -14.28 -22.48 60.03
CA VAL O 637 -13.66 -22.16 58.74
C VAL O 637 -14.57 -21.20 57.99
N ASP O 638 -15.48 -20.56 58.70
CA ASP O 638 -16.43 -19.62 58.11
C ASP O 638 -15.79 -18.26 57.96
N VAL O 639 -16.22 -17.52 56.94
CA VAL O 639 -15.64 -16.23 56.61
C VAL O 639 -16.23 -15.16 57.52
N HIS O 640 -17.41 -15.43 58.08
CA HIS O 640 -18.07 -14.51 58.99
C HIS O 640 -17.78 -14.80 60.45
N ALA O 641 -16.60 -15.34 60.78
CA ALA O 641 -16.28 -15.80 62.12
C ALA O 641 -16.53 -14.72 63.17
N LYS O 642 -15.96 -13.53 62.98
CA LYS O 642 -16.14 -12.46 63.95
C LYS O 642 -17.57 -11.94 63.95
N ARG O 643 -18.26 -12.02 62.82
CA ARG O 643 -19.59 -11.44 62.68
C ARG O 643 -20.67 -12.29 63.35
N ARG O 644 -20.35 -13.51 63.78
CA ARG O 644 -21.33 -14.39 64.40
C ARG O 644 -20.75 -15.14 65.59
N SER O 645 -19.57 -14.75 66.06
CA SER O 645 -18.92 -15.43 67.18
C SER O 645 -19.68 -15.30 68.49
N LYS O 646 -20.23 -14.12 68.78
CA LYS O 646 -20.81 -13.83 70.10
C LYS O 646 -22.16 -13.14 69.95
N LYS O 647 -22.73 -13.22 68.74
CA LYS O 647 -24.01 -12.58 68.48
C LYS O 647 -24.92 -13.48 67.66
N ASP O 648 -24.52 -14.74 67.48
CA ASP O 648 -25.33 -15.74 66.76
C ASP O 648 -25.31 -17.03 67.57
N PRO O 649 -26.37 -17.30 68.34
CA PRO O 649 -26.38 -18.50 69.18
C PRO O 649 -26.68 -19.77 68.42
N THR O 650 -26.00 -19.96 67.29
CA THR O 650 -26.03 -21.22 66.56
C THR O 650 -24.63 -21.50 66.01
N TYR O 651 -23.73 -20.54 66.22
CA TYR O 651 -22.36 -20.61 65.74
C TYR O 651 -21.63 -21.77 66.40
N GLY O 652 -21.84 -21.94 67.71
CA GLY O 652 -21.22 -23.03 68.45
C GLY O 652 -21.73 -24.40 68.08
N SER O 653 -22.99 -24.68 68.44
CA SER O 653 -23.63 -25.96 68.17
C SER O 653 -22.92 -27.11 68.88
N ALA O 654 -23.35 -28.34 68.63
CA ALA O 654 -22.78 -29.50 69.29
C ALA O 654 -22.85 -30.70 68.37
N SER O 655 -22.02 -31.70 68.67
CA SER O 655 -22.01 -33.00 68.00
C SER O 655 -21.54 -32.90 66.56
N LYS O 656 -21.23 -31.69 66.09
CA LYS O 656 -20.74 -31.48 64.74
C LYS O 656 -19.22 -31.53 64.72
N SER O 657 -18.60 -31.23 65.86
CA SER O 657 -17.15 -31.18 65.97
C SER O 657 -16.49 -32.56 66.02
N GLY O 658 -17.27 -33.62 66.26
CA GLY O 658 -16.71 -34.92 66.48
C GLY O 658 -16.08 -35.11 67.84
N LYS O 659 -16.09 -34.07 68.68
CA LYS O 659 -15.50 -34.13 70.01
C LYS O 659 -16.43 -33.65 71.12
N MET O 660 -17.56 -33.00 70.80
CA MET O 660 -18.54 -32.62 71.81
C MET O 660 -19.04 -33.79 72.64
N GLN O 661 -19.35 -34.93 72.01
CA GLN O 661 -19.87 -36.07 72.76
C GLN O 661 -18.85 -36.59 73.77
N VAL O 662 -17.58 -36.70 73.38
CA VAL O 662 -16.53 -37.11 74.31
C VAL O 662 -16.10 -35.93 75.15
N VAL O 663 -16.72 -34.77 74.93
CA VAL O 663 -16.62 -33.63 75.84
C VAL O 663 -17.81 -33.58 76.78
N LYS O 664 -19.03 -33.66 76.23
CA LYS O 664 -20.22 -33.66 77.08
C LYS O 664 -20.18 -34.79 78.09
N LYS O 665 -19.98 -36.02 77.62
CA LYS O 665 -19.96 -37.18 78.50
C LYS O 665 -18.83 -37.08 79.53
N LEU O 666 -17.62 -36.77 79.07
CA LEU O 666 -16.47 -36.78 79.94
C LEU O 666 -16.54 -35.68 80.99
N LEU O 667 -17.08 -34.52 80.63
CA LEU O 667 -17.18 -33.41 81.59
C LEU O 667 -18.36 -33.61 82.54
N GLU O 668 -19.44 -34.23 82.06
CA GLU O 668 -20.58 -34.48 82.94
C GLU O 668 -20.31 -35.65 83.88
N LEU O 669 -19.35 -36.51 83.55
CA LEU O 669 -18.97 -37.58 84.45
C LEU O 669 -18.21 -37.02 85.66
N TRP O 670 -17.79 -35.76 85.59
CA TRP O 670 -17.11 -35.12 86.71
C TRP O 670 -17.96 -34.01 87.30
N LYS O 671 -18.93 -33.51 86.52
CA LYS O 671 -19.79 -32.44 87.00
C LYS O 671 -20.59 -32.89 88.21
N SER O 672 -21.23 -34.05 88.13
CA SER O 672 -21.91 -34.64 89.27
C SER O 672 -20.94 -35.32 90.24
N GLN O 673 -19.74 -35.65 89.78
CA GLN O 673 -18.75 -36.30 90.62
C GLN O 673 -17.93 -35.26 91.40
N GLY O 674 -18.07 -34.00 91.03
CA GLY O 674 -17.36 -32.93 91.71
C GLY O 674 -15.86 -33.00 91.57
N HIS O 675 -15.37 -33.02 90.32
CA HIS O 675 -13.92 -33.12 90.04
C HIS O 675 -13.50 -31.86 89.30
N LYS O 676 -12.74 -31.00 89.99
CA LYS O 676 -12.17 -29.81 89.37
C LYS O 676 -11.26 -30.19 88.21
N THR O 677 -11.69 -29.86 87.00
CA THR O 677 -11.00 -30.31 85.80
C THR O 677 -10.54 -29.12 84.97
N LEU O 678 -9.54 -29.38 84.12
CA LEU O 678 -8.93 -28.36 83.29
C LEU O 678 -9.31 -28.58 81.83
N LEU O 679 -9.94 -27.58 81.22
CA LEU O 679 -10.22 -27.61 79.79
C LEU O 679 -9.14 -26.81 79.06
N PHE O 680 -8.52 -27.39 78.05
CA PHE O 680 -7.34 -26.77 77.46
C PHE O 680 -7.47 -26.56 75.96
N THR O 681 -7.20 -25.34 75.50
CA THR O 681 -7.26 -25.01 74.08
C THR O 681 -5.95 -24.34 73.70
N GLN O 682 -5.91 -23.78 72.49
CA GLN O 682 -4.77 -23.01 72.04
C GLN O 682 -5.22 -21.71 71.39
N THR O 683 -6.47 -21.67 70.92
CA THR O 683 -7.02 -20.53 70.22
C THR O 683 -8.12 -19.88 71.05
N ARG O 684 -8.20 -18.55 70.96
CA ARG O 684 -9.26 -17.82 71.65
C ARG O 684 -10.53 -17.84 70.81
N GLN O 685 -10.40 -18.24 69.54
CA GLN O 685 -11.53 -18.39 68.64
C GLN O 685 -12.38 -19.62 68.94
N MET O 686 -11.74 -20.74 69.28
CA MET O 686 -12.44 -21.93 69.72
C MET O 686 -12.98 -21.77 71.14
N LEU O 687 -12.39 -20.86 71.92
CA LEU O 687 -12.94 -20.52 73.23
C LEU O 687 -14.36 -20.00 73.10
N ASP O 688 -14.64 -19.23 72.05
CA ASP O 688 -15.99 -18.73 71.84
C ASP O 688 -16.98 -19.88 71.66
N ILE O 689 -16.58 -20.89 70.89
CA ILE O 689 -17.47 -22.03 70.65
C ILE O 689 -17.66 -22.85 71.91
N LEU O 690 -16.56 -23.18 72.60
CA LEU O 690 -16.67 -23.93 73.85
C LEU O 690 -17.33 -23.13 74.95
N GLU O 691 -17.43 -21.81 74.80
CA GLU O 691 -18.07 -20.97 75.79
C GLU O 691 -19.57 -20.87 75.52
N SER O 692 -19.96 -20.77 74.24
CA SER O 692 -21.36 -20.85 73.88
C SER O 692 -21.93 -22.23 74.24
N PHE O 693 -21.16 -23.28 73.98
CA PHE O 693 -21.55 -24.64 74.33
C PHE O 693 -21.79 -24.79 75.82
N LEU O 694 -20.89 -24.26 76.64
CA LEU O 694 -21.03 -24.40 78.07
C LEU O 694 -22.11 -23.48 78.63
N GLU O 695 -22.35 -22.32 78.02
CA GLU O 695 -23.50 -21.51 78.41
C GLU O 695 -24.81 -22.22 78.09
N ARG O 696 -24.88 -22.91 76.95
CA ARG O 696 -26.07 -23.69 76.64
C ARG O 696 -26.23 -24.86 77.62
N LEU O 697 -25.12 -25.47 78.02
CA LEU O 697 -25.15 -26.51 79.05
C LEU O 697 -25.68 -25.94 80.36
N ASN O 698 -25.23 -24.75 80.73
CA ASN O 698 -25.72 -24.04 81.91
C ASN O 698 -27.22 -23.78 81.82
N ALA O 699 -27.69 -23.34 80.66
CA ALA O 699 -29.11 -23.06 80.47
C ALA O 699 -29.92 -24.34 80.66
N LYS O 700 -29.47 -25.43 80.03
CA LYS O 700 -30.15 -26.71 80.15
C LYS O 700 -30.19 -27.17 81.61
N GLY O 701 -29.06 -27.07 82.30
CA GLY O 701 -29.01 -27.51 83.69
C GLY O 701 -29.86 -26.67 84.61
N ALA O 702 -29.86 -25.35 84.40
CA ALA O 702 -30.62 -24.45 85.26
C ALA O 702 -32.12 -24.60 85.05
N GLU O 703 -32.54 -24.82 83.81
CA GLU O 703 -33.96 -25.00 83.53
C GLU O 703 -34.52 -26.21 84.26
N GLU O 704 -33.77 -27.32 84.25
CA GLU O 704 -34.17 -28.50 85.00
C GLU O 704 -33.52 -28.46 86.39
N GLU O 705 -33.64 -29.52 87.17
CA GLU O 705 -33.30 -29.47 88.59
C GLU O 705 -32.26 -30.55 88.90
N ASP O 706 -31.89 -30.66 90.18
CA ASP O 706 -30.90 -31.63 90.63
C ASP O 706 -29.58 -31.49 89.85
N PHE O 707 -29.15 -30.25 89.63
CA PHE O 707 -27.93 -30.00 88.88
C PHE O 707 -27.19 -28.84 89.55
N VAL O 708 -26.10 -28.37 88.94
CA VAL O 708 -25.27 -27.33 89.53
C VAL O 708 -24.65 -26.52 88.39
N PRO O 709 -24.55 -25.19 88.51
CA PRO O 709 -24.00 -24.38 87.43
C PRO O 709 -22.56 -24.78 87.10
N PHE O 710 -22.27 -24.75 85.80
CA PHE O 710 -20.97 -25.17 85.28
C PHE O 710 -19.85 -24.22 85.67
N LYS O 711 -20.11 -22.91 85.70
CA LYS O 711 -19.21 -21.92 86.27
C LYS O 711 -17.82 -21.94 85.65
N PHE O 712 -17.70 -21.57 84.38
CA PHE O 712 -16.43 -21.53 83.68
C PHE O 712 -15.86 -20.11 83.70
N LEU O 713 -14.64 -19.98 83.19
CA LEU O 713 -14.00 -18.68 82.96
C LEU O 713 -12.89 -18.86 81.94
N ARG O 714 -12.59 -17.77 81.23
CA ARG O 714 -11.58 -17.79 80.18
C ARG O 714 -10.54 -16.72 80.45
N MET O 715 -9.28 -17.09 80.28
CA MET O 715 -8.14 -16.20 80.49
C MET O 715 -7.23 -16.26 79.27
N ASP O 716 -6.70 -15.10 78.90
CA ASP O 716 -5.88 -15.00 77.69
C ASP O 716 -5.08 -13.70 77.75
N GLY O 717 -4.41 -13.41 76.64
CA GLY O 717 -3.64 -12.18 76.52
C GLY O 717 -4.52 -10.94 76.47
N THR O 718 -5.80 -11.14 76.14
CA THR O 718 -6.74 -10.02 76.12
C THR O 718 -6.90 -9.40 77.50
N THR O 719 -6.88 -10.22 78.54
CA THR O 719 -6.97 -9.72 79.92
C THR O 719 -5.69 -9.00 80.31
N SER O 720 -5.62 -8.53 81.55
CA SER O 720 -4.49 -7.74 82.02
C SER O 720 -3.57 -8.59 82.89
N ILE O 721 -2.32 -8.14 83.00
CA ILE O 721 -1.35 -8.80 83.86
C ILE O 721 -1.77 -8.75 85.32
N GLY O 722 -2.57 -7.75 85.70
CA GLY O 722 -3.03 -7.63 87.07
C GLY O 722 -3.94 -8.76 87.53
N VAL O 723 -4.83 -9.21 86.63
CA VAL O 723 -5.83 -10.21 86.98
C VAL O 723 -5.15 -11.51 87.44
N ARG O 724 -4.39 -12.13 86.54
CA ARG O 724 -3.64 -13.36 86.75
C ARG O 724 -3.97 -14.14 88.01
N GLN O 725 -3.08 -14.07 89.00
CA GLN O 725 -3.15 -14.86 90.24
C GLN O 725 -4.55 -14.92 90.81
N SER O 726 -5.27 -13.79 90.79
CA SER O 726 -6.63 -13.72 91.30
C SER O 726 -7.47 -14.88 90.77
N LEU O 727 -7.64 -14.95 89.44
CA LEU O 727 -8.40 -16.05 88.87
C LEU O 727 -7.69 -17.37 89.15
N VAL O 728 -6.36 -17.37 89.07
CA VAL O 728 -5.54 -18.55 89.33
C VAL O 728 -5.85 -19.04 90.74
N ASP O 729 -6.22 -18.11 91.62
CA ASP O 729 -6.58 -18.46 92.99
C ASP O 729 -8.05 -18.81 93.15
N VAL O 730 -8.96 -18.18 92.39
CA VAL O 730 -10.39 -18.31 92.68
C VAL O 730 -10.81 -19.74 92.36
N PHE O 731 -10.00 -20.45 91.58
CA PHE O 731 -10.25 -21.84 91.25
C PHE O 731 -9.84 -22.77 92.39
N ASN O 732 -8.72 -22.47 93.04
CA ASN O 732 -8.22 -23.33 94.11
C ASN O 732 -9.06 -23.20 95.38
N ASN O 733 -9.48 -21.99 95.72
CA ASN O 733 -10.09 -21.70 97.02
C ASN O 733 -11.61 -21.56 96.97
N ASP O 734 -12.28 -22.13 95.98
CA ASP O 734 -13.74 -22.03 95.88
C ASP O 734 -14.30 -23.41 95.55
N PRO O 735 -15.21 -23.95 96.37
CA PRO O 735 -15.84 -25.23 96.02
C PRO O 735 -16.62 -25.19 94.72
N SER O 736 -17.20 -24.05 94.36
CA SER O 736 -17.83 -23.88 93.06
C SER O 736 -16.75 -23.54 92.03
N TYR O 737 -17.16 -23.06 90.86
CA TYR O 737 -16.23 -22.72 89.78
C TYR O 737 -15.45 -23.97 89.42
N ASN O 738 -16.17 -25.00 88.97
CA ASN O 738 -15.61 -26.33 88.76
C ASN O 738 -14.63 -26.36 87.59
N VAL O 739 -15.08 -25.87 86.43
CA VAL O 739 -14.29 -25.97 85.20
C VAL O 739 -13.88 -24.57 84.77
N PHE O 740 -12.76 -24.46 84.05
CA PHE O 740 -12.39 -23.19 83.42
C PHE O 740 -11.36 -23.48 82.33
N LEU O 741 -11.54 -22.86 81.17
CA LEU O 741 -10.62 -23.03 80.06
C LEU O 741 -9.38 -22.17 80.25
N LEU O 742 -8.27 -22.57 79.65
CA LEU O 742 -7.00 -21.92 79.96
C LEU O 742 -6.21 -21.50 78.73
N THR O 743 -6.39 -22.20 77.60
CA THR O 743 -5.69 -21.85 76.36
C THR O 743 -4.18 -21.90 76.57
N THR O 744 -3.62 -23.10 76.72
CA THR O 744 -2.28 -23.27 77.28
C THR O 744 -1.20 -22.71 76.35
N ARG O 745 -1.25 -21.40 76.15
CA ARG O 745 -0.08 -20.65 75.72
C ARG O 745 0.17 -19.52 76.72
N VAL O 746 -0.88 -18.77 77.04
CA VAL O 746 -0.83 -17.70 78.02
C VAL O 746 -0.67 -18.27 79.42
N GLY O 747 -1.38 -19.37 79.70
CA GLY O 747 -1.32 -20.00 81.00
C GLY O 747 -0.31 -21.12 81.07
N GLY O 748 0.53 -21.11 82.11
CA GLY O 748 1.59 -22.08 82.25
C GLY O 748 2.91 -21.43 82.63
N LEU O 749 2.86 -20.13 82.89
CA LEU O 749 4.04 -19.36 83.29
C LEU O 749 4.47 -19.70 84.70
N GLY O 750 3.74 -20.60 85.36
CA GLY O 750 3.97 -20.92 86.76
C GLY O 750 2.75 -20.76 87.64
N VAL O 751 1.57 -20.51 87.06
CA VAL O 751 0.34 -20.31 87.80
C VAL O 751 0.03 -21.54 88.64
N ASN O 752 -0.41 -21.31 89.88
CA ASN O 752 -0.65 -22.39 90.84
C ASN O 752 -2.13 -22.78 90.78
N LEU O 753 -2.40 -23.91 90.15
CA LEU O 753 -3.78 -24.40 90.00
C LEU O 753 -3.90 -25.83 90.52
N THR O 754 -3.39 -26.07 91.73
CA THR O 754 -3.38 -27.42 92.29
C THR O 754 -4.78 -27.96 92.52
N GLY O 755 -5.79 -27.09 92.49
CA GLY O 755 -7.17 -27.51 92.70
C GLY O 755 -7.64 -28.54 91.69
N ALA O 756 -7.16 -28.43 90.45
CA ALA O 756 -7.59 -29.33 89.39
C ALA O 756 -7.06 -30.73 89.62
N ASN O 757 -7.85 -31.73 89.22
CA ASN O 757 -7.47 -33.12 89.34
C ASN O 757 -7.65 -33.84 88.02
N ARG O 758 -8.55 -33.35 87.18
CA ARG O 758 -8.75 -33.88 85.84
C ARG O 758 -8.22 -32.86 84.83
N VAL O 759 -7.78 -33.35 83.66
CA VAL O 759 -7.31 -32.46 82.61
C VAL O 759 -7.80 -32.99 81.26
N ILE O 760 -8.32 -32.10 80.43
CA ILE O 760 -8.73 -32.41 79.07
C ILE O 760 -7.83 -31.61 78.14
N ILE O 761 -7.14 -32.28 77.23
CA ILE O 761 -6.43 -31.64 76.13
C ILE O 761 -7.33 -31.72 74.91
N TYR O 762 -7.69 -30.56 74.34
CA TYR O 762 -8.58 -30.54 73.19
C TYR O 762 -7.82 -30.60 71.86
N ASP O 763 -6.93 -29.64 71.62
CA ASP O 763 -6.23 -29.59 70.36
C ASP O 763 -4.74 -29.84 70.55
N PRO O 764 -4.13 -30.73 69.77
CA PRO O 764 -2.67 -30.89 69.84
C PRO O 764 -1.95 -29.61 69.42
N ASP O 765 -0.86 -29.31 70.12
CA ASP O 765 -0.08 -28.13 69.84
C ASP O 765 1.12 -28.50 68.95
N TRP O 766 1.97 -27.52 68.67
CA TRP O 766 3.19 -27.74 67.89
C TRP O 766 4.38 -28.02 68.80
N ASN O 767 4.58 -27.18 69.82
CA ASN O 767 5.64 -27.35 70.80
C ASN O 767 5.33 -28.54 71.69
N PRO O 768 6.21 -29.54 71.76
CA PRO O 768 5.98 -30.68 72.67
C PRO O 768 6.10 -30.26 74.13
N SER O 769 6.64 -29.07 74.38
CA SER O 769 6.85 -28.57 75.73
C SER O 769 5.60 -27.90 76.30
N THR O 770 4.81 -27.23 75.46
CA THR O 770 3.65 -26.47 75.94
C THR O 770 2.64 -27.37 76.64
N ASP O 771 2.69 -28.66 76.37
CA ASP O 771 1.78 -29.60 77.02
C ASP O 771 2.25 -30.06 78.39
N VAL O 772 3.57 -30.04 78.64
CA VAL O 772 4.03 -30.44 79.98
C VAL O 772 3.64 -29.41 81.02
N GLN O 773 3.73 -28.11 80.69
CA GLN O 773 3.23 -27.10 81.61
C GLN O 773 1.72 -27.20 81.75
N ALA O 774 1.03 -27.57 80.67
CA ALA O 774 -0.42 -27.75 80.72
C ALA O 774 -0.79 -28.84 81.71
N ARG O 775 -0.13 -29.99 81.63
CA ARG O 775 -0.39 -31.06 82.58
C ARG O 775 0.05 -30.63 83.98
N GLU O 776 1.07 -29.78 84.07
CA GLU O 776 1.57 -29.32 85.36
C GLU O 776 0.63 -28.29 85.98
N ARG O 777 -0.31 -27.76 85.21
CA ARG O 777 -1.35 -26.90 85.76
C ARG O 777 -2.25 -27.65 86.74
N ALA O 778 -2.28 -28.98 86.65
CA ALA O 778 -2.93 -29.81 87.66
C ALA O 778 -1.98 -30.82 88.30
N TRP O 779 -0.79 -31.05 87.73
CA TRP O 779 0.18 -32.02 88.23
C TRP O 779 1.38 -31.35 88.86
N ARG O 780 1.14 -30.29 89.63
CA ARG O 780 2.21 -29.63 90.36
C ARG O 780 2.92 -30.62 91.27
N LEU O 781 4.15 -30.28 91.68
CA LEU O 781 4.92 -31.15 92.55
C LEU O 781 4.18 -31.42 93.84
N GLY O 782 4.03 -32.69 94.21
CA GLY O 782 3.28 -33.06 95.39
C GLY O 782 1.81 -32.67 95.32
N GLN O 783 1.17 -32.96 94.19
CA GLN O 783 -0.24 -32.64 94.02
C GLN O 783 -1.08 -33.45 95.02
N LYS O 784 -2.15 -32.82 95.50
CA LYS O 784 -2.96 -33.39 96.56
C LYS O 784 -3.61 -34.72 96.17
N LYS O 785 -4.19 -34.79 94.98
CA LYS O 785 -4.89 -36.01 94.57
C LYS O 785 -4.42 -36.43 93.17
N ASP O 786 -4.69 -37.68 92.80
CA ASP O 786 -4.28 -38.20 91.52
C ASP O 786 -4.85 -37.34 90.38
N VAL O 787 -4.03 -37.18 89.34
CA VAL O 787 -4.36 -36.36 88.19
C VAL O 787 -4.38 -37.25 86.96
N THR O 788 -5.36 -37.02 86.07
CA THR O 788 -5.47 -37.78 84.84
C THR O 788 -5.54 -36.84 83.64
N ILE O 789 -5.07 -37.36 82.51
CA ILE O 789 -5.03 -36.62 81.25
C ILE O 789 -5.91 -37.34 80.24
N TYR O 790 -6.81 -36.60 79.60
CA TYR O 790 -7.59 -37.11 78.49
C TYR O 790 -7.28 -36.30 77.23
N ARG O 791 -6.59 -36.94 76.29
CA ARG O 791 -6.20 -36.33 75.03
C ARG O 791 -7.33 -36.53 74.03
N LEU O 792 -7.66 -35.47 73.30
CA LEU O 792 -8.56 -35.55 72.15
C LEU O 792 -7.72 -35.69 70.89
N MET O 793 -8.06 -36.67 70.06
CA MET O 793 -7.28 -36.90 68.84
C MET O 793 -8.21 -37.38 67.75
N ILE O 794 -8.29 -36.62 66.65
CA ILE O 794 -9.10 -37.06 65.52
C ILE O 794 -8.29 -38.02 64.68
N ALA O 795 -8.69 -39.29 64.68
CA ALA O 795 -8.00 -40.30 63.90
C ALA O 795 -8.16 -40.04 62.41
N GLY O 796 -7.15 -40.42 61.65
CA GLY O 796 -7.14 -40.20 60.22
C GLY O 796 -7.20 -38.74 59.85
N SER O 797 -6.41 -37.91 60.52
CA SER O 797 -6.36 -36.48 60.26
C SER O 797 -4.96 -35.97 60.57
N ILE O 798 -4.80 -34.64 60.53
CA ILE O 798 -3.50 -34.04 60.84
C ILE O 798 -3.13 -34.28 62.29
N GLU O 799 -4.11 -34.54 63.15
CA GLU O 799 -3.83 -34.88 64.54
C GLU O 799 -2.93 -36.11 64.62
N GLU O 800 -3.16 -37.09 63.74
CA GLU O 800 -2.28 -38.26 63.70
C GLU O 800 -0.84 -37.85 63.41
N LYS O 801 -0.65 -37.02 62.38
CA LYS O 801 0.70 -36.62 61.99
C LYS O 801 1.38 -35.82 63.10
N ILE O 802 0.65 -34.90 63.73
CA ILE O 802 1.20 -34.08 64.79
C ILE O 802 1.58 -34.94 65.99
N TYR O 803 0.67 -35.84 66.40
CA TYR O 803 0.91 -36.69 67.56
C TYR O 803 2.11 -37.60 67.33
N HIS O 804 2.22 -38.19 66.13
CA HIS O 804 3.41 -38.95 65.82
C HIS O 804 4.66 -38.07 65.79
N ARG O 805 4.53 -36.84 65.31
CA ARG O 805 5.65 -35.91 65.30
C ARG O 805 6.07 -35.59 66.73
N GLN O 806 5.11 -35.38 67.63
CA GLN O 806 5.41 -35.07 69.02
C GLN O 806 6.06 -36.27 69.70
N ILE O 807 5.62 -37.47 69.36
CA ILE O 807 6.26 -38.69 69.88
C ILE O 807 7.70 -38.77 69.38
N PHE O 808 7.93 -38.43 68.12
CA PHE O 808 9.29 -38.43 67.59
C PHE O 808 10.15 -37.38 68.27
N LYS O 809 9.56 -36.22 68.56
CA LYS O 809 10.26 -35.15 69.28
C LYS O 809 10.61 -35.58 70.70
N GLN O 810 9.68 -36.30 71.36
CA GLN O 810 9.95 -36.86 72.67
C GLN O 810 11.06 -37.90 72.60
N PHE O 811 11.10 -38.70 71.53
CA PHE O 811 12.21 -39.62 71.32
C PHE O 811 13.53 -38.88 71.13
N LEU O 812 13.50 -37.75 70.40
CA LEU O 812 14.68 -36.94 70.17
C LEU O 812 15.32 -36.51 71.48
N THR O 813 14.52 -35.99 72.41
CA THR O 813 15.02 -35.56 73.70
C THR O 813 15.03 -36.73 74.68
N ASN O 814 14.68 -37.92 74.20
CA ASN O 814 14.64 -39.12 75.02
C ASN O 814 15.61 -40.19 74.53
N LYS O 815 16.46 -39.86 73.57
CA LYS O 815 17.57 -40.75 73.20
C LYS O 815 18.87 -39.96 73.16
N ILE O 816 18.76 -38.64 72.92
CA ILE O 816 19.94 -37.79 73.06
C ILE O 816 20.40 -37.73 74.52
N LEU O 817 19.44 -37.66 75.44
CA LEU O 817 19.74 -37.51 76.86
C LEU O 817 19.58 -38.81 77.64
N LYS O 818 19.11 -39.88 76.98
CA LYS O 818 18.91 -41.15 77.68
C LYS O 818 19.84 -42.23 77.16
N ASP O 819 19.76 -42.53 75.87
CA ASP O 819 20.61 -43.56 75.26
C ASP O 819 20.71 -43.27 73.77
N PRO O 820 21.90 -42.93 73.26
CA PRO O 820 22.03 -42.63 71.83
C PRO O 820 22.00 -43.85 70.93
N LYS O 821 21.72 -45.03 71.46
CA LYS O 821 21.58 -46.23 70.65
C LYS O 821 20.15 -46.44 70.14
N GLN O 822 19.20 -45.62 70.57
CA GLN O 822 17.82 -45.76 70.13
C GLN O 822 17.61 -45.13 68.76
N PRO R 42 87.82 20.02 -126.08
CA PRO R 42 87.51 18.92 -127.00
C PRO R 42 88.74 18.08 -127.33
N HIS R 43 89.07 17.12 -126.47
CA HIS R 43 90.26 16.30 -126.69
C HIS R 43 90.02 14.92 -126.09
N ARG R 44 90.72 13.93 -126.66
CA ARG R 44 90.78 12.58 -126.12
C ARG R 44 92.22 12.28 -125.70
N TYR R 45 92.38 11.85 -124.46
CA TYR R 45 93.69 11.52 -123.92
C TYR R 45 93.85 10.00 -123.85
N ARG R 46 95.01 9.56 -123.43
CA ARG R 46 95.23 8.17 -123.07
C ARG R 46 94.22 7.76 -122.00
N PRO R 47 93.98 6.45 -121.85
CA PRO R 47 93.06 6.00 -120.78
C PRO R 47 93.52 6.47 -119.42
N GLY R 48 92.61 7.13 -118.70
CA GLY R 48 92.83 7.49 -117.32
C GLY R 48 92.64 8.96 -116.96
N THR R 49 93.12 9.89 -117.79
CA THR R 49 92.91 11.30 -117.44
C THR R 49 91.44 11.68 -117.58
N VAL R 50 90.76 11.16 -118.61
CA VAL R 50 89.31 11.28 -118.65
C VAL R 50 88.69 10.53 -117.49
N ALA R 51 89.24 9.37 -117.14
CA ALA R 51 88.78 8.64 -115.96
C ALA R 51 89.00 9.46 -114.69
N LEU R 52 90.17 10.09 -114.57
CA LEU R 52 90.42 10.96 -113.41
C LEU R 52 89.47 12.15 -113.39
N ARG R 53 89.17 12.74 -114.55
CA ARG R 53 88.23 13.85 -114.60
C ARG R 53 86.85 13.41 -114.13
N GLU R 54 86.37 12.26 -114.61
CA GLU R 54 85.07 11.77 -114.17
C GLU R 54 85.06 11.44 -112.68
N ILE R 55 86.17 10.85 -112.19
CA ILE R 55 86.27 10.55 -110.76
C ILE R 55 86.20 11.82 -109.93
N ARG R 56 86.93 12.86 -110.35
CA ARG R 56 86.91 14.13 -109.64
C ARG R 56 85.52 14.76 -109.68
N ARG R 57 84.87 14.73 -110.84
CA ARG R 57 83.52 15.28 -110.96
C ARG R 57 82.54 14.56 -110.06
N TYR R 58 82.61 13.23 -110.01
CA TYR R 58 81.59 12.45 -109.30
C TYR R 58 81.92 12.26 -107.82
N GLN R 59 83.16 12.56 -107.41
CA GLN R 59 83.45 12.68 -105.99
C GLN R 59 83.15 14.08 -105.48
N LYS R 60 83.28 15.09 -106.36
CA LYS R 60 82.81 16.43 -106.05
C LYS R 60 81.29 16.49 -105.96
N SER R 61 80.60 15.67 -106.75
CA SER R 61 79.15 15.59 -106.71
C SER R 61 78.71 14.50 -105.73
N THR R 62 77.53 14.71 -105.14
CA THR R 62 76.99 13.79 -104.15
C THR R 62 75.62 13.23 -104.51
N GLU R 63 74.94 13.74 -105.54
CA GLU R 63 73.61 13.29 -105.88
C GLU R 63 73.62 11.85 -106.37
N LEU R 64 72.45 11.22 -106.33
CA LEU R 64 72.34 9.79 -106.59
C LEU R 64 72.88 9.42 -107.97
N LEU R 65 73.75 8.41 -108.00
CA LEU R 65 74.34 7.96 -109.25
C LEU R 65 73.46 6.94 -109.97
N ILE R 66 72.94 5.96 -109.24
CA ILE R 66 71.91 5.08 -109.79
C ILE R 66 70.63 5.90 -109.95
N ARG R 67 70.06 5.86 -111.15
CA ARG R 67 68.89 6.67 -111.42
C ARG R 67 67.67 6.13 -110.68
N LYS R 68 66.82 7.06 -110.24
CA LYS R 68 65.72 6.70 -109.33
C LYS R 68 64.70 5.81 -110.01
N LEU R 69 64.32 6.14 -111.25
CA LEU R 69 63.27 5.37 -111.93
C LEU R 69 63.68 3.94 -112.23
N PRO R 70 64.82 3.65 -112.86
CA PRO R 70 65.18 2.23 -113.07
C PRO R 70 65.36 1.46 -111.77
N PHE R 71 65.92 2.10 -110.75
CA PHE R 71 66.10 1.41 -109.47
C PHE R 71 64.76 1.08 -108.83
N GLN R 72 63.81 2.02 -108.88
CA GLN R 72 62.48 1.76 -108.34
C GLN R 72 61.76 0.69 -109.15
N ARG R 73 61.98 0.67 -110.46
CA ARG R 73 61.40 -0.39 -111.29
C ARG R 73 61.96 -1.76 -110.90
N LEU R 74 63.27 -1.83 -110.65
CA LEU R 74 63.87 -3.08 -110.19
C LEU R 74 63.31 -3.48 -108.82
N VAL R 75 63.15 -2.50 -107.93
CA VAL R 75 62.59 -2.78 -106.61
C VAL R 75 61.18 -3.35 -106.73
N ARG R 76 60.36 -2.74 -107.60
CA ARG R 76 58.99 -3.22 -107.79
C ARG R 76 58.97 -4.60 -108.42
N GLU R 77 59.88 -4.87 -109.37
CA GLU R 77 59.95 -6.20 -109.97
C GLU R 77 60.32 -7.25 -108.93
N ILE R 78 61.29 -6.94 -108.06
CA ILE R 78 61.69 -7.87 -107.02
C ILE R 78 60.55 -8.09 -106.04
N ALA R 79 59.88 -7.01 -105.62
CA ALA R 79 58.82 -7.12 -104.63
C ALA R 79 57.57 -7.79 -105.18
N GLN R 80 57.38 -7.75 -106.50
CA GLN R 80 56.22 -8.42 -107.10
C GLN R 80 56.28 -9.93 -106.89
N ASP R 81 57.48 -10.51 -107.02
CA ASP R 81 57.63 -11.95 -106.83
C ASP R 81 57.33 -12.38 -105.40
N PHE R 82 57.45 -11.47 -104.43
CA PHE R 82 57.25 -11.83 -103.02
C PHE R 82 55.83 -11.56 -102.56
N LYS R 83 55.37 -10.32 -102.64
CA LYS R 83 54.07 -9.91 -102.12
C LYS R 83 53.33 -9.06 -103.14
N THR R 84 52.01 -9.25 -103.20
CA THR R 84 51.14 -8.45 -104.03
C THR R 84 50.58 -7.27 -103.23
N ASP R 85 50.10 -6.27 -103.97
CA ASP R 85 49.55 -5.05 -103.39
C ASP R 85 50.56 -4.36 -102.48
N LEU R 86 51.67 -3.96 -103.08
CA LEU R 86 52.75 -3.27 -102.39
C LEU R 86 52.85 -1.84 -102.87
N ARG R 87 52.76 -0.89 -101.93
CA ARG R 87 52.92 0.53 -102.20
C ARG R 87 54.17 1.01 -101.50
N PHE R 88 55.01 1.74 -102.22
CA PHE R 88 56.29 2.20 -101.70
C PHE R 88 56.27 3.71 -101.52
N GLN R 89 56.73 4.17 -100.36
CA GLN R 89 56.87 5.59 -100.09
C GLN R 89 58.11 6.13 -100.80
N SER R 90 58.08 7.42 -101.11
CA SER R 90 59.21 8.04 -101.81
C SER R 90 60.48 7.96 -100.96
N SER R 91 60.36 8.23 -99.66
CA SER R 91 61.52 8.14 -98.79
C SER R 91 62.03 6.70 -98.68
N ALA R 92 61.11 5.73 -98.72
CA ALA R 92 61.52 4.32 -98.67
C ALA R 92 62.35 3.94 -99.89
N VAL R 93 61.87 4.31 -101.08
CA VAL R 93 62.60 3.98 -102.31
C VAL R 93 63.93 4.73 -102.35
N MET R 94 63.94 5.98 -101.90
CA MET R 94 65.18 6.73 -101.87
C MET R 94 66.17 6.12 -100.88
N ALA R 95 65.67 5.60 -99.76
CA ALA R 95 66.52 4.88 -98.82
C ALA R 95 67.11 3.62 -99.45
N LEU R 96 66.28 2.85 -100.15
CA LEU R 96 66.79 1.69 -100.87
C LEU R 96 67.89 2.11 -101.83
N GLN R 97 67.66 3.17 -102.60
CA GLN R 97 68.61 3.63 -103.59
C GLN R 97 69.93 4.04 -102.95
N GLU R 98 69.87 4.85 -101.89
CA GLU R 98 71.09 5.34 -101.27
C GLU R 98 71.86 4.24 -100.57
N ALA R 99 71.16 3.34 -99.88
CA ALA R 99 71.85 2.22 -99.23
C ALA R 99 72.53 1.32 -100.26
N CYS R 100 71.83 1.03 -101.36
CA CYS R 100 72.45 0.21 -102.41
C CYS R 100 73.64 0.91 -103.04
N GLU R 101 73.52 2.23 -103.27
CA GLU R 101 74.66 2.98 -103.82
C GLU R 101 75.85 2.92 -102.88
N ALA R 102 75.61 3.10 -101.58
CA ALA R 102 76.70 3.07 -100.61
C ALA R 102 77.36 1.68 -100.57
N TYR R 103 76.55 0.62 -100.57
CA TYR R 103 77.12 -0.72 -100.58
C TYR R 103 77.93 -0.98 -101.84
N LEU R 104 77.41 -0.55 -102.99
CA LEU R 104 78.14 -0.76 -104.25
C LEU R 104 79.43 0.03 -104.26
N VAL R 105 79.42 1.26 -103.74
CA VAL R 105 80.63 2.08 -103.73
C VAL R 105 81.66 1.51 -102.77
N GLY R 106 81.22 1.00 -101.62
CA GLY R 106 82.15 0.34 -100.71
C GLY R 106 82.74 -0.91 -101.31
N LEU R 107 81.92 -1.70 -102.01
CA LEU R 107 82.42 -2.88 -102.71
C LEU R 107 83.42 -2.49 -103.79
N PHE R 108 83.16 -1.39 -104.49
CA PHE R 108 84.10 -0.91 -105.50
C PHE R 108 85.41 -0.46 -104.87
N GLU R 109 85.34 0.20 -103.71
CA GLU R 109 86.57 0.57 -102.99
C GLU R 109 87.36 -0.66 -102.60
N ASP R 110 86.68 -1.69 -102.09
CA ASP R 110 87.36 -2.92 -101.72
C ASP R 110 87.97 -3.61 -102.93
N THR R 111 87.25 -3.59 -104.07
CA THR R 111 87.77 -4.17 -105.29
C THR R 111 89.01 -3.42 -105.79
N ASN R 112 88.98 -2.08 -105.71
CA ASN R 112 90.15 -1.29 -106.06
C ASN R 112 91.32 -1.60 -105.15
N LEU R 113 91.07 -1.76 -103.86
CA LEU R 113 92.12 -2.13 -102.93
C LEU R 113 92.71 -3.49 -103.28
N CYS R 114 91.86 -4.46 -103.62
CA CYS R 114 92.34 -5.78 -104.01
C CYS R 114 93.19 -5.70 -105.27
N ALA R 115 92.75 -4.93 -106.27
CA ALA R 115 93.49 -4.84 -107.52
C ALA R 115 94.82 -4.12 -107.32
N ILE R 116 94.82 -2.99 -106.62
CA ILE R 116 96.03 -2.20 -106.45
C ILE R 116 97.03 -2.96 -105.58
N HIS R 117 96.56 -3.62 -104.52
CA HIS R 117 97.43 -4.46 -103.72
C HIS R 117 98.05 -5.57 -104.57
N ALA R 118 97.31 -6.05 -105.57
CA ALA R 118 97.82 -7.03 -106.52
C ALA R 118 98.60 -6.40 -107.65
N LYS R 119 99.00 -5.13 -107.50
CA LYS R 119 99.72 -4.40 -108.55
C LYS R 119 98.94 -4.39 -109.87
N ARG R 120 97.62 -4.19 -109.77
CA ARG R 120 96.74 -4.20 -110.92
C ARG R 120 95.85 -2.97 -110.89
N VAL R 121 95.54 -2.45 -112.07
CA VAL R 121 94.65 -1.31 -112.22
C VAL R 121 93.23 -1.77 -112.56
N THR R 122 93.10 -2.71 -113.49
CA THR R 122 91.78 -3.18 -113.91
C THR R 122 91.19 -4.10 -112.84
N ILE R 123 89.86 -4.09 -112.74
CA ILE R 123 89.14 -4.95 -111.81
C ILE R 123 88.44 -6.05 -112.61
N MET R 124 88.54 -7.28 -112.12
CA MET R 124 87.98 -8.46 -112.75
C MET R 124 86.90 -9.06 -111.84
N PRO R 125 85.95 -9.81 -112.41
CA PRO R 125 84.96 -10.48 -111.53
C PRO R 125 85.58 -11.28 -110.39
N LYS R 126 86.78 -11.85 -110.58
CA LYS R 126 87.44 -12.50 -109.46
C LYS R 126 87.83 -11.50 -108.37
N ASP R 127 88.16 -10.26 -108.76
CA ASP R 127 88.43 -9.22 -107.77
C ASP R 127 87.21 -8.95 -106.91
N ILE R 128 86.03 -8.85 -107.54
CA ILE R 128 84.80 -8.63 -106.78
C ILE R 128 84.48 -9.85 -105.93
N GLN R 129 84.75 -11.05 -106.46
CA GLN R 129 84.51 -12.27 -105.68
C GLN R 129 85.34 -12.26 -104.41
N LEU R 130 86.63 -11.91 -104.53
CA LEU R 130 87.49 -11.83 -103.34
C LEU R 130 87.03 -10.74 -102.39
N ALA R 131 86.64 -9.57 -102.93
CA ALA R 131 86.22 -8.47 -102.09
C ALA R 131 84.98 -8.83 -101.28
N ARG R 132 84.01 -9.48 -101.92
CA ARG R 132 82.81 -9.90 -101.20
C ARG R 132 83.11 -11.07 -100.26
N ARG R 133 84.07 -11.93 -100.61
CA ARG R 133 84.46 -13.00 -99.71
C ARG R 133 85.02 -12.45 -98.42
N ILE R 134 85.87 -11.42 -98.51
CA ILE R 134 86.43 -10.81 -97.31
C ILE R 134 85.39 -9.98 -96.57
N ARG R 135 84.52 -9.29 -97.32
CA ARG R 135 83.50 -8.46 -96.68
C ARG R 135 82.51 -9.29 -95.89
N GLY R 136 81.95 -10.33 -96.51
CA GLY R 136 81.06 -11.24 -95.81
C GLY R 136 79.59 -11.09 -96.08
N GLU R 137 79.20 -10.24 -97.04
CA GLU R 137 77.80 -10.07 -97.42
C GLU R 137 77.58 -10.58 -98.83
N ARG R 138 76.63 -11.48 -99.00
CA ARG R 138 76.32 -12.03 -100.32
C ARG R 138 74.95 -11.56 -100.79
N ARG S 27 60.16 -7.23 -115.98
CA ARG S 27 61.09 -7.90 -116.87
C ARG S 27 62.23 -6.98 -117.28
N ASP S 28 63.44 -7.53 -117.32
CA ASP S 28 64.68 -6.83 -117.71
C ASP S 28 64.99 -5.65 -116.81
N ASN S 29 64.41 -5.59 -115.61
CA ASN S 29 64.72 -4.51 -114.68
C ASN S 29 66.10 -4.68 -114.05
N ILE S 30 66.64 -5.90 -114.04
CA ILE S 30 67.99 -6.11 -113.54
C ILE S 30 68.99 -5.37 -114.42
N GLN S 31 68.72 -5.31 -115.73
CA GLN S 31 69.53 -4.52 -116.65
C GLN S 31 69.13 -3.05 -116.67
N GLY S 32 68.15 -2.66 -115.84
CA GLY S 32 67.75 -1.26 -115.82
C GLY S 32 68.86 -0.32 -115.39
N ILE S 33 69.75 -0.78 -114.51
CA ILE S 33 70.92 0.00 -114.13
C ILE S 33 71.86 0.01 -115.33
N THR S 34 71.94 1.15 -116.00
CA THR S 34 72.68 1.23 -117.26
C THR S 34 74.18 1.10 -117.03
N LYS S 35 74.89 0.70 -118.09
CA LYS S 35 76.35 0.61 -118.04
C LYS S 35 77.02 1.91 -117.63
N PRO S 36 76.68 3.07 -118.19
CA PRO S 36 77.28 4.33 -117.67
C PRO S 36 76.91 4.62 -116.22
N ALA S 37 75.76 4.16 -115.75
CA ALA S 37 75.43 4.33 -114.34
C ALA S 37 76.40 3.55 -113.46
N ILE S 38 76.70 2.32 -113.85
CA ILE S 38 77.70 1.53 -113.12
C ILE S 38 79.07 2.16 -113.26
N ARG S 39 79.35 2.77 -114.42
CA ARG S 39 80.57 3.54 -114.59
C ARG S 39 80.68 4.65 -113.55
N ARG S 40 79.61 5.43 -113.38
CA ARG S 40 79.61 6.50 -112.40
C ARG S 40 79.76 5.96 -110.97
N LEU S 41 79.09 4.84 -110.69
CA LEU S 41 79.24 4.22 -109.38
C LEU S 41 80.69 3.82 -109.13
N ALA S 42 81.35 3.25 -110.13
CA ALA S 42 82.76 2.88 -110.01
C ALA S 42 83.64 4.10 -109.81
N ARG S 43 83.35 5.20 -110.54
CA ARG S 43 84.14 6.41 -110.38
C ARG S 43 84.00 6.96 -108.97
N ARG S 44 82.80 6.91 -108.41
CA ARG S 44 82.62 7.29 -107.01
C ARG S 44 83.41 6.36 -106.10
N GLY S 45 83.40 5.05 -106.40
CA GLY S 45 84.21 4.11 -105.64
C GLY S 45 85.69 4.35 -105.81
N GLY S 46 86.12 4.72 -107.01
CA GLY S 46 87.53 4.99 -107.26
C GLY S 46 88.17 4.07 -108.26
N VAL S 47 87.39 3.59 -109.23
CA VAL S 47 87.90 2.67 -110.23
C VAL S 47 88.36 3.46 -111.45
N LYS S 48 89.58 3.16 -111.92
CA LYS S 48 90.12 3.77 -113.13
C LYS S 48 89.83 2.94 -114.37
N ARG S 49 90.10 1.64 -114.31
CA ARG S 49 89.90 0.73 -115.43
C ARG S 49 88.80 -0.26 -115.06
N ILE S 50 87.78 -0.36 -115.91
CA ILE S 50 86.58 -1.15 -115.63
C ILE S 50 86.45 -2.23 -116.69
N SER S 51 86.21 -3.47 -116.25
CA SER S 51 86.02 -4.58 -117.17
C SER S 51 84.53 -4.73 -117.53
N GLY S 52 84.28 -5.47 -118.62
CA GLY S 52 82.93 -5.63 -119.13
C GLY S 52 82.06 -6.61 -118.36
N LEU S 53 82.65 -7.57 -117.66
CA LEU S 53 81.89 -8.50 -116.84
C LEU S 53 81.68 -8.00 -115.42
N ILE S 54 82.26 -6.85 -115.07
CA ILE S 54 81.99 -6.23 -113.79
C ILE S 54 80.53 -5.83 -113.64
N TYR S 55 79.91 -5.36 -114.74
CA TYR S 55 78.54 -4.87 -114.67
C TYR S 55 77.56 -5.96 -114.27
N GLU S 56 77.72 -7.17 -114.84
CA GLU S 56 76.80 -8.25 -114.52
C GLU S 56 76.92 -8.68 -113.06
N GLU S 57 78.15 -8.80 -112.56
CA GLU S 57 78.34 -9.17 -111.16
C GLU S 57 77.79 -8.09 -110.24
N THR S 58 78.00 -6.81 -110.57
CA THR S 58 77.46 -5.73 -109.78
C THR S 58 75.94 -5.77 -109.77
N ARG S 59 75.34 -6.07 -110.93
CA ARG S 59 73.89 -6.20 -111.01
C ARG S 59 73.39 -7.33 -110.13
N GLY S 60 74.08 -8.47 -110.13
CA GLY S 60 73.70 -9.57 -109.27
C GLY S 60 73.79 -9.23 -107.80
N VAL S 61 74.86 -8.55 -107.40
CA VAL S 61 75.02 -8.14 -106.01
C VAL S 61 73.90 -7.18 -105.61
N LEU S 62 73.61 -6.20 -106.46
CA LEU S 62 72.54 -5.25 -106.18
C LEU S 62 71.20 -5.97 -106.08
N LYS S 63 70.95 -6.93 -106.97
CA LYS S 63 69.69 -7.68 -106.92
C LYS S 63 69.56 -8.46 -105.63
N VAL S 64 70.63 -9.12 -105.19
CA VAL S 64 70.57 -9.93 -103.98
C VAL S 64 70.33 -9.04 -102.76
N PHE S 65 71.07 -7.93 -102.67
CA PHE S 65 70.91 -7.03 -101.53
C PHE S 65 69.51 -6.42 -101.51
N LEU S 66 68.99 -6.04 -102.68
CA LEU S 66 67.64 -5.52 -102.76
C LEU S 66 66.63 -6.57 -102.36
N GLU S 67 66.83 -7.82 -102.77
CA GLU S 67 65.94 -8.90 -102.37
C GLU S 67 65.89 -9.02 -100.85
N ASN S 68 67.05 -9.01 -100.21
CA ASN S 68 67.10 -9.16 -98.75
C ASN S 68 66.40 -7.98 -98.07
N VAL S 69 66.73 -6.76 -98.47
CA VAL S 69 66.17 -5.58 -97.80
C VAL S 69 64.66 -5.50 -98.04
N ILE S 70 64.23 -5.78 -99.28
CA ILE S 70 62.81 -5.74 -99.61
C ILE S 70 62.05 -6.80 -98.82
N ARG S 71 62.62 -8.00 -98.68
CA ARG S 71 61.96 -9.03 -97.89
C ARG S 71 61.81 -8.61 -96.43
N ASP S 72 62.86 -8.02 -95.86
CA ASP S 72 62.78 -7.56 -94.48
C ASP S 72 61.73 -6.47 -94.32
N ALA S 73 61.70 -5.50 -95.24
CA ALA S 73 60.72 -4.42 -95.16
C ALA S 73 59.30 -4.94 -95.37
N VAL S 74 59.13 -5.93 -96.25
CA VAL S 74 57.82 -6.53 -96.46
C VAL S 74 57.35 -7.25 -95.20
N THR S 75 58.26 -7.96 -94.53
CA THR S 75 57.88 -8.59 -93.26
C THR S 75 57.48 -7.53 -92.24
N TYR S 76 58.24 -6.44 -92.15
CA TYR S 76 57.91 -5.35 -91.23
C TYR S 76 56.52 -4.80 -91.50
N THR S 77 56.19 -4.54 -92.78
CA THR S 77 54.90 -3.94 -93.08
C THR S 77 53.76 -4.95 -92.96
N GLU S 78 54.03 -6.24 -93.20
CA GLU S 78 53.00 -7.26 -93.01
C GLU S 78 52.63 -7.41 -91.54
N HIS S 79 53.62 -7.39 -90.65
CA HIS S 79 53.28 -7.52 -89.23
C HIS S 79 52.46 -6.34 -88.74
N ALA S 80 52.70 -5.16 -89.31
CA ALA S 80 51.94 -3.97 -88.96
C ALA S 80 50.51 -4.01 -89.51
N LYS S 81 50.19 -4.97 -90.38
CA LYS S 81 48.93 -5.03 -91.10
C LYS S 81 48.74 -3.81 -92.02
N ARG S 82 49.84 -3.24 -92.49
CA ARG S 82 49.80 -2.20 -93.52
C ARG S 82 50.39 -2.76 -94.80
N LYS S 83 49.63 -2.68 -95.88
CA LYS S 83 50.05 -3.22 -97.16
C LYS S 83 50.91 -2.25 -97.96
N THR S 84 51.17 -1.06 -97.42
CA THR S 84 52.05 -0.08 -98.04
C THR S 84 53.39 -0.10 -97.32
N VAL S 85 54.46 -0.29 -98.07
CA VAL S 85 55.81 -0.28 -97.50
C VAL S 85 56.20 1.17 -97.20
N THR S 86 56.41 1.45 -95.92
CA THR S 86 56.69 2.79 -95.46
C THR S 86 58.19 3.03 -95.38
N ALA S 87 58.56 4.31 -95.27
CA ALA S 87 59.97 4.66 -95.12
C ALA S 87 60.57 4.08 -93.86
N MET S 88 59.83 4.11 -92.74
CA MET S 88 60.34 3.55 -91.50
C MET S 88 60.59 2.06 -91.63
N ASP S 89 59.73 1.35 -92.36
CA ASP S 89 59.93 -0.08 -92.57
C ASP S 89 61.25 -0.36 -93.29
N VAL S 90 61.52 0.38 -94.36
CA VAL S 90 62.75 0.17 -95.11
C VAL S 90 63.98 0.56 -94.28
N VAL S 91 63.88 1.67 -93.54
CA VAL S 91 65.01 2.10 -92.72
C VAL S 91 65.29 1.07 -91.62
N TYR S 92 64.24 0.51 -91.01
CA TYR S 92 64.44 -0.52 -89.99
C TYR S 92 65.01 -1.80 -90.60
N ALA S 93 64.58 -2.13 -91.82
CA ALA S 93 65.13 -3.29 -92.50
C ALA S 93 66.61 -3.11 -92.78
N LEU S 94 67.02 -1.92 -93.20
CA LEU S 94 68.44 -1.62 -93.40
C LEU S 94 69.18 -1.64 -92.06
N LYS S 95 68.52 -1.17 -91.00
CA LYS S 95 69.13 -1.16 -89.67
C LYS S 95 69.41 -2.59 -89.20
N ARG S 96 68.48 -3.51 -89.44
CA ARG S 96 68.68 -4.88 -89.00
C ARG S 96 69.71 -5.61 -89.86
N GLN S 97 69.86 -5.20 -91.13
CA GLN S 97 70.78 -5.87 -92.04
C GLN S 97 72.23 -5.47 -91.84
N GLY S 98 72.51 -4.52 -90.95
CA GLY S 98 73.87 -4.03 -90.77
C GLY S 98 74.27 -2.90 -91.69
N ARG S 99 73.36 -2.42 -92.54
CA ARG S 99 73.63 -1.31 -93.43
C ARG S 99 72.67 -0.16 -93.12
N THR S 100 72.56 0.19 -91.83
CA THR S 100 71.60 1.18 -91.39
C THR S 100 71.78 2.48 -92.16
N LEU S 101 70.66 3.00 -92.68
CA LEU S 101 70.67 4.23 -93.46
C LEU S 101 69.79 5.27 -92.76
N TYR S 102 70.21 6.53 -92.84
CA TYR S 102 69.65 7.61 -92.05
C TYR S 102 68.83 8.56 -92.92
N GLY S 103 68.23 9.56 -92.26
CA GLY S 103 67.57 10.65 -92.93
C GLY S 103 66.13 10.41 -93.33
N PHE S 104 65.61 9.21 -93.09
CA PHE S 104 64.31 8.81 -93.63
C PHE S 104 63.38 8.26 -92.55
N GLY S 105 63.71 8.46 -91.28
CA GLY S 105 62.87 8.01 -90.19
C GLY S 105 63.13 6.58 -89.79
N GLY S 106 63.38 6.34 -88.51
CA GLY S 106 63.68 5.01 -88.02
C GLY S 106 65.15 4.80 -87.73
N THR T 20 51.06 -30.60 -66.25
CA THR T 20 52.00 -29.51 -66.52
C THR T 20 51.84 -28.99 -67.95
N ARG T 21 52.40 -27.81 -68.21
CA ARG T 21 52.34 -27.21 -69.53
C ARG T 21 53.48 -27.65 -70.43
N SER T 22 54.35 -28.54 -69.95
CA SER T 22 55.45 -29.03 -70.78
C SER T 22 54.90 -29.83 -71.97
N SER T 23 54.04 -30.81 -71.69
CA SER T 23 53.50 -31.67 -72.74
C SER T 23 52.19 -31.16 -73.32
N ARG T 24 51.57 -30.14 -72.72
CA ARG T 24 50.34 -29.60 -73.28
C ARG T 24 50.58 -28.90 -74.61
N ALA T 25 51.83 -28.54 -74.89
CA ALA T 25 52.21 -27.96 -76.17
C ALA T 25 52.94 -28.95 -77.07
N GLY T 26 53.01 -30.22 -76.66
CA GLY T 26 53.66 -31.23 -77.47
C GLY T 26 55.14 -31.00 -77.72
N LEU T 27 55.86 -30.51 -76.71
CA LEU T 27 57.27 -30.17 -76.84
C LEU T 27 58.02 -30.59 -75.59
N GLN T 28 59.28 -30.98 -75.77
CA GLN T 28 60.13 -31.26 -74.62
C GLN T 28 60.38 -30.01 -73.80
N PHE T 29 60.61 -28.88 -74.46
CA PHE T 29 60.82 -27.64 -73.75
C PHE T 29 59.51 -27.13 -73.17
N PRO T 30 59.47 -26.88 -71.86
CA PRO T 30 58.21 -26.46 -71.22
C PRO T 30 57.82 -25.04 -71.60
N VAL T 31 56.54 -24.75 -71.40
CA VAL T 31 56.00 -23.42 -71.66
C VAL T 31 56.31 -22.52 -70.48
N GLY T 32 56.24 -23.10 -69.27
CA GLY T 32 56.46 -22.30 -68.07
C GLY T 32 57.85 -21.68 -68.01
N ARG T 33 58.87 -22.46 -68.35
CA ARG T 33 60.23 -21.92 -68.36
C ARG T 33 60.38 -20.85 -69.44
N VAL T 34 59.86 -21.11 -70.64
CA VAL T 34 60.01 -20.16 -71.73
C VAL T 34 59.17 -18.90 -71.48
N HIS T 35 57.94 -19.07 -70.99
CA HIS T 35 57.12 -17.91 -70.69
C HIS T 35 57.70 -17.10 -69.53
N ARG T 36 58.29 -17.79 -68.56
CA ARG T 36 58.98 -17.10 -67.47
C ARG T 36 60.17 -16.30 -67.99
N LEU T 37 60.94 -16.88 -68.91
CA LEU T 37 62.04 -16.15 -69.53
C LEU T 37 61.52 -14.92 -70.29
N LEU T 38 60.41 -15.08 -71.00
CA LEU T 38 59.81 -13.96 -71.72
C LEU T 38 59.38 -12.85 -70.76
N ARG T 39 58.75 -13.23 -69.65
CA ARG T 39 58.31 -12.24 -68.67
C ARG T 39 59.49 -11.52 -68.04
N LYS T 40 60.56 -12.27 -67.72
CA LYS T 40 61.74 -11.65 -67.14
C LYS T 40 62.50 -10.79 -68.15
N GLY T 41 62.37 -11.08 -69.45
CA GLY T 41 63.06 -10.29 -70.45
C GLY T 41 62.39 -8.97 -70.76
N ASN T 42 61.13 -8.81 -70.35
CA ASN T 42 60.36 -7.59 -70.58
C ASN T 42 60.36 -7.23 -72.06
N TYR T 43 60.18 -8.24 -72.91
CA TYR T 43 60.17 -8.01 -74.35
C TYR T 43 58.95 -7.23 -74.80
N SER T 44 57.93 -7.12 -73.94
CA SER T 44 56.79 -6.26 -74.15
C SER T 44 56.05 -6.15 -72.83
N GLU T 45 54.96 -5.37 -72.84
CA GLU T 45 54.13 -5.26 -71.65
C GLU T 45 53.51 -6.60 -71.29
N ARG T 46 53.02 -7.34 -72.29
CA ARG T 46 52.38 -8.62 -72.06
C ARG T 46 52.79 -9.58 -73.18
N VAL T 47 52.84 -10.87 -72.82
CA VAL T 47 53.21 -11.92 -73.75
C VAL T 47 51.99 -12.79 -74.03
N GLY T 48 51.73 -13.03 -75.32
CA GLY T 48 50.62 -13.85 -75.74
C GLY T 48 50.80 -15.30 -75.36
N ALA T 49 49.69 -16.03 -75.40
CA ALA T 49 49.67 -17.43 -75.01
C ALA T 49 50.53 -18.30 -75.92
N GLY T 50 50.45 -18.08 -77.23
CA GLY T 50 51.19 -18.88 -78.18
C GLY T 50 52.64 -18.50 -78.37
N ALA T 51 53.07 -17.34 -77.86
CA ALA T 51 54.45 -16.91 -78.05
C ALA T 51 55.46 -17.85 -77.41
N PRO T 52 55.36 -18.23 -76.13
CA PRO T 52 56.32 -19.20 -75.59
C PRO T 52 56.26 -20.54 -76.29
N VAL T 53 55.07 -20.98 -76.70
CA VAL T 53 54.94 -22.25 -77.42
C VAL T 53 55.62 -22.15 -78.78
N TYR T 54 55.42 -21.03 -79.48
CA TYR T 54 56.07 -20.80 -80.76
C TYR T 54 57.59 -20.87 -80.60
N LEU T 55 58.12 -20.15 -79.61
CA LEU T 55 59.56 -20.15 -79.37
C LEU T 55 60.08 -21.54 -79.03
N ALA T 56 59.37 -22.26 -78.16
CA ALA T 56 59.82 -23.59 -77.77
C ALA T 56 59.84 -24.54 -78.95
N ALA T 57 58.81 -24.48 -79.82
CA ALA T 57 58.78 -25.34 -80.99
C ALA T 57 59.93 -25.02 -81.94
N VAL T 58 60.16 -23.71 -82.18
CA VAL T 58 61.26 -23.32 -83.08
C VAL T 58 62.59 -23.80 -82.51
N LEU T 59 62.80 -23.60 -81.22
CA LEU T 59 64.05 -24.02 -80.58
C LEU T 59 64.23 -25.53 -80.65
N GLU T 60 63.15 -26.27 -80.41
CA GLU T 60 63.24 -27.73 -80.44
C GLU T 60 63.58 -28.23 -81.83
N TYR T 61 62.95 -27.67 -82.86
CA TYR T 61 63.28 -28.08 -84.22
C TYR T 61 64.72 -27.72 -84.58
N LEU T 62 65.17 -26.53 -84.18
CA LEU T 62 66.53 -26.12 -84.52
C LEU T 62 67.56 -27.02 -83.83
N THR T 63 67.37 -27.30 -82.55
CA THR T 63 68.32 -28.18 -81.88
C THR T 63 68.22 -29.61 -82.43
N ALA T 64 67.03 -30.04 -82.86
CA ALA T 64 66.90 -31.37 -83.43
C ALA T 64 67.66 -31.49 -84.75
N GLU T 65 67.54 -30.48 -85.62
CA GLU T 65 68.27 -30.55 -86.89
C GLU T 65 69.76 -30.40 -86.66
N ILE T 66 70.16 -29.56 -85.70
CA ILE T 66 71.57 -29.47 -85.34
C ILE T 66 72.10 -30.84 -84.91
N LEU T 67 71.34 -31.53 -84.06
CA LEU T 67 71.82 -32.80 -83.53
C LEU T 67 71.79 -33.90 -84.59
N GLU T 68 70.86 -33.84 -85.54
CA GLU T 68 70.85 -34.86 -86.57
C GLU T 68 72.01 -34.67 -87.55
N LEU T 69 72.33 -33.42 -87.89
CA LEU T 69 73.54 -33.22 -88.69
C LEU T 69 74.79 -33.52 -87.87
N ALA T 70 74.72 -33.35 -86.55
CA ALA T 70 75.83 -33.79 -85.69
C ALA T 70 76.02 -35.30 -85.76
N GLY T 71 74.92 -36.04 -85.78
CA GLY T 71 75.01 -37.49 -85.96
C GLY T 71 75.56 -37.86 -87.33
N ASN T 72 75.19 -37.09 -88.35
CA ASN T 72 75.77 -37.31 -89.68
C ASN T 72 77.28 -37.08 -89.66
N ALA T 73 77.73 -36.03 -89.00
CA ALA T 73 79.17 -35.80 -88.85
C ALA T 73 79.82 -36.90 -88.04
N ALA T 74 79.11 -37.41 -87.03
CA ALA T 74 79.65 -38.48 -86.20
C ALA T 74 79.86 -39.75 -87.00
N ARG T 75 78.89 -40.12 -87.84
CA ARG T 75 79.08 -41.29 -88.69
C ARG T 75 80.11 -41.03 -89.78
N ASP T 76 80.28 -39.76 -90.18
CA ASP T 76 81.40 -39.43 -91.06
C ASP T 76 82.73 -39.69 -90.37
N ASN T 77 82.83 -39.37 -89.08
CA ASN T 77 84.03 -39.61 -88.30
C ASN T 77 84.07 -41.02 -87.70
N LYS T 78 83.07 -41.84 -87.96
CA LYS T 78 83.03 -43.24 -87.53
C LYS T 78 83.05 -43.33 -86.01
N LYS T 79 82.24 -42.48 -85.38
CA LYS T 79 82.11 -42.44 -83.93
C LYS T 79 80.64 -42.24 -83.58
N THR T 80 80.18 -42.92 -82.54
CA THR T 80 78.78 -42.82 -82.15
C THR T 80 78.52 -41.58 -81.30
N ARG T 81 79.34 -41.38 -80.27
CA ARG T 81 79.16 -40.28 -79.33
C ARG T 81 79.53 -38.96 -79.99
N ILE T 82 78.70 -37.94 -79.78
CA ILE T 82 78.95 -36.63 -80.38
C ILE T 82 80.09 -35.93 -79.65
N ILE T 83 81.11 -35.55 -80.40
CA ILE T 83 82.18 -34.68 -79.90
C ILE T 83 81.96 -33.31 -80.53
N PRO T 84 82.51 -32.22 -79.97
CA PRO T 84 82.30 -30.90 -80.58
C PRO T 84 82.79 -30.81 -82.02
N ARG T 85 83.74 -31.66 -82.41
CA ARG T 85 84.13 -31.75 -83.81
C ARG T 85 82.93 -32.12 -84.67
N HIS T 86 82.12 -33.07 -84.22
CA HIS T 86 80.91 -33.46 -84.94
C HIS T 86 79.95 -32.28 -85.04
N LEU T 87 79.78 -31.52 -83.96
CA LEU T 87 78.89 -30.37 -83.99
C LEU T 87 79.35 -29.34 -85.01
N GLN T 88 80.66 -29.04 -85.03
CA GLN T 88 81.14 -28.02 -85.95
C GLN T 88 81.08 -28.51 -87.39
N LEU T 89 81.34 -29.80 -87.63
CA LEU T 89 81.16 -30.35 -88.96
C LEU T 89 79.70 -30.24 -89.40
N ALA T 90 78.77 -30.50 -88.46
CA ALA T 90 77.36 -30.32 -88.76
C ALA T 90 77.05 -28.88 -89.14
N ILE T 91 77.63 -27.94 -88.41
CA ILE T 91 77.42 -26.52 -88.69
C ILE T 91 77.95 -26.17 -90.09
N ARG T 92 79.11 -26.70 -90.45
CA ARG T 92 79.81 -26.22 -91.64
C ARG T 92 79.41 -26.95 -92.92
N ASN T 93 79.02 -28.23 -92.87
CA ASN T 93 78.53 -28.88 -94.08
C ASN T 93 77.28 -28.21 -94.62
N ASP T 94 76.30 -27.96 -93.75
CA ASP T 94 75.04 -27.39 -94.21
C ASP T 94 75.23 -25.91 -94.53
N GLU T 95 74.75 -25.51 -95.70
CA GLU T 95 74.89 -24.13 -96.14
C GLU T 95 74.12 -23.19 -95.23
N GLU T 96 72.90 -23.58 -94.86
CA GLU T 96 72.06 -22.71 -94.03
C GLU T 96 72.67 -22.51 -92.64
N LEU T 97 73.16 -23.59 -92.03
CA LEU T 97 73.73 -23.47 -90.68
C LEU T 97 75.06 -22.75 -90.70
N ASN T 98 75.89 -23.00 -91.72
CA ASN T 98 77.13 -22.24 -91.86
C ASN T 98 76.85 -20.76 -92.08
N LYS T 99 75.77 -20.44 -92.79
CA LYS T 99 75.34 -19.06 -92.91
C LYS T 99 74.92 -18.50 -91.55
N LEU T 100 74.21 -19.30 -90.76
CA LEU T 100 73.74 -18.83 -89.47
C LEU T 100 74.88 -18.75 -88.45
N LEU T 101 75.51 -19.88 -88.15
CA LEU T 101 76.60 -19.91 -87.19
C LEU T 101 77.96 -19.92 -87.89
N GLY T 102 78.17 -18.87 -88.69
CA GLY T 102 79.45 -18.66 -89.32
C GLY T 102 80.36 -17.79 -88.48
N ARG T 103 79.78 -16.71 -87.94
CA ARG T 103 80.51 -15.85 -87.01
C ARG T 103 80.64 -16.47 -85.63
N VAL T 104 79.92 -17.55 -85.36
CA VAL T 104 79.95 -18.21 -84.06
C VAL T 104 80.87 -19.42 -84.14
N THR T 105 81.88 -19.45 -83.29
CA THR T 105 82.81 -20.56 -83.20
C THR T 105 82.45 -21.46 -82.03
N ILE T 106 82.94 -22.71 -82.10
CA ILE T 106 82.62 -23.75 -81.13
C ILE T 106 83.92 -24.26 -80.53
N ALA T 107 83.96 -24.35 -79.20
CA ALA T 107 85.12 -24.90 -78.52
C ALA T 107 85.31 -26.35 -78.94
N GLN T 108 86.56 -26.71 -79.26
CA GLN T 108 86.92 -28.02 -79.78
C GLN T 108 86.16 -28.36 -81.06
N GLY T 109 85.89 -27.36 -81.91
CA GLY T 109 85.05 -27.55 -83.07
C GLY T 109 85.76 -27.95 -84.35
N GLY T 110 86.74 -27.17 -84.79
CA GLY T 110 87.44 -27.45 -86.02
C GLY T 110 86.81 -26.83 -87.25
N VAL T 111 87.06 -27.41 -88.42
CA VAL T 111 86.53 -26.93 -89.69
C VAL T 111 86.41 -28.13 -90.63
N LEU T 112 85.75 -27.92 -91.78
CA LEU T 112 85.52 -29.00 -92.72
C LEU T 112 86.81 -29.45 -93.39
N PRO T 113 86.81 -30.66 -93.95
CA PRO T 113 87.91 -31.03 -94.86
C PRO T 113 87.85 -30.20 -96.13
N ASN T 114 88.77 -29.25 -96.26
CA ASN T 114 88.77 -28.30 -97.37
C ASN T 114 90.15 -28.31 -98.01
N ILE T 115 90.23 -28.77 -99.25
CA ILE T 115 91.48 -28.83 -100.00
C ILE T 115 91.26 -28.16 -101.34
N GLN T 116 92.02 -27.10 -101.62
CA GLN T 116 91.94 -26.43 -102.90
C GLN T 116 92.81 -27.12 -103.93
N ALA T 117 92.25 -27.31 -105.13
CA ALA T 117 92.93 -28.10 -106.16
C ALA T 117 94.12 -27.37 -106.77
N VAL T 118 94.23 -26.06 -106.53
CA VAL T 118 95.33 -25.30 -107.12
C VAL T 118 96.67 -25.73 -106.56
N LEU T 119 96.68 -26.22 -105.32
CA LEU T 119 97.95 -26.54 -104.66
C LEU T 119 98.32 -28.02 -104.72
N LEU T 120 97.52 -28.85 -105.37
CA LEU T 120 97.87 -30.26 -105.49
C LEU T 120 99.11 -30.41 -106.38
N PRO T 121 99.99 -31.37 -106.07
CA PRO T 121 101.22 -31.53 -106.84
C PRO T 121 100.94 -32.07 -108.24
N LYS T 122 101.87 -31.78 -109.15
CA LYS T 122 101.75 -32.23 -110.53
C LYS T 122 102.26 -33.66 -110.68
N ARG U 35 75.26 -21.67 -51.27
CA ARG U 35 74.81 -22.61 -52.29
C ARG U 35 74.12 -21.87 -53.44
N SER U 36 74.28 -22.40 -54.65
CA SER U 36 73.69 -21.81 -55.86
C SER U 36 73.15 -22.92 -56.73
N ARG U 37 71.86 -22.87 -57.05
CA ARG U 37 71.23 -23.87 -57.91
C ARG U 37 71.09 -23.31 -59.33
N LYS U 38 72.21 -23.33 -60.04
CA LYS U 38 72.22 -22.85 -61.42
C LYS U 38 71.38 -23.76 -62.31
N GLU U 39 70.67 -23.14 -63.25
CA GLU U 39 69.78 -23.86 -64.15
C GLU U 39 70.54 -24.35 -65.38
N SER U 40 70.07 -25.46 -65.93
CA SER U 40 70.68 -26.05 -67.12
C SER U 40 69.62 -26.71 -67.97
N TYR U 41 69.81 -26.64 -69.28
CA TYR U 41 68.97 -27.34 -70.25
C TYR U 41 69.50 -28.74 -70.56
N SER U 42 70.20 -29.35 -69.61
CA SER U 42 70.87 -30.62 -69.87
C SER U 42 69.88 -31.73 -70.18
N ILE U 43 68.84 -31.86 -69.36
CA ILE U 43 67.91 -32.98 -69.52
C ILE U 43 67.13 -32.85 -70.82
N TYR U 44 66.65 -31.65 -71.13
CA TYR U 44 65.86 -31.47 -72.35
C TYR U 44 66.71 -31.70 -73.60
N VAL U 45 67.95 -31.20 -73.59
CA VAL U 45 68.84 -31.41 -74.73
C VAL U 45 69.15 -32.90 -74.90
N TYR U 46 69.42 -33.59 -73.78
CA TYR U 46 69.64 -35.03 -73.85
C TYR U 46 68.43 -35.74 -74.41
N LYS U 47 67.23 -35.37 -73.96
CA LYS U 47 66.01 -35.95 -74.49
C LYS U 47 65.92 -35.75 -76.00
N VAL U 48 66.12 -34.51 -76.46
CA VAL U 48 65.96 -34.19 -77.88
C VAL U 48 66.96 -34.97 -78.71
N LEU U 49 68.21 -35.05 -78.27
CA LEU U 49 69.18 -35.86 -78.99
C LEU U 49 68.75 -37.33 -79.00
N LYS U 50 68.14 -37.80 -77.91
CA LYS U 50 67.71 -39.19 -77.88
C LYS U 50 66.58 -39.45 -78.87
N GLN U 51 65.64 -38.51 -79.04
CA GLN U 51 64.64 -38.72 -80.09
C GLN U 51 65.29 -38.67 -81.47
N VAL U 52 66.26 -37.76 -81.67
CA VAL U 52 66.88 -37.70 -83.00
C VAL U 52 67.96 -38.76 -83.18
N HIS U 53 68.58 -39.23 -82.10
CA HIS U 53 69.57 -40.30 -82.12
C HIS U 53 69.66 -41.01 -80.77
N PRO U 54 68.95 -42.12 -80.59
CA PRO U 54 69.11 -42.89 -79.34
C PRO U 54 70.52 -43.45 -79.16
N ASP U 55 71.07 -44.08 -80.20
CA ASP U 55 72.40 -44.67 -80.14
C ASP U 55 73.47 -43.61 -80.45
N THR U 56 73.52 -42.59 -79.60
CA THR U 56 74.47 -41.49 -79.78
C THR U 56 74.67 -40.81 -78.43
N GLY U 57 75.85 -40.98 -77.85
CA GLY U 57 76.21 -40.23 -76.66
C GLY U 57 76.50 -38.78 -76.98
N ILE U 58 76.53 -37.98 -75.93
CA ILE U 58 76.79 -36.54 -76.07
C ILE U 58 77.71 -36.09 -74.95
N SER U 59 78.88 -35.58 -75.31
CA SER U 59 79.80 -35.02 -74.33
C SER U 59 79.18 -33.79 -73.69
N SER U 60 79.57 -33.54 -72.44
CA SER U 60 79.07 -32.36 -71.74
C SER U 60 79.41 -31.08 -72.49
N LYS U 61 80.52 -31.07 -73.22
CA LYS U 61 80.83 -29.93 -74.09
C LYS U 61 79.74 -29.74 -75.13
N ALA U 62 79.33 -30.82 -75.79
CA ALA U 62 78.30 -30.71 -76.83
C ALA U 62 76.96 -30.31 -76.22
N MET U 63 76.66 -30.83 -75.03
CA MET U 63 75.42 -30.47 -74.35
C MET U 63 75.40 -28.99 -74.01
N GLY U 64 76.52 -28.45 -73.53
CA GLY U 64 76.61 -27.03 -73.28
C GLY U 64 76.49 -26.20 -74.55
N ILE U 65 77.07 -26.69 -75.65
CA ILE U 65 76.93 -26.00 -76.93
C ILE U 65 75.46 -25.95 -77.33
N MET U 66 74.73 -27.05 -77.15
CA MET U 66 73.32 -27.07 -77.49
C MET U 66 72.52 -26.11 -76.60
N ASN U 67 72.84 -26.08 -75.30
CA ASN U 67 72.17 -25.14 -74.41
C ASN U 67 72.41 -23.70 -74.83
N SER U 68 73.66 -23.38 -75.17
CA SER U 68 74.00 -22.03 -75.61
C SER U 68 73.28 -21.66 -76.90
N PHE U 69 73.22 -22.60 -77.85
CA PHE U 69 72.52 -22.34 -79.10
C PHE U 69 71.04 -22.08 -78.86
N VAL U 70 70.42 -22.88 -77.99
CA VAL U 70 69.00 -22.70 -77.68
C VAL U 70 68.77 -21.33 -77.06
N ASN U 71 69.60 -20.96 -76.08
CA ASN U 71 69.44 -19.66 -75.43
C ASN U 71 69.65 -18.52 -76.42
N ASP U 72 70.66 -18.65 -77.29
CA ASP U 72 70.95 -17.61 -78.27
C ASP U 72 69.77 -17.41 -79.22
N ILE U 73 69.22 -18.50 -79.76
CA ILE U 73 68.13 -18.36 -80.71
C ILE U 73 66.88 -17.81 -80.02
N PHE U 74 66.61 -18.27 -78.79
CA PHE U 74 65.45 -17.76 -78.07
C PHE U 74 65.57 -16.27 -77.83
N GLU U 75 66.74 -15.81 -77.36
CA GLU U 75 66.90 -14.39 -77.10
C GLU U 75 66.92 -13.58 -78.38
N ARG U 76 67.42 -14.17 -79.48
CA ARG U 76 67.35 -13.48 -80.77
C ARG U 76 65.90 -13.22 -81.17
N ILE U 77 65.06 -14.26 -81.15
CA ILE U 77 63.67 -14.08 -81.54
C ILE U 77 62.95 -13.16 -80.57
N ALA U 78 63.30 -13.24 -79.28
CA ALA U 78 62.69 -12.37 -78.29
C ALA U 78 63.04 -10.91 -78.54
N GLY U 79 64.31 -10.62 -78.87
CA GLY U 79 64.70 -9.26 -79.19
C GLY U 79 64.05 -8.75 -80.45
N GLU U 80 63.93 -9.62 -81.46
CA GLU U 80 63.23 -9.22 -82.67
C GLU U 80 61.78 -8.86 -82.37
N ALA U 81 61.11 -9.67 -81.55
CA ALA U 81 59.74 -9.36 -81.15
C ALA U 81 59.67 -8.07 -80.35
N SER U 82 60.67 -7.82 -79.50
CA SER U 82 60.70 -6.59 -78.72
C SER U 82 60.81 -5.37 -79.62
N ARG U 83 61.68 -5.41 -80.62
CA ARG U 83 61.81 -4.27 -81.53
C ARG U 83 60.59 -4.14 -82.43
N LEU U 84 59.96 -5.26 -82.79
CA LEU U 84 58.71 -5.17 -83.55
C LEU U 84 57.61 -4.51 -82.73
N ALA U 85 57.51 -4.88 -81.44
CA ALA U 85 56.56 -4.22 -80.56
C ALA U 85 56.90 -2.73 -80.39
N HIS U 86 58.19 -2.41 -80.38
CA HIS U 86 58.63 -1.03 -80.30
C HIS U 86 58.14 -0.22 -81.49
N TYR U 87 58.40 -0.73 -82.69
CA TYR U 87 58.13 0.04 -83.91
C TYR U 87 56.64 0.05 -84.23
N ASN U 88 55.92 -1.02 -83.89
CA ASN U 88 54.51 -1.15 -84.21
C ASN U 88 53.62 -0.37 -83.24
N LYS U 89 54.20 0.26 -82.23
CA LYS U 89 53.46 1.04 -81.24
C LYS U 89 52.45 0.18 -80.48
N ARG U 90 52.74 -1.11 -80.38
CA ARG U 90 51.91 -2.05 -79.64
C ARG U 90 52.79 -2.77 -78.61
N SER U 91 52.33 -2.79 -77.36
CA SER U 91 53.10 -3.37 -76.27
C SER U 91 52.74 -4.82 -75.99
N THR U 92 52.07 -5.50 -76.90
CA THR U 92 51.66 -6.88 -76.73
C THR U 92 52.39 -7.76 -77.74
N ILE U 93 53.03 -8.82 -77.25
CA ILE U 93 53.60 -9.84 -78.13
C ILE U 93 52.67 -11.04 -78.14
N THR U 94 51.83 -11.13 -79.16
CA THR U 94 51.04 -12.31 -79.41
C THR U 94 51.87 -13.30 -80.23
N SER U 95 51.23 -14.33 -80.76
CA SER U 95 51.92 -15.23 -81.69
C SER U 95 52.35 -14.52 -82.96
N ARG U 96 51.66 -13.43 -83.33
CA ARG U 96 52.03 -12.71 -84.54
C ARG U 96 53.42 -12.09 -84.44
N GLU U 97 53.75 -11.52 -83.28
CA GLU U 97 55.06 -10.88 -83.11
C GLU U 97 56.19 -11.90 -83.21
N ILE U 98 56.05 -13.05 -82.54
CA ILE U 98 57.08 -14.07 -82.62
C ILE U 98 57.14 -14.65 -84.03
N GLN U 99 55.99 -14.77 -84.70
CA GLN U 99 55.97 -15.30 -86.06
C GLN U 99 56.72 -14.37 -87.02
N THR U 100 56.47 -13.06 -86.92
CA THR U 100 57.18 -12.13 -87.80
C THR U 100 58.65 -12.04 -87.42
N ALA U 101 58.96 -12.21 -86.12
CA ALA U 101 60.36 -12.25 -85.71
C ALA U 101 61.09 -13.43 -86.35
N VAL U 102 60.43 -14.60 -86.38
CA VAL U 102 61.03 -15.75 -87.02
C VAL U 102 61.13 -15.55 -88.53
N ARG U 103 60.12 -14.91 -89.12
CA ARG U 103 60.17 -14.60 -90.55
C ARG U 103 61.34 -13.70 -90.88
N LEU U 104 61.66 -12.75 -90.00
CA LEU U 104 62.79 -11.86 -90.22
C LEU U 104 64.12 -12.55 -89.94
N LEU U 105 64.14 -13.47 -88.97
CA LEU U 105 65.42 -14.00 -88.48
C LEU U 105 65.90 -15.18 -89.33
N LEU U 106 65.11 -16.24 -89.40
CA LEU U 106 65.56 -17.47 -90.03
C LEU U 106 65.53 -17.34 -91.55
N PRO U 107 66.38 -18.10 -92.25
CA PRO U 107 66.41 -18.03 -93.71
C PRO U 107 65.12 -18.56 -94.32
N GLY U 108 64.88 -18.15 -95.57
CA GLY U 108 63.63 -18.38 -96.28
C GLY U 108 62.97 -19.73 -96.10
N GLU U 109 63.65 -20.81 -96.50
CA GLU U 109 63.09 -22.15 -96.33
C GLU U 109 62.95 -22.49 -94.85
N LEU U 110 63.99 -22.19 -94.06
CA LEU U 110 63.92 -22.42 -92.63
C LEU U 110 62.85 -21.56 -91.98
N ALA U 111 62.72 -20.31 -92.43
CA ALA U 111 61.66 -19.44 -91.91
C ALA U 111 60.29 -20.01 -92.21
N LYS U 112 60.08 -20.51 -93.43
CA LYS U 112 58.79 -21.11 -93.78
C LYS U 112 58.50 -22.33 -92.91
N HIS U 113 59.49 -23.20 -92.73
CA HIS U 113 59.29 -24.40 -91.91
C HIS U 113 58.98 -24.02 -90.47
N ALA U 114 59.71 -23.05 -89.92
CA ALA U 114 59.49 -22.64 -88.54
C ALA U 114 58.13 -21.97 -88.37
N VAL U 115 57.71 -21.17 -89.34
CA VAL U 115 56.39 -20.56 -89.27
C VAL U 115 55.30 -21.63 -89.29
N SER U 116 55.45 -22.63 -90.18
CA SER U 116 54.46 -23.70 -90.22
C SER U 116 54.38 -24.45 -88.90
N GLU U 117 55.53 -24.86 -88.37
CA GLU U 117 55.53 -25.64 -87.13
C GLU U 117 55.03 -24.81 -85.95
N GLY U 118 55.41 -23.53 -85.90
CA GLY U 118 54.96 -22.68 -84.81
C GLY U 118 53.47 -22.39 -84.88
N THR U 119 52.94 -22.21 -86.09
CA THR U 119 51.50 -22.02 -86.25
C THR U 119 50.75 -23.27 -85.80
N LYS U 120 51.24 -24.45 -86.18
CA LYS U 120 50.60 -25.68 -85.73
C LYS U 120 50.65 -25.79 -84.21
N ALA U 121 51.79 -25.46 -83.61
CA ALA U 121 51.93 -25.51 -82.17
C ALA U 121 50.99 -24.53 -81.48
N VAL U 122 50.86 -23.32 -82.03
CA VAL U 122 49.97 -22.32 -81.44
C VAL U 122 48.53 -22.78 -81.52
N THR U 123 48.12 -23.32 -82.67
CA THR U 123 46.75 -23.80 -82.81
C THR U 123 46.45 -24.94 -81.84
N LYS U 124 47.38 -25.90 -81.70
CA LYS U 124 47.11 -27.03 -80.81
C LYS U 124 47.18 -26.60 -79.35
N TYR U 125 47.97 -25.56 -79.04
CA TYR U 125 48.00 -25.03 -77.68
C TYR U 125 46.70 -24.31 -77.35
N THR U 126 46.17 -23.51 -78.28
CA THR U 126 44.94 -22.78 -78.03
C THR U 126 43.73 -23.71 -78.01
N SER U 127 43.78 -24.80 -78.78
CA SER U 127 42.63 -25.69 -78.89
C SER U 127 42.32 -26.37 -77.56
N ALA U 128 43.35 -26.84 -76.85
CA ALA U 128 43.15 -27.66 -75.66
C ALA U 128 43.15 -26.80 -74.40
N LYS U 129 43.06 -27.44 -73.25
CA LYS U 129 43.05 -26.74 -71.97
C LYS U 129 44.47 -26.48 -71.48
N HIS V 43 114.66 -40.13 -96.66
CA HIS V 43 115.44 -39.23 -97.50
C HIS V 43 114.80 -37.85 -97.59
N ARG V 44 115.43 -36.96 -98.34
CA ARG V 44 114.96 -35.58 -98.47
C ARG V 44 113.89 -35.50 -99.55
N TYR V 45 112.68 -35.12 -99.15
CA TYR V 45 111.58 -34.99 -100.09
C TYR V 45 111.63 -33.62 -100.77
N ARG V 46 110.71 -33.42 -101.75
CA ARG V 46 110.60 -32.09 -102.33
C ARG V 46 109.69 -31.20 -101.48
N PRO V 47 109.96 -29.90 -101.44
CA PRO V 47 109.12 -29.00 -100.64
C PRO V 47 107.68 -28.95 -101.16
N GLY V 48 106.74 -28.80 -100.23
CA GLY V 48 105.35 -28.57 -100.55
C GLY V 48 104.40 -29.71 -100.19
N THR V 49 104.82 -30.97 -100.41
CA THR V 49 103.92 -32.09 -100.15
C THR V 49 103.70 -32.30 -98.66
N VAL V 50 104.76 -32.12 -97.87
CA VAL V 50 104.66 -32.37 -96.43
C VAL V 50 103.57 -31.50 -95.83
N ALA V 51 103.62 -30.18 -96.09
CA ALA V 51 102.63 -29.26 -95.54
C ALA V 51 101.21 -29.72 -95.87
N LEU V 52 101.01 -30.21 -97.09
CA LEU V 52 99.71 -30.76 -97.46
C LEU V 52 99.37 -31.98 -96.60
N ARG V 53 100.36 -32.82 -96.30
CA ARG V 53 100.10 -34.00 -95.49
C ARG V 53 99.67 -33.63 -94.07
N GLU V 54 100.40 -32.71 -93.43
CA GLU V 54 99.97 -32.30 -92.08
C GLU V 54 98.66 -31.51 -92.13
N ILE V 55 98.38 -30.80 -93.23
CA ILE V 55 97.07 -30.16 -93.35
C ILE V 55 95.97 -31.22 -93.36
N ARG V 56 96.15 -32.27 -94.16
CA ARG V 56 95.16 -33.34 -94.22
C ARG V 56 94.98 -34.01 -92.87
N ARG V 57 96.08 -34.26 -92.15
CA ARG V 57 95.98 -34.95 -90.87
C ARG V 57 95.34 -34.07 -89.81
N TYR V 58 95.81 -32.82 -89.67
CA TYR V 58 95.26 -31.91 -88.68
C TYR V 58 93.84 -31.48 -89.01
N GLN V 59 93.39 -31.73 -90.24
CA GLN V 59 92.01 -31.44 -90.59
C GLN V 59 91.02 -32.31 -89.81
N LYS V 60 91.49 -33.39 -89.18
CA LYS V 60 90.62 -34.28 -88.43
C LYS V 60 90.65 -34.02 -86.93
N SER V 61 91.45 -33.06 -86.46
CA SER V 61 91.60 -32.77 -85.04
C SER V 61 91.23 -31.32 -84.77
N THR V 62 90.79 -31.04 -83.53
CA THR V 62 90.30 -29.73 -83.14
C THR V 62 90.98 -29.16 -81.90
N GLU V 63 92.05 -29.79 -81.42
CA GLU V 63 92.66 -29.37 -80.17
C GLU V 63 93.39 -28.03 -80.35
N LEU V 64 93.44 -27.25 -79.27
CA LEU V 64 93.99 -25.90 -79.32
C LEU V 64 95.48 -25.95 -79.63
N LEU V 65 95.91 -25.07 -80.55
CA LEU V 65 97.28 -25.12 -81.05
C LEU V 65 98.27 -24.53 -80.06
N ILE V 66 98.07 -23.26 -79.68
CA ILE V 66 99.03 -22.58 -78.83
C ILE V 66 99.04 -23.23 -77.44
N ARG V 67 100.23 -23.50 -76.93
CA ARG V 67 100.37 -24.12 -75.62
C ARG V 67 99.97 -23.11 -74.54
N LYS V 68 99.80 -23.62 -73.31
CA LYS V 68 99.11 -22.86 -72.27
C LYS V 68 99.94 -21.70 -71.75
N LEU V 69 101.11 -22.00 -71.17
CA LEU V 69 101.83 -21.01 -70.38
C LEU V 69 102.29 -19.77 -71.17
N PRO V 70 102.83 -19.88 -72.38
CA PRO V 70 103.25 -18.65 -73.08
C PRO V 70 102.10 -17.73 -73.46
N PHE V 71 101.04 -18.27 -74.06
CA PHE V 71 99.85 -17.46 -74.35
C PHE V 71 99.25 -16.91 -73.08
N GLN V 72 99.34 -17.66 -71.99
CA GLN V 72 98.84 -17.28 -70.68
C GLN V 72 99.58 -16.04 -70.20
N ARG V 73 100.92 -16.09 -70.30
CA ARG V 73 101.76 -14.97 -69.91
C ARG V 73 101.52 -13.75 -70.79
N LEU V 74 101.34 -13.97 -72.09
CA LEU V 74 101.07 -12.85 -73.00
C LEU V 74 99.73 -12.18 -72.66
N VAL V 75 98.69 -12.98 -72.47
CA VAL V 75 97.38 -12.46 -72.08
C VAL V 75 97.46 -11.69 -70.77
N ARG V 76 98.19 -12.22 -69.78
CA ARG V 76 98.27 -11.56 -68.50
C ARG V 76 99.14 -10.32 -68.50
N GLU V 77 100.19 -10.28 -69.33
CA GLU V 77 100.98 -9.04 -69.44
C GLU V 77 100.21 -7.97 -70.21
N ILE V 78 99.37 -8.36 -71.17
CA ILE V 78 98.48 -7.40 -71.81
C ILE V 78 97.45 -6.89 -70.82
N ALA V 79 96.88 -7.80 -70.00
CA ALA V 79 95.91 -7.42 -69.00
C ALA V 79 96.51 -6.57 -67.88
N GLN V 80 97.81 -6.70 -67.65
CA GLN V 80 98.48 -5.90 -66.62
C GLN V 80 98.41 -4.42 -66.94
N ASP V 81 98.26 -4.05 -68.21
CA ASP V 81 98.05 -2.68 -68.61
C ASP V 81 96.67 -2.16 -68.24
N PHE V 82 95.76 -3.04 -67.83
CA PHE V 82 94.41 -2.67 -67.45
C PHE V 82 94.18 -2.72 -65.94
N LYS V 83 94.79 -3.68 -65.26
CA LYS V 83 94.73 -3.76 -63.81
C LYS V 83 95.98 -4.47 -63.31
N THR V 84 96.25 -4.31 -62.01
CA THR V 84 97.33 -5.01 -61.34
C THR V 84 96.76 -6.17 -60.53
N ASP V 85 97.47 -7.30 -60.56
CA ASP V 85 97.07 -8.52 -59.83
C ASP V 85 95.64 -8.94 -60.22
N LEU V 86 95.42 -8.98 -61.53
CA LEU V 86 94.14 -9.42 -62.04
C LEU V 86 94.27 -10.85 -62.57
N ARG V 87 93.18 -11.61 -62.54
CA ARG V 87 93.22 -13.01 -62.92
C ARG V 87 92.03 -13.30 -63.82
N PHE V 88 92.11 -14.39 -64.58
CA PHE V 88 91.05 -14.84 -65.46
C PHE V 88 90.51 -16.16 -64.91
N GLN V 89 89.38 -16.60 -65.46
CA GLN V 89 88.89 -17.92 -65.13
C GLN V 89 89.49 -18.95 -66.08
N SER V 90 89.50 -20.22 -65.65
CA SER V 90 90.09 -21.27 -66.46
C SER V 90 89.37 -21.41 -67.81
N SER V 91 88.04 -21.53 -67.78
CA SER V 91 87.28 -21.51 -69.02
C SER V 91 87.37 -20.16 -69.72
N ALA V 92 87.57 -19.07 -68.97
CA ALA V 92 87.83 -17.77 -69.60
C ALA V 92 89.13 -17.78 -70.39
N VAL V 93 90.19 -18.35 -69.81
CA VAL V 93 91.46 -18.45 -70.53
C VAL V 93 91.32 -19.34 -71.76
N MET V 94 90.62 -20.46 -71.61
CA MET V 94 90.47 -21.35 -72.76
C MET V 94 89.62 -20.69 -73.85
N ALA V 95 88.60 -19.93 -73.46
CA ALA V 95 87.79 -19.20 -74.44
C ALA V 95 88.60 -18.11 -75.13
N LEU V 96 89.46 -17.41 -74.37
CA LEU V 96 90.35 -16.44 -74.99
C LEU V 96 91.27 -17.11 -75.99
N GLN V 97 91.79 -18.28 -75.65
CA GLN V 97 92.65 -19.02 -76.57
C GLN V 97 91.89 -19.44 -77.83
N GLU V 98 90.68 -19.96 -77.66
CA GLU V 98 89.87 -20.35 -78.80
C GLU V 98 89.58 -19.15 -79.71
N ALA V 99 89.20 -18.02 -79.12
CA ALA V 99 88.88 -16.84 -79.90
C ALA V 99 90.11 -16.31 -80.63
N CYS V 100 91.25 -16.26 -79.95
CA CYS V 100 92.47 -15.79 -80.60
C CYS V 100 92.86 -16.71 -81.76
N GLU V 101 92.78 -18.03 -81.54
CA GLU V 101 93.10 -18.96 -82.61
C GLU V 101 92.15 -18.79 -83.79
N ALA V 102 90.85 -18.68 -83.52
CA ALA V 102 89.88 -18.53 -84.61
C ALA V 102 90.11 -17.23 -85.38
N TYR V 103 90.32 -16.12 -84.68
CA TYR V 103 90.52 -14.85 -85.36
C TYR V 103 91.81 -14.85 -86.17
N LEU V 104 92.89 -15.39 -85.60
CA LEU V 104 94.15 -15.45 -86.33
C LEU V 104 94.05 -16.35 -87.54
N VAL V 105 93.35 -17.48 -87.42
CA VAL V 105 93.19 -18.39 -88.55
C VAL V 105 92.35 -17.75 -89.65
N GLY V 106 91.30 -17.01 -89.26
CA GLY V 106 90.50 -16.30 -90.25
C GLY V 106 91.30 -15.22 -90.95
N LEU V 107 92.10 -14.46 -90.20
CA LEU V 107 92.95 -13.44 -90.81
C LEU V 107 93.99 -14.08 -91.74
N PHE V 108 94.53 -15.23 -91.36
CA PHE V 108 95.50 -15.91 -92.20
C PHE V 108 94.85 -16.45 -93.47
N GLU V 109 93.61 -16.94 -93.37
CA GLU V 109 92.90 -17.36 -94.56
C GLU V 109 92.64 -16.18 -95.49
N ASP V 110 92.25 -15.04 -94.93
CA ASP V 110 92.07 -13.83 -95.73
C ASP V 110 93.37 -13.41 -96.39
N THR V 111 94.48 -13.46 -95.65
CA THR V 111 95.78 -13.08 -96.18
C THR V 111 96.22 -14.01 -97.31
N ASN V 112 96.03 -15.33 -97.12
CA ASN V 112 96.38 -16.29 -98.15
C ASN V 112 95.52 -16.11 -99.40
N LEU V 113 94.21 -15.85 -99.20
CA LEU V 113 93.35 -15.58 -100.35
C LEU V 113 93.79 -14.33 -101.09
N CYS V 114 94.14 -13.27 -100.36
CA CYS V 114 94.62 -12.05 -101.00
C CYS V 114 95.91 -12.31 -101.77
N ALA V 115 96.84 -13.07 -101.19
CA ALA V 115 98.09 -13.36 -101.88
C ALA V 115 97.85 -14.19 -103.13
N ILE V 116 97.00 -15.22 -103.04
CA ILE V 116 96.73 -16.07 -104.19
C ILE V 116 96.03 -15.29 -105.29
N HIS V 117 95.04 -14.48 -104.93
CA HIS V 117 94.37 -13.63 -105.91
C HIS V 117 95.31 -12.59 -106.49
N ALA V 118 96.34 -12.19 -105.75
CA ALA V 118 97.40 -11.34 -106.25
C ALA V 118 98.46 -12.13 -107.00
N LYS V 119 98.16 -13.38 -107.38
CA LYS V 119 99.07 -14.25 -108.11
C LYS V 119 100.38 -14.44 -107.34
N ARG V 120 100.25 -14.67 -106.04
CA ARG V 120 101.41 -14.90 -105.18
C ARG V 120 101.11 -16.07 -104.25
N VAL V 121 102.17 -16.74 -103.81
CA VAL V 121 102.02 -17.87 -102.91
C VAL V 121 102.51 -17.57 -101.50
N THR V 122 103.62 -16.87 -101.32
CA THR V 122 104.12 -16.49 -100.01
C THR V 122 103.40 -15.23 -99.54
N ILE V 123 102.90 -15.28 -98.31
CA ILE V 123 102.13 -14.18 -97.74
C ILE V 123 103.09 -13.11 -97.25
N MET V 124 102.65 -11.86 -97.35
CA MET V 124 103.45 -10.71 -96.96
C MET V 124 102.61 -9.84 -96.05
N PRO V 125 103.24 -9.02 -95.19
CA PRO V 125 102.46 -8.15 -94.30
C PRO V 125 101.49 -7.23 -95.04
N LYS V 126 101.82 -6.85 -96.26
CA LYS V 126 100.90 -6.05 -97.06
C LYS V 126 99.60 -6.80 -97.35
N ASP V 127 99.69 -8.13 -97.50
CA ASP V 127 98.47 -8.92 -97.65
C ASP V 127 97.59 -8.83 -96.41
N ILE V 128 98.20 -8.89 -95.23
CA ILE V 128 97.46 -8.75 -93.98
C ILE V 128 96.87 -7.36 -93.88
N GLN V 129 97.61 -6.34 -94.32
CA GLN V 129 97.09 -4.98 -94.32
C GLN V 129 95.87 -4.85 -95.23
N LEU V 130 95.93 -5.46 -96.42
CA LEU V 130 94.78 -5.44 -97.32
C LEU V 130 93.58 -6.14 -96.69
N ALA V 131 93.81 -7.30 -96.07
CA ALA V 131 92.71 -8.02 -95.43
C ALA V 131 92.08 -7.20 -94.31
N ARG V 132 92.91 -6.56 -93.49
CA ARG V 132 92.40 -5.71 -92.42
C ARG V 132 91.62 -4.53 -92.98
N ARG V 133 92.13 -3.90 -94.05
CA ARG V 133 91.45 -2.74 -94.62
C ARG V 133 90.10 -3.12 -95.20
N ILE V 134 90.01 -4.25 -95.89
CA ILE V 134 88.72 -4.69 -96.43
C ILE V 134 87.79 -5.08 -95.30
N ARG V 135 88.33 -5.68 -94.24
CA ARG V 135 87.52 -6.01 -93.07
C ARG V 135 86.91 -4.77 -92.44
N GLY V 136 87.56 -3.62 -92.58
CA GLY V 136 87.05 -2.36 -92.08
C GLY V 136 87.62 -1.91 -90.76
N GLU V 137 88.45 -2.73 -90.11
CA GLU V 137 89.01 -2.33 -88.82
C GLU V 137 89.93 -1.13 -88.95
N ARG V 138 90.80 -1.13 -89.96
CA ARG V 138 91.75 -0.04 -90.16
C ARG V 138 91.06 1.09 -90.91
N ALA V 139 91.02 2.27 -90.29
CA ALA V 139 90.40 3.44 -90.90
C ALA V 139 91.39 4.17 -91.81
N ASN W 29 108.24 -11.98 -73.67
CA ASN W 29 106.96 -11.28 -73.71
C ASN W 29 106.19 -11.64 -74.99
N ILE W 30 106.38 -10.85 -76.04
CA ILE W 30 105.73 -11.11 -77.31
C ILE W 30 106.27 -12.37 -77.99
N GLN W 31 107.42 -12.86 -77.53
CA GLN W 31 107.94 -14.14 -78.00
C GLN W 31 107.18 -15.33 -77.45
N GLY W 32 106.22 -15.11 -76.55
CA GLY W 32 105.34 -16.19 -76.12
C GLY W 32 104.61 -16.82 -77.29
N ILE W 33 104.15 -16.00 -78.23
CA ILE W 33 103.69 -16.48 -79.52
C ILE W 33 104.94 -16.79 -80.33
N THR W 34 105.36 -18.05 -80.30
CA THR W 34 106.65 -18.43 -80.84
C THR W 34 106.59 -18.58 -82.36
N LYS W 35 107.77 -18.72 -82.96
CA LYS W 35 107.83 -19.04 -84.39
C LYS W 35 107.07 -20.31 -84.73
N PRO W 36 107.26 -21.45 -84.03
CA PRO W 36 106.41 -22.60 -84.31
C PRO W 36 104.93 -22.35 -84.07
N ALA W 37 104.59 -21.54 -83.07
CA ALA W 37 103.17 -21.23 -82.83
C ALA W 37 102.55 -20.49 -84.00
N ILE W 38 103.27 -19.47 -84.52
CA ILE W 38 102.77 -18.75 -85.68
C ILE W 38 102.72 -19.64 -86.90
N ARG W 39 103.71 -20.53 -87.05
CA ARG W 39 103.71 -21.48 -88.16
C ARG W 39 102.47 -22.36 -88.11
N ARG W 40 102.17 -22.93 -86.94
CA ARG W 40 100.99 -23.79 -86.80
C ARG W 40 99.70 -23.01 -87.04
N LEU W 41 99.62 -21.79 -86.51
CA LEU W 41 98.43 -20.97 -86.70
C LEU W 41 98.21 -20.65 -88.18
N ALA W 42 99.29 -20.36 -88.91
CA ALA W 42 99.16 -20.09 -90.34
C ALA W 42 98.79 -21.35 -91.11
N ARG W 43 99.38 -22.50 -90.75
CA ARG W 43 99.12 -23.73 -91.48
C ARG W 43 97.69 -24.23 -91.22
N ARG W 44 97.11 -23.86 -90.09
CA ARG W 44 95.70 -24.19 -89.85
C ARG W 44 94.79 -23.57 -90.91
N GLY W 45 95.13 -22.37 -91.38
CA GLY W 45 94.37 -21.69 -92.42
C GLY W 45 94.75 -22.06 -93.84
N GLY W 46 95.76 -22.89 -94.03
CA GLY W 46 96.15 -23.34 -95.35
C GLY W 46 97.29 -22.57 -96.00
N VAL W 47 98.00 -21.73 -95.24
CA VAL W 47 99.13 -20.99 -95.79
C VAL W 47 100.28 -21.95 -96.06
N LYS W 48 100.94 -21.80 -97.21
CA LYS W 48 102.00 -22.70 -97.63
C LYS W 48 103.38 -22.13 -97.32
N ARG W 49 103.66 -20.91 -97.75
CA ARG W 49 104.95 -20.27 -97.53
C ARG W 49 104.75 -18.99 -96.73
N ILE W 50 105.58 -18.81 -95.71
CA ILE W 50 105.48 -17.69 -94.79
C ILE W 50 106.78 -16.91 -94.79
N SER W 51 106.66 -15.59 -94.84
CA SER W 51 107.82 -14.70 -94.87
C SER W 51 108.33 -14.42 -93.46
N GLY W 52 109.55 -13.87 -93.39
CA GLY W 52 110.13 -13.51 -92.11
C GLY W 52 109.53 -12.28 -91.47
N LEU W 53 108.89 -11.41 -92.26
CA LEU W 53 108.21 -10.24 -91.73
C LEU W 53 106.75 -10.52 -91.39
N ILE W 54 106.25 -11.72 -91.69
CA ILE W 54 104.88 -12.08 -91.32
C ILE W 54 104.73 -12.17 -89.82
N TYR W 55 105.78 -12.61 -89.12
CA TYR W 55 105.69 -12.79 -87.67
C TYR W 55 105.36 -11.47 -86.98
N GLU W 56 105.98 -10.38 -87.42
CA GLU W 56 105.74 -9.08 -86.80
C GLU W 56 104.30 -8.61 -87.00
N GLU W 57 103.80 -8.71 -88.23
CA GLU W 57 102.42 -8.29 -88.50
C GLU W 57 101.43 -9.16 -87.74
N THR W 58 101.67 -10.47 -87.72
CA THR W 58 100.79 -11.38 -86.99
C THR W 58 100.76 -11.05 -85.51
N ARG W 59 101.94 -10.83 -84.92
CA ARG W 59 102.00 -10.51 -83.49
C ARG W 59 101.35 -9.16 -83.21
N GLY W 60 101.52 -8.19 -84.10
CA GLY W 60 100.87 -6.90 -83.90
C GLY W 60 99.36 -6.99 -83.96
N VAL W 61 98.82 -7.71 -84.94
CA VAL W 61 97.38 -7.84 -85.06
C VAL W 61 96.82 -8.63 -83.88
N LEU W 62 97.52 -9.70 -83.49
CA LEU W 62 97.09 -10.47 -82.33
C LEU W 62 97.14 -9.62 -81.06
N LYS W 63 98.15 -8.76 -80.94
CA LYS W 63 98.23 -7.86 -79.78
C LYS W 63 97.06 -6.88 -79.79
N VAL W 64 96.69 -6.35 -80.95
CA VAL W 64 95.56 -5.44 -81.03
C VAL W 64 94.27 -6.15 -80.62
N PHE W 65 94.05 -7.34 -81.16
CA PHE W 65 92.85 -8.10 -80.82
C PHE W 65 92.81 -8.46 -79.34
N LEU W 66 93.95 -8.90 -78.79
CA LEU W 66 94.01 -9.24 -77.38
C LEU W 66 93.78 -8.01 -76.51
N GLU W 67 94.35 -6.87 -76.90
CA GLU W 67 94.12 -5.64 -76.15
C GLU W 67 92.64 -5.28 -76.13
N ASN W 68 91.97 -5.37 -77.29
CA ASN W 68 90.56 -5.04 -77.33
C ASN W 68 89.72 -5.99 -76.49
N VAL W 69 89.94 -7.30 -76.65
CA VAL W 69 89.11 -8.29 -75.95
C VAL W 69 89.38 -8.24 -74.46
N ILE W 70 90.65 -8.14 -74.05
CA ILE W 70 91.00 -8.05 -72.64
C ILE W 70 90.50 -6.74 -72.05
N ARG W 71 90.50 -5.66 -72.85
CA ARG W 71 89.92 -4.41 -72.39
C ARG W 71 88.44 -4.57 -72.07
N ASP W 72 87.70 -5.23 -72.98
CA ASP W 72 86.28 -5.48 -72.73
C ASP W 72 86.08 -6.36 -71.50
N ALA W 73 86.90 -7.40 -71.35
CA ALA W 73 86.76 -8.32 -70.22
C ALA W 73 87.09 -7.63 -68.90
N VAL W 74 88.14 -6.82 -68.87
CA VAL W 74 88.52 -6.10 -67.66
C VAL W 74 87.46 -5.06 -67.32
N THR W 75 86.86 -4.42 -68.34
CA THR W 75 85.76 -3.50 -68.08
C THR W 75 84.57 -4.24 -67.48
N TYR W 76 84.28 -5.44 -67.99
CA TYR W 76 83.24 -6.27 -67.40
C TYR W 76 83.55 -6.58 -65.94
N THR W 77 84.81 -6.91 -65.65
CA THR W 77 85.22 -7.23 -64.28
C THR W 77 85.07 -6.01 -63.37
N GLU W 78 85.46 -4.83 -63.86
CA GLU W 78 85.28 -3.61 -63.08
C GLU W 78 83.81 -3.36 -62.80
N HIS W 79 82.95 -3.61 -63.79
CA HIS W 79 81.51 -3.47 -63.58
C HIS W 79 81.01 -4.47 -62.55
N ALA W 80 81.56 -5.69 -62.56
CA ALA W 80 81.10 -6.75 -61.66
C ALA W 80 81.59 -6.57 -60.23
N LYS W 81 82.52 -5.64 -59.98
CA LYS W 81 83.04 -5.37 -58.64
C LYS W 81 83.78 -6.58 -58.08
N ARG W 82 84.10 -7.54 -58.95
CA ARG W 82 84.77 -8.76 -58.55
C ARG W 82 86.28 -8.61 -58.71
N LYS W 83 87.01 -9.72 -58.52
CA LYS W 83 88.47 -9.70 -58.56
C LYS W 83 89.03 -10.53 -59.70
N THR W 84 88.26 -11.44 -60.29
CA THR W 84 88.78 -12.33 -61.30
C THR W 84 87.84 -12.34 -62.50
N VAL W 85 88.44 -12.36 -63.69
CA VAL W 85 87.66 -12.42 -64.93
C VAL W 85 87.01 -13.80 -65.05
N THR W 86 85.72 -13.82 -65.36
CA THR W 86 84.98 -15.07 -65.50
C THR W 86 84.84 -15.46 -66.97
N ALA W 87 84.52 -16.73 -67.18
CA ALA W 87 84.34 -17.22 -68.54
C ALA W 87 83.17 -16.55 -69.24
N MET W 88 82.07 -16.33 -68.50
CA MET W 88 80.93 -15.61 -69.08
C MET W 88 81.34 -14.24 -69.58
N ASP W 89 82.18 -13.53 -68.81
CA ASP W 89 82.61 -12.21 -69.22
C ASP W 89 83.39 -12.25 -70.52
N VAL W 90 84.29 -13.23 -70.66
CA VAL W 90 85.06 -13.36 -71.90
C VAL W 90 84.14 -13.68 -73.06
N VAL W 91 83.20 -14.61 -72.87
CA VAL W 91 82.30 -15.00 -73.94
C VAL W 91 81.45 -13.82 -74.39
N TYR W 92 80.92 -13.04 -73.45
CA TYR W 92 80.08 -11.92 -73.82
C TYR W 92 80.87 -10.75 -74.38
N ALA W 93 82.13 -10.58 -73.97
CA ALA W 93 82.99 -9.61 -74.64
C ALA W 93 83.22 -10.00 -76.08
N LEU W 94 83.44 -11.30 -76.32
CA LEU W 94 83.58 -11.79 -77.70
C LEU W 94 82.29 -11.55 -78.49
N LYS W 95 81.14 -11.80 -77.86
CA LYS W 95 79.86 -11.56 -78.52
C LYS W 95 79.67 -10.10 -78.88
N ARG W 96 80.02 -9.20 -77.96
CA ARG W 96 79.95 -7.77 -78.25
C ARG W 96 80.89 -7.40 -79.38
N GLN W 97 82.06 -8.02 -79.43
CA GLN W 97 82.95 -7.90 -80.57
C GLN W 97 82.42 -8.63 -81.80
N GLY W 98 81.37 -9.42 -81.65
CA GLY W 98 80.82 -10.18 -82.76
C GLY W 98 81.47 -11.52 -83.00
N ARG W 99 82.13 -12.08 -81.99
CA ARG W 99 82.91 -13.31 -82.13
C ARG W 99 82.45 -14.33 -81.10
N THR W 100 81.13 -14.57 -81.06
CA THR W 100 80.54 -15.46 -80.07
C THR W 100 81.12 -16.86 -80.15
N LEU W 101 81.38 -17.45 -79.00
CA LEU W 101 81.96 -18.79 -78.90
C LEU W 101 81.07 -19.69 -78.05
N TYR W 102 80.91 -20.92 -78.51
CA TYR W 102 80.09 -21.93 -77.85
C TYR W 102 80.96 -22.81 -76.95
N GLY W 103 80.29 -23.66 -76.18
CA GLY W 103 80.97 -24.66 -75.37
C GLY W 103 81.19 -24.32 -73.92
N PHE W 104 80.76 -23.14 -73.47
CA PHE W 104 81.07 -22.70 -72.12
C PHE W 104 79.84 -22.21 -71.36
N GLY W 105 78.64 -22.62 -71.76
CA GLY W 105 77.43 -22.28 -71.05
C GLY W 105 77.15 -20.78 -71.00
N GLY W 106 77.35 -20.09 -72.10
CA GLY W 106 77.11 -18.66 -72.17
C GLY W 106 75.63 -18.29 -72.02
N ALA X 18 65.20 26.98 -59.99
CA ALA X 18 65.08 25.97 -61.05
C ALA X 18 63.94 25.00 -60.75
N LYS X 19 63.01 24.88 -61.69
CA LYS X 19 61.86 23.99 -61.53
C LYS X 19 62.09 22.65 -62.23
N THR X 20 62.38 22.69 -63.53
CA THR X 20 62.62 21.47 -64.28
C THR X 20 63.98 20.88 -63.91
N ARG X 21 64.08 19.56 -64.01
CA ARG X 21 65.33 18.88 -63.70
C ARG X 21 66.42 19.19 -64.72
N SER X 22 66.05 19.63 -65.92
CA SER X 22 67.05 19.99 -66.93
C SER X 22 67.90 21.16 -66.45
N SER X 23 67.27 22.17 -65.84
CA SER X 23 68.03 23.29 -65.30
C SER X 23 68.92 22.86 -64.13
N ARG X 24 68.45 21.92 -63.31
CA ARG X 24 69.27 21.40 -62.22
C ARG X 24 70.50 20.68 -62.76
N ALA X 25 70.32 19.87 -63.80
CA ALA X 25 71.43 19.11 -64.38
C ALA X 25 72.35 19.97 -65.24
N GLY X 26 71.88 21.11 -65.74
CA GLY X 26 72.72 21.96 -66.56
C GLY X 26 73.09 21.35 -67.90
N LEU X 27 72.14 20.72 -68.57
CA LEU X 27 72.36 20.12 -69.88
C LEU X 27 71.33 20.70 -70.86
N GLN X 28 71.45 20.27 -72.12
CA GLN X 28 70.59 20.76 -73.19
C GLN X 28 69.49 19.78 -73.59
N PHE X 29 69.82 18.49 -73.69
CA PHE X 29 68.82 17.51 -74.08
C PHE X 29 67.76 17.36 -72.98
N PRO X 30 66.51 17.11 -73.35
CA PRO X 30 65.45 17.02 -72.34
C PRO X 30 65.51 15.68 -71.59
N VAL X 31 65.53 15.76 -70.27
CA VAL X 31 65.52 14.56 -69.45
C VAL X 31 64.15 13.90 -69.47
N GLY X 32 63.08 14.70 -69.53
CA GLY X 32 61.74 14.16 -69.43
C GLY X 32 61.36 13.25 -70.59
N ARG X 33 61.68 13.67 -71.82
CA ARG X 33 61.36 12.83 -72.97
C ARG X 33 62.18 11.56 -72.98
N VAL X 34 63.45 11.63 -72.55
CA VAL X 34 64.27 10.43 -72.42
C VAL X 34 63.67 9.48 -71.41
N HIS X 35 63.21 10.02 -70.26
CA HIS X 35 62.58 9.19 -69.25
C HIS X 35 61.29 8.54 -69.78
N ARG X 36 60.51 9.30 -70.55
CA ARG X 36 59.29 8.74 -71.14
C ARG X 36 59.62 7.63 -72.12
N LEU X 37 60.65 7.82 -72.94
CA LEU X 37 61.05 6.79 -73.89
C LEU X 37 61.55 5.54 -73.17
N LEU X 38 62.29 5.72 -72.08
CA LEU X 38 62.72 4.58 -71.28
C LEU X 38 61.53 3.85 -70.66
N ARG X 39 60.53 4.61 -70.19
CA ARG X 39 59.33 3.98 -69.67
C ARG X 39 58.62 3.17 -70.74
N LYS X 40 58.48 3.73 -71.94
CA LYS X 40 57.96 3.00 -73.09
C LYS X 40 59.10 2.36 -73.87
N GLY X 41 59.92 1.60 -73.15
CA GLY X 41 61.13 1.05 -73.72
C GLY X 41 61.21 -0.47 -73.67
N ASN X 42 60.46 -1.09 -72.76
CA ASN X 42 60.43 -2.55 -72.61
C ASN X 42 61.84 -3.13 -72.47
N TYR X 43 62.62 -2.52 -71.57
CA TYR X 43 63.97 -3.03 -71.30
C TYR X 43 64.23 -3.12 -69.80
N SER X 44 63.50 -2.34 -69.00
CA SER X 44 63.72 -2.34 -67.56
C SER X 44 62.42 -1.99 -66.85
N GLU X 45 62.22 -2.62 -65.69
CA GLU X 45 61.06 -2.32 -64.87
C GLU X 45 61.24 -0.99 -64.14
N ARG X 46 62.44 -0.73 -63.61
CA ARG X 46 62.71 0.46 -62.82
C ARG X 46 63.98 1.13 -63.34
N VAL X 47 64.01 2.46 -63.25
CA VAL X 47 65.11 3.26 -63.76
C VAL X 47 65.60 4.18 -62.64
N GLY X 48 66.93 4.28 -62.51
CA GLY X 48 67.52 5.12 -61.50
C GLY X 48 67.38 6.60 -61.80
N ALA X 49 67.73 7.41 -60.81
CA ALA X 49 67.58 8.86 -60.90
C ALA X 49 68.82 9.57 -61.41
N GLY X 50 69.91 8.85 -61.67
CA GLY X 50 71.12 9.47 -62.16
C GLY X 50 71.48 9.04 -63.57
N ALA X 51 70.91 7.92 -64.01
CA ALA X 51 71.18 7.42 -65.36
C ALA X 51 70.74 8.38 -66.47
N PRO X 52 69.55 8.98 -66.43
CA PRO X 52 69.17 9.87 -67.55
C PRO X 52 70.13 11.04 -67.76
N VAL X 53 70.64 11.64 -66.68
CA VAL X 53 71.56 12.76 -66.83
C VAL X 53 72.86 12.30 -67.48
N TYR X 54 73.39 11.16 -67.04
CA TYR X 54 74.63 10.65 -67.61
C TYR X 54 74.45 10.29 -69.08
N LEU X 55 73.32 9.66 -69.42
CA LEU X 55 73.05 9.32 -70.81
C LEU X 55 72.88 10.55 -71.67
N ALA X 56 72.22 11.59 -71.15
CA ALA X 56 72.08 12.83 -71.88
C ALA X 56 73.44 13.48 -72.13
N ALA X 57 74.31 13.46 -71.12
CA ALA X 57 75.66 13.99 -71.29
C ALA X 57 76.43 13.22 -72.35
N VAL X 58 76.32 11.88 -72.35
CA VAL X 58 77.02 11.08 -73.34
C VAL X 58 76.49 11.38 -74.74
N LEU X 59 75.16 11.47 -74.90
CA LEU X 59 74.58 11.78 -76.20
C LEU X 59 75.01 13.16 -76.68
N GLU X 60 75.01 14.15 -75.78
CA GLU X 60 75.45 15.48 -76.16
C GLU X 60 76.91 15.49 -76.58
N TYR X 61 77.77 14.75 -75.86
CA TYR X 61 79.18 14.71 -76.24
C TYR X 61 79.37 14.04 -77.59
N LEU X 62 78.63 12.96 -77.85
CA LEU X 62 78.75 12.30 -79.16
C LEU X 62 78.27 13.22 -80.28
N THR X 63 77.15 13.90 -80.07
CA THR X 63 76.65 14.83 -81.08
C THR X 63 77.63 15.97 -81.31
N ALA X 64 78.25 16.47 -80.25
CA ALA X 64 79.25 17.52 -80.39
C ALA X 64 80.48 17.02 -81.11
N GLU X 65 80.89 15.78 -80.84
CA GLU X 65 82.04 15.20 -81.53
C GLU X 65 81.78 15.10 -83.02
N ILE X 66 80.58 14.65 -83.41
CA ILE X 66 80.25 14.61 -84.83
C ILE X 66 80.18 16.02 -85.41
N LEU X 67 79.54 16.95 -84.69
CA LEU X 67 79.29 18.28 -85.23
C LEU X 67 80.56 19.09 -85.36
N GLU X 68 81.55 18.86 -84.50
CA GLU X 68 82.80 19.59 -84.60
C GLU X 68 83.51 19.26 -85.91
N LEU X 69 83.59 17.98 -86.26
CA LEU X 69 84.21 17.60 -87.52
C LEU X 69 83.34 17.97 -88.71
N ALA X 70 82.01 17.95 -88.55
CA ALA X 70 81.14 18.43 -89.62
C ALA X 70 81.39 19.91 -89.91
N GLY X 71 81.51 20.71 -88.86
CA GLY X 71 81.85 22.12 -89.03
C GLY X 71 83.24 22.34 -89.57
N ASN X 72 84.19 21.48 -89.19
CA ASN X 72 85.53 21.54 -89.76
C ASN X 72 85.47 21.33 -91.27
N ALA X 73 84.74 20.31 -91.71
CA ALA X 73 84.60 20.06 -93.14
C ALA X 73 83.88 21.22 -93.84
N ALA X 74 82.84 21.77 -93.19
CA ALA X 74 82.10 22.87 -93.79
C ALA X 74 82.97 24.11 -93.95
N ARG X 75 83.78 24.42 -92.94
CA ARG X 75 84.67 25.57 -93.02
C ARG X 75 85.81 25.31 -94.00
N ASP X 76 86.21 24.05 -94.18
CA ASP X 76 87.13 23.71 -95.26
C ASP X 76 86.50 24.01 -96.61
N ASN X 77 85.22 23.69 -96.77
CA ASN X 77 84.48 23.97 -98.00
C ASN X 77 83.85 25.34 -98.01
N LYS X 78 83.97 26.11 -96.94
CA LYS X 78 83.41 27.46 -96.84
C LYS X 78 81.91 27.47 -97.14
N LYS X 79 81.20 26.50 -96.57
CA LYS X 79 79.76 26.38 -96.72
C LYS X 79 79.10 26.48 -95.35
N THR X 80 78.12 27.38 -95.22
CA THR X 80 77.43 27.55 -93.95
C THR X 80 76.50 26.38 -93.67
N ARG X 81 75.57 26.11 -94.60
CA ARG X 81 74.68 24.97 -94.44
C ARG X 81 75.46 23.67 -94.48
N ILE X 82 75.05 22.72 -93.65
CA ILE X 82 75.71 21.42 -93.54
C ILE X 82 74.90 20.41 -94.34
N ILE X 83 75.51 19.88 -95.39
CA ILE X 83 74.86 18.87 -96.24
C ILE X 83 75.35 17.50 -95.78
N PRO X 84 74.66 16.42 -96.15
CA PRO X 84 75.11 15.09 -95.71
C PRO X 84 76.51 14.72 -96.18
N ARG X 85 77.00 15.37 -97.24
CA ARG X 85 78.36 15.13 -97.70
C ARG X 85 79.36 15.47 -96.60
N HIS X 86 79.17 16.59 -95.92
CA HIS X 86 80.07 16.96 -94.83
C HIS X 86 80.00 15.94 -93.70
N LEU X 87 78.80 15.47 -93.37
CA LEU X 87 78.65 14.47 -92.32
C LEU X 87 79.41 13.19 -92.66
N GLN X 88 79.23 12.70 -93.89
CA GLN X 88 79.91 11.47 -94.29
C GLN X 88 81.42 11.65 -94.32
N LEU X 89 81.90 12.78 -94.84
CA LEU X 89 83.33 13.02 -94.89
C LEU X 89 83.92 13.10 -93.48
N ALA X 90 83.21 13.77 -92.56
CA ALA X 90 83.69 13.86 -91.19
C ALA X 90 83.72 12.50 -90.51
N ILE X 91 82.69 11.68 -90.74
CA ILE X 91 82.65 10.36 -90.13
C ILE X 91 83.77 9.48 -90.67
N ARG X 92 84.01 9.54 -91.98
CA ARG X 92 84.99 8.65 -92.59
C ARG X 92 86.42 9.10 -92.33
N ASN X 93 86.67 10.41 -92.27
CA ASN X 93 88.04 10.90 -92.13
C ASN X 93 88.64 10.51 -90.77
N ASP X 94 87.91 10.78 -89.69
CA ASP X 94 88.43 10.52 -88.36
C ASP X 94 88.55 9.02 -88.12
N GLU X 95 89.72 8.60 -87.63
CA GLU X 95 89.97 7.18 -87.40
C GLU X 95 89.02 6.62 -86.35
N GLU X 96 88.77 7.36 -85.27
CA GLU X 96 87.90 6.88 -84.21
C GLU X 96 86.47 6.67 -84.72
N LEU X 97 85.93 7.65 -85.45
CA LEU X 97 84.58 7.53 -85.95
C LEU X 97 84.47 6.50 -87.07
N ASN X 98 85.46 6.45 -87.97
CA ASN X 98 85.42 5.49 -89.06
C ASN X 98 85.51 4.06 -88.52
N LYS X 99 86.37 3.84 -87.52
CA LYS X 99 86.41 2.53 -86.86
C LYS X 99 85.09 2.25 -86.15
N LEU X 100 84.53 3.25 -85.47
CA LEU X 100 83.27 3.08 -84.78
C LEU X 100 82.11 2.92 -85.75
N LEU X 101 82.05 3.77 -86.76
CA LEU X 101 80.91 3.81 -87.68
C LEU X 101 81.28 3.33 -89.08
N GLY X 102 82.13 2.30 -89.16
CA GLY X 102 82.46 1.73 -90.46
C GLY X 102 81.31 0.98 -91.08
N ARG X 103 80.37 0.51 -90.25
CA ARG X 103 79.19 -0.19 -90.72
C ARG X 103 77.97 0.70 -90.77
N VAL X 104 78.13 2.01 -90.62
CA VAL X 104 77.05 2.97 -90.57
C VAL X 104 77.06 3.81 -91.84
N THR X 105 75.89 3.96 -92.45
CA THR X 105 75.75 4.66 -93.72
C THR X 105 74.91 5.91 -93.56
N ILE X 106 75.39 7.03 -94.10
CA ILE X 106 74.70 8.31 -94.07
C ILE X 106 74.10 8.56 -95.44
N ALA X 107 72.81 8.91 -95.47
CA ALA X 107 72.13 9.14 -96.74
C ALA X 107 72.72 10.33 -97.47
N GLN X 108 72.86 10.19 -98.79
CA GLN X 108 73.42 11.24 -99.65
C GLN X 108 74.79 11.69 -99.16
N GLY X 109 75.61 10.72 -98.75
CA GLY X 109 76.91 11.04 -98.17
C GLY X 109 78.09 10.84 -99.09
N GLY X 110 78.05 9.80 -99.91
CA GLY X 110 79.19 9.51 -100.76
C GLY X 110 80.33 8.87 -99.97
N VAL X 111 81.54 9.04 -100.47
CA VAL X 111 82.75 8.53 -99.84
C VAL X 111 83.85 9.57 -99.95
N LEU X 112 84.94 9.32 -99.23
CA LEU X 112 86.07 10.24 -99.25
C LEU X 112 86.72 10.26 -100.62
N PRO X 113 87.26 11.42 -101.03
CA PRO X 113 88.16 11.43 -102.19
C PRO X 113 89.49 10.80 -101.82
N ASN X 114 89.72 9.57 -102.26
CA ASN X 114 90.89 8.80 -101.88
C ASN X 114 91.59 8.32 -103.15
N ILE X 115 92.70 8.97 -103.50
CA ILE X 115 93.46 8.67 -104.70
C ILE X 115 94.73 7.95 -104.29
N GLN X 116 94.91 6.73 -104.80
CA GLN X 116 96.13 5.98 -104.52
C GLN X 116 97.30 6.55 -105.30
N ALA X 117 98.51 6.17 -104.89
CA ALA X 117 99.71 6.70 -105.52
C ALA X 117 99.79 6.30 -106.99
N VAL X 118 99.47 5.05 -107.30
CA VAL X 118 99.60 4.56 -108.67
C VAL X 118 98.42 4.97 -109.54
N LEU X 119 97.33 5.47 -108.95
CA LEU X 119 96.18 5.86 -109.75
C LEU X 119 96.46 7.08 -110.62
N LEU X 120 97.28 8.01 -110.13
CA LEU X 120 97.61 9.19 -110.91
C LEU X 120 98.40 8.80 -112.16
N PRO X 121 98.07 9.37 -113.30
CA PRO X 121 98.79 9.05 -114.54
C PRO X 121 100.25 9.45 -114.45
N LYS X 122 101.10 8.61 -115.04
CA LYS X 122 102.54 8.84 -115.04
C LYS X 122 103.01 9.37 -116.38
N SER Y 36 51.11 13.28 -87.43
CA SER Y 36 50.35 13.52 -86.21
C SER Y 36 51.26 13.99 -85.08
N ARG Y 37 51.11 13.39 -83.90
CA ARG Y 37 51.90 13.73 -82.74
C ARG Y 37 53.21 12.93 -82.78
N LYS Y 38 54.08 13.31 -83.72
CA LYS Y 38 55.36 12.66 -83.93
C LYS Y 38 56.45 13.59 -83.42
N GLU Y 39 57.04 13.24 -82.28
CA GLU Y 39 58.07 14.07 -81.67
C GLU Y 39 59.39 13.93 -82.42
N SER Y 40 60.24 14.96 -82.26
CA SER Y 40 61.55 14.98 -82.89
C SER Y 40 62.50 15.78 -82.00
N TYR Y 41 63.79 15.72 -82.32
CA TYR Y 41 64.85 16.39 -81.56
C TYR Y 41 65.48 17.51 -82.37
N SER Y 42 64.73 18.09 -83.31
CA SER Y 42 65.27 19.14 -84.17
C SER Y 42 65.64 20.39 -83.36
N ILE Y 43 64.78 20.79 -82.42
CA ILE Y 43 65.03 22.02 -81.67
C ILE Y 43 66.24 21.86 -80.76
N TYR Y 44 66.39 20.68 -80.14
CA TYR Y 44 67.54 20.45 -79.27
C TYR Y 44 68.84 20.45 -80.07
N VAL Y 45 68.83 19.85 -81.26
CA VAL Y 45 70.00 19.89 -82.12
C VAL Y 45 70.31 21.33 -82.55
N TYR Y 46 69.27 22.11 -82.83
CA TYR Y 46 69.47 23.51 -83.19
C TYR Y 46 70.12 24.29 -82.05
N LYS Y 47 69.63 24.08 -80.82
CA LYS Y 47 70.21 24.78 -79.67
C LYS Y 47 71.65 24.34 -79.43
N VAL Y 48 71.94 23.05 -79.58
CA VAL Y 48 73.32 22.58 -79.42
C VAL Y 48 74.22 23.20 -80.46
N LEU Y 49 73.75 23.25 -81.72
CA LEU Y 49 74.54 23.87 -82.77
C LEU Y 49 74.78 25.35 -82.49
N LYS Y 50 73.75 26.05 -81.99
CA LYS Y 50 73.91 27.46 -81.66
C LYS Y 50 74.94 27.65 -80.55
N GLN Y 51 74.90 26.80 -79.52
CA GLN Y 51 75.87 26.92 -78.45
C GLN Y 51 77.27 26.50 -78.87
N VAL Y 52 77.40 25.68 -79.91
CA VAL Y 52 78.70 25.29 -80.47
C VAL Y 52 79.13 26.24 -81.58
N HIS Y 53 78.32 26.36 -82.62
CA HIS Y 53 78.61 27.25 -83.75
C HIS Y 53 77.54 28.33 -83.82
N PRO Y 54 77.85 29.56 -83.37
CA PRO Y 54 76.81 30.60 -83.34
C PRO Y 54 76.38 31.11 -84.71
N ASP Y 55 77.12 30.80 -85.77
CA ASP Y 55 76.83 31.32 -87.11
C ASP Y 55 76.92 30.21 -88.15
N THR Y 56 76.28 29.08 -87.86
CA THR Y 56 76.28 27.94 -88.77
C THR Y 56 74.89 27.29 -88.80
N GLY Y 57 74.47 26.85 -89.99
CA GLY Y 57 73.20 26.19 -90.15
C GLY Y 57 73.35 24.72 -90.54
N ILE Y 58 72.20 24.10 -90.82
CA ILE Y 58 72.15 22.70 -91.20
C ILE Y 58 70.88 22.47 -92.01
N SER Y 59 70.86 21.38 -92.76
CA SER Y 59 69.74 21.07 -93.66
C SER Y 59 68.77 20.09 -93.01
N SER Y 60 67.55 20.08 -93.55
CA SER Y 60 66.52 19.18 -93.02
C SER Y 60 66.89 17.72 -93.26
N LYS Y 61 67.50 17.42 -94.40
CA LYS Y 61 67.95 16.05 -94.65
C LYS Y 61 69.01 15.64 -93.64
N ALA Y 62 69.96 16.54 -93.35
CA ALA Y 62 70.94 16.27 -92.30
C ALA Y 62 70.27 16.16 -90.94
N MET Y 63 69.19 16.92 -90.72
CA MET Y 63 68.44 16.79 -89.47
C MET Y 63 67.85 15.40 -89.33
N GLY Y 64 67.26 14.88 -90.41
CA GLY Y 64 66.74 13.52 -90.37
C GLY Y 64 67.84 12.49 -90.20
N ILE Y 65 69.00 12.72 -90.81
CA ILE Y 65 70.13 11.82 -90.66
C ILE Y 65 70.58 11.77 -89.20
N MET Y 66 70.68 12.94 -88.57
CA MET Y 66 71.04 12.99 -87.15
C MET Y 66 69.97 12.33 -86.28
N ASN Y 67 68.69 12.52 -86.61
CA ASN Y 67 67.63 11.87 -85.86
C ASN Y 67 67.74 10.35 -85.95
N SER Y 68 67.99 9.83 -87.15
CA SER Y 68 68.12 8.39 -87.31
C SER Y 68 69.37 7.86 -86.61
N PHE Y 69 70.46 8.63 -86.64
CA PHE Y 69 71.67 8.24 -85.92
C PHE Y 69 71.40 8.16 -84.42
N VAL Y 70 70.71 9.16 -83.89
CA VAL Y 70 70.37 9.16 -82.46
C VAL Y 70 69.48 7.97 -82.12
N ASN Y 71 68.51 7.67 -82.98
CA ASN Y 71 67.64 6.53 -82.73
C ASN Y 71 68.43 5.22 -82.72
N ASP Y 72 69.33 5.04 -83.69
CA ASP Y 72 70.11 3.81 -83.76
C ASP Y 72 71.03 3.67 -82.56
N ILE Y 73 71.72 4.75 -82.17
CA ILE Y 73 72.63 4.70 -81.04
C ILE Y 73 71.85 4.47 -79.75
N PHE Y 74 70.68 5.08 -79.62
CA PHE Y 74 69.83 4.86 -78.46
C PHE Y 74 69.41 3.40 -78.37
N GLU Y 75 69.03 2.80 -79.50
CA GLU Y 75 68.65 1.39 -79.50
C GLU Y 75 69.82 0.51 -79.09
N ARG Y 76 71.00 0.80 -79.64
CA ARG Y 76 72.19 0.01 -79.29
C ARG Y 76 72.50 0.11 -77.80
N ILE Y 77 72.46 1.33 -77.25
CA ILE Y 77 72.77 1.53 -75.84
C ILE Y 77 71.72 0.85 -74.97
N ALA Y 78 70.44 0.94 -75.35
CA ALA Y 78 69.39 0.30 -74.57
C ALA Y 78 69.57 -1.22 -74.57
N GLY Y 79 69.90 -1.80 -75.74
CA GLY Y 79 70.12 -3.23 -75.78
C GLY Y 79 71.31 -3.67 -74.95
N GLU Y 80 72.40 -2.91 -75.00
CA GLU Y 80 73.60 -3.29 -74.25
C GLU Y 80 73.36 -3.13 -72.74
N ALA Y 81 72.65 -2.08 -72.34
CA ALA Y 81 72.28 -1.94 -70.94
C ALA Y 81 71.37 -3.07 -70.49
N SER Y 82 70.42 -3.47 -71.35
CA SER Y 82 69.54 -4.58 -71.01
C SER Y 82 70.33 -5.87 -70.82
N ARG Y 83 71.28 -6.17 -71.72
CA ARG Y 83 72.05 -7.39 -71.57
C ARG Y 83 72.91 -7.35 -70.31
N LEU Y 84 73.52 -6.20 -70.01
CA LEU Y 84 74.33 -6.10 -68.80
C LEU Y 84 73.48 -6.29 -67.55
N ALA Y 85 72.29 -5.67 -67.52
CA ALA Y 85 71.41 -5.80 -66.37
C ALA Y 85 70.94 -7.25 -66.20
N HIS Y 86 70.61 -7.91 -67.31
CA HIS Y 86 70.17 -9.30 -67.22
C HIS Y 86 71.29 -10.22 -66.75
N TYR Y 87 72.53 -9.96 -67.17
CA TYR Y 87 73.64 -10.75 -66.65
C TYR Y 87 73.87 -10.49 -65.17
N ASN Y 88 73.86 -9.23 -64.76
CA ASN Y 88 74.21 -8.88 -63.39
C ASN Y 88 73.05 -9.00 -62.41
N LYS Y 89 71.88 -9.46 -62.88
CA LYS Y 89 70.70 -9.69 -62.05
C LYS Y 89 70.19 -8.41 -61.39
N ARG Y 90 70.60 -7.25 -61.89
CA ARG Y 90 70.17 -5.99 -61.30
C ARG Y 90 68.74 -5.67 -61.69
N SER Y 91 67.93 -5.31 -60.70
CA SER Y 91 66.56 -4.85 -60.94
C SER Y 91 66.49 -3.35 -61.19
N THR Y 92 67.61 -2.64 -61.08
CA THR Y 92 67.66 -1.20 -61.28
C THR Y 92 68.92 -0.84 -62.07
N ILE Y 93 68.92 0.36 -62.61
CA ILE Y 93 70.02 0.87 -63.42
C ILE Y 93 70.68 2.03 -62.68
N THR Y 94 71.99 1.96 -62.53
CA THR Y 94 72.78 3.02 -61.90
C THR Y 94 73.75 3.60 -62.92
N SER Y 95 74.54 4.59 -62.47
CA SER Y 95 75.47 5.25 -63.37
C SER Y 95 76.65 4.37 -63.74
N ARG Y 96 76.98 3.39 -62.91
CA ARG Y 96 78.11 2.51 -63.20
C ARG Y 96 77.85 1.67 -64.44
N GLU Y 97 76.60 1.24 -64.63
CA GLU Y 97 76.25 0.45 -65.81
C GLU Y 97 76.51 1.24 -67.10
N ILE Y 98 76.02 2.47 -67.16
CA ILE Y 98 76.20 3.26 -68.37
C ILE Y 98 77.66 3.67 -68.52
N GLN Y 99 78.37 3.87 -67.39
CA GLN Y 99 79.79 4.19 -67.45
C GLN Y 99 80.58 3.05 -68.09
N THR Y 100 80.35 1.81 -67.64
CA THR Y 100 81.05 0.68 -68.23
C THR Y 100 80.59 0.45 -69.66
N ALA Y 101 79.33 0.78 -69.97
CA ALA Y 101 78.85 0.70 -71.34
C ALA Y 101 79.63 1.65 -72.26
N VAL Y 102 79.83 2.89 -71.80
CA VAL Y 102 80.61 3.85 -72.58
C VAL Y 102 82.04 3.36 -72.73
N ARG Y 103 82.61 2.81 -71.66
CA ARG Y 103 83.96 2.24 -71.75
C ARG Y 103 84.03 1.14 -72.79
N LEU Y 104 82.99 0.29 -72.87
CA LEU Y 104 83.03 -0.84 -73.78
C LEU Y 104 82.85 -0.41 -75.23
N LEU Y 105 81.80 0.37 -75.52
CA LEU Y 105 81.47 0.67 -76.90
C LEU Y 105 82.51 1.60 -77.54
N LEU Y 106 82.67 2.79 -76.99
CA LEU Y 106 83.58 3.76 -77.57
C LEU Y 106 85.02 3.37 -77.31
N PRO Y 107 85.96 3.81 -78.17
CA PRO Y 107 87.38 3.56 -77.90
C PRO Y 107 87.88 4.30 -76.68
N GLY Y 108 89.11 4.01 -76.26
CA GLY Y 108 89.61 4.48 -74.98
C GLY Y 108 89.53 5.96 -74.74
N GLU Y 109 90.00 6.78 -75.68
CA GLU Y 109 90.00 8.22 -75.49
C GLU Y 109 88.58 8.78 -75.50
N LEU Y 110 87.78 8.37 -76.48
CA LEU Y 110 86.39 8.84 -76.55
C LEU Y 110 85.59 8.37 -75.35
N ALA Y 111 85.77 7.12 -74.94
CA ALA Y 111 85.09 6.61 -73.76
C ALA Y 111 85.49 7.38 -72.51
N LYS Y 112 86.79 7.67 -72.36
CA LYS Y 112 87.24 8.44 -71.20
C LYS Y 112 86.64 9.83 -71.19
N HIS Y 113 86.61 10.50 -72.35
CA HIS Y 113 86.05 11.84 -72.42
C HIS Y 113 84.55 11.84 -72.09
N ALA Y 114 83.81 10.87 -72.64
CA ALA Y 114 82.38 10.80 -72.37
C ALA Y 114 82.12 10.48 -70.91
N VAL Y 115 82.91 9.59 -70.32
CA VAL Y 115 82.75 9.25 -68.91
C VAL Y 115 83.03 10.47 -68.05
N SER Y 116 84.07 11.23 -68.38
CA SER Y 116 84.40 12.44 -67.63
C SER Y 116 83.26 13.45 -67.72
N GLU Y 117 82.72 13.66 -68.92
CA GLU Y 117 81.62 14.61 -69.09
C GLU Y 117 80.40 14.18 -68.27
N GLY Y 118 80.04 12.91 -68.35
CA GLY Y 118 78.88 12.43 -67.60
C GLY Y 118 79.07 12.51 -66.10
N THR Y 119 80.26 12.16 -65.62
CA THR Y 119 80.54 12.25 -64.19
C THR Y 119 80.51 13.69 -63.72
N LYS Y 120 81.03 14.61 -64.54
CA LYS Y 120 80.96 16.03 -64.19
C LYS Y 120 79.51 16.50 -64.12
N ALA Y 121 78.68 16.07 -65.06
CA ALA Y 121 77.27 16.44 -65.03
C ALA Y 121 76.58 15.88 -63.78
N VAL Y 122 76.88 14.63 -63.43
CA VAL Y 122 76.28 14.01 -62.25
C VAL Y 122 76.70 14.75 -60.98
N THR Y 123 77.99 15.08 -60.88
CA THR Y 123 78.48 15.83 -59.72
C THR Y 123 77.84 17.21 -59.65
N LYS Y 124 77.69 17.88 -60.80
CA LYS Y 124 77.04 19.19 -60.83
C LYS Y 124 75.60 19.10 -60.32
N TYR Y 125 74.86 18.08 -60.76
CA TYR Y 125 73.48 17.94 -60.31
C TYR Y 125 73.42 17.59 -58.82
N THR Y 126 74.28 16.69 -58.36
CA THR Y 126 74.17 16.16 -57.01
C THR Y 126 74.66 17.17 -55.97
N SER Y 127 75.68 17.95 -56.31
CA SER Y 127 76.28 18.86 -55.34
C SER Y 127 75.28 19.90 -54.85
N ALA Y 128 74.49 20.47 -55.77
CA ALA Y 128 73.50 21.47 -55.40
C ALA Y 128 72.11 20.86 -55.31
#